data_7ZDH
#
_entry.id   7ZDH
#
_cell.length_a   1.00
_cell.length_b   1.00
_cell.length_c   1.00
_cell.angle_alpha   90.00
_cell.angle_beta   90.00
_cell.angle_gamma   90.00
#
_symmetry.space_group_name_H-M   'P 1'
#
loop_
_entity.id
_entity.type
_entity.pdbx_description
1 polymer 'NADH-ubiquinone oxidoreductase chain 3'
2 polymer 'NADH-ubiquinone oxidoreductase chain 1'
3 polymer 'NADH-ubiquinone oxidoreductase chain 6'
4 polymer 'NADH-ubiquinone oxidoreductase chain 4L'
5 polymer 'NADH-ubiquinone oxidoreductase chain 5'
6 polymer 'NADH-ubiquinone oxidoreductase chain 4'
7 polymer 'NADH-ubiquinone oxidoreductase chain 2'
8 polymer 'NADH dehydrogenase [ubiquinone] 1 alpha subcomplex subunit 11'
9 polymer 'NADH dehydrogenase [ubiquinone] 1 beta subcomplex subunit 5, mitochondrial'
10 polymer 'Acyl carrier protein'
11 polymer 'NADH dehydrogenase [ubiquinone] 1 alpha subcomplex subunit 8'
12 polymer 'NADH dehydrogenase [ubiquinone] 1 beta subcomplex subunit 10'
13 polymer 'NADH dehydrogenase [ubiquinone] 1 alpha subcomplex subunit 10, mitochondrial'
14 polymer 'NADH dehydrogenase [ubiquinone] iron-sulfur protein 5'
15 polymer 'NADH dehydrogenase [ubiquinone] 1 alpha subcomplex subunit 3'
16 polymer 'NADH dehydrogenase [ubiquinone] 1 beta subcomplex subunit 3'
17 polymer 'NADH dehydrogenase [ubiquinone] 1 subunit C2'
18 polymer 'NADH:ubiquinone oxidoreductase subunit B4'
19 polymer 'NADH dehydrogenase [ubiquinone] 1 alpha subcomplex subunit 13'
20 polymer 'Mitochondrial complex I, B17 subunit'
21 polymer 'NADH dehydrogenase [ubiquinone] 1 beta subcomplex subunit 7'
22 polymer 'NADH dehydrogenase [ubiquinone] 1 beta subcomplex subunit 9'
23 polymer 'NADH dehydrogenase [ubiquinone] 1 beta subcomplex subunit 2, mitochondrial'
24 polymer 'NADH dehydrogenase [ubiquinone] 1 beta subcomplex subunit 8, mitochondrial'
25 polymer 'NADH dehydrogenase [ubiquinone] 1 beta subcomplex subunit 11, mitochondrial'
26 polymer 'NADH dehydrogenase [ubiquinone] 1 subunit C1, mitochondrial'
27 polymer 'NADH dehydrogenase [ubiquinone] 1 beta subcomplex subunit 1'
28 polymer 'Complex I-MWFE'
29 polymer 'NADH dehydrogenase [ubiquinone] flavoprotein 1, mitochondrial'
30 polymer 'NADH dehydrogenase [ubiquinone] flavoprotein 2, mitochondrial'
31 polymer 'NADH-ubiquinone oxidoreductase 75 kDa subunit, mitochondrial'
32 polymer 'NADH dehydrogenase [ubiquinone] iron-sulfur protein 2, mitochondrial'
33 polymer 'NADH dehydrogenase [ubiquinone] iron-sulfur protein 3, mitochondrial'
34 polymer 'NADH dehydrogenase [ubiquinone] iron-sulfur protein 7, mitochondrial'
35 polymer 'Complex I-23kD'
36 polymer 'NADH dehydrogenase [ubiquinone] flavoprotein 3, mitochondrial'
37 polymer 'NADH dehydrogenase [ubiquinone] iron-sulfur protein 6, mitochondrial'
38 polymer 'NADH dehydrogenase [ubiquinone] iron-sulfur protein 4, mitochondrial'
39 polymer 'NADH:ubiquinone oxidoreductase subunit A9'
40 polymer 'NADH dehydrogenase [ubiquinone] 1 alpha subcomplex subunit 2'
41 polymer 'Mitochondrial complex I, B13 subunit'
42 polymer 'NADH:ubiquinone oxidoreductase subunit A6'
43 polymer 'Mitochondrial complex I, B14.5a subunit'
44 polymer 'NADH dehydrogenase [ubiquinone] 1 alpha subcomplex subunit 12'
45 non-polymer 1,2-Distearoyl-sn-glycerophosphoethanolamine
46 non-polymer 1,2-DIACYL-SN-GLYCERO-3-PHOSPHOCHOLINE
47 non-polymer 'S-[2-({N-[(2S)-2-hydroxy-3,3-dimethyl-4-(phosphonooxy)butanoyl]-beta-alanyl}amino)ethyl] tetradecanethioate'
48 non-polymer 'ADENOSINE MONOPHOSPHATE'
49 non-polymer 'MYRISTIC ACID'
50 non-polymer 'IRON/SULFUR CLUSTER'
51 non-polymer 'FLAVIN MONONUCLEOTIDE'
52 non-polymer '1,4-DIHYDRONICOTINAMIDE ADENINE DINUCLEOTIDE'
53 non-polymer 'FE2/S2 (INORGANIC) CLUSTER'
54 non-polymer 'POTASSIUM ION'
55 non-polymer 'ZINC ION'
56 non-polymer 'NADPH DIHYDRO-NICOTINAMIDE-ADENINE-DINUCLEOTIDE PHOSPHATE'
#
loop_
_entity_poly.entity_id
_entity_poly.type
_entity_poly.pdbx_seq_one_letter_code
_entity_poly.pdbx_strand_id
1 'polypeptide(L)'
;MNLMITLLTNFTLATLLVTIAFWLPQLNVYSEKTSPYECGFDPMGSARLPFSMKFFLVAITFLLFDLEIALLLPLPWASQ
TTNLNTMLTMALLLIFLLAVSLAYEWTQKGLEWTE
;
A
2 'polypeptide(L)'
;MFMINVLTLIIPILLAVAFLTLVERKVLGYMQFRKGPNVVGPYGLLQPIADAIKLFIKEPLRPATSSISMFILAPILALT
LALTMWIPLPMPYPLINMNLGVLFMLAMSSLAVYSILWSGWASNSKYALIGALRAVAQTISYEVTLAIILLSVLLMNGSF
TLSTLIITQEQVWLIFPAWPLAMMWFISTLAETNRAPFDLTEGESELVSGFNVEYAAGPFALFFMAEYANIIMMNIFTTT
LFLGAFHNPYMPELYTINFTIKSLLLSITFLWIRASYPRFRYDQLMHLLWKNFLPLTLALCMWHVSLPILLSSIPPQT
;
H
3 'polypeptide(L)'
;MMTYIVFILSIIFVMGFVGFSSKPSPIYGGLGLIVSGGVGCGIVLNFGGSFLGLMVFLIYLGGMMVVFGYTTAMATEQYP
EVWVSNKVVLGTFITGLLMEFLMVYYVLKDKEVEIVFKFNGMGDWVIYDTGDSGFFSEEAMGIAALYSYGTWLVIVTGWS
LLIGVVVIMEITRGN
;
J
4 'polypeptide(L)'
;(FME)SLVYMNIMMAFTVSLTGLLMYRSHLMSSLLCLEGMMLSLFILATLMILNSHFTLASMMPIILLVFAACEAALGLS
LLVMVSNTYGTDYVQNLNLLQC
;
K
5 'polypeptide(L)'
;(FME)NLFSSLTLVTLILLTMPIAAINFNTHKFTNYPLYVKTTISCAFITSMIPTMMFIHTGQEMIISNWHWLTIQTLKL
SLSFKMDFFSMMFVPVALFVTWSIMEFSMWYMHSDPNINQFFKYLLLFLITMLILVTANNLFQLFIGWEGVGIMSFLLIG
WWYGRTDANTAALQAILYNRIGDIGFILAMAWFLINLNTWDLQQIFMLNPNDSNLPLMGLILAATGKSAQFGLHPWLPSA
MEGPTPVSALLHSSTMVVAGIFLLIRFYPLTENNKFGQSIMLCLGAMTTLFTAMCALTQNDIKKIIAFSTSSQLGLMMVT
IGINQPHLAFLHICTHAFFKAMLFMCSGSIIHSLNDEQDIRKMGGLFKAMPFTTTALIIGSLALTGMPFLTGFYSKDLII
ESANTSYTNAWALLMTLVATSFTAIYSTRIIFFALLGQPRFPTLININENNPFLINSIKRLLIGSLFAGFIISNNIPPMT
IPQMTMPHYLKMTALTVTILGFILALEISNTTHYLKFNYPSNTFKFSNLLGYYPTIMHRLTPYMNLTMSQKSASSLLDLI
WLETILPKTISLAQMKMSTTITSQKGLIKLYFLSFLITILISTTLLNFHE
;
L
6 'polypeptide(L)'
;(FME)LKYIIPTMMLMPLTWLSKNSMIWINTTLHSLLISLTSLLLLNQFGDNSLNFSLTFFSDSLSTPLLILTMWLLPLM
LMASQHHLSKENLARKKLFISMLILLQLFLIMTFTATELIFFYIMFEATLVPTLIIITRWGNQTERLNAGLYFLFYTLAG
SLPLLVALIYIQNTMGSLNFLILQYWVQPMPNSWSNTFMWLACMMAFMVKMPLYGLHLWLPKAHVEAPIAGSMVLAAILL
KLGGYGMMRITLLLNPITDFMAYPFIMLSLWGMIMTSSICLRQTDLKSLIAYSSVSHMALVIVAILIQTPWSYMGATALM
IAHGLTSSMLFCLANSNYERVHSRTMILARGLQTLLPLMAAWWLLASLTNLALPPSINLIGELFVVMSTFSWSNITIILM
GLNMVITALYSLYMLITTQRGKHTHHINNILPSFTRENALMSLHMLPLLLLSLNPKIILGPLY
;
M
7 'polypeptide(L)'
;MNPIILIIILMTVMLGTIIVMISTHWLLIWIGFEMNMLAIIPIMMKKHNPRATEASTKYFLTQSTASMLLMMAIIINLMF
SGQWTVMKLFNPMASMLMTMALAMKLGMAPFHFWVPEVTQGIPLSSGLILLTWQKLAPMSVLYQILPSINLDLILTLSIL
SITIGGWGGLNQTQLRKIMAYSSIAHMGWMTAVLLYNPTMTLLNLIIYIIMTSTMFTLFMANSTTTTLSLSHTWNKAPIM
TILVLITLLSMGGLPPLSGFMPKWMIIQEMTKNDSIILPTLMAITALLNLYFYMRLTYSTALTMFPSTNNMKMKWQFPTT
KRMTLLPTMTVLSTMLLPLTPILSILE
;
N
8 'polypeptide(L)'
;(AYA)KTLLHQYWDIPEGTECHRKTYAATSIGGASGLVVSAYSVALKTPTSFLEGVARTGRYTFTAAAIGAIFGLTSCIS
AQVREKPDDPLNYLIGGCAGGLTLGARTRSYGIGAAACAYMGLTAALVKMGQLEGWKVFAEPKV
;
V
9 'polypeptide(L)'
;GKRLFIIKPSGFYDKRFLKLLRFYILLTGIPVVIGITLINVFIGEAELAEIPEGYVPEHWEYFKHPISRWIARTFFDAPE
KNYERTMAILQIESEKAELRLKELEVRRLMRAKGDGPWFQYPTIDKALIDHSPKATPDN
;
W
10 'polypeptide(L)'
;VEVKDFYTTNYQTAVSFSPLGPMPSMALMAVSLSGANVPKSGGRPEESRVPVLTQRKVPGRVTPLCRQYSDAPPLTLEGI
KDRVLYVLKLYDKIDPEKLSVNSHFMKDLGLDSLDQVEIIMAMEDEFGFEIPDIDAEKLMCPQEIVDYIADKKDVYE
;
X,j
11 'polypeptide(L)'
;PGIVELPSLEDLKVQEVKVSSSVLKAAAHHYGAQCDKPNKEFMLCRWEEKDPRRCLEEGKLVNQCALEFFRQIKRHCAEP
FTEYWTCIDYSGLQLFRRCRKEQAQFDKCVLDKLGWVRPDLGELSKVTKVKTDRPLPENPYHSRARPEPNPEVEGDLKPA
RHGSRLFFWTM
;
Y
12 'polypeptide(L)'
;SWDKDVYPEPPRRTPAPSPQTSLPNPITYLTKAFDLLVDRPVTLVREFIERQHAKNKYYYYHREFRRVPDITECHEKDVL
CMFEAEMQWKRDYKVDQEIVNIIQERLKACQQREGESHRQNCAKELQQFTQVVKAYQDRYHDLGAHYSARKCLAKQKQRM
LAERKATKEAA
;
Z
13 'polypeptide(L)'
;LQYGPLAYILGEKTTKKMTENSKLITVDGNICSGK(SEP)KLAKEVAEKLGLKHFPEAGIHYADSTTGDGKPLPVRFSGN
CSLEKFYDDPKSNDGNSYRLQAWLYASRLLQYADALEHLLSTGQGVVLERSIYSDFVFLEAMYRQGFIRKQCVDHYNQVK
KVTVCEYLPPHVVIYVDVPVSEVQSRIQKKGNPHEMKITSAYLQDIENVYKGTFLPEMSEKCEVLQYSAWEAEDAEKVVE
DIQYLKYDKGPWLDQDDRKLHNLRMLVQDKLEVLNYTSIPVFLPEVTIGAHQSDRVFQEFTELPGRKYRAGYNEDVGDKW
IWLK
;
k
14 'polypeptide(L)'
;PFFDVQKKLGVDLDHWMTIQSAEQPHRIPARCHAFEKEWIECAHGIGSIRAEKECKIEFEDFRECLLRQKTMKRLNAIKR
QRDKLIKEGKYTPPPHHSGQEDLRP
;
l
15 'polypeptide(L)' VAAFLKNVWAKEPVLVASFAIAGLAVILPTLSPYTKYSLMINRATPYNYPVPLRDDGNMPDVPSHPQDPQGPSLEWLKRL m
16 'polypeptide(L)' SKMELPDYKQWKIEGTPLETVQEKLAARGLRDPWGRNEAWRYMGGFANNVSFVGALLKGFKWGFAAFVVAVGAEYYLES n
17 'polypeptide(L)'
;MMTGRQARAPLQFLPDEARSLPPPKLTDPRLAYIGFLGYCSGLIDNAIRRRPVLSAGLHRQFLYITSFVFVGYYLLKRQD
YMYAVRDHDMFSYIKSHPEDFPEKDKKTYREVFEEFHPVR
;
o
18 'polypeptide(L)'
;SFPKYEPSRLASLPTTLDPAEYDISSETRKAQAERLAIRSRLKREYQLQYNDPSRRGVVEDPALIRWTCARSANVYPNFR
PNTKTSLLGALFGIGPLIFWYYVFKTDRDRKEKLIQEGKLDRTFNISY
;
p
19 'polypeptide(L)'
;VKQDMPPVGGYGPIDYKRNLPRRGLSGYSMFAVGIGALLFGYWSMMRWNRERRRLQIEDFEARIALMPLLQAEKDRRVLQ
MLRENLEEEATIMKDVPGWKVGESVFHTTRWVTPMMGELYGLRTGEEILSSTYGFIWYT
;
q
20 'polypeptide(L)'
;MSGYTPDEKLRLQQLRELRRRWLKDQELSPREPVLPPRRVSPVERFWNKFLQDGALWKNVIYKTYRHSIFAFTHVLIPVW
IIHYYLKYHVTTKPYTIVEKKPRIFPGDTILETGEVIPPMKEFPDQHH
;
r
21 'polypeptide(L)'
;GAHLARRYLGDASVEPEPLRMPTFPPDYGFPERKEREMVATQQEMNDAQLVLQQRDYCAHYLIRFLKCKRDSFPNFLACK
HEQHDWDYCEHLDYVKRMKEFERERRLLQRKKRREQREADMA
;
s
22 'polypeptide(L)'
;AFLPSAAYLTHQQKVLQLYKRALRHLESRCVHRDKYRYFACLLRARFDEHKNEKDMVKATQLLREAEKEFWHGQHPQPYI
FPESPGGTSYERYECYKVPEWCLDDWHPSEKAMYPDYFAKREQWKKLRRESWEREVKQLQEETPVGGPRTEALPPARKQG
DLPPLWWHIVTRPRERP
;
t
23 'polypeptide(L)' AHIEPRYRQFPQLTRSQVIQAEFFSATMWFWILWRFWHDSDAVLGHFPYPDPSQWTDEELGIPPD u
24 'polypeptide(L)'
;ITKDMLPGPYPKTPEERAAAAKKYNMRVEDYEPYPDDGMGYGDYPKLPDRSQQERDPWYDWDHPDLRLNWGEPMHWDLDM
YIRNRVDTSPTPVNWNLMCKHLFGFVAFMLFMFWVGETYPTYQPVGPKQYPYNNLYLERGGDPNKEPEPVVHYEI
;
v
25 'polypeptide(L)'
;TLRWQEDPEPEDENLYEKNPDSHGYDKDPAVDVWNMRVVFFFGFSIVLVLGSTFVAYLPDYRMQEWARREAERLVKYREA
HGLPLMESNCFDPSKIQLPED
;
w
26 'polypeptide(L)' KFYIQEPPHGSPNWLKVGLTLGTSAFLWIYLIKQHNEDVLEYKRRNGLE x
27 'polypeptide(L)' RDHWIHVLVPVGFVFGYYLDRKNDEKLAAFRNKSLLYKRELKPQEEVTWK y
28 'polypeptide(L)' MWFEVLPGIAVMGVCLFIPGMATARIHRFSNGGREKRVAHYSYQWYLMERDRRVSGVNRYYVSKGLENID z
29 'polypeptide(L)'
;KTSFGSLKDEDRIFTNLYGRHDWRLKGAQSRGDWYKTKEILLKGPDWILGEVKTSGLRGRGGAGFPTGLKWSFMNKPSDG
RPKYLVVNADEGEPGTCKDREIIRHDPHKLVEGCLVGGRAMGARAAYIYIRGEFYNEASNLQVAIREAYEAGLIGKNACG
SGYDFDVFVVRGAGAYICGEETALIESIEGKQGKPRLKPPFPADVGVFGCPTTVANVETVAVSPTICRRGGAWFASFGRE
RNSGTKLFNISGHVNNPCTVEEEMSVPLKELIEKHAGGVTGGWDNLLAVIPGGSSTPLIPKSVCETVLMDFDALIQAQTG
LGTAAVIVMDRSTDIVKAIARLIEFYKHESCGQCTPCREGVDWMNKVMARFVRGDARPAEIDSLWEISKQIEGHTICALG
DGAAWPVQGLIRHFRPELEERMQRFAQQHQ
;
1
30 'polypeptide(L)'
;ALFVHRDTPKNNPETPFDFTPENYKRIEAIVKNYPEGHKAAAVLPVLDLAQRQNGWLPISAMNKVAEILQVPPMRVYEVA
TFYTMYNRKPVGKYHIQVCTTTPCMLRNSDSILEAIQKKLGIKVGETTPDKLFTLIEVECLGACVNAPMVQINDNYYEDL
TPKDIEEIIDELKAGKIPKPGPRSGRFSCEPAGGLTSLTEPPKGPGFGVQAGL
;
2
31 'polypeptide(L)'
;SNLIEVFVDGQSVMVEPGTTVLQACEKVGMQIPRFCYHERLSVAGNCRMCLVEIEKAPKVVAACAMPVMKGWNILTNSEK
TKKAREGVMEFLLANHPLDCPICDQGGECDLQDQSMMFGSDRSRFLEGKRAVEDKNIGPLVKTIMTRCIQCTRCIRFASE
IAGVDDLGTTGRGNDMQVGTYIEKMFMSELSGNIIDICPVGALTSKPYAFTARPWETRKTESIDVMDAVGSNIVVSTRTG
EVMRILPRMHEDINEEWISDKTRFAYDGLKRQRLTEPMVRNEKGLLTHTTWEDALSRVAGMLQSCQGNDVAAIAGGLVDA
EALIALKDLLNRVDSDTLCTEEVFPTAGAGTDLRSNYLLNTTIAGVEEADVVLLVGTNPRFEAPLFNARIRKSWLHNDLK
VALIGSPVDLTYRYDHLGDSPKILQDIASGSHPFSQVLQEAKKPMVVLGSSALQRNDGAAILAAVSNIAQKIRTSSGVTG
DWKVMNILHRIASQVAALDLGYKPGVEAIRKNPPKMLFLLGADGGCVTRQDLPKDCFIVYQGHHGDVGAPIADVILPGAA
YTEKSATYVNTEGRAQQTKVAVMPPGLAREDWKIIRALSEIAGMTLPYDTLDQVRNRLEEVSPNLVRYDDVEGANYFQQA
SELSKLVNQQLLADPLVPPQLTIKDFYMTDSISRASQTMAKCVKAVTE
;
3
32 'polypeptide(L)'
;ARQWQPDVEWAEQYGGAVMYPTKETAHWKPPPWNDVDPPKDTLVSNLTLNFGPQHPAAHGVLRLVMELSGEMVRKCDPHI
GLLH(2MR)GTEKLIEYKTYLQALPYFDRLDYVSMMCNEQAYSLAVEKLLNIQPPPRAQWIRVLFGEITRLLNHIMAVTT
HALDIGAMTPFFWMFEEREKMFEFYERVSGARMHAAYVRPGGVHQDLPLGLMDDIYEFSKNFSLRIDELEEMLTNNRIWR
NRTVDIGVVTAEDALNYGFSGVMLRGSGIQWDLRKTQPYDVYDQVEFDVPIGSRGDCYDRYLCRVEEMRQSIRIISQCLN
KMPPGEIKVDDAKVSPPKRAEMKTSMESLIHHFKLYTEGYQVPPGATYTAIEAPKGEFGVYLVSDGSSRPYRCKIKAPGF
AHLAGLDKMSKGHMLADVVAIIGTQDIVFGEVDR
;
4
33 'polypeptide(L)'
;TRPTVRPRNDVAHKQLSAFGEYVAEILPKYVQQVQVSCFSELEICIHPDGVIPVLTFLRDHSNAQFKSLADLTAVDIPTR
QNRFEIVYNLLSLRFNSRIRVKTYTDELTPVESSVSVYKAANWYEREIWDMFGVFFANHPDLRRILTDYGFEGHPFRKDF
PLSGYVELRYDDEVKRVVAEPVELAQEFRKFDLNSPWEAFPAYRQPPE
;
5
34 'polypeptide(L)'
;SRGEYVVAKLDDLINWARRSSLWPMTFGLACCAVEMMHMAAPRYDMDRFGVVFRASPRQSDVMIVAGTLTNKMAPALRKV
YDQMPEPRYVVSMGSCANGGGYYHYSYSVVRGCDRIVPVDIYVPGCPPTAEALLYGILQLQKKIKREKRLRIWYRR
;
6
35 'polypeptide(L)'
;MRKPKMRCLTMPVLLRALAQAQAARAGHASGRGLHSSAVAATYKYVNLREPSMDMKSVTDRAAQTLLWTELIRGLGMTLS
YLFREPATINYPFEKGPLSPRFRGEHALRRYPSGEERCIACKLCEAVCPAQAITIEAEPRADGSRRTTRYDIDMTKCIYC
GFCQEACPVDAIVEGPNFEFSTETHEELLYNKEKLLNNGDKWEAEIAANIQADYLYR
;
9
36 'polypeptide(L)' PFDNTTYKNLQHHDYSTYTFLDLNLDLSKFRMPQPSSGRESPRH a
37 'polypeptide(L)'
;GVRTSPTGEKVTHTGQVYDDEDYRRVRFVGRQKEVNENFAIDLIAEQPVSQVGSRVISCDGGGGALGHPRVYINLDKETK
TGTCGYCGLQFRQQH
;
b
38 'polypeptide(L)'
;TQLITVDEKLDITTLTGVPEEHIKTRKARIFVPARNNMQSGVNNTKKWKMEFDTRERWENPLMGWASTADPLSNLVLTFS
TKEDAIAFAEKNGWSYDVEERKVPKPKSKSYGANFSWNKRTRVSTK
;
c
39 'polypeptide(L)'
;LHHAVIPHGKGGRSSVSGIVATVFGATGFLGRYLVNHLGRMGSQVIVPYRCEPYDTMHLRPMGDLGQIIFMDWNGRDKDS
IRRAVEHSNVVINLVGREWETKNFDFEDVFVKIPQAIAQVSKEAGVEKFIHISHLNADIKSSSKYLRNKAVGEKEVRETF
PEATIIKPADIFGREDRFLNYFANIRWFGGVPLISLGKKTVKQPVYIVDVTKGIINAIKDPDARGKTFAFVGPNRYLLFD
LVQYVFAVAHRPFLPYPMPHFAYRWIGRLFEISPFEPWTTRDKVERIHTTDRTLPHLPGLEDLGVQATPLELKAIEVLRR
HRTYRWLSSEIEDVQPAKTV
;
d
40 'polypeptide(L)'
;LGLREIRIHLCQRSPGSQGVRDFIEKRYVELKKANPDLPILIRECSDVQPKLWARYAFGQEKNVSLNNFSADQVTRALEN
VLSSKA
;
e
41 'polypeptide(L)'
;LLKKTTGLVGLAVCETPHERLKILYTKILDVLGHIPKNAAYRKYTEQITNEKLSIVKAEPDVKKLEEQLQGGQIEEVILQ
AENELSLARKMIQWKPWEPLVEEPPASQWKWPI
;
f
42 'polypeptide(L)'
;TSVKPIFSRDMNEAKRRVRELYRAWYREVPNTVHLFQLDISVKQGRDKVREMFKKNAHVTDPRVVDLLVIKGKMELEETI
NVWKQRTHVMRFFHETEAPRPKDFLSKFYVGHDP
;
g
43 'polypeptide(L)'
;KM(AYA)SATRLIQGLRNWASGRDLQAKLQLRYQEISKRTQPPPKLPVGPSHRLSNNYYCARDGRREAMPPSIVMSSQKV
LVAGKPAESSAVAASEKKAVSPAPPIKRWELSQDEPYL
;
h
44 'polypeptide(L)'
;MELLQVLKRGLQQVSGHGGLRGYLRVLFRANDVRVGTLVGEDKYGNKYYEDNKQFFGRHRWVIYTTEMNGKNTFWDVDGS
MVPPEWHRWLHCMTDDPPTVKPPTARKFIWTNHKFNLSGTPQQYVPYSTTRKKIQEWVPPSTPYK
;
i
#
# COMPACT_ATOMS: atom_id res chain seq x y z
N MET A 1 -1.97 28.42 52.68
CA MET A 1 -0.72 28.15 53.36
C MET A 1 -0.63 26.68 53.75
N ASN A 2 -1.73 26.15 54.28
CA ASN A 2 -1.76 24.78 54.77
C ASN A 2 -1.85 23.77 53.63
N LEU A 3 -2.48 24.13 52.51
CA LEU A 3 -2.70 23.18 51.44
C LEU A 3 -1.40 22.78 50.76
N MET A 4 -0.53 23.75 50.48
CA MET A 4 0.77 23.41 49.91
C MET A 4 1.65 22.67 50.91
N ILE A 5 1.50 22.93 52.20
CA ILE A 5 2.24 22.17 53.21
C ILE A 5 1.79 20.71 53.20
N THR A 6 0.49 20.47 53.12
CA THR A 6 -0.02 19.10 53.03
C THR A 6 0.42 18.42 51.75
N LEU A 7 0.38 19.15 50.62
CA LEU A 7 0.83 18.62 49.34
C LEU A 7 2.29 18.24 49.38
N LEU A 8 3.14 19.11 49.94
CA LEU A 8 4.57 18.83 50.03
C LEU A 8 4.85 17.67 50.98
N THR A 9 4.10 17.59 52.08
CA THR A 9 4.28 16.49 53.02
C THR A 9 3.94 15.14 52.38
N ASN A 10 2.82 15.08 51.66
CA ASN A 10 2.42 13.83 51.03
C ASN A 10 3.34 13.48 49.87
N PHE A 11 3.79 14.47 49.10
CA PHE A 11 4.74 14.23 48.03
C PHE A 11 6.07 13.72 48.58
N THR A 12 6.55 14.30 49.68
CA THR A 12 7.79 13.85 50.29
C THR A 12 7.67 12.44 50.85
N LEU A 13 6.54 12.13 51.49
CA LEU A 13 6.35 10.79 52.03
C LEU A 13 6.22 9.75 50.93
N ALA A 14 5.61 10.12 49.79
CA ALA A 14 5.54 9.18 48.68
C ALA A 14 6.91 8.98 48.04
N THR A 15 7.63 10.08 47.75
CA THR A 15 8.90 9.99 47.05
C THR A 15 10.03 9.45 47.92
N LEU A 16 9.84 9.37 49.24
CA LEU A 16 10.85 8.74 50.09
C LEU A 16 10.72 7.23 50.11
N LEU A 17 9.56 6.69 49.73
CA LEU A 17 9.32 5.26 49.78
C LEU A 17 9.83 4.51 48.56
N VAL A 18 10.39 5.21 47.58
CA VAL A 18 11.04 4.55 46.45
C VAL A 18 12.56 4.59 46.58
N THR A 19 13.12 5.70 47.07
CA THR A 19 14.56 5.74 47.31
C THR A 19 14.95 4.84 48.47
N ILE A 20 14.03 4.60 49.40
CA ILE A 20 14.24 3.53 50.37
C ILE A 20 14.13 2.17 49.70
N ALA A 21 13.17 2.01 48.79
CA ALA A 21 13.01 0.74 48.09
C ALA A 21 14.11 0.48 47.07
N PHE A 22 14.89 1.51 46.70
CA PHE A 22 15.93 1.35 45.69
C PHE A 22 17.29 1.09 46.33
N TRP A 23 17.72 1.96 47.23
CA TRP A 23 19.09 1.95 47.73
C TRP A 23 19.31 0.99 48.87
N LEU A 24 18.26 0.43 49.45
CA LEU A 24 18.41 -0.51 50.57
C LEU A 24 18.88 -1.90 50.16
N PRO A 25 18.19 -2.67 49.32
CA PRO A 25 18.49 -4.11 49.23
C PRO A 25 19.69 -4.38 48.34
N GLN A 26 20.01 -5.67 48.20
CA GLN A 26 21.09 -6.12 47.33
C GLN A 26 20.53 -6.35 45.94
N LEU A 27 21.11 -5.67 44.95
CA LEU A 27 20.63 -5.72 43.57
C LEU A 27 21.57 -6.55 42.71
N ASN A 28 21.00 -7.25 41.74
CA ASN A 28 21.75 -8.13 40.83
C ASN A 28 21.09 -8.05 39.45
N VAL A 29 21.61 -7.17 38.59
CA VAL A 29 20.99 -6.87 37.31
C VAL A 29 21.81 -7.49 36.18
N TYR A 30 21.16 -8.32 35.37
CA TYR A 30 21.72 -8.93 34.18
C TYR A 30 20.78 -8.67 33.01
N SER A 31 21.23 -9.00 31.80
CA SER A 31 20.42 -8.74 30.62
C SER A 31 19.54 -9.93 30.25
N GLU A 32 18.87 -10.50 31.26
CA GLU A 32 17.78 -11.45 31.04
C GLU A 32 16.61 -11.23 31.98
N LYS A 33 16.82 -10.61 33.14
CA LYS A 33 15.76 -10.38 34.12
C LYS A 33 14.85 -9.23 33.71
N THR A 34 15.42 -8.17 33.15
CA THR A 34 14.68 -6.95 32.86
C THR A 34 14.04 -6.96 31.47
N SER A 35 13.96 -8.10 30.82
CA SER A 35 13.27 -8.18 29.54
C SER A 35 11.76 -8.00 29.76
N PRO A 36 11.04 -7.51 28.75
CA PRO A 36 9.58 -7.44 28.86
C PRO A 36 8.96 -8.82 29.01
N TYR A 37 7.94 -8.91 29.85
CA TYR A 37 7.33 -10.17 30.21
C TYR A 37 6.18 -10.48 29.27
N GLU A 38 6.30 -11.60 28.55
CA GLU A 38 5.24 -12.06 27.65
C GLU A 38 5.02 -13.56 27.83
N CYS A 39 4.87 -13.96 29.11
CA CYS A 39 4.54 -15.33 29.51
C CYS A 39 5.59 -16.35 29.06
N GLY A 40 6.87 -15.99 29.24
CA GLY A 40 7.97 -16.90 29.05
C GLY A 40 8.60 -16.86 27.66
N PHE A 41 7.90 -16.33 26.66
CA PHE A 41 8.44 -16.22 25.32
C PHE A 41 8.62 -14.75 24.95
N ASP A 42 9.60 -14.49 24.09
CA ASP A 42 9.83 -13.12 23.66
C ASP A 42 8.69 -12.65 22.77
N PRO A 43 8.28 -11.39 22.87
CA PRO A 43 7.11 -10.93 22.13
C PRO A 43 7.39 -10.77 20.64
N MET A 44 6.30 -10.71 19.88
CA MET A 44 6.34 -10.40 18.46
C MET A 44 5.95 -8.94 18.28
N GLY A 45 6.82 -8.15 17.65
CA GLY A 45 6.59 -6.74 17.51
C GLY A 45 6.90 -5.97 18.79
N SER A 46 6.56 -4.69 18.76
CA SER A 46 6.77 -3.80 19.89
C SER A 46 5.43 -3.45 20.53
N ALA A 47 5.51 -2.84 21.71
CA ALA A 47 4.34 -2.37 22.42
C ALA A 47 3.95 -0.95 22.02
N ARG A 48 4.68 -0.34 21.09
CA ARG A 48 4.39 1.00 20.60
C ARG A 48 3.64 0.98 19.27
N LEU A 49 3.14 -0.18 18.86
CA LEU A 49 2.36 -0.28 17.63
C LEU A 49 1.00 0.38 17.82
N PRO A 50 0.34 0.79 16.73
CA PRO A 50 -1.02 1.33 16.84
C PRO A 50 -2.01 0.32 17.40
N PHE A 51 -2.64 0.70 18.51
CA PHE A 51 -3.60 -0.15 19.22
C PHE A 51 -5.00 0.31 18.82
N SER A 52 -5.53 -0.29 17.75
CA SER A 52 -6.76 0.18 17.12
C SER A 52 -7.97 0.14 18.06
N MET A 53 -8.45 1.32 18.44
CA MET A 53 -9.53 1.45 19.41
C MET A 53 -10.88 1.24 18.74
N LYS A 54 -11.87 0.90 19.56
CA LYS A 54 -13.23 0.68 19.08
C LYS A 54 -14.22 1.72 19.58
N PHE A 55 -14.07 2.20 20.81
CA PHE A 55 -15.03 3.12 21.41
C PHE A 55 -14.64 4.58 21.20
N PHE A 56 -14.31 4.95 19.96
CA PHE A 56 -13.93 6.34 19.70
C PHE A 56 -15.14 7.26 19.72
N LEU A 57 -16.28 6.79 19.21
CA LEU A 57 -17.49 7.60 19.18
C LEU A 57 -17.99 7.91 20.58
N VAL A 58 -17.97 6.91 21.47
CA VAL A 58 -18.37 7.14 22.85
C VAL A 58 -17.34 8.01 23.57
N ALA A 59 -16.07 7.96 23.16
CA ALA A 59 -15.06 8.86 23.72
C ALA A 59 -15.37 10.32 23.36
N ILE A 60 -15.74 10.58 22.11
CA ILE A 60 -16.11 11.94 21.72
C ILE A 60 -17.40 12.37 22.42
N THR A 61 -18.33 11.42 22.58
CA THR A 61 -19.57 11.73 23.31
C THR A 61 -19.27 12.08 24.77
N PHE A 62 -18.31 11.39 25.38
CA PHE A 62 -17.91 11.74 26.74
C PHE A 62 -17.22 13.10 26.77
N LEU A 63 -16.44 13.42 25.73
CA LEU A 63 -15.81 14.73 25.63
C LEU A 63 -16.84 15.85 25.63
N LEU A 64 -17.93 15.67 24.90
CA LEU A 64 -18.99 16.67 24.95
C LEU A 64 -19.75 16.61 26.27
N PHE A 65 -20.02 15.41 26.78
CA PHE A 65 -20.94 15.23 27.90
C PHE A 65 -20.34 15.70 29.22
N ASP A 66 -19.02 15.61 29.39
CA ASP A 66 -18.38 16.04 30.64
C ASP A 66 -18.65 17.51 30.92
N LEU A 67 -18.36 18.37 29.97
CA LEU A 67 -18.67 19.79 30.13
C LEU A 67 -20.15 20.10 29.94
N GLU A 68 -20.89 19.30 29.19
CA GLU A 68 -22.30 19.61 29.01
C GLU A 68 -23.11 19.26 30.26
N ILE A 69 -22.58 18.39 31.11
CA ILE A 69 -23.12 18.26 32.47
C ILE A 69 -22.41 19.18 33.46
N ALA A 70 -21.19 19.63 33.16
CA ALA A 70 -20.56 20.65 34.00
C ALA A 70 -21.28 21.98 33.92
N LEU A 71 -22.06 22.21 32.86
CA LEU A 71 -22.98 23.35 32.85
C LEU A 71 -24.09 23.19 33.89
N LEU A 72 -24.43 21.96 34.28
CA LEU A 72 -25.52 21.69 35.21
C LEU A 72 -25.09 21.76 36.66
N LEU A 73 -23.82 21.90 36.95
CA LEU A 73 -23.30 21.90 38.31
C LEU A 73 -23.68 23.11 39.18
N PRO A 74 -23.85 24.35 38.63
CA PRO A 74 -24.33 25.43 39.51
C PRO A 74 -25.82 25.41 39.82
N LEU A 75 -26.49 24.28 39.54
CA LEU A 75 -27.92 24.19 39.84
C LEU A 75 -28.29 24.27 41.32
N PRO A 76 -27.48 23.84 42.30
CA PRO A 76 -27.79 24.20 43.69
C PRO A 76 -27.89 25.69 43.93
N TRP A 77 -26.84 26.45 43.58
CA TRP A 77 -26.85 27.90 43.80
C TRP A 77 -27.96 28.59 43.00
N ALA A 78 -28.28 28.06 41.83
CA ALA A 78 -29.37 28.60 41.02
C ALA A 78 -30.73 28.38 41.66
N SER A 79 -30.83 27.56 42.70
CA SER A 79 -32.08 27.47 43.44
C SER A 79 -32.27 28.62 44.42
N GLN A 80 -31.27 29.48 44.61
CA GLN A 80 -31.37 30.59 45.54
C GLN A 80 -31.78 31.90 44.87
N THR A 81 -32.05 31.89 43.57
CA THR A 81 -32.43 33.11 42.88
C THR A 81 -33.90 33.43 43.09
N THR A 82 -34.23 34.72 42.96
CA THR A 82 -35.61 35.15 43.10
C THR A 82 -36.46 34.65 41.94
N ASN A 83 -35.95 34.75 40.72
CA ASN A 83 -36.65 34.24 39.55
C ASN A 83 -36.48 32.72 39.50
N LEU A 84 -37.55 31.99 39.79
CA LEU A 84 -37.47 30.55 39.93
C LEU A 84 -38.11 29.78 38.78
N ASN A 85 -39.20 30.30 38.21
CA ASN A 85 -39.84 29.62 37.08
C ASN A 85 -38.92 29.57 35.87
N THR A 86 -38.22 30.68 35.59
CA THR A 86 -37.30 30.71 34.46
C THR A 86 -36.12 29.76 34.68
N MET A 87 -35.60 29.71 35.91
CA MET A 87 -34.49 28.80 36.21
C MET A 87 -34.93 27.36 36.05
N LEU A 88 -36.12 27.02 36.55
CA LEU A 88 -36.62 25.66 36.44
C LEU A 88 -36.83 25.27 34.99
N THR A 89 -37.41 26.17 34.19
CA THR A 89 -37.63 25.92 32.77
C THR A 89 -36.31 25.71 32.03
N MET A 90 -35.30 26.55 32.32
CA MET A 90 -34.03 26.43 31.62
C MET A 90 -33.28 25.16 32.02
N ALA A 91 -33.32 24.80 33.30
CA ALA A 91 -32.66 23.57 33.73
C ALA A 91 -33.33 22.34 33.14
N LEU A 92 -34.67 22.31 33.13
CA LEU A 92 -35.39 21.21 32.52
C LEU A 92 -35.13 21.13 31.03
N LEU A 93 -35.01 22.29 30.36
CA LEU A 93 -34.67 22.31 28.95
C LEU A 93 -33.27 21.77 28.69
N LEU A 94 -32.31 22.11 29.55
CA LEU A 94 -30.94 21.64 29.38
C LEU A 94 -30.86 20.12 29.53
N ILE A 95 -31.50 19.58 30.57
CA ILE A 95 -31.45 18.12 30.75
C ILE A 95 -32.29 17.41 29.70
N PHE A 96 -33.35 18.05 29.20
CA PHE A 96 -34.12 17.48 28.10
C PHE A 96 -33.29 17.40 26.81
N LEU A 97 -32.49 18.44 26.54
CA LEU A 97 -31.61 18.40 25.37
C LEU A 97 -30.53 17.34 25.54
N LEU A 98 -30.03 17.16 26.77
CA LEU A 98 -29.12 16.06 27.06
C LEU A 98 -29.76 14.71 26.76
N ALA A 99 -31.01 14.52 27.19
CA ALA A 99 -31.71 13.26 26.95
C ALA A 99 -31.97 13.04 25.47
N VAL A 100 -32.29 14.10 24.74
CA VAL A 100 -32.52 14.00 23.30
C VAL A 100 -31.24 13.60 22.58
N SER A 101 -30.11 14.20 22.96
CA SER A 101 -28.83 13.83 22.37
C SER A 101 -28.46 12.38 22.68
N LEU A 102 -28.70 11.93 23.92
CA LEU A 102 -28.41 10.55 24.28
C LEU A 102 -29.30 9.57 23.51
N ALA A 103 -30.58 9.92 23.35
CA ALA A 103 -31.49 9.04 22.61
C ALA A 103 -31.13 9.00 21.12
N TYR A 104 -30.67 10.13 20.57
CA TYR A 104 -30.23 10.13 19.18
C TYR A 104 -28.97 9.29 19.00
N GLU A 105 -28.08 9.30 19.99
CA GLU A 105 -26.91 8.42 19.94
C GLU A 105 -27.32 6.96 20.04
N TRP A 106 -28.31 6.67 20.89
CA TRP A 106 -28.75 5.29 21.10
C TRP A 106 -29.44 4.73 19.85
N THR A 107 -30.32 5.51 19.24
CA THR A 107 -31.13 5.00 18.14
C THR A 107 -30.33 4.79 16.86
N GLN A 108 -29.31 5.61 16.63
CA GLN A 108 -28.51 5.53 15.42
C GLN A 108 -27.36 4.53 15.54
N LYS A 109 -27.44 3.60 16.51
CA LYS A 109 -26.40 2.60 16.78
C LYS A 109 -25.04 3.25 17.03
N GLY A 110 -25.04 4.37 17.75
CA GLY A 110 -23.80 5.06 18.02
C GLY A 110 -23.07 4.54 19.23
N LEU A 111 -23.78 3.93 20.17
CA LEU A 111 -23.14 3.40 21.37
C LEU A 111 -22.50 2.04 21.15
N GLU A 112 -22.83 1.36 20.05
CA GLU A 112 -22.25 0.07 19.77
C GLU A 112 -20.79 0.21 19.35
N TRP A 113 -20.02 -0.84 19.57
CA TRP A 113 -18.60 -0.84 19.26
C TRP A 113 -18.38 -1.29 17.82
N THR A 114 -17.38 -0.70 17.18
CA THR A 114 -17.09 -1.03 15.79
C THR A 114 -16.45 -2.42 15.70
N GLU A 115 -16.57 -3.01 14.51
CA GLU A 115 -16.02 -4.33 14.17
C GLU A 115 -16.51 -5.43 15.10
N MET B 1 2.91 22.54 64.20
CA MET B 1 1.71 21.99 64.83
C MET B 1 0.80 21.36 63.78
N PHE B 2 0.70 22.02 62.63
CA PHE B 2 -0.01 21.44 61.50
C PHE B 2 0.72 20.22 60.95
N MET B 3 2.04 20.17 61.13
CA MET B 3 2.81 18.99 60.78
C MET B 3 2.37 17.79 61.61
N ILE B 4 2.10 18.00 62.90
CA ILE B 4 1.60 16.94 63.77
C ILE B 4 0.25 16.45 63.29
N ASN B 5 -0.63 17.38 62.90
CA ASN B 5 -1.96 17.01 62.42
C ASN B 5 -1.88 16.21 61.13
N VAL B 6 -1.03 16.64 60.18
CA VAL B 6 -0.97 15.92 58.91
C VAL B 6 -0.29 14.56 59.07
N LEU B 7 0.68 14.43 59.98
CA LEU B 7 1.30 13.12 60.17
C LEU B 7 0.36 12.17 60.91
N THR B 8 -0.40 12.68 61.89
CA THR B 8 -1.42 11.86 62.54
C THR B 8 -2.62 11.61 61.64
N LEU B 9 -2.72 12.30 60.51
CA LEU B 9 -3.69 11.89 59.50
C LEU B 9 -3.13 10.80 58.59
N ILE B 10 -1.86 10.92 58.17
CA ILE B 10 -1.37 10.03 57.11
C ILE B 10 -0.75 8.72 57.61
N ILE B 11 -0.33 8.64 58.87
CA ILE B 11 0.22 7.37 59.37
C ILE B 11 -0.88 6.36 59.72
N PRO B 12 -1.95 6.72 60.46
CA PRO B 12 -2.99 5.71 60.73
C PRO B 12 -3.71 5.22 59.49
N ILE B 13 -3.76 5.99 58.40
CA ILE B 13 -4.38 5.42 57.21
C ILE B 13 -3.48 4.40 56.54
N LEU B 14 -2.15 4.53 56.67
CA LEU B 14 -1.26 3.48 56.19
C LEU B 14 -1.40 2.22 57.04
N LEU B 15 -1.50 2.40 58.36
CA LEU B 15 -1.75 1.25 59.23
C LEU B 15 -3.10 0.61 58.93
N ALA B 16 -4.10 1.44 58.63
CA ALA B 16 -5.42 0.94 58.25
C ALA B 16 -5.37 0.18 56.93
N VAL B 17 -4.53 0.63 56.00
CA VAL B 17 -4.39 -0.07 54.73
C VAL B 17 -3.77 -1.46 54.95
N ALA B 18 -2.73 -1.52 55.78
CA ALA B 18 -2.09 -2.81 56.06
C ALA B 18 -3.05 -3.78 56.76
N PHE B 19 -3.76 -3.29 57.78
CA PHE B 19 -4.72 -4.16 58.44
C PHE B 19 -5.95 -4.42 57.58
N LEU B 20 -6.19 -3.58 56.56
CA LEU B 20 -7.21 -3.90 55.57
C LEU B 20 -6.77 -5.07 54.68
N THR B 21 -5.48 -5.13 54.35
CA THR B 21 -4.98 -6.31 53.66
C THR B 21 -5.20 -7.57 54.50
N LEU B 22 -4.89 -7.46 55.80
CA LEU B 22 -5.12 -8.59 56.71
C LEU B 22 -6.59 -8.98 56.76
N VAL B 23 -7.48 -8.01 56.97
CA VAL B 23 -8.91 -8.27 57.11
C VAL B 23 -9.48 -8.79 55.80
N GLU B 24 -9.01 -8.26 54.66
CA GLU B 24 -9.44 -8.74 53.35
C GLU B 24 -9.09 -10.21 53.17
N ARG B 25 -7.84 -10.58 53.45
CA ARG B 25 -7.42 -11.96 53.29
C ARG B 25 -8.19 -12.89 54.21
N LYS B 26 -8.38 -12.48 55.48
CA LYS B 26 -9.00 -13.38 56.45
C LYS B 26 -10.51 -13.52 56.20
N VAL B 27 -11.19 -12.41 55.91
CA VAL B 27 -12.62 -12.44 55.63
C VAL B 27 -12.91 -13.17 54.32
N LEU B 28 -12.09 -12.91 53.30
CA LEU B 28 -12.26 -13.61 52.02
C LEU B 28 -11.98 -15.09 52.15
N GLY B 29 -11.05 -15.48 53.03
CA GLY B 29 -10.87 -16.89 53.32
C GLY B 29 -12.06 -17.49 54.04
N TYR B 30 -12.61 -16.76 55.01
CA TYR B 30 -13.71 -17.33 55.80
C TYR B 30 -14.99 -17.41 55.00
N MET B 31 -15.16 -16.58 53.97
CA MET B 31 -16.31 -16.72 53.08
C MET B 31 -16.12 -17.85 52.08
N GLN B 32 -14.91 -18.40 51.97
CA GLN B 32 -14.62 -19.50 51.06
C GLN B 32 -14.34 -20.80 51.81
N PHE B 33 -14.98 -20.99 52.96
CA PHE B 33 -14.95 -22.22 53.75
C PHE B 33 -13.53 -22.58 54.20
N ARG B 34 -12.69 -21.58 54.46
CA ARG B 34 -11.33 -21.85 54.89
C ARG B 34 -10.89 -20.76 55.86
N LYS B 35 -9.63 -20.83 56.29
CA LYS B 35 -9.07 -19.90 57.25
C LYS B 35 -8.08 -18.97 56.57
N GLY B 36 -7.91 -17.79 57.17
CA GLY B 36 -6.93 -16.85 56.70
C GLY B 36 -5.61 -17.05 57.41
N PRO B 37 -4.70 -16.07 57.31
CA PRO B 37 -3.39 -16.20 57.98
C PRO B 37 -3.53 -16.14 59.49
N ASN B 38 -3.03 -17.18 60.17
CA ASN B 38 -3.02 -17.20 61.63
C ASN B 38 -1.74 -17.79 62.21
N VAL B 39 -0.73 -18.05 61.39
CA VAL B 39 0.49 -18.70 61.87
C VAL B 39 1.61 -17.69 62.14
N VAL B 40 1.56 -16.50 61.54
CA VAL B 40 2.63 -15.52 61.71
C VAL B 40 2.67 -15.00 63.14
N GLY B 41 1.51 -14.72 63.71
CA GLY B 41 1.43 -14.23 65.07
C GLY B 41 0.19 -14.72 65.78
N PRO B 42 -0.20 -14.03 66.85
CA PRO B 42 -1.47 -14.36 67.51
C PRO B 42 -2.65 -13.94 66.65
N TYR B 43 -3.34 -14.92 66.07
CA TYR B 43 -4.43 -14.72 65.11
C TYR B 43 -3.98 -13.89 63.91
N GLY B 44 -2.73 -14.08 63.49
CA GLY B 44 -2.22 -13.48 62.28
C GLY B 44 -2.08 -11.98 62.28
N LEU B 45 -1.81 -11.37 63.44
CA LEU B 45 -1.72 -9.91 63.52
C LEU B 45 -0.45 -9.37 62.90
N LEU B 46 0.55 -10.22 62.65
CA LEU B 46 1.85 -9.76 62.16
C LEU B 46 2.07 -10.06 60.68
N GLN B 47 1.05 -10.55 59.98
CA GLN B 47 1.16 -10.78 58.54
C GLN B 47 1.38 -9.51 57.72
N PRO B 48 0.67 -8.39 57.93
CA PRO B 48 1.00 -7.18 57.14
C PRO B 48 2.40 -6.65 57.38
N ILE B 49 2.93 -6.79 58.60
CA ILE B 49 4.31 -6.38 58.88
C ILE B 49 5.29 -7.22 58.08
N ALA B 50 5.05 -8.54 58.03
CA ALA B 50 5.91 -9.43 57.25
C ALA B 50 5.83 -9.12 55.77
N ASP B 51 4.62 -8.84 55.26
CA ASP B 51 4.47 -8.48 53.85
C ASP B 51 5.17 -7.17 53.53
N ALA B 52 5.07 -6.18 54.42
CA ALA B 52 5.66 -4.86 54.15
C ALA B 52 7.17 -4.91 54.22
N ILE B 53 7.73 -5.63 55.21
CA ILE B 53 9.19 -5.73 55.29
C ILE B 53 9.73 -6.58 54.14
N LYS B 54 9.00 -7.62 53.75
CA LYS B 54 9.43 -8.45 52.63
C LYS B 54 9.46 -7.66 51.31
N LEU B 55 8.46 -6.83 51.07
CA LEU B 55 8.36 -6.13 49.79
C LEU B 55 9.38 -5.00 49.66
N PHE B 56 9.91 -4.49 50.77
CA PHE B 56 10.83 -3.37 50.72
C PHE B 56 12.30 -3.80 50.82
N ILE B 57 12.57 -5.10 50.82
CA ILE B 57 13.93 -5.62 50.77
C ILE B 57 14.16 -6.46 49.52
N LYS B 58 13.23 -6.42 48.57
CA LYS B 58 13.35 -7.13 47.30
C LYS B 58 13.87 -6.19 46.23
N GLU B 59 14.19 -6.76 45.08
CA GLU B 59 14.76 -5.98 43.98
C GLU B 59 13.69 -5.13 43.30
N PRO B 60 14.04 -3.92 42.83
CA PRO B 60 13.05 -3.04 42.21
C PRO B 60 12.71 -3.41 40.77
N LEU B 61 13.71 -3.86 40.02
CA LEU B 61 13.57 -4.37 38.65
C LEU B 61 12.96 -3.33 37.71
N ARG B 62 13.73 -2.27 37.48
CA ARG B 62 13.36 -1.29 36.46
C ARG B 62 13.69 -1.84 35.08
N PRO B 63 12.72 -1.93 34.16
CA PRO B 63 12.98 -2.54 32.86
C PRO B 63 13.83 -1.64 31.97
N ALA B 64 14.38 -2.25 30.92
CA ALA B 64 15.24 -1.52 29.99
C ALA B 64 14.44 -0.82 28.91
N THR B 65 13.33 -1.41 28.48
CA THR B 65 12.52 -0.82 27.42
C THR B 65 11.53 0.21 27.93
N SER B 66 11.49 0.46 29.24
CA SER B 66 10.54 1.37 29.83
C SER B 66 11.17 2.74 30.04
N SER B 67 10.39 3.79 29.79
CA SER B 67 10.82 5.15 30.10
C SER B 67 10.88 5.31 31.61
N ILE B 68 12.10 5.49 32.13
CA ILE B 68 12.33 5.37 33.57
C ILE B 68 11.67 6.50 34.34
N SER B 69 11.64 7.71 33.76
CA SER B 69 11.12 8.88 34.47
C SER B 69 9.64 8.74 34.76
N MET B 70 8.85 8.39 33.75
CA MET B 70 7.42 8.15 33.98
C MET B 70 7.19 6.89 34.81
N PHE B 71 8.04 5.88 34.64
CA PHE B 71 7.95 4.65 35.42
C PHE B 71 8.12 4.91 36.92
N ILE B 72 8.92 5.91 37.29
CA ILE B 72 9.06 6.29 38.68
C ILE B 72 7.99 7.28 39.11
N LEU B 73 7.61 8.20 38.22
CA LEU B 73 6.66 9.25 38.57
C LEU B 73 5.26 8.70 38.81
N ALA B 74 4.85 7.66 38.07
CA ALA B 74 3.47 7.17 38.17
C ALA B 74 3.09 6.60 39.55
N PRO B 75 3.86 5.70 40.18
CA PRO B 75 3.44 5.26 41.52
C PRO B 75 3.57 6.34 42.57
N ILE B 76 4.53 7.27 42.40
CA ILE B 76 4.64 8.41 43.31
C ILE B 76 3.39 9.28 43.21
N LEU B 77 2.93 9.54 41.99
CA LEU B 77 1.70 10.31 41.80
C LEU B 77 0.50 9.57 42.36
N ALA B 78 0.46 8.24 42.20
CA ALA B 78 -0.65 7.45 42.73
C ALA B 78 -0.73 7.56 44.25
N LEU B 79 0.40 7.33 44.93
CA LEU B 79 0.40 7.39 46.40
C LEU B 79 0.15 8.80 46.90
N THR B 80 0.71 9.81 46.22
CA THR B 80 0.49 11.20 46.61
C THR B 80 -0.98 11.57 46.51
N LEU B 81 -1.61 11.29 45.36
CA LEU B 81 -3.03 11.59 45.19
C LEU B 81 -3.91 10.79 46.14
N ALA B 82 -3.51 9.57 46.48
CA ALA B 82 -4.23 8.83 47.50
C ALA B 82 -4.06 9.47 48.88
N LEU B 83 -2.99 10.24 49.09
CA LEU B 83 -2.75 10.87 50.38
C LEU B 83 -3.44 12.22 50.54
N THR B 84 -3.27 13.14 49.57
CA THR B 84 -3.78 14.50 49.72
C THR B 84 -5.20 14.65 49.20
N MET B 85 -5.98 13.58 49.21
CA MET B 85 -7.38 13.62 48.87
C MET B 85 -8.24 13.01 49.98
N TRP B 86 -7.60 12.45 51.01
CA TRP B 86 -8.27 12.17 52.27
C TRP B 86 -8.59 13.43 53.07
N ILE B 87 -7.95 14.56 52.74
CA ILE B 87 -8.02 15.74 53.62
C ILE B 87 -9.42 16.34 53.80
N PRO B 88 -10.23 16.59 52.76
CA PRO B 88 -11.45 17.36 52.99
C PRO B 88 -12.57 16.60 53.68
N LEU B 89 -12.35 15.34 54.03
CA LEU B 89 -13.38 14.55 54.69
C LEU B 89 -13.56 15.02 56.12
N PRO B 90 -14.78 15.38 56.53
CA PRO B 90 -15.01 15.78 57.92
C PRO B 90 -15.04 14.56 58.83
N MET B 91 -14.17 14.54 59.84
CA MET B 91 -14.08 13.41 60.77
C MET B 91 -14.09 13.84 62.24
N PRO B 92 -15.12 14.57 62.71
CA PRO B 92 -16.24 15.32 62.13
C PRO B 92 -15.79 16.69 61.67
N TYR B 93 -14.55 17.06 62.05
CA TYR B 93 -13.92 18.28 61.59
C TYR B 93 -12.83 17.93 60.58
N PRO B 94 -12.93 18.38 59.34
CA PRO B 94 -11.89 18.05 58.36
C PRO B 94 -10.59 18.77 58.64
N LEU B 95 -9.49 18.16 58.19
CA LEU B 95 -8.19 18.82 58.29
C LEU B 95 -8.16 20.08 57.44
N ILE B 96 -8.65 20.01 56.21
CA ILE B 96 -8.80 21.16 55.33
C ILE B 96 -10.29 21.33 55.08
N ASN B 97 -10.85 22.43 55.58
CA ASN B 97 -12.29 22.69 55.44
C ASN B 97 -12.51 23.48 54.16
N MET B 98 -12.48 22.76 53.04
CA MET B 98 -12.71 23.39 51.75
C MET B 98 -14.17 23.76 51.56
N ASN B 99 -14.41 24.90 50.93
CA ASN B 99 -15.77 25.29 50.58
C ASN B 99 -16.32 24.48 49.42
N LEU B 100 -15.45 23.91 48.59
CA LEU B 100 -15.84 23.14 47.41
C LEU B 100 -15.16 21.78 47.44
N GLY B 101 -15.28 21.09 48.57
CA GLY B 101 -14.59 19.82 48.75
C GLY B 101 -15.07 18.72 47.83
N VAL B 102 -16.35 18.76 47.45
CA VAL B 102 -16.91 17.72 46.59
C VAL B 102 -16.26 17.78 45.20
N LEU B 103 -16.17 18.98 44.62
CA LEU B 103 -15.50 19.13 43.34
C LEU B 103 -14.02 18.85 43.44
N PHE B 104 -13.40 19.13 44.60
CA PHE B 104 -12.00 18.81 44.81
C PHE B 104 -11.78 17.30 44.75
N MET B 105 -12.64 16.54 45.44
CA MET B 105 -12.52 15.09 45.40
C MET B 105 -12.82 14.53 44.02
N LEU B 106 -13.78 15.15 43.30
CA LEU B 106 -14.04 14.72 41.92
C LEU B 106 -12.84 14.94 41.03
N ALA B 107 -12.20 16.11 41.14
CA ALA B 107 -11.04 16.41 40.30
C ALA B 107 -9.85 15.53 40.63
N MET B 108 -9.61 15.28 41.92
CA MET B 108 -8.47 14.43 42.27
C MET B 108 -8.76 12.95 42.08
N SER B 109 -10.02 12.55 41.98
CA SER B 109 -10.34 11.19 41.54
C SER B 109 -10.18 11.06 40.03
N SER B 110 -10.44 12.13 39.29
CA SER B 110 -10.14 12.12 37.86
C SER B 110 -8.64 12.12 37.61
N LEU B 111 -7.86 12.73 38.52
CA LEU B 111 -6.42 12.81 38.32
C LEU B 111 -5.72 11.49 38.64
N ALA B 112 -6.29 10.67 39.52
CA ALA B 112 -5.63 9.42 39.92
C ALA B 112 -5.63 8.37 38.81
N VAL B 113 -6.46 8.54 37.78
CA VAL B 113 -6.48 7.62 36.65
C VAL B 113 -5.17 7.71 35.87
N TYR B 114 -4.58 8.91 35.81
CA TYR B 114 -3.37 9.12 35.03
C TYR B 114 -2.19 8.31 35.55
N SER B 115 -2.18 8.00 36.84
CA SER B 115 -1.13 7.13 37.37
C SER B 115 -1.21 5.73 36.76
N ILE B 116 -2.43 5.17 36.68
CA ILE B 116 -2.63 3.88 36.04
C ILE B 116 -2.28 3.97 34.56
N LEU B 117 -2.69 5.06 33.90
CA LEU B 117 -2.46 5.21 32.47
C LEU B 117 -0.97 5.29 32.16
N TRP B 118 -0.22 6.08 32.93
CA TRP B 118 1.21 6.23 32.70
C TRP B 118 2.00 5.02 33.17
N SER B 119 1.47 4.27 34.15
CA SER B 119 2.10 3.00 34.48
C SER B 119 1.95 2.00 33.35
N GLY B 120 0.78 1.97 32.72
CA GLY B 120 0.58 1.08 31.57
C GLY B 120 1.40 1.50 30.37
N TRP B 121 1.48 2.80 30.09
CA TRP B 121 2.20 3.25 28.91
C TRP B 121 3.71 3.22 29.11
N ALA B 122 4.19 3.51 30.31
CA ALA B 122 5.62 3.63 30.55
C ALA B 122 6.32 2.29 30.43
N SER B 123 5.79 1.27 31.10
CA SER B 123 6.36 -0.07 30.99
C SER B 123 6.00 -0.64 29.63
N ASN B 124 7.01 -0.87 28.79
CA ASN B 124 6.80 -1.26 27.40
C ASN B 124 6.37 -2.72 27.35
N SER B 125 5.07 -2.94 27.52
CA SER B 125 4.49 -4.27 27.43
C SER B 125 3.08 -4.14 26.86
N LYS B 126 2.64 -5.21 26.20
CA LYS B 126 1.32 -5.20 25.59
C LYS B 126 0.21 -5.35 26.63
N TYR B 127 0.44 -6.18 27.66
CA TYR B 127 -0.56 -6.35 28.71
C TYR B 127 -0.76 -5.06 29.50
N ALA B 128 0.32 -4.31 29.72
CA ALA B 128 0.19 -3.02 30.40
C ALA B 128 -0.60 -2.03 29.55
N LEU B 129 -0.41 -2.04 28.23
CA LEU B 129 -1.19 -1.19 27.34
C LEU B 129 -2.67 -1.57 27.37
N ILE B 130 -2.95 -2.87 27.39
CA ILE B 130 -4.34 -3.34 27.48
C ILE B 130 -4.97 -2.88 28.78
N GLY B 131 -4.22 -3.00 29.89
CA GLY B 131 -4.74 -2.53 31.18
C GLY B 131 -4.99 -1.04 31.21
N ALA B 132 -4.08 -0.25 30.62
CA ALA B 132 -4.26 1.20 30.58
C ALA B 132 -5.48 1.59 29.75
N LEU B 133 -5.68 0.94 28.60
CA LEU B 133 -6.85 1.27 27.78
C LEU B 133 -8.14 0.80 28.43
N ARG B 134 -8.10 -0.31 29.18
CA ARG B 134 -9.26 -0.71 29.94
C ARG B 134 -9.56 0.28 31.06
N ALA B 135 -8.53 0.87 31.66
CA ALA B 135 -8.75 1.95 32.63
C ALA B 135 -9.39 3.16 31.97
N VAL B 136 -8.97 3.51 30.76
CA VAL B 136 -9.58 4.61 30.02
C VAL B 136 -11.06 4.32 29.75
N ALA B 137 -11.37 3.11 29.33
CA ALA B 137 -12.75 2.72 29.06
C ALA B 137 -13.59 2.76 30.33
N GLN B 138 -13.02 2.32 31.46
CA GLN B 138 -13.73 2.37 32.72
C GLN B 138 -14.02 3.81 33.14
N THR B 139 -13.05 4.71 32.92
CA THR B 139 -13.22 6.11 33.29
C THR B 139 -14.33 6.77 32.47
N ILE B 140 -14.30 6.56 31.14
CA ILE B 140 -15.36 7.15 30.31
C ILE B 140 -16.69 6.45 30.53
N SER B 141 -16.70 5.24 31.08
CA SER B 141 -17.96 4.61 31.44
C SER B 141 -18.57 5.25 32.67
N TYR B 142 -17.76 5.51 33.71
CA TYR B 142 -18.33 5.83 35.01
C TYR B 142 -18.39 7.32 35.33
N GLU B 143 -17.53 8.16 34.73
CA GLU B 143 -17.29 9.50 35.30
C GLU B 143 -18.51 10.42 35.21
N VAL B 144 -19.18 10.44 34.05
CA VAL B 144 -20.28 11.37 33.87
C VAL B 144 -21.47 10.99 34.74
N THR B 145 -21.75 9.68 34.86
CA THR B 145 -22.85 9.23 35.72
C THR B 145 -22.53 9.50 37.19
N LEU B 146 -21.26 9.34 37.57
CA LEU B 146 -20.86 9.65 38.95
C LEU B 146 -21.08 11.13 39.27
N ALA B 147 -20.69 12.01 38.34
CA ALA B 147 -20.84 13.44 38.59
C ALA B 147 -22.30 13.86 38.62
N ILE B 148 -23.14 13.30 37.75
CA ILE B 148 -24.56 13.65 37.78
C ILE B 148 -25.22 13.10 39.05
N ILE B 149 -24.81 11.91 39.52
CA ILE B 149 -25.33 11.37 40.77
C ILE B 149 -24.99 12.31 41.94
N LEU B 150 -23.75 12.79 41.98
CA LEU B 150 -23.34 13.71 43.04
C LEU B 150 -24.11 15.03 42.97
N LEU B 151 -24.31 15.55 41.75
CA LEU B 151 -25.05 16.80 41.60
C LEU B 151 -26.50 16.64 42.03
N SER B 152 -27.13 15.51 41.68
CA SER B 152 -28.52 15.29 42.04
C SER B 152 -28.69 15.06 43.53
N VAL B 153 -27.69 14.43 44.18
CA VAL B 153 -27.81 14.21 45.61
C VAL B 153 -27.37 15.42 46.42
N LEU B 154 -26.68 16.38 45.82
CA LEU B 154 -26.29 17.59 46.53
C LEU B 154 -27.31 18.71 46.38
N LEU B 155 -28.42 18.48 45.67
CA LEU B 155 -29.46 19.50 45.56
C LEU B 155 -30.27 19.63 46.84
N MET B 156 -30.25 18.62 47.70
CA MET B 156 -30.91 18.71 49.00
C MET B 156 -29.98 19.24 50.08
N ASN B 157 -28.68 19.10 49.91
CA ASN B 157 -27.74 19.61 50.90
C ASN B 157 -27.71 21.14 50.89
N GLY B 158 -27.60 21.74 49.71
CA GLY B 158 -27.56 23.19 49.61
C GLY B 158 -26.30 23.72 48.96
N SER B 159 -25.15 23.09 49.24
CA SER B 159 -23.88 23.53 48.70
C SER B 159 -22.94 22.34 48.61
N PHE B 160 -21.74 22.59 48.06
CA PHE B 160 -20.76 21.55 47.85
C PHE B 160 -19.89 21.28 49.07
N THR B 161 -20.11 22.00 50.18
CA THR B 161 -19.29 21.81 51.36
C THR B 161 -19.61 20.47 52.02
N LEU B 162 -18.55 19.70 52.33
CA LEU B 162 -18.74 18.43 53.01
C LEU B 162 -19.03 18.59 54.50
N SER B 163 -18.68 19.73 55.09
CA SER B 163 -18.93 19.94 56.52
C SER B 163 -20.41 20.13 56.81
N THR B 164 -21.14 20.75 55.88
CA THR B 164 -22.56 20.99 56.09
C THR B 164 -23.42 19.77 55.80
N LEU B 165 -22.83 18.68 55.31
CA LEU B 165 -23.58 17.47 55.03
C LEU B 165 -24.06 16.78 56.29
N ILE B 166 -23.38 16.97 57.42
CA ILE B 166 -23.85 16.43 58.69
C ILE B 166 -25.10 17.17 59.14
N ILE B 167 -25.13 18.49 58.95
CA ILE B 167 -26.27 19.30 59.36
C ILE B 167 -27.50 18.95 58.51
N THR B 168 -27.29 18.63 57.23
CA THR B 168 -28.39 18.23 56.36
C THR B 168 -29.03 16.94 56.85
N GLN B 169 -28.22 15.96 57.26
CA GLN B 169 -28.72 14.68 57.75
C GLN B 169 -28.90 14.66 59.25
N GLU B 170 -29.11 15.83 59.88
CA GLU B 170 -29.29 15.86 61.33
C GLU B 170 -30.63 15.26 61.74
N GLN B 171 -31.66 15.40 60.91
CA GLN B 171 -32.98 14.88 61.22
C GLN B 171 -33.13 13.43 60.77
N VAL B 172 -32.94 13.17 59.48
CA VAL B 172 -33.11 11.84 58.92
C VAL B 172 -31.92 11.56 57.99
N TRP B 173 -31.70 10.28 57.72
CA TRP B 173 -30.64 9.87 56.81
C TRP B 173 -30.98 10.29 55.38
N LEU B 174 -29.94 10.51 54.58
CA LEU B 174 -30.11 10.88 53.19
C LEU B 174 -30.31 9.67 52.28
N ILE B 175 -30.26 8.45 52.82
CA ILE B 175 -30.56 7.28 52.02
C ILE B 175 -32.06 7.05 51.91
N PHE B 176 -32.86 7.58 52.84
CA PHE B 176 -34.32 7.44 52.73
C PHE B 176 -34.91 8.18 51.52
N PRO B 177 -34.60 9.45 51.24
CA PRO B 177 -35.18 10.07 50.05
C PRO B 177 -34.39 9.90 48.77
N ALA B 178 -33.22 9.28 48.81
CA ALA B 178 -32.38 9.14 47.61
C ALA B 178 -31.74 7.76 47.54
N TRP B 179 -32.52 6.72 47.81
CA TRP B 179 -31.98 5.37 47.72
C TRP B 179 -31.66 4.85 46.30
N PRO B 180 -32.38 5.23 45.22
CA PRO B 180 -31.87 4.81 43.89
C PRO B 180 -30.55 5.47 43.54
N LEU B 181 -30.41 6.75 43.90
CA LEU B 181 -29.12 7.41 43.75
C LEU B 181 -28.07 6.78 44.64
N ALA B 182 -28.47 6.27 45.82
CA ALA B 182 -27.52 5.58 46.69
C ALA B 182 -27.02 4.28 46.08
N MET B 183 -27.92 3.50 45.48
CA MET B 183 -27.51 2.25 44.84
C MET B 183 -26.62 2.53 43.63
N MET B 184 -27.00 3.51 42.81
CA MET B 184 -26.19 3.84 41.65
C MET B 184 -24.84 4.43 42.06
N TRP B 185 -24.80 5.18 43.16
CA TRP B 185 -23.55 5.69 43.67
C TRP B 185 -22.66 4.56 44.18
N PHE B 186 -23.24 3.56 44.84
CA PHE B 186 -22.46 2.42 45.30
C PHE B 186 -21.85 1.66 44.15
N ILE B 187 -22.62 1.44 43.08
CA ILE B 187 -22.06 0.77 41.90
C ILE B 187 -21.00 1.65 41.24
N SER B 188 -21.18 2.97 41.25
CA SER B 188 -20.19 3.87 40.69
C SER B 188 -18.89 3.86 41.49
N THR B 189 -18.99 3.78 42.81
CA THR B 189 -17.78 3.69 43.63
C THR B 189 -17.10 2.34 43.47
N LEU B 190 -17.89 1.27 43.24
CA LEU B 190 -17.29 -0.02 42.93
C LEU B 190 -16.52 0.03 41.62
N ALA B 191 -17.10 0.65 40.59
CA ALA B 191 -16.45 0.71 39.30
C ALA B 191 -15.35 1.76 39.22
N GLU B 192 -15.31 2.71 40.16
CA GLU B 192 -14.32 3.77 40.11
C GLU B 192 -12.94 3.28 40.50
N THR B 193 -12.86 2.45 41.53
CA THR B 193 -11.60 2.05 42.13
C THR B 193 -11.04 0.79 41.48
N ASN B 194 -11.67 0.33 40.39
CA ASN B 194 -11.35 -0.93 39.72
C ASN B 194 -11.42 -2.11 40.69
N ARG B 195 -12.47 -2.11 41.51
CA ARG B 195 -12.77 -3.21 42.42
C ARG B 195 -13.75 -4.16 41.77
N ALA B 196 -13.76 -5.41 42.25
CA ALA B 196 -14.62 -6.44 41.70
C ALA B 196 -16.09 -6.08 41.94
N PRO B 197 -16.99 -6.40 40.99
CA PRO B 197 -16.80 -7.16 39.75
C PRO B 197 -16.34 -6.32 38.55
N PHE B 198 -15.82 -5.12 38.80
CA PHE B 198 -15.34 -4.25 37.74
C PHE B 198 -13.83 -4.02 37.87
N ASP B 199 -13.06 -5.09 38.12
CA ASP B 199 -11.63 -4.96 38.26
C ASP B 199 -10.98 -4.47 36.98
N LEU B 200 -10.95 -5.32 35.95
CA LEU B 200 -10.72 -4.96 34.56
C LEU B 200 -9.37 -4.29 34.24
N THR B 201 -8.56 -4.02 35.25
CA THR B 201 -7.23 -3.46 35.05
C THR B 201 -6.15 -4.35 35.63
N GLU B 202 -6.31 -4.78 36.88
CA GLU B 202 -5.46 -5.84 37.44
C GLU B 202 -6.12 -7.20 37.25
N GLY B 203 -6.52 -7.49 36.01
CA GLY B 203 -7.21 -8.72 35.71
C GLY B 203 -6.28 -9.91 35.67
N GLU B 204 -6.39 -10.79 36.66
CA GLU B 204 -5.54 -11.97 36.72
C GLU B 204 -6.06 -13.12 35.86
N SER B 205 -7.20 -12.95 35.21
CA SER B 205 -7.75 -13.97 34.32
C SER B 205 -7.50 -13.64 32.85
N GLU B 206 -7.98 -12.48 32.39
CA GLU B 206 -7.76 -12.09 31.00
C GLU B 206 -6.30 -11.74 30.74
N LEU B 207 -5.66 -11.08 31.70
CA LEU B 207 -4.25 -10.75 31.64
C LEU B 207 -3.52 -11.47 32.77
N VAL B 208 -2.22 -11.19 32.88
CA VAL B 208 -1.45 -11.72 34.00
C VAL B 208 -1.61 -10.84 35.22
N SER B 209 -1.18 -9.59 35.13
CA SER B 209 -1.43 -8.61 36.18
C SER B 209 -1.92 -7.27 35.67
N GLY B 210 -1.82 -6.98 34.38
CA GLY B 210 -2.36 -5.74 33.84
C GLY B 210 -1.32 -4.65 33.78
N PHE B 211 -1.65 -3.49 34.36
CA PHE B 211 -0.76 -2.34 34.25
C PHE B 211 0.45 -2.49 35.18
N ASN B 212 0.31 -3.19 36.29
CA ASN B 212 1.42 -3.40 37.22
C ASN B 212 2.05 -4.77 37.05
N VAL B 213 2.12 -5.28 35.82
CA VAL B 213 2.77 -6.55 35.58
C VAL B 213 4.28 -6.42 35.49
N GLU B 214 4.79 -5.23 35.16
CA GLU B 214 6.23 -4.99 35.10
C GLU B 214 6.75 -4.31 36.35
N TYR B 215 5.90 -4.07 37.34
CA TYR B 215 6.30 -3.40 38.57
C TYR B 215 6.61 -4.44 39.62
N ALA B 216 7.89 -4.58 39.96
CA ALA B 216 8.31 -5.52 40.99
C ALA B 216 8.15 -4.88 42.36
N ALA B 217 8.60 -5.57 43.40
CA ALA B 217 8.35 -5.16 44.77
C ALA B 217 9.05 -3.85 45.10
N GLY B 218 8.43 -3.10 46.01
CA GLY B 218 8.78 -1.73 46.29
C GLY B 218 7.89 -0.71 45.60
N PRO B 219 7.96 -0.62 44.27
CA PRO B 219 6.94 0.18 43.55
C PRO B 219 5.60 -0.51 43.45
N PHE B 220 5.56 -1.85 43.49
CA PHE B 220 4.28 -2.55 43.40
C PHE B 220 3.44 -2.34 44.65
N ALA B 221 4.08 -2.22 45.81
CA ALA B 221 3.33 -1.98 47.05
C ALA B 221 2.64 -0.64 47.04
N LEU B 222 3.20 0.35 46.33
CA LEU B 222 2.61 1.68 46.27
C LEU B 222 1.22 1.66 45.66
N PHE B 223 1.05 0.91 44.57
CA PHE B 223 -0.26 0.77 43.94
C PHE B 223 -1.24 0.05 44.86
N PHE B 224 -0.74 -0.93 45.62
CA PHE B 224 -1.60 -1.66 46.54
C PHE B 224 -2.13 -0.76 47.65
N MET B 225 -1.24 0.02 48.28
CA MET B 225 -1.74 0.90 49.34
C MET B 225 -2.56 2.04 48.78
N ALA B 226 -2.26 2.51 47.57
CA ALA B 226 -3.10 3.53 46.94
C ALA B 226 -4.50 3.01 46.69
N GLU B 227 -4.62 1.77 46.18
CA GLU B 227 -5.93 1.19 45.92
C GLU B 227 -6.71 0.98 47.21
N TYR B 228 -6.04 0.49 48.26
CA TYR B 228 -6.78 0.20 49.50
C TYR B 228 -7.16 1.49 50.24
N ALA B 229 -6.29 2.49 50.25
CA ALA B 229 -6.68 3.79 50.77
C ALA B 229 -7.80 4.41 49.96
N ASN B 230 -7.83 4.15 48.65
CA ASN B 230 -8.92 4.62 47.82
C ASN B 230 -10.25 3.97 48.20
N ILE B 231 -10.25 2.65 48.45
CA ILE B 231 -11.51 2.02 48.80
C ILE B 231 -11.99 2.47 50.19
N ILE B 232 -11.05 2.72 51.11
CA ILE B 232 -11.47 3.24 52.42
C ILE B 232 -12.04 4.65 52.27
N MET B 233 -11.44 5.46 51.39
CA MET B 233 -11.94 6.83 51.24
C MET B 233 -13.29 6.86 50.54
N MET B 234 -13.51 5.96 49.57
CA MET B 234 -14.85 5.82 48.98
C MET B 234 -15.88 5.38 50.01
N ASN B 235 -15.50 4.45 50.90
CA ASN B 235 -16.43 4.01 51.94
C ASN B 235 -16.79 5.17 52.89
N ILE B 236 -15.78 5.95 53.29
CA ILE B 236 -16.03 7.09 54.17
C ILE B 236 -16.85 8.16 53.46
N PHE B 237 -16.58 8.39 52.17
CA PHE B 237 -17.33 9.36 51.39
C PHE B 237 -18.79 8.96 51.24
N THR B 238 -19.05 7.67 50.98
CA THR B 238 -20.42 7.18 50.89
C THR B 238 -21.12 7.28 52.24
N THR B 239 -20.41 6.98 53.33
CA THR B 239 -20.99 7.12 54.66
C THR B 239 -21.37 8.55 54.96
N THR B 240 -20.50 9.50 54.61
CA THR B 240 -20.81 10.91 54.83
C THR B 240 -21.96 11.37 53.94
N LEU B 241 -22.03 10.87 52.70
CA LEU B 241 -23.05 11.32 51.77
C LEU B 241 -24.43 10.80 52.16
N PHE B 242 -24.54 9.51 52.48
CA PHE B 242 -25.85 8.88 52.61
C PHE B 242 -26.20 8.38 53.99
N LEU B 243 -25.26 8.35 54.94
CA LEU B 243 -25.49 7.78 56.26
C LEU B 243 -24.97 8.72 57.34
N GLY B 244 -25.36 9.99 57.26
CA GLY B 244 -24.91 11.00 58.20
C GLY B 244 -25.30 10.74 59.64
N ALA B 245 -24.30 10.69 60.52
CA ALA B 245 -24.51 10.29 61.90
C ALA B 245 -24.80 11.50 62.78
N PHE B 246 -25.27 11.21 63.99
CA PHE B 246 -25.53 12.25 64.98
C PHE B 246 -24.22 12.87 65.45
N HIS B 247 -24.15 14.19 65.43
CA HIS B 247 -22.93 14.92 65.80
C HIS B 247 -23.22 15.77 67.02
N ASN B 248 -22.41 15.59 68.07
CA ASN B 248 -22.46 16.42 69.25
C ASN B 248 -21.21 17.28 69.28
N PRO B 249 -21.32 18.61 69.24
CA PRO B 249 -20.12 19.46 69.25
C PRO B 249 -19.29 19.35 70.52
N TYR B 250 -19.86 18.89 71.63
CA TYR B 250 -19.10 18.68 72.84
C TYR B 250 -18.42 17.32 72.90
N MET B 251 -18.92 16.33 72.16
CA MET B 251 -18.34 15.00 72.12
C MET B 251 -18.18 14.56 70.67
N PRO B 252 -17.09 14.94 70.01
CA PRO B 252 -16.84 14.45 68.64
C PRO B 252 -16.56 12.95 68.56
N GLU B 253 -16.21 12.32 69.69
CA GLU B 253 -15.91 10.90 69.69
C GLU B 253 -17.13 10.05 69.34
N LEU B 254 -18.33 10.55 69.64
CA LEU B 254 -19.55 9.84 69.25
C LEU B 254 -19.66 9.74 67.73
N TYR B 255 -19.46 10.86 67.04
CA TYR B 255 -19.49 10.85 65.58
C TYR B 255 -18.34 10.03 65.02
N THR B 256 -17.16 10.08 65.67
CA THR B 256 -16.02 9.33 65.19
C THR B 256 -16.28 7.82 65.26
N ILE B 257 -16.83 7.36 66.39
CA ILE B 257 -17.18 5.95 66.54
C ILE B 257 -18.26 5.54 65.55
N ASN B 258 -19.27 6.40 65.37
CA ASN B 258 -20.39 6.08 64.50
C ASN B 258 -19.96 5.94 63.04
N PHE B 259 -19.24 6.94 62.51
CA PHE B 259 -18.87 6.80 61.11
C PHE B 259 -17.73 5.79 60.93
N THR B 260 -16.96 5.51 61.99
CA THR B 260 -15.95 4.46 61.89
C THR B 260 -16.60 3.10 61.71
N ILE B 261 -17.61 2.78 62.53
CA ILE B 261 -18.26 1.47 62.38
C ILE B 261 -19.08 1.42 61.10
N LYS B 262 -19.65 2.55 60.66
CA LYS B 262 -20.38 2.54 59.39
C LYS B 262 -19.46 2.32 58.20
N SER B 263 -18.29 2.97 58.19
CA SER B 263 -17.33 2.75 57.12
C SER B 263 -16.74 1.36 57.16
N LEU B 264 -16.56 0.79 58.35
CA LEU B 264 -16.12 -0.60 58.45
C LEU B 264 -17.15 -1.54 57.86
N LEU B 265 -18.45 -1.30 58.13
CA LEU B 265 -19.49 -2.12 57.53
C LEU B 265 -19.53 -1.95 56.02
N LEU B 266 -19.26 -0.74 55.52
CA LEU B 266 -19.23 -0.53 54.07
C LEU B 266 -18.05 -1.27 53.42
N SER B 267 -16.89 -1.28 54.07
CA SER B 267 -15.76 -2.04 53.53
C SER B 267 -16.02 -3.54 53.59
N ILE B 268 -16.70 -4.00 54.65
CA ILE B 268 -17.09 -5.41 54.74
C ILE B 268 -18.06 -5.75 53.61
N THR B 269 -18.95 -4.82 53.26
CA THR B 269 -19.86 -5.03 52.13
C THR B 269 -19.10 -5.05 50.81
N PHE B 270 -18.05 -4.24 50.69
CA PHE B 270 -17.20 -4.28 49.49
C PHE B 270 -16.56 -5.67 49.32
N LEU B 271 -15.99 -6.21 50.40
CA LEU B 271 -15.38 -7.52 50.31
C LEU B 271 -16.42 -8.62 50.14
N TRP B 272 -17.62 -8.39 50.67
CA TRP B 272 -18.75 -9.30 50.47
C TRP B 272 -19.12 -9.37 49.00
N ILE B 273 -19.13 -8.23 48.32
CA ILE B 273 -19.43 -8.18 46.89
C ILE B 273 -18.29 -8.83 46.10
N ARG B 274 -17.04 -8.64 46.55
CA ARG B 274 -15.88 -9.11 45.80
C ARG B 274 -15.86 -10.64 45.67
N ALA B 275 -16.25 -11.35 46.72
CA ALA B 275 -16.11 -12.80 46.74
C ALA B 275 -17.24 -13.53 46.03
N SER B 276 -18.30 -12.83 45.62
CA SER B 276 -19.52 -13.49 45.19
C SER B 276 -19.88 -13.28 43.73
N TYR B 277 -19.14 -12.47 42.98
CA TYR B 277 -19.60 -12.13 41.64
C TYR B 277 -18.53 -12.38 40.59
N PRO B 278 -18.92 -12.85 39.41
CA PRO B 278 -17.98 -12.95 38.29
C PRO B 278 -17.62 -11.59 37.73
N ARG B 279 -16.50 -11.54 37.04
CA ARG B 279 -15.97 -10.31 36.50
C ARG B 279 -16.77 -9.87 35.28
N PHE B 280 -17.13 -8.58 35.25
CA PHE B 280 -17.78 -8.00 34.08
C PHE B 280 -16.80 -7.92 32.92
N ARG B 281 -17.33 -8.01 31.71
CA ARG B 281 -16.56 -7.64 30.53
C ARG B 281 -16.50 -6.12 30.43
N TYR B 282 -15.40 -5.61 29.88
CA TYR B 282 -15.24 -4.15 29.92
C TYR B 282 -15.99 -3.45 28.80
N ASP B 283 -16.61 -4.18 27.88
CA ASP B 283 -17.59 -3.58 26.99
C ASP B 283 -19.01 -3.66 27.56
N GLN B 284 -19.28 -4.63 28.43
CA GLN B 284 -20.57 -4.70 29.10
C GLN B 284 -20.68 -3.65 30.20
N LEU B 285 -19.58 -3.35 30.88
CA LEU B 285 -19.58 -2.24 31.84
C LEU B 285 -19.79 -0.91 31.12
N MET B 286 -19.28 -0.78 29.90
CA MET B 286 -19.46 0.43 29.12
C MET B 286 -20.91 0.64 28.74
N HIS B 287 -21.62 -0.43 28.41
CA HIS B 287 -23.04 -0.36 28.10
C HIS B 287 -23.91 -0.44 29.35
N LEU B 288 -23.32 -0.69 30.51
CA LEU B 288 -24.09 -0.70 31.74
C LEU B 288 -24.41 0.71 32.21
N LEU B 289 -23.40 1.55 32.34
CA LEU B 289 -23.60 2.90 32.84
C LEU B 289 -24.19 3.83 31.79
N TRP B 290 -23.84 3.63 30.52
CA TRP B 290 -24.27 4.54 29.47
C TRP B 290 -25.68 4.27 28.96
N LYS B 291 -26.27 3.14 29.32
CA LYS B 291 -27.61 2.79 28.84
C LYS B 291 -28.63 2.58 29.94
N ASN B 292 -28.23 2.04 31.08
CA ASN B 292 -29.14 1.78 32.19
C ASN B 292 -29.05 2.84 33.27
N PHE B 293 -27.84 3.20 33.69
CA PHE B 293 -27.69 4.16 34.77
C PHE B 293 -27.95 5.59 34.32
N LEU B 294 -27.46 5.96 33.12
CA LEU B 294 -27.54 7.35 32.69
C LEU B 294 -28.95 7.89 32.49
N PRO B 295 -29.88 7.18 31.81
CA PRO B 295 -31.25 7.75 31.70
C PRO B 295 -31.95 7.91 33.04
N LEU B 296 -31.79 6.94 33.93
CA LEU B 296 -32.37 7.06 35.26
C LEU B 296 -31.73 8.18 36.06
N THR B 297 -30.42 8.40 35.86
CA THR B 297 -29.74 9.50 36.54
C THR B 297 -30.25 10.85 36.05
N LEU B 298 -30.49 10.97 34.74
CA LEU B 298 -31.05 12.20 34.19
C LEU B 298 -32.47 12.45 34.71
N ALA B 299 -33.28 11.40 34.73
CA ALA B 299 -34.65 11.53 35.24
C ALA B 299 -34.66 11.90 36.72
N LEU B 300 -33.79 11.28 37.51
CA LEU B 300 -33.72 11.61 38.94
C LEU B 300 -33.14 12.99 39.17
N CYS B 301 -32.25 13.46 38.28
CA CYS B 301 -31.76 14.83 38.39
C CYS B 301 -32.87 15.84 38.12
N MET B 302 -33.70 15.59 37.10
CA MET B 302 -34.83 16.49 36.87
C MET B 302 -35.83 16.42 38.02
N TRP B 303 -36.05 15.23 38.56
CA TRP B 303 -36.95 15.08 39.71
C TRP B 303 -36.42 15.83 40.93
N HIS B 304 -35.12 15.75 41.19
CA HIS B 304 -34.54 16.42 42.35
C HIS B 304 -34.29 17.90 42.13
N VAL B 305 -34.37 18.40 40.90
CA VAL B 305 -34.32 19.84 40.70
C VAL B 305 -35.73 20.43 40.66
N SER B 306 -36.75 19.63 40.37
CA SER B 306 -38.12 20.12 40.42
C SER B 306 -38.82 19.80 41.74
N LEU B 307 -38.19 19.03 42.62
CA LEU B 307 -38.81 18.68 43.89
C LEU B 307 -38.78 19.79 44.95
N PRO B 308 -37.63 20.42 45.28
CA PRO B 308 -37.68 21.42 46.37
C PRO B 308 -38.44 22.67 46.00
N ILE B 309 -38.49 23.02 44.71
CA ILE B 309 -39.34 24.13 44.28
C ILE B 309 -40.80 23.78 44.47
N LEU B 310 -41.16 22.52 44.23
CA LEU B 310 -42.53 22.05 44.38
C LEU B 310 -43.02 22.08 45.82
N LEU B 311 -42.11 21.99 46.79
CA LEU B 311 -42.48 21.72 48.17
C LEU B 311 -42.07 22.81 49.15
N SER B 312 -41.53 23.94 48.65
CA SER B 312 -41.00 25.03 49.47
C SER B 312 -39.94 24.51 50.45
N SER B 313 -39.04 23.67 49.92
CA SER B 313 -38.00 23.02 50.71
C SER B 313 -36.64 23.21 50.09
N ILE B 314 -36.38 24.40 49.56
CA ILE B 314 -35.07 24.71 49.00
C ILE B 314 -34.10 24.93 50.16
N PRO B 315 -33.01 24.17 50.23
CA PRO B 315 -32.14 24.27 51.40
C PRO B 315 -31.33 25.56 51.37
N PRO B 316 -30.93 26.08 52.52
CA PRO B 316 -30.09 27.27 52.55
C PRO B 316 -28.69 26.97 52.05
N GLN B 317 -28.04 28.01 51.52
CA GLN B 317 -26.66 27.91 51.07
C GLN B 317 -25.67 28.44 52.10
N THR B 318 -26.12 28.73 53.31
CA THR B 318 -25.25 29.25 54.36
C THR B 318 -25.31 28.36 55.60
N MET C 1 9.85 35.74 49.80
CA MET C 1 9.36 35.94 48.45
C MET C 1 8.00 35.28 48.25
N MET C 2 7.23 35.18 49.33
CA MET C 2 5.91 34.55 49.25
C MET C 2 4.85 35.46 48.65
N THR C 3 5.12 36.76 48.58
CA THR C 3 4.16 37.69 48.00
C THR C 3 4.03 37.53 46.49
N TYR C 4 5.02 36.91 45.84
CA TYR C 4 5.01 36.68 44.41
C TYR C 4 4.55 35.27 44.08
N ILE C 5 3.61 34.72 44.85
CA ILE C 5 3.20 33.33 44.67
C ILE C 5 2.47 33.14 43.34
N VAL C 6 1.60 34.08 42.98
CA VAL C 6 0.91 34.00 41.69
C VAL C 6 1.88 34.20 40.55
N PHE C 7 2.90 35.05 40.73
CA PHE C 7 3.92 35.22 39.70
C PHE C 7 4.72 33.94 39.48
N ILE C 8 5.07 33.24 40.57
CA ILE C 8 5.79 31.97 40.47
C ILE C 8 4.92 30.92 39.78
N LEU C 9 3.64 30.86 40.15
CA LEU C 9 2.72 29.92 39.51
C LEU C 9 2.56 30.22 38.03
N SER C 10 2.54 31.50 37.66
CA SER C 10 2.48 31.88 36.25
C SER C 10 3.77 31.53 35.53
N ILE C 11 4.91 31.59 36.22
CA ILE C 11 6.16 31.16 35.61
C ILE C 11 6.13 29.67 35.30
N ILE C 12 5.61 28.87 36.24
CA ILE C 12 5.43 27.44 35.98
C ILE C 12 4.41 27.21 34.87
N PHE C 13 3.41 28.09 34.76
CA PHE C 13 2.42 27.99 33.68
C PHE C 13 3.06 28.16 32.32
N VAL C 14 3.86 29.22 32.14
CA VAL C 14 4.53 29.40 30.85
C VAL C 14 5.60 28.33 30.63
N MET C 15 6.20 27.81 31.71
CA MET C 15 7.14 26.71 31.58
C MET C 15 6.47 25.47 31.02
N GLY C 16 5.28 25.14 31.53
CA GLY C 16 4.55 24.01 30.98
C GLY C 16 4.07 24.25 29.56
N PHE C 17 3.71 25.50 29.25
CA PHE C 17 3.30 25.83 27.89
C PHE C 17 4.45 25.68 26.91
N VAL C 18 5.65 26.09 27.30
CA VAL C 18 6.84 25.85 26.49
C VAL C 18 7.11 24.34 26.39
N GLY C 19 6.86 23.61 27.47
CA GLY C 19 7.11 22.18 27.47
C GLY C 19 6.23 21.41 26.50
N PHE C 20 4.95 21.75 26.41
CA PHE C 20 4.11 20.99 25.50
C PHE C 20 3.94 21.65 24.13
N SER C 21 4.30 22.93 23.98
CA SER C 21 4.16 23.58 22.68
C SER C 21 5.32 23.29 21.75
N SER C 22 6.41 22.70 22.26
CA SER C 22 7.50 22.26 21.41
C SER C 22 7.17 20.98 20.66
N LYS C 23 6.07 20.33 21.01
CA LYS C 23 5.51 19.13 20.39
C LYS C 23 6.49 17.97 20.33
N PRO C 24 6.98 17.43 21.46
CA PRO C 24 7.86 16.26 21.39
C PRO C 24 7.12 14.99 21.00
N SER C 25 6.05 14.69 21.72
CA SER C 25 5.21 13.51 21.55
C SER C 25 3.95 13.78 22.36
N PRO C 26 2.77 13.36 21.87
CA PRO C 26 1.52 13.79 22.52
C PRO C 26 1.31 13.25 23.93
N ILE C 27 2.01 12.19 24.33
CA ILE C 27 1.96 11.75 25.73
C ILE C 27 2.55 12.81 26.64
N TYR C 28 3.77 13.26 26.32
CA TYR C 28 4.42 14.25 27.17
C TYR C 28 3.84 15.63 26.95
N GLY C 29 3.27 15.89 25.77
CA GLY C 29 2.47 17.09 25.60
C GLY C 29 1.24 17.09 26.49
N GLY C 30 0.60 15.93 26.64
CA GLY C 30 -0.52 15.82 27.56
C GLY C 30 -0.10 16.01 29.00
N LEU C 31 1.06 15.46 29.37
CA LEU C 31 1.58 15.68 30.73
C LEU C 31 1.87 17.15 30.99
N GLY C 32 2.48 17.82 30.02
CA GLY C 32 2.74 19.25 30.17
C GLY C 32 1.47 20.08 30.25
N LEU C 33 0.45 19.70 29.48
CA LEU C 33 -0.82 20.41 29.55
C LEU C 33 -1.54 20.15 30.87
N ILE C 34 -1.39 18.94 31.43
CA ILE C 34 -1.96 18.67 32.75
C ILE C 34 -1.29 19.55 33.81
N VAL C 35 0.04 19.66 33.75
CA VAL C 35 0.77 20.51 34.70
C VAL C 35 0.36 21.97 34.53
N SER C 36 0.22 22.43 33.28
CA SER C 36 -0.19 23.80 33.02
C SER C 36 -1.61 24.07 33.51
N GLY C 37 -2.52 23.11 33.32
CA GLY C 37 -3.87 23.28 33.84
C GLY C 37 -3.91 23.31 35.35
N GLY C 38 -3.06 22.52 36.00
CA GLY C 38 -2.98 22.54 37.46
C GLY C 38 -2.51 23.88 38.00
N VAL C 39 -1.43 24.41 37.42
CA VAL C 39 -0.95 25.69 37.93
C VAL C 39 -1.87 26.84 37.52
N GLY C 40 -2.58 26.72 36.39
CA GLY C 40 -3.56 27.73 36.03
C GLY C 40 -4.76 27.74 36.96
N CYS C 41 -5.24 26.56 37.36
CA CYS C 41 -6.32 26.52 38.34
C CYS C 41 -5.83 27.02 39.70
N GLY C 42 -4.55 26.80 40.01
CA GLY C 42 -3.98 27.42 41.20
C GLY C 42 -3.99 28.94 41.14
N ILE C 43 -3.67 29.50 39.96
CA ILE C 43 -3.65 30.95 39.79
C ILE C 43 -5.04 31.53 39.98
N VAL C 44 -6.02 30.97 39.28
CA VAL C 44 -7.37 31.54 39.35
C VAL C 44 -8.01 31.24 40.72
N LEU C 45 -7.57 30.17 41.38
CA LEU C 45 -8.00 29.94 42.75
C LEU C 45 -7.38 30.95 43.71
N ASN C 46 -6.15 31.40 43.43
CA ASN C 46 -5.56 32.46 44.22
C ASN C 46 -6.27 33.80 44.00
N PHE C 47 -6.80 34.03 42.80
CA PHE C 47 -7.60 35.23 42.60
C PHE C 47 -9.01 35.14 43.17
N GLY C 48 -9.42 33.98 43.68
CA GLY C 48 -10.70 33.82 44.34
C GLY C 48 -11.68 32.93 43.61
N GLY C 49 -11.44 32.64 42.34
CA GLY C 49 -12.35 31.80 41.58
C GLY C 49 -12.06 30.31 41.73
N SER C 50 -12.40 29.76 42.90
CA SER C 50 -12.12 28.36 43.18
C SER C 50 -12.97 27.43 42.32
N PHE C 51 -14.25 27.79 42.13
CA PHE C 51 -15.15 26.95 41.33
C PHE C 51 -14.68 26.87 39.88
N LEU C 52 -14.31 28.02 39.31
CA LEU C 52 -13.87 28.04 37.92
C LEU C 52 -12.57 27.27 37.73
N GLY C 53 -11.65 27.38 38.70
CA GLY C 53 -10.41 26.62 38.61
C GLY C 53 -10.62 25.13 38.73
N LEU C 54 -11.46 24.70 39.67
CA LEU C 54 -11.76 23.28 39.81
C LEU C 54 -12.47 22.75 38.57
N MET C 55 -13.37 23.55 37.99
CA MET C 55 -14.09 23.11 36.80
C MET C 55 -13.16 22.98 35.60
N VAL C 56 -12.28 23.95 35.38
CA VAL C 56 -11.38 23.86 34.24
C VAL C 56 -10.36 22.74 34.46
N PHE C 57 -9.96 22.48 35.71
CA PHE C 57 -9.06 21.38 35.99
C PHE C 57 -9.72 20.04 35.66
N LEU C 58 -10.97 19.85 36.10
CA LEU C 58 -11.67 18.60 35.83
C LEU C 58 -11.92 18.40 34.34
N ILE C 59 -12.34 19.46 33.65
CA ILE C 59 -12.65 19.38 32.23
C ILE C 59 -11.39 19.06 31.42
N TYR C 60 -10.28 19.74 31.73
CA TYR C 60 -9.07 19.49 30.96
C TYR C 60 -8.42 18.16 31.32
N LEU C 61 -8.61 17.67 32.55
CA LEU C 61 -8.15 16.32 32.87
C LEU C 61 -8.91 15.27 32.06
N GLY C 62 -10.24 15.40 31.98
CA GLY C 62 -11.01 14.46 31.16
C GLY C 62 -10.65 14.54 29.69
N GLY C 63 -10.49 15.77 29.17
CA GLY C 63 -10.12 15.93 27.77
C GLY C 63 -8.74 15.36 27.46
N MET C 64 -7.77 15.59 28.36
CA MET C 64 -6.43 15.07 28.13
C MET C 64 -6.39 13.56 28.27
N MET C 65 -7.27 12.98 29.10
CA MET C 65 -7.31 11.52 29.19
C MET C 65 -7.87 10.90 27.92
N VAL C 66 -8.94 11.48 27.36
CA VAL C 66 -9.47 11.01 26.08
C VAL C 66 -8.42 11.19 24.98
N VAL C 67 -7.69 12.30 25.03
CA VAL C 67 -6.61 12.55 24.06
C VAL C 67 -5.54 11.48 24.17
N PHE C 68 -5.12 11.14 25.40
CA PHE C 68 -4.10 10.12 25.60
C PHE C 68 -4.55 8.76 25.07
N GLY C 69 -5.82 8.42 25.29
CA GLY C 69 -6.36 7.22 24.69
C GLY C 69 -6.30 7.25 23.17
N TYR C 70 -6.56 8.41 22.58
CA TYR C 70 -6.49 8.53 21.12
C TYR C 70 -5.07 8.37 20.60
N THR C 71 -4.08 8.98 21.27
CA THR C 71 -2.70 8.88 20.79
C THR C 71 -2.12 7.50 21.00
N THR C 72 -2.50 6.83 22.09
CA THR C 72 -2.14 5.43 22.23
C THR C 72 -2.77 4.61 21.11
N ALA C 73 -4.02 4.93 20.76
CA ALA C 73 -4.70 4.21 19.70
C ALA C 73 -4.11 4.53 18.33
N MET C 74 -3.95 5.81 18.01
CA MET C 74 -3.84 6.21 16.61
C MET C 74 -2.57 6.98 16.26
N ALA C 75 -2.17 7.93 17.10
CA ALA C 75 -1.02 8.78 16.82
C ALA C 75 0.16 8.29 17.65
N THR C 76 0.84 7.26 17.13
CA THR C 76 1.94 6.64 17.85
C THR C 76 3.09 6.40 16.88
N GLU C 77 4.26 6.15 17.47
CA GLU C 77 5.48 5.93 16.73
C GLU C 77 6.24 4.79 17.39
N GLN C 78 7.15 4.17 16.62
CA GLN C 78 8.00 3.13 17.17
C GLN C 78 8.91 3.67 18.27
N TYR C 79 9.46 4.86 18.06
CA TYR C 79 10.36 5.50 19.03
C TYR C 79 9.87 6.90 19.31
N PRO C 80 9.00 7.08 20.30
CA PRO C 80 8.54 8.43 20.65
C PRO C 80 9.67 9.26 21.27
N GLU C 81 9.60 10.57 21.04
CA GLU C 81 10.60 11.50 21.53
C GLU C 81 10.15 12.08 22.86
N VAL C 82 11.00 11.93 23.89
CA VAL C 82 10.60 12.43 25.20
C VAL C 82 10.79 13.95 25.30
N TRP C 83 12.01 14.45 25.26
CA TRP C 83 12.29 15.84 24.90
C TRP C 83 13.61 15.99 24.16
N VAL C 84 14.55 15.05 24.30
CA VAL C 84 15.90 15.16 23.79
C VAL C 84 16.19 14.20 22.67
N SER C 85 15.21 13.38 22.27
CA SER C 85 15.41 12.46 21.16
C SER C 85 15.45 13.17 19.81
N ASN C 86 14.95 14.40 19.74
CA ASN C 86 14.99 15.20 18.53
C ASN C 86 15.77 16.48 18.81
N LYS C 87 16.62 16.87 17.85
CA LYS C 87 17.43 18.07 18.03
C LYS C 87 16.57 19.32 17.97
N VAL C 88 15.61 19.37 17.05
CA VAL C 88 14.79 20.57 16.89
C VAL C 88 13.88 20.78 18.10
N VAL C 89 13.32 19.69 18.64
CA VAL C 89 12.41 19.81 19.79
C VAL C 89 13.16 20.26 21.03
N LEU C 90 14.31 19.63 21.31
CA LEU C 90 15.13 20.04 22.44
C LEU C 90 15.64 21.46 22.28
N GLY C 91 16.02 21.83 21.05
CA GLY C 91 16.49 23.18 20.81
C GLY C 91 15.43 24.22 21.07
N THR C 92 14.22 24.01 20.53
CA THR C 92 13.18 25.01 20.72
C THR C 92 12.67 25.04 22.15
N PHE C 93 12.71 23.91 22.86
CA PHE C 93 12.40 23.90 24.29
C PHE C 93 13.41 24.72 25.07
N ILE C 94 14.70 24.58 24.74
CA ILE C 94 15.75 25.32 25.43
C ILE C 94 15.61 26.82 25.18
N THR C 95 15.36 27.22 23.92
CA THR C 95 15.19 28.66 23.67
C THR C 95 13.90 29.21 24.27
N GLY C 96 12.83 28.40 24.35
CA GLY C 96 11.63 28.87 25.02
C GLY C 96 11.86 29.13 26.50
N LEU C 97 12.53 28.19 27.17
CA LEU C 97 12.87 28.39 28.58
C LEU C 97 13.82 29.57 28.76
N LEU C 98 14.77 29.73 27.85
CA LEU C 98 15.73 30.83 27.94
C LEU C 98 15.04 32.18 27.77
N MET C 99 14.11 32.28 26.82
CA MET C 99 13.37 33.53 26.62
C MET C 99 12.49 33.84 27.83
N GLU C 100 11.84 32.81 28.39
CA GLU C 100 11.01 33.02 29.58
C GLU C 100 11.84 33.52 30.75
N PHE C 101 12.99 32.89 31.01
CA PHE C 101 13.80 33.30 32.15
C PHE C 101 14.50 34.63 31.90
N LEU C 102 14.78 34.96 30.64
CA LEU C 102 15.30 36.29 30.30
C LEU C 102 14.26 37.36 30.60
N MET C 103 12.99 37.11 30.25
CA MET C 103 11.93 38.05 30.58
C MET C 103 11.75 38.17 32.08
N VAL C 104 11.89 37.06 32.81
CA VAL C 104 11.80 37.09 34.28
C VAL C 104 12.91 37.96 34.87
N TYR C 105 14.14 37.76 34.38
CA TYR C 105 15.28 38.52 34.89
C TYR C 105 15.15 40.00 34.55
N TYR C 106 14.62 40.32 33.36
CA TYR C 106 14.47 41.72 32.99
C TYR C 106 13.36 42.40 33.80
N VAL C 107 12.26 41.69 34.08
CA VAL C 107 11.19 42.31 34.84
C VAL C 107 11.49 42.31 36.34
N LEU C 108 12.46 41.52 36.79
CA LEU C 108 12.84 41.48 38.20
C LEU C 108 13.98 42.44 38.53
N LYS C 109 14.37 43.29 37.58
CA LYS C 109 15.51 44.19 37.76
C LYS C 109 15.06 45.65 37.92
N ASP C 110 14.30 46.17 36.96
CA ASP C 110 13.82 47.54 37.02
C ASP C 110 12.32 47.61 37.28
N LYS C 111 11.67 46.46 37.51
CA LYS C 111 10.24 46.36 37.84
C LYS C 111 9.35 46.95 36.76
N GLU C 112 9.79 46.89 35.51
CA GLU C 112 9.03 47.42 34.39
C GLU C 112 9.53 46.76 33.11
N VAL C 113 8.61 46.50 32.17
CA VAL C 113 8.97 45.90 30.90
C VAL C 113 8.01 46.40 29.83
N GLU C 114 8.49 46.43 28.59
CA GLU C 114 7.69 46.85 27.45
C GLU C 114 7.76 45.73 26.41
N ILE C 115 6.74 44.87 26.42
CA ILE C 115 6.50 43.87 25.39
C ILE C 115 5.04 43.99 25.06
N VAL C 116 4.71 44.03 23.76
CA VAL C 116 4.07 45.17 23.09
C VAL C 116 3.23 46.10 23.97
N PHE C 117 2.44 45.56 24.89
CA PHE C 117 1.91 46.39 25.97
C PHE C 117 3.04 46.76 26.96
N LYS C 118 2.66 47.45 28.02
CA LYS C 118 3.57 47.85 29.08
C LYS C 118 3.16 47.16 30.36
N PHE C 119 4.13 46.58 31.07
CA PHE C 119 3.84 45.81 32.27
C PHE C 119 4.73 46.25 33.42
N ASN C 120 4.18 46.16 34.63
CA ASN C 120 4.90 46.52 35.84
C ASN C 120 5.75 45.34 36.31
N GLY C 121 6.30 45.44 37.51
CA GLY C 121 7.12 44.39 38.07
C GLY C 121 6.74 44.01 39.48
N MET C 122 5.87 44.80 40.10
CA MET C 122 5.38 44.47 41.42
C MET C 122 4.44 43.27 41.35
N GLY C 123 4.28 42.60 42.49
CA GLY C 123 3.34 41.49 42.57
C GLY C 123 1.91 41.96 42.40
N ASP C 124 1.06 41.02 41.99
CA ASP C 124 -0.32 41.36 41.68
C ASP C 124 -1.17 41.62 42.92
N TRP C 125 -0.64 41.36 44.11
CA TRP C 125 -1.39 41.54 45.35
C TRP C 125 -1.84 42.98 45.56
N VAL C 126 -1.23 43.94 44.87
CA VAL C 126 -1.63 45.33 44.98
C VAL C 126 -3.04 45.53 44.41
N ILE C 127 -3.41 44.81 43.36
CA ILE C 127 -4.62 45.16 42.63
C ILE C 127 -5.86 44.54 43.25
N TYR C 128 -5.71 43.90 44.40
CA TYR C 128 -6.86 43.31 45.08
C TYR C 128 -7.76 44.40 45.66
N ASP C 129 -8.98 44.01 45.99
CA ASP C 129 -9.91 44.91 46.66
C ASP C 129 -9.76 44.76 48.17
N THR C 130 -10.05 45.84 48.89
CA THR C 130 -9.85 45.87 50.33
C THR C 130 -11.11 45.54 51.12
N GLY C 131 -12.29 45.56 50.49
CA GLY C 131 -13.53 45.32 51.19
C GLY C 131 -13.96 43.86 51.17
N ASP C 132 -14.96 43.56 51.98
CA ASP C 132 -15.54 42.23 52.05
C ASP C 132 -16.69 42.10 51.06
N SER C 133 -17.15 40.86 50.88
CA SER C 133 -18.18 40.55 49.89
C SER C 133 -19.48 40.04 50.52
N GLY C 134 -19.62 40.15 51.83
CA GLY C 134 -20.85 39.73 52.48
C GLY C 134 -20.92 38.25 52.78
N PHE C 135 -22.08 37.64 52.53
CA PHE C 135 -22.29 36.21 52.76
C PHE C 135 -22.34 35.42 51.46
N PHE C 136 -21.75 35.94 50.39
CA PHE C 136 -21.70 35.20 49.13
C PHE C 136 -20.40 35.53 48.42
N SER C 137 -19.95 34.57 47.63
CA SER C 137 -18.84 34.81 46.71
C SER C 137 -19.41 35.28 45.37
N GLU C 138 -18.75 36.28 44.78
CA GLU C 138 -19.31 36.94 43.60
C GLU C 138 -19.32 36.00 42.39
N GLU C 139 -18.30 35.15 42.26
CA GLU C 139 -18.21 34.25 41.12
C GLU C 139 -19.31 33.19 41.17
N ALA C 140 -19.69 32.73 42.37
CA ALA C 140 -20.73 31.72 42.48
C ALA C 140 -22.09 32.27 42.08
N MET C 141 -22.42 33.48 42.57
CA MET C 141 -23.67 34.12 42.17
C MET C 141 -23.66 34.47 40.68
N GLY C 142 -22.50 34.86 40.17
CA GLY C 142 -22.40 35.18 38.75
C GLY C 142 -22.63 33.99 37.85
N ILE C 143 -22.10 32.82 38.22
CA ILE C 143 -22.34 31.66 37.38
C ILE C 143 -23.74 31.09 37.65
N ALA C 144 -24.27 31.27 38.87
CA ALA C 144 -25.63 30.84 39.16
C ALA C 144 -26.67 31.68 38.45
N ALA C 145 -26.33 32.91 38.07
CA ALA C 145 -27.23 33.75 37.29
C ALA C 145 -27.33 33.33 35.81
N LEU C 146 -26.72 32.20 35.41
CA LEU C 146 -26.83 31.72 34.05
C LEU C 146 -28.26 31.30 33.71
N TYR C 147 -28.98 30.72 34.67
CA TYR C 147 -30.32 30.24 34.42
C TYR C 147 -31.39 31.29 34.65
N SER C 148 -31.21 32.17 35.64
CA SER C 148 -32.20 33.20 35.91
C SER C 148 -32.16 34.33 34.88
N TYR C 149 -30.98 34.63 34.32
CA TYR C 149 -30.83 35.70 33.35
C TYR C 149 -30.51 35.19 31.95
N GLY C 150 -29.46 34.38 31.81
CA GLY C 150 -28.99 33.97 30.50
C GLY C 150 -29.80 32.85 29.87
N THR C 151 -31.05 33.14 29.52
CA THR C 151 -31.86 32.14 28.84
C THR C 151 -31.39 31.93 27.40
N TRP C 152 -31.05 33.03 26.71
CA TRP C 152 -30.59 32.95 25.33
C TRP C 152 -29.27 32.20 25.23
N LEU C 153 -28.35 32.46 26.17
CA LEU C 153 -27.07 31.76 26.19
C LEU C 153 -27.25 30.27 26.42
N VAL C 154 -28.13 29.90 27.35
CA VAL C 154 -28.41 28.49 27.61
C VAL C 154 -29.03 27.82 26.39
N ILE C 155 -29.96 28.51 25.72
CA ILE C 155 -30.63 27.95 24.54
C ILE C 155 -29.63 27.70 23.42
N VAL C 156 -28.79 28.71 23.12
CA VAL C 156 -27.86 28.55 22.00
C VAL C 156 -26.77 27.55 22.34
N THR C 157 -26.37 27.45 23.62
CA THR C 157 -25.35 26.47 23.99
C THR C 157 -25.88 25.05 23.94
N GLY C 158 -27.10 24.83 24.43
CA GLY C 158 -27.70 23.50 24.33
C GLY C 158 -27.92 23.07 22.88
N TRP C 159 -28.37 24.01 22.04
CA TRP C 159 -28.52 23.69 20.63
C TRP C 159 -27.19 23.40 19.97
N SER C 160 -26.14 24.15 20.34
CA SER C 160 -24.81 23.90 19.78
C SER C 160 -24.29 22.53 20.19
N LEU C 161 -24.53 22.13 21.44
CA LEU C 161 -24.04 20.82 21.89
C LEU C 161 -24.82 19.68 21.23
N LEU C 162 -26.14 19.83 21.08
CA LEU C 162 -26.93 18.81 20.40
C LEU C 162 -26.53 18.69 18.93
N ILE C 163 -26.34 19.83 18.26
CA ILE C 163 -25.88 19.83 16.87
C ILE C 163 -24.49 19.23 16.77
N GLY C 164 -23.64 19.49 17.76
CA GLY C 164 -22.33 18.86 17.78
C GLY C 164 -22.38 17.36 17.89
N VAL C 165 -23.30 16.84 18.73
CA VAL C 165 -23.47 15.39 18.83
C VAL C 165 -23.92 14.80 17.50
N VAL C 166 -24.89 15.47 16.84
CA VAL C 166 -25.36 15.02 15.53
C VAL C 166 -24.23 15.07 14.50
N VAL C 167 -23.38 16.10 14.59
CA VAL C 167 -22.26 16.26 13.67
C VAL C 167 -21.23 15.15 13.85
N ILE C 168 -20.93 14.80 15.11
CA ILE C 168 -20.02 13.69 15.39
C ILE C 168 -20.57 12.38 14.84
N MET C 169 -21.89 12.19 14.96
CA MET C 169 -22.50 11.00 14.36
C MET C 169 -22.36 11.00 12.85
N GLU C 170 -22.57 12.15 12.20
CA GLU C 170 -22.60 12.20 10.76
C GLU C 170 -21.22 12.11 10.12
N ILE C 171 -20.19 12.65 10.78
CA ILE C 171 -18.86 12.69 10.17
C ILE C 171 -18.24 11.29 10.13
N THR C 172 -18.23 10.60 11.27
CA THR C 172 -17.59 9.29 11.34
C THR C 172 -18.61 8.20 11.01
N ARG C 173 -19.01 8.20 9.74
CA ARG C 173 -19.95 7.20 9.22
C ARG C 173 -19.33 6.32 8.17
N GLY C 174 -18.72 6.90 7.14
CA GLY C 174 -18.07 6.16 6.08
C GLY C 174 -18.90 5.99 4.83
N ASN C 175 -20.21 6.19 4.90
CA ASN C 175 -21.07 6.06 3.73
C ASN C 175 -22.32 6.91 3.88
N SER D 2 -0.54 44.59 34.96
CA SER D 2 0.10 43.83 36.03
C SER D 2 1.17 42.88 35.48
N LEU D 3 1.44 41.82 36.23
CA LEU D 3 2.49 40.86 35.91
C LEU D 3 1.95 39.53 35.40
N VAL D 4 0.94 38.99 36.08
CA VAL D 4 0.35 37.74 35.67
C VAL D 4 -0.33 37.88 34.31
N TYR D 5 -0.80 39.11 33.97
CA TYR D 5 -1.33 39.36 32.64
C TYR D 5 -0.25 39.19 31.59
N MET D 6 0.96 39.70 31.88
CA MET D 6 2.09 39.54 30.97
C MET D 6 2.45 38.07 30.81
N ASN D 7 2.45 37.32 31.91
CA ASN D 7 2.81 35.91 31.81
C ASN D 7 1.77 35.12 31.02
N ILE D 8 0.48 35.39 31.22
CA ILE D 8 -0.54 34.66 30.48
C ILE D 8 -0.52 35.03 28.99
N MET D 9 -0.26 36.30 28.67
CA MET D 9 -0.12 36.69 27.27
C MET D 9 1.12 36.06 26.63
N MET D 10 2.21 35.95 27.40
CA MET D 10 3.39 35.26 26.90
C MET D 10 3.12 33.78 26.65
N ALA D 11 2.34 33.16 27.54
CA ALA D 11 1.95 31.76 27.33
C ALA D 11 1.09 31.60 26.09
N PHE D 12 0.18 32.56 25.85
CA PHE D 12 -0.64 32.52 24.65
C PHE D 12 0.21 32.65 23.39
N THR D 13 1.19 33.55 23.39
CA THR D 13 2.06 33.71 22.23
C THR D 13 2.95 32.49 22.03
N VAL D 14 3.39 31.86 23.12
CA VAL D 14 4.20 30.65 23.03
C VAL D 14 3.39 29.52 22.40
N SER D 15 2.15 29.35 22.84
CA SER D 15 1.29 28.33 22.24
C SER D 15 0.93 28.68 20.81
N LEU D 16 0.86 29.97 20.48
CA LEU D 16 0.56 30.37 19.10
C LEU D 16 1.70 30.03 18.16
N THR D 17 2.94 30.35 18.56
CA THR D 17 4.06 29.97 17.70
C THR D 17 4.34 28.47 17.76
N GLY D 18 3.84 27.78 18.78
CA GLY D 18 3.85 26.32 18.74
C GLY D 18 2.87 25.78 17.73
N LEU D 19 1.71 26.42 17.58
CA LEU D 19 0.68 25.94 16.66
C LEU D 19 1.07 26.20 15.21
N LEU D 20 1.61 27.38 14.92
CA LEU D 20 1.76 27.84 13.54
C LEU D 20 2.90 27.15 12.80
N MET D 21 3.79 26.44 13.50
CA MET D 21 4.86 25.68 12.85
C MET D 21 4.63 24.20 13.16
N TYR D 22 4.03 23.49 12.21
CA TYR D 22 3.66 22.10 12.44
C TYR D 22 4.89 21.20 12.43
N ARG D 23 4.77 20.07 13.12
CA ARG D 23 5.86 19.10 13.24
C ARG D 23 5.40 17.72 12.79
N SER D 24 4.67 17.68 11.66
CA SER D 24 4.25 16.45 10.98
C SER D 24 3.41 15.55 11.89
N HIS D 25 2.50 16.16 12.66
CA HIS D 25 1.66 15.40 13.58
C HIS D 25 0.45 16.24 13.93
N LEU D 26 -0.76 15.70 13.69
CA LEU D 26 -1.98 16.47 13.90
C LEU D 26 -2.36 16.61 15.36
N MET D 27 -2.09 15.59 16.17
CA MET D 27 -2.45 15.63 17.58
C MET D 27 -1.71 16.72 18.31
N SER D 28 -0.46 17.00 17.91
CA SER D 28 0.30 18.07 18.53
C SER D 28 -0.34 19.43 18.24
N SER D 29 -0.86 19.64 17.03
CA SER D 29 -1.57 20.86 16.71
C SER D 29 -2.88 20.96 17.49
N LEU D 30 -3.57 19.83 17.70
CA LEU D 30 -4.78 19.86 18.53
C LEU D 30 -4.44 20.20 19.98
N LEU D 31 -3.32 19.69 20.49
CA LEU D 31 -2.89 20.04 21.84
C LEU D 31 -2.56 21.52 21.94
N CYS D 32 -1.93 22.07 20.90
CA CYS D 32 -1.67 23.51 20.87
C CYS D 32 -2.97 24.31 20.87
N LEU D 33 -3.98 23.86 20.13
CA LEU D 33 -5.28 24.52 20.15
C LEU D 33 -5.90 24.51 21.54
N GLU D 34 -5.83 23.37 22.22
CA GLU D 34 -6.35 23.28 23.58
C GLU D 34 -5.57 24.19 24.53
N GLY D 35 -4.26 24.31 24.32
CA GLY D 35 -3.46 25.20 25.16
C GLY D 35 -3.81 26.66 24.97
N MET D 36 -4.02 27.09 23.72
CA MET D 36 -4.44 28.47 23.48
C MET D 36 -5.83 28.73 24.06
N MET D 37 -6.73 27.75 23.97
CA MET D 37 -8.04 27.90 24.59
C MET D 37 -7.93 28.05 26.11
N LEU D 38 -7.05 27.25 26.73
CA LEU D 38 -6.84 27.35 28.17
C LEU D 38 -6.26 28.70 28.57
N SER D 39 -5.30 29.20 27.79
CA SER D 39 -4.71 30.51 28.09
C SER D 39 -5.74 31.63 27.96
N LEU D 40 -6.59 31.57 26.93
CA LEU D 40 -7.64 32.58 26.79
C LEU D 40 -8.63 32.50 27.95
N PHE D 41 -8.99 31.28 28.38
CA PHE D 41 -9.88 31.10 29.53
C PHE D 41 -9.28 31.72 30.77
N ILE D 42 -7.99 31.45 31.03
CA ILE D 42 -7.34 31.94 32.25
C ILE D 42 -7.25 33.46 32.24
N LEU D 43 -6.88 34.05 31.09
CA LEU D 43 -6.81 35.51 31.00
C LEU D 43 -8.18 36.14 31.21
N ALA D 44 -9.22 35.57 30.61
CA ALA D 44 -10.56 36.11 30.74
C ALA D 44 -11.05 36.06 32.17
N THR D 45 -10.85 34.93 32.86
CA THR D 45 -11.34 34.85 34.23
C THR D 45 -10.49 35.67 35.19
N LEU D 46 -9.20 35.86 34.88
CA LEU D 46 -8.37 36.74 35.69
C LEU D 46 -8.87 38.18 35.62
N MET D 47 -9.16 38.66 34.41
CA MET D 47 -9.66 40.03 34.25
C MET D 47 -11.04 40.17 34.90
N ILE D 48 -11.91 39.18 34.71
CA ILE D 48 -13.27 39.26 35.24
C ILE D 48 -13.26 39.25 36.77
N LEU D 49 -12.47 38.38 37.39
CA LEU D 49 -12.42 38.34 38.85
C LEU D 49 -11.71 39.56 39.41
N ASN D 50 -10.78 40.16 38.67
CA ASN D 50 -10.15 41.38 39.17
C ASN D 50 -11.13 42.55 39.15
N SER D 51 -11.92 42.67 38.08
CA SER D 51 -12.78 43.83 37.91
C SER D 51 -14.16 43.68 38.56
N HIS D 52 -14.40 42.58 39.26
CA HIS D 52 -15.66 42.31 39.99
C HIS D 52 -16.88 42.31 39.10
N PHE D 53 -16.70 42.04 37.80
CA PHE D 53 -17.81 41.93 36.85
C PHE D 53 -18.45 40.56 37.08
N THR D 54 -19.43 40.53 37.98
CA THR D 54 -20.00 39.25 38.41
C THR D 54 -20.86 38.63 37.32
N LEU D 55 -21.66 39.44 36.61
CA LEU D 55 -22.58 38.91 35.62
C LEU D 55 -21.87 38.33 34.40
N ALA D 56 -20.59 38.62 34.22
CA ALA D 56 -19.81 38.02 33.15
C ALA D 56 -19.14 36.72 33.57
N SER D 57 -19.39 36.24 34.78
CA SER D 57 -18.88 34.93 35.18
C SER D 57 -19.54 33.79 34.42
N MET D 58 -20.69 34.05 33.79
CA MET D 58 -21.26 33.08 32.86
C MET D 58 -20.41 32.95 31.61
N MET D 59 -19.64 33.99 31.28
CA MET D 59 -18.86 34.00 30.04
C MET D 59 -17.83 32.89 29.95
N PRO D 60 -16.86 32.71 30.90
CA PRO D 60 -15.74 31.81 30.62
C PRO D 60 -16.13 30.34 30.52
N ILE D 61 -16.94 29.88 31.47
CA ILE D 61 -17.37 28.47 31.50
C ILE D 61 -18.12 28.12 30.22
N ILE D 62 -19.05 28.99 29.82
CA ILE D 62 -19.76 28.82 28.55
C ILE D 62 -18.76 28.80 27.40
N LEU D 63 -17.80 29.73 27.44
CA LEU D 63 -16.68 29.73 26.50
C LEU D 63 -15.97 28.39 26.48
N LEU D 64 -15.67 27.84 27.67
CA LEU D 64 -14.99 26.56 27.77
C LEU D 64 -15.78 25.45 27.08
N VAL D 65 -17.11 25.54 27.12
CA VAL D 65 -17.97 24.55 26.46
C VAL D 65 -17.68 24.51 24.98
N PHE D 66 -17.60 25.69 24.35
CA PHE D 66 -17.40 25.73 22.92
C PHE D 66 -16.01 25.28 22.52
N ALA D 67 -15.09 25.16 23.49
CA ALA D 67 -13.79 24.52 23.24
C ALA D 67 -14.00 23.14 22.64
N ALA D 68 -14.82 22.31 23.29
CA ALA D 68 -15.08 20.98 22.76
C ALA D 68 -15.79 21.05 21.42
N CYS D 69 -16.58 22.12 21.20
CA CYS D 69 -17.30 22.28 19.96
C CYS D 69 -16.38 22.46 18.76
N GLU D 70 -15.08 22.67 18.98
CA GLU D 70 -14.13 22.36 17.93
C GLU D 70 -13.22 21.18 18.27
N ALA D 71 -12.84 21.05 19.55
CA ALA D 71 -11.72 20.16 19.89
C ALA D 71 -12.07 18.70 19.65
N ALA D 72 -13.21 18.26 20.19
CA ALA D 72 -13.73 16.94 19.90
C ALA D 72 -14.00 16.80 18.40
N LEU D 73 -14.46 17.87 17.77
CA LEU D 73 -14.67 17.88 16.32
C LEU D 73 -13.37 17.58 15.59
N GLY D 74 -12.26 18.13 16.09
CA GLY D 74 -10.96 17.84 15.50
C GLY D 74 -10.64 16.36 15.52
N LEU D 75 -10.99 15.69 16.63
CA LEU D 75 -10.78 14.26 16.71
C LEU D 75 -11.65 13.53 15.69
N SER D 76 -12.88 14.01 15.47
CA SER D 76 -13.71 13.41 14.43
C SER D 76 -13.20 13.71 13.04
N LEU D 77 -12.36 14.73 12.88
CA LEU D 77 -11.74 14.97 11.59
C LEU D 77 -10.42 14.24 11.46
N LEU D 78 -10.05 13.44 12.45
CA LEU D 78 -8.81 12.68 12.42
C LEU D 78 -9.04 11.22 12.07
N VAL D 79 -10.11 10.61 12.59
CA VAL D 79 -10.31 9.17 12.44
C VAL D 79 -10.49 8.79 10.97
N MET D 80 -11.25 9.58 10.20
CA MET D 80 -11.32 9.37 8.75
C MET D 80 -9.95 9.53 8.10
N VAL D 81 -9.19 10.53 8.55
CA VAL D 81 -7.80 10.66 8.11
C VAL D 81 -7.03 9.40 8.46
N SER D 82 -7.20 8.92 9.70
CA SER D 82 -6.51 7.69 10.08
C SER D 82 -7.15 6.45 9.49
N ASN D 83 -8.31 6.60 8.83
CA ASN D 83 -8.82 5.52 7.99
C ASN D 83 -8.36 5.67 6.55
N THR D 84 -8.03 6.88 6.11
CA THR D 84 -7.50 7.07 4.77
C THR D 84 -6.06 6.61 4.68
N TYR D 85 -5.25 6.95 5.68
CA TYR D 85 -3.85 6.57 5.75
C TYR D 85 -3.59 5.87 7.07
N GLY D 86 -2.51 5.07 7.10
CA GLY D 86 -2.19 4.33 8.30
C GLY D 86 -1.76 5.18 9.47
N THR D 87 -1.24 6.37 9.21
CA THR D 87 -0.80 7.29 10.24
C THR D 87 -1.61 8.58 10.16
N ASP D 88 -1.20 9.58 10.94
CA ASP D 88 -1.88 10.87 10.97
C ASP D 88 -0.94 12.02 10.60
N TYR D 89 0.04 11.73 9.74
CA TYR D 89 0.99 12.76 9.33
C TYR D 89 0.30 13.81 8.46
N VAL D 90 0.78 15.05 8.55
CA VAL D 90 0.21 16.13 7.76
C VAL D 90 0.82 16.20 6.37
N GLN D 91 1.90 15.47 6.09
CA GLN D 91 2.43 15.43 4.74
C GLN D 91 1.64 14.50 3.83
N ASN D 92 0.82 13.62 4.40
CA ASN D 92 -0.07 12.80 3.58
C ASN D 92 -1.29 13.57 3.10
N LEU D 93 -1.55 14.75 3.65
CA LEU D 93 -2.70 15.57 3.25
C LEU D 93 -2.33 16.55 2.14
N ASN D 94 -1.73 16.05 1.07
CA ASN D 94 -1.30 16.89 -0.04
C ASN D 94 -1.92 16.46 -1.36
N LEU D 95 -3.07 15.79 -1.33
CA LEU D 95 -3.72 15.39 -2.57
C LEU D 95 -4.35 16.57 -3.28
N LEU D 96 -4.71 17.62 -2.54
CA LEU D 96 -5.34 18.81 -3.12
C LEU D 96 -4.31 19.86 -3.53
N GLN D 97 -3.32 19.45 -4.31
CA GLN D 97 -2.31 20.37 -4.82
C GLN D 97 -2.42 20.60 -6.31
N CYS D 98 -3.34 19.93 -6.99
CA CYS D 98 -3.47 20.04 -8.43
C CYS D 98 -4.74 20.77 -8.83
N ASN E 2 -24.01 88.81 -73.13
CA ASN E 2 -24.90 87.66 -73.05
C ASN E 2 -24.59 86.63 -74.14
N LEU E 3 -23.54 86.87 -74.92
CA LEU E 3 -23.12 85.97 -75.98
C LEU E 3 -21.79 85.29 -75.70
N PHE E 4 -20.84 86.03 -75.11
CA PHE E 4 -19.55 85.48 -74.73
C PHE E 4 -19.70 84.33 -73.74
N SER E 5 -20.29 84.61 -72.58
CA SER E 5 -20.45 83.61 -71.54
C SER E 5 -21.34 82.47 -72.00
N SER E 6 -22.42 82.80 -72.72
CA SER E 6 -23.35 81.77 -73.18
C SER E 6 -22.66 80.81 -74.14
N LEU E 7 -21.88 81.32 -75.09
CA LEU E 7 -21.22 80.44 -76.04
C LEU E 7 -20.13 79.61 -75.38
N THR E 8 -19.41 80.18 -74.41
CA THR E 8 -18.34 79.40 -73.79
C THR E 8 -18.90 78.31 -72.87
N LEU E 9 -19.93 78.63 -72.08
CA LEU E 9 -20.53 77.60 -71.25
C LEU E 9 -21.27 76.57 -72.08
N VAL E 10 -21.80 76.95 -73.25
CA VAL E 10 -22.44 75.92 -74.07
C VAL E 10 -21.40 75.08 -74.78
N THR E 11 -20.19 75.61 -74.99
CA THR E 11 -19.08 74.76 -75.42
C THR E 11 -18.77 73.70 -74.37
N LEU E 12 -18.69 74.12 -73.10
CA LEU E 12 -18.41 73.16 -72.03
C LEU E 12 -19.52 72.12 -71.89
N ILE E 13 -20.78 72.56 -71.95
CA ILE E 13 -21.91 71.65 -71.82
C ILE E 13 -21.96 70.68 -73.01
N LEU E 14 -21.72 71.21 -74.22
CA LEU E 14 -21.73 70.37 -75.42
C LEU E 14 -20.64 69.32 -75.37
N LEU E 15 -19.47 69.67 -74.84
CA LEU E 15 -18.41 68.67 -74.71
C LEU E 15 -18.72 67.64 -73.64
N THR E 16 -19.36 68.05 -72.54
CA THR E 16 -19.63 67.08 -71.48
C THR E 16 -20.87 66.23 -71.73
N MET E 17 -21.71 66.58 -72.70
CA MET E 17 -22.93 65.83 -72.97
C MET E 17 -22.75 64.40 -73.51
N PRO E 18 -21.83 64.09 -74.44
CA PRO E 18 -21.70 62.68 -74.87
C PRO E 18 -21.26 61.72 -73.79
N ILE E 19 -20.63 62.19 -72.71
CA ILE E 19 -20.37 61.32 -71.57
C ILE E 19 -21.67 60.89 -70.93
N ALA E 20 -22.62 61.81 -70.78
CA ALA E 20 -23.95 61.44 -70.31
C ALA E 20 -24.69 60.58 -71.31
N ALA E 21 -24.39 60.74 -72.61
CA ALA E 21 -25.02 59.90 -73.62
C ALA E 21 -24.54 58.45 -73.52
N ILE E 22 -23.22 58.26 -73.39
CA ILE E 22 -22.68 56.91 -73.29
C ILE E 22 -22.97 56.28 -71.92
N ASN E 23 -23.19 57.10 -70.89
CA ASN E 23 -23.51 56.56 -69.58
C ASN E 23 -24.97 56.09 -69.47
N PHE E 24 -25.81 56.37 -70.47
CA PHE E 24 -27.22 56.01 -70.44
C PHE E 24 -27.60 55.20 -71.68
N ASN E 25 -26.78 54.20 -72.01
CA ASN E 25 -27.03 53.35 -73.16
C ASN E 25 -27.63 52.03 -72.72
N THR E 26 -28.49 51.48 -73.58
CA THR E 26 -29.05 50.15 -73.42
C THR E 26 -28.67 49.23 -74.57
N HIS E 27 -28.75 49.71 -75.80
CA HIS E 27 -28.35 48.98 -76.98
C HIS E 27 -26.87 49.20 -77.24
N LYS E 28 -26.40 48.79 -78.41
CA LYS E 28 -25.05 49.10 -78.85
C LYS E 28 -25.07 50.40 -79.65
N PHE E 29 -24.13 51.29 -79.35
CA PHE E 29 -24.11 52.60 -79.99
C PHE E 29 -23.75 52.49 -81.46
N THR E 30 -24.55 53.14 -82.30
CA THR E 30 -24.33 53.16 -83.74
C THR E 30 -23.47 54.37 -84.08
N ASN E 31 -22.20 54.12 -84.37
CA ASN E 31 -21.20 55.12 -84.73
C ASN E 31 -21.05 56.19 -83.64
N TYR E 32 -20.76 55.70 -82.43
CA TYR E 32 -20.41 56.58 -81.33
C TYR E 32 -19.13 57.41 -81.57
N PRO E 33 -18.03 56.87 -82.12
CA PRO E 33 -16.87 57.75 -82.40
C PRO E 33 -17.18 58.87 -83.39
N LEU E 34 -18.02 58.61 -84.39
CA LEU E 34 -18.45 59.66 -85.30
C LEU E 34 -19.24 60.73 -84.56
N TYR E 35 -20.08 60.29 -83.60
CA TYR E 35 -20.84 61.22 -82.79
C TYR E 35 -19.94 62.12 -81.95
N VAL E 36 -18.90 61.54 -81.35
CA VAL E 36 -17.97 62.33 -80.55
C VAL E 36 -17.18 63.30 -81.44
N LYS E 37 -16.78 62.84 -82.63
CA LYS E 37 -16.04 63.71 -83.55
C LYS E 37 -16.89 64.89 -84.01
N THR E 38 -18.16 64.64 -84.33
CA THR E 38 -19.06 65.73 -84.73
C THR E 38 -19.29 66.70 -83.59
N THR E 39 -19.44 66.17 -82.37
CA THR E 39 -19.59 67.01 -81.18
C THR E 39 -18.39 67.92 -80.99
N ILE E 40 -17.19 67.38 -81.17
CA ILE E 40 -15.98 68.18 -80.98
C ILE E 40 -15.83 69.22 -82.07
N SER E 41 -16.20 68.90 -83.31
CA SER E 41 -16.15 69.91 -84.37
C SER E 41 -17.12 71.07 -84.10
N CYS E 42 -18.34 70.74 -83.65
CA CYS E 42 -19.31 71.78 -83.32
C CYS E 42 -18.82 72.63 -82.14
N ALA E 43 -18.21 71.98 -81.14
CA ALA E 43 -17.65 72.71 -80.01
C ALA E 43 -16.47 73.57 -80.42
N PHE E 44 -15.70 73.14 -81.42
CA PHE E 44 -14.60 73.95 -81.92
C PHE E 44 -15.12 75.23 -82.58
N ILE E 45 -16.18 75.12 -83.37
CA ILE E 45 -16.76 76.34 -83.97
C ILE E 45 -17.33 77.25 -82.90
N THR E 46 -18.04 76.67 -81.92
CA THR E 46 -18.64 77.44 -80.84
C THR E 46 -17.59 78.10 -79.96
N SER E 47 -16.40 77.52 -79.87
CA SER E 47 -15.30 78.17 -79.17
C SER E 47 -14.59 79.19 -80.04
N MET E 48 -14.60 78.99 -81.36
CA MET E 48 -13.95 79.91 -82.26
C MET E 48 -14.66 81.25 -82.31
N ILE E 49 -15.97 81.27 -82.06
CA ILE E 49 -16.69 82.56 -82.09
C ILE E 49 -16.22 83.56 -81.02
N PRO E 50 -16.14 83.21 -79.72
CA PRO E 50 -15.60 84.19 -78.76
C PRO E 50 -14.14 84.50 -78.97
N THR E 51 -13.39 83.65 -79.67
CA THR E 51 -12.01 83.99 -80.01
C THR E 51 -11.95 85.20 -80.93
N MET E 52 -12.78 85.22 -81.98
CA MET E 52 -12.77 86.41 -82.82
C MET E 52 -13.45 87.59 -82.15
N MET E 53 -14.37 87.32 -81.19
CA MET E 53 -14.89 88.40 -80.38
C MET E 53 -13.79 89.08 -79.57
N PHE E 54 -12.92 88.29 -78.94
CA PHE E 54 -11.79 88.83 -78.18
C PHE E 54 -10.77 89.48 -79.10
N ILE E 55 -10.59 88.94 -80.31
CA ILE E 55 -9.68 89.54 -81.28
C ILE E 55 -10.16 90.95 -81.67
N HIS E 56 -11.47 91.09 -81.90
CA HIS E 56 -12.00 92.40 -82.28
C HIS E 56 -11.99 93.37 -81.11
N THR E 57 -12.68 93.04 -80.02
CA THR E 57 -12.84 94.00 -78.94
C THR E 57 -11.73 93.90 -77.89
N GLY E 58 -11.51 92.70 -77.36
CA GLY E 58 -10.60 92.53 -76.25
C GLY E 58 -11.35 92.27 -74.96
N GLN E 59 -12.46 91.54 -75.05
CA GLN E 59 -13.33 91.30 -73.91
C GLN E 59 -12.81 90.13 -73.08
N GLU E 60 -12.71 90.35 -71.78
CA GLU E 60 -12.37 89.30 -70.81
C GLU E 60 -13.51 89.15 -69.83
N MET E 61 -13.74 87.92 -69.38
CA MET E 61 -14.88 87.62 -68.54
C MET E 61 -14.46 86.78 -67.34
N ILE E 62 -15.20 86.93 -66.26
CA ILE E 62 -15.13 86.03 -65.11
C ILE E 62 -16.55 85.59 -64.81
N ILE E 63 -16.79 84.29 -64.88
CA ILE E 63 -18.12 83.72 -64.69
C ILE E 63 -18.07 82.95 -63.38
N SER E 64 -18.46 83.60 -62.28
CA SER E 64 -18.59 82.94 -60.99
C SER E 64 -20.04 82.57 -60.80
N ASN E 65 -20.41 81.40 -61.34
CA ASN E 65 -21.83 81.11 -61.45
C ASN E 65 -22.38 80.32 -60.27
N TRP E 66 -21.68 79.29 -59.82
CA TRP E 66 -22.15 78.41 -58.76
C TRP E 66 -21.34 78.68 -57.49
N HIS E 67 -22.01 79.15 -56.45
CA HIS E 67 -21.38 79.34 -55.15
C HIS E 67 -21.32 77.99 -54.46
N TRP E 68 -20.12 77.45 -54.29
CA TRP E 68 -19.97 76.08 -53.83
C TRP E 68 -19.83 75.96 -52.32
N LEU E 69 -18.88 76.69 -51.72
CA LEU E 69 -18.56 76.47 -50.32
C LEU E 69 -17.97 77.72 -49.72
N THR E 70 -18.65 78.31 -48.73
CA THR E 70 -18.12 79.43 -47.97
C THR E 70 -17.59 78.90 -46.65
N ILE E 71 -16.27 78.93 -46.47
CA ILE E 71 -15.61 78.45 -45.28
C ILE E 71 -14.96 79.65 -44.61
N GLN E 72 -15.65 80.21 -43.62
CA GLN E 72 -15.24 81.39 -42.87
C GLN E 72 -14.95 82.55 -43.82
N THR E 73 -13.69 82.96 -43.91
CA THR E 73 -13.30 84.03 -44.82
C THR E 73 -13.19 83.55 -46.26
N LEU E 74 -12.74 82.32 -46.48
CA LEU E 74 -12.52 81.84 -47.83
C LEU E 74 -13.84 81.48 -48.49
N LYS E 75 -13.98 81.79 -49.78
CA LYS E 75 -15.14 81.41 -50.56
C LYS E 75 -14.69 80.70 -51.81
N LEU E 76 -15.16 79.47 -52.00
CA LEU E 76 -14.89 78.68 -53.18
C LEU E 76 -16.15 78.66 -54.04
N SER E 77 -16.04 79.19 -55.26
CA SER E 77 -17.15 79.27 -56.19
C SER E 77 -16.70 78.78 -57.55
N LEU E 78 -17.64 78.24 -58.32
CA LEU E 78 -17.35 77.78 -59.67
C LEU E 78 -17.13 78.99 -60.55
N SER E 79 -15.86 79.33 -60.77
CA SER E 79 -15.47 80.53 -61.50
C SER E 79 -14.67 80.14 -62.73
N PHE E 80 -15.09 80.63 -63.88
CA PHE E 80 -14.43 80.42 -65.16
C PHE E 80 -13.79 81.72 -65.61
N LYS E 81 -12.55 81.65 -66.09
CA LYS E 81 -11.79 82.83 -66.48
C LYS E 81 -11.59 82.80 -68.00
N MET E 82 -12.08 83.83 -68.68
CA MET E 82 -11.93 83.97 -70.13
C MET E 82 -11.02 85.16 -70.39
N ASP E 83 -9.80 84.87 -70.85
CA ASP E 83 -8.77 85.88 -71.06
C ASP E 83 -8.06 85.54 -72.36
N PHE E 84 -6.88 86.12 -72.56
CA PHE E 84 -6.11 85.87 -73.77
C PHE E 84 -5.70 84.41 -73.89
N PHE E 85 -5.25 83.81 -72.78
CA PHE E 85 -4.71 82.46 -72.82
C PHE E 85 -5.79 81.44 -73.11
N SER E 86 -6.93 81.52 -72.42
CA SER E 86 -8.01 80.57 -72.65
C SER E 86 -8.58 80.70 -74.06
N MET E 87 -8.78 81.93 -74.53
CA MET E 87 -9.37 82.15 -75.84
C MET E 87 -8.43 81.77 -76.98
N MET E 88 -7.12 81.86 -76.77
CA MET E 88 -6.20 81.39 -77.81
C MET E 88 -5.77 79.95 -77.65
N PHE E 89 -6.12 79.30 -76.54
CA PHE E 89 -5.76 77.89 -76.39
C PHE E 89 -6.91 76.92 -76.66
N VAL E 90 -8.14 77.29 -76.33
CA VAL E 90 -9.26 76.34 -76.46
C VAL E 90 -9.54 75.93 -77.90
N PRO E 91 -9.64 76.85 -78.89
CA PRO E 91 -9.84 76.36 -80.27
C PRO E 91 -8.68 75.57 -80.83
N VAL E 92 -7.44 75.90 -80.43
CA VAL E 92 -6.28 75.15 -80.92
C VAL E 92 -6.32 73.71 -80.41
N ALA E 93 -6.60 73.55 -79.12
CA ALA E 93 -6.71 72.21 -78.54
C ALA E 93 -7.88 71.44 -79.13
N LEU E 94 -9.00 72.13 -79.37
CA LEU E 94 -10.16 71.44 -79.95
C LEU E 94 -9.92 71.01 -81.39
N PHE E 95 -9.22 71.85 -82.18
CA PHE E 95 -8.88 71.48 -83.54
C PHE E 95 -7.92 70.29 -83.57
N VAL E 96 -6.92 70.30 -82.68
CA VAL E 96 -5.99 69.19 -82.58
C VAL E 96 -6.72 67.92 -82.16
N THR E 97 -7.64 68.01 -81.20
CA THR E 97 -8.39 66.84 -80.76
C THR E 97 -9.32 66.32 -81.84
N TRP E 98 -9.89 67.22 -82.65
CA TRP E 98 -10.72 66.81 -83.78
C TRP E 98 -9.91 65.98 -84.77
N SER E 99 -8.73 66.48 -85.14
CA SER E 99 -7.87 65.73 -86.06
C SER E 99 -7.41 64.41 -85.46
N ILE E 100 -7.10 64.43 -84.15
CA ILE E 100 -6.62 63.23 -83.47
C ILE E 100 -7.70 62.17 -83.41
N MET E 101 -8.95 62.58 -83.18
CA MET E 101 -10.02 61.59 -83.12
C MET E 101 -10.40 61.06 -84.50
N GLU E 102 -10.28 61.87 -85.55
CA GLU E 102 -10.46 61.32 -86.89
C GLU E 102 -9.37 60.29 -87.21
N PHE E 103 -8.12 60.62 -86.87
CA PHE E 103 -7.02 59.69 -87.10
C PHE E 103 -7.18 58.42 -86.27
N SER E 104 -7.69 58.55 -85.05
CA SER E 104 -7.89 57.38 -84.20
C SER E 104 -9.07 56.55 -84.67
N MET E 105 -10.09 57.18 -85.25
CA MET E 105 -11.17 56.44 -85.88
C MET E 105 -10.65 55.61 -87.04
N TRP E 106 -9.66 56.13 -87.76
CA TRP E 106 -8.99 55.29 -88.77
C TRP E 106 -8.15 54.20 -88.12
N TYR E 107 -7.38 54.56 -87.09
CA TYR E 107 -6.27 53.74 -86.62
C TYR E 107 -6.74 52.67 -85.62
N MET E 108 -7.70 53.02 -84.78
CA MET E 108 -8.19 52.13 -83.72
C MET E 108 -9.47 51.41 -84.16
N HIS E 109 -9.55 51.08 -85.44
CA HIS E 109 -10.79 50.55 -86.01
C HIS E 109 -11.08 49.13 -85.51
N SER E 110 -10.03 48.33 -85.31
CA SER E 110 -10.21 46.92 -84.99
C SER E 110 -10.37 46.65 -83.50
N ASP E 111 -10.20 47.64 -82.65
CA ASP E 111 -10.29 47.40 -81.22
C ASP E 111 -11.75 47.29 -80.79
N PRO E 112 -12.10 46.25 -80.03
CA PRO E 112 -13.49 46.10 -79.58
C PRO E 112 -13.92 47.12 -78.53
N ASN E 113 -12.99 47.84 -77.93
CA ASN E 113 -13.29 48.83 -76.90
C ASN E 113 -13.09 50.25 -77.43
N ILE E 114 -13.47 50.49 -78.68
CA ILE E 114 -13.26 51.80 -79.29
C ILE E 114 -14.15 52.86 -78.64
N ASN E 115 -15.37 52.47 -78.23
CA ASN E 115 -16.25 53.41 -77.54
C ASN E 115 -15.68 53.84 -76.20
N GLN E 116 -15.12 52.89 -75.45
CA GLN E 116 -14.46 53.23 -74.19
C GLN E 116 -13.24 54.10 -74.43
N PHE E 117 -12.50 53.85 -75.51
CA PHE E 117 -11.35 54.68 -75.87
C PHE E 117 -11.77 56.11 -76.14
N PHE E 118 -12.85 56.30 -76.91
CA PHE E 118 -13.30 57.65 -77.20
C PHE E 118 -13.89 58.33 -75.97
N LYS E 119 -14.54 57.57 -75.08
CA LYS E 119 -15.00 58.14 -73.82
C LYS E 119 -13.83 58.62 -72.97
N TYR E 120 -12.75 57.84 -72.94
CA TYR E 120 -11.56 58.24 -72.19
C TYR E 120 -10.93 59.50 -72.78
N LEU E 121 -10.84 59.57 -74.11
CA LEU E 121 -10.28 60.75 -74.75
C LEU E 121 -11.12 62.00 -74.50
N LEU E 122 -12.45 61.85 -74.55
CA LEU E 122 -13.33 62.97 -74.28
C LEU E 122 -13.26 63.40 -72.82
N LEU E 123 -13.10 62.44 -71.90
CA LEU E 123 -12.93 62.79 -70.49
C LEU E 123 -11.63 63.54 -70.26
N PHE E 124 -10.56 63.15 -70.97
CA PHE E 124 -9.30 63.89 -70.88
C PHE E 124 -9.47 65.31 -71.39
N LEU E 125 -10.18 65.48 -72.51
CA LEU E 125 -10.39 66.81 -73.04
C LEU E 125 -11.24 67.67 -72.10
N ILE E 126 -12.23 67.06 -71.45
CA ILE E 126 -13.06 67.78 -70.49
C ILE E 126 -12.23 68.24 -69.30
N THR E 127 -11.36 67.37 -68.78
CA THR E 127 -10.51 67.75 -67.66
C THR E 127 -9.53 68.85 -68.05
N MET E 128 -8.97 68.78 -69.26
CA MET E 128 -8.07 69.84 -69.70
C MET E 128 -8.78 71.17 -69.88
N LEU E 129 -9.99 71.15 -70.46
CA LEU E 129 -10.72 72.41 -70.59
C LEU E 129 -11.20 72.94 -69.25
N ILE E 130 -11.37 72.08 -68.25
CA ILE E 130 -11.54 72.55 -66.88
C ILE E 130 -10.29 73.25 -66.39
N LEU E 131 -9.12 72.66 -66.67
CA LEU E 131 -7.86 73.19 -66.14
C LEU E 131 -7.51 74.53 -66.77
N VAL E 132 -7.66 74.67 -68.09
CA VAL E 132 -7.19 75.87 -68.77
C VAL E 132 -8.13 77.06 -68.56
N THR E 133 -9.40 76.82 -68.24
CA THR E 133 -10.35 77.89 -67.96
C THR E 133 -10.53 78.12 -66.46
N ALA E 134 -9.70 77.49 -65.63
CA ALA E 134 -9.86 77.59 -64.19
C ALA E 134 -9.43 78.96 -63.70
N ASN E 135 -10.20 79.51 -62.76
CA ASN E 135 -9.91 80.80 -62.15
C ASN E 135 -9.17 80.69 -60.84
N ASN E 136 -9.65 79.86 -59.92
CA ASN E 136 -8.99 79.66 -58.65
C ASN E 136 -8.15 78.38 -58.69
N LEU E 137 -7.34 78.20 -57.65
CA LEU E 137 -6.39 77.09 -57.63
C LEU E 137 -7.06 75.75 -57.39
N PHE E 138 -8.26 75.74 -56.80
CA PHE E 138 -8.96 74.47 -56.56
C PHE E 138 -9.42 73.83 -57.87
N GLN E 139 -10.03 74.63 -58.74
CA GLN E 139 -10.46 74.14 -60.05
C GLN E 139 -9.27 73.72 -60.90
N LEU E 140 -8.17 74.48 -60.80
CA LEU E 140 -6.95 74.12 -61.51
C LEU E 140 -6.37 72.81 -60.99
N PHE E 141 -6.46 72.57 -59.68
CA PHE E 141 -6.01 71.30 -59.12
C PHE E 141 -6.90 70.15 -59.56
N ILE E 142 -8.21 70.42 -59.69
CA ILE E 142 -9.15 69.41 -60.20
C ILE E 142 -8.76 69.00 -61.62
N GLY E 143 -8.51 69.99 -62.48
CA GLY E 143 -8.10 69.68 -63.85
C GLY E 143 -6.73 69.01 -63.90
N TRP E 144 -5.83 69.41 -62.99
CA TRP E 144 -4.51 68.80 -62.88
C TRP E 144 -4.61 67.31 -62.61
N GLU E 145 -5.35 66.94 -61.57
CA GLU E 145 -5.49 65.52 -61.22
C GLU E 145 -6.28 64.77 -62.27
N GLY E 146 -7.26 65.42 -62.90
CA GLY E 146 -8.02 64.75 -63.94
C GLY E 146 -7.17 64.39 -65.14
N VAL E 147 -6.36 65.33 -65.63
CA VAL E 147 -5.51 65.02 -66.78
C VAL E 147 -4.42 64.05 -66.39
N GLY E 148 -3.94 64.09 -65.14
CA GLY E 148 -2.95 63.12 -64.71
C GLY E 148 -3.48 61.69 -64.71
N ILE E 149 -4.67 61.50 -64.15
CA ILE E 149 -5.15 60.12 -64.05
C ILE E 149 -5.70 59.65 -65.40
N MET E 150 -6.17 60.58 -66.26
CA MET E 150 -6.54 60.18 -67.61
C MET E 150 -5.31 59.76 -68.41
N SER E 151 -4.19 60.44 -68.19
CA SER E 151 -2.93 60.00 -68.78
C SER E 151 -2.53 58.63 -68.27
N PHE E 152 -2.74 58.37 -66.98
CA PHE E 152 -2.46 57.05 -66.42
C PHE E 152 -3.28 55.96 -67.12
N LEU E 153 -4.59 56.19 -67.26
CA LEU E 153 -5.46 55.19 -67.86
C LEU E 153 -5.14 54.98 -69.34
N LEU E 154 -4.86 56.07 -70.07
CA LEU E 154 -4.61 55.93 -71.50
C LEU E 154 -3.22 55.36 -71.78
N ILE E 155 -2.26 55.54 -70.87
CA ILE E 155 -0.99 54.82 -70.99
C ILE E 155 -1.21 53.33 -70.69
N GLY E 156 -1.95 53.03 -69.63
CA GLY E 156 -2.27 51.65 -69.30
C GLY E 156 -3.52 51.14 -69.99
N TRP E 157 -3.76 51.64 -71.21
CA TRP E 157 -4.86 51.14 -72.03
C TRP E 157 -4.72 49.64 -72.30
N TRP E 158 -3.54 49.21 -72.75
CA TRP E 158 -3.26 47.80 -72.97
C TRP E 158 -2.80 47.20 -71.64
N TYR E 159 -3.79 46.88 -70.80
CA TYR E 159 -3.50 46.43 -69.44
C TYR E 159 -2.94 45.02 -69.39
N GLY E 160 -2.98 44.27 -70.49
CA GLY E 160 -2.31 42.99 -70.53
C GLY E 160 -0.81 43.06 -70.71
N ARG E 161 -0.27 44.26 -70.92
CA ARG E 161 1.15 44.47 -71.12
C ARG E 161 1.78 45.01 -69.85
N THR E 162 2.93 44.43 -69.49
CA THR E 162 3.63 44.81 -68.27
C THR E 162 4.18 46.23 -68.35
N ASP E 163 4.84 46.56 -69.47
CA ASP E 163 5.53 47.84 -69.58
C ASP E 163 4.56 49.02 -69.59
N ALA E 164 3.33 48.80 -70.09
CA ALA E 164 2.33 49.86 -70.07
C ALA E 164 1.95 50.23 -68.64
N ASN E 165 1.68 49.23 -67.80
CA ASN E 165 1.35 49.50 -66.40
C ASN E 165 2.53 50.10 -65.66
N THR E 166 3.75 49.62 -65.95
CA THR E 166 4.94 50.16 -65.31
C THR E 166 5.14 51.63 -65.66
N ALA E 167 5.00 51.98 -66.93
CA ALA E 167 5.15 53.37 -67.35
C ALA E 167 4.03 54.25 -66.80
N ALA E 168 2.82 53.71 -66.69
CA ALA E 168 1.71 54.46 -66.12
C ALA E 168 1.95 54.76 -64.64
N LEU E 169 2.46 53.78 -63.89
CA LEU E 169 2.78 54.01 -62.49
C LEU E 169 3.93 55.01 -62.33
N GLN E 170 4.92 54.94 -63.22
CA GLN E 170 6.02 55.90 -63.19
C GLN E 170 5.53 57.33 -63.45
N ALA E 171 4.64 57.48 -64.43
CA ALA E 171 4.07 58.80 -64.72
C ALA E 171 3.25 59.31 -63.55
N ILE E 172 2.52 58.41 -62.88
CA ILE E 172 1.75 58.79 -61.70
C ILE E 172 2.68 59.28 -60.59
N LEU E 173 3.82 58.59 -60.39
CA LEU E 173 4.78 59.00 -59.37
C LEU E 173 5.34 60.40 -59.63
N TYR E 174 5.76 60.65 -60.87
CA TYR E 174 6.34 61.96 -61.18
C TYR E 174 5.28 63.06 -61.10
N ASN E 175 4.06 62.78 -61.55
CA ASN E 175 2.99 63.75 -61.41
C ASN E 175 2.62 64.01 -59.96
N ARG E 176 2.77 63.01 -59.09
CA ARG E 176 2.50 63.24 -57.67
C ARG E 176 3.58 64.09 -57.01
N ILE E 177 4.83 63.98 -57.48
CA ILE E 177 5.87 64.91 -57.00
C ILE E 177 5.53 66.33 -57.46
N GLY E 178 5.06 66.48 -58.69
CA GLY E 178 4.54 67.77 -59.13
C GLY E 178 3.37 68.26 -58.29
N ASP E 179 2.53 67.33 -57.84
CA ASP E 179 1.43 67.67 -56.94
C ASP E 179 1.94 68.13 -55.58
N ILE E 180 3.05 67.57 -55.10
CA ILE E 180 3.67 68.07 -53.87
C ILE E 180 4.04 69.53 -54.03
N GLY E 181 4.67 69.86 -55.15
CA GLY E 181 4.99 71.27 -55.41
C GLY E 181 3.77 72.17 -55.49
N PHE E 182 2.72 71.69 -56.18
CA PHE E 182 1.49 72.47 -56.32
C PHE E 182 0.81 72.69 -54.97
N ILE E 183 0.80 71.65 -54.12
CA ILE E 183 0.19 71.75 -52.80
C ILE E 183 0.97 72.72 -51.91
N LEU E 184 2.30 72.70 -52.00
CA LEU E 184 3.10 73.67 -51.24
C LEU E 184 2.81 75.11 -51.68
N ALA E 185 2.70 75.33 -52.99
CA ALA E 185 2.38 76.68 -53.48
C ALA E 185 1.00 77.12 -53.01
N MET E 186 0.01 76.22 -53.07
CA MET E 186 -1.33 76.55 -52.63
C MET E 186 -1.37 76.82 -51.12
N ALA E 187 -0.56 76.08 -50.35
CA ALA E 187 -0.49 76.28 -48.91
C ALA E 187 0.07 77.66 -48.59
N TRP E 188 1.15 78.06 -49.26
CA TRP E 188 1.71 79.39 -49.04
C TRP E 188 0.72 80.47 -49.42
N PHE E 189 0.01 80.29 -50.55
CA PHE E 189 -0.95 81.29 -50.99
C PHE E 189 -2.09 81.46 -49.99
N LEU E 190 -2.64 80.35 -49.49
CA LEU E 190 -3.73 80.44 -48.52
C LEU E 190 -3.26 81.05 -47.21
N ILE E 191 -2.08 80.66 -46.73
CA ILE E 191 -1.63 81.13 -45.42
C ILE E 191 -1.28 82.62 -45.48
N ASN E 192 -0.59 83.06 -46.53
CA ASN E 192 -0.09 84.42 -46.53
C ASN E 192 -1.01 85.42 -47.22
N LEU E 193 -1.73 85.02 -48.26
CA LEU E 193 -2.54 85.96 -49.03
C LEU E 193 -4.03 85.80 -48.81
N ASN E 194 -4.45 84.76 -48.08
CA ASN E 194 -5.85 84.54 -47.70
C ASN E 194 -6.78 84.44 -48.90
N THR E 195 -6.32 83.78 -49.96
CA THR E 195 -7.14 83.63 -51.15
C THR E 195 -6.65 82.44 -51.97
N TRP E 196 -7.55 81.92 -52.81
CA TRP E 196 -7.19 81.01 -53.87
C TRP E 196 -7.55 81.54 -55.25
N ASP E 197 -8.39 82.58 -55.33
CA ASP E 197 -8.70 83.21 -56.60
C ASP E 197 -7.49 83.99 -57.12
N LEU E 198 -7.29 83.95 -58.44
CA LEU E 198 -6.12 84.57 -59.04
C LEU E 198 -6.17 86.09 -59.01
N GLN E 199 -7.37 86.67 -58.98
CA GLN E 199 -7.51 88.13 -58.99
C GLN E 199 -6.91 88.74 -57.73
N GLN E 200 -7.21 88.18 -56.56
CA GLN E 200 -6.68 88.71 -55.32
C GLN E 200 -5.18 88.44 -55.20
N ILE E 201 -4.71 87.31 -55.74
CA ILE E 201 -3.28 87.00 -55.75
C ILE E 201 -2.52 88.03 -56.57
N PHE E 202 -3.06 88.38 -57.75
CA PHE E 202 -2.40 89.38 -58.58
C PHE E 202 -2.53 90.77 -57.98
N MET E 203 -3.62 91.04 -57.25
CA MET E 203 -3.79 92.36 -56.65
C MET E 203 -2.85 92.59 -55.48
N LEU E 204 -2.73 91.61 -54.59
CA LEU E 204 -1.94 91.80 -53.37
C LEU E 204 -0.45 91.93 -53.68
N ASN E 205 0.03 91.18 -54.67
CA ASN E 205 1.39 91.24 -55.21
C ASN E 205 2.46 91.08 -54.14
N PRO E 206 2.67 89.86 -53.62
CA PRO E 206 3.68 89.68 -52.58
C PRO E 206 5.09 89.89 -53.11
N ASN E 207 5.98 90.30 -52.22
CA ASN E 207 7.38 90.53 -52.56
C ASN E 207 8.27 89.34 -52.26
N ASP E 208 8.07 88.69 -51.11
CA ASP E 208 8.88 87.53 -50.73
C ASP E 208 8.19 86.23 -51.17
N SER E 209 7.99 86.12 -52.49
CA SER E 209 7.29 84.99 -53.07
C SER E 209 8.23 83.93 -53.63
N ASN E 210 9.39 83.73 -52.98
CA ASN E 210 10.31 82.70 -53.44
C ASN E 210 9.74 81.30 -53.22
N LEU E 211 9.12 81.07 -52.07
CA LEU E 211 8.57 79.74 -51.77
C LEU E 211 7.43 79.32 -52.70
N PRO E 212 6.39 80.14 -52.95
CA PRO E 212 5.36 79.69 -53.90
C PRO E 212 5.87 79.53 -55.32
N LEU E 213 6.83 80.35 -55.74
CA LEU E 213 7.37 80.19 -57.09
C LEU E 213 8.23 78.95 -57.20
N MET E 214 8.95 78.59 -56.13
CA MET E 214 9.68 77.32 -56.12
C MET E 214 8.71 76.14 -56.17
N GLY E 215 7.59 76.25 -55.45
CA GLY E 215 6.58 75.20 -55.53
C GLY E 215 5.97 75.07 -56.91
N LEU E 216 5.69 76.20 -57.56
CA LEU E 216 5.14 76.15 -58.92
C LEU E 216 6.17 75.62 -59.91
N ILE E 217 7.44 75.94 -59.71
CA ILE E 217 8.49 75.41 -60.58
C ILE E 217 8.62 73.91 -60.41
N LEU E 218 8.51 73.42 -59.17
CA LEU E 218 8.50 71.97 -58.94
C LEU E 218 7.29 71.31 -59.60
N ALA E 219 6.12 71.96 -59.52
CA ALA E 219 4.92 71.41 -60.15
C ALA E 219 5.07 71.34 -61.66
N ALA E 220 5.64 72.38 -62.27
CA ALA E 220 5.86 72.36 -63.71
C ALA E 220 6.93 71.36 -64.12
N THR E 221 7.94 71.17 -63.27
CA THR E 221 8.93 70.12 -63.53
C THR E 221 8.29 68.74 -63.50
N GLY E 222 7.34 68.53 -62.58
CA GLY E 222 6.60 67.28 -62.56
C GLY E 222 5.72 67.10 -63.78
N LYS E 223 5.01 68.15 -64.18
CA LYS E 223 4.01 68.00 -65.23
C LYS E 223 4.58 68.13 -66.63
N SER E 224 5.48 69.08 -66.87
CA SER E 224 6.02 69.33 -68.19
C SER E 224 7.25 68.48 -68.50
N ALA E 225 7.62 67.57 -67.61
CA ALA E 225 8.68 66.59 -67.81
C ALA E 225 10.03 67.27 -68.10
N GLN E 226 10.48 68.07 -67.14
CA GLN E 226 11.75 68.76 -67.25
C GLN E 226 12.87 67.86 -66.70
N PHE E 227 14.07 68.41 -66.61
CA PHE E 227 15.21 67.62 -66.15
C PHE E 227 15.07 67.29 -64.67
N GLY E 228 15.45 66.06 -64.32
CA GLY E 228 15.28 65.57 -62.97
C GLY E 228 14.04 64.70 -62.86
N LEU E 229 12.97 65.10 -63.54
CA LEU E 229 11.72 64.35 -63.55
C LEU E 229 11.26 64.05 -64.98
N HIS E 230 12.21 63.82 -65.88
CA HIS E 230 11.90 63.61 -67.30
C HIS E 230 11.39 62.22 -67.73
N PRO E 231 11.94 61.08 -67.27
CA PRO E 231 11.82 59.84 -68.07
C PRO E 231 10.40 59.29 -68.21
N TRP E 232 9.43 59.82 -67.45
CA TRP E 232 8.05 59.37 -67.61
C TRP E 232 7.52 59.71 -68.99
N LEU E 233 7.91 60.85 -69.54
CA LEU E 233 7.47 61.23 -70.88
C LEU E 233 8.05 60.34 -71.98
N PRO E 234 9.36 59.99 -71.98
CA PRO E 234 9.80 58.95 -72.93
C PRO E 234 9.16 57.59 -72.70
N SER E 235 8.91 57.19 -71.45
CA SER E 235 8.28 55.89 -71.25
C SER E 235 6.79 55.88 -71.53
N ALA E 236 6.17 57.06 -71.62
CA ALA E 236 4.74 57.17 -71.87
C ALA E 236 4.34 56.79 -73.29
N MET E 237 5.31 56.58 -74.18
CA MET E 237 5.03 56.18 -75.54
C MET E 237 4.85 54.67 -75.70
N GLU E 238 4.54 53.97 -74.60
CA GLU E 238 4.15 52.57 -74.65
C GLU E 238 2.66 52.41 -74.96
N GLY E 239 1.88 53.49 -74.93
CA GLY E 239 0.47 53.42 -75.19
C GLY E 239 0.15 53.53 -76.66
N PRO E 240 -1.14 53.68 -76.99
CA PRO E 240 -1.54 53.84 -78.38
C PRO E 240 -1.06 55.16 -78.96
N THR E 241 -0.85 55.17 -80.27
CA THR E 241 -0.32 56.36 -80.94
C THR E 241 -1.20 57.60 -80.86
N PRO E 242 -2.54 57.55 -81.04
CA PRO E 242 -3.31 58.80 -80.84
C PRO E 242 -3.26 59.33 -79.42
N VAL E 243 -3.14 58.44 -78.43
CA VAL E 243 -2.98 58.86 -77.04
C VAL E 243 -1.70 59.66 -76.88
N SER E 244 -0.60 59.15 -77.45
CA SER E 244 0.66 59.88 -77.45
C SER E 244 0.50 61.23 -78.14
N ALA E 245 -0.05 61.20 -79.35
CA ALA E 245 -0.13 62.37 -80.22
C ALA E 245 -0.93 63.51 -79.57
N LEU E 246 -2.00 63.17 -78.86
CA LEU E 246 -2.74 64.22 -78.16
C LEU E 246 -2.04 64.58 -76.85
N LEU E 247 -2.00 63.63 -75.91
CA LEU E 247 -1.65 63.95 -74.52
C LEU E 247 -0.18 64.29 -74.39
N HIS E 248 0.70 63.39 -74.81
CA HIS E 248 2.11 63.51 -74.48
C HIS E 248 2.87 64.37 -75.46
N SER E 249 2.18 65.01 -76.39
CA SER E 249 2.84 65.87 -77.36
C SER E 249 2.21 67.25 -77.47
N SER E 250 0.89 67.37 -77.42
CA SER E 250 0.29 68.64 -77.79
C SER E 250 -0.51 69.28 -76.67
N THR E 251 -1.19 68.50 -75.84
CA THR E 251 -2.15 69.06 -74.88
C THR E 251 -1.71 68.87 -73.44
N MET E 252 -1.50 67.64 -72.98
CA MET E 252 -1.36 67.40 -71.54
C MET E 252 -0.01 67.88 -71.02
N VAL E 253 1.07 67.69 -71.79
CA VAL E 253 2.41 67.96 -71.29
C VAL E 253 2.72 69.44 -71.17
N VAL E 254 1.89 70.31 -71.70
CA VAL E 254 2.13 71.75 -71.63
C VAL E 254 1.41 72.40 -70.45
N ALA E 255 0.85 71.59 -69.55
CA ALA E 255 0.07 72.13 -68.44
C ALA E 255 0.95 72.87 -67.44
N GLY E 256 2.16 72.38 -67.19
CA GLY E 256 3.07 73.10 -66.31
C GLY E 256 3.53 74.42 -66.89
N ILE E 257 3.84 74.44 -68.18
CA ILE E 257 4.21 75.69 -68.84
C ILE E 257 3.02 76.65 -68.88
N PHE E 258 1.81 76.11 -69.04
CA PHE E 258 0.61 76.95 -68.98
C PHE E 258 0.41 77.54 -67.59
N LEU E 259 0.67 76.75 -66.54
CA LEU E 259 0.56 77.25 -65.18
C LEU E 259 1.59 78.34 -64.92
N LEU E 260 2.80 78.18 -65.44
CA LEU E 260 3.81 79.21 -65.27
C LEU E 260 3.51 80.44 -66.12
N ILE E 261 2.83 80.25 -67.25
CA ILE E 261 2.37 81.37 -68.06
C ILE E 261 1.34 82.19 -67.31
N ARG E 262 0.40 81.51 -66.63
CA ARG E 262 -0.68 82.19 -65.94
C ARG E 262 -0.18 83.03 -64.77
N PHE E 263 0.91 82.61 -64.13
CA PHE E 263 1.46 83.30 -62.97
C PHE E 263 2.54 84.29 -63.34
N TYR E 264 2.47 84.91 -64.52
CA TYR E 264 3.49 85.87 -64.93
C TYR E 264 3.56 87.18 -64.14
N PRO E 265 2.47 87.76 -63.58
CA PRO E 265 2.66 88.95 -62.74
C PRO E 265 3.41 88.67 -61.45
N LEU E 266 3.46 87.42 -60.99
CA LEU E 266 4.21 87.11 -59.78
C LEU E 266 5.68 86.88 -60.08
N THR E 267 5.98 86.21 -61.20
CA THR E 267 7.36 85.93 -61.58
C THR E 267 7.99 87.05 -62.38
N GLU E 268 7.24 88.11 -62.70
CA GLU E 268 7.86 89.27 -63.33
C GLU E 268 8.78 90.00 -62.38
N ASN E 269 8.40 90.10 -61.10
CA ASN E 269 9.22 90.80 -60.12
C ASN E 269 10.42 89.96 -59.67
N ASN E 270 10.23 88.64 -59.56
CA ASN E 270 11.29 87.78 -59.05
C ASN E 270 12.39 87.59 -60.09
N LYS E 271 13.64 87.61 -59.63
CA LYS E 271 14.78 87.30 -60.49
C LYS E 271 15.41 85.95 -60.16
N PHE E 272 15.40 85.56 -58.89
CA PHE E 272 15.92 84.26 -58.50
C PHE E 272 15.13 83.12 -59.13
N GLY E 273 13.80 83.24 -59.10
CA GLY E 273 12.96 82.22 -59.72
C GLY E 273 13.14 82.15 -61.22
N GLN E 274 13.28 83.32 -61.85
CA GLN E 274 13.53 83.37 -63.29
C GLN E 274 14.86 82.70 -63.65
N SER E 275 15.90 82.96 -62.87
CA SER E 275 17.20 82.36 -63.14
C SER E 275 17.16 80.84 -62.96
N ILE E 276 16.52 80.36 -61.88
CA ILE E 276 16.40 78.92 -61.63
C ILE E 276 15.66 78.25 -62.77
N MET E 277 14.56 78.85 -63.20
CA MET E 277 13.68 78.19 -64.16
C MET E 277 14.26 78.26 -65.57
N LEU E 278 15.03 79.32 -65.88
CA LEU E 278 15.80 79.36 -67.12
C LEU E 278 16.88 78.28 -67.15
N CYS E 279 17.60 78.10 -66.04
CA CYS E 279 18.63 77.07 -65.97
C CYS E 279 18.02 75.67 -66.12
N LEU E 280 16.86 75.45 -65.48
CA LEU E 280 16.19 74.16 -65.59
C LEU E 280 15.73 73.88 -67.02
N GLY E 281 15.19 74.91 -67.70
CA GLY E 281 14.80 74.72 -69.09
C GLY E 281 15.97 74.42 -70.00
N ALA E 282 17.10 75.11 -69.79
CA ALA E 282 18.29 74.86 -70.60
C ALA E 282 18.84 73.46 -70.39
N MET E 283 18.89 73.01 -69.13
CA MET E 283 19.31 71.64 -68.83
C MET E 283 18.40 70.62 -69.49
N THR E 284 17.08 70.85 -69.40
CA THR E 284 16.12 69.92 -69.99
C THR E 284 16.30 69.81 -71.50
N THR E 285 16.39 70.95 -72.19
CA THR E 285 16.48 70.90 -73.65
C THR E 285 17.80 70.30 -74.12
N LEU E 286 18.91 70.58 -73.41
CA LEU E 286 20.18 70.02 -73.85
C LEU E 286 20.26 68.52 -73.59
N PHE E 287 19.81 68.08 -72.41
CA PHE E 287 19.86 66.64 -72.09
C PHE E 287 18.96 65.84 -73.01
N THR E 288 17.75 66.35 -73.28
CA THR E 288 16.87 65.63 -74.19
C THR E 288 17.37 65.71 -75.63
N ALA E 289 18.13 66.76 -75.97
CA ALA E 289 18.76 66.81 -77.29
C ALA E 289 19.80 65.70 -77.45
N MET E 290 20.69 65.52 -76.46
CA MET E 290 21.65 64.43 -76.59
C MET E 290 20.96 63.07 -76.53
N CYS E 291 19.86 62.96 -75.79
CA CYS E 291 19.16 61.69 -75.74
C CYS E 291 18.48 61.36 -77.06
N ALA E 292 17.93 62.37 -77.74
CA ALA E 292 17.30 62.16 -79.03
C ALA E 292 18.30 62.06 -80.18
N LEU E 293 19.57 62.39 -79.94
CA LEU E 293 20.55 62.35 -81.01
C LEU E 293 20.74 60.95 -81.58
N THR E 294 20.81 59.93 -80.72
CA THR E 294 21.15 58.57 -81.15
C THR E 294 20.12 57.56 -80.65
N GLN E 295 18.84 57.86 -80.85
CA GLN E 295 17.78 56.92 -80.55
C GLN E 295 17.28 56.26 -81.83
N ASN E 296 16.71 55.07 -81.68
CA ASN E 296 16.24 54.27 -82.80
C ASN E 296 14.73 54.09 -82.84
N ASP E 297 14.09 53.93 -81.69
CA ASP E 297 12.63 53.87 -81.64
C ASP E 297 12.06 55.25 -81.93
N ILE E 298 11.20 55.34 -82.95
CA ILE E 298 10.79 56.63 -83.50
C ILE E 298 10.00 57.43 -82.48
N LYS E 299 9.07 56.79 -81.77
CA LYS E 299 8.27 57.48 -80.78
C LYS E 299 9.12 57.96 -79.61
N LYS E 300 10.20 57.25 -79.29
CA LYS E 300 11.13 57.75 -78.28
C LYS E 300 11.85 59.01 -78.76
N ILE E 301 12.20 59.06 -80.05
CA ILE E 301 12.84 60.25 -80.61
C ILE E 301 11.91 61.43 -80.53
N ILE E 302 10.64 61.24 -80.88
CA ILE E 302 9.72 62.38 -80.85
C ILE E 302 9.33 62.73 -79.42
N ALA E 303 9.38 61.77 -78.49
CA ALA E 303 9.18 62.07 -77.08
C ALA E 303 10.29 62.97 -76.55
N PHE E 304 11.54 62.63 -76.86
CA PHE E 304 12.65 63.50 -76.47
C PHE E 304 12.60 64.82 -77.19
N SER E 305 12.08 64.84 -78.42
CA SER E 305 11.91 66.09 -79.15
C SER E 305 10.90 67.00 -78.47
N THR E 306 9.76 66.45 -78.03
CA THR E 306 8.76 67.32 -77.41
C THR E 306 9.18 67.73 -76.00
N SER E 307 9.99 66.92 -75.31
CA SER E 307 10.52 67.40 -74.04
C SER E 307 11.58 68.47 -74.25
N SER E 308 12.35 68.40 -75.35
CA SER E 308 13.27 69.48 -75.69
C SER E 308 12.51 70.76 -76.02
N GLN E 309 11.38 70.64 -76.72
CA GLN E 309 10.54 71.80 -77.01
C GLN E 309 9.97 72.39 -75.73
N LEU E 310 9.58 71.53 -74.77
CA LEU E 310 9.11 72.01 -73.48
C LEU E 310 10.21 72.73 -72.72
N GLY E 311 11.44 72.23 -72.80
CA GLY E 311 12.57 72.95 -72.23
C GLY E 311 12.80 74.29 -72.88
N LEU E 312 12.60 74.37 -74.20
CA LEU E 312 12.77 75.64 -74.90
C LEU E 312 11.72 76.66 -74.48
N MET E 313 10.46 76.24 -74.34
CA MET E 313 9.46 77.21 -73.91
C MET E 313 9.61 77.58 -72.44
N MET E 314 10.17 76.69 -71.61
CA MET E 314 10.55 77.12 -70.27
C MET E 314 11.71 78.12 -70.30
N VAL E 315 12.64 77.95 -71.24
CA VAL E 315 13.75 78.89 -71.38
C VAL E 315 13.23 80.29 -71.71
N THR E 316 12.32 80.37 -72.70
CA THR E 316 11.81 81.70 -73.04
C THR E 316 10.79 82.20 -72.03
N ILE E 317 10.24 81.32 -71.19
CA ILE E 317 9.47 81.79 -70.04
C ILE E 317 10.40 82.46 -69.04
N GLY E 318 11.58 81.89 -68.83
CA GLY E 318 12.51 82.37 -67.83
C GLY E 318 13.21 83.67 -68.19
N ILE E 319 13.10 84.13 -69.43
CA ILE E 319 13.66 85.42 -69.83
C ILE E 319 12.60 86.51 -69.81
N ASN E 320 11.50 86.29 -69.09
CA ASN E 320 10.37 87.22 -68.97
C ASN E 320 9.75 87.54 -70.33
N GLN E 321 9.46 86.48 -71.10
CA GLN E 321 8.75 86.58 -72.37
C GLN E 321 7.66 85.51 -72.39
N PRO E 322 6.54 85.74 -71.69
CA PRO E 322 5.53 84.69 -71.57
C PRO E 322 4.66 84.50 -72.81
N HIS E 323 4.37 85.59 -73.52
CA HIS E 323 3.46 85.50 -74.65
C HIS E 323 4.11 84.84 -75.85
N LEU E 324 5.42 85.04 -76.04
CA LEU E 324 6.14 84.28 -77.06
C LEU E 324 6.12 82.80 -76.74
N ALA E 325 6.24 82.46 -75.45
CA ALA E 325 6.15 81.06 -75.04
C ALA E 325 4.77 80.48 -75.32
N PHE E 326 3.71 81.27 -75.12
CA PHE E 326 2.36 80.78 -75.42
C PHE E 326 2.15 80.60 -76.92
N LEU E 327 2.71 81.51 -77.72
CA LEU E 327 2.69 81.33 -79.17
C LEU E 327 3.42 80.05 -79.57
N HIS E 328 4.54 79.76 -78.91
CA HIS E 328 5.23 78.50 -79.16
C HIS E 328 4.43 77.31 -78.65
N ILE E 329 3.63 77.48 -77.59
CA ILE E 329 2.74 76.41 -77.12
C ILE E 329 1.80 75.99 -78.24
N CYS E 330 1.13 76.98 -78.85
CA CYS E 330 0.17 76.68 -79.92
C CYS E 330 0.87 76.09 -81.15
N THR E 331 1.98 76.72 -81.56
CA THR E 331 2.67 76.29 -82.78
C THR E 331 3.25 74.88 -82.62
N HIS E 332 3.89 74.61 -81.49
CA HIS E 332 4.49 73.31 -81.22
C HIS E 332 3.41 72.25 -81.10
N ALA E 333 2.27 72.58 -80.50
CA ALA E 333 1.16 71.63 -80.44
C ALA E 333 0.72 71.22 -81.84
N PHE E 334 0.59 72.21 -82.74
CA PHE E 334 0.20 71.95 -84.12
C PHE E 334 1.17 70.98 -84.81
N PHE E 335 2.44 71.38 -84.95
CA PHE E 335 3.32 70.56 -85.77
C PHE E 335 3.70 69.25 -85.09
N LYS E 336 3.74 69.21 -83.75
CA LYS E 336 4.08 67.98 -83.07
C LYS E 336 2.95 66.96 -83.15
N ALA E 337 1.70 67.42 -83.04
CA ALA E 337 0.57 66.52 -83.24
C ALA E 337 0.56 65.95 -84.64
N MET E 338 0.83 66.79 -85.65
CA MET E 338 0.80 66.27 -87.01
C MET E 338 1.98 65.32 -87.28
N LEU E 339 3.15 65.60 -86.68
CA LEU E 339 4.29 64.69 -86.82
C LEU E 339 4.01 63.32 -86.20
N PHE E 340 3.38 63.30 -85.02
CA PHE E 340 2.99 62.02 -84.44
C PHE E 340 1.93 61.31 -85.27
N MET E 341 1.03 62.07 -85.90
CA MET E 341 0.05 61.45 -86.80
C MET E 341 0.72 60.77 -87.98
N CYS E 342 1.71 61.43 -88.58
CA CYS E 342 2.46 60.82 -89.69
C CYS E 342 3.23 59.58 -89.23
N SER E 343 3.85 59.67 -88.05
CA SER E 343 4.59 58.52 -87.53
C SER E 343 3.67 57.34 -87.24
N GLY E 344 2.46 57.61 -86.74
CA GLY E 344 1.49 56.55 -86.53
C GLY E 344 1.01 55.93 -87.82
N SER E 345 0.83 56.73 -88.86
CA SER E 345 0.48 56.19 -90.17
C SER E 345 1.59 55.29 -90.70
N ILE E 346 2.85 55.70 -90.56
CA ILE E 346 3.97 54.90 -91.02
C ILE E 346 4.06 53.60 -90.22
N ILE E 347 3.85 53.67 -88.91
CA ILE E 347 3.90 52.48 -88.06
C ILE E 347 2.79 51.50 -88.43
N HIS E 348 1.57 52.01 -88.65
CA HIS E 348 0.46 51.15 -89.02
C HIS E 348 0.64 50.55 -90.40
N SER E 349 1.31 51.26 -91.30
CA SER E 349 1.55 50.73 -92.64
C SER E 349 2.67 49.70 -92.69
N LEU E 350 3.45 49.53 -91.62
CA LEU E 350 4.57 48.61 -91.60
C LEU E 350 4.39 47.51 -90.58
N ASN E 351 3.13 47.16 -90.29
CA ASN E 351 2.75 46.05 -89.41
C ASN E 351 3.31 46.22 -88.00
N ASP E 352 2.93 47.34 -87.37
CA ASP E 352 3.17 47.63 -85.95
C ASP E 352 4.65 47.62 -85.60
N GLU E 353 5.48 48.16 -86.49
CA GLU E 353 6.92 48.25 -86.25
C GLU E 353 7.28 49.69 -85.92
N GLN E 354 7.91 49.89 -84.77
CA GLN E 354 8.30 51.22 -84.30
C GLN E 354 9.80 51.44 -84.35
N ASP E 355 10.53 50.61 -85.08
CA ASP E 355 11.98 50.72 -85.17
C ASP E 355 12.36 51.38 -86.50
N ILE E 356 13.20 52.41 -86.41
CA ILE E 356 13.61 53.14 -87.61
C ILE E 356 14.69 52.41 -88.39
N ARG E 357 15.31 51.39 -87.80
CA ARG E 357 16.36 50.64 -88.48
C ARG E 357 15.80 49.60 -89.45
N LYS E 358 14.50 49.36 -89.43
CA LYS E 358 13.84 48.46 -90.35
C LYS E 358 12.84 49.22 -91.21
N MET E 359 13.25 50.39 -91.68
CA MET E 359 12.41 51.25 -92.51
C MET E 359 13.16 51.69 -93.75
N GLY E 360 12.62 52.63 -94.49
CA GLY E 360 13.29 53.17 -95.65
C GLY E 360 12.54 52.88 -96.94
N GLY E 361 12.84 53.68 -97.95
CA GLY E 361 12.20 53.53 -99.25
C GLY E 361 10.76 53.99 -99.29
N LEU E 362 10.31 54.73 -98.28
CA LEU E 362 8.92 55.17 -98.19
C LEU E 362 8.72 56.56 -98.77
N PHE E 363 9.69 57.09 -99.50
CA PHE E 363 9.52 58.38 -100.15
C PHE E 363 8.44 58.32 -101.23
N LYS E 364 8.39 57.23 -101.98
CA LYS E 364 7.39 57.05 -103.02
C LYS E 364 6.28 56.07 -102.65
N ALA E 365 6.47 55.27 -101.62
CA ALA E 365 5.43 54.34 -101.20
C ALA E 365 4.26 55.07 -100.55
N MET E 366 4.55 56.02 -99.67
CA MET E 366 3.54 56.87 -99.05
C MET E 366 3.90 58.32 -99.35
N PRO E 367 3.35 58.90 -100.43
CA PRO E 367 3.75 60.27 -100.78
C PRO E 367 3.15 61.33 -99.88
N PHE E 368 1.90 61.16 -99.44
CA PHE E 368 1.27 62.17 -98.58
C PHE E 368 1.91 62.21 -97.20
N THR E 369 2.20 61.05 -96.63
CA THR E 369 2.90 60.99 -95.35
C THR E 369 4.31 61.56 -95.47
N THR E 370 4.98 61.31 -96.60
CA THR E 370 6.29 61.89 -96.86
C THR E 370 6.22 63.41 -96.89
N THR E 371 5.24 63.96 -97.61
CA THR E 371 5.09 65.40 -97.72
C THR E 371 4.80 66.04 -96.36
N ALA E 372 3.89 65.44 -95.60
CA ALA E 372 3.52 66.01 -94.31
C ALA E 372 4.65 65.89 -93.30
N LEU E 373 5.39 64.78 -93.32
CA LEU E 373 6.54 64.62 -92.43
C LEU E 373 7.64 65.62 -92.77
N ILE E 374 7.89 65.86 -94.06
CA ILE E 374 8.89 66.84 -94.47
C ILE E 374 8.48 68.24 -94.01
N ILE E 375 7.20 68.59 -94.19
CA ILE E 375 6.72 69.91 -93.79
C ILE E 375 6.82 70.08 -92.28
N GLY E 376 6.46 69.04 -91.52
CA GLY E 376 6.56 69.12 -90.07
C GLY E 376 7.98 69.24 -89.57
N SER E 377 8.91 68.49 -90.17
CA SER E 377 10.30 68.60 -89.77
C SER E 377 10.88 69.96 -90.12
N LEU E 378 10.50 70.51 -91.28
CA LEU E 378 10.94 71.85 -91.64
C LEU E 378 10.40 72.89 -90.66
N ALA E 379 9.12 72.77 -90.27
CA ALA E 379 8.54 73.70 -89.31
C ALA E 379 9.18 73.56 -87.94
N LEU E 380 9.55 72.35 -87.54
CA LEU E 380 10.24 72.15 -86.28
C LEU E 380 11.62 72.79 -86.30
N THR E 381 12.36 72.62 -87.40
CA THR E 381 13.73 73.12 -87.46
C THR E 381 13.80 74.64 -87.58
N GLY E 382 12.71 75.30 -87.94
CA GLY E 382 12.73 76.73 -88.09
C GLY E 382 12.81 77.19 -89.53
N MET E 383 12.04 76.54 -90.40
CA MET E 383 11.90 77.02 -91.77
C MET E 383 11.23 78.38 -91.74
N PRO E 384 11.77 79.39 -92.43
CA PRO E 384 11.16 80.72 -92.40
C PRO E 384 9.73 80.73 -92.94
N PHE E 385 8.89 81.52 -92.26
CA PHE E 385 7.50 81.80 -92.62
C PHE E 385 6.60 80.57 -92.58
N LEU E 386 7.02 79.52 -91.88
CA LEU E 386 6.13 78.44 -91.50
C LEU E 386 5.58 78.73 -90.11
N THR E 387 4.96 77.75 -89.47
CA THR E 387 4.48 77.94 -88.10
C THR E 387 5.63 78.13 -87.13
N GLY E 388 6.68 77.33 -87.26
CA GLY E 388 7.77 77.35 -86.29
C GLY E 388 8.64 78.59 -86.36
N PHE E 389 8.59 79.33 -87.47
CA PHE E 389 9.40 80.54 -87.57
C PHE E 389 8.84 81.66 -86.71
N TYR E 390 7.51 81.77 -86.63
CA TYR E 390 6.89 82.92 -85.99
C TYR E 390 6.95 82.86 -84.46
N SER E 391 7.41 81.76 -83.89
CA SER E 391 7.58 81.66 -82.45
C SER E 391 9.03 81.42 -82.04
N LYS E 392 9.70 80.46 -82.68
CA LYS E 392 11.04 80.07 -82.25
C LYS E 392 12.08 81.14 -82.54
N ASP E 393 11.98 81.79 -83.71
CA ASP E 393 12.94 82.82 -84.08
C ASP E 393 12.83 84.04 -83.17
N LEU E 394 11.60 84.45 -82.85
CA LEU E 394 11.41 85.55 -81.89
C LEU E 394 11.90 85.17 -80.51
N ILE E 395 11.73 83.90 -80.13
CA ILE E 395 12.20 83.41 -78.84
C ILE E 395 13.72 83.51 -78.76
N ILE E 396 14.41 83.06 -79.80
CA ILE E 396 15.87 83.08 -79.74
C ILE E 396 16.41 84.50 -79.94
N GLU E 397 15.67 85.37 -80.62
CA GLU E 397 16.09 86.77 -80.73
C GLU E 397 15.96 87.48 -79.39
N SER E 398 14.87 87.21 -78.66
CA SER E 398 14.73 87.79 -77.33
C SER E 398 15.72 87.19 -76.34
N ALA E 399 16.07 85.92 -76.50
CA ALA E 399 17.05 85.31 -75.62
C ALA E 399 18.47 85.75 -75.93
N ASN E 400 18.74 86.20 -77.16
CA ASN E 400 20.09 86.65 -77.51
C ASN E 400 20.40 88.02 -76.92
N THR E 401 19.56 89.01 -77.20
CA THR E 401 19.80 90.38 -76.75
C THR E 401 19.04 90.65 -75.45
N SER E 402 19.51 90.04 -74.37
CA SER E 402 18.90 90.24 -73.06
C SER E 402 19.94 89.96 -72.00
N TYR E 403 19.63 90.41 -70.77
CA TYR E 403 20.50 90.22 -69.61
C TYR E 403 20.25 88.84 -69.01
N THR E 404 20.72 87.81 -69.72
CA THR E 404 20.50 86.43 -69.34
C THR E 404 21.83 85.74 -69.07
N ASN E 405 21.72 84.46 -68.70
CA ASN E 405 22.91 83.63 -68.51
C ASN E 405 23.53 83.29 -69.85
N ALA E 406 24.86 83.41 -69.94
CA ALA E 406 25.55 83.11 -71.18
C ALA E 406 25.55 81.61 -71.46
N TRP E 407 25.74 80.79 -70.41
CA TRP E 407 25.81 79.34 -70.59
C TRP E 407 24.48 78.77 -71.04
N ALA E 408 23.37 79.29 -70.50
CA ALA E 408 22.05 78.83 -70.92
C ALA E 408 21.77 79.19 -72.37
N LEU E 409 22.21 80.38 -72.80
CA LEU E 409 22.05 80.79 -74.20
C LEU E 409 22.86 79.91 -75.13
N LEU E 410 24.12 79.60 -74.74
CA LEU E 410 24.96 78.72 -75.55
C LEU E 410 24.35 77.32 -75.66
N MET E 411 23.82 76.80 -74.55
CA MET E 411 23.22 75.47 -74.62
C MET E 411 21.90 75.48 -75.37
N THR E 412 21.17 76.59 -75.35
CA THR E 412 19.96 76.69 -76.18
C THR E 412 20.32 76.66 -77.66
N LEU E 413 21.40 77.34 -78.05
CA LEU E 413 21.84 77.28 -79.44
C LEU E 413 22.28 75.88 -79.83
N VAL E 414 23.03 75.21 -78.95
CA VAL E 414 23.46 73.83 -79.21
C VAL E 414 22.26 72.90 -79.32
N ALA E 415 21.25 73.10 -78.47
CA ALA E 415 20.04 72.29 -78.52
C ALA E 415 19.27 72.53 -79.81
N THR E 416 19.28 73.78 -80.31
CA THR E 416 18.65 74.06 -81.61
C THR E 416 19.35 73.30 -82.73
N SER E 417 20.69 73.30 -82.70
CA SER E 417 21.45 72.54 -83.69
C SER E 417 21.14 71.04 -83.59
N PHE E 418 20.99 70.53 -82.37
CA PHE E 418 20.69 69.11 -82.20
C PHE E 418 19.27 68.77 -82.63
N THR E 419 18.32 69.70 -82.47
CA THR E 419 16.97 69.47 -82.99
C THR E 419 17.00 69.35 -84.50
N ALA E 420 17.77 70.21 -85.16
CA ALA E 420 17.96 70.09 -86.61
C ALA E 420 18.58 68.74 -86.97
N ILE E 421 19.57 68.31 -86.17
CA ILE E 421 20.28 67.06 -86.44
C ILE E 421 19.34 65.86 -86.36
N TYR E 422 18.55 65.76 -85.29
CA TYR E 422 17.69 64.58 -85.19
C TYR E 422 16.50 64.66 -86.13
N SER E 423 16.07 65.87 -86.52
CA SER E 423 15.01 65.99 -87.51
C SER E 423 15.45 65.43 -88.86
N THR E 424 16.63 65.85 -89.33
CA THR E 424 17.08 65.28 -90.59
C THR E 424 17.53 63.84 -90.44
N ARG E 425 17.88 63.39 -89.24
CA ARG E 425 18.13 61.96 -89.02
C ARG E 425 16.85 61.15 -89.22
N ILE E 426 15.73 61.63 -88.69
CA ILE E 426 14.44 60.97 -88.91
C ILE E 426 14.10 60.96 -90.39
N ILE E 427 14.31 62.11 -91.07
CA ILE E 427 14.02 62.20 -92.51
C ILE E 427 14.87 61.22 -93.31
N PHE E 428 16.17 61.12 -92.99
CA PHE E 428 17.05 60.25 -93.75
C PHE E 428 16.74 58.77 -93.50
N PHE E 429 16.59 58.38 -92.23
CA PHE E 429 16.45 56.96 -91.94
C PHE E 429 15.05 56.45 -92.25
N ALA E 430 14.01 57.18 -91.86
CA ALA E 430 12.65 56.67 -91.99
C ALA E 430 12.14 56.74 -93.42
N LEU E 431 12.64 57.67 -94.22
CA LEU E 431 12.00 58.00 -95.49
C LEU E 431 12.89 57.75 -96.70
N LEU E 432 14.20 57.92 -96.60
CA LEU E 432 15.09 57.80 -97.74
C LEU E 432 15.85 56.49 -97.69
N GLY E 433 16.69 56.27 -98.71
CA GLY E 433 17.51 55.09 -98.77
C GLY E 433 16.86 53.94 -99.52
N GLN E 434 17.01 52.73 -98.98
CA GLN E 434 16.50 51.52 -99.58
C GLN E 434 15.58 50.80 -98.60
N PRO E 435 14.62 50.02 -99.09
CA PRO E 435 13.68 49.35 -98.18
C PRO E 435 14.37 48.35 -97.27
N ARG E 436 13.83 48.23 -96.05
CA ARG E 436 14.34 47.28 -95.08
C ARG E 436 13.23 46.50 -94.39
N PHE E 437 11.97 46.77 -94.69
CA PHE E 437 10.85 46.05 -94.10
C PHE E 437 10.75 44.64 -94.70
N PRO E 438 10.03 43.73 -94.05
CA PRO E 438 9.80 42.40 -94.62
C PRO E 438 9.11 42.45 -95.99
N THR E 439 9.18 41.31 -96.68
CA THR E 439 8.84 41.26 -98.11
C THR E 439 7.35 41.45 -98.37
N LEU E 440 6.50 40.97 -97.48
CA LEU E 440 5.05 41.12 -97.67
C LEU E 440 4.66 42.57 -97.48
N ILE E 441 4.38 43.26 -98.58
CA ILE E 441 4.10 44.69 -98.57
C ILE E 441 2.59 44.90 -98.54
N ASN E 442 2.12 45.61 -97.53
CA ASN E 442 0.71 45.99 -97.39
C ASN E 442 0.61 47.47 -97.07
N ILE E 443 1.35 48.29 -97.82
CA ILE E 443 1.37 49.73 -97.60
C ILE E 443 0.13 50.35 -98.20
N ASN E 444 -0.65 51.04 -97.37
CA ASN E 444 -1.88 51.68 -97.81
C ASN E 444 -2.22 52.81 -96.85
N GLU E 445 -2.60 53.96 -97.41
CA GLU E 445 -2.99 55.10 -96.60
C GLU E 445 -4.20 55.82 -97.16
N ASN E 446 -4.93 55.20 -98.08
CA ASN E 446 -5.98 55.86 -98.83
C ASN E 446 -7.33 55.86 -98.13
N ASN E 447 -7.36 55.69 -96.81
CA ASN E 447 -8.64 55.87 -96.15
C ASN E 447 -8.94 57.36 -96.01
N PRO E 448 -10.22 57.76 -96.12
CA PRO E 448 -10.55 59.19 -96.05
C PRO E 448 -10.25 59.83 -94.71
N PHE E 449 -10.35 59.08 -93.60
CA PHE E 449 -10.16 59.68 -92.28
C PHE E 449 -8.72 60.15 -92.08
N LEU E 450 -7.75 59.28 -92.40
CA LEU E 450 -6.35 59.64 -92.24
C LEU E 450 -5.97 60.79 -93.15
N ILE E 451 -6.43 60.75 -94.41
CA ILE E 451 -6.10 61.80 -95.38
C ILE E 451 -6.67 63.14 -94.93
N ASN E 452 -7.93 63.14 -94.47
CA ASN E 452 -8.56 64.38 -94.05
C ASN E 452 -7.90 64.96 -92.80
N SER E 453 -7.56 64.10 -91.83
CA SER E 453 -6.92 64.59 -90.61
C SER E 453 -5.52 65.14 -90.88
N ILE E 454 -4.73 64.43 -91.69
CA ILE E 454 -3.40 64.91 -92.04
C ILE E 454 -3.50 66.20 -92.85
N LYS E 455 -4.49 66.31 -93.73
CA LYS E 455 -4.68 67.51 -94.53
C LYS E 455 -5.02 68.72 -93.66
N ARG E 456 -5.93 68.54 -92.69
CA ARG E 456 -6.28 69.65 -91.80
C ARG E 456 -5.10 70.08 -90.95
N LEU E 457 -4.36 69.11 -90.40
CA LEU E 457 -3.20 69.47 -89.60
C LEU E 457 -2.07 70.04 -90.45
N LEU E 458 -2.01 69.70 -91.73
CA LEU E 458 -1.02 70.27 -92.64
C LEU E 458 -1.34 71.73 -92.93
N ILE E 459 -2.61 72.04 -93.17
CA ILE E 459 -3.04 73.42 -93.35
C ILE E 459 -2.77 74.23 -92.09
N GLY E 460 -3.02 73.62 -90.92
CA GLY E 460 -2.66 74.28 -89.66
C GLY E 460 -1.18 74.55 -89.54
N SER E 461 -0.35 73.54 -89.79
CA SER E 461 1.10 73.68 -89.68
C SER E 461 1.69 74.57 -90.77
N LEU E 462 0.91 74.91 -91.80
CA LEU E 462 1.38 75.87 -92.78
C LEU E 462 0.98 77.31 -92.46
N PHE E 463 -0.25 77.54 -91.98
CA PHE E 463 -0.75 78.91 -91.89
C PHE E 463 -1.12 79.39 -90.49
N ALA E 464 -1.24 78.51 -89.50
CA ALA E 464 -1.81 78.90 -88.21
C ALA E 464 -0.89 79.83 -87.44
N GLY E 465 0.42 79.60 -87.54
CA GLY E 465 1.36 80.49 -86.86
C GLY E 465 1.31 81.90 -87.40
N PHE E 466 1.23 82.05 -88.72
CA PHE E 466 1.09 83.36 -89.34
C PHE E 466 -0.21 84.03 -88.92
N ILE E 467 -1.31 83.27 -88.95
CA ILE E 467 -2.63 83.83 -88.64
C ILE E 467 -2.69 84.29 -87.18
N ILE E 468 -2.20 83.45 -86.26
CA ILE E 468 -2.22 83.79 -84.84
C ILE E 468 -1.28 84.95 -84.55
N SER E 469 -0.07 84.94 -85.13
CA SER E 469 0.88 86.01 -84.85
C SER E 469 0.43 87.34 -85.43
N ASN E 470 -0.38 87.33 -86.49
CA ASN E 470 -0.95 88.57 -86.97
C ASN E 470 -2.25 88.95 -86.28
N ASN E 471 -2.88 88.02 -85.56
CA ASN E 471 -4.15 88.33 -84.91
C ASN E 471 -4.02 88.75 -83.45
N ILE E 472 -2.98 88.31 -82.76
CA ILE E 472 -2.83 88.60 -81.33
C ILE E 472 -2.48 90.07 -81.13
N PRO E 473 -2.89 90.67 -80.02
CA PRO E 473 -2.47 92.05 -79.73
C PRO E 473 -1.14 92.06 -78.99
N PRO E 474 -0.36 93.14 -79.12
CA PRO E 474 0.93 93.20 -78.44
C PRO E 474 0.77 93.29 -76.93
N MET E 475 1.74 92.70 -76.22
CA MET E 475 1.75 92.74 -74.76
C MET E 475 3.10 93.21 -74.25
N THR E 476 4.16 92.93 -75.00
CA THR E 476 5.51 93.37 -74.68
C THR E 476 6.13 94.01 -75.91
N ILE E 477 7.13 94.86 -75.67
CA ILE E 477 7.85 95.52 -76.76
C ILE E 477 8.76 94.49 -77.42
N PRO E 478 8.59 94.22 -78.71
CA PRO E 478 9.49 93.30 -79.39
C PRO E 478 10.85 93.94 -79.65
N GLN E 479 11.87 93.10 -79.71
CA GLN E 479 13.23 93.57 -79.95
C GLN E 479 13.53 93.49 -81.44
N MET E 480 13.86 94.63 -82.03
CA MET E 480 14.12 94.70 -83.47
C MET E 480 15.45 95.34 -83.83
N THR E 481 16.13 96.01 -82.91
CA THR E 481 17.43 96.62 -83.17
C THR E 481 18.50 95.70 -82.60
N MET E 482 19.00 94.80 -83.44
CA MET E 482 20.04 93.86 -83.08
C MET E 482 21.08 93.81 -84.19
N PRO E 483 22.33 93.49 -83.87
CA PRO E 483 23.36 93.43 -84.92
C PRO E 483 23.14 92.27 -85.86
N HIS E 484 23.90 92.29 -86.96
CA HIS E 484 23.69 91.34 -88.05
C HIS E 484 24.02 89.91 -87.64
N TYR E 485 25.06 89.72 -86.82
CA TYR E 485 25.47 88.37 -86.46
C TYR E 485 24.50 87.73 -85.48
N LEU E 486 23.76 88.53 -84.72
CA LEU E 486 22.76 87.98 -83.80
C LEU E 486 21.41 87.78 -84.46
N LYS E 487 21.13 88.46 -85.58
CA LYS E 487 19.86 88.28 -86.26
C LYS E 487 19.82 86.96 -87.02
N MET E 488 20.91 86.58 -87.67
CA MET E 488 20.97 85.38 -88.50
C MET E 488 21.52 84.18 -87.76
N THR E 489 21.51 84.21 -86.42
CA THR E 489 22.17 83.16 -85.65
C THR E 489 21.39 81.85 -85.70
N ALA E 490 20.07 81.91 -85.56
CA ALA E 490 19.26 80.70 -85.55
C ALA E 490 19.30 79.98 -86.90
N LEU E 491 19.19 80.73 -88.00
CA LEU E 491 19.24 80.13 -89.32
C LEU E 491 20.61 79.52 -89.61
N THR E 492 21.68 80.23 -89.21
CA THR E 492 23.03 79.71 -89.41
C THR E 492 23.26 78.45 -88.60
N VAL E 493 22.76 78.40 -87.36
CA VAL E 493 22.95 77.23 -86.51
C VAL E 493 22.14 76.05 -87.04
N THR E 494 20.92 76.30 -87.52
CA THR E 494 20.11 75.24 -88.13
C THR E 494 20.77 74.70 -89.39
N ILE E 495 21.32 75.58 -90.21
CA ILE E 495 22.01 75.15 -91.44
C ILE E 495 23.25 74.34 -91.11
N LEU E 496 24.03 74.78 -90.11
CA LEU E 496 25.23 74.04 -89.72
C LEU E 496 24.88 72.67 -89.15
N GLY E 497 23.81 72.59 -88.35
CA GLY E 497 23.38 71.30 -87.83
C GLY E 497 22.91 70.37 -88.92
N PHE E 498 22.16 70.90 -89.90
CA PHE E 498 21.74 70.10 -91.03
C PHE E 498 22.93 69.58 -91.83
N ILE E 499 23.94 70.43 -92.03
CA ILE E 499 25.14 70.03 -92.77
C ILE E 499 25.89 68.94 -92.02
N LEU E 500 26.06 69.11 -90.70
CA LEU E 500 26.78 68.13 -89.90
C LEU E 500 26.07 66.78 -89.86
N ALA E 501 24.75 66.80 -89.70
CA ALA E 501 24.03 65.54 -89.64
C ALA E 501 23.90 64.89 -91.01
N LEU E 502 23.89 65.69 -92.08
CA LEU E 502 23.95 65.11 -93.42
C LEU E 502 25.29 64.46 -93.68
N GLU E 503 26.38 65.06 -93.17
CA GLU E 503 27.69 64.42 -93.27
C GLU E 503 27.72 63.12 -92.48
N ILE E 504 27.08 63.10 -91.30
CA ILE E 504 27.00 61.88 -90.49
C ILE E 504 26.25 60.79 -91.24
N SER E 505 25.10 61.15 -91.82
CA SER E 505 24.29 60.18 -92.55
C SER E 505 24.99 59.69 -93.82
N ASN E 506 25.83 60.54 -94.43
CA ASN E 506 26.61 60.09 -95.57
C ASN E 506 27.72 59.14 -95.14
N THR E 507 28.34 59.40 -93.98
CA THR E 507 29.41 58.52 -93.51
C THR E 507 28.88 57.22 -92.95
N THR E 508 27.58 57.13 -92.63
CA THR E 508 27.03 55.85 -92.19
C THR E 508 26.93 54.83 -93.32
N HIS E 509 27.05 55.26 -94.58
CA HIS E 509 26.98 54.36 -95.72
C HIS E 509 28.28 53.63 -96.00
N TYR E 510 29.38 54.03 -95.37
CA TYR E 510 30.69 53.47 -95.70
C TYR E 510 30.83 52.07 -95.13
N LEU E 511 31.71 51.28 -95.76
CA LEU E 511 31.97 49.91 -95.34
C LEU E 511 33.09 49.87 -94.30
N LYS E 512 32.84 50.53 -93.17
CA LYS E 512 33.77 50.57 -92.06
C LYS E 512 33.04 50.28 -90.77
N PHE E 513 33.69 49.53 -89.87
CA PHE E 513 33.10 49.14 -88.60
C PHE E 513 33.87 49.79 -87.47
N ASN E 514 33.14 50.38 -86.52
CA ASN E 514 33.72 51.06 -85.38
C ASN E 514 33.15 50.49 -84.10
N TYR E 515 34.01 50.31 -83.10
CA TYR E 515 33.56 49.89 -81.79
C TYR E 515 32.81 51.04 -81.11
N PRO E 516 31.81 50.74 -80.29
CA PRO E 516 31.01 51.81 -79.67
C PRO E 516 31.81 52.59 -78.63
N SER E 517 31.79 53.90 -78.75
CA SER E 517 32.49 54.77 -77.83
C SER E 517 31.62 55.04 -76.60
N ASN E 518 32.20 55.76 -75.64
CA ASN E 518 31.47 56.09 -74.42
C ASN E 518 30.40 57.15 -74.67
N THR E 519 30.67 58.09 -75.58
CA THR E 519 29.69 59.15 -75.86
C THR E 519 28.44 58.59 -76.53
N PHE E 520 28.60 57.63 -77.45
CA PHE E 520 27.45 57.01 -78.09
C PHE E 520 26.61 56.23 -77.10
N LYS E 521 27.26 55.51 -76.18
CA LYS E 521 26.51 54.76 -75.17
C LYS E 521 25.84 55.70 -74.17
N PHE E 522 26.47 56.83 -73.87
CA PHE E 522 25.85 57.83 -73.00
C PHE E 522 24.62 58.45 -73.64
N SER E 523 24.70 58.74 -74.95
CA SER E 523 23.58 59.33 -75.66
C SER E 523 22.53 58.31 -76.09
N ASN E 524 22.84 57.02 -76.00
CA ASN E 524 21.89 55.97 -76.37
C ASN E 524 21.17 55.37 -75.18
N LEU E 525 21.81 55.30 -74.02
CA LEU E 525 21.21 54.75 -72.81
C LEU E 525 20.50 55.80 -71.96
N LEU E 526 20.05 56.89 -72.60
CA LEU E 526 19.28 57.96 -71.96
C LEU E 526 20.04 58.58 -70.79
N GLY E 527 21.32 58.90 -71.04
CA GLY E 527 22.17 59.53 -70.06
C GLY E 527 22.40 58.73 -68.81
N TYR E 528 22.14 57.41 -68.86
CA TYR E 528 22.12 56.51 -67.72
C TYR E 528 21.15 56.94 -66.63
N TYR E 529 20.15 57.77 -66.95
CA TYR E 529 19.26 58.24 -65.89
C TYR E 529 18.17 57.21 -65.55
N PRO E 530 17.44 56.61 -66.51
CA PRO E 530 16.49 55.56 -66.12
C PRO E 530 17.14 54.26 -65.69
N THR E 531 18.42 54.06 -66.00
CA THR E 531 19.09 52.85 -65.55
C THR E 531 19.43 52.91 -64.06
N ILE E 532 19.83 54.08 -63.58
CA ILE E 532 20.26 54.23 -62.19
C ILE E 532 19.09 54.55 -61.28
N MET E 533 18.28 55.56 -61.63
CA MET E 533 17.26 56.05 -60.71
C MET E 533 16.10 55.09 -60.58
N HIS E 534 15.81 54.29 -61.60
CA HIS E 534 14.71 53.35 -61.54
C HIS E 534 15.11 52.00 -60.97
N ARG E 535 16.41 51.78 -60.73
CA ARG E 535 16.88 50.57 -60.07
C ARG E 535 17.33 50.80 -58.63
N LEU E 536 17.85 51.98 -58.32
CA LEU E 536 18.40 52.23 -56.99
C LEU E 536 17.31 52.67 -56.01
N THR E 537 16.60 53.76 -56.34
CA THR E 537 15.60 54.30 -55.44
C THR E 537 14.43 53.36 -55.14
N PRO E 538 13.81 52.67 -56.11
CA PRO E 538 12.78 51.67 -55.71
C PRO E 538 13.33 50.56 -54.84
N TYR E 539 14.57 50.13 -55.09
CA TYR E 539 15.19 49.09 -54.26
C TYR E 539 15.37 49.57 -52.83
N MET E 540 15.89 50.78 -52.66
CA MET E 540 16.08 51.34 -51.32
C MET E 540 14.75 51.51 -50.60
N ASN E 541 13.73 52.03 -51.30
CA ASN E 541 12.44 52.27 -50.66
C ASN E 541 11.76 50.96 -50.27
N LEU E 542 11.81 49.95 -51.14
CA LEU E 542 11.15 48.69 -50.81
C LEU E 542 11.92 47.91 -49.76
N THR E 543 13.25 47.99 -49.75
CA THR E 543 14.02 47.30 -48.71
C THR E 543 13.82 47.98 -47.35
N MET E 544 13.73 49.31 -47.32
CA MET E 544 13.37 49.99 -46.09
C MET E 544 11.92 49.74 -45.69
N SER E 545 11.07 49.43 -46.66
CA SER E 545 9.68 49.08 -46.35
C SER E 545 9.59 47.70 -45.72
N GLN E 546 10.43 46.76 -46.15
CA GLN E 546 10.34 45.38 -45.68
C GLN E 546 11.32 45.07 -44.55
N LYS E 547 12.61 45.30 -44.77
CA LYS E 547 13.62 44.90 -43.79
C LYS E 547 13.62 45.80 -42.55
N SER E 548 13.04 46.99 -42.63
CA SER E 548 13.06 47.92 -41.50
C SER E 548 11.66 48.28 -41.01
N ALA E 549 10.72 48.55 -41.91
CA ALA E 549 9.40 48.99 -41.48
C ALA E 549 8.49 47.81 -41.15
N SER E 550 8.36 46.87 -42.08
CA SER E 550 7.40 45.78 -41.90
C SER E 550 7.94 44.73 -40.94
N SER E 551 9.05 44.07 -41.30
CA SER E 551 9.52 42.92 -40.55
C SER E 551 10.16 43.30 -39.22
N LEU E 552 10.89 44.41 -39.18
CA LEU E 552 11.64 44.76 -37.98
C LEU E 552 10.77 45.43 -36.94
N LEU E 553 10.17 46.56 -37.29
CA LEU E 553 9.50 47.39 -36.27
C LEU E 553 8.11 46.87 -35.96
N ASP E 554 7.22 46.87 -36.94
CA ASP E 554 5.80 46.63 -36.68
C ASP E 554 5.42 45.16 -36.64
N LEU E 555 6.35 44.25 -36.90
CA LEU E 555 6.09 42.83 -36.74
C LEU E 555 6.88 42.18 -35.61
N ILE E 556 7.95 42.82 -35.14
CA ILE E 556 8.72 42.24 -34.05
C ILE E 556 8.77 43.19 -32.86
N TRP E 557 9.38 44.36 -33.04
CA TRP E 557 9.76 45.18 -31.88
C TRP E 557 8.56 45.86 -31.24
N LEU E 558 7.67 46.43 -32.05
CA LEU E 558 6.43 46.98 -31.51
C LEU E 558 5.55 45.88 -30.94
N GLU E 559 5.63 44.68 -31.49
CA GLU E 559 4.96 43.52 -30.93
C GLU E 559 5.69 42.94 -29.73
N THR E 560 6.91 43.40 -29.45
CA THR E 560 7.70 42.89 -28.33
C THR E 560 7.61 43.78 -27.10
N ILE E 561 7.73 45.10 -27.26
CA ILE E 561 7.85 45.97 -26.10
C ILE E 561 6.53 46.05 -25.33
N LEU E 562 5.43 46.34 -26.02
CA LEU E 562 4.20 46.47 -25.25
C LEU E 562 3.57 45.12 -24.92
N PRO E 563 3.07 44.30 -25.88
CA PRO E 563 2.19 43.20 -25.46
C PRO E 563 2.91 41.97 -24.92
N LYS E 564 4.05 41.62 -25.51
CA LYS E 564 4.71 40.37 -25.17
C LYS E 564 5.42 40.44 -23.82
N THR E 565 5.91 41.62 -23.43
CA THR E 565 6.57 41.77 -22.14
C THR E 565 5.58 41.55 -21.00
N ILE E 566 4.42 42.22 -21.05
CA ILE E 566 3.43 42.02 -19.99
C ILE E 566 2.83 40.62 -20.08
N SER E 567 2.68 40.07 -21.29
CA SER E 567 2.17 38.70 -21.42
C SER E 567 3.09 37.69 -20.74
N LEU E 568 4.40 37.79 -21.00
CA LEU E 568 5.36 36.87 -20.39
C LEU E 568 5.49 37.13 -18.90
N ALA E 569 5.41 38.39 -18.46
CA ALA E 569 5.47 38.69 -17.03
C ALA E 569 4.27 38.10 -16.29
N GLN E 570 3.07 38.23 -16.87
CA GLN E 570 1.89 37.64 -16.23
C GLN E 570 1.96 36.12 -16.22
N MET E 571 2.48 35.51 -17.29
CA MET E 571 2.68 34.07 -17.30
C MET E 571 3.65 33.62 -16.20
N LYS E 572 4.76 34.34 -16.06
CA LYS E 572 5.76 33.97 -15.06
C LYS E 572 5.23 34.16 -13.64
N MET E 573 4.50 35.26 -13.40
CA MET E 573 3.93 35.47 -12.07
C MET E 573 2.85 34.46 -11.76
N SER E 574 2.05 34.07 -12.77
CA SER E 574 1.02 33.06 -12.55
C SER E 574 1.62 31.70 -12.25
N THR E 575 2.74 31.37 -12.91
CA THR E 575 3.41 30.10 -12.59
C THR E 575 4.07 30.16 -11.22
N THR E 576 4.60 31.32 -10.82
CA THR E 576 5.27 31.43 -9.52
C THR E 576 4.27 31.36 -8.37
N ILE E 577 3.12 32.03 -8.52
CA ILE E 577 2.14 32.10 -7.43
C ILE E 577 1.53 30.72 -7.15
N THR E 578 1.15 30.00 -8.20
CA THR E 578 0.37 28.78 -8.06
C THR E 578 1.22 27.52 -8.02
N SER E 579 2.51 27.63 -7.69
CA SER E 579 3.39 26.47 -7.63
C SER E 579 3.56 25.95 -6.20
N GLN E 580 2.55 26.12 -5.35
CA GLN E 580 2.62 25.63 -3.99
C GLN E 580 2.46 24.12 -3.94
N LYS E 581 3.00 23.51 -2.90
CA LYS E 581 2.98 22.06 -2.74
C LYS E 581 1.75 21.56 -2.01
N GLY E 582 0.87 22.45 -1.54
CA GLY E 582 -0.34 22.00 -0.89
C GLY E 582 -0.16 21.48 0.51
N LEU E 583 0.92 21.85 1.19
CA LEU E 583 1.20 21.38 2.54
C LEU E 583 0.69 22.39 3.57
N ILE E 584 0.03 21.88 4.62
CA ILE E 584 -0.55 22.75 5.63
C ILE E 584 0.53 23.44 6.45
N LYS E 585 1.64 22.74 6.70
CA LYS E 585 2.71 23.27 7.54
C LYS E 585 3.33 24.52 6.92
N LEU E 586 3.58 24.49 5.61
CA LEU E 586 4.15 25.65 4.93
C LEU E 586 3.18 26.83 4.94
N TYR E 587 1.88 26.55 4.78
CA TYR E 587 0.88 27.62 4.81
C TYR E 587 0.81 28.29 6.17
N PHE E 588 0.84 27.50 7.25
CA PHE E 588 0.78 28.11 8.57
C PHE E 588 2.09 28.77 8.95
N LEU E 589 3.23 28.29 8.42
CA LEU E 589 4.48 29.00 8.58
C LEU E 589 4.44 30.36 7.88
N SER E 590 3.83 30.41 6.69
CA SER E 590 3.65 31.69 6.01
C SER E 590 2.72 32.61 6.80
N PHE E 591 1.71 32.03 7.46
CA PHE E 591 0.84 32.83 8.33
C PHE E 591 1.64 33.44 9.48
N LEU E 592 2.50 32.64 10.11
CA LEU E 592 3.33 33.14 11.20
C LEU E 592 4.28 34.22 10.73
N ILE E 593 4.87 34.05 9.55
CA ILE E 593 5.78 35.05 9.01
C ILE E 593 5.03 36.34 8.67
N THR E 594 3.79 36.22 8.18
CA THR E 594 2.97 37.41 7.93
C THR E 594 2.68 38.15 9.23
N ILE E 595 2.35 37.43 10.30
CA ILE E 595 2.09 38.07 11.58
C ILE E 595 3.35 38.74 12.13
N LEU E 596 4.51 38.07 11.96
CA LEU E 596 5.77 38.65 12.40
C LEU E 596 6.12 39.92 11.63
N ILE E 597 5.85 39.94 10.33
CA ILE E 597 6.12 41.13 9.52
C ILE E 597 5.18 42.26 9.90
N SER E 598 3.90 41.94 10.12
CA SER E 598 2.93 42.98 10.45
C SER E 598 3.18 43.56 11.84
N THR E 599 3.65 42.75 12.77
CA THR E 599 3.82 43.23 14.15
C THR E 599 5.01 44.18 14.26
N THR E 600 6.15 43.82 13.67
CA THR E 600 7.38 44.57 13.86
C THR E 600 7.72 45.49 12.70
N LEU E 601 7.79 44.94 11.48
CA LEU E 601 8.35 45.69 10.36
C LEU E 601 7.37 46.74 9.82
N LEU E 602 6.08 46.46 9.80
CA LEU E 602 5.12 47.38 9.20
C LEU E 602 4.37 48.22 10.23
N ASN E 603 4.46 47.87 11.51
CA ASN E 603 3.82 48.60 12.61
C ASN E 603 2.31 48.74 12.41
N PHE E 604 1.65 47.63 12.11
CA PHE E 604 0.21 47.63 11.93
C PHE E 604 -0.54 47.56 13.25
N HIS E 605 0.16 47.41 14.37
CA HIS E 605 -0.46 47.39 15.69
C HIS E 605 -0.47 48.76 16.35
N GLU E 606 -0.11 49.81 15.62
CA GLU E 606 -0.09 51.15 16.16
C GLU E 606 -1.38 51.89 15.82
N LEU F 2 -35.29 59.84 -29.05
CA LEU F 2 -36.13 58.70 -28.72
C LEU F 2 -36.88 58.21 -29.96
N LYS F 3 -36.92 59.05 -31.00
CA LYS F 3 -37.57 58.66 -32.25
C LYS F 3 -36.67 57.81 -33.13
N TYR F 4 -35.40 57.63 -32.76
CA TYR F 4 -34.49 56.74 -33.47
C TYR F 4 -34.10 55.52 -32.66
N ILE F 5 -34.08 55.62 -31.34
CA ILE F 5 -33.75 54.47 -30.49
C ILE F 5 -34.87 53.44 -30.53
N ILE F 6 -36.12 53.90 -30.48
CA ILE F 6 -37.26 52.97 -30.42
C ILE F 6 -37.42 52.11 -31.66
N PRO F 7 -37.35 52.65 -32.90
CA PRO F 7 -37.37 51.72 -34.05
C PRO F 7 -36.19 50.77 -34.11
N THR F 8 -35.00 51.22 -33.68
CA THR F 8 -33.84 50.34 -33.65
C THR F 8 -34.03 49.20 -32.67
N MET F 9 -34.62 49.48 -31.51
CA MET F 9 -34.92 48.41 -30.56
C MET F 9 -36.05 47.53 -31.05
N MET F 10 -37.01 48.10 -31.79
CA MET F 10 -38.10 47.32 -32.36
C MET F 10 -37.66 46.47 -33.54
N LEU F 11 -36.46 46.71 -34.07
CA LEU F 11 -35.92 45.84 -35.11
C LEU F 11 -35.70 44.40 -34.61
N MET F 12 -35.51 44.21 -33.31
CA MET F 12 -35.29 42.86 -32.79
C MET F 12 -36.57 42.03 -32.74
N PRO F 13 -37.74 42.55 -32.31
CA PRO F 13 -38.98 41.79 -32.55
C PRO F 13 -39.29 41.60 -34.03
N LEU F 14 -38.79 42.46 -34.91
CA LEU F 14 -38.96 42.23 -36.33
C LEU F 14 -38.13 41.03 -36.79
N THR F 15 -36.89 40.92 -36.34
CA THR F 15 -36.02 39.84 -36.78
C THR F 15 -36.23 38.54 -36.03
N TRP F 16 -36.95 38.56 -34.90
CA TRP F 16 -37.20 37.33 -34.17
C TRP F 16 -38.59 36.75 -34.42
N LEU F 17 -39.55 37.57 -34.83
CA LEU F 17 -40.89 37.10 -35.16
C LEU F 17 -41.11 36.97 -36.66
N SER F 18 -40.06 37.05 -37.46
CA SER F 18 -40.20 36.97 -38.91
C SER F 18 -40.35 35.51 -39.34
N LYS F 19 -40.39 35.30 -40.65
CA LYS F 19 -40.65 33.98 -41.21
C LYS F 19 -39.36 33.16 -41.23
N ASN F 20 -39.40 32.01 -41.92
CA ASN F 20 -38.24 31.13 -41.96
C ASN F 20 -37.11 31.71 -42.79
N SER F 21 -37.44 32.42 -43.88
CA SER F 21 -36.40 32.98 -44.75
C SER F 21 -36.68 34.42 -45.13
N MET F 22 -37.50 35.13 -44.37
CA MET F 22 -37.83 36.52 -44.64
C MET F 22 -37.17 37.49 -43.67
N ILE F 23 -36.15 37.03 -42.93
CA ILE F 23 -35.50 37.90 -41.96
C ILE F 23 -34.67 38.98 -42.67
N TRP F 24 -33.95 38.60 -43.72
CA TRP F 24 -33.09 39.54 -44.42
C TRP F 24 -33.89 40.63 -45.10
N ILE F 25 -35.00 40.26 -45.75
CA ILE F 25 -35.82 41.23 -46.47
C ILE F 25 -36.43 42.24 -45.52
N ASN F 26 -37.04 41.75 -44.43
CA ASN F 26 -37.69 42.65 -43.47
C ASN F 26 -36.67 43.55 -42.78
N THR F 27 -35.53 42.98 -42.36
CA THR F 27 -34.52 43.80 -41.68
C THR F 27 -33.92 44.85 -42.60
N THR F 28 -33.64 44.48 -43.87
CA THR F 28 -33.11 45.45 -44.82
C THR F 28 -34.12 46.56 -45.11
N LEU F 29 -35.39 46.20 -45.28
CA LEU F 29 -36.43 47.19 -45.57
C LEU F 29 -36.60 48.17 -44.42
N HIS F 30 -36.72 47.66 -43.21
CA HIS F 30 -37.00 48.55 -42.09
C HIS F 30 -35.76 49.34 -41.67
N SER F 31 -34.56 48.78 -41.83
CA SER F 31 -33.37 49.56 -41.57
C SER F 31 -33.16 50.64 -42.62
N LEU F 32 -33.55 50.38 -43.88
CA LEU F 32 -33.51 51.44 -44.89
C LEU F 32 -34.53 52.54 -44.58
N LEU F 33 -35.69 52.16 -44.05
CA LEU F 33 -36.66 53.17 -43.63
C LEU F 33 -36.13 54.01 -42.47
N ILE F 34 -35.42 53.38 -41.53
CA ILE F 34 -34.79 54.12 -40.44
C ILE F 34 -33.72 55.07 -40.99
N SER F 35 -32.94 54.61 -41.96
CA SER F 35 -31.95 55.46 -42.60
C SER F 35 -32.59 56.64 -43.32
N LEU F 36 -33.76 56.42 -43.93
CA LEU F 36 -34.50 57.53 -44.55
C LEU F 36 -34.95 58.54 -43.52
N THR F 37 -35.49 58.06 -42.39
CA THR F 37 -35.94 58.98 -41.35
C THR F 37 -34.79 59.63 -40.60
N SER F 38 -33.57 59.13 -40.76
CA SER F 38 -32.40 59.71 -40.10
C SER F 38 -32.04 61.11 -40.58
N LEU F 39 -32.58 61.55 -41.72
CA LEU F 39 -32.23 62.84 -42.28
C LEU F 39 -32.85 64.02 -41.54
N LEU F 40 -33.74 63.77 -40.58
CA LEU F 40 -34.34 64.85 -39.80
C LEU F 40 -33.38 65.48 -38.82
N LEU F 41 -32.19 64.91 -38.62
CA LEU F 41 -31.18 65.46 -37.74
C LEU F 41 -30.40 66.61 -38.36
N LEU F 42 -30.75 67.04 -39.57
CA LEU F 42 -30.08 68.13 -40.24
C LEU F 42 -30.65 69.50 -39.88
N ASN F 43 -31.41 69.59 -38.80
CA ASN F 43 -31.93 70.87 -38.31
C ASN F 43 -30.87 71.52 -37.42
N GLN F 44 -29.85 72.06 -38.10
CA GLN F 44 -28.71 72.66 -37.42
C GLN F 44 -28.75 74.18 -37.60
N PHE F 45 -28.35 74.89 -36.56
CA PHE F 45 -28.31 76.34 -36.55
C PHE F 45 -26.86 76.81 -36.49
N GLY F 46 -26.64 78.03 -36.97
CA GLY F 46 -25.30 78.57 -37.06
C GLY F 46 -24.65 78.84 -35.73
N ASP F 47 -25.44 79.03 -34.68
CA ASP F 47 -24.93 79.27 -33.33
C ASP F 47 -25.30 78.15 -32.38
N ASN F 48 -26.54 77.69 -32.40
CA ASN F 48 -27.04 76.72 -31.43
C ASN F 48 -27.03 75.31 -31.99
N SER F 49 -26.66 74.35 -31.14
CA SER F 49 -26.79 72.95 -31.48
C SER F 49 -28.20 72.48 -31.16
N LEU F 50 -28.57 71.35 -31.75
CA LEU F 50 -29.90 70.78 -31.54
C LEU F 50 -29.91 69.99 -30.25
N ASN F 51 -30.63 70.48 -29.25
CA ASN F 51 -30.74 69.85 -27.95
C ASN F 51 -32.13 69.25 -27.80
N PHE F 52 -32.20 67.94 -27.57
CA PHE F 52 -33.46 67.24 -27.50
C PHE F 52 -34.01 67.16 -26.08
N SER F 53 -33.19 66.72 -25.13
CA SER F 53 -33.60 66.60 -23.75
C SER F 53 -32.37 66.69 -22.86
N LEU F 54 -32.53 66.35 -21.59
CA LEU F 54 -31.44 66.42 -20.63
C LEU F 54 -30.38 65.34 -20.85
N THR F 55 -30.63 64.36 -21.71
CA THR F 55 -29.70 63.26 -21.94
C THR F 55 -29.14 63.23 -23.35
N PHE F 56 -29.94 63.61 -24.36
CA PHE F 56 -29.55 63.48 -25.75
C PHE F 56 -29.51 64.84 -26.43
N PHE F 57 -28.42 65.10 -27.15
CA PHE F 57 -28.31 66.30 -27.96
C PHE F 57 -27.46 65.98 -29.18
N SER F 58 -27.68 66.72 -30.26
CA SER F 58 -27.00 66.45 -31.53
C SER F 58 -26.45 67.76 -32.08
N ASP F 59 -25.12 67.83 -32.18
CA ASP F 59 -24.45 68.97 -32.80
C ASP F 59 -24.31 68.69 -34.29
N SER F 60 -23.53 69.50 -34.99
CA SER F 60 -23.25 69.26 -36.39
C SER F 60 -22.09 68.29 -36.59
N LEU F 61 -21.48 67.81 -35.50
CA LEU F 61 -20.41 66.82 -35.59
C LEU F 61 -20.95 65.40 -35.47
N SER F 62 -21.86 65.17 -34.53
CA SER F 62 -22.41 63.83 -34.34
C SER F 62 -23.39 63.44 -35.43
N THR F 63 -24.02 64.43 -36.07
CA THR F 63 -25.04 64.15 -37.08
C THR F 63 -24.52 63.37 -38.30
N PRO F 64 -23.39 63.72 -38.94
CA PRO F 64 -22.92 62.88 -40.05
C PRO F 64 -22.56 61.47 -39.62
N LEU F 65 -22.03 61.29 -38.42
CA LEU F 65 -21.70 59.94 -37.94
C LEU F 65 -22.96 59.12 -37.69
N LEU F 66 -24.01 59.76 -37.15
CA LEU F 66 -25.28 59.07 -36.96
C LEU F 66 -25.89 58.65 -38.29
N ILE F 67 -25.87 59.56 -39.27
CA ILE F 67 -26.44 59.24 -40.58
C ILE F 67 -25.63 58.14 -41.25
N LEU F 68 -24.30 58.17 -41.10
CA LEU F 68 -23.45 57.12 -41.67
C LEU F 68 -23.71 55.77 -41.02
N THR F 69 -23.92 55.73 -39.70
CA THR F 69 -24.19 54.47 -39.03
C THR F 69 -25.53 53.87 -39.46
N MET F 70 -26.59 54.69 -39.44
CA MET F 70 -27.90 54.20 -39.82
C MET F 70 -28.00 53.92 -41.32
N TRP F 71 -27.12 54.50 -42.13
CA TRP F 71 -27.00 54.11 -43.52
C TRP F 71 -26.21 52.81 -43.68
N LEU F 72 -25.25 52.57 -42.79
CA LEU F 72 -24.36 51.44 -42.93
C LEU F 72 -25.03 50.13 -42.52
N LEU F 73 -26.00 50.19 -41.62
CA LEU F 73 -26.66 48.95 -41.18
C LEU F 73 -27.33 48.15 -42.30
N PRO F 74 -28.17 48.73 -43.20
CA PRO F 74 -28.70 47.90 -44.30
C PRO F 74 -27.63 47.37 -45.24
N LEU F 75 -26.58 48.15 -45.49
CA LEU F 75 -25.47 47.69 -46.31
C LEU F 75 -24.78 46.51 -45.64
N MET F 76 -24.70 46.54 -44.32
CA MET F 76 -24.09 45.46 -43.55
C MET F 76 -24.91 44.19 -43.66
N LEU F 77 -26.24 44.32 -43.56
CA LEU F 77 -27.12 43.16 -43.71
C LEU F 77 -27.05 42.60 -45.12
N MET F 78 -26.92 43.46 -46.13
CA MET F 78 -26.77 43.00 -47.50
C MET F 78 -25.44 42.29 -47.70
N ALA F 79 -24.38 42.77 -47.06
CA ALA F 79 -23.06 42.19 -47.24
C ALA F 79 -22.94 40.83 -46.55
N SER F 80 -23.55 40.68 -45.37
CA SER F 80 -23.36 39.49 -44.55
C SER F 80 -24.49 38.49 -44.70
N GLN F 81 -25.08 38.35 -45.91
CA GLN F 81 -26.10 37.34 -46.13
C GLN F 81 -25.71 36.37 -47.24
N HIS F 82 -24.42 36.23 -47.53
CA HIS F 82 -23.94 35.23 -48.47
C HIS F 82 -23.10 34.14 -47.83
N HIS F 83 -22.24 34.50 -46.87
CA HIS F 83 -21.46 33.49 -46.16
C HIS F 83 -22.22 32.92 -44.97
N LEU F 84 -23.44 33.39 -44.71
CA LEU F 84 -24.29 32.85 -43.66
C LEU F 84 -25.50 32.10 -44.22
N SER F 85 -25.47 31.77 -45.51
CA SER F 85 -26.58 31.04 -46.10
C SER F 85 -26.62 29.59 -45.61
N LYS F 86 -25.48 29.04 -45.21
CA LYS F 86 -25.42 27.71 -44.64
C LYS F 86 -25.59 27.68 -43.13
N GLU F 87 -25.80 28.84 -42.51
CA GLU F 87 -25.86 28.93 -41.07
C GLU F 87 -27.23 28.47 -40.55
N ASN F 88 -27.26 28.15 -39.26
CA ASN F 88 -28.53 27.85 -38.59
C ASN F 88 -29.41 29.09 -38.52
N LEU F 89 -30.72 28.86 -38.48
CA LEU F 89 -31.66 29.98 -38.42
C LEU F 89 -31.54 30.75 -37.11
N ALA F 90 -31.36 30.03 -35.99
CA ALA F 90 -31.17 30.69 -34.71
C ALA F 90 -29.86 31.48 -34.68
N ARG F 91 -28.80 30.92 -35.25
CA ARG F 91 -27.53 31.63 -35.32
C ARG F 91 -27.61 32.84 -36.26
N LYS F 92 -28.39 32.73 -37.34
CA LYS F 92 -28.60 33.86 -38.22
C LYS F 92 -29.35 34.99 -37.52
N LYS F 93 -30.39 34.63 -36.76
CA LYS F 93 -31.12 35.64 -35.98
C LYS F 93 -30.23 36.25 -34.91
N LEU F 94 -29.35 35.45 -34.31
CA LEU F 94 -28.41 35.98 -33.32
C LEU F 94 -27.43 36.97 -33.95
N PHE F 95 -26.95 36.66 -35.16
CA PHE F 95 -26.05 37.58 -35.85
C PHE F 95 -26.76 38.90 -36.19
N ILE F 96 -28.00 38.82 -36.67
CA ILE F 96 -28.74 40.04 -36.99
C ILE F 96 -29.02 40.84 -35.73
N SER F 97 -29.34 40.17 -34.62
CA SER F 97 -29.55 40.85 -33.35
C SER F 97 -28.27 41.50 -32.85
N MET F 98 -27.12 40.86 -33.09
CA MET F 98 -25.84 41.46 -32.71
C MET F 98 -25.58 42.74 -33.50
N LEU F 99 -25.86 42.72 -34.81
CA LEU F 99 -25.68 43.91 -35.62
C LEU F 99 -26.62 45.03 -35.19
N ILE F 100 -27.88 44.68 -34.87
CA ILE F 100 -28.85 45.67 -34.43
C ILE F 100 -28.44 46.29 -33.11
N LEU F 101 -27.97 45.46 -32.17
CA LEU F 101 -27.53 45.93 -30.86
C LEU F 101 -26.31 46.85 -30.99
N LEU F 102 -25.37 46.47 -31.86
CA LEU F 102 -24.19 47.30 -32.08
C LEU F 102 -24.56 48.65 -32.67
N GLN F 103 -25.50 48.66 -33.64
CA GLN F 103 -25.95 49.92 -34.22
C GLN F 103 -26.68 50.77 -33.18
N LEU F 104 -27.46 50.13 -32.30
CA LEU F 104 -28.15 50.86 -31.24
C LEU F 104 -27.18 51.53 -30.29
N PHE F 105 -26.14 50.81 -29.88
CA PHE F 105 -25.12 51.40 -29.02
C PHE F 105 -24.37 52.51 -29.73
N LEU F 106 -24.14 52.37 -31.04
CA LEU F 106 -23.43 53.40 -31.78
C LEU F 106 -24.26 54.69 -31.89
N ILE F 107 -25.54 54.58 -32.22
CA ILE F 107 -26.35 55.79 -32.29
C ILE F 107 -26.72 56.34 -30.93
N MET F 108 -26.56 55.57 -29.85
CA MET F 108 -26.69 56.16 -28.53
C MET F 108 -25.38 56.74 -28.01
N THR F 109 -24.25 56.39 -28.62
CA THR F 109 -22.97 56.93 -28.20
C THR F 109 -22.81 58.38 -28.62
N PHE F 110 -23.16 58.70 -29.88
CA PHE F 110 -22.85 60.00 -30.45
C PHE F 110 -23.71 61.13 -29.90
N THR F 111 -24.91 60.82 -29.41
CA THR F 111 -25.83 61.85 -28.95
C THR F 111 -25.77 62.09 -27.45
N ALA F 112 -24.87 61.42 -26.74
CA ALA F 112 -24.83 61.52 -25.28
C ALA F 112 -24.28 62.89 -24.86
N THR F 113 -25.09 63.64 -24.12
CA THR F 113 -24.65 64.93 -23.59
C THR F 113 -23.83 64.79 -22.32
N GLU F 114 -23.79 63.61 -21.71
CA GLU F 114 -23.00 63.34 -20.53
C GLU F 114 -21.81 62.48 -20.91
N LEU F 115 -20.62 62.85 -20.41
CA LEU F 115 -19.42 62.11 -20.79
C LEU F 115 -19.39 60.72 -20.18
N ILE F 116 -20.05 60.52 -19.03
CA ILE F 116 -20.12 59.19 -18.45
C ILE F 116 -21.01 58.28 -19.28
N PHE F 117 -22.15 58.79 -19.75
CA PHE F 117 -23.03 58.01 -20.63
C PHE F 117 -22.34 57.71 -21.95
N PHE F 118 -21.62 58.70 -22.50
CA PHE F 118 -20.86 58.50 -23.72
C PHE F 118 -19.80 57.42 -23.53
N TYR F 119 -19.09 57.44 -22.39
CA TYR F 119 -18.08 56.44 -22.11
C TYR F 119 -18.69 55.06 -21.93
N ILE F 120 -19.87 54.99 -21.30
CA ILE F 120 -20.53 53.70 -21.07
C ILE F 120 -20.93 53.06 -22.39
N MET F 121 -21.52 53.84 -23.30
CA MET F 121 -21.84 53.29 -24.62
C MET F 121 -20.57 53.02 -25.44
N PHE F 122 -19.53 53.83 -25.24
CA PHE F 122 -18.27 53.68 -25.94
C PHE F 122 -17.57 52.38 -25.58
N GLU F 123 -17.73 51.91 -24.34
CA GLU F 123 -17.27 50.56 -24.01
C GLU F 123 -18.32 49.48 -24.28
N ALA F 124 -19.60 49.84 -24.33
CA ALA F 124 -20.63 48.86 -24.63
C ALA F 124 -20.59 48.42 -26.09
N THR F 125 -19.97 49.22 -26.95
CA THR F 125 -19.74 48.78 -28.32
C THR F 125 -18.70 47.67 -28.43
N LEU F 126 -17.98 47.36 -27.35
CA LEU F 126 -16.92 46.34 -27.43
C LEU F 126 -17.50 44.94 -27.49
N VAL F 127 -18.54 44.66 -26.70
CA VAL F 127 -19.02 43.27 -26.54
C VAL F 127 -19.60 42.68 -27.82
N PRO F 128 -20.53 43.35 -28.55
CA PRO F 128 -21.01 42.74 -29.80
C PRO F 128 -19.92 42.61 -30.86
N THR F 129 -18.99 43.56 -30.92
CA THR F 129 -17.90 43.49 -31.89
C THR F 129 -16.99 42.30 -31.59
N LEU F 130 -16.62 42.13 -30.32
CA LEU F 130 -15.77 41.00 -29.93
C LEU F 130 -16.48 39.68 -30.16
N ILE F 131 -17.79 39.61 -29.86
CA ILE F 131 -18.55 38.38 -30.07
C ILE F 131 -18.61 38.04 -31.56
N ILE F 132 -18.84 39.04 -32.41
CA ILE F 132 -18.91 38.81 -33.86
C ILE F 132 -17.57 38.32 -34.39
N ILE F 133 -16.47 38.97 -33.97
CA ILE F 133 -15.15 38.60 -34.45
C ILE F 133 -14.77 37.20 -34.00
N THR F 134 -15.02 36.88 -32.73
CA THR F 134 -14.60 35.59 -32.20
C THR F 134 -15.54 34.45 -32.56
N ARG F 135 -16.75 34.73 -33.00
CA ARG F 135 -17.70 33.66 -33.32
C ARG F 135 -17.86 33.43 -34.81
N TRP F 136 -18.07 34.49 -35.60
CA TRP F 136 -18.41 34.33 -37.01
C TRP F 136 -17.22 34.64 -37.92
N GLY F 137 -16.00 34.53 -37.43
CA GLY F 137 -14.84 34.64 -38.27
C GLY F 137 -14.55 33.35 -39.01
N ASN F 138 -13.45 33.35 -39.75
CA ASN F 138 -13.11 32.21 -40.59
C ASN F 138 -11.83 31.50 -40.21
N GLN F 139 -10.81 32.22 -39.76
CA GLN F 139 -9.51 31.64 -39.48
C GLN F 139 -9.41 31.26 -38.00
N THR F 140 -8.27 30.70 -37.62
CA THR F 140 -7.98 30.41 -36.22
C THR F 140 -7.61 31.67 -35.46
N GLU F 141 -6.81 32.55 -36.08
CA GLU F 141 -6.21 33.69 -35.42
C GLU F 141 -7.21 34.69 -34.90
N ARG F 142 -8.49 34.58 -35.32
CA ARG F 142 -9.56 35.39 -34.76
C ARG F 142 -9.61 35.28 -33.25
N LEU F 143 -9.30 34.10 -32.69
CA LEU F 143 -9.26 33.97 -31.24
C LEU F 143 -8.19 34.88 -30.64
N ASN F 144 -6.99 34.87 -31.25
CA ASN F 144 -5.97 35.84 -30.86
C ASN F 144 -6.44 37.26 -31.15
N ALA F 145 -7.15 37.45 -32.27
CA ALA F 145 -7.70 38.75 -32.58
C ALA F 145 -8.79 39.16 -31.61
N GLY F 146 -9.36 38.21 -30.88
CA GLY F 146 -10.30 38.60 -29.84
C GLY F 146 -9.65 39.13 -28.58
N LEU F 147 -8.34 38.95 -28.42
CA LEU F 147 -7.66 39.42 -27.24
C LEU F 147 -7.00 40.78 -27.45
N TYR F 148 -6.21 40.91 -28.53
CA TYR F 148 -5.53 42.17 -28.81
C TYR F 148 -6.51 43.30 -29.06
N PHE F 149 -7.67 43.00 -29.65
CA PHE F 149 -8.71 44.01 -29.81
C PHE F 149 -9.28 44.44 -28.47
N LEU F 150 -9.40 43.52 -27.52
CA LEU F 150 -10.09 43.82 -26.27
C LEU F 150 -9.16 44.51 -25.28
N PHE F 151 -8.09 43.82 -24.86
CA PHE F 151 -7.26 44.27 -23.75
C PHE F 151 -6.38 45.45 -24.11
N TYR F 152 -6.29 45.83 -25.39
CA TYR F 152 -5.75 47.14 -25.71
C TYR F 152 -6.70 48.23 -25.25
N THR F 153 -7.96 48.17 -25.72
CA THR F 153 -8.90 49.27 -25.58
C THR F 153 -9.19 49.56 -24.11
N LEU F 154 -9.48 48.52 -23.33
CA LEU F 154 -9.73 48.68 -21.91
C LEU F 154 -8.51 49.25 -21.19
N ALA F 155 -7.31 48.86 -21.63
CA ALA F 155 -6.09 49.40 -21.02
C ALA F 155 -5.95 50.89 -21.25
N GLY F 156 -6.58 51.42 -22.29
CA GLY F 156 -6.64 52.86 -22.44
C GLY F 156 -7.84 53.48 -21.75
N SER F 157 -8.92 52.72 -21.59
CA SER F 157 -10.19 53.30 -21.18
C SER F 157 -10.47 53.18 -19.70
N LEU F 158 -9.79 52.28 -19.00
CA LEU F 158 -10.00 52.14 -17.56
C LEU F 158 -9.34 53.26 -16.74
N PRO F 159 -8.14 53.77 -17.08
CA PRO F 159 -7.70 55.01 -16.43
C PRO F 159 -8.57 56.21 -16.74
N LEU F 160 -9.05 56.32 -18.00
CA LEU F 160 -9.76 57.53 -18.44
C LEU F 160 -11.03 57.75 -17.64
N LEU F 161 -11.77 56.67 -17.35
CA LEU F 161 -12.97 56.74 -16.53
C LEU F 161 -12.67 57.39 -15.20
N VAL F 162 -11.53 57.02 -14.58
CA VAL F 162 -11.14 57.62 -13.31
C VAL F 162 -10.98 59.12 -13.46
N ALA F 163 -10.31 59.54 -14.53
CA ALA F 163 -10.15 60.96 -14.82
C ALA F 163 -11.51 61.63 -14.99
N LEU F 164 -12.43 60.96 -15.70
CA LEU F 164 -13.77 61.50 -15.87
C LEU F 164 -14.47 61.64 -14.53
N ILE F 165 -14.30 60.64 -13.65
CA ILE F 165 -14.92 60.72 -12.34
C ILE F 165 -14.30 61.85 -11.54
N TYR F 166 -13.00 62.12 -11.77
CA TYR F 166 -12.36 63.24 -11.11
C TYR F 166 -13.01 64.56 -11.51
N ILE F 167 -13.41 64.68 -12.78
CA ILE F 167 -14.10 65.89 -13.22
C ILE F 167 -15.44 66.01 -12.50
N GLN F 168 -16.11 64.88 -12.27
CA GLN F 168 -17.35 64.89 -11.51
C GLN F 168 -17.14 65.36 -10.08
N ASN F 169 -15.93 65.20 -9.54
CA ASN F 169 -15.63 65.70 -8.21
C ASN F 169 -14.97 67.07 -8.24
N THR F 170 -14.73 67.64 -9.42
CA THR F 170 -14.03 68.91 -9.51
C THR F 170 -14.92 70.01 -10.07
N MET F 171 -15.49 69.82 -11.26
CA MET F 171 -16.33 70.82 -11.88
C MET F 171 -17.78 70.74 -11.44
N GLY F 172 -18.17 69.66 -10.78
CA GLY F 172 -19.52 69.49 -10.30
C GLY F 172 -20.46 68.80 -11.28
N SER F 173 -20.09 68.74 -12.56
CA SER F 173 -20.93 68.13 -13.57
C SER F 173 -20.07 67.69 -14.74
N LEU F 174 -20.59 66.73 -15.51
CA LEU F 174 -19.93 66.27 -16.72
C LEU F 174 -20.77 66.51 -17.96
N ASN F 175 -21.84 67.30 -17.84
CA ASN F 175 -22.65 67.64 -19.00
C ASN F 175 -21.87 68.54 -19.95
N PHE F 176 -21.92 68.23 -21.24
CA PHE F 176 -21.09 68.95 -22.20
C PHE F 176 -21.59 70.36 -22.43
N LEU F 177 -22.90 70.60 -22.29
CA LEU F 177 -23.43 71.96 -22.42
C LEU F 177 -22.98 72.83 -21.25
N ILE F 178 -22.92 72.26 -20.05
CA ILE F 178 -22.45 73.02 -18.89
C ILE F 178 -20.96 73.28 -19.00
N LEU F 179 -20.17 72.27 -19.40
CA LEU F 179 -18.73 72.37 -19.42
C LEU F 179 -18.21 73.35 -20.48
N GLN F 180 -19.04 73.72 -21.44
CA GLN F 180 -18.63 74.73 -22.42
C GLN F 180 -18.58 76.12 -21.81
N TYR F 181 -19.25 76.35 -20.67
CA TYR F 181 -19.27 77.64 -20.02
C TYR F 181 -18.53 77.66 -18.69
N TRP F 182 -18.31 76.49 -18.07
CA TRP F 182 -17.63 76.39 -16.79
C TRP F 182 -16.21 75.88 -16.91
N VAL F 183 -15.63 75.93 -18.12
CA VAL F 183 -14.31 75.37 -18.33
C VAL F 183 -13.26 76.29 -17.68
N GLN F 184 -12.14 75.69 -17.29
CA GLN F 184 -11.05 76.38 -16.63
C GLN F 184 -9.74 76.06 -17.34
N PRO F 185 -8.79 77.00 -17.35
CA PRO F 185 -7.48 76.70 -17.91
C PRO F 185 -6.74 75.66 -17.07
N MET F 186 -5.94 74.85 -17.75
CA MET F 186 -5.20 73.78 -17.11
C MET F 186 -3.75 74.21 -16.91
N PRO F 187 -3.30 74.43 -15.68
CA PRO F 187 -1.91 74.84 -15.47
C PRO F 187 -0.95 73.68 -15.73
N ASN F 188 0.32 74.05 -15.94
CA ASN F 188 1.36 73.06 -16.21
C ASN F 188 1.80 72.42 -14.91
N SER F 189 1.52 71.14 -14.75
CA SER F 189 1.93 70.38 -13.58
C SER F 189 1.94 68.90 -13.96
N TRP F 190 2.56 68.09 -13.09
CA TRP F 190 2.61 66.66 -13.35
C TRP F 190 1.24 66.01 -13.20
N SER F 191 0.42 66.52 -12.29
CA SER F 191 -0.93 66.00 -12.13
C SER F 191 -1.76 66.23 -13.39
N ASN F 192 -1.69 67.44 -13.95
CA ASN F 192 -2.41 67.72 -15.19
C ASN F 192 -1.79 66.99 -16.37
N THR F 193 -0.48 66.74 -16.31
CA THR F 193 0.19 65.91 -17.31
C THR F 193 -0.42 64.51 -17.35
N PHE F 194 -0.52 63.86 -16.19
CA PHE F 194 -1.06 62.51 -16.19
C PHE F 194 -2.57 62.48 -16.39
N MET F 195 -3.26 63.56 -16.05
CA MET F 195 -4.69 63.62 -16.37
C MET F 195 -4.91 63.77 -17.87
N TRP F 196 -4.05 64.55 -18.54
CA TRP F 196 -4.09 64.62 -20.00
C TRP F 196 -3.81 63.26 -20.63
N LEU F 197 -2.82 62.54 -20.11
CA LEU F 197 -2.53 61.20 -20.62
C LEU F 197 -3.72 60.26 -20.42
N ALA F 198 -4.34 60.30 -19.23
CA ALA F 198 -5.49 59.45 -18.97
C ALA F 198 -6.64 59.78 -19.90
N CYS F 199 -6.90 61.07 -20.13
CA CYS F 199 -8.02 61.46 -20.97
C CYS F 199 -7.76 61.25 -22.45
N MET F 200 -6.50 61.11 -22.87
CA MET F 200 -6.22 60.98 -24.29
C MET F 200 -5.87 59.57 -24.76
N MET F 201 -5.19 58.76 -23.94
CA MET F 201 -4.63 57.50 -24.45
C MET F 201 -5.70 56.50 -24.89
N ALA F 202 -6.91 56.58 -24.32
CA ALA F 202 -8.00 55.74 -24.81
C ALA F 202 -8.35 56.07 -26.26
N PHE F 203 -8.42 57.35 -26.59
CA PHE F 203 -8.73 57.76 -27.95
C PHE F 203 -7.55 57.57 -28.89
N MET F 204 -6.31 57.62 -28.38
CA MET F 204 -5.20 57.23 -29.24
C MET F 204 -5.21 55.72 -29.52
N VAL F 205 -5.65 54.92 -28.55
CA VAL F 205 -5.70 53.48 -28.76
C VAL F 205 -6.79 53.12 -29.74
N LYS F 206 -7.98 53.71 -29.60
CA LYS F 206 -9.12 53.33 -30.42
C LYS F 206 -9.15 54.00 -31.78
N MET F 207 -8.19 54.87 -32.09
CA MET F 207 -8.22 55.54 -33.39
C MET F 207 -7.72 54.67 -34.54
N PRO F 208 -6.52 54.04 -34.48
CA PRO F 208 -5.43 53.90 -33.51
C PRO F 208 -4.26 54.84 -33.75
N LEU F 209 -3.31 54.82 -32.83
CA LEU F 209 -2.05 55.55 -32.93
C LEU F 209 -0.95 54.60 -33.37
N TYR F 210 0.03 55.12 -34.11
CA TYR F 210 1.17 54.31 -34.52
C TYR F 210 1.97 53.88 -33.30
N GLY F 211 2.23 52.57 -33.21
CA GLY F 211 2.82 52.00 -32.02
C GLY F 211 1.78 51.26 -31.21
N LEU F 212 0.58 51.84 -31.11
CA LEU F 212 -0.56 51.20 -30.46
C LEU F 212 -1.54 50.63 -31.47
N HIS F 213 -1.15 50.56 -32.73
CA HIS F 213 -2.04 50.13 -33.81
C HIS F 213 -2.03 48.62 -34.01
N LEU F 214 -1.28 47.88 -33.20
CA LEU F 214 -1.00 46.46 -33.46
C LEU F 214 -2.26 45.60 -33.48
N TRP F 215 -3.33 46.03 -32.83
CA TRP F 215 -4.57 45.27 -32.83
C TRP F 215 -5.34 45.40 -34.15
N LEU F 216 -5.09 46.44 -34.93
CA LEU F 216 -5.94 46.68 -36.10
C LEU F 216 -5.64 45.77 -37.29
N PRO F 217 -4.38 45.49 -37.68
CA PRO F 217 -4.18 44.47 -38.71
C PRO F 217 -4.61 43.07 -38.30
N LYS F 218 -4.72 42.80 -36.99
CA LYS F 218 -5.17 41.49 -36.55
C LYS F 218 -6.68 41.40 -36.47
N ALA F 219 -7.36 42.46 -36.08
CA ALA F 219 -8.81 42.44 -35.94
C ALA F 219 -9.54 42.82 -37.22
N HIS F 220 -8.81 43.13 -38.30
CA HIS F 220 -9.43 43.43 -39.58
C HIS F 220 -9.41 42.25 -40.54
N VAL F 221 -8.40 41.38 -40.46
CA VAL F 221 -8.21 40.36 -41.48
C VAL F 221 -8.69 38.97 -41.05
N GLU F 222 -8.98 38.77 -39.76
CA GLU F 222 -9.70 37.57 -39.35
C GLU F 222 -11.20 37.81 -39.20
N ALA F 223 -11.64 39.05 -39.03
CA ALA F 223 -13.04 39.34 -38.82
C ALA F 223 -13.84 39.10 -40.10
N PRO F 224 -15.14 38.80 -39.98
CA PRO F 224 -15.98 38.70 -41.20
C PRO F 224 -16.22 40.05 -41.84
N ILE F 225 -17.01 40.08 -42.91
CA ILE F 225 -17.19 41.31 -43.68
C ILE F 225 -17.91 42.38 -42.84
N ALA F 226 -18.94 41.98 -42.10
CA ALA F 226 -19.67 42.95 -41.28
C ALA F 226 -18.78 43.52 -40.17
N GLY F 227 -17.95 42.67 -39.56
CA GLY F 227 -17.00 43.15 -38.58
C GLY F 227 -15.96 44.09 -39.18
N SER F 228 -15.48 43.78 -40.39
CA SER F 228 -14.52 44.66 -41.05
C SER F 228 -15.14 46.02 -41.35
N MET F 229 -16.40 46.02 -41.80
CA MET F 229 -17.13 47.28 -42.01
C MET F 229 -17.28 48.07 -40.72
N VAL F 230 -17.65 47.40 -39.62
CA VAL F 230 -17.91 48.13 -38.38
C VAL F 230 -16.62 48.65 -37.76
N LEU F 231 -15.50 47.93 -37.92
CA LEU F 231 -14.24 48.48 -37.43
C LEU F 231 -13.74 49.62 -38.32
N ALA F 232 -13.83 49.46 -39.64
CA ALA F 232 -13.20 50.43 -40.53
C ALA F 232 -13.98 51.74 -40.56
N ALA F 233 -15.31 51.67 -40.65
CA ALA F 233 -16.06 52.87 -41.01
C ALA F 233 -16.66 53.63 -39.84
N ILE F 234 -16.87 52.99 -38.68
CA ILE F 234 -17.52 53.63 -37.54
C ILE F 234 -16.65 53.59 -36.29
N LEU F 235 -16.16 52.40 -35.92
CA LEU F 235 -15.53 52.23 -34.61
C LEU F 235 -14.19 52.94 -34.49
N LEU F 236 -13.57 53.32 -35.60
CA LEU F 236 -12.37 54.15 -35.53
C LEU F 236 -12.68 55.62 -35.35
N LYS F 237 -13.93 56.02 -35.50
CA LYS F 237 -14.34 57.41 -35.33
C LYS F 237 -14.79 57.73 -33.92
N LEU F 238 -14.96 56.72 -33.06
CA LEU F 238 -15.23 56.97 -31.66
C LEU F 238 -14.08 57.69 -31.00
N GLY F 239 -12.85 57.32 -31.36
CA GLY F 239 -11.69 58.02 -30.83
C GLY F 239 -11.63 59.47 -31.27
N GLY F 240 -11.94 59.74 -32.53
CA GLY F 240 -11.96 61.11 -33.02
C GLY F 240 -13.05 61.95 -32.36
N TYR F 241 -14.25 61.38 -32.20
CA TYR F 241 -15.33 62.09 -31.53
C TYR F 241 -14.98 62.35 -30.07
N GLY F 242 -14.39 61.38 -29.39
CA GLY F 242 -13.98 61.58 -28.01
C GLY F 242 -12.89 62.62 -27.89
N MET F 243 -11.94 62.65 -28.82
CA MET F 243 -10.92 63.69 -28.84
C MET F 243 -11.54 65.07 -29.01
N MET F 244 -12.46 65.20 -29.96
CA MET F 244 -13.07 66.51 -30.22
C MET F 244 -13.91 66.97 -29.04
N ARG F 245 -14.52 66.04 -28.31
CA ARG F 245 -15.28 66.44 -27.13
C ARG F 245 -14.38 66.76 -25.94
N ILE F 246 -13.26 66.05 -25.80
CA ILE F 246 -12.45 66.16 -24.59
C ILE F 246 -11.31 67.17 -24.70
N THR F 247 -11.00 67.65 -25.90
CA THR F 247 -9.94 68.65 -26.05
C THR F 247 -10.30 69.99 -25.42
N LEU F 248 -11.60 70.25 -25.23
CA LEU F 248 -12.04 71.51 -24.63
C LEU F 248 -11.53 71.67 -23.20
N LEU F 249 -11.56 70.60 -22.42
CA LEU F 249 -11.17 70.68 -21.02
C LEU F 249 -9.66 70.66 -20.81
N LEU F 250 -8.89 70.29 -21.83
CA LEU F 250 -7.44 70.08 -21.69
C LEU F 250 -6.64 71.23 -22.27
N ASN F 251 -7.12 72.45 -22.12
CA ASN F 251 -6.41 73.64 -22.56
C ASN F 251 -5.93 74.45 -21.37
N PRO F 252 -4.78 75.16 -21.47
CA PRO F 252 -3.87 75.25 -22.61
C PRO F 252 -2.66 74.35 -22.48
N ILE F 253 -2.80 73.20 -21.81
CA ILE F 253 -1.66 72.30 -21.64
C ILE F 253 -1.35 71.52 -22.89
N THR F 254 -2.25 71.51 -23.88
CA THR F 254 -2.08 70.69 -25.07
C THR F 254 -1.02 71.24 -26.02
N ASP F 255 -0.61 72.50 -25.85
CA ASP F 255 0.29 73.12 -26.81
C ASP F 255 1.68 72.49 -26.80
N PHE F 256 2.23 72.22 -25.61
CA PHE F 256 3.52 71.56 -25.50
C PHE F 256 3.40 70.06 -25.27
N MET F 257 2.18 69.56 -25.07
CA MET F 257 1.97 68.15 -24.76
C MET F 257 1.77 67.31 -26.01
N ALA F 258 1.21 67.89 -27.07
CA ALA F 258 0.87 67.14 -28.26
C ALA F 258 2.07 66.83 -29.15
N TYR F 259 3.28 67.32 -28.80
CA TYR F 259 4.44 67.13 -29.65
C TYR F 259 4.81 65.66 -29.90
N PRO F 260 4.99 64.79 -28.89
CA PRO F 260 5.43 63.42 -29.20
C PRO F 260 4.40 62.63 -29.98
N PHE F 261 3.11 62.83 -29.71
CA PHE F 261 2.08 62.11 -30.46
C PHE F 261 1.98 62.63 -31.89
N ILE F 262 2.19 63.94 -32.10
CA ILE F 262 2.23 64.49 -33.45
C ILE F 262 3.39 63.91 -34.24
N MET F 263 4.57 63.82 -33.62
CA MET F 263 5.72 63.20 -34.29
C MET F 263 5.48 61.72 -34.56
N LEU F 264 4.85 61.03 -33.61
CA LEU F 264 4.55 59.61 -33.78
C LEU F 264 3.61 59.38 -34.95
N SER F 265 2.57 60.20 -35.09
CA SER F 265 1.64 60.03 -36.19
C SER F 265 2.26 60.47 -37.52
N LEU F 266 3.07 61.54 -37.49
CA LEU F 266 3.68 62.03 -38.73
C LEU F 266 4.73 61.08 -39.27
N TRP F 267 5.36 60.28 -38.41
CA TRP F 267 6.23 59.22 -38.90
C TRP F 267 5.46 57.92 -39.16
N GLY F 268 4.36 57.71 -38.44
CA GLY F 268 3.60 56.49 -38.61
C GLY F 268 2.83 56.44 -39.91
N MET F 269 2.44 57.60 -40.43
CA MET F 269 1.79 57.61 -41.75
C MET F 269 2.77 57.16 -42.83
N ILE F 270 4.03 57.61 -42.77
CA ILE F 270 5.03 57.17 -43.73
C ILE F 270 5.35 55.69 -43.54
N MET F 271 5.46 55.24 -42.27
CA MET F 271 5.77 53.85 -41.99
C MET F 271 4.65 52.91 -42.46
N THR F 272 3.39 53.29 -42.22
CA THR F 272 2.28 52.44 -42.63
C THR F 272 2.06 52.48 -44.13
N SER F 273 2.32 53.60 -44.79
CA SER F 273 2.26 53.62 -46.25
C SER F 273 3.35 52.75 -46.87
N SER F 274 4.56 52.80 -46.29
CA SER F 274 5.63 51.92 -46.76
C SER F 274 5.29 50.45 -46.52
N ILE F 275 4.64 50.16 -45.39
CA ILE F 275 4.16 48.80 -45.13
C ILE F 275 3.13 48.38 -46.18
N CYS F 276 2.23 49.30 -46.54
CA CYS F 276 1.26 49.04 -47.60
C CYS F 276 1.93 48.78 -48.94
N LEU F 277 3.13 49.36 -49.16
CA LEU F 277 3.84 49.11 -50.40
C LEU F 277 4.36 47.68 -50.54
N ARG F 278 4.39 46.91 -49.45
CA ARG F 278 4.97 45.57 -49.49
C ARG F 278 4.07 44.51 -48.88
N GLN F 279 2.79 44.81 -48.67
CA GLN F 279 1.89 43.85 -48.05
C GLN F 279 1.43 42.82 -49.08
N THR F 280 1.44 41.55 -48.68
CA THR F 280 0.99 40.46 -49.53
C THR F 280 -0.49 40.16 -49.40
N ASP F 281 -1.19 40.83 -48.49
CA ASP F 281 -2.60 40.59 -48.23
C ASP F 281 -3.40 41.85 -48.55
N LEU F 282 -4.54 41.66 -49.21
CA LEU F 282 -5.42 42.79 -49.51
C LEU F 282 -6.01 43.39 -48.24
N LYS F 283 -6.48 42.53 -47.33
CA LYS F 283 -7.14 42.98 -46.11
C LYS F 283 -6.17 43.72 -45.20
N SER F 284 -4.93 43.23 -45.08
CA SER F 284 -3.91 43.93 -44.31
C SER F 284 -3.54 45.26 -44.93
N LEU F 285 -3.53 45.33 -46.27
CA LEU F 285 -3.27 46.59 -46.95
C LEU F 285 -4.34 47.63 -46.61
N ILE F 286 -5.60 47.22 -46.63
CA ILE F 286 -6.69 48.14 -46.29
C ILE F 286 -6.60 48.55 -44.81
N ALA F 287 -6.23 47.61 -43.94
CA ALA F 287 -6.07 47.92 -42.52
C ALA F 287 -4.98 48.95 -42.28
N TYR F 288 -3.82 48.78 -42.94
CA TYR F 288 -2.73 49.73 -42.73
C TYR F 288 -3.02 51.08 -43.36
N SER F 289 -3.78 51.11 -44.47
CA SER F 289 -4.23 52.38 -45.02
C SER F 289 -5.17 53.10 -44.04
N SER F 290 -6.03 52.33 -43.36
CA SER F 290 -6.88 52.91 -42.33
C SER F 290 -6.05 53.48 -41.18
N VAL F 291 -4.98 52.78 -40.79
CA VAL F 291 -4.09 53.29 -39.74
C VAL F 291 -3.46 54.61 -40.17
N SER F 292 -3.01 54.71 -41.42
CA SER F 292 -2.40 55.94 -41.91
C SER F 292 -3.38 57.11 -41.91
N HIS F 293 -4.60 56.86 -42.41
CA HIS F 293 -5.59 57.93 -42.46
C HIS F 293 -6.01 58.39 -41.06
N MET F 294 -6.13 57.45 -40.12
CA MET F 294 -6.49 57.85 -38.76
C MET F 294 -5.34 58.53 -38.04
N ALA F 295 -4.09 58.23 -38.42
CA ALA F 295 -2.97 59.02 -37.90
C ALA F 295 -3.03 60.46 -38.41
N LEU F 296 -3.45 60.63 -39.67
CA LEU F 296 -3.67 61.98 -40.20
C LEU F 296 -4.76 62.71 -39.42
N VAL F 297 -5.84 62.02 -39.11
CA VAL F 297 -6.92 62.64 -38.32
C VAL F 297 -6.43 62.98 -36.91
N ILE F 298 -5.54 62.16 -36.35
CA ILE F 298 -4.96 62.43 -35.04
C ILE F 298 -4.15 63.73 -35.07
N VAL F 299 -3.34 63.91 -36.11
CA VAL F 299 -2.57 65.15 -36.27
C VAL F 299 -3.51 66.35 -36.38
N ALA F 300 -4.57 66.21 -37.19
CA ALA F 300 -5.52 67.29 -37.40
C ALA F 300 -6.21 67.69 -36.11
N ILE F 301 -6.63 66.72 -35.30
CA ILE F 301 -7.29 67.05 -34.05
C ILE F 301 -6.30 67.67 -33.06
N LEU F 302 -5.06 67.16 -33.04
CA LEU F 302 -4.10 67.63 -32.05
C LEU F 302 -3.63 69.06 -32.32
N ILE F 303 -3.55 69.48 -33.58
CA ILE F 303 -3.14 70.86 -33.81
C ILE F 303 -4.27 71.86 -33.54
N GLN F 304 -5.51 71.39 -33.48
CA GLN F 304 -6.73 72.12 -33.05
C GLN F 304 -6.86 73.53 -33.64
N THR F 305 -7.02 73.57 -34.96
CA THR F 305 -7.42 74.77 -35.68
C THR F 305 -8.75 74.48 -36.40
N PRO F 306 -9.56 75.51 -36.71
CA PRO F 306 -10.85 75.25 -37.37
C PRO F 306 -10.74 74.52 -38.69
N TRP F 307 -9.75 74.86 -39.52
CA TRP F 307 -9.54 74.14 -40.76
C TRP F 307 -9.15 72.70 -40.50
N SER F 308 -8.35 72.47 -39.46
CA SER F 308 -7.97 71.11 -39.09
C SER F 308 -9.17 70.29 -38.63
N TYR F 309 -10.07 70.89 -37.85
CA TYR F 309 -11.26 70.18 -37.41
C TYR F 309 -12.17 69.84 -38.58
N MET F 310 -12.32 70.79 -39.52
CA MET F 310 -13.14 70.57 -40.71
C MET F 310 -12.57 69.43 -41.56
N GLY F 311 -11.25 69.47 -41.80
CA GLY F 311 -10.60 68.39 -42.52
C GLY F 311 -10.67 67.07 -41.79
N ALA F 312 -10.64 67.11 -40.46
CA ALA F 312 -10.71 65.89 -39.68
C ALA F 312 -12.05 65.20 -39.84
N THR F 313 -13.15 65.95 -39.72
CA THR F 313 -14.46 65.31 -39.85
C THR F 313 -14.74 64.89 -41.29
N ALA F 314 -14.31 65.70 -42.27
CA ALA F 314 -14.48 65.30 -43.66
C ALA F 314 -13.67 64.05 -43.98
N LEU F 315 -12.43 63.97 -43.47
CA LEU F 315 -11.61 62.79 -43.66
C LEU F 315 -12.20 61.58 -42.97
N MET F 316 -12.83 61.78 -41.80
CA MET F 316 -13.45 60.66 -41.10
C MET F 316 -14.59 60.06 -41.92
N ILE F 317 -15.50 60.91 -42.44
CA ILE F 317 -16.62 60.40 -43.22
C ILE F 317 -16.14 59.76 -44.52
N ALA F 318 -15.23 60.45 -45.22
CA ALA F 318 -14.75 59.95 -46.51
C ALA F 318 -13.98 58.64 -46.36
N HIS F 319 -13.12 58.55 -45.34
CA HIS F 319 -12.38 57.33 -45.11
C HIS F 319 -13.30 56.19 -44.70
N GLY F 320 -14.34 56.48 -43.92
CA GLY F 320 -15.29 55.44 -43.56
C GLY F 320 -15.95 54.84 -44.78
N LEU F 321 -16.44 55.70 -45.68
CA LEU F 321 -17.10 55.19 -46.89
C LEU F 321 -16.12 54.44 -47.80
N THR F 322 -14.92 55.00 -47.99
CA THR F 322 -13.95 54.38 -48.90
C THR F 322 -13.43 53.05 -48.36
N SER F 323 -13.16 52.98 -47.05
CA SER F 323 -12.68 51.74 -46.45
C SER F 323 -13.77 50.68 -46.45
N SER F 324 -15.03 51.08 -46.24
CA SER F 324 -16.12 50.12 -46.36
C SER F 324 -16.23 49.56 -47.76
N MET F 325 -16.09 50.41 -48.79
CA MET F 325 -16.13 49.94 -50.17
C MET F 325 -14.97 48.99 -50.48
N LEU F 326 -13.76 49.35 -50.01
CA LEU F 326 -12.60 48.50 -50.26
C LEU F 326 -12.73 47.14 -49.57
N PHE F 327 -13.26 47.14 -48.34
CA PHE F 327 -13.45 45.88 -47.64
C PHE F 327 -14.52 45.01 -48.31
N CYS F 328 -15.57 45.63 -48.85
CA CYS F 328 -16.56 44.83 -49.57
C CYS F 328 -15.99 44.27 -50.88
N LEU F 329 -15.12 45.03 -51.55
CA LEU F 329 -14.42 44.52 -52.73
C LEU F 329 -13.55 43.32 -52.37
N ALA F 330 -12.79 43.44 -51.28
CA ALA F 330 -11.95 42.33 -50.83
C ALA F 330 -12.78 41.12 -50.44
N ASN F 331 -13.95 41.36 -49.82
CA ASN F 331 -14.83 40.26 -49.47
C ASN F 331 -15.38 39.54 -50.70
N SER F 332 -15.74 40.29 -51.74
CA SER F 332 -16.22 39.67 -52.97
C SER F 332 -15.14 38.83 -53.64
N ASN F 333 -13.91 39.35 -53.68
CA ASN F 333 -12.81 38.57 -54.26
C ASN F 333 -12.50 37.34 -53.42
N TYR F 334 -12.56 37.46 -52.09
CA TYR F 334 -12.32 36.33 -51.22
C TYR F 334 -13.41 35.27 -51.36
N GLU F 335 -14.66 35.69 -51.54
CA GLU F 335 -15.74 34.74 -51.77
C GLU F 335 -15.63 34.07 -53.13
N ARG F 336 -14.98 34.72 -54.10
CA ARG F 336 -14.86 34.09 -55.41
C ARG F 336 -13.64 33.19 -55.55
N VAL F 337 -12.52 33.50 -54.90
CA VAL F 337 -11.30 32.71 -55.07
C VAL F 337 -10.92 31.92 -53.83
N HIS F 338 -11.59 32.13 -52.69
CA HIS F 338 -11.38 31.37 -51.45
C HIS F 338 -9.93 31.48 -50.94
N SER F 339 -9.35 32.67 -51.08
CA SER F 339 -8.03 32.95 -50.53
C SER F 339 -7.86 34.45 -50.39
N ARG F 340 -6.86 34.85 -49.61
CA ARG F 340 -6.59 36.26 -49.35
C ARG F 340 -5.31 36.76 -50.01
N THR F 341 -4.65 35.93 -50.81
CA THR F 341 -3.39 36.35 -51.43
C THR F 341 -3.66 37.35 -52.55
N MET F 342 -2.87 38.43 -52.57
CA MET F 342 -3.01 39.43 -53.63
C MET F 342 -2.57 38.87 -54.97
N ILE F 343 -1.46 38.11 -54.98
CA ILE F 343 -0.86 37.66 -56.23
C ILE F 343 -1.56 36.46 -56.83
N LEU F 344 -2.56 35.90 -56.15
CA LEU F 344 -3.20 34.67 -56.63
C LEU F 344 -4.07 34.96 -57.85
N ALA F 345 -5.08 35.81 -57.68
CA ALA F 345 -6.04 36.11 -58.74
C ALA F 345 -5.65 37.42 -59.42
N ARG F 346 -5.13 37.33 -60.63
CA ARG F 346 -4.70 38.49 -61.40
C ARG F 346 -5.49 38.57 -62.70
N GLY F 347 -5.50 39.75 -63.29
CA GLY F 347 -6.16 39.97 -64.57
C GLY F 347 -7.67 39.80 -64.54
N LEU F 348 -8.33 40.32 -63.49
CA LEU F 348 -9.76 40.15 -63.36
C LEU F 348 -10.55 41.14 -64.21
N GLN F 349 -9.89 42.09 -64.85
CA GLN F 349 -10.58 43.01 -65.75
C GLN F 349 -11.09 42.28 -67.00
N THR F 350 -10.36 41.26 -67.46
CA THR F 350 -10.81 40.47 -68.60
C THR F 350 -11.98 39.56 -68.26
N LEU F 351 -12.31 39.40 -66.98
CA LEU F 351 -13.41 38.54 -66.56
C LEU F 351 -14.56 39.31 -65.94
N LEU F 352 -14.29 40.29 -65.08
CA LEU F 352 -15.32 41.14 -64.50
C LEU F 352 -15.06 42.58 -64.91
N PRO F 353 -15.76 43.10 -65.92
CA PRO F 353 -15.54 44.51 -66.29
C PRO F 353 -16.14 45.50 -65.29
N LEU F 354 -17.34 45.21 -64.79
CA LEU F 354 -18.00 46.15 -63.88
C LEU F 354 -17.32 46.18 -62.52
N MET F 355 -16.86 45.01 -62.04
CA MET F 355 -16.09 44.99 -60.82
C MET F 355 -14.75 45.69 -60.99
N ALA F 356 -14.18 45.62 -62.20
CA ALA F 356 -12.97 46.39 -62.48
C ALA F 356 -13.25 47.89 -62.42
N ALA F 357 -14.41 48.32 -62.93
CA ALA F 357 -14.78 49.73 -62.84
C ALA F 357 -14.98 50.15 -61.39
N TRP F 358 -15.60 49.31 -60.58
CA TRP F 358 -15.77 49.62 -59.16
C TRP F 358 -14.43 49.67 -58.44
N TRP F 359 -13.51 48.75 -58.78
CA TRP F 359 -12.18 48.76 -58.19
C TRP F 359 -11.43 50.04 -58.54
N LEU F 360 -11.51 50.45 -59.81
CA LEU F 360 -10.87 51.69 -60.26
C LEU F 360 -11.45 52.90 -59.56
N LEU F 361 -12.78 52.94 -59.40
CA LEU F 361 -13.41 54.06 -58.75
C LEU F 361 -13.06 54.13 -57.25
N ALA F 362 -13.03 52.98 -56.58
CA ALA F 362 -12.66 52.95 -55.17
C ALA F 362 -11.21 53.34 -54.96
N SER F 363 -10.31 52.86 -55.82
CA SER F 363 -8.92 53.28 -55.73
C SER F 363 -8.75 54.76 -56.07
N LEU F 364 -9.62 55.29 -56.94
CA LEU F 364 -9.60 56.71 -57.23
C LEU F 364 -9.99 57.53 -56.01
N THR F 365 -11.05 57.12 -55.32
CA THR F 365 -11.45 57.83 -54.11
C THR F 365 -10.52 57.59 -52.94
N ASN F 366 -9.70 56.54 -53.00
CA ASN F 366 -8.76 56.27 -51.91
C ASN F 366 -7.61 57.28 -51.90
N LEU F 367 -7.05 57.59 -53.08
CA LEU F 367 -5.95 58.54 -53.17
C LEU F 367 -6.41 59.98 -53.24
N ALA F 368 -7.68 60.24 -52.91
CA ALA F 368 -8.25 61.58 -52.76
C ALA F 368 -8.16 62.37 -54.08
N LEU F 369 -8.89 61.88 -55.07
CA LEU F 369 -9.01 62.61 -56.32
C LEU F 369 -10.03 63.73 -56.16
N PRO F 370 -9.68 64.97 -56.52
CA PRO F 370 -10.64 66.06 -56.39
C PRO F 370 -11.72 65.96 -57.44
N PRO F 371 -12.92 66.51 -57.17
CA PRO F 371 -13.32 67.19 -55.94
C PRO F 371 -14.07 66.30 -54.94
N SER F 372 -13.57 65.09 -54.69
CA SER F 372 -14.18 64.25 -53.69
C SER F 372 -13.89 64.79 -52.29
N ILE F 373 -14.69 64.33 -51.32
CA ILE F 373 -14.53 64.81 -49.95
C ILE F 373 -13.26 64.28 -49.30
N ASN F 374 -12.68 63.21 -49.84
CA ASN F 374 -11.36 62.76 -49.39
C ASN F 374 -10.32 63.85 -49.62
N LEU F 375 -10.31 64.42 -50.83
CA LEU F 375 -9.40 65.51 -51.13
C LEU F 375 -9.72 66.75 -50.32
N ILE F 376 -11.00 67.00 -50.05
CA ILE F 376 -11.40 68.15 -49.24
C ILE F 376 -10.82 68.04 -47.83
N GLY F 377 -11.03 66.89 -47.19
CA GLY F 377 -10.52 66.71 -45.84
C GLY F 377 -9.01 66.70 -45.78
N GLU F 378 -8.36 65.93 -46.66
CA GLU F 378 -6.91 65.86 -46.65
C GLU F 378 -6.28 67.19 -46.97
N LEU F 379 -6.87 67.93 -47.92
CA LEU F 379 -6.38 69.25 -48.27
C LEU F 379 -6.47 70.21 -47.09
N PHE F 380 -7.61 70.22 -46.39
CA PHE F 380 -7.76 71.17 -45.28
C PHE F 380 -6.83 70.83 -44.13
N VAL F 381 -6.61 69.54 -43.87
CA VAL F 381 -5.64 69.15 -42.86
C VAL F 381 -4.23 69.59 -43.27
N VAL F 382 -3.92 69.50 -44.57
CA VAL F 382 -2.62 69.94 -45.06
C VAL F 382 -2.45 71.45 -44.88
N MET F 383 -3.50 72.22 -45.17
CA MET F 383 -3.43 73.68 -44.98
C MET F 383 -3.20 74.02 -43.52
N SER F 384 -3.93 73.36 -42.62
CA SER F 384 -3.80 73.63 -41.20
C SER F 384 -2.42 73.25 -40.68
N THR F 385 -1.88 72.11 -41.11
CA THR F 385 -0.58 71.68 -40.65
C THR F 385 0.56 72.44 -41.33
N PHE F 386 0.29 73.13 -42.45
CA PHE F 386 1.25 74.09 -42.97
C PHE F 386 1.22 75.38 -42.17
N SER F 387 0.03 75.78 -41.70
CA SER F 387 -0.05 76.91 -40.78
C SER F 387 0.67 76.62 -39.48
N TRP F 388 0.61 75.36 -39.01
CA TRP F 388 1.28 74.97 -37.78
C TRP F 388 2.79 75.08 -37.92
N SER F 389 3.35 74.54 -39.00
CA SER F 389 4.77 74.64 -39.28
C SER F 389 4.99 74.48 -40.77
N ASN F 390 6.08 75.04 -41.27
CA ASN F 390 6.35 75.11 -42.69
C ASN F 390 7.13 73.90 -43.21
N ILE F 391 7.50 72.95 -42.35
CA ILE F 391 8.32 71.82 -42.78
C ILE F 391 7.46 70.58 -42.91
N THR F 392 6.35 70.54 -42.15
CA THR F 392 5.49 69.36 -42.10
C THR F 392 4.90 69.01 -43.45
N ILE F 393 4.79 69.99 -44.35
CA ILE F 393 4.28 69.76 -45.70
C ILE F 393 5.11 68.70 -46.42
N ILE F 394 6.43 68.68 -46.17
CA ILE F 394 7.29 67.64 -46.71
C ILE F 394 6.81 66.27 -46.22
N LEU F 395 6.61 66.15 -44.90
CA LEU F 395 6.10 64.91 -44.33
C LEU F 395 4.67 64.63 -44.78
N MET F 396 3.95 65.63 -45.27
CA MET F 396 2.69 65.34 -45.96
C MET F 396 2.96 64.88 -47.38
N GLY F 397 3.77 65.65 -48.12
CA GLY F 397 3.81 65.50 -49.56
C GLY F 397 4.34 64.16 -50.00
N LEU F 398 5.45 63.72 -49.40
CA LEU F 398 6.00 62.39 -49.65
C LEU F 398 4.96 61.31 -49.40
N ASN F 399 4.19 61.46 -48.30
CA ASN F 399 3.14 60.49 -47.98
C ASN F 399 2.14 60.36 -49.11
N MET F 400 1.79 61.50 -49.73
CA MET F 400 0.85 61.49 -50.85
C MET F 400 1.34 60.59 -51.96
N VAL F 401 2.63 60.68 -52.29
CA VAL F 401 3.21 59.86 -53.34
C VAL F 401 3.05 58.39 -53.00
N ILE F 402 3.35 58.04 -51.75
CA ILE F 402 3.29 56.63 -51.36
C ILE F 402 1.86 56.14 -51.41
N THR F 403 0.88 57.02 -51.15
CA THR F 403 -0.51 56.63 -51.29
C THR F 403 -0.80 56.24 -52.73
N ALA F 404 -0.42 57.10 -53.67
CA ALA F 404 -0.59 56.78 -55.08
C ALA F 404 0.32 55.63 -55.52
N LEU F 405 1.27 55.23 -54.69
CA LEU F 405 2.11 54.10 -55.01
C LEU F 405 1.52 52.78 -54.58
N TYR F 406 0.53 52.76 -53.69
CA TYR F 406 -0.01 51.45 -53.32
C TYR F 406 -1.44 51.22 -53.80
N SER F 407 -2.28 52.25 -53.78
CA SER F 407 -3.68 52.09 -54.17
C SER F 407 -3.80 51.61 -55.61
N LEU F 408 -3.12 52.31 -56.53
CA LEU F 408 -3.05 51.85 -57.91
C LEU F 408 -2.39 50.49 -58.00
N TYR F 409 -1.37 50.24 -57.16
CA TYR F 409 -0.77 48.91 -57.07
C TYR F 409 -1.81 47.89 -56.64
N MET F 410 -2.63 48.25 -55.63
CA MET F 410 -3.74 47.39 -55.22
C MET F 410 -4.73 47.19 -56.35
N LEU F 411 -4.82 48.16 -57.25
CA LEU F 411 -5.59 47.95 -58.47
C LEU F 411 -4.90 46.93 -59.38
N ILE F 412 -3.62 47.18 -59.69
CA ILE F 412 -3.00 46.53 -60.85
C ILE F 412 -2.87 45.04 -60.63
N THR F 413 -2.34 44.64 -59.46
CA THR F 413 -2.16 43.23 -59.14
C THR F 413 -3.50 42.50 -59.07
N THR F 414 -4.59 43.20 -58.81
CA THR F 414 -5.89 42.56 -58.81
C THR F 414 -6.65 42.74 -60.12
N GLN F 415 -6.19 43.61 -61.01
CA GLN F 415 -7.05 43.86 -62.17
C GLN F 415 -6.36 43.67 -63.50
N ARG F 416 -5.09 44.04 -63.62
CA ARG F 416 -4.41 44.09 -64.90
C ARG F 416 -3.38 42.97 -65.00
N GLY F 417 -2.93 42.73 -66.22
CA GLY F 417 -2.00 41.65 -66.50
C GLY F 417 -2.70 40.41 -67.01
N LYS F 418 -1.89 39.41 -67.31
CA LYS F 418 -2.42 38.13 -67.78
C LYS F 418 -3.13 37.39 -66.66
N HIS F 419 -4.31 36.87 -66.95
CA HIS F 419 -5.07 36.14 -65.96
C HIS F 419 -4.41 34.80 -65.64
N THR F 420 -4.62 34.33 -64.42
CA THR F 420 -4.07 33.04 -64.02
C THR F 420 -4.80 31.90 -64.73
N HIS F 421 -4.07 30.83 -64.98
CA HIS F 421 -4.58 29.75 -65.83
C HIS F 421 -5.33 28.68 -65.06
N HIS F 422 -5.00 28.45 -63.79
CA HIS F 422 -5.54 27.33 -63.03
C HIS F 422 -6.74 27.70 -62.18
N ILE F 423 -7.26 28.92 -62.33
CA ILE F 423 -8.46 29.35 -61.61
C ILE F 423 -9.59 29.44 -62.62
N ASN F 424 -10.61 28.59 -62.46
CA ASN F 424 -11.73 28.55 -63.39
C ASN F 424 -13.05 28.46 -62.66
N ASN F 425 -13.14 29.10 -61.49
CA ASN F 425 -14.40 29.22 -60.77
C ASN F 425 -14.84 30.68 -60.66
N ILE F 426 -14.39 31.53 -61.57
CA ILE F 426 -14.69 32.95 -61.54
C ILE F 426 -16.12 33.13 -62.08
N LEU F 427 -17.07 33.28 -61.16
CA LEU F 427 -18.45 33.52 -61.53
C LEU F 427 -18.66 34.96 -61.96
N PRO F 428 -19.69 35.24 -62.75
CA PRO F 428 -20.04 36.63 -63.03
C PRO F 428 -20.54 37.35 -61.80
N SER F 429 -20.49 38.68 -61.86
CA SER F 429 -20.84 39.50 -60.71
C SER F 429 -22.33 39.42 -60.42
N PHE F 430 -22.67 39.15 -59.17
CA PHE F 430 -24.06 39.07 -58.77
C PHE F 430 -24.68 40.47 -58.71
N THR F 431 -26.01 40.50 -58.75
CA THR F 431 -26.72 41.76 -58.62
C THR F 431 -26.61 42.32 -57.20
N ARG F 432 -26.55 41.44 -56.20
CA ARG F 432 -26.43 41.89 -54.82
C ARG F 432 -25.11 42.60 -54.57
N GLU F 433 -24.01 42.05 -55.09
CA GLU F 433 -22.70 42.67 -54.90
C GLU F 433 -22.63 44.02 -55.60
N ASN F 434 -23.11 44.11 -56.84
CA ASN F 434 -23.09 45.38 -57.56
C ASN F 434 -23.99 46.41 -56.88
N ALA F 435 -25.13 45.96 -56.35
CA ALA F 435 -25.99 46.85 -55.58
C ALA F 435 -25.28 47.37 -54.34
N LEU F 436 -24.50 46.50 -53.68
CA LEU F 436 -23.74 46.90 -52.51
C LEU F 436 -22.71 47.97 -52.85
N MET F 437 -21.97 47.79 -53.96
CA MET F 437 -20.93 48.76 -54.29
C MET F 437 -21.53 50.07 -54.77
N SER F 438 -22.66 50.02 -55.49
CA SER F 438 -23.32 51.26 -55.90
C SER F 438 -23.86 52.01 -54.68
N LEU F 439 -24.44 51.29 -53.71
CA LEU F 439 -24.92 51.93 -52.50
C LEU F 439 -23.77 52.45 -51.65
N HIS F 440 -22.58 51.88 -51.78
CA HIS F 440 -21.42 52.43 -51.09
C HIS F 440 -20.91 53.69 -51.77
N MET F 441 -20.92 53.73 -53.10
CA MET F 441 -20.23 54.80 -53.80
C MET F 441 -21.10 56.01 -54.10
N LEU F 442 -22.35 55.81 -54.50
CA LEU F 442 -23.19 56.93 -54.92
C LEU F 442 -23.41 58.00 -53.85
N PRO F 443 -23.63 57.70 -52.56
CA PRO F 443 -23.57 58.79 -51.56
C PRO F 443 -22.22 59.48 -51.49
N LEU F 444 -21.13 58.74 -51.64
CA LEU F 444 -19.80 59.35 -51.56
C LEU F 444 -19.55 60.29 -52.74
N LEU F 445 -20.01 59.93 -53.93
CA LEU F 445 -19.88 60.84 -55.07
C LEU F 445 -20.89 61.97 -55.00
N LEU F 446 -22.05 61.77 -54.38
CA LEU F 446 -23.02 62.83 -54.27
C LEU F 446 -22.64 63.86 -53.21
N LEU F 447 -21.90 63.44 -52.18
CA LEU F 447 -21.53 64.37 -51.12
C LEU F 447 -20.54 65.45 -51.58
N SER F 448 -19.92 65.26 -52.75
CA SER F 448 -19.05 66.31 -53.30
C SER F 448 -19.86 67.53 -53.74
N LEU F 449 -21.14 67.33 -54.06
CA LEU F 449 -21.98 68.46 -54.47
C LEU F 449 -22.30 69.38 -53.30
N ASN F 450 -22.59 68.81 -52.13
CA ASN F 450 -22.95 69.57 -50.95
C ASN F 450 -22.14 69.09 -49.76
N PRO F 451 -20.88 69.50 -49.64
CA PRO F 451 -20.05 69.04 -48.52
C PRO F 451 -20.25 69.80 -47.23
N LYS F 452 -21.05 70.88 -47.24
CA LYS F 452 -21.22 71.72 -46.06
C LYS F 452 -21.94 71.01 -44.92
N ILE F 453 -22.54 69.84 -45.17
CA ILE F 453 -23.15 69.07 -44.09
C ILE F 453 -22.17 68.14 -43.39
N ILE F 454 -20.93 68.03 -43.87
CA ILE F 454 -19.96 67.18 -43.17
C ILE F 454 -18.72 67.98 -42.81
N LEU F 455 -18.89 69.27 -42.53
CA LEU F 455 -17.76 70.15 -42.22
C LEU F 455 -17.73 70.56 -40.75
N GLY F 456 -18.19 69.69 -39.85
CA GLY F 456 -18.00 69.90 -38.44
C GLY F 456 -18.95 70.90 -37.81
N PRO F 457 -18.82 71.09 -36.50
CA PRO F 457 -19.74 71.98 -35.77
C PRO F 457 -19.34 73.44 -35.74
N LEU F 458 -18.38 73.86 -36.56
CA LEU F 458 -17.91 75.23 -36.59
C LEU F 458 -17.79 75.74 -38.02
N TYR F 459 -18.65 75.22 -38.89
CA TYR F 459 -18.66 75.62 -40.29
C TYR F 459 -19.23 77.03 -40.46
N MET G 1 -26.73 10.91 3.69
CA MET G 1 -27.22 11.84 4.68
C MET G 1 -28.75 11.90 4.68
N ASN G 2 -29.33 11.82 5.87
CA ASN G 2 -30.78 11.90 5.99
C ASN G 2 -31.25 13.31 5.65
N PRO G 3 -32.36 13.44 4.91
CA PRO G 3 -32.88 14.79 4.58
C PRO G 3 -33.27 15.60 5.80
N ILE G 4 -33.77 14.95 6.86
CA ILE G 4 -34.11 15.66 8.09
C ILE G 4 -32.85 16.26 8.71
N ILE G 5 -31.78 15.46 8.77
CA ILE G 5 -30.53 15.92 9.35
C ILE G 5 -29.92 17.02 8.48
N LEU G 6 -30.04 16.90 7.16
CA LEU G 6 -29.53 17.94 6.26
C LEU G 6 -30.28 19.26 6.46
N ILE G 7 -31.61 19.19 6.60
CA ILE G 7 -32.40 20.39 6.83
C ILE G 7 -32.04 21.01 8.18
N ILE G 8 -31.85 20.18 9.21
CA ILE G 8 -31.49 20.67 10.53
C ILE G 8 -30.12 21.35 10.51
N ILE G 9 -29.17 20.76 9.78
CA ILE G 9 -27.82 21.32 9.70
C ILE G 9 -27.81 22.64 8.93
N LEU G 10 -28.57 22.72 7.83
CA LEU G 10 -28.65 23.97 7.09
C LEU G 10 -29.33 25.05 7.92
N MET G 11 -30.37 24.70 8.68
CA MET G 11 -31.00 25.66 9.58
C MET G 11 -30.05 26.10 10.68
N THR G 12 -29.16 25.21 11.14
CA THR G 12 -28.17 25.59 12.13
C THR G 12 -27.15 26.56 11.55
N VAL G 13 -26.74 26.36 10.29
CA VAL G 13 -25.83 27.28 9.63
C VAL G 13 -26.48 28.66 9.51
N MET G 14 -27.75 28.70 9.08
CA MET G 14 -28.47 29.95 8.97
C MET G 14 -28.64 30.62 10.33
N LEU G 15 -28.91 29.83 11.38
CA LEU G 15 -29.07 30.38 12.71
C LEU G 15 -27.76 30.97 13.23
N GLY G 16 -26.64 30.30 12.94
CA GLY G 16 -25.35 30.84 13.36
C GLY G 16 -25.02 32.15 12.68
N THR G 17 -25.25 32.23 11.37
CA THR G 17 -25.00 33.48 10.66
C THR G 17 -25.94 34.59 11.14
N ILE G 18 -27.20 34.26 11.41
CA ILE G 18 -28.15 35.23 11.94
C ILE G 18 -27.71 35.72 13.32
N ILE G 19 -27.21 34.80 14.16
CA ILE G 19 -26.75 35.15 15.50
C ILE G 19 -25.57 36.11 15.42
N VAL G 20 -24.66 35.88 14.47
CA VAL G 20 -23.57 36.83 14.25
C VAL G 20 -24.12 38.18 13.78
N MET G 21 -25.15 38.16 12.93
CA MET G 21 -25.63 39.39 12.32
C MET G 21 -26.38 40.28 13.30
N ILE G 22 -27.13 39.68 14.24
CA ILE G 22 -28.11 40.44 15.02
C ILE G 22 -27.72 40.66 16.46
N SER G 23 -26.58 40.14 16.90
CA SER G 23 -26.22 40.23 18.32
C SER G 23 -25.43 41.50 18.62
N THR G 24 -25.56 41.99 19.85
CA THR G 24 -24.86 43.16 20.33
C THR G 24 -23.85 42.81 21.43
N HIS G 25 -23.27 41.61 21.36
CA HIS G 25 -22.33 41.14 22.35
C HIS G 25 -21.22 40.36 21.64
N TRP G 26 -19.98 40.59 22.05
CA TRP G 26 -18.84 39.96 21.39
C TRP G 26 -18.82 38.45 21.61
N LEU G 27 -19.19 38.00 22.81
CA LEU G 27 -19.26 36.58 23.09
C LEU G 27 -20.30 35.90 22.23
N LEU G 28 -21.42 36.58 21.96
CA LEU G 28 -22.42 36.03 21.07
C LEU G 28 -21.92 35.98 19.62
N ILE G 29 -21.09 36.94 19.22
CA ILE G 29 -20.45 36.91 17.90
C ILE G 29 -19.57 35.67 17.77
N TRP G 30 -18.74 35.43 18.79
CA TRP G 30 -17.85 34.27 18.76
C TRP G 30 -18.63 32.97 18.82
N ILE G 31 -19.72 32.94 19.59
CA ILE G 31 -20.57 31.76 19.67
C ILE G 31 -21.21 31.46 18.33
N GLY G 32 -21.69 32.50 17.64
CA GLY G 32 -22.26 32.30 16.31
C GLY G 32 -21.24 31.83 15.30
N PHE G 33 -20.01 32.35 15.38
CA PHE G 33 -18.94 31.89 14.50
C PHE G 33 -18.62 30.42 14.73
N GLU G 34 -18.54 30.02 16.01
CA GLU G 34 -18.26 28.63 16.33
C GLU G 34 -19.38 27.71 15.86
N MET G 35 -20.62 28.12 16.06
CA MET G 35 -21.77 27.32 15.61
C MET G 35 -21.78 27.21 14.09
N ASN G 36 -21.45 28.29 13.39
CA ASN G 36 -21.39 28.27 11.93
C ASN G 36 -20.32 27.31 11.43
N MET G 37 -19.13 27.34 12.04
CA MET G 37 -18.06 26.43 11.63
C MET G 37 -18.43 24.97 11.92
N LEU G 38 -18.99 24.71 13.10
CA LEU G 38 -19.35 23.35 13.49
C LEU G 38 -20.44 22.78 12.59
N ALA G 39 -21.42 23.61 12.21
CA ALA G 39 -22.48 23.12 11.34
C ALA G 39 -22.12 23.18 9.87
N ILE G 40 -21.04 23.87 9.48
CA ILE G 40 -20.61 23.88 8.08
C ILE G 40 -19.56 22.83 7.78
N ILE G 41 -18.92 22.24 8.80
CA ILE G 41 -17.96 21.16 8.54
C ILE G 41 -18.57 19.95 7.85
N PRO G 42 -19.69 19.35 8.31
CA PRO G 42 -20.14 18.11 7.66
C PRO G 42 -20.80 18.29 6.31
N ILE G 43 -21.12 19.53 5.90
CA ILE G 43 -21.66 19.75 4.56
C ILE G 43 -20.61 19.39 3.52
N MET G 44 -19.35 19.72 3.79
CA MET G 44 -18.26 19.35 2.89
C MET G 44 -17.94 17.85 2.93
N MET G 45 -18.38 17.14 3.97
CA MET G 45 -18.17 15.71 4.08
C MET G 45 -19.37 14.91 3.57
N LYS G 46 -20.06 15.43 2.55
CA LYS G 46 -21.31 14.84 2.10
C LYS G 46 -21.10 13.55 1.32
N LYS G 47 -20.04 13.44 0.53
CA LYS G 47 -19.85 12.31 -0.36
C LYS G 47 -18.87 11.26 0.17
N HIS G 48 -18.14 11.58 1.24
CA HIS G 48 -17.24 10.65 1.94
C HIS G 48 -16.16 10.09 1.02
N ASN G 49 -15.38 11.01 0.45
CA ASN G 49 -14.17 10.70 -0.30
C ASN G 49 -13.00 11.37 0.40
N PRO G 50 -11.76 10.89 0.18
CA PRO G 50 -10.62 11.48 0.92
C PRO G 50 -10.42 12.97 0.71
N ARG G 51 -10.65 13.48 -0.50
CA ARG G 51 -10.45 14.90 -0.77
C ARG G 51 -11.34 15.78 0.10
N ALA G 52 -12.54 15.29 0.43
CA ALA G 52 -13.37 15.97 1.41
C ALA G 52 -12.71 15.99 2.79
N THR G 53 -12.01 14.91 3.15
CA THR G 53 -11.35 14.87 4.46
C THR G 53 -10.20 15.87 4.53
N GLU G 54 -9.36 15.92 3.48
CA GLU G 54 -8.32 16.96 3.45
C GLU G 54 -8.90 18.37 3.46
N ALA G 55 -9.96 18.62 2.67
CA ALA G 55 -10.54 19.95 2.62
C ALA G 55 -11.14 20.34 3.98
N SER G 56 -11.83 19.41 4.63
CA SER G 56 -12.41 19.66 5.94
C SER G 56 -11.33 19.91 6.98
N THR G 57 -10.25 19.14 6.96
CA THR G 57 -9.18 19.32 7.93
C THR G 57 -8.51 20.69 7.78
N LYS G 58 -8.19 21.07 6.54
CA LYS G 58 -7.56 22.36 6.31
C LYS G 58 -8.48 23.52 6.70
N TYR G 59 -9.76 23.42 6.32
CA TYR G 59 -10.72 24.46 6.67
C TYR G 59 -10.89 24.57 8.18
N PHE G 60 -10.96 23.43 8.87
CA PHE G 60 -11.12 23.44 10.32
C PHE G 60 -9.93 24.06 11.02
N LEU G 61 -8.71 23.73 10.57
CA LEU G 61 -7.52 24.31 11.18
C LEU G 61 -7.46 25.82 10.99
N THR G 62 -7.75 26.28 9.76
CA THR G 62 -7.72 27.73 9.49
C THR G 62 -8.80 28.46 10.29
N GLN G 63 -10.02 27.92 10.33
CA GLN G 63 -11.09 28.58 11.05
C GLN G 63 -10.87 28.56 12.56
N SER G 64 -10.27 27.49 13.09
CA SER G 64 -9.96 27.44 14.51
C SER G 64 -8.91 28.48 14.88
N THR G 65 -7.87 28.63 14.04
CA THR G 65 -6.87 29.68 14.31
C THR G 65 -7.48 31.07 14.24
N ALA G 66 -8.37 31.30 13.26
CA ALA G 66 -9.04 32.59 13.14
C ALA G 66 -9.92 32.87 14.37
N SER G 67 -10.63 31.85 14.84
CA SER G 67 -11.50 32.02 16.01
C SER G 67 -10.69 32.29 17.27
N MET G 68 -9.53 31.63 17.41
CA MET G 68 -8.65 31.91 18.54
C MET G 68 -8.16 33.35 18.53
N LEU G 69 -7.75 33.84 17.35
CA LEU G 69 -7.30 35.23 17.26
C LEU G 69 -8.43 36.21 17.55
N LEU G 70 -9.64 35.90 17.07
CA LEU G 70 -10.80 36.74 17.32
C LEU G 70 -11.12 36.82 18.81
N MET G 71 -11.09 35.67 19.50
CA MET G 71 -11.36 35.68 20.94
C MET G 71 -10.25 36.38 21.73
N MET G 72 -8.98 36.25 21.29
CA MET G 72 -7.91 36.99 21.95
C MET G 72 -8.11 38.50 21.82
N ALA G 73 -8.48 38.95 20.62
CA ALA G 73 -8.73 40.38 20.42
C ALA G 73 -9.94 40.84 21.23
N ILE G 74 -10.97 40.01 21.33
CA ILE G 74 -12.14 40.34 22.15
C ILE G 74 -11.75 40.48 23.61
N ILE G 75 -10.91 39.58 24.12
CA ILE G 75 -10.47 39.64 25.51
C ILE G 75 -9.61 40.87 25.76
N ILE G 76 -8.75 41.23 24.80
CA ILE G 76 -7.93 42.42 24.95
C ILE G 76 -8.79 43.69 24.94
N ASN G 77 -9.81 43.72 24.09
CA ASN G 77 -10.75 44.84 24.08
C ASN G 77 -11.53 44.92 25.39
N LEU G 78 -11.90 43.77 25.95
CA LEU G 78 -12.54 43.74 27.27
C LEU G 78 -11.61 44.31 28.34
N MET G 79 -10.33 43.95 28.28
CA MET G 79 -9.35 44.44 29.23
C MET G 79 -9.19 45.95 29.14
N PHE G 80 -9.15 46.48 27.91
CA PHE G 80 -8.87 47.90 27.73
C PHE G 80 -10.13 48.76 27.69
N SER G 81 -11.32 48.17 27.75
CA SER G 81 -12.55 48.95 27.66
C SER G 81 -13.55 48.60 28.76
N GLY G 82 -13.53 47.36 29.24
CA GLY G 82 -14.42 46.97 30.30
C GLY G 82 -15.88 46.83 29.91
N GLN G 83 -16.16 46.57 28.63
CA GLN G 83 -17.54 46.40 28.17
C GLN G 83 -17.55 45.34 27.07
N TRP G 84 -18.74 45.17 26.47
CA TRP G 84 -18.94 44.13 25.47
C TRP G 84 -19.74 44.62 24.27
N THR G 85 -19.91 45.93 24.13
CA THR G 85 -20.71 46.45 23.02
C THR G 85 -19.97 46.27 21.72
N VAL G 86 -20.66 45.73 20.71
CA VAL G 86 -20.05 45.53 19.39
C VAL G 86 -20.01 46.89 18.71
N MET G 87 -18.87 47.56 18.79
CA MET G 87 -18.68 48.90 18.27
C MET G 87 -17.18 49.08 18.01
N LYS G 88 -16.74 50.32 17.88
CA LYS G 88 -15.32 50.59 17.68
C LYS G 88 -14.50 50.11 18.87
N LEU G 89 -13.30 49.65 18.60
CA LEU G 89 -12.43 49.11 19.62
C LEU G 89 -11.58 50.23 20.23
N PHE G 90 -10.94 49.91 21.36
CA PHE G 90 -10.16 50.89 22.11
C PHE G 90 -8.73 50.41 22.32
N ASN G 91 -8.21 49.61 21.39
CA ASN G 91 -6.83 49.21 21.40
C ASN G 91 -6.43 48.90 19.97
N PRO G 92 -5.36 49.52 19.47
CA PRO G 92 -4.92 49.20 18.10
C PRO G 92 -4.47 47.77 17.91
N MET G 93 -3.91 47.14 18.94
CA MET G 93 -3.51 45.74 18.84
C MET G 93 -4.73 44.84 18.69
N ALA G 94 -5.81 45.14 19.41
CA ALA G 94 -7.05 44.38 19.27
C ALA G 94 -7.64 44.57 17.88
N SER G 95 -7.56 45.78 17.33
CA SER G 95 -8.02 46.03 15.97
C SER G 95 -7.22 45.24 14.95
N MET G 96 -5.89 45.19 15.12
CA MET G 96 -5.04 44.42 14.22
C MET G 96 -5.36 42.93 14.30
N LEU G 97 -5.54 42.41 15.52
CA LEU G 97 -5.84 40.99 15.68
C LEU G 97 -7.21 40.64 15.10
N MET G 98 -8.21 41.51 15.29
CA MET G 98 -9.52 41.27 14.69
C MET G 98 -9.47 41.34 13.17
N THR G 99 -8.71 42.28 12.61
CA THR G 99 -8.58 42.36 11.17
C THR G 99 -7.89 41.14 10.61
N MET G 100 -6.84 40.64 11.28
CA MET G 100 -6.18 39.42 10.83
C MET G 100 -7.12 38.22 10.91
N ALA G 101 -7.89 38.11 11.99
CA ALA G 101 -8.82 36.99 12.13
C ALA G 101 -9.92 37.03 11.08
N LEU G 102 -10.46 38.22 10.80
CA LEU G 102 -11.50 38.32 9.79
C LEU G 102 -10.93 38.15 8.38
N ALA G 103 -9.66 38.50 8.16
CA ALA G 103 -9.03 38.22 6.88
C ALA G 103 -8.84 36.72 6.68
N MET G 104 -8.45 36.00 7.74
CA MET G 104 -8.35 34.54 7.63
C MET G 104 -9.73 33.90 7.43
N LYS G 105 -10.77 34.44 8.06
CA LYS G 105 -12.10 33.89 7.86
C LYS G 105 -12.64 34.19 6.48
N LEU G 106 -12.28 35.34 5.89
CA LEU G 106 -12.71 35.68 4.55
C LEU G 106 -11.84 35.05 3.46
N GLY G 107 -10.72 34.44 3.83
CA GLY G 107 -9.83 33.88 2.84
C GLY G 107 -9.03 34.89 2.05
N MET G 108 -8.86 36.09 2.60
CA MET G 108 -8.14 37.15 1.91
C MET G 108 -6.64 36.93 2.00
N ALA G 109 -5.95 37.22 0.90
CA ALA G 109 -4.50 37.01 0.85
C ALA G 109 -3.78 37.96 1.80
N PRO G 110 -2.65 37.53 2.39
CA PRO G 110 -1.92 36.26 2.22
C PRO G 110 -2.39 35.11 3.10
N PHE G 111 -3.68 35.10 3.46
CA PHE G 111 -4.31 33.96 4.10
C PHE G 111 -5.25 33.24 3.13
N HIS G 112 -4.91 33.27 1.85
CA HIS G 112 -5.74 32.76 0.77
C HIS G 112 -5.42 31.32 0.40
N PHE G 113 -4.46 30.69 1.09
CA PHE G 113 -3.93 29.41 0.63
C PHE G 113 -4.97 28.30 0.72
N TRP G 114 -5.84 28.34 1.73
CA TRP G 114 -6.80 27.27 1.91
C TRP G 114 -7.98 27.36 0.95
N VAL G 115 -8.23 28.53 0.36
CA VAL G 115 -9.46 28.73 -0.42
C VAL G 115 -9.55 27.85 -1.67
N PRO G 116 -8.55 27.82 -2.58
CA PRO G 116 -8.74 26.97 -3.76
C PRO G 116 -8.71 25.49 -3.46
N GLU G 117 -7.93 25.05 -2.47
CA GLU G 117 -7.86 23.63 -2.16
C GLU G 117 -9.15 23.15 -1.50
N VAL G 118 -9.70 23.92 -0.57
CA VAL G 118 -10.97 23.56 0.04
C VAL G 118 -12.09 23.61 -1.00
N THR G 119 -12.08 24.61 -1.88
CA THR G 119 -13.11 24.70 -2.91
C THR G 119 -13.02 23.54 -3.90
N GLN G 120 -11.80 23.09 -4.21
CA GLN G 120 -11.64 21.99 -5.15
C GLN G 120 -11.97 20.64 -4.52
N GLY G 121 -11.70 20.48 -3.22
CA GLY G 121 -11.92 19.18 -2.60
C GLY G 121 -13.34 18.86 -2.19
N ILE G 122 -14.28 19.78 -2.38
CA ILE G 122 -15.65 19.60 -1.91
C ILE G 122 -16.57 19.68 -3.12
N PRO G 123 -17.79 19.11 -3.02
CA PRO G 123 -18.74 19.21 -4.13
C PRO G 123 -19.19 20.62 -4.45
N LEU G 124 -19.97 20.77 -5.53
CA LEU G 124 -20.39 22.09 -5.97
C LEU G 124 -21.40 22.72 -5.03
N SER G 125 -22.25 21.92 -4.39
CA SER G 125 -23.23 22.46 -3.46
C SER G 125 -22.56 23.05 -2.23
N SER G 126 -21.65 22.29 -1.61
CA SER G 126 -20.91 22.79 -0.46
C SER G 126 -20.00 23.95 -0.85
N GLY G 127 -19.44 23.91 -2.06
CA GLY G 127 -18.61 25.02 -2.51
C GLY G 127 -19.39 26.31 -2.69
N LEU G 128 -20.57 26.22 -3.29
CA LEU G 128 -21.42 27.40 -3.43
C LEU G 128 -21.88 27.92 -2.07
N ILE G 129 -22.27 27.01 -1.17
CA ILE G 129 -22.74 27.39 0.16
C ILE G 129 -21.62 28.11 0.91
N LEU G 130 -20.40 27.56 0.87
CA LEU G 130 -19.24 28.19 1.47
C LEU G 130 -18.99 29.56 0.86
N LEU G 131 -18.65 29.61 -0.42
CA LEU G 131 -18.19 30.83 -1.08
C LEU G 131 -19.24 31.93 -1.16
N THR G 132 -20.52 31.63 -0.92
CA THR G 132 -21.52 32.69 -0.89
C THR G 132 -21.99 32.99 0.52
N TRP G 133 -22.47 31.98 1.27
CA TRP G 133 -23.07 32.26 2.57
C TRP G 133 -22.04 32.54 3.64
N GLN G 134 -20.89 31.82 3.63
CA GLN G 134 -19.94 31.99 4.72
C GLN G 134 -19.19 33.32 4.65
N LYS G 135 -19.35 34.07 3.56
CA LYS G 135 -18.76 35.39 3.40
C LYS G 135 -19.74 36.51 3.72
N LEU G 136 -20.69 36.26 4.62
CA LEU G 136 -21.65 37.26 5.06
C LEU G 136 -21.40 37.73 6.48
N ALA G 137 -21.16 36.80 7.40
CA ALA G 137 -20.90 37.18 8.79
C ALA G 137 -19.61 37.98 8.99
N PRO G 138 -18.43 37.58 8.46
CA PRO G 138 -17.25 38.43 8.68
C PRO G 138 -17.36 39.81 8.05
N MET G 139 -18.08 39.94 6.94
CA MET G 139 -18.28 41.26 6.36
C MET G 139 -19.16 42.11 7.25
N SER G 140 -20.14 41.51 7.92
CA SER G 140 -20.95 42.25 8.88
C SER G 140 -20.13 42.69 10.08
N VAL G 141 -19.25 41.82 10.57
CA VAL G 141 -18.39 42.19 11.71
C VAL G 141 -17.43 43.31 11.31
N LEU G 142 -16.90 43.25 10.09
CA LEU G 142 -16.07 44.35 9.58
C LEU G 142 -16.87 45.64 9.42
N TYR G 143 -18.15 45.51 9.03
CA TYR G 143 -19.03 46.66 8.95
C TYR G 143 -19.25 47.30 10.30
N GLN G 144 -19.30 46.51 11.37
CA GLN G 144 -19.60 47.05 12.69
C GLN G 144 -18.43 47.81 13.30
N ILE G 145 -17.19 47.44 12.99
CA ILE G 145 -16.04 47.99 13.70
C ILE G 145 -15.33 49.00 12.81
N LEU G 146 -16.09 49.65 11.93
CA LEU G 146 -15.55 50.56 10.92
C LEU G 146 -14.60 51.64 11.42
N PRO G 147 -14.82 52.34 12.57
CA PRO G 147 -13.83 53.35 12.97
C PRO G 147 -12.57 52.79 13.64
N SER G 148 -12.33 51.49 13.52
CA SER G 148 -11.22 50.87 14.24
C SER G 148 -10.12 50.28 13.37
N ILE G 149 -10.40 49.91 12.11
CA ILE G 149 -9.39 49.25 11.30
C ILE G 149 -8.33 50.27 10.88
N ASN G 150 -7.07 49.87 10.97
CA ASN G 150 -5.99 50.66 10.39
C ASN G 150 -6.16 50.72 8.88
N LEU G 151 -6.00 51.92 8.31
CA LEU G 151 -6.21 52.11 6.89
C LEU G 151 -5.14 51.40 6.07
N ASP G 152 -3.87 51.49 6.49
CA ASP G 152 -2.77 50.89 5.75
C ASP G 152 -2.89 49.38 5.70
N LEU G 153 -3.26 48.76 6.83
CA LEU G 153 -3.36 47.31 6.90
C LEU G 153 -4.47 46.78 5.99
N ILE G 154 -5.65 47.38 6.06
CA ILE G 154 -6.76 46.88 5.25
C ILE G 154 -6.54 47.18 3.77
N LEU G 155 -5.90 48.31 3.44
CA LEU G 155 -5.64 48.60 2.04
C LEU G 155 -4.56 47.69 1.47
N THR G 156 -3.53 47.40 2.26
CA THR G 156 -2.50 46.45 1.84
C THR G 156 -3.08 45.06 1.63
N LEU G 157 -3.97 44.63 2.54
CA LEU G 157 -4.64 43.35 2.40
C LEU G 157 -5.50 43.31 1.13
N SER G 158 -6.21 44.41 0.85
CA SER G 158 -7.07 44.47 -0.33
C SER G 158 -6.26 44.38 -1.62
N ILE G 159 -5.19 45.18 -1.74
CA ILE G 159 -4.43 45.18 -2.98
C ILE G 159 -3.69 43.86 -3.15
N LEU G 160 -3.21 43.27 -2.03
CA LEU G 160 -2.56 41.97 -2.09
C LEU G 160 -3.53 40.88 -2.54
N SER G 161 -4.76 40.90 -2.01
CA SER G 161 -5.76 39.91 -2.40
C SER G 161 -6.14 40.04 -3.87
N ILE G 162 -6.30 41.28 -4.35
CA ILE G 162 -6.67 41.50 -5.74
C ILE G 162 -5.57 41.02 -6.68
N THR G 163 -4.32 41.40 -6.39
CA THR G 163 -3.20 40.99 -7.24
C THR G 163 -2.99 39.48 -7.21
N ILE G 164 -3.08 38.86 -6.03
CA ILE G 164 -2.82 37.43 -5.91
C ILE G 164 -3.93 36.63 -6.57
N GLY G 165 -5.19 37.04 -6.41
CA GLY G 165 -6.28 36.35 -7.08
C GLY G 165 -6.21 36.48 -8.59
N GLY G 166 -5.89 37.69 -9.08
CA GLY G 166 -5.77 37.88 -10.51
C GLY G 166 -4.63 37.08 -11.12
N TRP G 167 -3.52 36.96 -10.38
CA TRP G 167 -2.39 36.16 -10.87
C TRP G 167 -2.70 34.68 -10.79
N GLY G 168 -3.39 34.24 -9.74
CA GLY G 168 -3.66 32.83 -9.57
C GLY G 168 -4.76 32.28 -10.44
N GLY G 169 -5.66 33.13 -10.91
CA GLY G 169 -6.74 32.63 -11.75
C GLY G 169 -6.32 32.22 -13.16
N LEU G 170 -5.11 32.62 -13.57
CA LEU G 170 -4.69 32.34 -14.94
C LEU G 170 -4.30 30.89 -15.16
N ASN G 171 -3.70 30.26 -14.15
CA ASN G 171 -3.05 28.96 -14.30
C ASN G 171 -3.92 27.80 -13.83
N GLN G 172 -5.23 27.90 -14.00
CA GLN G 172 -6.15 26.87 -13.52
C GLN G 172 -7.02 26.36 -14.66
N THR G 173 -7.25 25.05 -14.70
CA THR G 173 -8.22 24.45 -15.59
C THR G 173 -9.47 23.96 -14.87
N GLN G 174 -9.38 23.68 -13.57
CA GLN G 174 -10.56 23.31 -12.80
C GLN G 174 -11.43 24.55 -12.57
N LEU G 175 -12.75 24.35 -12.65
CA LEU G 175 -13.66 25.48 -12.51
C LEU G 175 -13.70 25.99 -11.08
N ARG G 176 -13.62 25.09 -10.10
CA ARG G 176 -13.75 25.49 -8.70
C ARG G 176 -12.56 26.34 -8.25
N LYS G 177 -11.36 26.02 -8.73
CA LYS G 177 -10.21 26.86 -8.41
C LYS G 177 -10.32 28.24 -9.04
N ILE G 178 -10.90 28.30 -10.26
CA ILE G 178 -11.14 29.58 -10.91
C ILE G 178 -12.12 30.42 -10.09
N MET G 179 -13.20 29.79 -9.61
CA MET G 179 -14.16 30.50 -8.78
C MET G 179 -13.55 30.94 -7.46
N ALA G 180 -12.66 30.13 -6.89
CA ALA G 180 -12.01 30.51 -5.64
C ALA G 180 -11.10 31.72 -5.81
N TYR G 181 -10.29 31.73 -6.89
CA TYR G 181 -9.42 32.88 -7.13
C TYR G 181 -10.23 34.13 -7.47
N SER G 182 -11.34 33.95 -8.19
CA SER G 182 -12.24 35.06 -8.46
C SER G 182 -12.84 35.61 -7.17
N SER G 183 -13.19 34.72 -6.24
CA SER G 183 -13.71 35.13 -4.95
C SER G 183 -12.67 35.91 -4.15
N ILE G 184 -11.41 35.49 -4.22
CA ILE G 184 -10.34 36.21 -3.53
C ILE G 184 -10.17 37.62 -4.11
N ALA G 185 -10.19 37.72 -5.44
CA ALA G 185 -10.08 39.05 -6.08
C ALA G 185 -11.26 39.94 -5.72
N HIS G 186 -12.46 39.39 -5.71
CA HIS G 186 -13.62 40.18 -5.31
C HIS G 186 -13.58 40.55 -3.83
N MET G 187 -13.02 39.67 -2.99
CA MET G 187 -12.81 39.98 -1.57
C MET G 187 -11.94 41.21 -1.40
N GLY G 188 -10.83 41.25 -2.14
CA GLY G 188 -10.00 42.44 -2.14
C GLY G 188 -10.74 43.67 -2.64
N TRP G 189 -11.58 43.50 -3.65
CA TRP G 189 -12.36 44.62 -4.18
C TRP G 189 -13.34 45.16 -3.14
N MET G 190 -14.00 44.28 -2.39
CA MET G 190 -14.93 44.77 -1.36
C MET G 190 -14.19 45.43 -0.20
N THR G 191 -13.09 44.84 0.25
CA THR G 191 -12.40 45.45 1.39
C THR G 191 -11.56 46.66 1.01
N ALA G 192 -11.41 46.95 -0.28
CA ALA G 192 -10.69 48.16 -0.67
C ALA G 192 -11.48 49.43 -0.37
N VAL G 193 -12.80 49.38 -0.45
CA VAL G 193 -13.66 50.56 -0.35
C VAL G 193 -14.41 50.62 0.97
N LEU G 194 -14.10 49.71 1.89
CA LEU G 194 -14.88 49.58 3.13
C LEU G 194 -14.76 50.82 4.02
N LEU G 195 -13.55 51.38 4.15
CA LEU G 195 -13.36 52.49 5.07
C LEU G 195 -13.92 53.80 4.54
N TYR G 196 -14.18 53.90 3.23
CA TYR G 196 -14.68 55.13 2.65
C TYR G 196 -16.20 55.21 2.72
N ASN G 197 -16.88 54.22 2.15
CA ASN G 197 -18.34 54.12 2.22
C ASN G 197 -18.75 52.66 2.13
N PRO G 198 -19.26 52.08 3.21
CA PRO G 198 -19.60 50.64 3.20
C PRO G 198 -20.87 50.33 2.44
N THR G 199 -21.63 51.31 1.98
CA THR G 199 -22.78 51.05 1.12
C THR G 199 -22.33 50.46 -0.21
N MET G 200 -21.22 50.97 -0.76
CA MET G 200 -20.64 50.35 -1.95
C MET G 200 -20.15 48.94 -1.67
N THR G 201 -19.66 48.69 -0.46
CA THR G 201 -19.25 47.34 -0.08
C THR G 201 -20.44 46.39 -0.06
N LEU G 202 -21.57 46.85 0.49
CA LEU G 202 -22.78 46.01 0.50
C LEU G 202 -23.30 45.77 -0.92
N LEU G 203 -23.24 46.80 -1.77
CA LEU G 203 -23.64 46.64 -3.17
C LEU G 203 -22.77 45.62 -3.88
N ASN G 204 -21.45 45.70 -3.68
CA ASN G 204 -20.53 44.75 -4.28
C ASN G 204 -20.76 43.34 -3.74
N LEU G 205 -21.09 43.23 -2.45
CA LEU G 205 -21.37 41.92 -1.86
C LEU G 205 -22.62 41.29 -2.48
N ILE G 206 -23.67 42.08 -2.66
CA ILE G 206 -24.91 41.57 -3.26
C ILE G 206 -24.66 41.14 -4.70
N ILE G 207 -23.96 41.99 -5.47
CA ILE G 207 -23.70 41.69 -6.87
C ILE G 207 -22.83 40.43 -6.99
N TYR G 208 -21.78 40.34 -6.18
CA TYR G 208 -20.88 39.19 -6.23
C TYR G 208 -21.60 37.91 -5.84
N ILE G 209 -22.49 37.99 -4.84
CA ILE G 209 -23.27 36.83 -4.45
C ILE G 209 -24.16 36.36 -5.59
N ILE G 210 -24.82 37.31 -6.28
CA ILE G 210 -25.73 36.96 -7.38
C ILE G 210 -24.96 36.29 -8.53
N MET G 211 -23.84 36.89 -8.94
CA MET G 211 -23.05 36.31 -10.05
C MET G 211 -22.43 34.97 -9.69
N THR G 212 -21.91 34.83 -8.46
CA THR G 212 -21.33 33.54 -8.05
C THR G 212 -22.41 32.46 -7.98
N SER G 213 -23.60 32.80 -7.48
CA SER G 213 -24.69 31.84 -7.45
C SER G 213 -25.12 31.45 -8.85
N THR G 214 -25.15 32.41 -9.78
CA THR G 214 -25.53 32.10 -11.16
C THR G 214 -24.53 31.15 -11.80
N MET G 215 -23.24 31.42 -11.62
CA MET G 215 -22.22 30.56 -12.22
C MET G 215 -22.24 29.17 -11.60
N PHE G 216 -22.40 29.07 -10.28
CA PHE G 216 -22.44 27.77 -9.63
C PHE G 216 -23.68 26.98 -10.03
N THR G 217 -24.83 27.64 -10.13
CA THR G 217 -26.06 26.95 -10.54
C THR G 217 -26.00 26.50 -12.00
N LEU G 218 -25.36 27.29 -12.86
CA LEU G 218 -25.14 26.84 -14.23
C LEU G 218 -24.21 25.63 -14.27
N PHE G 219 -23.22 25.60 -13.37
CA PHE G 219 -22.36 24.43 -13.27
C PHE G 219 -23.12 23.20 -12.76
N MET G 220 -24.09 23.40 -11.88
CA MET G 220 -24.98 22.29 -11.49
C MET G 220 -25.78 21.78 -12.68
N ALA G 221 -26.38 22.71 -13.43
CA ALA G 221 -27.26 22.33 -14.54
C ALA G 221 -26.50 21.61 -15.64
N ASN G 222 -25.30 22.08 -15.96
CA ASN G 222 -24.50 21.41 -16.97
C ASN G 222 -23.74 20.20 -16.45
N SER G 223 -23.72 19.99 -15.13
CA SER G 223 -23.01 18.89 -14.47
C SER G 223 -21.54 18.85 -14.86
N THR G 224 -20.91 20.02 -14.83
CA THR G 224 -19.53 20.19 -15.25
C THR G 224 -18.64 20.49 -14.05
N THR G 225 -17.41 19.99 -14.11
CA THR G 225 -16.44 20.24 -13.04
C THR G 225 -15.14 20.80 -13.61
N THR G 226 -14.82 20.45 -14.85
CA THR G 226 -13.60 20.89 -15.51
C THR G 226 -13.95 21.76 -16.71
N THR G 227 -12.91 22.26 -17.37
CA THR G 227 -13.11 23.12 -18.54
C THR G 227 -13.58 22.32 -19.75
N LEU G 228 -13.17 21.05 -19.86
CA LEU G 228 -13.48 20.26 -21.04
C LEU G 228 -14.96 19.90 -21.11
N SER G 229 -15.57 19.54 -19.98
CA SER G 229 -17.01 19.26 -19.99
C SER G 229 -17.82 20.54 -20.21
N LEU G 230 -17.34 21.65 -19.68
CA LEU G 230 -17.98 22.93 -19.94
C LEU G 230 -17.90 23.29 -21.42
N SER G 231 -16.81 22.94 -22.08
CA SER G 231 -16.73 23.07 -23.52
C SER G 231 -17.70 22.12 -24.21
N HIS G 232 -17.81 20.89 -23.71
CA HIS G 232 -18.67 19.87 -24.31
C HIS G 232 -20.15 20.21 -24.17
N THR G 233 -20.50 21.15 -23.29
CA THR G 233 -21.90 21.53 -23.05
C THR G 233 -22.62 22.05 -24.29
N TRP G 234 -21.90 22.53 -25.31
CA TRP G 234 -22.55 23.08 -26.50
C TRP G 234 -23.37 22.04 -27.25
N ASN G 235 -23.03 20.76 -27.12
CA ASN G 235 -23.80 19.72 -27.81
C ASN G 235 -25.11 19.41 -27.09
N LYS G 236 -25.15 19.53 -25.76
CA LYS G 236 -26.34 19.17 -25.01
C LYS G 236 -27.37 20.30 -25.04
N ALA G 237 -26.97 21.51 -24.67
CA ALA G 237 -27.89 22.63 -24.62
C ALA G 237 -27.16 23.94 -24.90
N PRO G 238 -27.38 24.56 -26.06
CA PRO G 238 -26.68 25.82 -26.37
C PRO G 238 -27.17 27.01 -25.57
N ILE G 239 -28.39 26.94 -25.01
CA ILE G 239 -28.90 28.04 -24.20
C ILE G 239 -28.06 28.18 -22.93
N MET G 240 -27.56 27.06 -22.41
CA MET G 240 -26.65 27.11 -21.26
C MET G 240 -25.34 27.80 -21.63
N THR G 241 -24.86 27.57 -22.85
CA THR G 241 -23.64 28.25 -23.32
C THR G 241 -23.87 29.75 -23.43
N ILE G 242 -25.04 30.15 -23.93
CA ILE G 242 -25.38 31.57 -24.00
C ILE G 242 -25.41 32.19 -22.61
N LEU G 243 -26.04 31.50 -21.65
CA LEU G 243 -26.15 32.00 -20.30
C LEU G 243 -24.79 32.13 -19.62
N VAL G 244 -23.93 31.11 -19.76
CA VAL G 244 -22.61 31.22 -19.13
C VAL G 244 -21.75 32.25 -19.85
N LEU G 245 -21.96 32.46 -21.15
CA LEU G 245 -21.22 33.49 -21.86
C LEU G 245 -21.57 34.88 -21.34
N ILE G 246 -22.88 35.17 -21.23
CA ILE G 246 -23.27 36.50 -20.75
C ILE G 246 -22.94 36.67 -19.28
N THR G 247 -22.97 35.59 -18.49
CA THR G 247 -22.61 35.70 -17.08
C THR G 247 -21.12 35.97 -16.90
N LEU G 248 -20.27 35.24 -17.63
CA LEU G 248 -18.83 35.47 -17.52
C LEU G 248 -18.43 36.82 -18.10
N LEU G 249 -19.17 37.31 -19.10
CA LEU G 249 -18.95 38.68 -19.56
C LEU G 249 -19.39 39.69 -18.50
N SER G 250 -20.41 39.35 -17.70
CA SER G 250 -20.82 40.23 -16.61
C SER G 250 -19.76 40.30 -15.52
N MET G 251 -19.22 39.14 -15.11
CA MET G 251 -18.24 39.13 -14.03
C MET G 251 -16.91 39.75 -14.41
N GLY G 252 -16.67 40.02 -15.68
CA GLY G 252 -15.44 40.68 -16.08
C GLY G 252 -15.45 42.18 -15.94
N GLY G 253 -16.52 42.75 -15.41
CA GLY G 253 -16.61 44.19 -15.29
C GLY G 253 -16.76 44.90 -16.62
N LEU G 254 -17.55 44.34 -17.53
CA LEU G 254 -17.74 44.92 -18.85
C LEU G 254 -19.13 45.54 -18.95
N PRO G 255 -19.23 46.84 -19.19
CA PRO G 255 -20.55 47.46 -19.40
C PRO G 255 -21.14 47.01 -20.72
N PRO G 256 -22.47 47.03 -20.88
CA PRO G 256 -23.50 47.52 -19.96
C PRO G 256 -24.09 46.44 -19.05
N LEU G 257 -23.25 45.58 -18.50
CA LEU G 257 -23.71 44.52 -17.63
C LEU G 257 -23.57 44.93 -16.17
N SER G 258 -24.25 44.19 -15.29
CA SER G 258 -24.34 44.55 -13.88
C SER G 258 -23.03 44.36 -13.14
N GLY G 259 -22.06 43.64 -13.70
CA GLY G 259 -20.75 43.55 -13.09
C GLY G 259 -19.96 44.83 -13.13
N PHE G 260 -20.34 45.76 -14.01
CA PHE G 260 -19.81 47.12 -13.97
C PHE G 260 -20.48 47.96 -12.89
N MET G 261 -21.52 47.43 -12.25
CA MET G 261 -22.20 48.14 -11.17
C MET G 261 -21.30 48.45 -9.97
N PRO G 262 -20.62 47.47 -9.29
CA PRO G 262 -19.87 47.83 -8.08
C PRO G 262 -18.62 48.63 -8.38
N LYS G 263 -17.80 48.06 -9.28
CA LYS G 263 -16.43 48.51 -9.48
C LYS G 263 -16.35 49.98 -9.86
N TRP G 264 -17.18 50.37 -10.84
CA TRP G 264 -17.27 51.77 -11.26
C TRP G 264 -17.59 52.67 -10.09
N MET G 265 -18.63 52.31 -9.31
CA MET G 265 -18.98 53.18 -8.21
C MET G 265 -17.96 53.09 -7.08
N ILE G 266 -17.23 51.97 -7.01
CA ILE G 266 -16.10 51.90 -6.07
C ILE G 266 -15.07 52.97 -6.42
N ILE G 267 -14.79 53.13 -7.72
CA ILE G 267 -13.90 54.20 -8.17
C ILE G 267 -14.51 55.55 -7.81
N GLN G 268 -15.84 55.66 -7.91
CA GLN G 268 -16.52 56.91 -7.57
C GLN G 268 -16.37 57.26 -6.10
N GLU G 269 -16.01 56.29 -5.25
CA GLU G 269 -15.78 56.59 -3.84
C GLU G 269 -14.32 56.75 -3.49
N MET G 270 -13.40 56.44 -4.40
CA MET G 270 -11.98 56.62 -4.09
C MET G 270 -11.42 57.93 -4.61
N THR G 271 -12.04 58.52 -5.63
CA THR G 271 -11.58 59.81 -6.14
C THR G 271 -12.10 60.97 -5.33
N LYS G 272 -13.20 60.80 -4.60
CA LYS G 272 -13.69 61.87 -3.74
C LYS G 272 -12.78 62.07 -2.53
N ASN G 273 -12.05 61.03 -2.13
CA ASN G 273 -11.11 61.10 -1.02
C ASN G 273 -9.68 61.24 -1.49
N ASP G 274 -9.48 61.67 -2.75
CA ASP G 274 -8.16 61.97 -3.32
C ASP G 274 -7.25 60.74 -3.33
N SER G 275 -7.76 59.64 -3.86
CA SER G 275 -6.97 58.44 -4.11
C SER G 275 -7.21 58.03 -5.56
N ILE G 276 -6.24 58.32 -6.41
CA ILE G 276 -6.37 58.08 -7.84
C ILE G 276 -5.47 56.93 -8.31
N ILE G 277 -4.36 56.67 -7.64
CA ILE G 277 -3.47 55.58 -8.04
C ILE G 277 -4.10 54.23 -7.78
N LEU G 278 -4.70 54.07 -6.59
CA LEU G 278 -5.24 52.76 -6.20
C LEU G 278 -6.39 52.26 -7.07
N PRO G 279 -7.43 53.04 -7.41
CA PRO G 279 -8.45 52.50 -8.33
C PRO G 279 -7.92 52.17 -9.71
N THR G 280 -6.95 52.94 -10.21
CA THR G 280 -6.35 52.64 -11.50
C THR G 280 -5.61 51.31 -11.46
N LEU G 281 -4.80 51.10 -10.42
CA LEU G 281 -4.09 49.84 -10.25
C LEU G 281 -5.07 48.68 -10.07
N MET G 282 -6.17 48.92 -9.38
CA MET G 282 -7.15 47.87 -9.13
C MET G 282 -7.88 47.47 -10.41
N ALA G 283 -8.21 48.44 -11.26
CA ALA G 283 -8.82 48.12 -12.55
C ALA G 283 -7.85 47.39 -13.47
N ILE G 284 -6.59 47.85 -13.50
CA ILE G 284 -5.57 47.19 -14.30
C ILE G 284 -5.37 45.75 -13.85
N THR G 285 -5.45 45.51 -12.54
CA THR G 285 -5.33 44.14 -12.05
C THR G 285 -6.59 43.31 -12.33
N ALA G 286 -7.77 43.92 -12.31
CA ALA G 286 -9.00 43.20 -12.63
C ALA G 286 -9.08 42.82 -14.11
N LEU G 287 -8.25 43.45 -14.95
CA LEU G 287 -8.11 42.99 -16.33
C LEU G 287 -7.68 41.52 -16.42
N LEU G 288 -6.93 41.01 -15.43
CA LEU G 288 -6.55 39.61 -15.43
C LEU G 288 -7.75 38.69 -15.19
N ASN G 289 -8.65 39.10 -14.28
CA ASN G 289 -9.89 38.36 -14.09
C ASN G 289 -10.71 38.35 -15.37
N LEU G 290 -10.79 39.50 -16.04
CA LEU G 290 -11.43 39.56 -17.34
C LEU G 290 -10.75 38.63 -18.34
N TYR G 291 -9.42 38.49 -18.25
CA TYR G 291 -8.70 37.64 -19.18
C TYR G 291 -9.07 36.18 -19.03
N PHE G 292 -9.05 35.66 -17.80
CA PHE G 292 -9.38 34.24 -17.71
C PHE G 292 -10.88 33.98 -17.86
N TYR G 293 -11.73 34.99 -17.61
CA TYR G 293 -13.13 34.88 -18.00
C TYR G 293 -13.28 34.77 -19.52
N MET G 294 -12.50 35.56 -20.26
CA MET G 294 -12.53 35.48 -21.71
C MET G 294 -12.02 34.15 -22.22
N ARG G 295 -11.01 33.59 -21.55
CA ARG G 295 -10.53 32.26 -21.91
C ARG G 295 -11.61 31.20 -21.68
N LEU G 296 -12.35 31.30 -20.57
CA LEU G 296 -13.44 30.37 -20.32
C LEU G 296 -14.55 30.50 -21.37
N THR G 297 -14.87 31.73 -21.78
CA THR G 297 -15.90 31.92 -22.80
C THR G 297 -15.43 31.41 -24.16
N TYR G 298 -14.14 31.55 -24.46
CA TYR G 298 -13.61 31.00 -25.72
C TYR G 298 -13.69 29.49 -25.72
N SER G 299 -13.36 28.86 -24.59
CA SER G 299 -13.43 27.40 -24.52
C SER G 299 -14.88 26.91 -24.58
N THR G 300 -15.81 27.65 -23.98
CA THR G 300 -17.17 27.13 -23.79
C THR G 300 -18.10 27.43 -24.95
N ALA G 301 -18.32 28.70 -25.25
CA ALA G 301 -19.41 29.12 -26.13
C ALA G 301 -18.96 29.55 -27.51
N LEU G 302 -17.93 30.39 -27.60
CA LEU G 302 -17.57 31.01 -28.88
C LEU G 302 -16.86 30.06 -29.82
N THR G 303 -16.39 28.90 -29.35
CA THR G 303 -15.81 27.90 -30.21
C THR G 303 -16.51 26.57 -30.00
N MET G 304 -16.51 25.75 -31.05
CA MET G 304 -17.25 24.49 -31.06
C MET G 304 -16.23 23.37 -30.86
N PHE G 305 -16.00 23.00 -29.60
CA PHE G 305 -15.03 21.97 -29.28
C PHE G 305 -15.57 20.60 -29.70
N PRO G 306 -14.69 19.65 -30.02
CA PRO G 306 -15.16 18.31 -30.40
C PRO G 306 -15.82 17.58 -29.24
N SER G 307 -16.78 16.74 -29.59
CA SER G 307 -17.53 15.94 -28.62
C SER G 307 -17.32 14.46 -28.90
N THR G 308 -17.99 13.63 -28.12
CA THR G 308 -17.89 12.18 -28.24
C THR G 308 -19.17 11.61 -28.83
N ASN G 309 -19.17 10.31 -29.06
CA ASN G 309 -20.31 9.65 -29.67
C ASN G 309 -21.46 9.44 -28.69
N ASN G 310 -21.15 9.24 -27.40
CA ASN G 310 -22.17 8.87 -26.43
C ASN G 310 -23.14 10.01 -26.13
N MET G 311 -22.75 11.26 -26.42
CA MET G 311 -23.63 12.41 -26.19
C MET G 311 -24.92 12.32 -26.99
N LYS G 312 -24.94 11.53 -28.06
CA LYS G 312 -26.17 11.28 -28.80
C LYS G 312 -27.28 10.77 -27.90
N MET G 313 -26.94 9.85 -26.99
CA MET G 313 -27.96 9.35 -26.06
C MET G 313 -28.44 10.45 -25.13
N LYS G 314 -27.55 11.37 -24.74
CA LYS G 314 -27.97 12.49 -23.91
C LYS G 314 -28.86 13.47 -24.66
N TRP G 315 -28.97 13.34 -25.98
CA TRP G 315 -29.95 14.14 -26.71
C TRP G 315 -31.36 13.64 -26.49
N GLN G 316 -31.54 12.41 -26.02
CA GLN G 316 -32.87 11.84 -25.84
C GLN G 316 -33.42 12.03 -24.44
N PHE G 317 -32.66 12.64 -23.53
CA PHE G 317 -33.07 12.81 -22.14
C PHE G 317 -32.96 14.27 -21.76
N PRO G 318 -34.07 14.96 -21.53
CA PRO G 318 -33.99 16.37 -21.10
C PRO G 318 -33.59 16.47 -19.64
N THR G 319 -33.14 17.66 -19.26
CA THR G 319 -32.73 17.92 -17.89
C THR G 319 -33.93 17.92 -16.96
N THR G 320 -33.81 17.22 -15.83
CA THR G 320 -34.85 17.16 -14.81
C THR G 320 -34.35 17.67 -13.46
N LYS G 321 -33.34 18.54 -13.49
CA LYS G 321 -32.77 19.06 -12.25
C LYS G 321 -33.57 20.25 -11.74
N ARG G 322 -33.48 20.48 -10.44
CA ARG G 322 -34.19 21.59 -9.79
C ARG G 322 -33.34 22.84 -9.88
N MET G 323 -33.37 23.47 -11.06
CA MET G 323 -32.63 24.72 -11.28
C MET G 323 -33.43 25.83 -10.61
N THR G 324 -33.16 26.04 -9.33
CA THR G 324 -33.94 26.97 -8.53
C THR G 324 -33.51 28.41 -8.82
N LEU G 325 -34.46 29.25 -9.24
CA LEU G 325 -34.30 30.68 -9.44
C LEU G 325 -33.24 31.03 -10.47
N LEU G 326 -32.89 30.10 -11.37
CA LEU G 326 -31.83 30.36 -12.34
C LEU G 326 -32.15 31.47 -13.35
N PRO G 327 -33.34 31.54 -13.98
CA PRO G 327 -33.56 32.66 -14.92
C PRO G 327 -33.61 34.02 -14.24
N THR G 328 -34.23 34.11 -13.06
CA THR G 328 -34.27 35.37 -12.31
C THR G 328 -32.87 35.82 -11.92
N MET G 329 -32.05 34.86 -11.50
CA MET G 329 -30.68 35.16 -11.07
C MET G 329 -29.82 35.57 -12.26
N THR G 330 -30.01 34.95 -13.42
CA THR G 330 -29.30 35.38 -14.63
C THR G 330 -29.70 36.79 -15.05
N VAL G 331 -31.01 37.08 -15.00
CA VAL G 331 -31.49 38.41 -15.38
C VAL G 331 -30.96 39.46 -14.42
N LEU G 332 -30.93 39.15 -13.12
CA LEU G 332 -30.35 40.08 -12.15
C LEU G 332 -28.86 40.27 -12.37
N SER G 333 -28.14 39.20 -12.71
CA SER G 333 -26.70 39.30 -12.89
C SER G 333 -26.31 39.93 -14.22
N THR G 334 -27.23 40.07 -15.17
CA THR G 334 -26.87 40.63 -16.47
C THR G 334 -27.43 42.01 -16.76
N MET G 335 -28.70 42.28 -16.46
CA MET G 335 -29.35 43.48 -16.98
C MET G 335 -29.82 44.42 -15.88
N LEU G 336 -28.96 44.70 -14.90
CA LEU G 336 -29.32 45.50 -13.74
C LEU G 336 -28.71 46.89 -13.75
N LEU G 337 -28.01 47.28 -14.83
CA LEU G 337 -27.36 48.59 -14.85
C LEU G 337 -28.32 49.78 -14.83
N PRO G 338 -29.37 49.87 -15.67
CA PRO G 338 -30.20 51.10 -15.66
C PRO G 338 -30.97 51.34 -14.38
N LEU G 339 -30.99 50.39 -13.45
CA LEU G 339 -31.53 50.58 -12.10
C LEU G 339 -30.44 50.86 -11.09
N THR G 340 -29.42 51.63 -11.49
CA THR G 340 -28.30 51.92 -10.59
C THR G 340 -28.67 52.60 -9.27
N PRO G 341 -29.54 53.62 -9.20
CA PRO G 341 -29.83 54.24 -7.89
C PRO G 341 -30.58 53.36 -6.91
N ILE G 342 -30.94 52.11 -7.26
CA ILE G 342 -31.59 51.18 -6.35
C ILE G 342 -30.74 50.94 -5.11
N LEU G 343 -29.41 51.02 -5.26
CA LEU G 343 -28.47 50.88 -4.16
C LEU G 343 -28.68 51.91 -3.04
N SER G 344 -29.43 52.99 -3.29
CA SER G 344 -29.76 53.92 -2.23
C SER G 344 -30.60 53.29 -1.13
N ILE G 345 -31.24 52.14 -1.39
CA ILE G 345 -31.93 51.42 -0.34
C ILE G 345 -30.99 50.73 0.64
N LEU G 346 -29.70 50.67 0.32
CA LEU G 346 -28.74 49.99 1.17
C LEU G 346 -28.13 50.89 2.23
N GLU G 347 -28.54 52.16 2.30
CA GLU G 347 -27.99 53.08 3.28
C GLU G 347 -28.68 52.93 4.63
N LYS H 2 8.55 52.25 8.53
CA LYS H 2 8.10 53.63 8.44
C LYS H 2 9.26 54.57 8.72
N THR H 3 10.11 54.18 9.67
CA THR H 3 11.24 55.02 10.05
C THR H 3 12.35 54.97 9.01
N LEU H 4 12.47 53.87 8.26
CA LEU H 4 13.50 53.79 7.23
C LEU H 4 13.19 54.72 6.06
N LEU H 5 11.94 54.72 5.60
CA LEU H 5 11.55 55.60 4.50
C LEU H 5 11.64 57.07 4.92
N HIS H 6 11.25 57.37 6.15
CA HIS H 6 11.36 58.74 6.65
C HIS H 6 12.82 59.15 6.82
N GLN H 7 13.69 58.21 7.19
CA GLN H 7 15.11 58.51 7.30
C GLN H 7 15.72 58.75 5.93
N TYR H 8 15.28 58.00 4.92
CA TYR H 8 15.81 58.21 3.57
C TYR H 8 15.29 59.51 2.96
N TRP H 9 14.05 59.89 3.27
CA TRP H 9 13.43 60.99 2.56
C TRP H 9 13.71 62.36 3.18
N ASP H 10 14.15 62.42 4.44
CA ASP H 10 14.42 63.72 5.04
C ASP H 10 15.82 64.22 4.74
N ILE H 11 16.69 63.38 4.21
CA ILE H 11 18.02 63.85 3.77
C ILE H 11 17.86 64.67 2.49
N PRO H 12 18.43 65.87 2.42
CA PRO H 12 18.33 66.66 1.18
C PRO H 12 19.00 65.96 0.01
N GLU H 13 18.40 66.11 -1.17
CA GLU H 13 18.87 65.41 -2.36
C GLU H 13 20.12 66.09 -2.90
N GLY H 14 21.13 65.28 -3.22
CA GLY H 14 22.37 65.80 -3.76
C GLY H 14 23.27 66.48 -2.76
N THR H 15 23.14 66.18 -1.48
CA THR H 15 23.96 66.81 -0.44
C THR H 15 24.94 65.83 0.18
N GLU H 16 24.46 64.71 0.71
CA GLU H 16 25.31 63.68 1.31
C GLU H 16 25.02 62.36 0.60
N CYS H 17 25.95 61.91 -0.24
CA CYS H 17 25.74 60.70 -1.02
C CYS H 17 25.82 59.45 -0.13
N HIS H 18 26.71 59.46 0.87
CA HIS H 18 26.98 58.25 1.63
C HIS H 18 25.82 57.87 2.53
N ARG H 19 25.22 58.85 3.21
CA ARG H 19 24.10 58.54 4.09
C ARG H 19 22.87 58.10 3.31
N LYS H 20 22.62 58.74 2.15
CA LYS H 20 21.51 58.32 1.29
C LYS H 20 21.74 56.91 0.75
N THR H 21 22.98 56.62 0.34
CA THR H 21 23.30 55.28 -0.15
C THR H 21 23.13 54.23 0.95
N TYR H 22 23.54 54.56 2.19
CA TYR H 22 23.37 53.64 3.30
C TYR H 22 21.89 53.41 3.62
N ALA H 23 21.08 54.47 3.58
CA ALA H 23 19.65 54.31 3.82
C ALA H 23 18.98 53.47 2.75
N ALA H 24 19.34 53.69 1.49
CA ALA H 24 18.81 52.88 0.40
C ALA H 24 19.27 51.43 0.50
N THR H 25 20.51 51.22 0.96
CA THR H 25 21.01 49.87 1.19
C THR H 25 20.20 49.16 2.27
N SER H 26 19.87 49.89 3.34
CA SER H 26 19.07 49.30 4.42
C SER H 26 17.65 48.96 3.93
N ILE H 27 17.06 49.84 3.12
CA ILE H 27 15.72 49.58 2.58
C ILE H 27 15.74 48.35 1.68
N GLY H 28 16.74 48.26 0.80
CA GLY H 28 16.87 47.10 -0.06
C GLY H 28 17.11 45.82 0.72
N GLY H 29 17.94 45.88 1.76
CA GLY H 29 18.18 44.71 2.59
C GLY H 29 16.94 44.24 3.32
N ALA H 30 16.13 45.19 3.81
CA ALA H 30 14.88 44.81 4.46
C ALA H 30 13.92 44.14 3.51
N SER H 31 13.77 44.69 2.30
CA SER H 31 12.88 44.08 1.31
C SER H 31 13.37 42.70 0.89
N GLY H 32 14.69 42.56 0.68
CA GLY H 32 15.24 41.26 0.36
C GLY H 32 15.10 40.25 1.49
N LEU H 33 15.21 40.71 2.74
CA LEU H 33 14.99 39.82 3.87
C LEU H 33 13.56 39.31 3.91
N VAL H 34 12.59 40.19 3.64
CA VAL H 34 11.19 39.76 3.59
C VAL H 34 10.97 38.74 2.47
N VAL H 35 11.52 39.02 1.29
CA VAL H 35 11.35 38.13 0.14
C VAL H 35 11.98 36.77 0.41
N SER H 36 13.19 36.75 0.97
CA SER H 36 13.88 35.49 1.25
C SER H 36 13.20 34.72 2.37
N ALA H 37 12.65 35.43 3.37
CA ALA H 37 11.90 34.74 4.43
C ALA H 37 10.67 34.05 3.87
N TYR H 38 9.92 34.74 3.01
CA TYR H 38 8.77 34.09 2.38
C TYR H 38 9.19 32.95 1.47
N SER H 39 10.33 33.08 0.80
CA SER H 39 10.82 32.03 -0.10
C SER H 39 11.18 30.77 0.68
N VAL H 40 11.94 30.92 1.78
CA VAL H 40 12.31 29.77 2.58
C VAL H 40 11.15 29.25 3.42
N ALA H 41 10.08 30.04 3.57
CA ALA H 41 8.88 29.52 4.21
C ALA H 41 8.08 28.63 3.26
N LEU H 42 7.67 29.19 2.12
CA LEU H 42 6.77 28.44 1.23
C LEU H 42 7.50 27.34 0.48
N LYS H 43 8.69 27.60 -0.02
CA LYS H 43 9.48 26.61 -0.76
C LYS H 43 10.65 26.20 0.11
N THR H 44 10.55 25.02 0.71
CA THR H 44 11.55 24.59 1.68
C THR H 44 12.85 24.20 0.98
N PRO H 45 13.98 24.78 1.36
CA PRO H 45 15.26 24.33 0.81
C PRO H 45 15.63 22.95 1.33
N THR H 46 16.53 22.29 0.60
CA THR H 46 16.92 20.93 0.93
C THR H 46 17.83 20.87 2.16
N SER H 47 18.46 21.98 2.54
CA SER H 47 19.38 21.98 3.66
C SER H 47 19.42 23.38 4.27
N PHE H 48 20.00 23.47 5.47
CA PHE H 48 20.16 24.76 6.13
C PHE H 48 21.14 25.64 5.37
N LEU H 49 22.22 25.05 4.85
CA LEU H 49 23.21 25.82 4.11
C LEU H 49 22.62 26.40 2.83
N GLU H 50 21.79 25.63 2.12
CA GLU H 50 21.13 26.14 0.93
C GLU H 50 20.17 27.27 1.27
N GLY H 51 19.46 27.15 2.39
CA GLY H 51 18.55 28.21 2.80
C GLY H 51 19.25 29.50 3.15
N VAL H 52 20.34 29.41 3.92
CA VAL H 52 21.06 30.64 4.26
C VAL H 52 21.78 31.21 3.05
N ALA H 53 22.22 30.36 2.12
CA ALA H 53 22.81 30.86 0.88
C ALA H 53 21.78 31.61 0.04
N ARG H 54 20.56 31.08 -0.06
CA ARG H 54 19.50 31.78 -0.80
C ARG H 54 19.12 33.09 -0.12
N THR H 55 19.04 33.10 1.21
CA THR H 55 18.72 34.33 1.94
C THR H 55 19.80 35.38 1.73
N GLY H 56 21.07 34.98 1.83
CA GLY H 56 22.16 35.92 1.59
C GLY H 56 22.20 36.42 0.16
N ARG H 57 21.89 35.55 -0.80
CA ARG H 57 21.88 35.95 -2.21
C ARG H 57 20.79 36.98 -2.48
N TYR H 58 19.58 36.72 -1.97
CA TYR H 58 18.48 37.66 -2.20
C TYR H 58 18.75 39.00 -1.51
N THR H 59 19.24 38.95 -0.27
CA THR H 59 19.52 40.18 0.46
C THR H 59 20.63 40.98 -0.20
N PHE H 60 21.68 40.31 -0.68
CA PHE H 60 22.78 41.00 -1.34
C PHE H 60 22.33 41.60 -2.67
N THR H 61 21.51 40.89 -3.43
CA THR H 61 21.02 41.41 -4.70
C THR H 61 20.17 42.66 -4.49
N ALA H 62 19.23 42.60 -3.55
CA ALA H 62 18.37 43.74 -3.29
C ALA H 62 19.15 44.92 -2.72
N ALA H 63 20.13 44.63 -1.84
CA ALA H 63 20.95 45.69 -1.26
C ALA H 63 21.82 46.36 -2.32
N ALA H 64 22.37 45.58 -3.25
CA ALA H 64 23.16 46.15 -4.34
C ALA H 64 22.30 47.03 -5.25
N ILE H 65 21.08 46.57 -5.56
CA ILE H 65 20.17 47.37 -6.38
C ILE H 65 19.85 48.68 -5.69
N GLY H 66 19.51 48.63 -4.40
CA GLY H 66 19.17 49.85 -3.68
C GLY H 66 20.36 50.80 -3.54
N ALA H 67 21.54 50.25 -3.25
CA ALA H 67 22.74 51.08 -3.08
C ALA H 67 23.11 51.78 -4.38
N ILE H 68 23.08 51.04 -5.50
CA ILE H 68 23.45 51.65 -6.77
C ILE H 68 22.40 52.67 -7.22
N PHE H 69 21.12 52.38 -6.96
CA PHE H 69 20.06 53.34 -7.27
C PHE H 69 20.25 54.64 -6.49
N GLY H 70 20.49 54.54 -5.19
CA GLY H 70 20.68 55.73 -4.38
C GLY H 70 21.91 56.52 -4.77
N LEU H 71 23.03 55.82 -5.02
CA LEU H 71 24.27 56.48 -5.40
C LEU H 71 24.12 57.17 -6.75
N THR H 72 23.48 56.51 -7.72
CA THR H 72 23.31 57.11 -9.05
C THR H 72 22.36 58.30 -9.00
N SER H 73 21.28 58.21 -8.21
CA SER H 73 20.36 59.33 -8.08
C SER H 73 21.04 60.53 -7.43
N CYS H 74 21.82 60.31 -6.37
CA CYS H 74 22.49 61.42 -5.70
C CYS H 74 23.58 62.01 -6.58
N ILE H 75 24.30 61.17 -7.34
CA ILE H 75 25.32 61.65 -8.26
C ILE H 75 24.70 62.50 -9.37
N SER H 76 23.57 62.05 -9.93
CA SER H 76 22.89 62.82 -10.96
C SER H 76 22.36 64.14 -10.43
N ALA H 77 21.80 64.12 -9.20
CA ALA H 77 21.28 65.36 -8.62
C ALA H 77 22.40 66.34 -8.29
N GLN H 78 23.58 65.86 -7.91
CA GLN H 78 24.69 66.76 -7.67
C GLN H 78 25.29 67.28 -8.97
N VAL H 79 25.38 66.43 -9.99
CA VAL H 79 26.00 66.82 -11.25
C VAL H 79 25.15 67.81 -12.02
N ARG H 80 23.82 67.62 -12.01
CA ARG H 80 22.93 68.47 -12.79
C ARG H 80 22.46 69.71 -12.06
N GLU H 81 22.76 69.85 -10.76
CA GLU H 81 22.17 70.88 -9.87
C GLU H 81 20.66 70.97 -10.03
N LYS H 82 19.99 69.83 -10.09
CA LYS H 82 18.52 69.76 -10.17
C LYS H 82 18.03 68.77 -9.12
N PRO H 83 17.89 69.21 -7.87
CA PRO H 83 17.47 68.28 -6.82
C PRO H 83 16.02 67.84 -6.94
N ASP H 84 15.12 68.74 -7.33
CA ASP H 84 13.70 68.41 -7.50
C ASP H 84 13.38 68.16 -8.97
N ASP H 85 13.98 67.09 -9.50
CA ASP H 85 13.80 66.71 -10.88
C ASP H 85 13.73 65.18 -10.97
N PRO H 86 12.68 64.63 -11.57
CA PRO H 86 12.53 63.16 -11.59
C PRO H 86 13.48 62.45 -12.53
N LEU H 87 14.22 63.17 -13.39
CA LEU H 87 15.11 62.50 -14.33
C LEU H 87 16.29 61.86 -13.62
N ASN H 88 16.74 62.46 -12.51
CA ASN H 88 17.76 61.82 -11.69
C ASN H 88 17.26 60.50 -11.12
N TYR H 89 16.01 60.46 -10.68
CA TYR H 89 15.44 59.21 -10.19
C TYR H 89 15.25 58.21 -11.32
N LEU H 90 14.95 58.67 -12.53
CA LEU H 90 14.89 57.78 -13.69
C LEU H 90 16.25 57.15 -13.98
N ILE H 91 17.31 57.96 -13.90
CA ILE H 91 18.67 57.46 -14.10
C ILE H 91 19.04 56.45 -13.02
N GLY H 92 18.68 56.74 -11.77
CA GLY H 92 18.94 55.80 -10.69
C GLY H 92 18.17 54.51 -10.83
N GLY H 93 16.92 54.59 -11.30
CA GLY H 93 16.14 53.39 -11.54
C GLY H 93 16.72 52.53 -12.65
N CYS H 94 17.22 53.18 -13.72
CA CYS H 94 17.86 52.41 -14.78
C CYS H 94 19.18 51.79 -14.32
N ALA H 95 19.92 52.49 -13.45
CA ALA H 95 21.13 51.91 -12.88
C ALA H 95 20.82 50.69 -12.02
N GLY H 96 19.74 50.78 -11.23
CA GLY H 96 19.30 49.61 -10.48
C GLY H 96 18.85 48.47 -11.36
N GLY H 97 18.21 48.79 -12.49
CA GLY H 97 17.82 47.75 -13.42
C GLY H 97 19.02 47.06 -14.06
N LEU H 98 20.05 47.83 -14.40
CA LEU H 98 21.29 47.26 -14.90
C LEU H 98 21.97 46.39 -13.84
N THR H 99 21.88 46.80 -12.57
CA THR H 99 22.41 45.97 -11.49
C THR H 99 21.64 44.66 -11.36
N LEU H 100 20.31 44.71 -11.50
CA LEU H 100 19.51 43.49 -11.47
C LEU H 100 19.85 42.58 -12.63
N GLY H 101 20.08 43.15 -13.81
CA GLY H 101 20.52 42.35 -14.95
C GLY H 101 21.88 41.74 -14.76
N ALA H 102 22.80 42.47 -14.12
CA ALA H 102 24.12 41.92 -13.82
C ALA H 102 24.04 40.79 -12.80
N ARG H 103 23.18 40.94 -11.80
CA ARG H 103 23.02 39.90 -10.79
C ARG H 103 22.33 38.67 -11.37
N THR H 104 21.42 38.84 -12.31
CA THR H 104 20.74 37.74 -12.97
C THR H 104 21.49 37.22 -14.20
N ARG H 105 22.61 37.86 -14.56
CA ARG H 105 23.48 37.44 -15.66
C ARG H 105 22.74 37.38 -17.00
N SER H 106 21.88 38.36 -17.24
CA SER H 106 21.15 38.43 -18.50
C SER H 106 20.97 39.90 -18.87
N TYR H 107 20.75 40.13 -20.16
CA TYR H 107 20.66 41.48 -20.72
C TYR H 107 19.23 41.98 -20.87
N GLY H 108 18.31 41.11 -21.31
CA GLY H 108 16.94 41.54 -21.49
C GLY H 108 16.25 41.88 -20.17
N ILE H 109 16.55 41.10 -19.13
CA ILE H 109 16.07 41.42 -17.79
C ILE H 109 16.61 42.76 -17.33
N GLY H 110 17.90 43.02 -17.62
CA GLY H 110 18.48 44.30 -17.27
C GLY H 110 17.81 45.47 -17.98
N ALA H 111 17.53 45.33 -19.27
CA ALA H 111 16.88 46.40 -20.02
C ALA H 111 15.45 46.63 -19.54
N ALA H 112 14.68 45.55 -19.35
CA ALA H 112 13.30 45.69 -18.89
C ALA H 112 13.24 46.26 -17.48
N ALA H 113 14.16 45.82 -16.61
CA ALA H 113 14.20 46.35 -15.24
C ALA H 113 14.61 47.82 -15.24
N CYS H 114 15.57 48.19 -16.09
CA CYS H 114 15.92 49.60 -16.27
C CYS H 114 14.71 50.44 -16.63
N ALA H 115 13.96 50.01 -17.67
CA ALA H 115 12.82 50.79 -18.13
C ALA H 115 11.74 50.89 -17.06
N TYR H 116 11.32 49.75 -16.49
CA TYR H 116 10.19 49.76 -15.58
C TYR H 116 10.54 50.39 -14.24
N MET H 117 11.73 50.12 -13.70
CA MET H 117 12.10 50.74 -12.44
C MET H 117 12.46 52.20 -12.60
N GLY H 118 12.92 52.62 -13.78
CA GLY H 118 13.08 54.04 -14.03
C GLY H 118 11.76 54.77 -14.06
N LEU H 119 10.76 54.18 -14.71
CA LEU H 119 9.42 54.77 -14.69
C LEU H 119 8.84 54.79 -13.27
N THR H 120 9.05 53.72 -12.51
CA THR H 120 8.54 53.67 -11.15
C THR H 120 9.21 54.70 -10.23
N ALA H 121 10.54 54.85 -10.36
CA ALA H 121 11.25 55.83 -9.54
C ALA H 121 10.89 57.25 -9.94
N ALA H 122 10.70 57.50 -11.24
CA ALA H 122 10.25 58.81 -11.69
C ALA H 122 8.86 59.11 -11.15
N LEU H 123 7.98 58.10 -11.12
CA LEU H 123 6.65 58.30 -10.57
C LEU H 123 6.68 58.54 -9.06
N VAL H 124 7.60 57.88 -8.35
CA VAL H 124 7.75 58.09 -6.91
C VAL H 124 8.23 59.51 -6.63
N LYS H 125 9.21 59.99 -7.40
CA LYS H 125 9.67 61.37 -7.24
C LYS H 125 8.57 62.37 -7.60
N MET H 126 7.78 62.04 -8.63
CA MET H 126 6.67 62.89 -9.03
C MET H 126 5.64 63.01 -7.92
N GLY H 127 5.30 61.87 -7.29
CA GLY H 127 4.37 61.87 -6.18
C GLY H 127 4.91 62.59 -4.96
N GLN H 128 6.21 62.48 -4.71
CA GLN H 128 6.80 63.24 -3.60
C GLN H 128 6.80 64.73 -3.88
N LEU H 129 6.97 65.13 -5.13
CA LEU H 129 6.95 66.55 -5.47
C LEU H 129 5.55 67.12 -5.40
N GLU H 130 4.57 66.42 -5.96
CA GLU H 130 3.21 66.92 -6.05
C GLU H 130 2.36 66.55 -4.83
N GLY H 131 2.90 65.81 -3.88
CA GLY H 131 2.13 65.40 -2.72
C GLY H 131 1.04 64.41 -3.00
N TRP H 132 1.28 63.45 -3.89
CA TRP H 132 0.31 62.41 -4.16
C TRP H 132 0.21 61.45 -2.97
N LYS H 133 -0.98 60.90 -2.78
CA LYS H 133 -1.25 59.96 -1.70
C LYS H 133 -1.64 58.61 -2.29
N VAL H 134 -1.02 57.55 -1.78
CA VAL H 134 -1.34 56.19 -2.21
C VAL H 134 -2.32 55.52 -1.26
N PHE H 135 -2.18 55.75 0.05
CA PHE H 135 -3.13 55.28 1.06
C PHE H 135 -3.80 56.51 1.61
N ALA H 136 -4.88 56.95 0.96
CA ALA H 136 -5.50 58.22 1.29
C ALA H 136 -6.35 58.10 2.55
N GLU H 137 -6.15 59.03 3.47
CA GLU H 137 -6.99 59.17 4.65
C GLU H 137 -8.38 59.59 4.19
N PRO H 138 -9.43 58.82 4.48
CA PRO H 138 -10.78 59.22 4.04
C PRO H 138 -11.23 60.53 4.67
N LYS H 139 -11.81 61.38 3.82
CA LYS H 139 -12.21 62.73 4.22
C LYS H 139 -13.65 63.07 3.84
N VAL H 140 -14.29 62.32 2.95
CA VAL H 140 -15.66 62.61 2.54
C VAL H 140 -16.56 61.42 2.79
N GLY I 1 -17.16 36.04 -95.05
CA GLY I 1 -15.77 36.47 -95.02
C GLY I 1 -14.98 35.83 -93.90
N LYS I 2 -15.34 34.58 -93.58
CA LYS I 2 -14.70 33.77 -92.54
C LYS I 2 -14.73 34.48 -91.19
N ARG I 3 -15.95 34.66 -90.69
CA ARG I 3 -16.14 35.27 -89.39
C ARG I 3 -15.78 34.28 -88.28
N LEU I 4 -14.96 34.73 -87.33
CA LEU I 4 -14.55 33.90 -86.21
C LEU I 4 -15.29 34.32 -84.95
N PHE I 5 -15.57 33.32 -84.11
CA PHE I 5 -16.26 33.58 -82.85
C PHE I 5 -15.35 34.31 -81.88
N ILE I 6 -15.88 35.34 -81.23
CA ILE I 6 -15.13 36.13 -80.27
C ILE I 6 -15.53 35.68 -78.87
N ILE I 7 -14.58 35.11 -78.14
CA ILE I 7 -14.85 34.65 -76.78
C ILE I 7 -14.75 35.83 -75.83
N LYS I 8 -15.79 36.02 -75.03
CA LYS I 8 -15.83 37.10 -74.04
C LYS I 8 -16.62 36.62 -72.85
N PRO I 9 -16.38 37.19 -71.66
CA PRO I 9 -17.20 36.83 -70.50
C PRO I 9 -18.63 37.31 -70.65
N SER I 10 -19.51 36.67 -69.89
CA SER I 10 -20.94 36.94 -69.97
C SER I 10 -21.23 38.33 -69.42
N GLY I 11 -21.59 39.26 -70.30
CA GLY I 11 -21.98 40.59 -69.91
C GLY I 11 -23.47 40.77 -69.68
N PHE I 12 -24.23 39.68 -69.65
CA PHE I 12 -25.68 39.77 -69.45
C PHE I 12 -26.01 40.25 -68.04
N TYR I 13 -25.27 39.78 -67.04
CA TYR I 13 -25.59 40.11 -65.66
C TYR I 13 -25.27 41.56 -65.33
N ASP I 14 -24.12 42.06 -65.82
CA ASP I 14 -23.78 43.46 -65.60
C ASP I 14 -24.75 44.39 -66.32
N LYS I 15 -25.14 44.03 -67.54
CA LYS I 15 -26.13 44.83 -68.28
C LYS I 15 -27.48 44.82 -67.57
N ARG I 16 -27.87 43.66 -67.02
CA ARG I 16 -29.11 43.58 -66.26
C ARG I 16 -29.07 44.47 -65.02
N PHE I 17 -27.94 44.45 -64.30
CA PHE I 17 -27.80 45.30 -63.12
C PHE I 17 -27.86 46.77 -63.50
N LEU I 18 -27.18 47.17 -64.57
CA LEU I 18 -27.19 48.57 -64.97
C LEU I 18 -28.57 49.02 -65.42
N LYS I 19 -29.30 48.15 -66.14
CA LYS I 19 -30.66 48.47 -66.55
C LYS I 19 -31.58 48.61 -65.36
N LEU I 20 -31.47 47.71 -64.39
CA LEU I 20 -32.28 47.80 -63.17
C LEU I 20 -31.95 49.04 -62.37
N LEU I 21 -30.66 49.39 -62.29
CA LEU I 21 -30.24 50.59 -61.57
C LEU I 21 -30.80 51.84 -62.21
N ARG I 22 -30.72 51.93 -63.54
CA ARG I 22 -31.26 53.08 -64.25
C ARG I 22 -32.77 53.18 -64.09
N PHE I 23 -33.47 52.04 -64.18
CA PHE I 23 -34.92 52.06 -64.03
C PHE I 23 -35.35 52.49 -62.63
N TYR I 24 -34.70 51.93 -61.60
CA TYR I 24 -35.09 52.24 -60.24
C TYR I 24 -34.64 53.62 -59.80
N ILE I 25 -33.65 54.21 -60.47
CA ILE I 25 -33.34 55.61 -60.21
C ILE I 25 -34.36 56.52 -60.89
N LEU I 26 -34.62 56.29 -62.19
CA LEU I 26 -35.50 57.17 -62.94
C LEU I 26 -36.94 57.10 -62.47
N LEU I 27 -37.36 55.97 -61.89
CA LEU I 27 -38.75 55.74 -61.47
C LEU I 27 -39.22 56.79 -60.47
N THR I 28 -38.33 57.26 -59.60
CA THR I 28 -38.64 58.40 -58.74
C THR I 28 -37.86 59.64 -59.09
N GLY I 29 -36.89 59.55 -60.01
CA GLY I 29 -36.22 60.77 -60.48
C GLY I 29 -37.13 61.63 -61.34
N ILE I 30 -37.86 61.02 -62.26
CA ILE I 30 -38.75 61.74 -63.16
C ILE I 30 -39.91 62.43 -62.42
N PRO I 31 -40.67 61.77 -61.52
CA PRO I 31 -41.72 62.51 -60.82
C PRO I 31 -41.20 63.62 -59.91
N VAL I 32 -40.02 63.44 -59.31
CA VAL I 32 -39.47 64.46 -58.42
C VAL I 32 -39.09 65.71 -59.23
N VAL I 33 -38.42 65.52 -60.36
CA VAL I 33 -38.02 66.68 -61.15
C VAL I 33 -39.24 67.32 -61.83
N ILE I 34 -40.25 66.53 -62.18
CA ILE I 34 -41.47 67.10 -62.75
C ILE I 34 -42.20 67.94 -61.71
N GLY I 35 -42.32 67.44 -60.48
CA GLY I 35 -42.95 68.21 -59.43
C GLY I 35 -42.16 69.45 -59.04
N ILE I 36 -40.83 69.36 -59.05
CA ILE I 36 -39.99 70.51 -58.74
C ILE I 36 -40.15 71.59 -59.81
N THR I 37 -40.17 71.20 -61.08
CA THR I 37 -40.39 72.17 -62.16
C THR I 37 -41.78 72.78 -62.10
N LEU I 38 -42.80 71.96 -61.80
CA LEU I 38 -44.16 72.50 -61.70
C LEU I 38 -44.33 73.43 -60.51
N ILE I 39 -43.60 73.18 -59.41
CA ILE I 39 -43.63 74.07 -58.27
C ILE I 39 -42.91 75.38 -58.59
N ASN I 40 -41.75 75.28 -59.25
CA ASN I 40 -40.97 76.48 -59.56
C ASN I 40 -41.65 77.36 -60.60
N VAL I 41 -42.41 76.76 -61.52
CA VAL I 41 -43.05 77.55 -62.56
C VAL I 41 -44.35 78.17 -62.06
N PHE I 42 -45.20 77.37 -61.40
CA PHE I 42 -46.52 77.84 -61.02
C PHE I 42 -46.55 78.48 -59.63
N ILE I 43 -46.07 77.78 -58.60
CA ILE I 43 -46.05 78.35 -57.26
C ILE I 43 -44.98 79.44 -57.18
N GLY I 44 -43.78 79.16 -57.68
CA GLY I 44 -42.74 80.17 -57.74
C GLY I 44 -42.03 80.38 -56.41
N GLU I 45 -41.20 81.43 -56.40
CA GLU I 45 -40.40 81.78 -55.24
C GLU I 45 -41.06 82.90 -54.45
N ALA I 46 -40.55 83.12 -53.24
CA ALA I 46 -41.06 84.15 -52.35
C ALA I 46 -40.44 85.50 -52.69
N GLU I 47 -40.80 86.52 -51.91
CA GLU I 47 -40.27 87.87 -52.08
C GLU I 47 -39.84 88.42 -50.73
N LEU I 48 -38.78 89.21 -50.74
CA LEU I 48 -38.25 89.80 -49.51
C LEU I 48 -39.00 91.07 -49.19
N ALA I 49 -39.57 91.13 -47.98
CA ALA I 49 -40.32 92.30 -47.54
C ALA I 49 -39.99 92.58 -46.08
N GLU I 50 -40.15 93.84 -45.69
CA GLU I 50 -39.94 94.25 -44.32
C GLU I 50 -41.12 93.81 -43.45
N ILE I 51 -40.82 93.48 -42.20
CA ILE I 51 -41.83 92.99 -41.27
C ILE I 51 -42.75 94.15 -40.88
N PRO I 52 -44.06 94.04 -41.10
CA PRO I 52 -44.96 95.11 -40.71
C PRO I 52 -45.11 95.20 -39.20
N GLU I 53 -45.53 96.38 -38.75
CA GLU I 53 -45.71 96.61 -37.31
C GLU I 53 -46.90 95.82 -36.78
N GLY I 54 -46.79 95.39 -35.54
CA GLY I 54 -47.85 94.63 -34.91
C GLY I 54 -47.98 93.20 -35.38
N TYR I 55 -47.05 92.70 -36.17
CA TYR I 55 -47.14 91.37 -36.74
C TYR I 55 -45.80 90.67 -36.62
N VAL I 56 -45.83 89.40 -36.21
CA VAL I 56 -44.62 88.59 -36.13
C VAL I 56 -44.76 87.42 -37.08
N PRO I 57 -43.76 87.12 -37.90
CA PRO I 57 -43.87 86.01 -38.84
C PRO I 57 -43.75 84.66 -38.13
N GLU I 58 -44.24 83.63 -38.81
CA GLU I 58 -44.07 82.27 -38.34
C GLU I 58 -42.62 81.83 -38.53
N HIS I 59 -42.26 80.73 -37.86
CA HIS I 59 -40.89 80.24 -37.92
C HIS I 59 -40.52 79.69 -39.29
N TRP I 60 -41.51 79.33 -40.11
CA TRP I 60 -41.27 78.85 -41.47
C TRP I 60 -41.42 79.93 -42.51
N GLU I 61 -41.63 81.18 -42.10
CA GLU I 61 -41.85 82.29 -43.03
C GLU I 61 -40.58 83.07 -43.31
N TYR I 62 -39.42 82.57 -42.89
CA TYR I 62 -38.15 83.23 -43.14
C TYR I 62 -37.38 82.58 -44.27
N PHE I 63 -37.99 81.68 -45.03
CA PHE I 63 -37.32 80.93 -46.07
C PHE I 63 -37.97 81.20 -47.42
N LYS I 64 -37.18 81.08 -48.48
CA LYS I 64 -37.60 81.52 -49.81
C LYS I 64 -38.36 80.44 -50.56
N HIS I 65 -37.76 79.26 -50.73
CA HIS I 65 -38.35 78.23 -51.56
C HIS I 65 -39.55 77.60 -50.88
N PRO I 66 -40.59 77.21 -51.65
CA PRO I 66 -41.73 76.49 -51.03
C PRO I 66 -41.35 75.17 -50.41
N ILE I 67 -40.39 74.44 -50.99
CA ILE I 67 -39.97 73.17 -50.42
C ILE I 67 -39.25 73.38 -49.10
N SER I 68 -38.42 74.43 -49.02
CA SER I 68 -37.75 74.75 -47.76
C SER I 68 -38.74 75.16 -46.69
N ARG I 69 -39.75 75.95 -47.05
CA ARG I 69 -40.79 76.35 -46.10
C ARG I 69 -41.58 75.14 -45.63
N TRP I 70 -41.91 74.23 -46.55
CA TRP I 70 -42.67 73.04 -46.18
C TRP I 70 -41.85 72.12 -45.26
N ILE I 71 -40.55 71.98 -45.54
CA ILE I 71 -39.68 71.17 -44.69
C ILE I 71 -39.57 71.80 -43.30
N ALA I 72 -39.41 73.12 -43.24
CA ALA I 72 -39.29 73.79 -41.94
C ALA I 72 -40.58 73.72 -41.15
N ARG I 73 -41.73 73.81 -41.82
CA ARG I 73 -43.01 73.77 -41.12
C ARG I 73 -43.34 72.37 -40.65
N THR I 74 -43.08 71.36 -41.49
CA THR I 74 -43.56 70.01 -41.20
C THR I 74 -42.68 69.30 -40.17
N PHE I 75 -41.40 69.13 -40.48
CA PHE I 75 -40.54 68.29 -39.65
C PHE I 75 -39.78 69.09 -38.60
N PHE I 76 -39.20 70.21 -38.98
CA PHE I 76 -38.22 70.88 -38.14
C PHE I 76 -38.89 71.68 -37.03
N ASP I 77 -38.10 72.06 -36.04
CA ASP I 77 -38.55 72.82 -34.89
C ASP I 77 -38.18 74.29 -35.03
N ALA I 78 -38.90 75.14 -34.31
CA ALA I 78 -38.62 76.56 -34.32
C ALA I 78 -37.34 76.86 -33.55
N PRO I 79 -36.59 77.88 -33.97
CA PRO I 79 -35.39 78.27 -33.21
C PRO I 79 -35.70 78.76 -31.80
N GLU I 80 -36.85 79.40 -31.59
CA GLU I 80 -37.23 79.83 -30.24
C GLU I 80 -37.45 78.64 -29.33
N LYS I 81 -38.07 77.58 -29.85
CA LYS I 81 -38.31 76.36 -29.08
C LYS I 81 -36.99 75.73 -28.64
N ASN I 82 -36.04 75.60 -29.56
CA ASN I 82 -34.73 75.06 -29.23
C ASN I 82 -33.99 75.95 -28.26
N TYR I 83 -34.10 77.27 -28.43
CA TYR I 83 -33.44 78.23 -27.55
C TYR I 83 -33.92 78.09 -26.11
N GLU I 84 -35.24 78.09 -25.91
CA GLU I 84 -35.75 78.02 -24.56
C GLU I 84 -35.62 76.62 -23.96
N ARG I 85 -35.63 75.58 -24.79
CA ARG I 85 -35.34 74.23 -24.31
C ARG I 85 -33.90 74.13 -23.82
N THR I 86 -32.95 74.73 -24.56
CA THR I 86 -31.56 74.75 -24.14
C THR I 86 -31.38 75.54 -22.86
N MET I 87 -32.12 76.65 -22.72
CA MET I 87 -32.04 77.44 -21.49
C MET I 87 -32.54 76.66 -20.28
N ALA I 88 -33.66 75.93 -20.44
CA ALA I 88 -34.17 75.11 -19.36
C ALA I 88 -33.21 73.98 -19.00
N ILE I 89 -32.60 73.35 -20.02
CA ILE I 89 -31.63 72.29 -19.79
C ILE I 89 -30.43 72.82 -19.00
N LEU I 90 -29.92 74.00 -19.40
CA LEU I 90 -28.78 74.59 -18.72
C LEU I 90 -29.11 74.94 -17.27
N GLN I 91 -30.31 75.47 -17.03
CA GLN I 91 -30.70 75.80 -15.66
C GLN I 91 -30.77 74.55 -14.79
N ILE I 92 -31.38 73.48 -15.31
CA ILE I 92 -31.52 72.24 -14.53
C ILE I 92 -30.16 71.63 -14.22
N GLU I 93 -29.28 71.58 -15.23
CA GLU I 93 -27.98 70.96 -15.03
C GLU I 93 -27.09 71.79 -14.10
N SER I 94 -27.17 73.13 -14.18
CA SER I 94 -26.42 73.97 -13.27
C SER I 94 -26.90 73.81 -11.83
N GLU I 95 -28.22 73.69 -11.64
CA GLU I 95 -28.75 73.44 -10.30
C GLU I 95 -28.25 72.10 -9.76
N LYS I 96 -28.25 71.07 -10.61
CA LYS I 96 -27.77 69.76 -10.17
C LYS I 96 -26.30 69.80 -9.79
N ALA I 97 -25.48 70.51 -10.58
CA ALA I 97 -24.05 70.61 -10.27
C ALA I 97 -23.80 71.36 -8.96
N GLU I 98 -24.54 72.44 -8.73
CA GLU I 98 -24.38 73.19 -7.48
C GLU I 98 -24.80 72.36 -6.29
N LEU I 99 -25.88 71.58 -6.42
CA LEU I 99 -26.29 70.70 -5.34
C LEU I 99 -25.26 69.60 -5.09
N ARG I 100 -24.63 69.11 -6.15
CA ARG I 100 -23.57 68.11 -5.98
C ARG I 100 -22.39 68.67 -5.20
N LEU I 101 -21.97 69.89 -5.54
CA LEU I 101 -20.85 70.50 -4.83
C LEU I 101 -21.20 70.78 -3.36
N LYS I 102 -22.43 71.25 -3.11
CA LYS I 102 -22.87 71.48 -1.73
C LYS I 102 -22.92 70.17 -0.94
N GLU I 103 -23.37 69.09 -1.57
CA GLU I 103 -23.42 67.80 -0.89
C GLU I 103 -22.04 67.28 -0.57
N LEU I 104 -21.07 67.47 -1.49
CA LEU I 104 -19.70 67.07 -1.21
C LEU I 104 -19.12 67.85 -0.03
N GLU I 105 -19.37 69.16 0.00
CA GLU I 105 -18.88 69.98 1.12
C GLU I 105 -19.53 69.58 2.44
N VAL I 106 -20.83 69.28 2.42
CA VAL I 106 -21.54 68.86 3.61
C VAL I 106 -20.99 67.53 4.13
N ARG I 107 -20.74 66.58 3.22
CA ARG I 107 -20.18 65.30 3.63
C ARG I 107 -18.78 65.45 4.23
N ARG I 108 -17.95 66.30 3.61
CA ARG I 108 -16.60 66.52 4.13
C ARG I 108 -16.63 67.13 5.53
N LEU I 109 -17.47 68.15 5.72
CA LEU I 109 -17.54 68.79 7.04
C LEU I 109 -18.16 67.87 8.09
N MET I 110 -19.13 67.05 7.70
CA MET I 110 -19.73 66.12 8.65
C MET I 110 -18.76 65.03 9.08
N ARG I 111 -17.93 64.54 8.14
CA ARG I 111 -16.91 63.58 8.54
C ARG I 111 -15.81 64.24 9.36
N ALA I 112 -15.52 65.52 9.10
CA ALA I 112 -14.49 66.20 9.87
C ALA I 112 -14.94 66.47 11.30
N LYS I 113 -16.19 66.86 11.50
CA LYS I 113 -16.68 67.27 12.82
C LYS I 113 -17.50 66.20 13.51
N GLY I 114 -18.55 65.72 12.86
CA GLY I 114 -19.40 64.69 13.43
C GLY I 114 -20.63 65.18 14.14
N ASP I 115 -21.01 66.45 13.97
CA ASP I 115 -22.14 67.02 14.68
C ASP I 115 -23.45 66.95 13.90
N GLY I 116 -23.43 66.39 12.70
CA GLY I 116 -24.64 66.26 11.91
C GLY I 116 -25.31 64.92 12.08
N PRO I 117 -26.46 64.73 11.45
CA PRO I 117 -27.12 63.41 11.49
C PRO I 117 -26.33 62.29 10.81
N TRP I 118 -25.40 62.61 9.93
CA TRP I 118 -24.60 61.58 9.27
C TRP I 118 -23.34 61.30 10.08
N PHE I 119 -22.75 60.12 9.81
CA PHE I 119 -21.55 59.62 10.50
C PHE I 119 -21.75 59.55 12.02
N GLN I 120 -22.94 59.14 12.44
CA GLN I 120 -23.27 59.00 13.86
C GLN I 120 -23.05 57.54 14.24
N TYR I 121 -21.81 57.20 14.57
CA TYR I 121 -21.48 55.85 15.00
C TYR I 121 -22.12 55.56 16.36
N PRO I 122 -22.53 54.31 16.59
CA PRO I 122 -23.21 53.98 17.84
C PRO I 122 -22.30 54.06 19.05
N THR I 123 -22.90 54.37 20.20
CA THR I 123 -22.22 54.31 21.48
C THR I 123 -23.05 53.52 22.48
N ILE I 124 -22.67 53.52 23.75
CA ILE I 124 -23.35 52.73 24.75
C ILE I 124 -24.58 53.49 25.24
N ASP I 125 -25.73 52.83 25.21
CA ASP I 125 -26.96 53.43 25.70
C ASP I 125 -26.92 53.59 27.21
N LYS I 126 -27.39 54.73 27.70
CA LYS I 126 -27.41 55.01 29.12
C LYS I 126 -28.67 54.49 29.81
N ALA I 127 -29.59 53.87 29.06
CA ALA I 127 -30.76 53.25 29.66
C ALA I 127 -30.45 51.91 30.31
N LEU I 128 -29.24 51.39 30.14
CA LEU I 128 -28.84 50.14 30.76
C LEU I 128 -28.19 50.33 32.13
N ILE I 129 -27.97 51.56 32.56
CA ILE I 129 -27.29 51.82 33.82
C ILE I 129 -28.26 51.59 34.97
N ASP I 130 -27.81 50.80 35.97
CA ASP I 130 -28.58 50.62 37.19
C ASP I 130 -28.37 51.79 38.13
N HIS I 131 -29.44 52.20 38.80
CA HIS I 131 -29.39 53.32 39.74
C HIS I 131 -29.88 52.95 41.13
N SER I 132 -30.24 51.69 41.36
CA SER I 132 -30.69 51.27 42.67
C SER I 132 -29.53 51.27 43.66
N PRO I 133 -29.79 51.43 44.95
CA PRO I 133 -28.72 51.35 45.96
C PRO I 133 -28.14 49.94 46.00
N LYS I 134 -26.83 49.86 45.79
CA LYS I 134 -26.15 48.59 45.66
C LYS I 134 -25.77 48.06 47.04
N ALA I 135 -24.94 47.00 47.07
CA ALA I 135 -24.55 46.41 48.35
C ALA I 135 -23.55 47.28 49.10
N THR I 136 -22.59 47.85 48.39
CA THR I 136 -21.65 48.70 49.09
C THR I 136 -21.96 50.17 48.80
N PRO I 137 -21.64 51.10 49.72
CA PRO I 137 -21.94 52.50 49.46
C PRO I 137 -20.98 53.20 48.52
N ASP I 138 -19.74 52.71 48.39
CA ASP I 138 -18.72 53.40 47.58
C ASP I 138 -18.90 52.98 46.12
N ASN I 139 -19.76 53.71 45.42
CA ASN I 139 -20.04 53.45 44.02
C ASN I 139 -20.50 54.69 43.26
N ASP J 71 -5.83 45.31 -93.18
CA ASP J 71 -4.64 45.16 -92.35
C ASP J 71 -4.42 43.70 -91.96
N ALA J 72 -3.15 43.27 -91.98
CA ALA J 72 -2.70 41.92 -91.63
C ALA J 72 -3.47 40.86 -92.42
N PRO J 73 -3.20 40.70 -93.73
CA PRO J 73 -3.95 39.73 -94.52
C PRO J 73 -3.71 38.32 -94.04
N PRO J 74 -4.70 37.43 -94.15
CA PRO J 74 -4.56 36.09 -93.60
C PRO J 74 -3.56 35.25 -94.38
N LEU J 75 -2.92 34.33 -93.68
CA LEU J 75 -1.92 33.44 -94.25
C LEU J 75 -2.49 32.03 -94.33
N THR J 76 -2.36 31.41 -95.50
CA THR J 76 -2.78 30.03 -95.70
C THR J 76 -1.55 29.13 -95.78
N LEU J 77 -1.81 27.82 -95.68
CA LEU J 77 -0.71 26.85 -95.72
C LEU J 77 -0.02 26.86 -97.08
N GLU J 78 -0.78 27.05 -98.16
CA GLU J 78 -0.19 27.17 -99.48
C GLU J 78 0.72 28.39 -99.57
N GLY J 79 0.29 29.51 -99.00
CA GLY J 79 1.12 30.70 -99.01
C GLY J 79 2.40 30.55 -98.22
N ILE J 80 2.31 29.92 -97.04
CA ILE J 80 3.50 29.71 -96.21
C ILE J 80 4.47 28.76 -96.90
N LYS J 81 3.96 27.69 -97.52
CA LYS J 81 4.83 26.76 -98.23
C LYS J 81 5.47 27.43 -99.45
N ASP J 82 4.70 28.26 -100.16
CA ASP J 82 5.28 28.99 -101.30
C ASP J 82 6.37 29.95 -100.85
N ARG J 83 6.15 30.65 -99.72
CA ARG J 83 7.14 31.59 -99.23
C ARG J 83 8.41 30.90 -98.76
N VAL J 84 8.27 29.78 -98.04
CA VAL J 84 9.47 29.07 -97.57
C VAL J 84 10.22 28.45 -98.74
N LEU J 85 9.51 27.98 -99.78
CA LEU J 85 10.20 27.46 -100.96
C LEU J 85 10.86 28.58 -101.74
N TYR J 86 10.27 29.77 -101.76
CA TYR J 86 10.89 30.92 -102.42
C TYR J 86 12.18 31.32 -101.71
N VAL J 87 12.15 31.40 -100.38
CA VAL J 87 13.33 31.81 -99.63
C VAL J 87 14.43 30.76 -99.73
N LEU J 88 14.05 29.47 -99.72
CA LEU J 88 15.06 28.43 -99.90
C LEU J 88 15.59 28.39 -101.32
N LYS J 89 14.76 28.76 -102.31
CA LYS J 89 15.21 28.77 -103.69
C LYS J 89 16.15 29.94 -103.96
N LEU J 90 16.02 31.03 -103.19
CA LEU J 90 16.93 32.16 -103.33
C LEU J 90 18.22 31.98 -102.53
N TYR J 91 18.58 30.76 -102.16
CA TYR J 91 19.80 30.45 -101.43
C TYR J 91 20.79 29.79 -102.39
N ASP J 92 22.02 30.31 -102.43
CA ASP J 92 23.01 29.83 -103.40
C ASP J 92 23.59 28.48 -103.02
N LYS J 93 23.53 28.08 -101.76
CA LYS J 93 24.05 26.79 -101.35
C LYS J 93 23.13 25.63 -101.70
N ILE J 94 21.87 25.92 -102.02
CA ILE J 94 20.88 24.89 -102.34
C ILE J 94 20.51 25.05 -103.81
N ASP J 95 20.82 24.05 -104.61
CA ASP J 95 20.45 24.11 -106.02
C ASP J 95 18.95 23.83 -106.16
N PRO J 96 18.24 24.61 -106.98
CA PRO J 96 16.77 24.53 -106.99
C PRO J 96 16.21 23.29 -107.65
N GLU J 97 17.00 22.52 -108.40
CA GLU J 97 16.48 21.40 -109.16
C GLU J 97 16.47 20.09 -108.37
N LYS J 98 16.96 20.09 -107.14
CA LYS J 98 17.05 18.87 -106.35
C LYS J 98 16.21 18.89 -105.08
N LEU J 99 16.06 20.04 -104.44
CA LEU J 99 15.35 20.11 -103.17
C LEU J 99 13.86 19.83 -103.35
N SER J 100 13.25 19.31 -102.29
CA SER J 100 11.81 19.10 -102.21
C SER J 100 11.33 19.67 -100.88
N VAL J 101 10.01 19.61 -100.69
CA VAL J 101 9.44 20.15 -99.45
C VAL J 101 9.77 19.24 -98.26
N ASN J 102 9.92 17.92 -98.49
CA ASN J 102 10.33 17.00 -97.45
C ASN J 102 11.82 16.67 -97.50
N SER J 103 12.66 17.63 -97.88
CA SER J 103 14.09 17.38 -98.03
C SER J 103 14.82 17.82 -96.77
N HIS J 104 15.55 16.89 -96.15
CA HIS J 104 16.30 17.22 -94.95
C HIS J 104 17.51 18.07 -95.30
N PHE J 105 17.89 18.96 -94.37
CA PHE J 105 19.00 19.86 -94.63
C PHE J 105 20.34 19.13 -94.54
N MET J 106 20.53 18.31 -93.50
CA MET J 106 21.84 17.72 -93.26
C MET J 106 22.17 16.58 -94.22
N LYS J 107 21.25 15.67 -94.47
CA LYS J 107 21.55 14.51 -95.32
C LYS J 107 21.11 14.68 -96.76
N ASP J 108 19.88 15.16 -97.00
CA ASP J 108 19.39 15.26 -98.37
C ASP J 108 20.06 16.38 -99.14
N LEU J 109 20.41 17.49 -98.46
CA LEU J 109 21.02 18.63 -99.11
C LEU J 109 22.47 18.86 -98.73
N GLY J 110 22.96 18.21 -97.67
CA GLY J 110 24.35 18.34 -97.27
C GLY J 110 24.74 19.71 -96.76
N LEU J 111 23.90 20.30 -95.91
CA LEU J 111 24.16 21.62 -95.36
C LEU J 111 25.00 21.53 -94.09
N ASP J 112 25.11 22.64 -93.37
CA ASP J 112 25.88 22.74 -92.15
C ASP J 112 24.99 23.32 -91.05
N SER J 113 25.47 23.21 -89.81
CA SER J 113 24.73 23.79 -88.69
C SER J 113 24.66 25.31 -88.78
N LEU J 114 25.76 25.95 -89.20
CA LEU J 114 25.74 27.39 -89.43
C LEU J 114 24.80 27.75 -90.57
N ASP J 115 24.75 26.91 -91.61
CA ASP J 115 23.78 27.11 -92.67
C ASP J 115 22.36 26.93 -92.16
N GLN J 116 22.14 26.02 -91.21
CA GLN J 116 20.82 25.87 -90.61
C GLN J 116 20.43 27.12 -89.83
N VAL J 117 21.38 27.71 -89.10
CA VAL J 117 21.12 28.96 -88.38
C VAL J 117 20.79 30.09 -89.36
N GLU J 118 21.53 30.14 -90.48
CA GLU J 118 21.26 31.14 -91.51
C GLU J 118 19.89 30.96 -92.13
N ILE J 119 19.48 29.72 -92.36
CA ILE J 119 18.14 29.42 -92.88
C ILE J 119 17.08 29.90 -91.89
N ILE J 120 17.28 29.60 -90.60
CA ILE J 120 16.30 29.96 -89.57
C ILE J 120 16.15 31.46 -89.47
N MET J 121 17.27 32.20 -89.46
CA MET J 121 17.15 33.65 -89.37
C MET J 121 16.65 34.26 -90.67
N ALA J 122 16.87 33.60 -91.80
CA ALA J 122 16.27 34.06 -93.05
C ALA J 122 14.76 33.96 -93.01
N MET J 123 14.23 32.84 -92.50
CA MET J 123 12.79 32.74 -92.34
C MET J 123 12.25 33.70 -91.30
N GLU J 124 13.03 33.97 -90.25
CA GLU J 124 12.63 34.94 -89.24
C GLU J 124 12.49 36.33 -89.84
N ASP J 125 13.46 36.74 -90.68
CA ASP J 125 13.38 38.04 -91.31
C ASP J 125 12.32 38.07 -92.41
N GLU J 126 12.03 36.92 -93.02
CA GLU J 126 11.01 36.87 -94.06
C GLU J 126 9.62 37.03 -93.49
N PHE J 127 9.31 36.30 -92.42
CA PHE J 127 7.97 36.29 -91.87
C PHE J 127 7.76 37.33 -90.77
N GLY J 128 8.80 38.03 -90.35
CA GLY J 128 8.64 39.12 -89.40
C GLY J 128 8.40 38.71 -87.97
N PHE J 129 8.73 37.48 -87.58
CA PHE J 129 8.59 37.05 -86.20
C PHE J 129 9.76 36.13 -85.86
N GLU J 130 10.10 36.09 -84.57
CA GLU J 130 11.32 35.43 -84.11
C GLU J 130 11.01 34.02 -83.63
N ILE J 131 11.78 33.05 -84.10
CA ILE J 131 11.69 31.66 -83.66
C ILE J 131 12.69 31.44 -82.53
N PRO J 132 12.28 30.92 -81.39
CA PRO J 132 13.24 30.66 -80.30
C PRO J 132 14.22 29.56 -80.68
N ASP J 133 15.37 29.59 -80.00
CA ASP J 133 16.47 28.68 -80.33
C ASP J 133 16.11 27.22 -80.06
N ILE J 134 15.36 26.97 -78.99
CA ILE J 134 14.98 25.60 -78.63
C ILE J 134 14.06 25.00 -79.68
N ASP J 135 13.26 25.83 -80.35
CA ASP J 135 12.46 25.36 -81.48
C ASP J 135 13.21 25.46 -82.80
N ALA J 136 14.22 26.32 -82.90
CA ALA J 136 14.98 26.43 -84.14
C ALA J 136 15.93 25.26 -84.33
N GLU J 137 16.43 24.69 -83.23
CA GLU J 137 17.39 23.60 -83.35
C GLU J 137 16.74 22.30 -83.83
N LYS J 138 15.43 22.15 -83.65
CA LYS J 138 14.71 20.95 -84.05
C LYS J 138 14.09 21.07 -85.43
N LEU J 139 14.17 22.22 -86.07
CA LEU J 139 13.61 22.42 -87.40
C LEU J 139 14.70 22.15 -88.44
N MET J 140 14.52 21.10 -89.23
CA MET J 140 15.53 20.69 -90.20
C MET J 140 14.97 20.40 -91.58
N CYS J 141 13.68 20.60 -91.82
CA CYS J 141 13.04 20.29 -93.09
C CYS J 141 11.96 21.33 -93.34
N PRO J 142 11.72 21.69 -94.61
CA PRO J 142 10.71 22.73 -94.90
C PRO J 142 9.31 22.40 -94.44
N GLN J 143 8.92 21.13 -94.40
CA GLN J 143 7.60 20.78 -93.89
C GLN J 143 7.50 21.06 -92.40
N GLU J 144 8.57 20.82 -91.65
CA GLU J 144 8.59 21.17 -90.23
C GLU J 144 8.49 22.67 -90.02
N ILE J 145 9.15 23.46 -90.86
CA ILE J 145 9.06 24.91 -90.76
C ILE J 145 7.64 25.38 -91.07
N VAL J 146 7.03 24.79 -92.10
CA VAL J 146 5.65 25.12 -92.46
C VAL J 146 4.70 24.79 -91.31
N ASP J 147 4.87 23.62 -90.70
CA ASP J 147 4.01 23.22 -89.60
C ASP J 147 4.21 24.11 -88.38
N TYR J 148 5.45 24.50 -88.10
CA TYR J 148 5.72 25.36 -86.95
C TYR J 148 5.12 26.74 -87.14
N ILE J 149 5.29 27.33 -88.33
CA ILE J 149 4.71 28.64 -88.60
C ILE J 149 3.19 28.57 -88.62
N ALA J 150 2.64 27.46 -89.12
CA ALA J 150 1.19 27.27 -89.12
C ALA J 150 0.65 27.17 -87.70
N ASP J 151 1.35 26.48 -86.82
CA ASP J 151 0.91 26.38 -85.43
C ASP J 151 1.04 27.71 -84.72
N LYS J 152 2.11 28.47 -85.01
CA LYS J 152 2.32 29.74 -84.31
C LYS J 152 1.33 30.80 -84.78
N LYS J 153 1.05 30.87 -86.07
CA LYS J 153 0.18 31.91 -86.63
C LYS J 153 -1.28 31.52 -86.64
N ASP J 154 -1.62 30.30 -86.21
CA ASP J 154 -2.99 29.80 -86.11
C ASP J 154 -3.74 29.87 -87.45
N VAL J 155 -3.10 29.34 -88.49
CA VAL J 155 -3.68 29.37 -89.83
C VAL J 155 -4.70 28.25 -89.96
N TYR J 156 -5.48 28.29 -91.04
CA TYR J 156 -6.54 27.33 -91.36
C TYR J 156 -7.59 27.26 -90.24
N GLU J 157 -8.25 28.38 -90.03
CA GLU J 157 -9.30 28.50 -89.03
C GLU J 157 -10.67 28.32 -89.68
N PRO K 1 -3.38 66.31 38.89
CA PRO K 1 -4.69 66.68 39.43
C PRO K 1 -4.64 67.23 40.85
N GLY K 2 -5.79 67.30 41.52
CA GLY K 2 -5.84 67.88 42.83
C GLY K 2 -5.30 66.97 43.92
N ILE K 3 -4.87 67.58 45.01
CA ILE K 3 -4.36 66.85 46.16
C ILE K 3 -5.53 66.22 46.90
N VAL K 4 -5.41 64.94 47.23
CA VAL K 4 -6.47 64.24 47.94
C VAL K 4 -6.57 64.77 49.37
N GLU K 5 -7.79 65.10 49.79
CA GLU K 5 -8.03 65.63 51.12
C GLU K 5 -8.31 64.48 52.08
N LEU K 6 -7.57 64.46 53.20
CA LEU K 6 -7.72 63.43 54.21
C LEU K 6 -7.80 64.07 55.58
N PRO K 7 -8.74 63.63 56.42
CA PRO K 7 -8.83 64.19 57.78
C PRO K 7 -7.65 63.78 58.63
N SER K 8 -7.33 64.63 59.60
CA SER K 8 -6.16 64.41 60.44
C SER K 8 -6.43 63.26 61.42
N LEU K 9 -5.36 62.79 62.05
CA LEU K 9 -5.46 61.66 62.97
C LEU K 9 -6.19 62.01 64.26
N GLU K 10 -6.30 63.29 64.60
CA GLU K 10 -7.08 63.68 65.77
C GLU K 10 -8.58 63.58 65.49
N ASP K 11 -9.00 63.82 64.24
CA ASP K 11 -10.42 63.78 63.91
C ASP K 11 -10.97 62.36 63.94
N LEU K 12 -10.15 61.36 63.62
CA LEU K 12 -10.60 59.99 63.60
C LEU K 12 -10.61 59.34 64.98
N LYS K 13 -10.07 60.01 66.00
CA LYS K 13 -9.91 59.39 67.31
C LYS K 13 -11.27 59.26 67.99
N VAL K 14 -11.62 58.04 68.38
CA VAL K 14 -12.86 57.77 69.10
C VAL K 14 -12.64 56.49 69.90
N GLN K 15 -13.35 56.38 71.02
CA GLN K 15 -13.25 55.20 71.88
C GLN K 15 -14.04 54.06 71.24
N GLU K 16 -13.33 53.04 70.79
CA GLU K 16 -13.97 51.97 70.01
C GLU K 16 -14.62 50.94 70.92
N VAL K 17 -15.61 50.25 70.38
CA VAL K 17 -16.27 49.14 71.07
C VAL K 17 -15.32 47.95 71.00
N LYS K 18 -14.57 47.73 72.08
CA LYS K 18 -13.51 46.72 72.08
C LYS K 18 -14.02 45.42 72.70
N VAL K 19 -14.96 44.80 71.98
CA VAL K 19 -15.48 43.49 72.34
C VAL K 19 -15.28 42.55 71.16
N SER K 20 -15.40 41.25 71.44
CA SER K 20 -15.18 40.23 70.43
C SER K 20 -16.38 40.15 69.48
N SER K 21 -16.21 39.35 68.42
CA SER K 21 -17.27 39.20 67.44
C SER K 21 -18.46 38.43 68.00
N SER K 22 -18.19 37.42 68.84
CA SER K 22 -19.28 36.65 69.44
C SER K 22 -20.06 37.48 70.46
N VAL K 23 -19.40 38.43 71.12
CA VAL K 23 -20.10 39.35 72.01
C VAL K 23 -21.08 40.21 71.22
N LEU K 24 -20.66 40.67 70.04
CA LEU K 24 -21.54 41.45 69.18
C LEU K 24 -22.68 40.60 68.64
N LYS K 25 -22.38 39.36 68.26
CA LYS K 25 -23.40 38.49 67.68
C LYS K 25 -24.44 38.08 68.72
N ALA K 26 -24.03 37.88 69.97
CA ALA K 26 -24.96 37.45 71.01
C ALA K 26 -25.99 38.53 71.33
N ALA K 27 -25.59 39.80 71.27
CA ALA K 27 -26.48 40.92 71.51
C ALA K 27 -26.74 41.72 70.24
N ALA K 28 -26.88 41.02 69.11
CA ALA K 28 -27.09 41.71 67.84
C ALA K 28 -28.51 42.24 67.72
N HIS K 29 -29.51 41.45 68.12
CA HIS K 29 -30.90 41.81 67.85
C HIS K 29 -31.37 42.95 68.75
N HIS K 30 -30.99 42.92 70.03
CA HIS K 30 -31.36 44.02 70.92
C HIS K 30 -30.62 45.30 70.55
N TYR K 31 -29.38 45.18 70.07
CA TYR K 31 -28.66 46.36 69.58
C TYR K 31 -29.33 46.93 68.33
N GLY K 32 -29.81 46.07 67.45
CA GLY K 32 -30.53 46.55 66.28
C GLY K 32 -31.85 47.20 66.63
N ALA K 33 -32.54 46.67 67.64
CA ALA K 33 -33.82 47.23 68.02
C ALA K 33 -33.67 48.55 68.77
N GLN K 34 -32.73 48.64 69.71
CA GLN K 34 -32.67 49.79 70.61
C GLN K 34 -31.94 50.97 69.98
N CYS K 35 -30.82 50.73 69.30
CA CYS K 35 -29.97 51.78 68.75
C CYS K 35 -30.20 51.96 67.26
N ASP K 36 -31.46 51.89 66.82
CA ASP K 36 -31.74 51.79 65.39
C ASP K 36 -31.61 53.15 64.70
N LYS K 37 -32.08 54.21 65.34
CA LYS K 37 -32.10 55.53 64.68
C LYS K 37 -30.72 56.12 64.36
N PRO K 38 -29.67 56.06 65.20
CA PRO K 38 -28.40 56.65 64.76
C PRO K 38 -27.68 55.80 63.72
N ASN K 39 -27.81 54.48 63.81
CA ASN K 39 -27.26 53.60 62.77
C ASN K 39 -27.95 53.84 61.43
N LYS K 40 -29.27 54.01 61.46
CA LYS K 40 -30.01 54.27 60.24
C LYS K 40 -29.64 55.62 59.64
N GLU K 41 -29.47 56.64 60.49
CA GLU K 41 -29.04 57.95 60.00
C GLU K 41 -27.65 57.88 59.39
N PHE K 42 -26.73 57.17 60.05
CA PHE K 42 -25.37 57.04 59.55
C PHE K 42 -25.33 56.31 58.22
N MET K 43 -26.11 55.23 58.08
CA MET K 43 -26.04 54.47 56.84
C MET K 43 -26.78 55.17 55.71
N LEU K 44 -27.83 55.94 56.01
CA LEU K 44 -28.44 56.80 55.00
C LEU K 44 -27.47 57.87 54.53
N CYS K 45 -26.72 58.46 55.47
CA CYS K 45 -25.69 59.42 55.08
C CYS K 45 -24.60 58.78 54.24
N ARG K 46 -24.24 57.53 54.57
CA ARG K 46 -23.22 56.82 53.82
C ARG K 46 -23.68 56.50 52.41
N TRP K 47 -24.94 56.09 52.25
CA TRP K 47 -25.48 55.80 50.92
C TRP K 47 -25.83 57.05 50.12
N GLU K 48 -25.99 58.21 50.77
CA GLU K 48 -26.32 59.42 50.03
C GLU K 48 -25.11 60.30 49.75
N GLU K 49 -24.03 60.17 50.51
CA GLU K 49 -22.85 61.01 50.32
C GLU K 49 -21.77 60.37 49.48
N LYS K 50 -21.70 59.03 49.48
CA LYS K 50 -20.70 58.25 48.75
C LYS K 50 -19.28 58.63 49.14
N ASP K 51 -19.06 58.98 50.41
CA ASP K 51 -17.77 59.48 50.85
C ASP K 51 -17.61 59.24 52.35
N PRO K 52 -16.63 58.43 52.76
CA PRO K 52 -16.40 58.23 54.20
C PRO K 52 -15.95 59.47 54.94
N ARG K 53 -15.34 60.43 54.25
CA ARG K 53 -14.86 61.63 54.92
C ARG K 53 -15.99 62.58 55.30
N ARG K 54 -17.17 62.42 54.70
CA ARG K 54 -18.31 63.28 54.99
C ARG K 54 -19.33 62.59 55.89
N CYS K 55 -18.97 61.49 56.53
CA CYS K 55 -19.88 60.75 57.40
C CYS K 55 -19.21 60.39 58.72
N LEU K 56 -18.27 61.22 59.15
CA LEU K 56 -17.46 60.89 60.33
C LEU K 56 -18.22 61.11 61.63
N GLU K 57 -18.99 62.20 61.71
CA GLU K 57 -19.73 62.53 62.93
C GLU K 57 -20.82 61.51 63.20
N GLU K 58 -21.49 61.03 62.16
CA GLU K 58 -22.52 60.01 62.34
C GLU K 58 -21.90 58.69 62.81
N GLY K 59 -20.71 58.36 62.32
CA GLY K 59 -20.01 57.18 62.83
C GLY K 59 -19.61 57.34 64.29
N LYS K 60 -19.22 58.56 64.67
CA LYS K 60 -18.92 58.84 66.07
C LYS K 60 -20.16 58.65 66.94
N LEU K 61 -21.31 59.13 66.47
CA LEU K 61 -22.56 58.96 67.21
C LEU K 61 -22.96 57.49 67.30
N VAL K 62 -22.72 56.73 66.23
CA VAL K 62 -23.01 55.30 66.22
C VAL K 62 -22.17 54.58 67.27
N ASN K 63 -20.87 54.92 67.33
CA ASN K 63 -19.99 54.31 68.32
C ASN K 63 -20.43 54.68 69.74
N GLN K 64 -20.82 55.94 69.95
CA GLN K 64 -21.28 56.38 71.27
C GLN K 64 -22.55 55.65 71.69
N CYS K 65 -23.50 55.48 70.77
CA CYS K 65 -24.75 54.82 71.10
C CYS K 65 -24.54 53.33 71.35
N ALA K 66 -23.66 52.68 70.59
CA ALA K 66 -23.37 51.26 70.83
C ALA K 66 -22.68 51.07 72.18
N LEU K 67 -21.76 51.97 72.53
CA LEU K 67 -21.10 51.88 73.82
C LEU K 67 -22.07 52.12 74.96
N GLU K 68 -23.03 53.04 74.78
CA GLU K 68 -24.06 53.25 75.79
C GLU K 68 -24.96 52.02 75.93
N PHE K 69 -25.25 51.35 74.82
CA PHE K 69 -26.05 50.13 74.86
C PHE K 69 -25.35 49.03 75.64
N PHE K 70 -24.06 48.83 75.37
CA PHE K 70 -23.31 47.80 76.09
C PHE K 70 -23.11 48.18 77.56
N ARG K 71 -22.99 49.47 77.86
CA ARG K 71 -22.90 49.91 79.25
C ARG K 71 -24.21 49.66 79.98
N GLN K 72 -25.35 49.86 79.31
CA GLN K 72 -26.64 49.58 79.92
C GLN K 72 -26.85 48.08 80.13
N ILE K 73 -26.32 47.26 79.23
CA ILE K 73 -26.34 45.81 79.47
C ILE K 73 -25.47 45.45 80.68
N LYS K 74 -24.28 46.05 80.77
CA LYS K 74 -23.31 45.71 81.80
C LYS K 74 -23.78 46.08 83.21
N ARG K 75 -24.70 47.03 83.34
CA ARG K 75 -25.12 47.48 84.65
C ARG K 75 -26.09 46.51 85.32
N HIS K 76 -26.88 45.77 84.55
CA HIS K 76 -27.97 44.99 85.11
C HIS K 76 -27.89 43.50 84.86
N CYS K 77 -27.48 43.08 83.66
CA CYS K 77 -27.58 41.69 83.22
C CYS K 77 -26.21 41.18 82.78
N ALA K 78 -25.20 41.38 83.63
CA ALA K 78 -23.83 41.04 83.25
C ALA K 78 -23.64 39.53 83.10
N GLU K 79 -24.04 38.75 84.10
CA GLU K 79 -23.74 37.31 84.06
C GLU K 79 -24.62 36.47 83.12
N PRO K 80 -25.92 36.73 82.91
CA PRO K 80 -26.61 35.92 81.88
C PRO K 80 -26.13 36.22 80.48
N PHE K 81 -25.82 37.49 80.19
CA PHE K 81 -25.19 37.82 78.91
C PHE K 81 -23.80 37.22 78.80
N THR K 82 -23.08 37.12 79.92
CA THR K 82 -21.77 36.48 79.92
C THR K 82 -21.89 35.01 79.54
N GLU K 83 -22.85 34.32 80.14
CA GLU K 83 -23.08 32.92 79.80
C GLU K 83 -23.51 32.76 78.34
N TYR K 84 -24.38 33.66 77.86
CA TYR K 84 -24.88 33.56 76.49
C TYR K 84 -23.77 33.79 75.47
N TRP K 85 -22.94 34.82 75.67
CA TRP K 85 -21.89 35.05 74.68
C TRP K 85 -20.79 34.00 74.79
N THR K 86 -20.55 33.43 75.98
CA THR K 86 -19.61 32.32 76.07
C THR K 86 -20.12 31.10 75.29
N CYS K 87 -21.42 30.80 75.42
CA CYS K 87 -21.99 29.66 74.72
C CYS K 87 -22.00 29.88 73.21
N ILE K 88 -22.25 31.11 72.76
CA ILE K 88 -22.14 31.42 71.34
C ILE K 88 -20.69 31.31 70.88
N ASP K 89 -19.76 31.80 71.69
CA ASP K 89 -18.35 31.84 71.34
C ASP K 89 -17.71 30.46 71.28
N TYR K 90 -18.29 29.47 71.97
CA TYR K 90 -17.74 28.12 71.91
C TYR K 90 -17.85 27.52 70.51
N SER K 91 -18.98 27.75 69.82
CA SER K 91 -19.24 27.06 68.57
C SER K 91 -18.37 27.60 67.45
N GLY K 92 -17.93 26.69 66.57
CA GLY K 92 -17.09 27.09 65.46
C GLY K 92 -17.82 27.93 64.43
N LEU K 93 -19.06 27.56 64.10
CA LEU K 93 -19.84 28.31 63.13
C LEU K 93 -20.64 29.44 63.77
N GLN K 94 -20.55 29.61 65.10
CA GLN K 94 -21.31 30.60 65.87
C GLN K 94 -22.81 30.43 65.64
N LEU K 95 -23.28 29.19 65.75
CA LEU K 95 -24.67 28.89 65.46
C LEU K 95 -25.58 29.45 66.55
N PHE K 96 -26.73 30.00 66.11
CA PHE K 96 -27.72 30.51 67.03
C PHE K 96 -28.61 29.42 67.62
N ARG K 97 -28.71 28.27 66.97
CA ARG K 97 -29.62 27.22 67.39
C ARG K 97 -29.03 26.29 68.44
N ARG K 98 -27.73 26.40 68.71
CA ARG K 98 -27.09 25.52 69.70
C ARG K 98 -27.18 26.05 71.12
N CYS K 99 -27.70 27.27 71.31
CA CYS K 99 -27.65 27.95 72.60
C CYS K 99 -29.00 28.57 72.93
N ARG K 100 -30.07 27.79 72.77
CA ARG K 100 -31.40 28.34 72.93
C ARG K 100 -31.76 28.59 74.38
N LYS K 101 -31.27 27.77 75.30
CA LYS K 101 -31.67 27.91 76.71
C LYS K 101 -31.01 29.14 77.34
N GLU K 102 -29.71 29.36 77.07
CA GLU K 102 -29.06 30.57 77.57
C GLU K 102 -29.61 31.82 76.89
N GLN K 103 -30.00 31.70 75.62
CA GLN K 103 -30.67 32.81 74.94
C GLN K 103 -31.98 33.17 75.62
N ALA K 104 -32.83 32.17 75.87
CA ALA K 104 -34.12 32.40 76.51
C ALA K 104 -33.94 33.02 77.89
N GLN K 105 -32.93 32.55 78.63
CA GLN K 105 -32.60 33.17 79.90
C GLN K 105 -32.19 34.64 79.73
N PHE K 106 -31.41 34.94 78.69
CA PHE K 106 -30.90 36.30 78.51
C PHE K 106 -32.02 37.29 78.15
N ASP K 107 -32.86 36.96 77.16
CA ASP K 107 -33.97 37.86 76.89
C ASP K 107 -35.02 37.87 77.99
N LYS K 108 -35.19 36.77 78.75
CA LYS K 108 -36.11 36.83 79.89
C LYS K 108 -35.62 37.81 80.95
N CYS K 109 -34.32 37.75 81.26
CA CYS K 109 -33.74 38.66 82.23
C CYS K 109 -33.79 40.10 81.74
N VAL K 110 -33.47 40.32 80.46
CA VAL K 110 -33.43 41.70 79.96
C VAL K 110 -34.83 42.26 79.70
N LEU K 111 -35.84 41.39 79.58
CA LEU K 111 -37.21 41.89 79.49
C LEU K 111 -37.78 42.19 80.86
N ASP K 112 -37.44 41.39 81.87
CA ASP K 112 -37.94 41.65 83.20
C ASP K 112 -37.26 42.85 83.84
N LYS K 113 -35.95 43.01 83.61
CA LYS K 113 -35.22 44.08 84.28
C LYS K 113 -35.17 45.38 83.48
N LEU K 114 -35.18 45.32 82.15
CA LEU K 114 -34.98 46.50 81.32
C LEU K 114 -36.13 46.80 80.37
N GLY K 115 -37.09 45.89 80.20
CA GLY K 115 -38.17 46.13 79.26
C GLY K 115 -37.75 46.17 77.82
N TRP K 116 -36.88 45.26 77.39
CA TRP K 116 -36.46 45.15 76.01
C TRP K 116 -37.08 43.89 75.38
N VAL K 117 -37.59 44.03 74.17
CA VAL K 117 -38.28 42.96 73.47
C VAL K 117 -37.48 42.59 72.22
N ARG K 118 -37.16 41.32 72.09
CA ARG K 118 -36.49 40.83 70.88
C ARG K 118 -37.46 40.89 69.70
N PRO K 119 -37.03 41.40 68.55
CA PRO K 119 -37.92 41.42 67.38
C PRO K 119 -38.16 40.03 66.85
N ASP K 120 -39.28 39.88 66.13
CA ASP K 120 -39.66 38.60 65.55
C ASP K 120 -38.85 38.35 64.28
N LEU K 121 -39.23 37.30 63.55
CA LEU K 121 -38.48 36.92 62.35
C LEU K 121 -38.74 37.92 61.23
N GLY K 122 -37.66 38.39 60.61
CA GLY K 122 -37.76 39.29 59.48
C GLY K 122 -38.02 40.75 59.80
N GLU K 123 -38.09 41.11 61.08
CA GLU K 123 -38.33 42.51 61.42
C GLU K 123 -37.10 43.37 61.20
N LEU K 124 -35.92 42.88 61.59
CA LEU K 124 -34.70 43.69 61.49
C LEU K 124 -34.24 43.88 60.05
N SER K 125 -34.77 43.12 59.11
CA SER K 125 -34.43 43.29 57.70
C SER K 125 -35.38 44.24 56.98
N LYS K 126 -36.33 44.84 57.70
CA LYS K 126 -37.26 45.78 57.08
C LYS K 126 -36.54 47.05 56.66
N VAL K 127 -37.02 47.64 55.58
CA VAL K 127 -36.54 48.93 55.13
C VAL K 127 -37.45 50.02 55.70
N THR K 128 -36.84 51.00 56.35
CA THR K 128 -37.58 52.04 57.07
C THR K 128 -37.30 53.40 56.44
N LYS K 129 -37.88 54.44 57.05
CA LYS K 129 -37.67 55.81 56.63
C LYS K 129 -37.02 56.58 57.77
N VAL K 130 -36.19 57.55 57.41
CA VAL K 130 -35.36 58.29 58.36
C VAL K 130 -35.63 59.78 58.22
N LYS K 131 -35.99 60.43 59.32
CA LYS K 131 -36.15 61.87 59.36
C LYS K 131 -34.79 62.50 59.67
N THR K 132 -34.22 63.19 58.69
CA THR K 132 -32.94 63.86 58.85
C THR K 132 -33.03 65.27 58.29
N ASP K 133 -32.22 66.17 58.87
CA ASP K 133 -32.28 67.59 58.53
C ASP K 133 -31.17 68.04 57.59
N ARG K 134 -30.20 67.19 57.29
CA ARG K 134 -29.11 67.59 56.41
C ARG K 134 -29.60 67.71 54.97
N PRO K 135 -29.11 68.69 54.22
CA PRO K 135 -29.57 68.84 52.83
C PRO K 135 -29.07 67.72 51.93
N LEU K 136 -29.86 67.43 50.91
CA LEU K 136 -29.47 66.42 49.94
C LEU K 136 -28.30 66.93 49.10
N PRO K 137 -27.34 66.06 48.76
CA PRO K 137 -26.28 66.46 47.83
C PRO K 137 -26.87 66.61 46.42
N GLU K 138 -26.82 67.84 45.89
CA GLU K 138 -27.37 68.09 44.57
C GLU K 138 -26.53 67.47 43.46
N ASN K 139 -25.28 67.10 43.76
CA ASN K 139 -24.41 66.46 42.78
C ASN K 139 -23.41 65.61 43.56
N PRO K 140 -23.72 64.32 43.76
CA PRO K 140 -22.86 63.48 44.59
C PRO K 140 -21.75 62.79 43.82
N TYR K 141 -21.91 62.64 42.52
CA TYR K 141 -20.94 61.94 41.70
C TYR K 141 -19.81 62.83 41.21
N HIS K 142 -19.84 64.12 41.55
CA HIS K 142 -18.84 65.11 41.13
C HIS K 142 -18.68 65.15 39.62
N SER K 143 -19.82 65.09 38.92
CA SER K 143 -19.82 65.16 37.47
C SER K 143 -19.68 66.61 37.00
N ARG K 144 -19.07 66.77 35.83
CA ARG K 144 -18.94 68.08 35.21
C ARG K 144 -20.15 68.31 34.29
N ALA K 145 -20.11 69.36 33.49
CA ALA K 145 -21.21 69.67 32.59
C ALA K 145 -21.23 68.70 31.42
N ARG K 146 -22.40 68.13 31.15
CA ARG K 146 -22.55 67.21 30.02
C ARG K 146 -22.48 67.98 28.71
N PRO K 147 -21.94 67.36 27.65
CA PRO K 147 -21.94 68.00 26.34
C PRO K 147 -23.35 68.14 25.78
N GLU K 148 -23.54 69.16 24.97
CA GLU K 148 -24.84 69.41 24.36
C GLU K 148 -25.14 68.34 23.32
N PRO K 149 -26.35 67.78 23.29
CA PRO K 149 -26.68 66.78 22.29
C PRO K 149 -26.83 67.40 20.91
N ASN K 150 -26.67 66.56 19.90
CA ASN K 150 -26.83 66.99 18.51
C ASN K 150 -28.28 67.33 18.23
N PRO K 151 -28.54 68.31 17.36
CA PRO K 151 -29.92 68.69 17.06
C PRO K 151 -30.70 67.58 16.37
N GLU K 152 -31.99 67.52 16.66
CA GLU K 152 -32.86 66.52 16.08
C GLU K 152 -33.32 66.96 14.69
N VAL K 153 -34.04 66.05 14.01
CA VAL K 153 -34.52 66.30 12.65
C VAL K 153 -36.01 66.59 12.72
N GLU K 154 -36.43 67.67 12.06
CA GLU K 154 -37.82 68.07 12.05
C GLU K 154 -38.14 68.75 10.73
N GLY K 155 -39.42 68.75 10.38
CA GLY K 155 -39.89 69.32 9.14
C GLY K 155 -40.44 68.26 8.20
N ASP K 156 -41.13 68.75 7.17
CA ASP K 156 -41.71 67.86 6.17
C ASP K 156 -40.61 67.30 5.28
N LEU K 157 -40.79 66.05 4.86
CA LEU K 157 -39.85 65.39 3.96
C LEU K 157 -40.26 65.73 2.53
N LYS K 158 -39.60 66.72 1.96
CA LYS K 158 -39.89 67.14 0.59
C LYS K 158 -39.26 66.17 -0.40
N PRO K 159 -39.80 66.07 -1.61
CA PRO K 159 -39.19 65.20 -2.63
C PRO K 159 -37.81 65.70 -3.03
N ALA K 160 -36.97 64.76 -3.47
CA ALA K 160 -35.58 65.06 -3.78
C ALA K 160 -35.47 65.98 -4.98
N ARG K 161 -34.50 66.89 -4.93
CA ARG K 161 -34.34 67.87 -6.00
C ARG K 161 -33.73 67.21 -7.22
N HIS K 162 -34.50 67.19 -8.32
CA HIS K 162 -34.09 66.63 -9.60
C HIS K 162 -33.69 65.16 -9.49
N GLY K 163 -34.34 64.42 -8.62
CA GLY K 163 -34.10 62.99 -8.50
C GLY K 163 -32.83 62.62 -7.77
N SER K 164 -32.16 61.57 -8.23
CA SER K 164 -30.98 61.06 -7.54
C SER K 164 -29.74 61.95 -7.74
N ARG K 165 -29.72 62.73 -8.82
CA ARG K 165 -28.57 63.58 -9.19
C ARG K 165 -27.30 62.76 -9.34
N LEU K 166 -27.43 61.54 -9.86
CA LEU K 166 -26.34 60.59 -9.96
C LEU K 166 -26.01 60.38 -11.43
N PHE K 167 -24.93 61.03 -11.88
CA PHE K 167 -24.43 60.96 -13.27
C PHE K 167 -25.53 61.43 -14.20
N PHE K 168 -26.01 60.61 -15.13
CA PHE K 168 -26.99 61.02 -16.11
C PHE K 168 -28.43 60.68 -15.72
N TRP K 169 -28.64 60.07 -14.56
CA TRP K 169 -29.99 59.67 -14.16
C TRP K 169 -30.79 60.89 -13.73
N THR K 170 -32.01 61.00 -14.25
CA THR K 170 -32.89 62.12 -13.94
C THR K 170 -33.78 61.86 -12.72
N MET K 171 -33.90 60.61 -12.28
CA MET K 171 -34.62 60.30 -11.07
C MET K 171 -34.01 59.10 -10.37
N SER L 1 -32.33 91.41 -58.56
CA SER L 1 -31.67 92.68 -58.28
C SER L 1 -30.91 92.63 -56.96
N TRP L 2 -30.00 93.58 -56.78
CA TRP L 2 -29.20 93.68 -55.57
C TRP L 2 -29.09 95.15 -55.21
N ASP L 3 -28.20 95.46 -54.28
CA ASP L 3 -28.02 96.82 -53.79
C ASP L 3 -26.79 97.43 -54.47
N LYS L 4 -26.99 98.58 -55.11
CA LYS L 4 -25.90 99.25 -55.81
C LYS L 4 -24.93 99.96 -54.86
N ASP L 5 -25.33 100.18 -53.61
CA ASP L 5 -24.48 100.88 -52.66
C ASP L 5 -23.50 99.94 -51.96
N VAL L 6 -23.98 98.79 -51.49
CA VAL L 6 -23.09 97.83 -50.85
C VAL L 6 -22.28 97.05 -51.87
N TYR L 7 -22.70 97.05 -53.14
CA TYR L 7 -21.95 96.41 -54.23
C TYR L 7 -21.75 97.45 -55.32
N PRO L 8 -20.80 98.37 -55.15
CA PRO L 8 -20.65 99.48 -56.09
C PRO L 8 -20.04 99.02 -57.41
N GLU L 9 -20.27 99.83 -58.44
CA GLU L 9 -19.75 99.59 -59.77
C GLU L 9 -19.59 100.95 -60.44
N PRO L 10 -18.41 101.27 -60.96
CA PRO L 10 -18.19 102.57 -61.60
C PRO L 10 -19.00 102.70 -62.87
N PRO L 11 -19.32 103.93 -63.30
CA PRO L 11 -20.12 104.11 -64.52
C PRO L 11 -19.42 103.58 -65.75
N ARG L 12 -20.19 102.94 -66.61
CA ARG L 12 -19.66 102.27 -67.80
C ARG L 12 -19.63 103.24 -68.98
N ARG L 13 -18.53 103.20 -69.73
CA ARG L 13 -18.33 104.05 -70.90
C ARG L 13 -17.91 103.18 -72.08
N THR L 14 -18.88 102.79 -72.91
CA THR L 14 -18.59 101.99 -74.09
C THR L 14 -18.38 102.90 -75.28
N PRO L 15 -17.23 102.85 -75.96
CA PRO L 15 -17.03 103.66 -77.15
C PRO L 15 -17.89 103.18 -78.30
N ALA L 16 -18.30 104.14 -79.14
CA ALA L 16 -19.17 103.83 -80.26
C ALA L 16 -18.41 103.08 -81.35
N PRO L 17 -19.07 102.17 -82.06
CA PRO L 17 -18.41 101.46 -83.17
C PRO L 17 -18.23 102.39 -84.36
N SER L 18 -16.98 102.60 -84.75
CA SER L 18 -16.62 103.47 -85.88
C SER L 18 -15.71 102.69 -86.82
N PRO L 19 -16.26 101.78 -87.62
CA PRO L 19 -15.41 100.94 -88.47
C PRO L 19 -14.75 101.73 -89.58
N GLN L 20 -13.59 101.24 -90.01
CA GLN L 20 -12.80 101.85 -91.07
C GLN L 20 -12.93 101.11 -92.40
N THR L 21 -12.85 99.78 -92.36
CA THR L 21 -12.91 98.98 -93.57
C THR L 21 -14.35 98.65 -93.94
N SER L 22 -14.53 98.19 -95.17
CA SER L 22 -15.85 97.85 -95.70
C SER L 22 -16.24 96.40 -95.46
N LEU L 23 -15.35 95.59 -94.90
CA LEU L 23 -15.67 94.19 -94.64
C LEU L 23 -16.63 94.09 -93.47
N PRO L 24 -17.77 93.40 -93.61
CA PRO L 24 -18.69 93.26 -92.49
C PRO L 24 -18.16 92.27 -91.46
N ASN L 25 -18.06 92.72 -90.22
CA ASN L 25 -17.62 91.83 -89.15
C ASN L 25 -18.72 90.81 -88.84
N PRO L 26 -18.37 89.54 -88.64
CA PRO L 26 -19.40 88.54 -88.35
C PRO L 26 -20.03 88.68 -86.98
N ILE L 27 -19.44 89.49 -86.10
CA ILE L 27 -19.95 89.62 -84.74
C ILE L 27 -21.33 90.27 -84.74
N THR L 28 -21.54 91.29 -85.58
CA THR L 28 -22.85 91.93 -85.65
C THR L 28 -23.91 90.98 -86.19
N TYR L 29 -23.58 90.19 -87.21
CA TYR L 29 -24.53 89.22 -87.75
C TYR L 29 -24.86 88.14 -86.73
N LEU L 30 -23.86 87.63 -86.01
CA LEU L 30 -24.15 86.62 -84.99
C LEU L 30 -24.88 87.21 -83.80
N THR L 31 -24.67 88.50 -83.51
CA THR L 31 -25.45 89.15 -82.46
C THR L 31 -26.91 89.28 -82.87
N LYS L 32 -27.17 89.62 -84.14
CA LYS L 32 -28.54 89.66 -84.63
C LYS L 32 -29.19 88.28 -84.59
N ALA L 33 -28.43 87.25 -84.98
CA ALA L 33 -28.96 85.88 -84.92
C ALA L 33 -29.25 85.44 -83.49
N PHE L 34 -28.38 85.83 -82.55
CA PHE L 34 -28.62 85.51 -81.14
C PHE L 34 -29.82 86.26 -80.59
N ASP L 35 -30.00 87.52 -81.01
CA ASP L 35 -31.14 88.28 -80.53
C ASP L 35 -32.46 87.78 -81.11
N LEU L 36 -32.42 87.23 -82.32
CA LEU L 36 -33.64 86.72 -82.93
C LEU L 36 -33.97 85.31 -82.44
N LEU L 37 -33.02 84.39 -82.59
CA LEU L 37 -33.30 82.98 -82.33
C LEU L 37 -33.36 82.64 -80.84
N VAL L 38 -32.57 83.31 -80.02
CA VAL L 38 -32.35 82.88 -78.64
C VAL L 38 -32.99 83.83 -77.63
N ASP L 39 -32.76 85.14 -77.79
CA ASP L 39 -33.18 86.10 -76.76
C ASP L 39 -34.71 86.20 -76.68
N ARG L 40 -35.39 86.24 -77.82
CA ARG L 40 -36.84 86.36 -77.82
C ARG L 40 -37.57 85.16 -77.20
N PRO L 41 -37.25 83.89 -77.54
CA PRO L 41 -37.97 82.80 -76.86
C PRO L 41 -37.70 82.72 -75.37
N VAL L 42 -36.47 82.98 -74.93
CA VAL L 42 -36.16 82.98 -73.51
C VAL L 42 -36.92 84.09 -72.80
N THR L 43 -36.98 85.27 -73.42
CA THR L 43 -37.73 86.38 -72.85
C THR L 43 -39.22 86.07 -72.75
N LEU L 44 -39.78 85.44 -73.78
CA LEU L 44 -41.20 85.09 -73.76
C LEU L 44 -41.51 84.06 -72.68
N VAL L 45 -40.64 83.04 -72.54
CA VAL L 45 -40.85 82.02 -71.51
C VAL L 45 -40.74 82.63 -70.12
N ARG L 46 -39.75 83.51 -69.90
CA ARG L 46 -39.61 84.15 -68.60
C ARG L 46 -40.77 85.08 -68.31
N GLU L 47 -41.30 85.75 -69.33
CA GLU L 47 -42.47 86.60 -69.12
C GLU L 47 -43.70 85.77 -68.75
N PHE L 48 -43.87 84.61 -69.38
CA PHE L 48 -44.96 83.71 -69.01
C PHE L 48 -44.79 83.20 -67.58
N ILE L 49 -43.56 82.88 -67.18
CA ILE L 49 -43.29 82.40 -65.83
C ILE L 49 -43.58 83.50 -64.81
N GLU L 50 -43.18 84.74 -65.11
CA GLU L 50 -43.46 85.86 -64.21
C GLU L 50 -44.95 86.16 -64.13
N ARG L 51 -45.67 85.99 -65.24
CA ARG L 51 -47.12 86.16 -65.22
C ARG L 51 -47.78 85.11 -64.34
N GLN L 52 -47.29 83.87 -64.39
CA GLN L 52 -47.79 82.84 -63.49
C GLN L 52 -47.42 83.13 -62.04
N HIS L 53 -46.26 83.76 -61.82
CA HIS L 53 -45.86 84.13 -60.47
C HIS L 53 -46.77 85.22 -59.90
N ALA L 54 -47.21 86.16 -60.75
CA ALA L 54 -47.95 87.32 -60.27
C ALA L 54 -49.32 86.96 -59.71
N LYS L 55 -49.86 85.80 -60.05
CA LYS L 55 -51.16 85.41 -59.50
C LYS L 55 -51.05 85.07 -58.01
N ASN L 56 -49.98 84.36 -57.62
CA ASN L 56 -49.78 83.92 -56.24
C ASN L 56 -48.50 84.56 -55.73
N LYS L 57 -48.63 85.60 -54.91
CA LYS L 57 -47.51 86.32 -54.34
C LYS L 57 -47.50 86.13 -52.83
N TYR L 58 -46.39 85.61 -52.32
CA TYR L 58 -46.19 85.45 -50.88
C TYR L 58 -44.80 85.94 -50.52
N TYR L 59 -44.65 86.34 -49.26
CA TYR L 59 -43.45 87.02 -48.81
C TYR L 59 -42.68 86.17 -47.80
N TYR L 60 -41.37 86.33 -47.83
CA TYR L 60 -40.48 85.81 -46.79
C TYR L 60 -39.70 86.98 -46.20
N TYR L 61 -39.44 86.91 -44.90
CA TYR L 61 -38.89 88.03 -44.17
C TYR L 61 -37.46 87.74 -43.70
N HIS L 62 -36.73 88.82 -43.44
CA HIS L 62 -35.41 88.73 -42.82
C HIS L 62 -35.59 88.71 -41.31
N ARG L 63 -34.99 87.70 -40.67
CA ARG L 63 -35.16 87.54 -39.22
C ARG L 63 -34.40 88.64 -38.48
N GLU L 64 -35.09 89.27 -37.53
CA GLU L 64 -34.53 90.37 -36.75
C GLU L 64 -34.20 89.89 -35.35
N PHE L 65 -32.96 90.13 -34.93
CA PHE L 65 -32.49 89.74 -33.61
C PHE L 65 -32.33 90.99 -32.75
N ARG L 66 -33.07 91.04 -31.65
CA ARG L 66 -32.88 92.13 -30.69
C ARG L 66 -31.58 91.94 -29.93
N ARG L 67 -31.15 93.01 -29.27
CA ARG L 67 -29.87 93.01 -28.58
C ARG L 67 -30.04 92.47 -27.16
N VAL L 68 -29.17 91.53 -26.80
CA VAL L 68 -29.14 90.94 -25.45
C VAL L 68 -27.86 91.41 -24.78
N PRO L 69 -27.77 91.44 -23.45
CA PRO L 69 -26.52 91.81 -22.79
C PRO L 69 -25.38 90.87 -23.15
N ASP L 70 -24.20 91.45 -23.35
CA ASP L 70 -23.03 90.71 -23.79
C ASP L 70 -22.31 90.09 -22.59
N ILE L 71 -21.13 89.51 -22.84
CA ILE L 71 -20.43 88.75 -21.81
C ILE L 71 -19.82 89.64 -20.73
N THR L 72 -19.66 90.94 -20.98
CA THR L 72 -19.06 91.81 -19.99
C THR L 72 -19.99 92.11 -18.82
N GLU L 73 -21.29 91.86 -18.96
CA GLU L 73 -22.23 92.05 -17.87
C GLU L 73 -22.87 90.72 -17.46
N CYS L 74 -22.10 89.63 -17.52
CA CYS L 74 -22.52 88.31 -17.09
C CYS L 74 -21.71 87.93 -15.86
N HIS L 75 -22.39 87.43 -14.83
CA HIS L 75 -21.70 86.98 -13.63
C HIS L 75 -20.93 85.71 -13.91
N GLU L 76 -19.96 85.42 -13.05
CA GLU L 76 -19.13 84.25 -13.21
C GLU L 76 -19.93 82.97 -12.96
N LYS L 77 -19.84 82.03 -13.89
CA LYS L 77 -20.48 80.71 -13.81
C LYS L 77 -21.99 80.81 -13.64
N ASP L 78 -22.60 81.77 -14.34
CA ASP L 78 -24.06 81.92 -14.39
C ASP L 78 -24.44 81.66 -15.84
N VAL L 79 -24.96 80.45 -16.12
CA VAL L 79 -25.11 80.00 -17.50
C VAL L 79 -26.21 80.76 -18.22
N LEU L 80 -27.23 81.21 -17.50
CA LEU L 80 -28.43 81.77 -18.12
C LEU L 80 -28.20 83.11 -18.79
N CYS L 81 -27.04 83.74 -18.60
CA CYS L 81 -26.69 84.97 -19.31
C CYS L 81 -25.50 84.81 -20.24
N MET L 82 -24.48 84.05 -19.81
CA MET L 82 -23.36 83.77 -20.72
C MET L 82 -23.80 82.93 -21.91
N PHE L 83 -24.89 82.15 -21.77
CA PHE L 83 -25.41 81.43 -22.93
C PHE L 83 -25.87 82.39 -24.01
N GLU L 84 -26.72 83.35 -23.65
CA GLU L 84 -27.22 84.32 -24.63
C GLU L 84 -26.10 85.19 -25.18
N ALA L 85 -25.15 85.57 -24.32
CA ALA L 85 -24.00 86.34 -24.78
C ALA L 85 -23.16 85.54 -25.77
N GLU L 86 -22.99 84.24 -25.52
CA GLU L 86 -22.23 83.39 -26.43
C GLU L 86 -22.91 83.27 -27.80
N MET L 87 -24.24 83.11 -27.81
CA MET L 87 -24.90 82.95 -29.11
C MET L 87 -24.93 84.26 -29.88
N GLN L 88 -25.07 85.39 -29.17
CA GLN L 88 -24.97 86.69 -29.82
C GLN L 88 -23.58 86.90 -30.40
N TRP L 89 -22.54 86.48 -29.68
CA TRP L 89 -21.18 86.60 -30.18
C TRP L 89 -20.96 85.70 -31.40
N LYS L 90 -21.56 84.52 -31.42
CA LYS L 90 -21.44 83.65 -32.60
C LYS L 90 -22.13 84.27 -33.82
N ARG L 91 -23.30 84.87 -33.62
CA ARG L 91 -23.98 85.54 -34.73
C ARG L 91 -23.16 86.72 -35.24
N ASP L 92 -22.57 87.50 -34.33
CA ASP L 92 -21.71 88.60 -34.74
C ASP L 92 -20.46 88.11 -35.45
N TYR L 93 -19.93 86.96 -35.03
CA TYR L 93 -18.79 86.35 -35.71
C TYR L 93 -19.12 86.02 -37.16
N LYS L 94 -20.27 85.39 -37.38
CA LYS L 94 -20.67 85.04 -38.75
C LYS L 94 -20.92 86.29 -39.60
N VAL L 95 -21.53 87.32 -38.99
CA VAL L 95 -21.76 88.58 -39.72
C VAL L 95 -20.43 89.23 -40.10
N ASP L 96 -19.45 89.22 -39.19
CA ASP L 96 -18.15 89.78 -39.49
C ASP L 96 -17.43 89.01 -40.59
N GLN L 97 -17.55 87.67 -40.58
CA GLN L 97 -16.97 86.87 -41.65
C GLN L 97 -17.56 87.22 -43.00
N GLU L 98 -18.89 87.38 -43.05
CA GLU L 98 -19.50 87.74 -44.33
C GLU L 98 -19.17 89.17 -44.75
N ILE L 99 -18.91 90.06 -43.78
CA ILE L 99 -18.45 91.41 -44.12
C ILE L 99 -17.09 91.36 -44.81
N VAL L 100 -16.18 90.55 -44.25
CA VAL L 100 -14.86 90.40 -44.88
C VAL L 100 -14.99 89.75 -46.26
N ASN L 101 -15.93 88.81 -46.41
CA ASN L 101 -16.17 88.22 -47.73
C ASN L 101 -16.67 89.25 -48.73
N ILE L 102 -17.54 90.17 -48.29
CA ILE L 102 -18.03 91.22 -49.17
C ILE L 102 -16.89 92.14 -49.61
N ILE L 103 -16.00 92.48 -48.68
CA ILE L 103 -14.86 93.34 -49.05
C ILE L 103 -13.92 92.62 -50.00
N GLN L 104 -13.72 91.31 -49.80
CA GLN L 104 -12.90 90.52 -50.73
C GLN L 104 -13.52 90.49 -52.12
N GLU L 105 -14.85 90.33 -52.19
CA GLU L 105 -15.54 90.38 -53.47
C GLU L 105 -15.35 91.72 -54.16
N ARG L 106 -15.43 92.81 -53.39
CA ARG L 106 -15.20 94.15 -53.93
C ARG L 106 -13.81 94.28 -54.52
N LEU L 107 -12.81 93.79 -53.78
CA LEU L 107 -11.42 93.89 -54.24
C LEU L 107 -11.19 93.09 -55.52
N LYS L 108 -11.70 91.86 -55.56
CA LYS L 108 -11.51 91.04 -56.75
C LYS L 108 -12.25 91.61 -57.96
N ALA L 109 -13.46 92.14 -57.73
CA ALA L 109 -14.21 92.74 -58.82
C ALA L 109 -13.51 93.98 -59.36
N CYS L 110 -12.95 94.81 -58.47
CA CYS L 110 -12.20 95.98 -58.92
C CYS L 110 -10.96 95.58 -59.73
N GLN L 111 -10.23 94.57 -59.24
CA GLN L 111 -9.01 94.13 -59.93
C GLN L 111 -9.31 93.57 -61.31
N GLN L 112 -10.41 92.81 -61.44
CA GLN L 112 -10.74 92.28 -62.74
C GLN L 112 -11.34 93.33 -63.66
N ARG L 113 -12.10 94.29 -63.12
CA ARG L 113 -12.77 95.27 -63.95
C ARG L 113 -11.81 96.31 -64.51
N GLU L 114 -10.83 96.75 -63.70
CA GLU L 114 -9.99 97.85 -64.16
C GLU L 114 -8.90 97.43 -65.14
N GLY L 115 -8.72 96.13 -65.38
CA GLY L 115 -7.82 95.67 -66.43
C GLY L 115 -6.35 95.77 -66.09
N GLU L 116 -5.55 96.19 -67.07
CA GLU L 116 -4.10 96.26 -66.89
C GLU L 116 -3.67 97.43 -66.02
N SER L 117 -4.54 98.41 -65.81
CA SER L 117 -4.26 99.54 -64.93
C SER L 117 -4.87 99.34 -63.55
N HIS L 118 -4.92 98.09 -63.07
CA HIS L 118 -5.57 97.79 -61.80
C HIS L 118 -4.74 98.23 -60.60
N ARG L 119 -3.44 98.48 -60.78
CA ARG L 119 -2.60 98.84 -59.66
C ARG L 119 -2.88 100.26 -59.16
N GLN L 120 -3.29 101.16 -60.04
CA GLN L 120 -3.56 102.54 -59.67
C GLN L 120 -5.04 102.80 -59.40
N ASN L 121 -5.94 102.16 -60.15
CA ASN L 121 -7.35 102.52 -60.10
C ASN L 121 -8.12 101.88 -58.95
N CYS L 122 -7.51 100.97 -58.19
CA CYS L 122 -8.19 100.29 -57.09
C CYS L 122 -7.38 100.41 -55.80
N ALA L 123 -6.95 101.63 -55.47
CA ALA L 123 -6.25 101.84 -54.22
C ALA L 123 -7.21 101.84 -53.03
N LYS L 124 -8.40 102.40 -53.21
CA LYS L 124 -9.36 102.51 -52.11
C LYS L 124 -9.87 101.13 -51.68
N GLU L 125 -10.13 100.25 -52.64
CA GLU L 125 -10.57 98.90 -52.30
C GLU L 125 -9.47 98.13 -51.57
N LEU L 126 -8.21 98.31 -51.98
CA LEU L 126 -7.10 97.67 -51.30
C LEU L 126 -6.95 98.20 -49.87
N GLN L 127 -7.11 99.51 -49.68
CA GLN L 127 -6.96 100.05 -48.33
C GLN L 127 -8.13 99.64 -47.43
N GLN L 128 -9.34 99.52 -47.97
CA GLN L 128 -10.47 99.02 -47.19
C GLN L 128 -10.27 97.56 -46.83
N PHE L 129 -9.74 96.77 -47.77
CA PHE L 129 -9.44 95.37 -47.49
C PHE L 129 -8.37 95.25 -46.41
N THR L 130 -7.34 96.08 -46.46
CA THR L 130 -6.30 96.04 -45.43
C THR L 130 -6.85 96.42 -44.06
N GLN L 131 -7.71 97.45 -44.01
CA GLN L 131 -8.30 97.86 -42.74
C GLN L 131 -9.19 96.78 -42.15
N VAL L 132 -10.06 96.19 -42.98
CA VAL L 132 -10.97 95.18 -42.45
C VAL L 132 -10.23 93.90 -42.09
N VAL L 133 -9.14 93.58 -42.80
CA VAL L 133 -8.34 92.41 -42.45
C VAL L 133 -7.61 92.64 -41.13
N LYS L 134 -7.09 93.85 -40.92
CA LYS L 134 -6.45 94.18 -39.64
C LYS L 134 -7.45 94.10 -38.50
N ALA L 135 -8.67 94.60 -38.71
CA ALA L 135 -9.69 94.53 -37.66
C ALA L 135 -10.08 93.07 -37.36
N TYR L 136 -10.25 92.26 -38.40
CA TYR L 136 -10.61 90.86 -38.21
C TYR L 136 -9.50 90.09 -37.50
N GLN L 137 -8.24 90.35 -37.87
CA GLN L 137 -7.12 89.68 -37.21
C GLN L 137 -6.99 90.10 -35.76
N ASP L 138 -7.18 91.39 -35.47
CA ASP L 138 -7.11 91.84 -34.08
C ASP L 138 -8.31 91.37 -33.26
N ARG L 139 -9.42 91.04 -33.90
CA ARG L 139 -10.62 90.68 -33.16
C ARG L 139 -10.77 89.17 -32.96
N TYR L 140 -10.47 88.36 -33.97
CA TYR L 140 -10.85 86.96 -33.95
C TYR L 140 -9.71 85.97 -34.15
N HIS L 141 -8.53 86.41 -34.58
CA HIS L 141 -7.47 85.46 -34.90
C HIS L 141 -6.86 84.87 -33.64
N ASP L 142 -6.25 83.68 -33.81
CA ASP L 142 -5.49 82.96 -32.78
C ASP L 142 -6.35 82.56 -31.58
N LEU L 143 -7.67 82.47 -31.76
CA LEU L 143 -8.53 82.06 -30.65
C LEU L 143 -8.47 80.56 -30.42
N GLY L 144 -8.31 79.78 -31.47
CA GLY L 144 -8.30 78.33 -31.39
C GLY L 144 -9.57 77.73 -31.96
N ALA L 145 -9.56 76.39 -32.05
CA ALA L 145 -10.70 75.67 -32.57
C ALA L 145 -11.85 75.63 -31.58
N HIS L 146 -11.58 75.88 -30.30
CA HIS L 146 -12.59 75.89 -29.24
C HIS L 146 -12.93 77.30 -28.81
N TYR L 147 -13.05 78.22 -29.77
CA TYR L 147 -13.24 79.63 -29.47
C TYR L 147 -14.56 79.89 -28.76
N SER L 148 -14.57 80.92 -27.92
CA SER L 148 -15.76 81.34 -27.20
C SER L 148 -15.65 82.84 -26.95
N ALA L 149 -16.68 83.40 -26.30
CA ALA L 149 -16.66 84.82 -25.97
C ALA L 149 -15.63 85.13 -24.91
N ARG L 150 -15.39 84.20 -23.98
CA ARG L 150 -14.43 84.44 -22.91
C ARG L 150 -13.00 84.50 -23.45
N LYS L 151 -12.67 83.65 -24.43
CA LYS L 151 -11.35 83.70 -25.04
C LYS L 151 -11.12 85.02 -25.77
N CYS L 152 -12.14 85.50 -26.49
CA CYS L 152 -12.03 86.78 -27.18
C CYS L 152 -11.89 87.93 -26.19
N LEU L 153 -12.63 87.86 -25.08
CA LEU L 153 -12.50 88.89 -24.05
C LEU L 153 -11.11 88.88 -23.42
N ALA L 154 -10.55 87.69 -23.18
CA ALA L 154 -9.20 87.61 -22.63
C ALA L 154 -8.16 88.14 -23.60
N LYS L 155 -8.33 87.83 -24.89
CA LYS L 155 -7.42 88.37 -25.91
C LYS L 155 -7.50 89.88 -25.97
N GLN L 156 -8.72 90.43 -25.92
CA GLN L 156 -8.88 91.88 -25.93
C GLN L 156 -8.27 92.52 -24.70
N LYS L 157 -8.44 91.89 -23.52
CA LYS L 157 -7.85 92.44 -22.30
C LYS L 157 -6.33 92.44 -22.37
N GLN L 158 -5.74 91.37 -22.92
CA GLN L 158 -4.29 91.34 -23.12
C GLN L 158 -3.85 92.43 -24.08
N ARG L 159 -4.64 92.68 -25.13
CA ARG L 159 -4.30 93.72 -26.11
C ARG L 159 -4.33 95.11 -25.48
N MET L 160 -5.37 95.43 -24.71
CA MET L 160 -5.41 96.74 -24.05
C MET L 160 -4.35 96.86 -22.96
N LEU L 161 -4.01 95.78 -22.26
CA LEU L 161 -2.93 95.85 -21.29
C LEU L 161 -1.59 96.14 -21.96
N ALA L 162 -1.33 95.49 -23.10
CA ALA L 162 -0.10 95.76 -23.83
C ALA L 162 -0.08 97.18 -24.38
N GLU L 163 -1.22 97.67 -24.86
CA GLU L 163 -1.29 99.04 -25.37
C GLU L 163 -1.07 100.05 -24.25
N ARG L 164 -1.63 99.80 -23.07
CA ARG L 164 -1.42 100.69 -21.93
C ARG L 164 0.04 100.69 -21.50
N LYS L 165 0.67 99.51 -21.48
CA LYS L 165 2.10 99.43 -21.16
C LYS L 165 2.94 100.19 -22.18
N ALA L 166 2.63 100.05 -23.47
CA ALA L 166 3.40 100.72 -24.51
C ALA L 166 3.22 102.24 -24.44
N THR L 167 2.01 102.71 -24.20
CA THR L 167 1.80 104.15 -24.12
C THR L 167 2.28 104.74 -22.79
N LYS L 168 2.46 103.91 -21.76
CA LYS L 168 3.09 104.38 -20.53
C LYS L 168 4.60 104.48 -20.70
N GLU L 169 5.21 103.54 -21.42
CA GLU L 169 6.65 103.58 -21.60
C GLU L 169 7.10 104.67 -22.57
N ALA L 170 6.18 105.20 -23.37
CA ALA L 170 6.49 106.28 -24.30
C ALA L 170 6.15 107.65 -23.74
N ALA L 171 5.69 107.73 -22.50
CA ALA L 171 5.34 109.00 -21.89
C ALA L 171 5.94 109.12 -20.50
N LEU M 1 -39.44 16.51 -8.29
CA LEU M 1 -40.15 15.72 -9.29
C LEU M 1 -41.23 14.87 -8.62
N GLN M 2 -41.47 13.69 -9.18
CA GLN M 2 -42.46 12.78 -8.61
C GLN M 2 -42.00 12.23 -7.27
N TYR M 3 -40.73 11.85 -7.16
CA TYR M 3 -40.16 11.34 -5.92
C TYR M 3 -39.04 12.29 -5.48
N GLY M 4 -39.12 12.77 -4.26
CA GLY M 4 -38.13 13.68 -3.73
C GLY M 4 -37.85 13.45 -2.26
N PRO M 5 -36.95 14.25 -1.69
CA PRO M 5 -36.69 14.16 -0.25
C PRO M 5 -37.91 14.47 0.60
N LEU M 6 -38.80 15.35 0.12
CA LEU M 6 -40.03 15.63 0.85
C LEU M 6 -40.94 14.40 0.89
N ALA M 7 -40.95 13.60 -0.18
CA ALA M 7 -41.72 12.37 -0.18
C ALA M 7 -41.16 11.36 0.81
N TYR M 8 -39.82 11.27 0.91
CA TYR M 8 -39.21 10.37 1.87
C TYR M 8 -39.47 10.82 3.30
N ILE M 9 -39.44 12.13 3.54
CA ILE M 9 -39.75 12.67 4.86
C ILE M 9 -41.20 12.41 5.23
N LEU M 10 -42.12 12.59 4.27
CA LEU M 10 -43.54 12.49 4.54
C LEU M 10 -44.02 11.06 4.82
N GLY M 11 -43.19 10.05 4.53
CA GLY M 11 -43.55 8.70 4.94
C GLY M 11 -43.29 7.61 3.92
N GLU M 12 -42.93 7.98 2.70
CA GLU M 12 -42.71 7.00 1.63
C GLU M 12 -41.35 6.35 1.84
N LYS M 13 -41.32 5.29 2.63
CA LYS M 13 -40.10 4.52 2.82
C LYS M 13 -39.92 3.52 1.68
N THR M 14 -38.70 2.97 1.59
CA THR M 14 -38.35 2.05 0.52
C THR M 14 -38.47 0.59 0.94
N THR M 15 -38.02 0.23 2.14
CA THR M 15 -38.07 -1.15 2.58
C THR M 15 -39.48 -1.64 2.93
N LYS M 16 -40.45 -0.73 3.02
CA LYS M 16 -41.81 -1.15 3.32
C LYS M 16 -42.48 -1.82 2.13
N LYS M 17 -42.11 -1.43 0.91
CA LYS M 17 -42.68 -1.99 -0.30
C LYS M 17 -41.83 -3.10 -0.91
N MET M 18 -40.71 -3.46 -0.28
CA MET M 18 -39.81 -4.47 -0.80
C MET M 18 -40.07 -5.79 -0.08
N THR M 19 -40.65 -6.75 -0.80
CA THR M 19 -40.94 -8.06 -0.25
C THR M 19 -39.80 -9.02 -0.57
N GLU M 20 -39.99 -10.30 -0.22
CA GLU M 20 -38.97 -11.30 -0.48
C GLU M 20 -38.88 -11.65 -1.96
N ASN M 21 -39.98 -11.50 -2.70
CA ASN M 21 -39.97 -11.82 -4.12
C ASN M 21 -39.24 -10.78 -4.97
N SER M 22 -38.91 -9.61 -4.40
CA SER M 22 -38.20 -8.56 -5.11
C SER M 22 -36.74 -8.95 -5.22
N LYS M 23 -36.40 -9.67 -6.29
CA LYS M 23 -35.04 -10.11 -6.54
C LYS M 23 -34.64 -9.74 -7.96
N LEU M 24 -33.40 -9.29 -8.11
CA LEU M 24 -32.85 -8.92 -9.41
C LEU M 24 -32.02 -10.07 -9.95
N ILE M 25 -32.42 -10.60 -11.11
CA ILE M 25 -31.82 -11.78 -11.69
C ILE M 25 -31.22 -11.42 -13.04
N THR M 26 -29.96 -11.76 -13.24
CA THR M 26 -29.26 -11.53 -14.51
C THR M 26 -28.90 -12.88 -15.11
N VAL M 27 -29.56 -13.23 -16.21
CA VAL M 27 -29.33 -14.50 -16.89
C VAL M 27 -28.25 -14.29 -17.94
N ASP M 28 -27.22 -15.13 -17.89
CA ASP M 28 -26.04 -14.95 -18.72
C ASP M 28 -25.74 -16.21 -19.50
N GLY M 29 -24.85 -16.07 -20.48
CA GLY M 29 -24.47 -17.20 -21.31
C GLY M 29 -23.60 -16.75 -22.47
N ASN M 30 -23.45 -17.63 -23.45
CA ASN M 30 -22.70 -17.35 -24.65
C ASN M 30 -23.59 -16.64 -25.67
N ILE M 31 -23.12 -16.58 -26.93
CA ILE M 31 -23.85 -15.86 -27.97
C ILE M 31 -25.19 -16.54 -28.28
N CYS M 32 -25.17 -17.86 -28.44
CA CYS M 32 -26.40 -18.59 -28.76
C CYS M 32 -26.69 -19.64 -27.69
N SER M 33 -26.56 -19.24 -26.43
CA SER M 33 -26.78 -20.15 -25.31
C SER M 33 -28.25 -20.51 -25.10
N GLY M 34 -29.17 -19.83 -25.77
CA GLY M 34 -30.58 -20.08 -25.57
C GLY M 34 -31.16 -19.47 -24.32
N LYS M 35 -30.46 -18.53 -23.70
CA LYS M 35 -30.94 -17.87 -22.49
C LYS M 35 -32.03 -16.85 -22.80
N LYS M 37 -34.72 -16.84 -24.41
CA LYS M 37 -36.09 -17.26 -24.14
C LYS M 37 -36.19 -17.79 -22.72
N LEU M 38 -35.10 -18.40 -22.23
CA LEU M 38 -35.10 -19.03 -20.92
C LEU M 38 -35.39 -18.02 -19.82
N ALA M 39 -34.76 -16.85 -19.90
CA ALA M 39 -35.02 -15.77 -18.95
C ALA M 39 -36.49 -15.37 -18.99
N LYS M 40 -37.08 -15.35 -20.19
CA LYS M 40 -38.50 -15.04 -20.32
C LYS M 40 -39.35 -16.07 -19.59
N GLU M 41 -38.91 -17.33 -19.58
CA GLU M 41 -39.59 -18.35 -18.79
C GLU M 41 -39.54 -18.01 -17.31
N VAL M 42 -38.37 -17.55 -16.82
CA VAL M 42 -38.27 -17.12 -15.43
C VAL M 42 -39.09 -15.85 -15.20
N ALA M 43 -39.43 -15.12 -16.26
CA ALA M 43 -40.33 -13.99 -16.11
C ALA M 43 -41.76 -14.47 -15.83
N GLU M 44 -42.16 -15.58 -16.42
CA GLU M 44 -43.56 -16.00 -16.35
C GLU M 44 -43.80 -17.10 -15.32
N LYS M 45 -42.83 -17.37 -14.45
CA LYS M 45 -43.03 -18.30 -13.34
C LYS M 45 -42.91 -17.62 -11.99
N LEU M 46 -41.99 -16.68 -11.83
CA LEU M 46 -41.83 -15.94 -10.59
C LEU M 46 -42.59 -14.64 -10.57
N GLY M 47 -43.27 -14.28 -11.66
CA GLY M 47 -43.94 -12.99 -11.74
C GLY M 47 -43.01 -11.80 -11.76
N LEU M 48 -41.92 -11.87 -12.52
CA LEU M 48 -40.96 -10.79 -12.61
C LEU M 48 -40.99 -10.19 -14.02
N LYS M 49 -40.86 -8.87 -14.09
CA LYS M 49 -40.82 -8.18 -15.38
C LYS M 49 -39.55 -8.53 -16.13
N HIS M 50 -39.67 -8.78 -17.42
CA HIS M 50 -38.55 -9.19 -18.26
C HIS M 50 -38.04 -8.00 -19.05
N PHE M 51 -36.71 -7.82 -19.05
CA PHE M 51 -36.06 -6.82 -19.86
C PHE M 51 -35.23 -7.52 -20.93
N PRO M 52 -35.48 -7.29 -22.22
CA PRO M 52 -34.64 -7.86 -23.26
C PRO M 52 -33.23 -7.26 -23.21
N GLU M 53 -32.30 -7.96 -23.87
CA GLU M 53 -30.92 -7.53 -23.87
C GLU M 53 -30.77 -6.19 -24.58
N ALA M 54 -30.06 -5.26 -23.94
CA ALA M 54 -29.94 -3.90 -24.42
C ALA M 54 -29.08 -3.86 -25.68
N GLY M 55 -29.70 -3.60 -26.81
CA GLY M 55 -29.01 -3.45 -28.07
C GLY M 55 -28.61 -2.02 -28.33
N ILE M 56 -28.44 -1.70 -29.61
CA ILE M 56 -28.06 -0.35 -30.00
C ILE M 56 -29.22 0.61 -29.77
N HIS M 57 -30.45 0.18 -30.06
CA HIS M 57 -31.62 1.04 -30.04
C HIS M 57 -32.47 0.84 -28.80
N TYR M 58 -31.85 0.62 -27.63
CA TYR M 58 -32.63 0.51 -26.40
C TYR M 58 -33.17 1.87 -25.98
N ALA M 59 -32.35 2.92 -26.04
CA ALA M 59 -32.78 4.25 -25.66
C ALA M 59 -33.81 4.80 -26.64
N ASP M 60 -33.74 4.38 -27.90
CA ASP M 60 -34.76 4.78 -28.87
C ASP M 60 -36.12 4.19 -28.50
N SER M 61 -36.15 2.96 -28.02
CA SER M 61 -37.40 2.33 -27.61
C SER M 61 -37.88 2.85 -26.26
N THR M 62 -36.95 3.30 -25.40
CA THR M 62 -37.34 3.76 -24.07
C THR M 62 -38.10 5.08 -24.13
N THR M 63 -37.59 6.04 -24.88
CA THR M 63 -38.16 7.38 -24.94
C THR M 63 -38.81 7.64 -26.30
N GLY M 64 -39.48 8.78 -26.39
CA GLY M 64 -40.12 9.14 -27.65
C GLY M 64 -41.33 8.27 -27.93
N ASP M 65 -41.56 7.98 -29.20
CA ASP M 65 -42.68 7.14 -29.61
C ASP M 65 -42.36 5.65 -29.52
N GLY M 66 -41.12 5.29 -29.19
CA GLY M 66 -40.73 3.90 -29.07
C GLY M 66 -40.16 3.29 -30.33
N LYS M 67 -40.29 3.96 -31.48
CA LYS M 67 -39.71 3.45 -32.70
C LYS M 67 -38.20 3.67 -32.71
N PRO M 68 -37.44 2.76 -33.33
CA PRO M 68 -35.99 2.93 -33.36
C PRO M 68 -35.56 4.09 -34.24
N LEU M 69 -34.61 4.86 -33.73
CA LEU M 69 -34.04 5.97 -34.48
C LEU M 69 -33.16 5.44 -35.60
N PRO M 70 -32.91 6.25 -36.64
CA PRO M 70 -31.90 5.86 -37.63
C PRO M 70 -30.51 5.78 -37.02
N VAL M 71 -29.66 4.94 -37.62
CA VAL M 71 -28.35 4.64 -37.05
C VAL M 71 -27.42 5.85 -37.04
N ARG M 72 -27.66 6.84 -37.90
CA ARG M 72 -26.84 8.05 -37.86
C ARG M 72 -27.19 8.95 -36.69
N PHE M 73 -28.34 8.75 -36.07
CA PHE M 73 -28.75 9.54 -34.91
C PHE M 73 -28.48 8.85 -33.59
N SER M 74 -28.56 7.52 -33.54
CA SER M 74 -28.32 6.76 -32.33
C SER M 74 -27.34 5.63 -32.63
N GLY M 75 -26.29 5.55 -31.83
CA GLY M 75 -25.31 4.49 -31.99
C GLY M 75 -24.14 4.86 -32.86
N ASN M 76 -24.41 5.22 -34.11
CA ASN M 76 -23.38 5.47 -35.13
C ASN M 76 -22.46 4.27 -35.29
N CYS M 77 -23.05 3.08 -35.21
CA CYS M 77 -22.30 1.83 -35.29
C CYS M 77 -23.25 0.74 -35.79
N SER M 78 -22.65 -0.32 -36.34
CA SER M 78 -23.41 -1.43 -36.88
C SER M 78 -22.80 -2.74 -36.40
N LEU M 79 -23.65 -3.65 -35.91
CA LEU M 79 -23.18 -4.96 -35.48
C LEU M 79 -22.76 -5.81 -36.67
N GLU M 80 -23.48 -5.68 -37.79
CA GLU M 80 -23.13 -6.45 -38.99
C GLU M 80 -21.82 -5.96 -39.60
N LYS M 81 -21.54 -4.66 -39.53
CA LYS M 81 -20.27 -4.13 -40.00
C LYS M 81 -19.11 -4.65 -39.15
N PHE M 82 -19.33 -4.81 -37.84
CA PHE M 82 -18.33 -5.44 -37.01
C PHE M 82 -18.17 -6.92 -37.35
N TYR M 83 -19.28 -7.60 -37.63
CA TYR M 83 -19.22 -9.03 -37.92
C TYR M 83 -18.52 -9.32 -39.25
N ASP M 84 -18.67 -8.43 -40.23
CA ASP M 84 -18.02 -8.63 -41.52
C ASP M 84 -16.52 -8.39 -41.42
N ASP M 85 -16.12 -7.18 -41.02
CA ASP M 85 -14.72 -6.83 -40.87
C ASP M 85 -14.50 -6.27 -39.47
N PRO M 86 -14.07 -7.09 -38.52
CA PRO M 86 -13.86 -6.60 -37.14
C PRO M 86 -12.64 -5.70 -36.99
N LYS M 87 -11.73 -5.69 -37.95
CA LYS M 87 -10.53 -4.86 -37.89
C LYS M 87 -10.65 -3.62 -38.77
N SER M 88 -11.84 -3.02 -38.81
CA SER M 88 -12.09 -1.88 -39.68
C SER M 88 -11.32 -0.65 -39.20
N ASN M 89 -10.92 0.17 -40.18
CA ASN M 89 -10.06 1.32 -39.90
C ASN M 89 -10.78 2.47 -39.21
N ASP M 90 -12.10 2.50 -39.26
CA ASP M 90 -12.84 3.62 -38.67
C ASP M 90 -13.09 3.45 -37.18
N GLY M 91 -12.62 2.36 -36.58
CA GLY M 91 -12.84 2.11 -35.17
C GLY M 91 -14.29 1.81 -34.81
N ASN M 92 -14.97 1.01 -35.63
CA ASN M 92 -16.35 0.67 -35.38
C ASN M 92 -16.50 -0.25 -34.17
N SER M 93 -15.49 -1.07 -33.90
CA SER M 93 -15.61 -2.10 -32.87
C SER M 93 -15.71 -1.50 -31.48
N TYR M 94 -14.78 -0.60 -31.12
CA TYR M 94 -14.84 0.00 -29.80
C TYR M 94 -16.00 0.97 -29.67
N ARG M 95 -16.38 1.64 -30.76
CA ARG M 95 -17.56 2.51 -30.71
C ARG M 95 -18.82 1.71 -30.42
N LEU M 96 -18.98 0.56 -31.08
CA LEU M 96 -20.10 -0.32 -30.80
C LEU M 96 -20.07 -0.85 -29.38
N GLN M 97 -18.87 -1.20 -28.90
CA GLN M 97 -18.74 -1.70 -27.53
C GLN M 97 -19.11 -0.63 -26.50
N ALA M 98 -18.66 0.60 -26.72
CA ALA M 98 -18.97 1.69 -25.79
C ALA M 98 -20.46 2.02 -25.80
N TRP M 99 -21.08 2.05 -26.99
CA TRP M 99 -22.51 2.32 -27.06
C TRP M 99 -23.32 1.22 -26.40
N LEU M 100 -22.91 -0.04 -26.59
CA LEU M 100 -23.60 -1.15 -25.96
C LEU M 100 -23.46 -1.11 -24.45
N TYR M 101 -22.27 -0.76 -23.94
CA TYR M 101 -22.08 -0.67 -22.49
C TYR M 101 -22.90 0.46 -21.90
N ALA M 102 -22.97 1.61 -22.58
CA ALA M 102 -23.77 2.72 -22.07
C ALA M 102 -25.26 2.38 -22.11
N SER M 103 -25.71 1.67 -23.14
CA SER M 103 -27.10 1.22 -23.19
C SER M 103 -27.40 0.21 -22.09
N ARG M 104 -26.43 -0.65 -21.78
CA ARG M 104 -26.61 -1.59 -20.66
C ARG M 104 -26.67 -0.86 -19.34
N LEU M 105 -25.90 0.22 -19.19
CA LEU M 105 -25.98 1.05 -18.00
C LEU M 105 -27.35 1.70 -17.86
N LEU M 106 -27.90 2.19 -18.97
CA LEU M 106 -29.25 2.75 -18.95
C LEU M 106 -30.29 1.70 -18.59
N GLN M 107 -30.14 0.49 -19.13
CA GLN M 107 -31.08 -0.59 -18.83
C GLN M 107 -30.99 -1.01 -17.36
N TYR M 108 -29.78 -1.08 -16.81
CA TYR M 108 -29.60 -1.41 -15.40
C TYR M 108 -30.20 -0.34 -14.51
N ALA M 109 -30.04 0.93 -14.89
CA ALA M 109 -30.67 2.02 -14.14
C ALA M 109 -32.19 1.91 -14.18
N ASP M 110 -32.75 1.60 -15.34
CA ASP M 110 -34.21 1.44 -15.44
C ASP M 110 -34.70 0.27 -14.61
N ALA M 111 -33.97 -0.85 -14.62
CA ALA M 111 -34.35 -2.01 -13.83
C ALA M 111 -34.28 -1.72 -12.33
N LEU M 112 -33.23 -1.02 -11.89
CA LEU M 112 -33.11 -0.68 -10.48
C LEU M 112 -34.19 0.31 -10.06
N GLU M 113 -34.55 1.26 -10.94
CA GLU M 113 -35.65 2.18 -10.64
C GLU M 113 -36.96 1.44 -10.50
N HIS M 114 -37.23 0.49 -11.41
CA HIS M 114 -38.47 -0.29 -11.32
C HIS M 114 -38.50 -1.14 -10.06
N LEU M 115 -37.37 -1.75 -9.70
CA LEU M 115 -37.31 -2.58 -8.51
C LEU M 115 -37.48 -1.77 -7.24
N LEU M 116 -36.87 -0.57 -7.17
CA LEU M 116 -36.97 0.25 -5.98
C LEU M 116 -38.27 1.03 -5.91
N SER M 117 -38.99 1.19 -7.01
CA SER M 117 -40.23 1.95 -7.00
C SER M 117 -41.48 1.07 -6.90
N THR M 118 -41.47 -0.13 -7.50
CA THR M 118 -42.64 -0.98 -7.49
C THR M 118 -42.50 -2.21 -6.60
N GLY M 119 -41.28 -2.60 -6.25
CA GLY M 119 -41.08 -3.80 -5.47
C GLY M 119 -41.21 -5.09 -6.25
N GLN M 120 -41.23 -5.03 -7.58
CA GLN M 120 -41.32 -6.19 -8.43
C GLN M 120 -39.96 -6.46 -9.06
N GLY M 121 -39.51 -7.71 -8.98
CA GLY M 121 -38.18 -8.05 -9.49
C GLY M 121 -38.10 -7.95 -11.00
N VAL M 122 -36.89 -7.68 -11.48
CA VAL M 122 -36.62 -7.52 -12.90
C VAL M 122 -35.62 -8.59 -13.33
N VAL M 123 -35.85 -9.18 -14.49
CA VAL M 123 -34.95 -10.17 -15.07
C VAL M 123 -34.20 -9.51 -16.22
N LEU M 124 -32.88 -9.46 -16.10
CA LEU M 124 -32.03 -8.84 -17.11
C LEU M 124 -31.25 -9.92 -17.86
N GLU M 125 -30.51 -9.48 -18.87
CA GLU M 125 -29.67 -10.36 -19.68
C GLU M 125 -28.39 -9.61 -19.99
N ARG M 126 -27.26 -10.12 -19.48
CA ARG M 126 -25.91 -9.58 -19.72
C ARG M 126 -25.82 -8.12 -19.30
N SER M 127 -25.89 -7.92 -17.99
CA SER M 127 -25.84 -6.58 -17.42
C SER M 127 -24.42 -6.02 -17.46
N ILE M 128 -24.21 -4.87 -16.82
CA ILE M 128 -22.93 -4.19 -16.89
C ILE M 128 -21.82 -4.92 -16.13
N TYR M 129 -22.18 -5.85 -15.25
CA TYR M 129 -21.17 -6.62 -14.54
C TYR M 129 -20.55 -7.71 -15.40
N SER M 130 -21.12 -7.98 -16.58
CA SER M 130 -20.61 -9.02 -17.47
C SER M 130 -20.60 -8.53 -18.91
N ASP M 131 -20.16 -7.30 -19.13
CA ASP M 131 -19.97 -6.78 -20.47
C ASP M 131 -18.51 -6.68 -20.84
N PHE M 132 -17.64 -6.37 -19.87
CA PHE M 132 -16.21 -6.24 -20.11
C PHE M 132 -15.59 -7.51 -20.65
N VAL M 133 -16.19 -8.67 -20.34
CA VAL M 133 -15.73 -9.94 -20.87
C VAL M 133 -15.74 -9.93 -22.39
N PHE M 134 -16.80 -9.39 -23.00
CA PHE M 134 -16.84 -9.21 -24.44
C PHE M 134 -15.68 -8.35 -24.90
N LEU M 135 -15.43 -7.24 -24.18
CA LEU M 135 -14.30 -6.36 -24.44
C LEU M 135 -12.99 -7.13 -24.45
N GLU M 136 -12.84 -8.06 -23.50
CA GLU M 136 -11.60 -8.82 -23.40
C GLU M 136 -11.38 -9.65 -24.65
N ALA M 137 -12.45 -10.21 -25.21
CA ALA M 137 -12.33 -10.93 -26.47
C ALA M 137 -11.86 -10.00 -27.58
N MET M 138 -12.41 -8.77 -27.63
CA MET M 138 -11.97 -7.79 -28.61
C MET M 138 -10.52 -7.39 -28.39
N TYR M 139 -9.98 -7.56 -27.18
CA TYR M 139 -8.56 -7.31 -27.00
C TYR M 139 -7.72 -8.54 -27.30
N ARG M 140 -8.27 -9.74 -27.12
CA ARG M 140 -7.47 -10.94 -27.34
C ARG M 140 -7.30 -11.25 -28.82
N GLN M 141 -8.28 -10.87 -29.63
CA GLN M 141 -8.20 -11.08 -31.08
C GLN M 141 -7.51 -9.94 -31.80
N GLY M 142 -7.09 -8.90 -31.09
CA GLY M 142 -6.48 -7.76 -31.73
C GLY M 142 -7.44 -6.88 -32.49
N PHE M 143 -8.73 -6.91 -32.15
CA PHE M 143 -9.71 -6.14 -32.90
C PHE M 143 -9.63 -4.66 -32.56
N ILE M 144 -9.22 -4.33 -31.34
CA ILE M 144 -9.07 -2.95 -30.90
C ILE M 144 -7.70 -2.79 -30.23
N ARG M 145 -7.44 -1.59 -29.72
CA ARG M 145 -6.14 -1.23 -29.20
C ARG M 145 -6.17 -1.21 -27.67
N LYS M 146 -5.02 -0.90 -27.07
CA LYS M 146 -4.92 -0.83 -25.62
C LYS M 146 -5.57 0.43 -25.07
N GLN M 147 -5.57 1.52 -25.84
CA GLN M 147 -6.19 2.76 -25.40
C GLN M 147 -7.70 2.61 -25.25
N CYS M 148 -8.32 1.79 -26.10
CA CYS M 148 -9.74 1.49 -25.93
C CYS M 148 -10.00 0.76 -24.62
N VAL M 149 -9.12 -0.18 -24.26
CA VAL M 149 -9.24 -0.90 -23.00
C VAL M 149 -9.07 0.05 -21.83
N ASP M 150 -8.12 0.98 -21.92
CA ASP M 150 -7.91 1.96 -20.86
C ASP M 150 -9.11 2.88 -20.68
N HIS M 151 -9.68 3.35 -21.80
CA HIS M 151 -10.85 4.22 -21.71
C HIS M 151 -12.06 3.49 -21.16
N TYR M 152 -12.27 2.23 -21.59
CA TYR M 152 -13.37 1.44 -21.04
C TYR M 152 -13.19 1.17 -19.56
N ASN M 153 -11.95 0.91 -19.13
CA ASN M 153 -11.69 0.69 -17.71
C ASN M 153 -11.94 1.94 -16.90
N GLN M 154 -11.55 3.11 -17.43
CA GLN M 154 -11.82 4.37 -16.74
C GLN M 154 -13.31 4.63 -16.61
N VAL M 155 -14.07 4.41 -17.69
CA VAL M 155 -15.51 4.65 -17.66
C VAL M 155 -16.19 3.68 -16.70
N LYS M 156 -15.79 2.40 -16.73
CA LYS M 156 -16.38 1.41 -15.84
C LYS M 156 -16.06 1.73 -14.38
N LYS M 157 -14.82 2.14 -14.11
CA LYS M 157 -14.41 2.48 -12.74
C LYS M 157 -15.19 3.67 -12.20
N VAL M 158 -15.42 4.68 -13.05
CA VAL M 158 -16.16 5.84 -12.56
C VAL M 158 -17.68 5.66 -12.60
N THR M 159 -18.19 4.61 -13.25
CA THR M 159 -19.63 4.41 -13.33
C THR M 159 -20.17 3.32 -12.43
N VAL M 160 -19.57 2.12 -12.42
CA VAL M 160 -20.19 0.98 -11.78
C VAL M 160 -20.12 1.03 -10.25
N CYS M 161 -19.32 1.91 -9.69
CA CYS M 161 -19.13 1.97 -8.25
C CYS M 161 -20.33 2.54 -7.50
N GLU M 162 -21.29 3.13 -8.20
CA GLU M 162 -22.45 3.75 -7.57
C GLU M 162 -23.70 2.87 -7.63
N TYR M 163 -23.57 1.60 -8.03
CA TYR M 163 -24.71 0.72 -8.21
C TYR M 163 -24.53 -0.53 -7.35
N LEU M 164 -25.43 -1.50 -7.54
CA LEU M 164 -25.43 -2.72 -6.76
C LEU M 164 -25.45 -3.92 -7.68
N PRO M 165 -24.79 -5.02 -7.28
CA PRO M 165 -24.82 -6.24 -8.09
C PRO M 165 -26.18 -6.91 -8.02
N PRO M 166 -26.53 -7.73 -9.00
CA PRO M 166 -27.80 -8.46 -8.95
C PRO M 166 -27.80 -9.50 -7.85
N HIS M 167 -29.01 -9.90 -7.44
CA HIS M 167 -29.13 -10.90 -6.39
C HIS M 167 -28.69 -12.28 -6.87
N VAL M 168 -29.19 -12.70 -8.03
CA VAL M 168 -28.91 -14.01 -8.60
C VAL M 168 -28.35 -13.83 -10.00
N VAL M 169 -27.29 -14.55 -10.32
CA VAL M 169 -26.75 -14.61 -11.67
C VAL M 169 -26.80 -16.06 -12.14
N ILE M 170 -27.33 -16.27 -13.35
CA ILE M 170 -27.47 -17.60 -13.93
C ILE M 170 -26.61 -17.64 -15.19
N TYR M 171 -25.71 -18.62 -15.25
CA TYR M 171 -24.82 -18.80 -16.39
C TYR M 171 -25.16 -20.10 -17.11
N VAL M 172 -25.40 -20.02 -18.41
CA VAL M 172 -25.73 -21.17 -19.23
C VAL M 172 -24.46 -21.63 -19.92
N ASP M 173 -24.01 -22.84 -19.60
CA ASP M 173 -22.76 -23.37 -20.13
C ASP M 173 -23.04 -24.11 -21.43
N VAL M 174 -22.66 -23.49 -22.55
CA VAL M 174 -22.78 -24.13 -23.86
C VAL M 174 -21.40 -24.15 -24.50
N PRO M 175 -20.93 -25.30 -25.01
CA PRO M 175 -19.59 -25.36 -25.61
C PRO M 175 -19.53 -24.58 -26.92
N VAL M 176 -18.30 -24.38 -27.37
CA VAL M 176 -18.05 -23.54 -28.55
C VAL M 176 -18.59 -24.20 -29.82
N SER M 177 -18.42 -25.52 -29.93
CA SER M 177 -18.91 -26.24 -31.11
C SER M 177 -20.42 -26.20 -31.20
N GLU M 178 -21.12 -26.37 -30.08
CA GLU M 178 -22.57 -26.28 -30.08
C GLU M 178 -23.03 -24.85 -30.35
N VAL M 179 -22.28 -23.86 -29.86
CA VAL M 179 -22.59 -22.46 -30.16
C VAL M 179 -22.47 -22.20 -31.66
N GLN M 180 -21.42 -22.73 -32.28
CA GLN M 180 -21.24 -22.55 -33.72
C GLN M 180 -22.32 -23.27 -34.51
N SER M 181 -22.73 -24.46 -34.05
CA SER M 181 -23.83 -25.16 -34.72
C SER M 181 -25.14 -24.39 -34.61
N ARG M 182 -25.42 -23.82 -33.44
CA ARG M 182 -26.64 -23.02 -33.29
C ARG M 182 -26.58 -21.75 -34.13
N ILE M 183 -25.39 -21.16 -34.26
CA ILE M 183 -25.22 -19.98 -35.11
C ILE M 183 -25.45 -20.34 -36.57
N GLN M 184 -24.93 -21.48 -37.00
CA GLN M 184 -25.15 -21.92 -38.37
C GLN M 184 -26.62 -22.27 -38.64
N LYS M 185 -27.32 -22.77 -37.63
CA LYS M 185 -28.75 -23.02 -37.77
C LYS M 185 -29.59 -21.76 -37.61
N LYS M 186 -29.02 -20.67 -37.09
CA LYS M 186 -29.76 -19.42 -36.98
C LYS M 186 -30.12 -18.85 -38.35
N GLY M 187 -29.20 -18.94 -39.31
CA GLY M 187 -29.46 -18.48 -40.65
C GLY M 187 -29.04 -17.05 -40.94
N ASN M 188 -28.58 -16.31 -39.95
CA ASN M 188 -28.12 -14.94 -40.19
C ASN M 188 -26.78 -14.97 -40.89
N PRO M 189 -26.65 -14.44 -42.12
CA PRO M 189 -25.37 -14.54 -42.83
C PRO M 189 -24.24 -13.77 -42.19
N HIS M 190 -24.52 -12.68 -41.48
CA HIS M 190 -23.46 -11.91 -40.85
C HIS M 190 -22.91 -12.62 -39.62
N GLU M 191 -23.72 -13.47 -38.98
CA GLU M 191 -23.25 -14.20 -37.80
C GLU M 191 -22.38 -15.40 -38.15
N MET M 192 -22.35 -15.83 -39.41
CA MET M 192 -21.51 -16.96 -39.79
C MET M 192 -20.03 -16.58 -39.89
N LYS M 193 -19.70 -15.30 -39.86
CA LYS M 193 -18.33 -14.85 -39.96
C LYS M 193 -17.61 -14.84 -38.62
N ILE M 194 -18.28 -15.24 -37.54
CA ILE M 194 -17.64 -15.28 -36.23
C ILE M 194 -16.67 -16.45 -36.18
N THR M 195 -15.43 -16.16 -35.81
CA THR M 195 -14.41 -17.20 -35.71
C THR M 195 -14.63 -18.04 -34.46
N SER M 196 -14.06 -19.24 -34.46
CA SER M 196 -14.12 -20.10 -33.29
C SER M 196 -13.29 -19.54 -32.14
N ALA M 197 -12.20 -18.85 -32.46
CA ALA M 197 -11.33 -18.29 -31.42
C ALA M 197 -12.02 -17.20 -30.63
N TYR M 198 -12.89 -16.41 -31.27
CA TYR M 198 -13.62 -15.36 -30.56
C TYR M 198 -14.55 -15.95 -29.51
N LEU M 199 -15.31 -16.98 -29.89
CA LEU M 199 -16.21 -17.63 -28.95
C LEU M 199 -15.44 -18.36 -27.85
N GLN M 200 -14.31 -18.98 -28.22
CA GLN M 200 -13.47 -19.64 -27.22
C GLN M 200 -12.93 -18.64 -26.20
N ASP M 201 -12.50 -17.47 -26.67
CA ASP M 201 -12.00 -16.46 -25.75
C ASP M 201 -13.12 -15.88 -24.89
N ILE M 202 -14.33 -15.76 -25.45
CA ILE M 202 -15.48 -15.33 -24.66
C ILE M 202 -15.77 -16.32 -23.53
N GLU M 203 -15.74 -17.62 -23.85
CA GLU M 203 -15.95 -18.64 -22.83
C GLU M 203 -14.84 -18.62 -21.79
N ASN M 204 -13.59 -18.41 -22.22
CA ASN M 204 -12.47 -18.39 -21.30
C ASN M 204 -12.54 -17.20 -20.34
N VAL M 205 -12.89 -16.02 -20.84
CA VAL M 205 -13.01 -14.88 -19.93
C VAL M 205 -14.30 -14.92 -19.13
N TYR M 206 -15.29 -15.70 -19.56
CA TYR M 206 -16.45 -15.93 -18.70
C TYR M 206 -16.11 -16.83 -17.54
N LYS M 207 -15.38 -17.92 -17.80
CA LYS M 207 -15.08 -18.89 -16.76
C LYS M 207 -13.88 -18.50 -15.91
N GLY M 208 -13.06 -17.55 -16.34
CA GLY M 208 -11.83 -17.26 -15.63
C GLY M 208 -11.82 -15.96 -14.85
N THR M 209 -12.54 -14.96 -15.35
CA THR M 209 -12.52 -13.63 -14.73
C THR M 209 -13.87 -13.21 -14.19
N PHE M 210 -14.96 -13.49 -14.91
CA PHE M 210 -16.27 -13.03 -14.48
C PHE M 210 -16.79 -13.85 -13.30
N LEU M 211 -16.95 -15.15 -13.50
CA LEU M 211 -17.51 -16.00 -12.44
C LEU M 211 -16.67 -16.09 -11.16
N PRO M 212 -15.33 -16.25 -11.18
CA PRO M 212 -14.60 -16.26 -9.91
C PRO M 212 -14.71 -14.97 -9.11
N GLU M 213 -14.76 -13.81 -9.76
CA GLU M 213 -14.89 -12.55 -9.06
C GLU M 213 -16.33 -12.18 -8.75
N MET M 214 -17.30 -12.84 -9.37
CA MET M 214 -18.70 -12.47 -9.24
C MET M 214 -19.39 -13.24 -8.13
N SER M 215 -18.91 -14.46 -7.83
CA SER M 215 -19.57 -15.33 -6.87
C SER M 215 -19.40 -14.89 -5.42
N GLU M 216 -18.55 -13.91 -5.15
CA GLU M 216 -18.43 -13.43 -3.78
C GLU M 216 -19.54 -12.45 -3.42
N LYS M 217 -19.87 -11.54 -4.33
CA LYS M 217 -20.84 -10.49 -4.06
C LYS M 217 -22.26 -10.85 -4.47
N CYS M 218 -22.49 -12.07 -4.93
CA CYS M 218 -23.85 -12.57 -5.19
C CYS M 218 -23.78 -14.09 -5.22
N GLU M 219 -24.84 -14.72 -5.73
CA GLU M 219 -24.93 -16.16 -5.81
C GLU M 219 -25.02 -16.59 -7.27
N VAL M 220 -24.18 -17.54 -7.65
CA VAL M 220 -24.13 -18.05 -9.02
C VAL M 220 -25.00 -19.29 -9.13
N LEU M 221 -25.50 -19.54 -10.34
CA LEU M 221 -26.25 -20.77 -10.66
C LEU M 221 -25.81 -21.19 -12.05
N GLN M 222 -24.78 -22.04 -12.11
CA GLN M 222 -24.26 -22.48 -13.40
C GLN M 222 -25.06 -23.66 -13.91
N TYR M 223 -25.51 -23.56 -15.16
CA TYR M 223 -26.36 -24.57 -15.76
C TYR M 223 -25.79 -25.02 -17.10
N SER M 224 -26.03 -26.28 -17.42
CA SER M 224 -25.60 -26.83 -18.70
C SER M 224 -26.61 -26.46 -19.78
N ALA M 225 -26.34 -26.91 -21.00
CA ALA M 225 -27.23 -26.62 -22.12
C ALA M 225 -28.56 -27.38 -21.98
N TRP M 226 -28.49 -28.62 -21.50
CA TRP M 226 -29.70 -29.43 -21.37
C TRP M 226 -30.57 -28.95 -20.22
N GLU M 227 -29.96 -28.46 -19.14
CA GLU M 227 -30.71 -28.03 -17.97
C GLU M 227 -31.42 -26.70 -18.20
N ALA M 228 -30.88 -25.85 -19.08
CA ALA M 228 -31.50 -24.56 -19.37
C ALA M 228 -32.75 -24.69 -20.24
N GLU M 229 -33.02 -25.86 -20.80
CA GLU M 229 -34.23 -26.06 -21.58
C GLU M 229 -35.44 -26.35 -20.72
N ASP M 230 -35.26 -26.60 -19.43
CA ASP M 230 -36.35 -26.89 -18.49
C ASP M 230 -36.26 -25.81 -17.42
N ALA M 231 -37.25 -24.92 -17.38
CA ALA M 231 -37.24 -23.80 -16.45
C ALA M 231 -37.77 -24.18 -15.07
N GLU M 232 -38.38 -25.36 -14.92
CA GLU M 232 -38.89 -25.78 -13.62
C GLU M 232 -37.76 -25.96 -12.61
N LYS M 233 -36.67 -26.59 -13.02
CA LYS M 233 -35.51 -26.74 -12.14
C LYS M 233 -34.92 -25.38 -11.78
N VAL M 234 -34.88 -24.46 -12.73
CA VAL M 234 -34.32 -23.13 -12.48
C VAL M 234 -35.16 -22.36 -11.48
N VAL M 235 -36.49 -22.36 -11.65
CA VAL M 235 -37.34 -21.62 -10.71
C VAL M 235 -37.36 -22.29 -9.35
N GLU M 236 -37.28 -23.63 -9.30
CA GLU M 236 -37.24 -24.32 -8.02
C GLU M 236 -35.93 -24.06 -7.28
N ASP M 237 -34.83 -23.93 -8.01
CA ASP M 237 -33.56 -23.61 -7.36
C ASP M 237 -33.50 -22.16 -6.93
N ILE M 238 -34.11 -21.26 -7.70
CA ILE M 238 -34.15 -19.85 -7.32
C ILE M 238 -35.01 -19.65 -6.08
N GLN M 239 -36.14 -20.35 -5.99
CA GLN M 239 -37.08 -20.16 -4.90
C GLN M 239 -36.58 -20.69 -3.56
N TYR M 240 -35.47 -21.44 -3.53
CA TYR M 240 -34.95 -22.03 -2.30
C TYR M 240 -33.49 -21.65 -2.11
N LEU M 241 -33.17 -20.37 -2.25
CA LEU M 241 -31.82 -19.86 -2.06
C LEU M 241 -31.72 -19.14 -0.73
N LYS M 242 -30.58 -19.33 -0.05
CA LYS M 242 -30.31 -18.70 1.24
C LYS M 242 -29.39 -17.50 0.99
N TYR M 243 -30.00 -16.35 0.75
CA TYR M 243 -29.25 -15.14 0.43
C TYR M 243 -28.53 -14.64 1.69
N ASP M 244 -27.21 -14.78 1.71
CA ASP M 244 -26.40 -14.29 2.82
C ASP M 244 -25.20 -13.46 2.39
N LYS M 245 -24.76 -13.55 1.14
CA LYS M 245 -23.65 -12.75 0.64
C LYS M 245 -24.18 -11.55 -0.14
N GLY M 246 -23.27 -10.62 -0.44
CA GLY M 246 -23.60 -9.45 -1.21
C GLY M 246 -23.84 -8.23 -0.36
N PRO M 247 -23.71 -7.05 -0.96
CA PRO M 247 -23.93 -5.79 -0.24
C PRO M 247 -25.39 -5.43 -0.06
N TRP M 248 -26.33 -6.28 -0.47
CA TRP M 248 -27.75 -6.00 -0.27
C TRP M 248 -28.16 -6.17 1.19
N LEU M 249 -27.36 -6.85 2.00
CA LEU M 249 -27.75 -7.15 3.37
C LEU M 249 -27.69 -5.89 4.25
N ASP M 250 -26.62 -5.12 4.13
CA ASP M 250 -26.43 -3.93 4.96
C ASP M 250 -26.90 -2.67 4.24
N GLN M 251 -28.20 -2.64 3.96
CA GLN M 251 -28.84 -1.49 3.31
C GLN M 251 -29.97 -0.98 4.19
N ASP M 252 -29.90 0.28 4.57
CA ASP M 252 -30.97 0.93 5.31
C ASP M 252 -31.90 1.62 4.32
N ASP M 253 -32.87 2.38 4.82
CA ASP M 253 -33.73 3.15 3.93
C ASP M 253 -33.00 4.33 3.33
N ARG M 254 -32.01 4.87 4.04
CA ARG M 254 -31.26 6.03 3.54
C ARG M 254 -30.44 5.67 2.31
N LYS M 255 -29.78 4.50 2.33
CA LYS M 255 -28.97 4.09 1.19
C LYS M 255 -29.82 3.84 -0.04
N LEU M 256 -30.97 3.18 0.13
CA LEU M 256 -31.87 2.95 -1.00
C LEU M 256 -32.49 4.24 -1.50
N HIS M 257 -32.77 5.18 -0.59
CA HIS M 257 -33.27 6.49 -1.02
C HIS M 257 -32.24 7.25 -1.83
N ASN M 258 -30.97 7.22 -1.41
CA ASN M 258 -29.92 7.86 -2.18
C ASN M 258 -29.73 7.18 -3.53
N LEU M 259 -29.82 5.85 -3.56
CA LEU M 259 -29.71 5.11 -4.82
C LEU M 259 -30.85 5.46 -5.76
N ARG M 260 -32.07 5.59 -5.23
CA ARG M 260 -33.20 5.98 -6.06
C ARG M 260 -33.09 7.42 -6.54
N MET M 261 -32.50 8.30 -5.72
CA MET M 261 -32.26 9.67 -6.14
C MET M 261 -31.27 9.73 -7.29
N LEU M 262 -30.20 8.94 -7.21
CA LEU M 262 -29.19 8.96 -8.27
C LEU M 262 -29.71 8.26 -9.54
N VAL M 263 -30.48 7.20 -9.37
CA VAL M 263 -30.88 6.36 -10.50
C VAL M 263 -31.91 7.07 -11.37
N GLN M 264 -32.90 7.72 -10.74
CA GLN M 264 -34.02 8.29 -11.48
C GLN M 264 -33.62 9.51 -12.31
N ASP M 265 -32.44 10.08 -12.10
CA ASP M 265 -31.92 11.16 -12.94
C ASP M 265 -31.08 10.53 -14.04
N LYS M 266 -31.60 10.53 -15.27
CA LYS M 266 -30.97 9.79 -16.35
C LYS M 266 -29.68 10.46 -16.82
N LEU M 267 -29.66 11.79 -16.86
CA LEU M 267 -28.44 12.49 -17.25
C LEU M 267 -27.35 12.35 -16.19
N GLU M 268 -27.73 12.28 -14.91
CA GLU M 268 -26.76 11.98 -13.87
C GLU M 268 -26.20 10.57 -14.03
N VAL M 269 -27.04 9.63 -14.45
CA VAL M 269 -26.59 8.27 -14.70
C VAL M 269 -25.60 8.23 -15.87
N LEU M 270 -25.94 8.91 -16.97
CA LEU M 270 -25.10 8.93 -18.16
C LEU M 270 -24.11 10.08 -18.17
N ASN M 271 -23.82 10.66 -17.00
CA ASN M 271 -22.89 11.78 -16.93
C ASN M 271 -21.47 11.36 -17.31
N TYR M 272 -21.00 10.24 -16.78
CA TYR M 272 -19.60 9.87 -16.91
C TYR M 272 -19.33 8.95 -18.10
N THR M 273 -20.34 8.62 -18.90
CA THR M 273 -20.09 7.82 -20.09
C THR M 273 -19.32 8.62 -21.14
N SER M 274 -19.67 9.90 -21.30
CA SER M 274 -18.99 10.75 -22.27
C SER M 274 -17.96 11.62 -21.57
N ILE M 275 -16.91 10.96 -21.07
CA ILE M 275 -15.81 11.72 -20.47
C ILE M 275 -14.98 12.36 -21.58
N PRO M 276 -14.46 13.56 -21.40
CA PRO M 276 -13.69 14.23 -22.48
C PRO M 276 -12.27 13.69 -22.61
N VAL M 277 -12.17 12.43 -23.05
CA VAL M 277 -10.91 11.80 -23.39
C VAL M 277 -10.94 11.52 -24.88
N PHE M 278 -9.96 12.05 -25.60
CA PHE M 278 -9.98 12.07 -27.06
C PHE M 278 -9.37 10.78 -27.60
N LEU M 279 -10.23 9.92 -28.15
CA LEU M 279 -9.87 8.64 -28.73
C LEU M 279 -10.43 8.59 -30.15
N PRO M 280 -9.68 8.02 -31.10
CA PRO M 280 -10.15 8.04 -32.50
C PRO M 280 -11.44 7.29 -32.74
N GLU M 281 -11.80 6.34 -31.87
CA GLU M 281 -13.00 5.55 -32.07
C GLU M 281 -14.27 6.33 -31.74
N VAL M 282 -14.23 7.16 -30.71
CA VAL M 282 -15.44 7.76 -30.17
C VAL M 282 -15.52 9.27 -30.40
N THR M 283 -14.41 9.94 -30.70
CA THR M 283 -14.43 11.39 -30.84
C THR M 283 -15.06 11.77 -32.16
N ILE M 284 -16.10 12.60 -32.10
CA ILE M 284 -16.80 13.12 -33.27
C ILE M 284 -16.46 14.59 -33.41
N GLY M 285 -16.20 15.02 -34.63
CA GLY M 285 -15.79 16.39 -34.87
C GLY M 285 -16.90 17.39 -34.67
N ALA M 286 -16.53 18.66 -34.77
CA ALA M 286 -17.47 19.74 -34.48
C ALA M 286 -18.56 19.85 -35.53
N HIS M 287 -18.17 19.81 -36.81
CA HIS M 287 -19.14 20.00 -37.89
C HIS M 287 -20.09 18.81 -38.02
N GLN M 288 -19.56 17.59 -37.86
CA GLN M 288 -20.41 16.40 -37.93
C GLN M 288 -21.40 16.38 -36.78
N SER M 289 -20.94 16.69 -35.56
CA SER M 289 -21.83 16.73 -34.41
C SER M 289 -22.89 17.82 -34.56
N ASP M 290 -22.49 18.97 -35.11
CA ASP M 290 -23.44 20.05 -35.34
C ASP M 290 -24.52 19.64 -36.34
N ARG M 291 -24.10 19.02 -37.45
CA ARG M 291 -25.05 18.60 -38.48
C ARG M 291 -26.00 17.53 -37.95
N VAL M 292 -25.47 16.54 -37.23
CA VAL M 292 -26.30 15.47 -36.71
C VAL M 292 -27.26 16.00 -35.65
N PHE M 293 -26.79 16.91 -34.79
CA PHE M 293 -27.66 17.48 -33.76
C PHE M 293 -28.76 18.33 -34.36
N GLN M 294 -28.45 19.13 -35.38
CA GLN M 294 -29.47 19.94 -36.03
C GLN M 294 -30.48 19.08 -36.78
N GLU M 295 -30.03 17.97 -37.37
CA GLU M 295 -31.00 17.06 -38.01
C GLU M 295 -31.83 16.31 -36.97
N PHE M 296 -31.26 16.04 -35.79
CA PHE M 296 -32.00 15.39 -34.73
C PHE M 296 -33.05 16.30 -34.12
N THR M 297 -32.76 17.60 -34.06
CA THR M 297 -33.70 18.55 -33.46
C THR M 297 -34.99 18.65 -34.25
N GLU M 298 -34.90 18.63 -35.58
CA GLU M 298 -36.08 18.80 -36.44
C GLU M 298 -36.91 17.53 -36.58
N LEU M 299 -36.56 16.46 -35.87
CA LEU M 299 -37.36 15.25 -35.91
C LEU M 299 -38.70 15.48 -35.20
N PRO M 300 -39.74 14.74 -35.58
CA PRO M 300 -41.03 14.89 -34.89
C PRO M 300 -40.96 14.35 -33.47
N GLY M 301 -41.44 15.15 -32.52
CA GLY M 301 -41.45 14.75 -31.12
C GLY M 301 -40.14 14.92 -30.39
N ARG M 302 -39.13 15.52 -31.01
CA ARG M 302 -37.83 15.69 -30.39
C ARG M 302 -37.36 17.14 -30.30
N LYS M 303 -38.12 18.09 -30.84
CA LYS M 303 -37.68 19.48 -30.82
C LYS M 303 -37.83 20.09 -29.43
N TYR M 304 -38.92 19.78 -28.74
CA TYR M 304 -39.19 20.31 -27.40
C TYR M 304 -39.23 19.14 -26.41
N ARG M 305 -39.68 19.43 -25.20
CA ARG M 305 -39.81 18.42 -24.17
C ARG M 305 -40.92 17.42 -24.52
N ALA M 306 -41.10 16.44 -23.64
CA ALA M 306 -41.97 15.31 -23.91
C ALA M 306 -43.45 15.63 -23.87
N GLY M 307 -43.84 16.88 -23.64
CA GLY M 307 -45.25 17.22 -23.61
C GLY M 307 -45.58 18.57 -24.22
N TYR M 308 -44.64 19.14 -24.97
CA TYR M 308 -44.80 20.46 -25.55
C TYR M 308 -44.51 20.43 -27.05
N ASN M 309 -44.95 19.38 -27.72
CA ASN M 309 -44.75 19.23 -29.16
C ASN M 309 -46.10 19.32 -29.85
N GLU M 310 -46.34 20.45 -30.52
CA GLU M 310 -47.61 20.64 -31.20
C GLU M 310 -47.73 19.84 -32.49
N ASP M 311 -46.61 19.38 -33.05
CA ASP M 311 -46.66 18.64 -34.31
C ASP M 311 -47.07 17.18 -34.13
N VAL M 312 -47.19 16.71 -32.89
CA VAL M 312 -47.65 15.34 -32.63
C VAL M 312 -49.02 15.29 -31.98
N GLY M 313 -49.58 16.43 -31.60
CA GLY M 313 -50.91 16.45 -31.01
C GLY M 313 -50.94 16.61 -29.51
N ASP M 314 -50.11 17.51 -28.99
CA ASP M 314 -50.12 17.85 -27.57
C ASP M 314 -50.90 19.13 -27.37
N LYS M 315 -51.90 19.08 -26.50
CA LYS M 315 -52.83 20.19 -26.30
C LYS M 315 -52.56 20.88 -24.97
N TRP M 316 -53.21 22.04 -24.81
CA TRP M 316 -53.10 22.88 -23.60
C TRP M 316 -51.65 23.27 -23.32
N ILE M 317 -50.91 23.59 -24.38
CA ILE M 317 -49.51 23.99 -24.22
C ILE M 317 -49.43 25.35 -23.55
N TRP M 318 -50.33 26.27 -23.89
CA TRP M 318 -50.29 27.61 -23.32
C TRP M 318 -50.68 27.66 -21.84
N LEU M 319 -51.21 26.56 -21.29
CA LEU M 319 -51.49 26.45 -19.87
C LEU M 319 -50.61 25.41 -19.20
N LYS M 320 -49.36 25.33 -19.63
CA LYS M 320 -48.40 24.40 -19.03
C LYS M 320 -47.03 25.07 -18.87
N PRO N 1 -23.89 44.58 7.49
CA PRO N 1 -25.26 44.84 7.94
C PRO N 1 -25.47 44.41 9.39
N PHE N 2 -26.25 45.20 10.13
CA PHE N 2 -26.56 44.93 11.53
C PHE N 2 -28.08 45.02 11.68
N PHE N 3 -28.76 43.93 11.39
CA PHE N 3 -30.21 43.89 11.50
C PHE N 3 -30.57 43.85 12.98
N ASP N 4 -30.96 45.01 13.53
CA ASP N 4 -31.18 45.16 14.96
C ASP N 4 -32.56 44.57 15.22
N VAL N 5 -32.58 43.25 15.42
CA VAL N 5 -33.83 42.56 15.72
C VAL N 5 -34.30 42.87 17.14
N GLN N 6 -33.37 43.06 18.07
CA GLN N 6 -33.71 43.08 19.49
C GLN N 6 -34.55 44.29 19.87
N LYS N 7 -34.16 45.49 19.42
CA LYS N 7 -34.96 46.67 19.72
C LYS N 7 -36.24 46.69 18.89
N LYS N 8 -36.23 46.06 17.72
CA LYS N 8 -37.42 46.00 16.89
C LYS N 8 -38.53 45.21 17.56
N LEU N 9 -38.20 44.06 18.17
CA LEU N 9 -39.19 43.26 18.88
C LEU N 9 -39.23 43.54 20.38
N GLY N 10 -38.33 44.37 20.89
CA GLY N 10 -38.32 44.66 22.31
C GLY N 10 -37.87 43.51 23.18
N VAL N 11 -37.17 42.53 22.62
CA VAL N 11 -36.77 41.34 23.34
C VAL N 11 -35.32 41.51 23.77
N ASP N 12 -35.07 41.40 25.07
CA ASP N 12 -33.73 41.51 25.62
C ASP N 12 -33.03 40.16 25.51
N LEU N 13 -31.89 40.13 24.83
CA LEU N 13 -31.13 38.90 24.67
C LEU N 13 -29.76 38.97 25.33
N ASP N 14 -28.97 40.01 25.04
CA ASP N 14 -27.63 40.10 25.59
C ASP N 14 -27.27 41.53 25.99
N HIS N 15 -28.26 42.35 26.34
CA HIS N 15 -27.97 43.71 26.78
C HIS N 15 -27.61 43.79 28.25
N TRP N 16 -27.83 42.72 29.02
CA TRP N 16 -27.57 42.77 30.45
C TRP N 16 -26.12 42.47 30.79
N MET N 17 -25.43 41.70 29.96
CA MET N 17 -24.02 41.40 30.16
C MET N 17 -23.10 42.34 29.40
N THR N 18 -23.66 43.37 28.75
CA THR N 18 -22.84 44.24 27.90
C THR N 18 -21.93 45.13 28.72
N ILE N 19 -22.45 45.73 29.80
CA ILE N 19 -21.68 46.64 30.64
C ILE N 19 -21.73 46.12 32.08
N GLN N 20 -20.90 46.70 32.93
CA GLN N 20 -20.84 46.33 34.34
C GLN N 20 -21.76 47.18 35.21
N SER N 21 -22.48 48.13 34.63
CA SER N 21 -23.41 48.98 35.38
C SER N 21 -24.86 48.53 35.23
N ALA N 22 -25.09 47.33 34.69
CA ALA N 22 -26.44 46.84 34.44
C ALA N 22 -27.01 46.22 35.72
N GLU N 23 -28.13 45.52 35.58
CA GLU N 23 -28.76 44.85 36.72
C GLU N 23 -27.96 43.63 37.14
N GLN N 24 -27.07 43.81 38.10
CA GLN N 24 -26.24 42.73 38.60
C GLN N 24 -27.00 41.92 39.65
N PRO N 25 -26.64 40.65 39.85
CA PRO N 25 -27.33 39.84 40.87
C PRO N 25 -27.03 40.35 42.28
N HIS N 26 -28.09 40.49 43.07
CA HIS N 26 -28.04 40.97 44.46
C HIS N 26 -27.41 42.35 44.59
N ARG N 27 -27.52 43.14 43.51
CA ARG N 27 -27.01 44.52 43.44
C ARG N 27 -25.52 44.59 43.79
N ILE N 28 -24.75 43.67 43.21
CA ILE N 28 -23.30 43.64 43.42
C ILE N 28 -22.67 44.65 42.47
N PRO N 29 -21.98 45.67 42.99
CA PRO N 29 -21.38 46.67 42.10
C PRO N 29 -19.97 46.32 41.67
N ALA N 30 -19.64 46.75 40.46
CA ALA N 30 -18.28 46.59 39.97
C ALA N 30 -17.33 47.56 40.68
N ARG N 31 -16.04 47.28 40.58
CA ARG N 31 -15.04 48.12 41.21
C ARG N 31 -14.93 49.49 40.56
N CYS N 32 -15.35 49.63 39.32
CA CYS N 32 -15.34 50.89 38.59
C CYS N 32 -16.73 51.19 38.04
N HIS N 33 -17.73 51.06 38.89
CA HIS N 33 -19.11 51.31 38.47
C HIS N 33 -19.35 52.80 38.23
N ALA N 34 -18.83 53.65 39.12
CA ALA N 34 -19.06 55.09 39.01
C ALA N 34 -18.38 55.66 37.76
N PHE N 35 -17.15 55.24 37.48
CA PHE N 35 -16.43 55.75 36.33
C PHE N 35 -17.10 55.36 35.02
N GLU N 36 -17.54 54.10 34.92
CA GLU N 36 -18.20 53.65 33.71
C GLU N 36 -19.56 54.31 33.55
N LYS N 37 -20.28 54.52 34.66
CA LYS N 37 -21.55 55.22 34.60
C LYS N 37 -21.37 56.66 34.12
N GLU N 38 -20.34 57.35 34.63
CA GLU N 38 -20.07 58.71 34.19
C GLU N 38 -19.66 58.76 32.72
N TRP N 39 -18.84 57.81 32.28
CA TRP N 39 -18.42 57.79 30.88
C TRP N 39 -19.58 57.51 29.94
N ILE N 40 -20.47 56.60 30.33
CA ILE N 40 -21.62 56.28 29.49
C ILE N 40 -22.59 57.46 29.44
N GLU N 41 -22.85 58.09 30.59
CA GLU N 41 -23.76 59.23 30.61
C GLU N 41 -23.17 60.44 29.89
N CYS N 42 -21.85 60.56 29.86
CA CYS N 42 -21.23 61.64 29.10
C CYS N 42 -21.38 61.42 27.60
N ALA N 43 -21.10 60.21 27.13
CA ALA N 43 -21.03 59.90 25.71
C ALA N 43 -22.30 59.23 25.19
N HIS N 44 -23.46 59.64 25.69
CA HIS N 44 -24.73 59.06 25.27
C HIS N 44 -25.37 59.93 24.20
N GLY N 45 -25.48 59.41 22.99
CA GLY N 45 -26.22 60.05 21.92
C GLY N 45 -25.48 61.15 21.19
N ILE N 46 -24.23 61.43 21.54
CA ILE N 46 -23.46 62.48 20.87
C ILE N 46 -22.60 61.93 19.74
N GLY N 47 -22.60 60.63 19.52
CA GLY N 47 -21.79 60.07 18.46
C GLY N 47 -20.38 59.77 18.91
N SER N 48 -19.77 58.77 18.25
CA SER N 48 -18.41 58.37 18.62
C SER N 48 -17.38 59.42 18.22
N ILE N 49 -17.60 60.12 17.10
CA ILE N 49 -16.64 61.12 16.63
C ILE N 49 -16.56 62.28 17.62
N ARG N 50 -17.71 62.74 18.11
CA ARG N 50 -17.70 63.78 19.14
C ARG N 50 -17.25 63.23 20.49
N ALA N 51 -17.60 61.98 20.79
CA ALA N 51 -17.29 61.41 22.10
C ALA N 51 -15.81 61.10 22.27
N GLU N 52 -15.07 60.90 21.19
CA GLU N 52 -13.65 60.61 21.29
C GLU N 52 -12.85 61.80 21.80
N LYS N 53 -13.35 63.01 21.63
CA LYS N 53 -12.64 64.22 22.06
C LYS N 53 -13.41 65.09 23.02
N GLU N 54 -14.69 64.82 23.27
CA GLU N 54 -15.46 65.64 24.20
C GLU N 54 -15.62 65.03 25.57
N CYS N 55 -15.59 63.69 25.68
CA CYS N 55 -15.68 62.99 26.95
C CYS N 55 -14.44 62.13 27.18
N LYS N 56 -13.27 62.66 26.84
CA LYS N 56 -12.03 61.90 27.02
C LYS N 56 -11.55 61.87 28.46
N ILE N 57 -11.97 62.83 29.29
CA ILE N 57 -11.54 62.84 30.69
C ILE N 57 -12.16 61.69 31.46
N GLU N 58 -13.47 61.49 31.29
CA GLU N 58 -14.16 60.40 31.97
C GLU N 58 -13.67 59.05 31.48
N PHE N 59 -13.43 58.91 30.17
CA PHE N 59 -12.94 57.65 29.64
C PHE N 59 -11.52 57.37 30.10
N GLU N 60 -10.68 58.41 30.20
CA GLU N 60 -9.33 58.23 30.72
C GLU N 60 -9.35 57.83 32.18
N ASP N 61 -10.25 58.43 32.98
CA ASP N 61 -10.37 58.04 34.38
C ASP N 61 -10.88 56.61 34.52
N PHE N 62 -11.82 56.20 33.66
CA PHE N 62 -12.30 54.82 33.68
C PHE N 62 -11.20 53.84 33.30
N ARG N 63 -10.38 54.19 32.30
CA ARG N 63 -9.27 53.33 31.92
C ARG N 63 -8.21 53.27 33.03
N GLU N 64 -8.01 54.37 33.75
CA GLU N 64 -7.13 54.34 34.91
C GLU N 64 -7.71 53.47 36.02
N CYS N 65 -9.02 53.46 36.19
CA CYS N 65 -9.63 52.58 37.18
C CYS N 65 -9.53 51.11 36.78
N LEU N 66 -9.58 50.82 35.48
CA LEU N 66 -9.58 49.44 35.03
C LEU N 66 -8.23 48.76 35.24
N LEU N 67 -7.13 49.46 34.91
CA LEU N 67 -5.83 48.84 34.88
C LEU N 67 -4.85 49.37 35.92
N ARG N 68 -5.10 50.56 36.48
CA ARG N 68 -4.29 51.14 37.58
C ARG N 68 -2.83 51.30 37.20
N GLN N 69 -2.57 51.78 35.98
CA GLN N 69 -1.19 51.94 35.53
C GLN N 69 -0.48 53.05 36.28
N LYS N 70 -1.13 54.21 36.43
CA LYS N 70 -0.49 55.34 37.10
C LYS N 70 -0.32 55.08 38.59
N THR N 71 -1.27 54.37 39.21
CA THR N 71 -1.12 54.01 40.61
C THR N 71 0.05 53.07 40.82
N MET N 72 0.22 52.09 39.91
CA MET N 72 1.40 51.21 39.97
C MET N 72 2.69 51.99 39.77
N LYS N 73 2.69 52.96 38.86
CA LYS N 73 3.90 53.76 38.64
C LYS N 73 4.26 54.58 39.88
N ARG N 74 3.25 55.19 40.51
CA ARG N 74 3.49 55.98 41.72
C ARG N 74 3.97 55.09 42.87
N LEU N 75 3.34 53.93 43.04
CA LEU N 75 3.75 53.02 44.11
C LEU N 75 5.15 52.48 43.87
N ASN N 76 5.49 52.18 42.61
CA ASN N 76 6.84 51.71 42.28
C ASN N 76 7.87 52.78 42.56
N ALA N 77 7.57 54.04 42.22
CA ALA N 77 8.49 55.14 42.51
C ALA N 77 8.70 55.33 44.00
N ILE N 78 7.61 55.25 44.78
CA ILE N 78 7.70 55.42 46.23
C ILE N 78 8.51 54.27 46.84
N LYS N 79 8.24 53.04 46.42
CA LYS N 79 8.97 51.88 46.94
C LYS N 79 10.45 51.94 46.57
N ARG N 80 10.76 52.37 45.34
CA ARG N 80 12.15 52.49 44.91
C ARG N 80 12.89 53.55 45.72
N GLN N 81 12.25 54.69 45.96
CA GLN N 81 12.88 55.75 46.74
C GLN N 81 13.08 55.32 48.18
N ARG N 82 12.11 54.60 48.75
CA ARG N 82 12.22 54.10 50.11
C ARG N 82 13.35 53.09 50.24
N ASP N 83 13.48 52.18 49.26
CA ASP N 83 14.56 51.20 49.30
C ASP N 83 15.91 51.87 49.12
N LYS N 84 15.98 52.92 48.28
CA LYS N 84 17.24 53.63 48.10
C LYS N 84 17.66 54.36 49.38
N LEU N 85 16.70 54.99 50.07
CA LEU N 85 17.02 55.64 51.34
C LEU N 85 17.38 54.63 52.43
N ILE N 86 16.75 53.47 52.43
CA ILE N 86 17.14 52.41 53.37
C ILE N 86 18.55 51.94 53.09
N LYS N 87 18.89 51.78 51.80
CA LYS N 87 20.22 51.33 51.41
C LYS N 87 21.29 52.35 51.77
N GLU N 88 20.98 53.64 51.64
CA GLU N 88 21.90 54.68 52.09
C GLU N 88 21.90 54.87 53.60
N GLY N 89 20.94 54.29 54.31
CA GLY N 89 20.88 54.44 55.75
C GLY N 89 20.37 55.79 56.22
N LYS N 90 19.75 56.56 55.34
CA LYS N 90 19.24 57.87 55.70
C LYS N 90 17.82 57.85 56.24
N TYR N 91 17.14 56.71 56.17
CA TYR N 91 15.74 56.61 56.55
C TYR N 91 15.53 55.42 57.48
N THR N 92 14.72 55.64 58.52
CA THR N 92 14.28 54.59 59.42
C THR N 92 12.78 54.42 59.30
N PRO N 93 12.27 53.20 59.19
CA PRO N 93 10.81 53.02 59.10
C PRO N 93 10.14 53.41 60.41
N PRO N 94 8.92 53.94 60.35
CA PRO N 94 8.20 54.30 61.58
C PRO N 94 7.74 53.05 62.32
N PRO N 95 7.51 53.14 63.62
CA PRO N 95 7.04 51.97 64.37
C PRO N 95 5.70 51.44 63.91
N HIS N 96 4.80 52.29 63.43
CA HIS N 96 3.51 51.82 62.96
C HIS N 96 3.58 51.15 61.60
N HIS N 97 4.67 51.31 60.86
CA HIS N 97 4.87 50.62 59.60
C HIS N 97 5.73 49.37 59.74
N SER N 98 6.14 49.02 60.95
CA SER N 98 7.01 47.87 61.16
C SER N 98 6.33 46.70 61.85
N GLY N 99 5.07 46.85 62.28
CA GLY N 99 4.34 45.74 62.86
C GLY N 99 3.69 46.05 64.19
N GLN N 100 4.37 46.83 65.03
CA GLN N 100 3.85 47.21 66.34
C GLN N 100 3.05 48.49 66.15
N GLU N 101 1.81 48.34 65.71
CA GLU N 101 1.02 49.47 65.22
C GLU N 101 -0.31 49.72 65.91
N ASP N 102 -0.94 48.71 66.52
CA ASP N 102 -2.13 48.86 67.37
C ASP N 102 -3.30 49.53 66.61
N LEU N 103 -3.84 48.78 65.65
CA LEU N 103 -4.91 49.28 64.79
C LEU N 103 -6.19 49.56 65.60
N ARG N 104 -7.16 50.17 64.90
CA ARG N 104 -8.29 50.83 65.56
C ARG N 104 -9.17 49.91 66.39
N PRO N 105 -9.68 48.76 65.88
CA PRO N 105 -10.57 48.06 66.80
C PRO N 105 -9.82 47.17 67.79
N VAL O 1 -53.02 1.24 23.52
CA VAL O 1 -51.69 1.62 23.96
C VAL O 1 -51.29 0.79 25.19
N ALA O 2 -52.24 0.00 25.69
CA ALA O 2 -51.93 -0.86 26.83
C ALA O 2 -50.98 -1.99 26.44
N ALA O 3 -51.13 -2.52 25.23
CA ALA O 3 -50.24 -3.58 24.76
C ALA O 3 -48.82 -3.07 24.60
N PHE O 4 -48.65 -1.87 24.04
CA PHE O 4 -47.32 -1.29 23.90
C PHE O 4 -46.68 -1.02 25.25
N LEU O 5 -47.48 -0.52 26.21
CA LEU O 5 -46.96 -0.26 27.55
C LEU O 5 -46.53 -1.54 28.24
N LYS O 6 -47.34 -2.60 28.11
CA LYS O 6 -46.99 -3.88 28.71
C LYS O 6 -45.74 -4.48 28.07
N ASN O 7 -45.63 -4.38 26.74
CA ASN O 7 -44.45 -4.90 26.05
C ASN O 7 -43.19 -4.15 26.44
N VAL O 8 -43.26 -2.82 26.51
CA VAL O 8 -42.07 -2.04 26.86
C VAL O 8 -41.75 -2.13 28.35
N TRP O 9 -42.74 -2.46 29.19
CA TRP O 9 -42.46 -2.72 30.59
C TRP O 9 -41.85 -4.09 30.80
N ALA O 10 -42.19 -5.06 29.94
CA ALA O 10 -41.55 -6.36 30.01
C ALA O 10 -40.15 -6.37 29.43
N LYS O 11 -39.91 -5.57 28.38
CA LYS O 11 -38.61 -5.58 27.72
C LYS O 11 -37.59 -4.71 28.47
N GLU O 12 -37.88 -3.41 28.58
CA GLU O 12 -36.95 -2.44 29.17
C GLU O 12 -37.68 -1.64 30.25
N PRO O 13 -37.70 -2.12 31.49
CA PRO O 13 -38.37 -1.36 32.56
C PRO O 13 -37.62 -0.11 32.97
N VAL O 14 -36.31 -0.03 32.72
CA VAL O 14 -35.53 1.13 33.15
C VAL O 14 -35.96 2.38 32.38
N LEU O 15 -36.18 2.24 31.07
CA LEU O 15 -36.64 3.38 30.28
C LEU O 15 -38.05 3.80 30.66
N VAL O 16 -38.91 2.83 30.99
CA VAL O 16 -40.27 3.16 31.43
C VAL O 16 -40.23 3.94 32.74
N ALA O 17 -39.40 3.50 33.69
CA ALA O 17 -39.26 4.20 34.96
C ALA O 17 -38.68 5.60 34.76
N SER O 18 -37.67 5.73 33.88
CA SER O 18 -37.08 7.03 33.61
C SER O 18 -38.08 7.99 32.98
N PHE O 19 -38.89 7.49 32.04
CA PHE O 19 -39.87 8.35 31.38
C PHE O 19 -41.00 8.73 32.34
N ALA O 20 -41.40 7.82 33.23
CA ALA O 20 -42.43 8.16 34.21
C ALA O 20 -41.92 9.21 35.20
N ILE O 21 -40.69 9.06 35.68
CA ILE O 21 -40.10 10.04 36.59
C ILE O 21 -39.96 11.40 35.89
N ALA O 22 -39.54 11.38 34.62
CA ALA O 22 -39.41 12.61 33.85
C ALA O 22 -40.76 13.28 33.65
N GLY O 23 -41.79 12.50 33.34
CA GLY O 23 -43.12 13.07 33.14
C GLY O 23 -43.69 13.68 34.40
N LEU O 24 -43.51 13.01 35.54
CA LEU O 24 -43.94 13.59 36.81
C LEU O 24 -43.17 14.86 37.12
N ALA O 25 -41.85 14.86 36.92
CA ALA O 25 -41.05 16.03 37.22
C ALA O 25 -41.37 17.20 36.29
N VAL O 26 -41.87 16.92 35.09
CA VAL O 26 -42.24 18.00 34.17
C VAL O 26 -43.63 18.55 34.52
N ILE O 27 -44.63 17.67 34.69
CA ILE O 27 -46.00 18.15 34.83
C ILE O 27 -46.43 18.43 36.26
N LEU O 28 -45.60 18.10 37.26
CA LEU O 28 -46.00 18.28 38.66
C LEU O 28 -45.83 19.69 39.23
N PRO O 29 -44.75 20.45 38.97
CA PRO O 29 -44.66 21.80 39.56
C PRO O 29 -45.74 22.76 39.08
N THR O 30 -46.33 22.53 37.91
CA THR O 30 -47.42 23.36 37.43
C THR O 30 -48.75 23.04 38.11
N LEU O 31 -48.82 21.96 38.89
CA LEU O 31 -50.03 21.55 39.57
C LEU O 31 -50.02 21.85 41.06
N SER O 32 -48.86 21.79 41.70
CA SER O 32 -48.77 22.00 43.14
C SER O 32 -49.00 23.48 43.47
N PRO O 33 -49.66 23.78 44.58
CA PRO O 33 -49.88 25.18 44.98
C PRO O 33 -48.78 25.78 45.84
N TYR O 34 -47.61 25.15 45.93
CA TYR O 34 -46.58 25.58 46.86
C TYR O 34 -45.38 26.24 46.17
N THR O 35 -45.48 26.53 44.88
CA THR O 35 -44.37 27.16 44.18
C THR O 35 -44.22 28.63 44.58
N LYS O 36 -45.35 29.32 44.80
CA LYS O 36 -45.29 30.70 45.25
C LYS O 36 -44.71 30.80 46.66
N TYR O 37 -44.87 29.74 47.47
CA TYR O 37 -44.21 29.69 48.76
C TYR O 37 -42.70 29.72 48.61
N SER O 38 -42.17 28.96 47.64
CA SER O 38 -40.75 29.02 47.33
C SER O 38 -40.35 30.39 46.83
N LEU O 39 -41.22 31.02 46.03
CA LEU O 39 -40.94 32.34 45.48
C LEU O 39 -40.75 33.38 46.57
N MET O 40 -41.71 33.50 47.49
CA MET O 40 -41.55 34.49 48.55
C MET O 40 -40.57 34.06 49.64
N ILE O 41 -40.28 32.76 49.77
CA ILE O 41 -39.21 32.36 50.68
C ILE O 41 -37.86 32.82 50.14
N ASN O 42 -37.64 32.65 48.83
CA ASN O 42 -36.40 33.11 48.21
C ASN O 42 -36.31 34.63 48.21
N ARG O 43 -37.45 35.31 48.01
CA ARG O 43 -37.44 36.77 48.01
C ARG O 43 -37.35 37.37 49.41
N ALA O 44 -37.69 36.61 50.45
CA ALA O 44 -37.70 37.13 51.81
C ALA O 44 -36.38 36.96 52.53
N THR O 45 -35.35 36.41 51.86
CA THR O 45 -34.07 36.17 52.51
C THR O 45 -33.17 37.40 52.35
N PRO O 46 -32.76 38.05 53.44
CA PRO O 46 -32.04 39.34 53.37
C PRO O 46 -30.54 39.26 53.12
N TYR O 47 -30.18 39.16 51.84
CA TYR O 47 -28.76 39.15 51.48
C TYR O 47 -28.13 40.53 51.66
N ASN O 48 -28.82 41.58 51.26
CA ASN O 48 -28.30 42.93 51.26
C ASN O 48 -28.90 43.76 52.40
N TYR O 49 -28.28 44.90 52.65
CA TYR O 49 -28.76 45.79 53.70
C TYR O 49 -30.01 46.51 53.25
N PRO O 50 -31.04 46.60 54.09
CA PRO O 50 -32.21 47.42 53.75
C PRO O 50 -31.93 48.91 53.91
N VAL O 51 -31.37 49.53 52.87
CA VAL O 51 -30.99 50.94 52.88
C VAL O 51 -32.22 51.81 53.09
N PRO O 52 -32.22 52.68 54.11
CA PRO O 52 -33.42 53.46 54.41
C PRO O 52 -33.66 54.56 53.39
N LEU O 53 -34.86 55.11 53.42
CA LEU O 53 -35.25 56.20 52.54
C LEU O 53 -35.35 57.50 53.34
N ARG O 54 -35.12 58.61 52.65
CA ARG O 54 -35.27 59.92 53.29
C ARG O 54 -36.74 60.23 53.50
N ASP O 55 -37.07 60.74 54.68
CA ASP O 55 -38.45 61.08 55.02
C ASP O 55 -38.78 62.43 54.41
N ASP O 56 -39.42 62.41 53.24
CA ASP O 56 -39.87 63.66 52.63
C ASP O 56 -41.07 64.24 53.36
N GLY O 57 -41.96 63.37 53.86
CA GLY O 57 -43.12 63.84 54.60
C GLY O 57 -44.38 63.06 54.31
N ASN O 58 -44.48 62.45 53.13
CA ASN O 58 -45.65 61.67 52.74
C ASN O 58 -45.23 60.27 52.27
N MET O 59 -44.96 59.40 53.24
CA MET O 59 -44.71 57.98 53.00
C MET O 59 -45.47 57.18 54.04
N PRO O 60 -46.72 56.80 53.74
CA PRO O 60 -47.52 56.08 54.74
C PRO O 60 -47.29 54.59 54.78
N ASP O 61 -46.67 54.01 53.75
CA ASP O 61 -46.54 52.56 53.67
C ASP O 61 -45.30 52.03 54.38
N VAL O 62 -44.23 52.82 54.47
CA VAL O 62 -43.00 52.37 55.10
C VAL O 62 -43.01 52.81 56.56
N PRO O 63 -42.46 52.02 57.47
CA PRO O 63 -42.45 52.40 58.89
C PRO O 63 -41.23 53.25 59.24
N SER O 64 -41.28 53.82 60.44
CA SER O 64 -40.12 54.51 61.00
C SER O 64 -39.27 53.61 61.88
N HIS O 65 -39.84 52.53 62.41
CA HIS O 65 -39.15 51.55 63.21
C HIS O 65 -39.48 50.15 62.69
N PRO O 66 -38.53 49.22 62.78
CA PRO O 66 -38.83 47.84 62.34
C PRO O 66 -39.91 47.15 63.16
N GLN O 67 -40.14 47.58 64.40
CA GLN O 67 -41.17 46.99 65.24
C GLN O 67 -42.54 47.62 65.03
N ASP O 68 -42.64 48.61 64.14
CA ASP O 68 -43.93 49.19 63.81
C ASP O 68 -44.76 48.18 63.02
N PRO O 69 -46.10 48.23 63.15
CA PRO O 69 -46.95 47.23 62.46
C PRO O 69 -46.90 47.30 60.94
N GLN O 70 -46.52 48.44 60.37
CA GLN O 70 -46.45 48.56 58.91
C GLN O 70 -45.17 47.94 58.39
N GLY O 71 -45.29 47.22 57.27
CA GLY O 71 -44.16 46.56 56.67
C GLY O 71 -44.46 45.13 56.31
N PRO O 72 -43.59 44.51 55.50
CA PRO O 72 -43.81 43.11 55.08
C PRO O 72 -43.34 42.14 56.16
N SER O 73 -44.30 41.49 56.82
CA SER O 73 -44.01 40.55 57.88
C SER O 73 -43.99 39.13 57.32
N LEU O 74 -43.38 38.22 58.10
CA LEU O 74 -43.29 36.83 57.67
C LEU O 74 -43.87 35.90 58.71
N GLU O 75 -45.09 36.19 59.18
CA GLU O 75 -45.78 35.27 60.06
C GLU O 75 -46.24 34.02 59.30
N TRP O 76 -46.45 34.15 57.99
CA TRP O 76 -46.80 32.99 57.17
C TRP O 76 -45.64 32.00 57.10
N LEU O 77 -44.41 32.50 57.04
CA LEU O 77 -43.24 31.62 56.98
C LEU O 77 -43.02 30.93 58.31
N LYS O 78 -43.26 31.63 59.41
CA LYS O 78 -43.21 31.01 60.73
C LYS O 78 -44.32 29.98 60.90
N ARG O 79 -45.48 30.22 60.29
CA ARG O 79 -46.57 29.25 60.36
C ARG O 79 -46.37 28.11 59.38
N LEU O 80 -46.39 28.42 58.09
CA LEU O 80 -46.21 27.46 56.98
C LEU O 80 -47.16 26.26 57.06
N SER P 1 -7.05 36.03 -100.93
CA SER P 1 -6.90 34.72 -100.32
C SER P 1 -5.74 33.95 -100.96
N LYS P 2 -5.68 33.98 -102.29
CA LYS P 2 -4.61 33.35 -103.05
C LYS P 2 -3.67 34.44 -103.55
N MET P 3 -2.46 34.49 -102.99
CA MET P 3 -1.46 35.47 -103.36
C MET P 3 -0.40 34.77 -104.22
N GLU P 4 -0.40 35.08 -105.51
CA GLU P 4 0.58 34.50 -106.42
C GLU P 4 1.91 35.25 -106.30
N LEU P 5 2.99 34.52 -106.41
CA LEU P 5 4.29 35.16 -106.24
C LEU P 5 4.98 35.32 -107.60
N PRO P 6 5.84 36.33 -107.75
CA PRO P 6 6.57 36.49 -109.02
C PRO P 6 7.63 35.42 -109.19
N ASP P 7 8.24 35.44 -110.37
CA ASP P 7 9.25 34.45 -110.72
C ASP P 7 10.51 34.64 -109.88
N TYR P 8 11.10 33.52 -109.47
CA TYR P 8 12.32 33.54 -108.66
C TYR P 8 13.56 33.83 -109.49
N LYS P 9 13.50 33.63 -110.80
CA LYS P 9 14.71 33.71 -111.62
C LYS P 9 15.12 35.13 -111.95
N GLN P 10 14.22 36.10 -111.79
CA GLN P 10 14.56 37.48 -112.10
C GLN P 10 15.43 38.14 -111.04
N TRP P 11 15.46 37.61 -109.82
CA TRP P 11 16.18 38.24 -108.72
C TRP P 11 17.67 37.95 -108.87
N LYS P 12 18.31 38.78 -109.68
CA LYS P 12 19.76 38.75 -109.87
C LYS P 12 20.33 40.06 -109.34
N ILE P 13 21.59 40.02 -108.93
CA ILE P 13 22.19 41.12 -108.18
C ILE P 13 22.77 42.17 -109.11
N GLU P 14 22.51 42.04 -110.42
CA GLU P 14 23.10 42.93 -111.41
C GLU P 14 22.58 44.36 -111.29
N GLY P 15 23.49 45.33 -111.35
CA GLY P 15 23.13 46.73 -111.21
C GLY P 15 22.99 47.22 -109.79
N THR P 16 23.28 46.38 -108.80
CA THR P 16 23.12 46.69 -107.39
C THR P 16 24.46 46.71 -106.67
N PRO P 17 24.55 47.36 -105.51
CA PRO P 17 25.81 47.31 -104.72
C PRO P 17 26.14 45.92 -104.18
N LEU P 18 25.24 44.94 -104.29
CA LEU P 18 25.57 43.58 -103.90
C LEU P 18 26.66 42.99 -104.77
N GLU P 19 26.78 43.43 -106.04
CA GLU P 19 27.98 43.07 -106.80
C GLU P 19 29.23 43.74 -106.27
N THR P 20 29.14 44.96 -105.73
CA THR P 20 30.32 45.56 -105.11
C THR P 20 30.75 44.74 -103.89
N VAL P 21 29.77 44.28 -103.10
CA VAL P 21 30.07 43.37 -102.00
C VAL P 21 30.67 42.07 -102.51
N GLN P 22 30.13 41.55 -103.63
CA GLN P 22 30.63 40.31 -104.22
C GLN P 22 32.08 40.46 -104.70
N GLU P 23 32.41 41.60 -105.30
CA GLU P 23 33.77 41.86 -105.72
C GLU P 23 34.71 41.97 -104.54
N LYS P 24 34.27 42.62 -103.45
CA LYS P 24 35.11 42.71 -102.26
C LYS P 24 35.36 41.33 -101.65
N LEU P 25 34.32 40.50 -101.56
CA LEU P 25 34.50 39.14 -101.04
C LEU P 25 35.36 38.28 -101.96
N ALA P 26 35.19 38.42 -103.28
CA ALA P 26 35.98 37.63 -104.21
C ALA P 26 37.45 38.05 -104.20
N ALA P 27 37.72 39.35 -104.01
CA ALA P 27 39.08 39.79 -103.80
C ALA P 27 39.64 39.23 -102.50
N ARG P 28 38.81 39.18 -101.44
CA ARG P 28 39.28 38.56 -100.21
C ARG P 28 39.30 37.04 -100.32
N GLY P 29 38.27 36.44 -100.91
CA GLY P 29 38.29 35.02 -101.17
C GLY P 29 37.06 34.22 -100.82
N LEU P 30 36.00 34.88 -100.36
CA LEU P 30 34.79 34.18 -99.91
C LEU P 30 33.64 34.35 -100.88
N ARG P 31 32.49 33.81 -100.46
CA ARG P 31 31.24 33.84 -101.20
C ARG P 31 30.17 34.50 -100.35
N ASP P 32 29.18 35.10 -101.03
CA ASP P 32 28.01 35.70 -100.39
C ASP P 32 26.81 34.98 -101.00
N PRO P 33 26.29 33.95 -100.33
CA PRO P 33 25.18 33.18 -100.91
C PRO P 33 23.82 33.85 -100.78
N TRP P 34 23.69 34.93 -100.02
CA TRP P 34 22.40 35.54 -99.74
C TRP P 34 22.17 36.81 -100.54
N GLY P 35 22.94 37.04 -101.60
CA GLY P 35 22.74 38.23 -102.41
C GLY P 35 21.43 38.22 -103.17
N ARG P 36 21.02 37.05 -103.66
CA ARG P 36 19.80 36.95 -104.46
C ARG P 36 18.55 37.16 -103.61
N ASN P 37 18.63 36.84 -102.32
CA ASN P 37 17.47 37.05 -101.44
C ASN P 37 17.23 38.53 -101.19
N GLU P 38 18.30 39.30 -101.02
CA GLU P 38 18.19 40.74 -100.80
C GLU P 38 18.31 41.54 -102.09
N ALA P 39 18.32 40.88 -103.23
CA ALA P 39 18.37 41.59 -104.51
C ALA P 39 17.07 42.30 -104.83
N TRP P 40 15.96 41.95 -104.18
CA TRP P 40 14.68 42.56 -104.51
C TRP P 40 14.59 44.00 -104.04
N ARG P 41 15.35 44.37 -103.02
CA ARG P 41 15.28 45.73 -102.48
C ARG P 41 15.93 46.74 -103.40
N TYR P 42 16.93 46.32 -104.17
CA TYR P 42 17.74 47.24 -104.97
C TYR P 42 17.31 47.30 -106.42
N MET P 43 16.26 46.58 -106.82
CA MET P 43 15.82 46.56 -108.20
C MET P 43 14.31 46.73 -108.27
N GLY P 44 13.83 47.20 -109.42
CA GLY P 44 12.42 47.45 -109.62
C GLY P 44 12.05 48.89 -109.35
N GLY P 45 10.89 49.10 -108.73
CA GLY P 45 10.45 50.44 -108.39
C GLY P 45 11.12 51.06 -107.20
N PHE P 46 11.87 50.27 -106.43
CA PHE P 46 12.59 50.77 -105.26
C PHE P 46 14.00 51.23 -105.58
N ALA P 47 14.40 51.20 -106.85
CA ALA P 47 15.72 51.62 -107.27
C ALA P 47 15.74 53.12 -107.54
N ASN P 48 16.94 53.71 -107.41
CA ASN P 48 17.20 55.13 -107.67
C ASN P 48 16.33 56.03 -106.80
N ASN P 49 16.53 55.94 -105.49
CA ASN P 49 15.86 56.83 -104.55
C ASN P 49 16.50 58.20 -104.58
N VAL P 50 15.71 59.21 -104.20
CA VAL P 50 16.17 60.59 -104.26
C VAL P 50 17.08 60.89 -103.07
N SER P 51 17.85 61.97 -103.20
CA SER P 51 18.76 62.39 -102.15
C SER P 51 18.01 63.23 -101.12
N PHE P 52 18.75 63.73 -100.12
CA PHE P 52 18.13 64.53 -99.07
C PHE P 52 17.74 65.91 -99.56
N VAL P 53 18.61 66.56 -100.34
CA VAL P 53 18.31 67.88 -100.89
C VAL P 53 17.19 67.78 -101.91
N GLY P 54 17.13 66.68 -102.67
CA GLY P 54 15.99 66.45 -103.54
C GLY P 54 14.73 66.08 -102.79
N ALA P 55 14.86 65.56 -101.57
CA ALA P 55 13.69 65.29 -100.75
C ALA P 55 13.12 66.58 -100.18
N LEU P 56 13.99 67.51 -99.78
CA LEU P 56 13.51 68.79 -99.24
C LEU P 56 12.90 69.65 -100.34
N LEU P 57 13.32 69.47 -101.59
CA LEU P 57 12.84 70.27 -102.71
C LEU P 57 11.70 69.60 -103.46
N LYS P 58 10.90 68.79 -102.77
CA LYS P 58 9.75 68.16 -103.41
C LYS P 58 8.69 69.21 -103.71
N GLY P 59 8.20 69.22 -104.96
CA GLY P 59 7.20 70.18 -105.35
C GLY P 59 7.67 71.61 -105.45
N PHE P 60 8.99 71.82 -105.58
CA PHE P 60 9.50 73.18 -105.67
C PHE P 60 9.23 73.81 -107.03
N LYS P 61 9.14 73.00 -108.08
CA LYS P 61 8.95 73.53 -109.42
C LYS P 61 7.58 74.18 -109.59
N TRP P 62 6.52 73.46 -109.19
CA TRP P 62 5.17 74.02 -109.29
C TRP P 62 4.99 75.19 -108.33
N GLY P 63 5.61 75.13 -107.16
CA GLY P 63 5.54 76.25 -106.24
C GLY P 63 6.22 77.50 -106.78
N PHE P 64 7.38 77.33 -107.42
CA PHE P 64 8.07 78.45 -108.04
C PHE P 64 7.25 79.02 -109.19
N ALA P 65 6.62 78.15 -109.99
CA ALA P 65 5.77 78.61 -111.08
C ALA P 65 4.57 79.40 -110.56
N ALA P 66 3.94 78.90 -109.49
CA ALA P 66 2.81 79.62 -108.90
C ALA P 66 3.24 80.94 -108.28
N PHE P 67 4.43 80.98 -107.67
CA PHE P 67 4.95 82.22 -107.10
C PHE P 67 5.23 83.25 -108.19
N VAL P 68 5.81 82.83 -109.31
CA VAL P 68 6.06 83.74 -110.42
C VAL P 68 4.75 84.25 -111.01
N VAL P 69 3.76 83.36 -111.17
CA VAL P 69 2.47 83.75 -111.71
C VAL P 69 1.77 84.74 -110.79
N ALA P 70 1.81 84.50 -109.47
CA ALA P 70 1.15 85.39 -108.53
C ALA P 70 1.85 86.75 -108.45
N VAL P 71 3.19 86.75 -108.53
CA VAL P 71 3.92 88.01 -108.52
C VAL P 71 3.61 88.83 -109.78
N GLY P 72 3.56 88.17 -110.93
CA GLY P 72 3.17 88.87 -112.15
C GLY P 72 1.74 89.38 -112.11
N ALA P 73 0.84 88.59 -111.51
CA ALA P 73 -0.55 89.03 -111.39
C ALA P 73 -0.68 90.24 -110.48
N GLU P 74 0.03 90.25 -109.34
CA GLU P 74 -0.05 91.40 -108.46
C GLU P 74 0.66 92.61 -109.05
N TYR P 75 1.67 92.39 -109.90
CA TYR P 75 2.28 93.49 -110.63
C TYR P 75 1.33 94.06 -111.68
N TYR P 76 0.49 93.22 -112.27
CA TYR P 76 -0.50 93.71 -113.21
C TYR P 76 -1.63 94.45 -112.51
N LEU P 77 -2.09 93.94 -111.36
CA LEU P 77 -3.17 94.61 -110.64
C LEU P 77 -2.72 95.85 -109.88
N GLU P 78 -1.43 95.98 -109.56
CA GLU P 78 -1.00 97.20 -108.86
C GLU P 78 -0.90 98.39 -109.79
N SER P 79 -0.88 98.17 -111.11
CA SER P 79 -0.79 99.27 -112.06
C SER P 79 -2.18 99.77 -112.46
N MET Q 1 -22.68 56.00 7.17
CA MET Q 1 -23.27 57.25 6.69
C MET Q 1 -24.46 57.65 7.54
N MET Q 2 -25.65 57.21 7.13
CA MET Q 2 -26.89 57.53 7.83
C MET Q 2 -27.26 56.49 8.89
N THR Q 3 -26.27 55.71 9.36
CA THR Q 3 -26.53 54.61 10.27
C THR Q 3 -27.14 55.09 11.58
N GLY Q 4 -26.60 56.18 12.15
CA GLY Q 4 -27.20 56.78 13.32
C GLY Q 4 -28.62 57.26 13.06
N ARG Q 5 -28.88 57.74 11.85
CA ARG Q 5 -30.25 58.09 11.46
C ARG Q 5 -31.16 56.87 11.54
N GLN Q 6 -30.65 55.70 11.16
CA GLN Q 6 -31.35 54.45 11.40
C GLN Q 6 -30.89 53.80 12.70
N ALA Q 7 -30.87 54.58 13.78
CA ALA Q 7 -30.51 54.07 15.10
C ALA Q 7 -31.67 54.04 16.08
N ARG Q 8 -32.52 55.07 16.08
CA ARG Q 8 -33.65 55.10 16.99
C ARG Q 8 -34.76 54.15 16.55
N ALA Q 9 -35.01 54.06 15.25
CA ALA Q 9 -36.06 53.21 14.69
C ALA Q 9 -35.45 52.32 13.61
N PRO Q 10 -34.84 51.22 14.00
CA PRO Q 10 -34.20 50.33 13.03
C PRO Q 10 -35.16 49.28 12.48
N LEU Q 11 -34.69 48.60 11.43
CA LEU Q 11 -35.41 47.52 10.74
C LEU Q 11 -36.79 47.97 10.25
N GLN Q 12 -36.85 49.18 9.71
CA GLN Q 12 -38.07 49.71 9.12
C GLN Q 12 -37.83 49.89 7.62
N PHE Q 13 -38.67 49.25 6.81
CA PHE Q 13 -38.56 49.41 5.36
C PHE Q 13 -38.99 50.82 4.94
N LEU Q 14 -40.12 51.28 5.46
CA LEU Q 14 -40.62 52.62 5.15
C LEU Q 14 -41.19 53.25 6.42
N PRO Q 15 -40.51 54.24 6.99
CA PRO Q 15 -41.00 54.86 8.24
C PRO Q 15 -42.21 55.75 8.03
N ASP Q 16 -42.63 56.44 9.09
CA ASP Q 16 -43.80 57.31 9.01
C ASP Q 16 -43.53 58.57 8.20
N GLU Q 17 -42.26 58.94 8.00
CA GLU Q 17 -41.94 60.08 7.18
C GLU Q 17 -41.95 59.76 5.69
N ALA Q 18 -41.95 58.49 5.32
CA ALA Q 18 -41.97 58.09 3.92
C ALA Q 18 -43.34 58.25 3.28
N ARG Q 19 -44.39 58.42 4.08
CA ARG Q 19 -45.74 58.54 3.54
C ARG Q 19 -46.11 59.95 3.14
N SER Q 20 -45.30 60.95 3.51
CA SER Q 20 -45.56 62.32 3.08
C SER Q 20 -45.03 62.62 1.69
N LEU Q 21 -44.29 61.70 1.10
CA LEU Q 21 -43.74 61.79 -0.24
C LEU Q 21 -44.73 61.26 -1.26
N PRO Q 22 -44.73 61.77 -2.48
CA PRO Q 22 -45.63 61.25 -3.52
C PRO Q 22 -45.20 59.88 -3.96
N PRO Q 23 -46.12 58.91 -4.01
CA PRO Q 23 -45.75 57.58 -4.45
C PRO Q 23 -45.47 57.57 -5.95
N PRO Q 24 -44.62 56.65 -6.42
CA PRO Q 24 -44.37 56.56 -7.85
C PRO Q 24 -45.61 56.09 -8.61
N LYS Q 25 -45.76 56.59 -9.82
CA LYS Q 25 -46.89 56.22 -10.65
C LYS Q 25 -46.75 54.79 -11.13
N LEU Q 26 -47.89 54.17 -11.47
CA LEU Q 26 -47.88 52.83 -12.03
C LEU Q 26 -47.32 52.80 -13.45
N THR Q 27 -47.25 53.95 -14.11
CA THR Q 27 -46.64 54.06 -15.43
C THR Q 27 -45.22 54.60 -15.35
N ASP Q 28 -44.51 54.30 -14.26
CA ASP Q 28 -43.13 54.71 -14.14
C ASP Q 28 -42.25 53.93 -15.13
N PRO Q 29 -41.32 54.59 -15.81
CA PRO Q 29 -40.42 53.88 -16.72
C PRO Q 29 -39.57 52.81 -16.05
N ARG Q 30 -39.13 53.06 -14.82
CA ARG Q 30 -38.35 52.05 -14.09
C ARG Q 30 -39.21 50.83 -13.78
N LEU Q 31 -40.47 51.04 -13.43
CA LEU Q 31 -41.38 49.93 -13.18
C LEU Q 31 -41.62 49.12 -14.44
N ALA Q 32 -41.74 49.80 -15.58
CA ALA Q 32 -41.88 49.11 -16.85
C ALA Q 32 -40.62 48.32 -17.19
N TYR Q 33 -39.44 48.86 -16.87
CA TYR Q 33 -38.20 48.13 -17.11
C TYR Q 33 -38.10 46.89 -16.22
N ILE Q 34 -38.56 46.99 -14.97
CA ILE Q 34 -38.55 45.83 -14.09
C ILE Q 34 -39.55 44.78 -14.56
N GLY Q 35 -40.70 45.22 -15.08
CA GLY Q 35 -41.62 44.29 -15.71
C GLY Q 35 -41.02 43.61 -16.92
N PHE Q 36 -40.23 44.35 -17.70
CA PHE Q 36 -39.51 43.74 -18.82
C PHE Q 36 -38.46 42.75 -18.35
N LEU Q 37 -37.81 43.03 -17.21
CA LEU Q 37 -36.90 42.07 -16.61
C LEU Q 37 -37.63 40.78 -16.23
N GLY Q 38 -38.84 40.91 -15.69
CA GLY Q 38 -39.63 39.73 -15.38
C GLY Q 38 -40.03 38.96 -16.61
N TYR Q 39 -40.36 39.67 -17.69
CA TYR Q 39 -40.67 39.00 -18.95
C TYR Q 39 -39.47 38.25 -19.51
N CYS Q 40 -38.28 38.86 -19.42
CA CYS Q 40 -37.06 38.18 -19.84
C CYS Q 40 -36.79 36.95 -19.00
N SER Q 41 -37.06 37.03 -17.69
CA SER Q 41 -36.90 35.88 -16.81
C SER Q 41 -37.85 34.76 -17.19
N GLY Q 42 -39.10 35.10 -17.54
CA GLY Q 42 -40.04 34.09 -18.00
C GLY Q 42 -39.59 33.45 -19.31
N LEU Q 43 -39.05 34.25 -20.22
CA LEU Q 43 -38.53 33.71 -21.48
C LEU Q 43 -37.37 32.76 -21.24
N ILE Q 44 -36.45 33.12 -20.33
CA ILE Q 44 -35.31 32.25 -20.04
C ILE Q 44 -35.78 30.97 -19.36
N ASP Q 45 -36.77 31.07 -18.48
CA ASP Q 45 -37.31 29.88 -17.81
C ASP Q 45 -37.96 28.94 -18.81
N ASN Q 46 -38.66 29.48 -19.80
CA ASN Q 46 -39.19 28.62 -20.87
C ASN Q 46 -38.08 28.05 -21.73
N ALA Q 47 -37.00 28.81 -21.94
CA ALA Q 47 -35.96 28.38 -22.88
C ALA Q 47 -35.09 27.26 -22.29
N ILE Q 48 -34.72 27.37 -21.02
CA ILE Q 48 -33.78 26.42 -20.44
C ILE Q 48 -34.40 25.06 -20.16
N ARG Q 49 -35.72 24.93 -20.24
CA ARG Q 49 -36.40 23.66 -20.00
C ARG Q 49 -37.00 23.08 -21.27
N ARG Q 50 -36.50 23.50 -22.44
CA ARG Q 50 -36.89 22.99 -23.76
C ARG Q 50 -38.40 23.12 -24.00
N ARG Q 51 -38.94 24.26 -23.64
CA ARG Q 51 -40.33 24.61 -23.89
C ARG Q 51 -40.42 25.68 -24.97
N PRO Q 52 -41.54 25.78 -25.69
CA PRO Q 52 -41.72 26.90 -26.62
C PRO Q 52 -41.77 28.21 -25.86
N VAL Q 53 -40.83 29.10 -26.17
CA VAL Q 53 -40.55 30.23 -25.29
C VAL Q 53 -41.62 31.31 -25.37
N LEU Q 54 -42.41 31.35 -26.44
CA LEU Q 54 -43.43 32.38 -26.58
C LEU Q 54 -44.85 31.86 -26.38
N SER Q 55 -45.00 30.58 -26.09
CA SER Q 55 -46.33 30.02 -25.92
C SER Q 55 -46.51 29.27 -24.62
N ALA Q 56 -45.50 28.56 -24.14
CA ALA Q 56 -45.66 27.68 -23.00
C ALA Q 56 -45.72 28.46 -21.69
N GLY Q 57 -46.76 28.22 -20.92
CA GLY Q 57 -46.89 28.79 -19.59
C GLY Q 57 -47.10 30.28 -19.55
N LEU Q 58 -48.25 30.75 -20.03
CA LEU Q 58 -48.55 32.17 -19.95
C LEU Q 58 -48.82 32.62 -18.53
N HIS Q 59 -49.38 31.73 -17.70
CA HIS Q 59 -49.58 32.05 -16.29
C HIS Q 59 -48.26 32.23 -15.56
N ARG Q 60 -47.25 31.42 -15.94
CA ARG Q 60 -45.93 31.54 -15.33
C ARG Q 60 -45.30 32.89 -15.63
N GLN Q 61 -45.39 33.33 -16.89
CA GLN Q 61 -44.86 34.64 -17.27
C GLN Q 61 -45.63 35.77 -16.59
N PHE Q 62 -46.95 35.61 -16.46
CA PHE Q 62 -47.75 36.62 -15.79
C PHE Q 62 -47.36 36.75 -14.31
N LEU Q 63 -47.16 35.61 -13.63
CA LEU Q 63 -46.73 35.67 -12.23
C LEU Q 63 -45.32 36.23 -12.11
N TYR Q 64 -44.45 35.93 -13.08
CA TYR Q 64 -43.10 36.49 -13.09
C TYR Q 64 -43.14 38.00 -13.15
N ILE Q 65 -43.86 38.56 -14.11
CA ILE Q 65 -43.88 40.01 -14.26
C ILE Q 65 -44.63 40.67 -13.11
N THR Q 66 -45.64 39.98 -12.55
CA THR Q 66 -46.38 40.55 -11.43
C THR Q 66 -45.51 40.65 -10.17
N SER Q 67 -44.79 39.59 -9.85
CA SER Q 67 -43.89 39.62 -8.69
C SER Q 67 -42.77 40.62 -8.90
N PHE Q 68 -42.24 40.70 -10.13
CA PHE Q 68 -41.19 41.68 -10.40
C PHE Q 68 -41.69 43.11 -10.22
N VAL Q 69 -42.90 43.40 -10.71
CA VAL Q 69 -43.48 44.74 -10.57
C VAL Q 69 -43.72 45.07 -9.10
N PHE Q 70 -44.20 44.10 -8.33
CA PHE Q 70 -44.44 44.30 -6.90
C PHE Q 70 -43.17 44.68 -6.15
N VAL Q 71 -42.13 43.85 -6.30
CA VAL Q 71 -40.89 44.09 -5.58
C VAL Q 71 -40.21 45.36 -6.06
N GLY Q 72 -40.25 45.62 -7.38
CA GLY Q 72 -39.65 46.83 -7.91
C GLY Q 72 -40.35 48.09 -7.44
N TYR Q 73 -41.68 48.04 -7.32
CA TYR Q 73 -42.42 49.20 -6.82
C TYR Q 73 -42.04 49.51 -5.39
N TYR Q 74 -41.94 48.48 -4.54
CA TYR Q 74 -41.57 48.75 -3.15
C TYR Q 74 -40.13 49.25 -3.04
N LEU Q 75 -39.22 48.69 -3.84
CA LEU Q 75 -37.83 49.14 -3.81
C LEU Q 75 -37.70 50.58 -4.32
N LEU Q 76 -38.49 50.96 -5.32
CA LEU Q 76 -38.46 52.33 -5.81
C LEU Q 76 -39.01 53.30 -4.77
N LYS Q 77 -40.05 52.88 -4.02
CA LYS Q 77 -40.54 53.70 -2.92
C LYS Q 77 -39.46 53.95 -1.88
N ARG Q 78 -38.73 52.89 -1.50
CA ARG Q 78 -37.64 53.04 -0.53
C ARG Q 78 -36.52 53.93 -1.06
N GLN Q 79 -36.19 53.78 -2.35
CA GLN Q 79 -35.13 54.60 -2.95
C GLN Q 79 -35.50 56.08 -2.95
N ASP Q 80 -36.75 56.39 -3.30
CA ASP Q 80 -37.19 57.78 -3.28
C ASP Q 80 -37.18 58.35 -1.87
N TYR Q 81 -37.59 57.54 -0.88
CA TYR Q 81 -37.53 57.98 0.51
C TYR Q 81 -36.10 58.28 0.95
N MET Q 82 -35.16 57.41 0.58
CA MET Q 82 -33.77 57.61 1.00
C MET Q 82 -33.15 58.84 0.36
N TYR Q 83 -33.47 59.09 -0.91
CA TYR Q 83 -32.93 60.29 -1.56
C TYR Q 83 -33.55 61.57 -0.98
N ALA Q 84 -34.83 61.51 -0.62
CA ALA Q 84 -35.45 62.64 0.07
C ALA Q 84 -34.79 62.90 1.43
N VAL Q 85 -34.45 61.82 2.14
CA VAL Q 85 -33.75 61.95 3.43
C VAL Q 85 -32.39 62.60 3.23
N ARG Q 86 -31.65 62.18 2.19
CA ARG Q 86 -30.34 62.76 1.91
C ARG Q 86 -30.43 64.25 1.64
N ASP Q 87 -31.38 64.66 0.79
CA ASP Q 87 -31.53 66.07 0.47
C ASP Q 87 -31.97 66.88 1.68
N HIS Q 88 -32.88 66.34 2.48
CA HIS Q 88 -33.36 67.05 3.66
C HIS Q 88 -32.25 67.25 4.69
N ASP Q 89 -31.45 66.21 4.91
CA ASP Q 89 -30.33 66.31 5.86
C ASP Q 89 -29.29 67.31 5.38
N MET Q 90 -28.99 67.30 4.07
CA MET Q 90 -28.02 68.24 3.52
C MET Q 90 -28.49 69.68 3.67
N PHE Q 91 -29.77 69.94 3.36
CA PHE Q 91 -30.29 71.31 3.47
C PHE Q 91 -30.37 71.75 4.93
N SER Q 92 -30.71 70.83 5.84
CA SER Q 92 -30.74 71.16 7.25
C SER Q 92 -29.36 71.51 7.78
N TYR Q 93 -28.34 70.76 7.35
CA TYR Q 93 -26.98 71.08 7.80
C TYR Q 93 -26.46 72.38 7.19
N ILE Q 94 -26.85 72.68 5.95
CA ILE Q 94 -26.47 73.94 5.34
C ILE Q 94 -27.11 75.11 6.08
N LYS Q 95 -28.40 74.97 6.43
CA LYS Q 95 -29.09 76.03 7.16
C LYS Q 95 -28.54 76.17 8.58
N SER Q 96 -28.13 75.06 9.20
CA SER Q 96 -27.73 75.10 10.61
C SER Q 96 -26.37 75.75 10.82
N HIS Q 97 -25.49 75.71 9.81
CA HIS Q 97 -24.12 76.20 9.93
C HIS Q 97 -23.87 77.22 8.83
N PRO Q 98 -24.28 78.48 9.02
CA PRO Q 98 -24.06 79.50 7.98
C PRO Q 98 -22.62 79.96 7.88
N GLU Q 99 -21.83 79.86 8.94
CA GLU Q 99 -20.44 80.30 8.89
C GLU Q 99 -19.56 79.34 8.10
N ASP Q 100 -19.92 78.06 8.05
CA ASP Q 100 -19.15 77.09 7.29
C ASP Q 100 -19.45 77.12 5.80
N PHE Q 101 -20.56 77.74 5.40
CA PHE Q 101 -20.92 77.89 4.00
C PHE Q 101 -21.20 79.36 3.71
N PRO Q 102 -20.16 80.18 3.65
CA PRO Q 102 -20.37 81.60 3.38
C PRO Q 102 -20.62 81.87 1.92
N GLU Q 103 -21.45 82.87 1.65
CA GLU Q 103 -21.73 83.26 0.29
C GLU Q 103 -20.51 83.93 -0.33
N LYS Q 104 -20.35 83.73 -1.64
CA LYS Q 104 -19.26 84.31 -2.40
C LYS Q 104 -19.82 85.32 -3.38
N ASP Q 105 -19.03 86.35 -3.67
CA ASP Q 105 -19.47 87.34 -4.65
C ASP Q 105 -19.46 86.77 -6.07
N LYS Q 106 -20.29 87.34 -6.92
CA LYS Q 106 -20.40 86.95 -8.32
C LYS Q 106 -19.85 88.09 -9.16
N LYS Q 107 -18.53 88.07 -9.38
CA LYS Q 107 -17.88 89.11 -10.16
C LYS Q 107 -18.22 88.95 -11.64
N THR Q 108 -18.59 90.06 -12.28
CA THR Q 108 -18.83 90.04 -13.72
C THR Q 108 -17.53 89.86 -14.48
N TYR Q 109 -17.66 89.49 -15.75
CA TYR Q 109 -16.48 89.26 -16.57
C TYR Q 109 -15.78 90.54 -17.00
N ARG Q 110 -16.38 91.70 -16.76
CA ARG Q 110 -15.68 92.96 -17.00
C ARG Q 110 -14.65 93.26 -15.94
N GLU Q 111 -14.73 92.60 -14.78
CA GLU Q 111 -13.80 92.82 -13.68
C GLU Q 111 -12.79 91.69 -13.51
N VAL Q 112 -13.21 90.45 -13.71
CA VAL Q 112 -12.30 89.32 -13.51
C VAL Q 112 -11.31 89.28 -14.67
N PHE Q 113 -10.14 88.68 -14.41
CA PHE Q 113 -9.06 88.64 -15.37
C PHE Q 113 -8.77 87.19 -15.74
N GLU Q 114 -8.76 86.90 -17.04
CA GLU Q 114 -8.44 85.58 -17.55
C GLU Q 114 -7.24 85.69 -18.47
N GLU Q 115 -6.27 84.80 -18.28
CA GLU Q 115 -5.10 84.77 -19.14
C GLU Q 115 -5.46 84.17 -20.50
N PHE Q 116 -4.92 84.76 -21.56
CA PHE Q 116 -5.18 84.30 -22.91
C PHE Q 116 -3.98 83.55 -23.44
N HIS Q 117 -4.20 82.32 -23.90
CA HIS Q 117 -3.15 81.50 -24.48
C HIS Q 117 -3.43 81.32 -25.96
N PRO Q 118 -2.64 81.94 -26.85
CA PRO Q 118 -2.95 81.85 -28.28
C PRO Q 118 -2.68 80.46 -28.83
N VAL Q 119 -3.45 80.10 -29.85
CA VAL Q 119 -3.26 78.88 -30.60
C VAL Q 119 -2.74 79.27 -31.97
N ARG Q 120 -1.49 78.92 -32.25
CA ARG Q 120 -0.85 79.33 -33.50
C ARG Q 120 0.33 78.42 -33.82
N SER R 1 42.94 44.32 -72.42
CA SER R 1 42.20 43.99 -73.62
C SER R 1 40.77 44.53 -73.56
N PHE R 2 39.84 43.70 -73.13
CA PHE R 2 38.45 44.14 -73.04
C PHE R 2 38.09 44.45 -71.59
N PRO R 3 37.27 45.48 -71.37
CA PRO R 3 36.85 45.80 -70.00
C PRO R 3 35.96 44.72 -69.41
N LYS R 4 36.46 44.04 -68.38
CA LYS R 4 35.68 42.97 -67.75
C LYS R 4 34.50 43.58 -66.99
N TYR R 5 33.38 42.88 -67.01
CA TYR R 5 32.17 43.36 -66.36
C TYR R 5 32.29 43.18 -64.85
N GLU R 6 32.00 44.25 -64.11
CA GLU R 6 31.91 44.16 -62.65
C GLU R 6 30.48 43.83 -62.25
N PRO R 7 30.25 42.71 -61.54
CA PRO R 7 28.91 42.43 -61.03
C PRO R 7 28.51 43.43 -59.95
N SER R 8 27.21 43.70 -59.88
CA SER R 8 26.66 44.62 -58.89
C SER R 8 25.41 44.03 -58.29
N ARG R 9 24.92 44.66 -57.22
CA ARG R 9 23.68 44.21 -56.59
C ARG R 9 22.49 44.39 -57.51
N LEU R 10 22.42 45.52 -58.21
CA LEU R 10 21.33 45.80 -59.13
C LEU R 10 21.70 45.55 -60.58
N ALA R 11 22.90 45.02 -60.85
CA ALA R 11 23.32 44.65 -62.19
C ALA R 11 24.12 43.35 -62.05
N SER R 12 23.43 42.23 -62.20
CA SER R 12 24.04 40.93 -62.00
C SER R 12 24.93 40.54 -63.17
N LEU R 13 25.74 39.51 -62.96
CA LEU R 13 26.62 39.02 -64.01
C LEU R 13 25.81 38.35 -65.12
N PRO R 14 26.21 38.51 -66.38
CA PRO R 14 25.52 37.81 -67.47
C PRO R 14 25.68 36.31 -67.37
N THR R 15 24.66 35.59 -67.86
CA THR R 15 24.67 34.14 -67.81
C THR R 15 25.75 33.55 -68.72
N THR R 16 25.97 34.17 -69.87
CA THR R 16 26.98 33.67 -70.81
C THR R 16 28.40 33.99 -70.40
N LEU R 17 28.59 34.88 -69.42
CA LEU R 17 29.92 35.21 -68.92
C LEU R 17 30.24 34.51 -67.60
N ASP R 18 29.38 33.61 -67.15
CA ASP R 18 29.61 32.90 -65.90
C ASP R 18 30.62 31.77 -66.12
N PRO R 19 31.76 31.77 -65.42
CA PRO R 19 32.71 30.65 -65.56
C PRO R 19 32.15 29.32 -65.08
N ALA R 20 31.28 29.32 -64.08
CA ALA R 20 30.75 28.08 -63.53
C ALA R 20 29.75 27.40 -64.46
N GLU R 21 29.23 28.10 -65.46
CA GLU R 21 28.36 27.47 -66.43
C GLU R 21 29.13 26.52 -67.34
N TYR R 22 30.39 26.84 -67.65
CA TYR R 22 31.18 26.07 -68.59
C TYR R 22 31.82 24.83 -67.97
N ASP R 23 31.56 24.53 -66.70
CA ASP R 23 32.09 23.32 -66.09
C ASP R 23 31.38 22.09 -66.63
N ILE R 24 32.15 21.10 -67.07
CA ILE R 24 31.59 19.89 -67.66
C ILE R 24 31.96 18.71 -66.75
N SER R 25 32.08 18.97 -65.46
CA SER R 25 32.40 17.90 -64.52
C SER R 25 31.17 17.03 -64.28
N SER R 26 31.39 15.91 -63.59
CA SER R 26 30.32 14.96 -63.36
C SER R 26 29.30 15.46 -62.36
N GLU R 27 29.75 16.18 -61.32
CA GLU R 27 28.87 16.61 -60.25
C GLU R 27 27.85 17.63 -60.74
N THR R 28 28.28 18.56 -61.60
CA THR R 28 27.35 19.54 -62.16
C THR R 28 26.29 18.88 -63.03
N ARG R 29 26.70 17.90 -63.84
CA ARG R 29 25.74 17.17 -64.67
C ARG R 29 24.76 16.39 -63.81
N LYS R 30 25.23 15.76 -62.73
CA LYS R 30 24.33 15.07 -61.82
C LYS R 30 23.35 16.03 -61.15
N ALA R 31 23.85 17.19 -60.71
CA ALA R 31 22.99 18.17 -60.07
C ALA R 31 21.91 18.66 -61.02
N GLN R 32 22.28 18.91 -62.28
CA GLN R 32 21.29 19.24 -63.29
C GLN R 32 20.31 18.10 -63.52
N ALA R 33 20.78 16.85 -63.41
CA ALA R 33 19.89 15.70 -63.61
C ALA R 33 18.78 15.65 -62.55
N GLU R 34 19.14 15.69 -61.26
CA GLU R 34 18.03 15.69 -60.30
C GLU R 34 17.29 17.02 -60.21
N ARG R 35 17.89 18.15 -60.63
CA ARG R 35 17.10 19.37 -60.72
C ARG R 35 16.01 19.25 -61.78
N LEU R 36 16.37 18.70 -62.95
CA LEU R 36 15.38 18.47 -63.99
C LEU R 36 14.36 17.42 -63.55
N ALA R 37 14.80 16.42 -62.77
CA ALA R 37 13.86 15.42 -62.27
C ALA R 37 12.83 16.01 -61.33
N ILE R 38 13.27 16.86 -60.39
CA ILE R 38 12.35 17.52 -59.46
C ILE R 38 11.40 18.44 -60.21
N ARG R 39 11.93 19.23 -61.15
CA ARG R 39 11.08 20.13 -61.93
C ARG R 39 10.06 19.37 -62.77
N SER R 40 10.47 18.25 -63.36
CA SER R 40 9.56 17.45 -64.18
C SER R 40 8.48 16.80 -63.34
N ARG R 41 8.83 16.31 -62.14
CA ARG R 41 7.84 15.71 -61.27
C ARG R 41 6.82 16.74 -60.80
N LEU R 42 7.28 17.94 -60.42
CA LEU R 42 6.36 18.99 -60.01
C LEU R 42 5.47 19.45 -61.16
N LYS R 43 6.05 19.58 -62.36
CA LYS R 43 5.26 19.98 -63.52
C LYS R 43 4.22 18.92 -63.88
N ARG R 44 4.60 17.65 -63.78
CA ARG R 44 3.66 16.57 -64.07
C ARG R 44 2.50 16.56 -63.08
N GLU R 45 2.80 16.77 -61.79
CA GLU R 45 1.73 16.86 -60.79
C GLU R 45 0.82 18.04 -61.06
N TYR R 46 1.40 19.19 -61.42
CA TYR R 46 0.60 20.38 -61.68
C TYR R 46 -0.31 20.19 -62.88
N GLN R 47 0.23 19.70 -63.99
CA GLN R 47 -0.61 19.56 -65.18
C GLN R 47 -1.54 18.37 -65.11
N LEU R 48 -1.28 17.41 -64.20
CA LEU R 48 -2.27 16.37 -63.95
C LEU R 48 -3.43 16.92 -63.13
N GLN R 49 -3.15 17.76 -62.13
CA GLN R 49 -4.20 18.39 -61.35
C GLN R 49 -4.88 19.52 -62.10
N TYR R 50 -4.31 19.99 -63.21
CA TYR R 50 -4.76 21.18 -63.91
C TYR R 50 -5.69 20.88 -65.08
N ASN R 51 -5.55 19.70 -65.70
CA ASN R 51 -6.35 19.32 -66.86
C ASN R 51 -7.52 18.44 -66.49
N ASP R 52 -7.87 18.36 -65.22
CA ASP R 52 -9.00 17.54 -64.78
C ASP R 52 -10.31 18.18 -65.20
N PRO R 53 -11.14 17.50 -66.00
CA PRO R 53 -12.43 18.10 -66.38
C PRO R 53 -13.42 18.18 -65.24
N SER R 54 -13.35 17.25 -64.27
CA SER R 54 -14.28 17.28 -63.15
C SER R 54 -13.96 18.41 -62.17
N ARG R 55 -12.71 18.86 -62.13
CA ARG R 55 -12.32 19.92 -61.21
C ARG R 55 -12.81 21.26 -61.69
N ARG R 56 -13.43 22.04 -60.79
CA ARG R 56 -13.82 23.41 -61.06
C ARG R 56 -13.47 24.23 -59.82
N GLY R 57 -12.27 24.77 -59.79
CA GLY R 57 -11.82 25.52 -58.64
C GLY R 57 -10.38 25.94 -58.79
N VAL R 58 -9.76 26.28 -57.66
CA VAL R 58 -8.39 26.77 -57.65
C VAL R 58 -7.45 25.60 -57.38
N VAL R 59 -6.46 25.43 -58.24
CA VAL R 59 -5.40 24.46 -57.99
C VAL R 59 -4.49 25.04 -56.92
N GLU R 60 -4.54 24.47 -55.72
CA GLU R 60 -3.83 25.04 -54.59
C GLU R 60 -2.34 24.80 -54.71
N ASP R 61 -1.56 25.87 -54.56
CA ASP R 61 -0.11 25.79 -54.60
C ASP R 61 0.43 25.83 -53.19
N PRO R 62 1.06 24.76 -52.70
CA PRO R 62 1.66 24.82 -51.36
C PRO R 62 2.78 25.81 -51.22
N ALA R 63 3.47 26.16 -52.32
CA ALA R 63 4.57 27.11 -52.25
C ALA R 63 4.05 28.51 -51.96
N LEU R 64 2.92 28.90 -52.55
CA LEU R 64 2.35 30.22 -52.31
C LEU R 64 1.87 30.35 -50.86
N ILE R 65 1.19 29.33 -50.35
CA ILE R 65 0.74 29.34 -48.96
C ILE R 65 1.93 29.35 -48.01
N ARG R 66 2.98 28.58 -48.35
CA ARG R 66 4.19 28.57 -47.54
C ARG R 66 4.86 29.93 -47.49
N TRP R 67 4.95 30.60 -48.64
CA TRP R 67 5.56 31.93 -48.69
C TRP R 67 4.73 32.96 -47.92
N THR R 68 3.40 32.93 -48.08
CA THR R 68 2.56 33.89 -47.38
C THR R 68 2.54 33.65 -45.89
N CYS R 69 2.64 32.39 -45.44
CA CYS R 69 2.73 32.13 -44.01
C CYS R 69 4.09 32.49 -43.44
N ALA R 70 5.16 32.29 -44.20
CA ALA R 70 6.49 32.64 -43.72
C ALA R 70 6.69 34.16 -43.68
N ARG R 71 6.00 34.89 -44.56
CA ARG R 71 6.18 36.34 -44.60
C ARG R 71 5.53 37.04 -43.42
N SER R 72 4.44 36.49 -42.89
CA SER R 72 3.63 37.19 -41.90
C SER R 72 3.63 36.52 -40.53
N ALA R 73 3.25 35.25 -40.46
CA ALA R 73 2.99 34.60 -39.18
C ALA R 73 4.19 33.83 -38.64
N ASN R 74 5.34 33.90 -39.29
CA ASN R 74 6.53 33.17 -38.86
C ASN R 74 7.73 34.09 -38.74
N VAL R 75 7.52 35.28 -38.18
CA VAL R 75 8.58 36.25 -37.96
C VAL R 75 8.97 36.31 -36.49
N TYR R 76 7.99 36.47 -35.61
CA TYR R 76 8.28 36.51 -34.17
C TYR R 76 8.83 35.21 -33.58
N PRO R 77 8.32 34.00 -33.89
CA PRO R 77 8.93 32.79 -33.30
C PRO R 77 10.36 32.53 -33.73
N ASN R 78 10.83 33.14 -34.82
CA ASN R 78 12.21 32.99 -35.28
C ASN R 78 13.07 34.20 -34.92
N PHE R 79 12.65 34.99 -33.94
CA PHE R 79 13.36 36.21 -33.55
C PHE R 79 14.01 36.01 -32.18
N ARG R 80 15.26 36.44 -32.08
CA ARG R 80 15.99 36.44 -30.81
C ARG R 80 16.56 37.83 -30.61
N PRO R 81 16.28 38.50 -29.48
CA PRO R 81 16.83 39.84 -29.25
C PRO R 81 18.33 39.78 -28.94
N ASN R 82 19.12 40.37 -29.83
CA ASN R 82 20.57 40.40 -29.65
C ASN R 82 21.10 41.80 -29.91
N THR R 83 22.43 41.93 -30.06
CA THR R 83 23.03 43.25 -30.27
C THR R 83 22.58 43.86 -31.60
N LYS R 84 22.55 43.06 -32.67
CA LYS R 84 22.24 43.58 -33.99
C LYS R 84 20.78 44.03 -34.07
N THR R 85 19.85 43.20 -33.59
CA THR R 85 18.45 43.54 -33.70
C THR R 85 18.07 44.70 -32.79
N SER R 86 18.62 44.74 -31.57
CA SER R 86 18.37 45.87 -30.68
C SER R 86 18.95 47.16 -31.22
N LEU R 87 20.16 47.10 -31.79
CA LEU R 87 20.76 48.29 -32.38
C LEU R 87 19.95 48.80 -33.56
N LEU R 88 19.49 47.88 -34.43
CA LEU R 88 18.68 48.28 -35.57
C LEU R 88 17.34 48.85 -35.13
N GLY R 89 16.71 48.24 -34.13
CA GLY R 89 15.44 48.75 -33.64
C GLY R 89 15.55 50.10 -32.97
N ALA R 90 16.63 50.32 -32.21
CA ALA R 90 16.85 51.62 -31.60
C ALA R 90 17.20 52.68 -32.64
N LEU R 91 17.90 52.30 -33.71
CA LEU R 91 18.23 53.26 -34.74
C LEU R 91 17.04 53.61 -35.62
N PHE R 92 16.15 52.66 -35.87
CA PHE R 92 15.05 52.88 -36.82
C PHE R 92 13.73 53.25 -36.16
N GLY R 93 13.56 52.99 -34.86
CA GLY R 93 12.30 53.27 -34.22
C GLY R 93 12.23 54.64 -33.57
N ILE R 94 13.21 54.96 -32.72
CA ILE R 94 13.21 56.19 -31.96
C ILE R 94 14.20 57.21 -32.50
N GLY R 95 14.98 56.84 -33.51
CA GLY R 95 15.88 57.78 -34.16
C GLY R 95 15.18 58.86 -34.94
N PRO R 96 14.42 58.47 -35.98
CA PRO R 96 13.64 59.47 -36.75
C PRO R 96 12.64 60.24 -35.91
N LEU R 97 12.04 59.63 -34.90
CA LEU R 97 11.11 60.35 -34.04
C LEU R 97 11.81 61.47 -33.29
N ILE R 98 12.99 61.19 -32.74
CA ILE R 98 13.77 62.22 -32.04
C ILE R 98 14.21 63.31 -33.01
N PHE R 99 14.64 62.92 -34.22
CA PHE R 99 15.10 63.88 -35.21
C PHE R 99 13.97 64.83 -35.62
N TRP R 100 12.79 64.28 -35.94
CA TRP R 100 11.68 65.11 -36.35
C TRP R 100 11.14 65.95 -35.19
N TYR R 101 11.15 65.41 -33.97
CA TYR R 101 10.73 66.19 -32.81
C TYR R 101 11.64 67.39 -32.60
N TYR R 102 12.96 67.19 -32.71
CA TYR R 102 13.88 68.30 -32.54
C TYR R 102 13.73 69.34 -33.64
N VAL R 103 13.55 68.89 -34.88
CA VAL R 103 13.39 69.81 -36.01
C VAL R 103 12.12 70.65 -35.84
N PHE R 104 11.00 70.00 -35.54
CA PHE R 104 9.74 70.72 -35.42
C PHE R 104 9.71 71.60 -34.18
N LYS R 105 10.32 71.17 -33.08
CA LYS R 105 10.40 72.01 -31.89
C LYS R 105 11.24 73.26 -32.14
N THR R 106 12.38 73.11 -32.82
CA THR R 106 13.20 74.28 -33.14
C THR R 106 12.48 75.23 -34.08
N ASP R 107 11.82 74.70 -35.11
CA ASP R 107 11.11 75.55 -36.05
C ASP R 107 9.95 76.28 -35.39
N ARG R 108 9.18 75.59 -34.54
CA ARG R 108 8.07 76.23 -33.86
C ARG R 108 8.54 77.26 -32.86
N ASP R 109 9.66 76.99 -32.16
CA ASP R 109 10.21 77.97 -31.24
C ASP R 109 10.67 79.22 -31.96
N ARG R 110 11.35 79.06 -33.10
CA ARG R 110 11.79 80.22 -33.87
C ARG R 110 10.61 81.02 -34.41
N LYS R 111 9.59 80.33 -34.93
CA LYS R 111 8.41 81.03 -35.44
C LYS R 111 7.66 81.75 -34.34
N GLU R 112 7.48 81.13 -33.17
CA GLU R 112 6.79 81.77 -32.07
C GLU R 112 7.58 82.97 -31.55
N LYS R 113 8.91 82.85 -31.46
CA LYS R 113 9.73 83.96 -31.00
C LYS R 113 9.68 85.12 -31.98
N LEU R 114 9.61 84.83 -33.28
CA LEU R 114 9.40 85.88 -34.26
C LEU R 114 8.01 86.50 -34.12
N ILE R 115 7.02 85.70 -33.73
CA ILE R 115 5.66 86.21 -33.59
C ILE R 115 5.55 87.20 -32.42
N GLN R 116 6.16 86.85 -31.27
CA GLN R 116 6.01 87.70 -30.08
C GLN R 116 6.63 89.08 -30.27
N GLU R 117 7.78 89.16 -30.93
CA GLU R 117 8.37 90.48 -31.18
C GLU R 117 7.75 91.22 -32.35
N GLY R 118 6.86 90.57 -33.10
CA GLY R 118 6.19 91.23 -34.20
C GLY R 118 6.98 91.32 -35.48
N LYS R 119 8.12 90.62 -35.58
CA LYS R 119 8.91 90.67 -36.81
C LYS R 119 8.30 89.83 -37.92
N LEU R 120 7.52 88.81 -37.58
CA LEU R 120 6.94 87.94 -38.60
C LEU R 120 5.82 88.65 -39.34
N ASP R 121 5.76 88.44 -40.67
CA ASP R 121 4.81 89.11 -41.52
C ASP R 121 3.48 88.36 -41.38
N ARG R 122 2.49 89.01 -40.79
CA ARG R 122 1.15 88.47 -40.64
C ARG R 122 0.12 89.54 -41.02
N THR R 123 0.37 90.21 -42.15
CA THR R 123 -0.47 91.34 -42.54
C THR R 123 -1.85 90.90 -42.99
N PHE R 124 -1.93 89.75 -43.67
CA PHE R 124 -3.20 89.26 -44.19
C PHE R 124 -3.57 87.87 -43.70
N ASN R 125 -2.75 87.26 -42.85
CA ASN R 125 -2.99 85.89 -42.40
C ASN R 125 -4.10 85.90 -41.36
N ILE R 126 -5.34 85.70 -41.80
CA ILE R 126 -6.49 85.62 -40.90
C ILE R 126 -7.18 84.27 -40.94
N SER R 127 -6.78 83.36 -41.83
CA SER R 127 -7.30 82.00 -41.85
C SER R 127 -6.19 81.07 -41.36
N TYR R 128 -6.52 80.26 -40.36
CA TYR R 128 -5.52 79.40 -39.72
C TYR R 128 -6.09 78.01 -39.47
N VAL S 1 -18.54 -65.83 53.85
CA VAL S 1 -17.72 -64.83 53.20
C VAL S 1 -18.05 -63.44 53.73
N LYS S 2 -17.14 -62.48 53.50
CA LYS S 2 -17.33 -61.10 53.94
C LYS S 2 -16.87 -60.17 52.83
N GLN S 3 -17.79 -59.39 52.29
CA GLN S 3 -17.49 -58.45 51.23
C GLN S 3 -18.21 -57.14 51.51
N ASP S 4 -17.93 -56.15 50.67
CA ASP S 4 -18.63 -54.87 50.73
C ASP S 4 -19.90 -54.98 49.90
N MET S 5 -21.05 -55.00 50.56
CA MET S 5 -22.34 -55.17 49.92
C MET S 5 -23.32 -54.18 50.52
N PRO S 6 -24.37 -53.82 49.79
CA PRO S 6 -25.47 -53.06 50.40
C PRO S 6 -26.28 -53.95 51.33
N PRO S 7 -27.04 -53.36 52.25
CA PRO S 7 -27.92 -54.17 53.12
C PRO S 7 -29.09 -54.77 52.38
N VAL S 8 -29.93 -55.51 53.11
CA VAL S 8 -31.08 -56.20 52.49
C VAL S 8 -32.09 -55.19 51.97
N GLY S 9 -32.41 -54.17 52.77
CA GLY S 9 -33.36 -53.15 52.36
C GLY S 9 -32.81 -52.03 51.53
N GLY S 10 -31.51 -52.06 51.21
CA GLY S 10 -30.89 -50.99 50.46
C GLY S 10 -30.57 -49.79 51.33
N TYR S 11 -30.01 -48.77 50.70
CA TYR S 11 -29.67 -47.55 51.39
C TYR S 11 -30.83 -46.56 51.32
N GLY S 12 -30.63 -45.38 51.90
CA GLY S 12 -31.66 -44.37 51.95
C GLY S 12 -31.77 -43.60 50.65
N PRO S 13 -32.69 -42.63 50.65
CA PRO S 13 -32.88 -41.81 49.46
C PRO S 13 -31.69 -40.87 49.22
N ILE S 14 -31.44 -40.59 47.95
CA ILE S 14 -30.37 -39.70 47.52
C ILE S 14 -30.92 -38.75 46.46
N ASP S 15 -30.79 -37.45 46.69
CA ASP S 15 -31.40 -36.44 45.83
C ASP S 15 -30.55 -36.15 44.61
N TYR S 16 -31.21 -35.85 43.50
CA TYR S 16 -30.52 -35.50 42.27
C TYR S 16 -31.24 -34.40 41.49
N LYS S 17 -32.10 -33.61 42.13
CA LYS S 17 -32.90 -32.62 41.43
C LYS S 17 -32.56 -31.22 41.92
N ARG S 18 -32.69 -30.25 41.02
CA ARG S 18 -32.41 -28.86 41.35
C ARG S 18 -33.43 -28.34 42.35
N ASN S 19 -32.94 -27.67 43.40
CA ASN S 19 -33.77 -27.18 44.50
C ASN S 19 -33.54 -25.68 44.68
N LEU S 20 -34.45 -24.87 44.16
CA LEU S 20 -34.45 -23.43 44.38
C LEU S 20 -35.76 -23.04 45.05
N PRO S 21 -35.74 -22.61 46.33
CA PRO S 21 -36.99 -22.48 47.08
C PRO S 21 -37.87 -21.29 46.67
N ARG S 22 -37.33 -20.33 45.92
CA ARG S 22 -38.04 -19.11 45.49
C ARG S 22 -38.55 -18.34 46.73
N ARG S 23 -37.57 -17.82 47.46
CA ARG S 23 -37.84 -17.01 48.64
C ARG S 23 -37.84 -15.53 48.29
N GLY S 24 -38.81 -14.80 48.84
CA GLY S 24 -38.88 -13.38 48.62
C GLY S 24 -40.31 -12.86 48.53
N LEU S 25 -40.44 -11.56 48.25
CA LEU S 25 -41.74 -10.92 48.11
C LEU S 25 -42.03 -10.64 46.64
N SER S 26 -43.30 -10.30 46.38
CA SER S 26 -43.70 -9.91 45.03
C SER S 26 -43.20 -8.50 44.73
N GLY S 27 -43.28 -8.13 43.45
CA GLY S 27 -42.78 -6.83 43.02
C GLY S 27 -43.55 -5.66 43.58
N TYR S 28 -44.88 -5.83 43.76
CA TYR S 28 -45.71 -4.77 44.30
C TYR S 28 -45.28 -4.40 45.72
N SER S 29 -44.91 -5.40 46.51
CA SER S 29 -44.53 -5.16 47.91
C SER S 29 -43.26 -4.32 47.99
N MET S 30 -42.21 -4.71 47.25
CA MET S 30 -40.96 -3.97 47.32
C MET S 30 -41.08 -2.59 46.69
N PHE S 31 -41.84 -2.46 45.61
CA PHE S 31 -42.06 -1.15 45.01
C PHE S 31 -42.82 -0.23 45.95
N ALA S 32 -43.84 -0.75 46.65
CA ALA S 32 -44.58 0.05 47.61
C ALA S 32 -43.70 0.45 48.79
N VAL S 33 -42.83 -0.46 49.23
CA VAL S 33 -41.90 -0.15 50.32
C VAL S 33 -40.96 0.99 49.91
N GLY S 34 -40.43 0.91 48.68
CA GLY S 34 -39.56 1.98 48.20
C GLY S 34 -40.27 3.32 48.07
N ILE S 35 -41.52 3.30 47.59
CA ILE S 35 -42.28 4.54 47.46
C ILE S 35 -42.57 5.13 48.83
N GLY S 36 -42.92 4.29 49.81
CA GLY S 36 -43.16 4.80 51.16
C GLY S 36 -41.91 5.38 51.80
N ALA S 37 -40.76 4.74 51.59
CA ALA S 37 -39.50 5.28 52.09
C ALA S 37 -39.18 6.62 51.44
N LEU S 38 -39.43 6.75 50.13
CA LEU S 38 -39.22 8.01 49.43
C LEU S 38 -40.11 9.11 50.00
N LEU S 39 -41.38 8.79 50.26
CA LEU S 39 -42.31 9.79 50.78
C LEU S 39 -41.92 10.23 52.18
N PHE S 40 -41.50 9.28 53.04
CA PHE S 40 -41.07 9.63 54.38
C PHE S 40 -39.82 10.52 54.35
N GLY S 41 -38.86 10.18 53.49
CA GLY S 41 -37.68 11.01 53.36
C GLY S 41 -37.99 12.40 52.85
N TYR S 42 -38.91 12.49 51.88
CA TYR S 42 -39.29 13.79 51.33
C TYR S 42 -39.96 14.67 52.38
N TRP S 43 -40.83 14.08 53.20
CA TRP S 43 -41.50 14.84 54.26
C TRP S 43 -40.51 15.33 55.31
N SER S 44 -39.60 14.45 55.76
CA SER S 44 -38.62 14.86 56.75
C SER S 44 -37.70 15.94 56.20
N MET S 45 -37.31 15.82 54.93
CA MET S 45 -36.45 16.81 54.31
C MET S 45 -37.15 18.15 54.15
N MET S 46 -38.45 18.13 53.84
CA MET S 46 -39.19 19.39 53.72
C MET S 46 -39.26 20.12 55.07
N ARG S 47 -39.47 19.36 56.16
CA ARG S 47 -39.56 20.00 57.47
C ARG S 47 -38.22 20.57 57.90
N TRP S 48 -37.14 19.78 57.76
CA TRP S 48 -35.83 20.25 58.18
C TRP S 48 -35.32 21.39 57.30
N ASN S 49 -35.65 21.39 56.01
CA ASN S 49 -35.20 22.46 55.14
C ASN S 49 -35.94 23.76 55.43
N ARG S 50 -37.24 23.69 55.76
CA ARG S 50 -37.95 24.90 56.17
C ARG S 50 -37.36 25.48 57.45
N GLU S 51 -37.05 24.62 58.42
CA GLU S 51 -36.44 25.09 59.66
C GLU S 51 -35.07 25.72 59.41
N ARG S 52 -34.28 25.10 58.51
CA ARG S 52 -32.96 25.64 58.20
C ARG S 52 -33.07 26.99 57.49
N ARG S 53 -34.07 27.16 56.63
CA ARG S 53 -34.29 28.45 55.99
C ARG S 53 -34.63 29.53 57.01
N ARG S 54 -35.46 29.20 58.00
CA ARG S 54 -35.79 30.17 59.04
C ARG S 54 -34.55 30.54 59.86
N LEU S 55 -33.71 29.55 60.18
CA LEU S 55 -32.48 29.83 60.92
C LEU S 55 -31.53 30.71 60.13
N GLN S 56 -31.42 30.46 58.82
CA GLN S 56 -30.57 31.28 57.97
C GLN S 56 -31.07 32.72 57.88
N ILE S 57 -32.40 32.89 57.82
CA ILE S 57 -32.97 34.24 57.82
C ILE S 57 -32.65 34.97 59.12
N GLU S 58 -32.74 34.25 60.25
CA GLU S 58 -32.41 34.85 61.54
C GLU S 58 -30.95 35.30 61.60
N ASP S 59 -30.03 34.45 61.12
CA ASP S 59 -28.62 34.82 61.12
C ASP S 59 -28.35 36.01 60.20
N PHE S 60 -29.03 36.05 59.05
CA PHE S 60 -28.84 37.17 58.13
C PHE S 60 -29.33 38.48 58.74
N GLU S 61 -30.47 38.45 59.43
CA GLU S 61 -30.93 39.69 60.05
C GLU S 61 -30.06 40.08 61.25
N ALA S 62 -29.40 39.11 61.89
CA ALA S 62 -28.39 39.45 62.89
C ALA S 62 -27.22 40.20 62.26
N ARG S 63 -26.78 39.76 61.08
CA ARG S 63 -25.73 40.51 60.37
C ARG S 63 -26.22 41.88 59.96
N ILE S 64 -27.48 41.99 59.56
CA ILE S 64 -28.07 43.28 59.20
C ILE S 64 -28.03 44.24 60.39
N ALA S 65 -28.33 43.73 61.58
CA ALA S 65 -28.25 44.55 62.78
C ALA S 65 -26.81 44.94 63.10
N LEU S 66 -25.86 44.05 62.83
CA LEU S 66 -24.47 44.33 63.19
C LEU S 66 -23.70 45.14 62.16
N MET S 67 -24.27 45.35 60.96
CA MET S 67 -23.52 45.99 59.88
C MET S 67 -23.03 47.43 60.14
N PRO S 68 -23.82 48.38 60.65
CA PRO S 68 -23.35 49.79 60.64
C PRO S 68 -22.13 50.07 61.53
N LEU S 69 -22.02 49.40 62.67
CA LEU S 69 -20.84 49.59 63.52
C LEU S 69 -19.57 49.13 62.81
N LEU S 70 -19.64 47.98 62.13
CA LEU S 70 -18.50 47.50 61.35
C LEU S 70 -18.19 48.44 60.20
N GLN S 71 -19.22 49.03 59.58
CA GLN S 71 -18.99 49.97 58.49
C GLN S 71 -18.26 51.22 58.98
N ALA S 72 -18.69 51.76 60.13
CA ALA S 72 -18.02 52.93 60.68
C ALA S 72 -16.59 52.62 61.09
N GLU S 73 -16.36 51.44 61.68
CA GLU S 73 -15.02 51.04 62.07
C GLU S 73 -14.11 50.88 60.86
N LYS S 74 -14.62 50.27 59.78
CA LYS S 74 -13.84 50.12 58.56
C LYS S 74 -13.52 51.47 57.93
N ASP S 75 -14.48 52.39 57.95
CA ASP S 75 -14.26 53.72 57.38
C ASP S 75 -13.16 54.46 58.13
N ARG S 76 -13.23 54.46 59.46
CA ARG S 76 -12.19 55.13 60.24
C ARG S 76 -10.84 54.44 60.09
N ARG S 77 -10.85 53.11 59.95
CA ARG S 77 -9.61 52.35 59.79
C ARG S 77 -8.91 52.70 58.48
N VAL S 78 -9.65 52.72 57.37
CA VAL S 78 -9.01 53.01 56.09
C VAL S 78 -8.61 54.48 56.01
N LEU S 79 -9.37 55.39 56.64
CA LEU S 79 -8.94 56.78 56.67
C LEU S 79 -7.67 56.96 57.48
N GLN S 80 -7.56 56.25 58.60
CA GLN S 80 -6.34 56.28 59.41
C GLN S 80 -5.14 55.75 58.62
N MET S 81 -5.33 54.64 57.91
CA MET S 81 -4.24 54.05 57.14
C MET S 81 -3.81 54.96 56.00
N LEU S 82 -4.77 55.60 55.31
CA LEU S 82 -4.43 56.51 54.22
C LEU S 82 -3.70 57.75 54.75
N ARG S 83 -4.14 58.29 55.89
CA ARG S 83 -3.44 59.43 56.47
C ARG S 83 -2.03 59.06 56.91
N GLU S 84 -1.86 57.86 57.49
CA GLU S 84 -0.54 57.41 57.92
C GLU S 84 0.39 57.22 56.72
N ASN S 85 -0.13 56.69 55.62
CA ASN S 85 0.68 56.55 54.41
C ASN S 85 0.99 57.90 53.77
N LEU S 86 0.08 58.87 53.92
CA LEU S 86 0.32 60.18 53.34
C LEU S 86 1.37 60.96 54.11
N GLU S 87 1.35 60.89 55.43
CA GLU S 87 2.30 61.66 56.24
C GLU S 87 3.73 61.14 56.08
N GLU S 88 3.90 59.84 55.87
CA GLU S 88 5.21 59.26 55.67
C GLU S 88 5.67 59.31 54.22
N GLU S 89 4.81 59.74 53.29
CA GLU S 89 5.22 59.91 51.91
C GLU S 89 6.04 61.18 51.75
N ALA S 90 5.71 62.22 52.50
CA ALA S 90 6.46 63.48 52.41
C ALA S 90 7.85 63.34 53.01
N THR S 91 7.98 62.56 54.08
CA THR S 91 9.29 62.35 54.70
C THR S 91 10.18 61.50 53.80
N ILE S 92 9.60 60.52 53.11
CA ILE S 92 10.39 59.66 52.23
C ILE S 92 10.83 60.42 50.99
N MET S 93 9.92 61.19 50.39
CA MET S 93 10.17 61.90 49.15
C MET S 93 10.15 63.40 49.42
N LYS S 94 11.30 63.95 49.78
CA LYS S 94 11.45 65.39 49.95
C LYS S 94 12.55 65.99 49.09
N ASP S 95 13.55 65.21 48.69
CA ASP S 95 14.62 65.70 47.86
C ASP S 95 14.43 65.40 46.37
N VAL S 96 13.38 64.66 46.01
CA VAL S 96 13.16 64.34 44.60
C VAL S 96 12.62 65.57 43.88
N PRO S 97 13.01 65.82 42.65
CA PRO S 97 12.50 67.00 41.92
C PRO S 97 11.21 66.71 41.17
N GLY S 98 10.33 67.70 41.18
CA GLY S 98 9.08 67.63 40.46
C GLY S 98 7.98 66.83 41.14
N TRP S 99 8.23 66.31 42.33
CA TRP S 99 7.23 65.50 43.03
C TRP S 99 6.23 66.39 43.76
N LYS S 100 4.98 65.92 43.80
CA LYS S 100 3.92 66.56 44.56
C LYS S 100 3.37 65.54 45.54
N VAL S 101 3.32 65.90 46.82
CA VAL S 101 2.92 64.96 47.86
C VAL S 101 1.40 64.90 47.89
N GLY S 102 0.87 63.68 47.85
CA GLY S 102 -0.57 63.48 47.90
C GLY S 102 -1.31 63.80 46.63
N GLU S 103 -0.63 63.80 45.50
CA GLU S 103 -1.28 64.08 44.22
C GLU S 103 -2.12 62.89 43.80
N SER S 104 -3.35 63.16 43.35
CA SER S 104 -4.23 62.10 42.88
C SER S 104 -3.84 61.69 41.46
N VAL S 105 -4.29 60.49 41.08
CA VAL S 105 -4.14 60.00 39.72
C VAL S 105 -5.43 60.13 38.91
N PHE S 106 -6.54 60.48 39.55
CA PHE S 106 -7.82 60.65 38.88
C PHE S 106 -8.11 62.14 38.72
N HIS S 107 -8.70 62.50 37.58
CA HIS S 107 -9.02 63.90 37.31
C HIS S 107 -10.17 64.41 38.14
N THR S 108 -11.03 63.53 38.64
CA THR S 108 -12.17 63.92 39.45
C THR S 108 -11.79 64.02 40.91
N THR S 109 -12.61 64.74 41.67
CA THR S 109 -12.43 64.87 43.12
C THR S 109 -13.36 63.95 43.91
N ARG S 110 -14.08 63.07 43.22
CA ARG S 110 -14.95 62.11 43.88
C ARG S 110 -14.10 61.06 44.61
N TRP S 111 -14.62 60.59 45.74
CA TRP S 111 -13.95 59.55 46.50
C TRP S 111 -13.99 58.23 45.74
N VAL S 112 -12.84 57.57 45.65
CA VAL S 112 -12.76 56.24 45.06
C VAL S 112 -12.40 55.24 46.15
N THR S 113 -12.71 53.99 45.89
CA THR S 113 -12.36 52.92 46.83
C THR S 113 -10.85 52.72 46.82
N PRO S 114 -10.18 52.76 47.97
CA PRO S 114 -8.73 52.57 47.99
C PRO S 114 -8.33 51.17 47.53
N MET S 115 -7.22 51.11 46.81
CA MET S 115 -6.67 49.87 46.29
C MET S 115 -5.66 49.32 47.30
N MET S 116 -5.50 47.99 47.32
CA MET S 116 -4.68 47.32 48.32
C MET S 116 -3.23 47.79 48.29
N GLY S 117 -2.72 48.16 47.11
CA GLY S 117 -1.39 48.74 47.06
C GLY S 117 -1.30 50.13 47.66
N GLU S 118 -2.40 50.86 47.70
CA GLU S 118 -2.38 52.21 48.26
C GLU S 118 -2.31 52.19 49.78
N LEU S 119 -2.82 51.13 50.41
CA LEU S 119 -2.85 51.04 51.87
C LEU S 119 -1.59 50.39 52.42
N TYR S 120 -1.32 49.15 52.01
CA TYR S 120 -0.24 48.35 52.55
C TYR S 120 1.08 48.52 51.79
N GLY S 121 1.29 49.65 51.14
CA GLY S 121 2.48 49.81 50.31
C GLY S 121 3.77 49.93 51.12
N LEU S 122 3.68 50.40 52.36
CA LEU S 122 4.85 50.68 53.17
C LEU S 122 4.83 49.86 54.46
N ARG S 123 4.42 48.60 54.37
CA ARG S 123 4.32 47.73 55.53
C ARG S 123 5.03 46.40 55.24
N THR S 124 5.25 45.64 56.31
CA THR S 124 5.96 44.38 56.22
C THR S 124 5.09 43.31 55.57
N GLY S 125 5.74 42.24 55.12
CA GLY S 125 5.08 41.23 54.31
C GLY S 125 4.10 40.36 55.05
N GLU S 126 4.24 40.23 56.38
CA GLU S 126 3.30 39.43 57.15
C GLU S 126 1.90 40.04 57.13
N GLU S 127 1.81 41.36 57.24
CA GLU S 127 0.51 42.02 57.13
C GLU S 127 -0.05 41.91 55.72
N ILE S 128 0.82 41.91 54.70
CA ILE S 128 0.37 41.69 53.32
C ILE S 128 -0.28 40.33 53.19
N LEU S 129 0.43 39.28 53.61
CA LEU S 129 -0.10 37.93 53.50
C LEU S 129 -1.32 37.71 54.39
N SER S 130 -1.44 38.45 55.49
CA SER S 130 -2.64 38.37 56.31
C SER S 130 -3.82 39.07 55.65
N SER S 131 -3.56 40.12 54.86
CA SER S 131 -4.65 40.93 54.32
C SER S 131 -5.12 40.45 52.95
N THR S 132 -4.24 40.45 51.95
CA THR S 132 -4.71 40.17 50.59
C THR S 132 -4.75 38.68 50.26
N TYR S 133 -4.22 37.82 51.12
CA TYR S 133 -4.27 36.39 50.90
C TYR S 133 -4.78 35.61 52.11
N GLY S 134 -5.23 36.31 53.15
CA GLY S 134 -5.62 35.62 54.37
C GLY S 134 -6.86 34.76 54.23
N PHE S 135 -7.87 35.26 53.51
CA PHE S 135 -9.13 34.54 53.41
C PHE S 135 -9.00 33.31 52.52
N ILE S 136 -8.36 33.45 51.37
CA ILE S 136 -8.26 32.33 50.43
C ILE S 136 -7.38 31.23 50.99
N TRP S 137 -6.29 31.59 51.67
CA TRP S 137 -5.38 30.61 52.22
C TRP S 137 -5.85 30.02 53.54
N TYR S 138 -6.95 30.52 54.11
CA TYR S 138 -7.43 30.04 55.41
C TYR S 138 -8.09 28.68 55.22
N THR S 139 -7.28 27.63 55.36
CA THR S 139 -7.72 26.23 55.37
C THR S 139 -8.50 25.83 54.12
N SER T 2 20.36 18.25 -82.89
CA SER T 2 19.50 17.08 -83.06
C SER T 2 18.17 17.48 -83.69
N GLY T 3 17.55 16.53 -84.39
CA GLY T 3 16.28 16.74 -85.03
C GLY T 3 15.12 16.41 -84.10
N TYR T 4 13.98 16.11 -84.72
CA TYR T 4 12.77 15.78 -83.97
C TYR T 4 12.82 14.31 -83.56
N THR T 5 12.68 14.04 -82.27
CA THR T 5 12.51 12.68 -81.79
C THR T 5 11.16 12.15 -82.30
N PRO T 6 11.10 10.91 -82.81
CA PRO T 6 9.86 10.43 -83.43
C PRO T 6 8.63 10.39 -82.52
N ASP T 7 8.81 10.13 -81.23
CA ASP T 7 7.66 10.08 -80.32
C ASP T 7 7.01 11.45 -80.16
N GLU T 8 7.82 12.47 -79.85
CA GLU T 8 7.26 13.80 -79.75
C GLU T 8 6.93 14.39 -81.12
N LYS T 9 7.51 13.87 -82.19
CA LYS T 9 7.04 14.24 -83.54
C LYS T 9 5.62 13.75 -83.76
N LEU T 10 5.33 12.51 -83.36
CA LEU T 10 3.96 12.00 -83.45
C LEU T 10 3.01 12.78 -82.56
N ARG T 11 3.47 13.13 -81.36
CA ARG T 11 2.66 13.95 -80.46
C ARG T 11 2.36 15.31 -81.07
N LEU T 12 3.36 15.94 -81.68
CA LEU T 12 3.17 17.23 -82.33
C LEU T 12 2.21 17.13 -83.51
N GLN T 13 2.30 16.04 -84.28
CA GLN T 13 1.40 15.85 -85.41
C GLN T 13 -0.05 15.70 -84.95
N GLN T 14 -0.28 14.88 -83.91
CA GLN T 14 -1.64 14.70 -83.41
C GLN T 14 -2.17 15.98 -82.76
N LEU T 15 -1.31 16.70 -82.04
CA LEU T 15 -1.72 17.95 -81.43
C LEU T 15 -2.06 19.00 -82.48
N ARG T 16 -1.29 19.03 -83.57
CA ARG T 16 -1.57 19.94 -84.68
C ARG T 16 -2.89 19.60 -85.36
N GLU T 17 -3.16 18.30 -85.53
CA GLU T 17 -4.43 17.89 -86.14
C GLU T 17 -5.61 18.30 -85.26
N LEU T 18 -5.49 18.08 -83.95
CA LEU T 18 -6.57 18.46 -83.03
C LEU T 18 -6.74 19.97 -82.98
N ARG T 19 -5.64 20.73 -83.02
CA ARG T 19 -5.71 22.18 -83.03
C ARG T 19 -6.38 22.70 -84.29
N ARG T 20 -6.07 22.08 -85.44
CA ARG T 20 -6.71 22.49 -86.69
C ARG T 20 -8.20 22.17 -86.67
N ARG T 21 -8.58 21.03 -86.10
CA ARG T 21 -10.00 20.71 -85.96
C ARG T 21 -10.71 21.72 -85.06
N TRP T 22 -10.07 22.10 -83.95
CA TRP T 22 -10.66 23.07 -83.03
C TRP T 22 -10.80 24.44 -83.69
N LEU T 23 -9.79 24.85 -84.47
CA LEU T 23 -9.86 26.12 -85.16
C LEU T 23 -10.91 26.11 -86.27
N LYS T 24 -11.10 24.96 -86.92
CA LYS T 24 -12.16 24.82 -87.92
C LYS T 24 -13.53 24.93 -87.24
N ASP T 25 -13.66 24.40 -86.03
CA ASP T 25 -14.93 24.46 -85.32
C ASP T 25 -15.30 25.87 -84.85
N GLN T 26 -14.39 26.84 -84.93
CA GLN T 26 -14.65 28.18 -84.43
C GLN T 26 -15.44 29.05 -85.41
N GLU T 27 -15.68 28.58 -86.62
CA GLU T 27 -16.40 29.39 -87.60
C GLU T 27 -17.89 29.44 -87.27
N LEU T 28 -18.59 30.39 -87.88
CA LEU T 28 -20.00 30.62 -87.63
C LEU T 28 -20.83 30.19 -88.82
N SER T 29 -21.99 29.60 -88.55
CA SER T 29 -22.99 29.37 -89.56
C SER T 29 -23.57 30.70 -90.02
N PRO T 30 -24.11 30.78 -91.23
CA PRO T 30 -24.71 32.03 -91.70
C PRO T 30 -25.90 32.50 -90.88
N ARG T 31 -26.59 31.61 -90.17
CA ARG T 31 -27.70 32.04 -89.32
C ARG T 31 -27.19 32.80 -88.09
N GLU T 32 -26.13 32.30 -87.47
CA GLU T 32 -25.61 32.94 -86.27
C GLU T 32 -24.88 34.23 -86.63
N PRO T 33 -24.99 35.28 -85.80
CA PRO T 33 -25.80 35.35 -84.58
C PRO T 33 -27.28 35.66 -84.84
N VAL T 34 -28.16 34.80 -84.33
CA VAL T 34 -29.61 34.98 -84.47
C VAL T 34 -30.05 35.99 -83.41
N LEU T 35 -30.15 37.26 -83.82
CA LEU T 35 -30.51 38.31 -82.89
C LEU T 35 -31.97 38.22 -82.49
N PRO T 36 -32.30 38.62 -81.26
CA PRO T 36 -33.71 38.72 -80.88
C PRO T 36 -34.40 39.82 -81.69
N PRO T 37 -35.70 39.68 -81.95
CA PRO T 37 -36.40 40.70 -82.74
C PRO T 37 -36.52 42.02 -81.99
N ARG T 38 -36.49 43.11 -82.73
CA ARG T 38 -36.54 44.44 -82.14
C ARG T 38 -37.96 44.79 -81.71
N ARG T 66 -34.94 64.11 -90.90
CA ARG T 66 -34.25 64.54 -89.70
C ARG T 66 -32.78 64.81 -90.00
N HIS T 67 -32.51 65.96 -90.62
CA HIS T 67 -31.16 66.34 -90.99
C HIS T 67 -30.51 67.33 -90.04
N SER T 68 -31.31 68.07 -89.26
CA SER T 68 -30.79 69.09 -88.35
C SER T 68 -31.12 68.75 -86.90
N ILE T 69 -31.16 67.47 -86.56
CA ILE T 69 -31.36 67.07 -85.17
C ILE T 69 -30.15 67.45 -84.33
N PHE T 70 -28.94 67.23 -84.87
CA PHE T 70 -27.73 67.56 -84.12
C PHE T 70 -27.54 69.07 -83.96
N ALA T 71 -27.99 69.85 -84.92
CA ALA T 71 -27.88 71.30 -84.80
C ALA T 71 -28.94 71.89 -83.86
N PHE T 72 -29.92 71.10 -83.45
CA PHE T 72 -31.02 71.58 -82.61
C PHE T 72 -30.95 71.03 -81.19
N THR T 73 -30.89 69.72 -81.04
CA THR T 73 -30.90 69.10 -79.71
C THR T 73 -29.55 69.18 -79.00
N HIS T 74 -28.48 69.58 -79.71
CA HIS T 74 -27.16 69.65 -79.12
C HIS T 74 -26.60 71.05 -78.99
N VAL T 75 -27.18 72.03 -79.68
CA VAL T 75 -26.69 73.40 -79.61
C VAL T 75 -27.79 74.34 -79.13
N LEU T 76 -28.93 74.34 -79.84
CA LEU T 76 -29.94 75.36 -79.62
C LEU T 76 -30.61 75.22 -78.26
N ILE T 77 -30.99 74.00 -77.88
CA ILE T 77 -31.62 73.76 -76.58
C ILE T 77 -30.67 74.05 -75.41
N PRO T 78 -29.40 73.60 -75.40
CA PRO T 78 -28.51 74.04 -74.32
C PRO T 78 -28.24 75.54 -74.32
N VAL T 79 -28.18 76.17 -75.49
CA VAL T 79 -28.00 77.62 -75.56
C VAL T 79 -29.18 78.33 -74.91
N TRP T 80 -30.40 77.88 -75.20
CA TRP T 80 -31.60 78.45 -74.57
C TRP T 80 -31.56 78.25 -73.06
N ILE T 81 -31.22 77.03 -72.62
CA ILE T 81 -31.25 76.70 -71.20
C ILE T 81 -30.25 77.55 -70.43
N ILE T 82 -29.00 77.61 -70.90
CA ILE T 82 -28.00 78.33 -70.13
C ILE T 82 -28.06 79.83 -70.37
N HIS T 83 -28.69 80.31 -71.46
CA HIS T 83 -28.92 81.73 -71.58
C HIS T 83 -29.99 82.18 -70.60
N TYR T 84 -31.04 81.36 -70.42
CA TYR T 84 -32.00 81.63 -69.35
C TYR T 84 -31.33 81.61 -67.99
N TYR T 85 -30.45 80.63 -67.77
CA TYR T 85 -29.77 80.49 -66.48
C TYR T 85 -28.86 81.67 -66.19
N LEU T 86 -28.15 82.17 -67.20
CA LEU T 86 -27.25 83.31 -67.00
C LEU T 86 -28.02 84.62 -66.90
N LYS T 87 -29.10 84.77 -67.67
CA LYS T 87 -29.81 86.04 -67.69
C LYS T 87 -30.65 86.24 -66.43
N TYR T 88 -31.31 85.19 -65.94
CA TYR T 88 -32.26 85.36 -64.86
C TYR T 88 -31.85 84.70 -63.56
N HIS T 89 -30.67 84.07 -63.48
CA HIS T 89 -30.23 83.50 -62.22
C HIS T 89 -28.77 83.75 -61.88
N VAL T 90 -27.91 84.11 -62.83
CA VAL T 90 -26.52 84.42 -62.53
C VAL T 90 -26.29 85.92 -62.44
N THR T 91 -26.77 86.67 -63.44
CA THR T 91 -26.65 88.12 -63.41
C THR T 91 -27.55 88.77 -62.37
N THR T 92 -28.54 88.05 -61.83
CA THR T 92 -29.33 88.56 -60.72
C THR T 92 -28.46 88.74 -59.48
N LYS T 93 -27.63 87.76 -59.16
CA LYS T 93 -26.72 87.88 -58.04
C LYS T 93 -25.59 88.86 -58.39
N PRO T 94 -25.12 89.64 -57.43
CA PRO T 94 -24.09 90.63 -57.73
C PRO T 94 -22.71 90.00 -57.87
N TYR T 95 -21.88 90.65 -58.70
CA TYR T 95 -20.47 90.33 -58.87
C TYR T 95 -20.24 88.89 -59.35
N THR T 96 -21.16 88.34 -60.12
CA THR T 96 -20.99 87.01 -60.69
C THR T 96 -20.28 87.07 -62.03
N ILE T 97 -20.85 87.82 -62.97
CA ILE T 97 -20.22 88.07 -64.27
C ILE T 97 -19.64 89.48 -64.21
N VAL T 98 -18.33 89.57 -64.03
CA VAL T 98 -17.62 90.85 -64.03
C VAL T 98 -16.75 90.92 -65.27
N GLU T 99 -16.86 92.03 -66.00
CA GLU T 99 -16.24 92.17 -67.30
C GLU T 99 -15.16 93.25 -67.24
N LYS T 100 -14.07 93.01 -67.96
CA LYS T 100 -13.09 94.07 -68.16
C LYS T 100 -13.72 95.21 -68.95
N LYS T 101 -13.44 96.44 -68.54
CA LYS T 101 -14.05 97.59 -69.19
C LYS T 101 -13.52 97.74 -70.61
N PRO T 102 -14.37 98.20 -71.54
CA PRO T 102 -13.92 98.37 -72.92
C PRO T 102 -12.85 99.44 -73.04
N ARG T 103 -11.97 99.25 -74.01
CA ARG T 103 -10.83 100.14 -74.19
C ARG T 103 -11.31 101.46 -74.77
N ILE T 104 -10.85 102.57 -74.17
CA ILE T 104 -11.20 103.91 -74.62
C ILE T 104 -9.98 104.54 -75.26
N PHE T 105 -10.11 104.94 -76.52
CA PHE T 105 -9.06 105.55 -77.30
C PHE T 105 -9.38 107.01 -77.57
N PRO T 106 -8.37 107.86 -77.76
CA PRO T 106 -8.65 109.24 -78.18
C PRO T 106 -9.30 109.28 -79.55
N GLY T 107 -10.26 110.18 -79.69
CA GLY T 107 -11.04 110.26 -80.91
C GLY T 107 -12.30 109.42 -80.92
N ASP T 108 -12.52 108.59 -79.90
CA ASP T 108 -13.72 107.77 -79.82
C ASP T 108 -14.88 108.62 -79.27
N THR T 109 -16.05 107.99 -79.20
CA THR T 109 -17.25 108.65 -78.69
C THR T 109 -18.00 107.68 -77.79
N ILE T 110 -18.29 108.10 -76.58
CA ILE T 110 -18.98 107.26 -75.60
C ILE T 110 -20.45 107.17 -75.97
N LEU T 111 -20.97 105.94 -76.03
CA LEU T 111 -22.38 105.73 -76.33
C LEU T 111 -23.29 106.05 -75.16
N GLU T 112 -22.78 106.02 -73.93
CA GLU T 112 -23.64 106.16 -72.75
C GLU T 112 -24.15 107.59 -72.60
N THR T 113 -23.27 108.57 -72.75
CA THR T 113 -23.66 109.96 -72.53
C THR T 113 -23.17 110.91 -73.62
N GLY T 114 -22.51 110.42 -74.66
CA GLY T 114 -22.19 111.24 -75.81
C GLY T 114 -20.96 112.09 -75.71
N GLU T 115 -20.15 111.94 -74.66
CA GLU T 115 -18.93 112.72 -74.56
C GLU T 115 -17.90 112.23 -75.58
N VAL T 116 -17.12 113.16 -76.09
CA VAL T 116 -16.08 112.87 -77.08
C VAL T 116 -14.72 113.02 -76.40
N ILE T 117 -13.89 112.00 -76.55
CA ILE T 117 -12.53 112.03 -76.02
C ILE T 117 -11.67 112.84 -76.99
N PRO T 118 -10.97 113.89 -76.52
CA PRO T 118 -10.22 114.73 -77.44
C PRO T 118 -9.03 113.99 -78.01
N PRO T 119 -8.61 114.32 -79.23
CA PRO T 119 -7.44 113.65 -79.82
C PRO T 119 -6.15 114.10 -79.15
N MET T 120 -5.09 113.35 -79.44
CA MET T 120 -3.82 113.55 -78.77
C MET T 120 -3.11 114.81 -79.27
N LYS T 121 -2.02 115.14 -78.59
CA LYS T 121 -1.17 116.25 -78.97
C LYS T 121 -0.51 115.95 -80.32
N GLU T 122 -0.25 117.01 -81.10
CA GLU T 122 0.33 116.88 -82.43
C GLU T 122 1.70 116.21 -82.36
N PHE T 123 1.91 115.24 -83.24
CA PHE T 123 3.06 114.35 -83.13
C PHE T 123 4.32 115.07 -83.62
N PRO T 124 5.42 114.99 -82.86
CA PRO T 124 6.71 115.43 -83.41
C PRO T 124 7.27 114.42 -84.39
N ASP T 125 6.89 114.55 -85.66
CA ASP T 125 7.17 113.54 -86.67
C ASP T 125 8.68 113.35 -86.87
N GLN T 126 9.06 112.09 -87.10
CA GLN T 126 10.46 111.71 -87.25
C GLN T 126 10.79 111.15 -88.63
N HIS T 127 9.81 110.67 -89.39
CA HIS T 127 10.07 110.12 -90.71
C HIS T 127 9.13 110.72 -91.74
N GLY U 1 29.15 92.51 -79.03
CA GLY U 1 29.55 91.37 -78.23
C GLY U 1 30.98 91.45 -77.72
N ALA U 2 31.76 92.34 -78.34
CA ALA U 2 33.15 92.50 -77.94
C ALA U 2 33.30 93.15 -76.58
N HIS U 3 32.26 93.84 -76.10
CA HIS U 3 32.35 94.51 -74.81
C HIS U 3 32.40 93.52 -73.65
N LEU U 4 31.79 92.34 -73.81
CA LEU U 4 31.93 91.29 -72.80
C LEU U 4 33.37 90.83 -72.70
N ALA U 5 34.05 90.68 -73.85
CA ALA U 5 35.46 90.30 -73.83
C ALA U 5 36.33 91.43 -73.29
N ARG U 6 35.94 92.69 -73.54
CA ARG U 6 36.73 93.82 -73.04
C ARG U 6 36.56 94.01 -71.54
N ARG U 7 35.41 93.62 -70.99
CA ARG U 7 35.15 93.79 -69.57
C ARG U 7 35.61 92.60 -68.75
N TYR U 8 35.34 91.38 -69.21
CA TYR U 8 35.70 90.19 -68.44
C TYR U 8 37.17 89.85 -68.61
N LEU U 9 37.61 89.64 -69.85
CA LEU U 9 38.99 89.27 -70.12
C LEU U 9 39.95 90.46 -70.08
N GLY U 10 39.42 91.69 -70.06
CA GLY U 10 40.26 92.86 -69.99
C GLY U 10 40.27 93.52 -68.63
N ASP U 11 39.85 94.78 -68.55
CA ASP U 11 39.78 95.52 -67.31
C ASP U 11 38.37 96.06 -67.12
N ALA U 12 37.82 95.84 -65.93
CA ALA U 12 36.45 96.24 -65.64
C ALA U 12 36.32 97.68 -65.16
N SER U 13 37.43 98.37 -64.93
CA SER U 13 37.37 99.75 -64.45
C SER U 13 37.07 100.75 -65.57
N VAL U 14 37.11 100.32 -66.82
CA VAL U 14 36.84 101.19 -67.95
C VAL U 14 35.48 100.90 -68.57
N GLU U 15 35.12 99.63 -68.66
CA GLU U 15 33.85 99.25 -69.28
C GLU U 15 32.70 99.58 -68.33
N PRO U 16 31.67 100.27 -68.79
CA PRO U 16 30.52 100.55 -67.93
C PRO U 16 29.70 99.29 -67.67
N GLU U 17 29.01 99.29 -66.54
CA GLU U 17 28.19 98.15 -66.16
C GLU U 17 26.72 98.45 -66.43
N PRO U 18 25.92 97.45 -66.82
CA PRO U 18 24.51 97.72 -67.12
C PRO U 18 23.63 97.84 -65.90
N LEU U 19 24.10 97.43 -64.73
CA LEU U 19 23.25 97.46 -63.54
C LEU U 19 22.98 98.87 -63.05
N ARG U 20 23.98 99.76 -63.17
CA ARG U 20 23.85 101.12 -62.68
C ARG U 20 24.42 102.10 -63.69
N MET U 21 23.55 102.84 -64.36
CA MET U 21 23.93 103.94 -65.24
C MET U 21 22.90 105.04 -65.11
N PRO U 22 23.28 106.31 -65.29
CA PRO U 22 24.66 106.79 -65.47
C PRO U 22 25.32 107.19 -64.15
N THR U 23 26.65 107.13 -64.11
CA THR U 23 27.40 107.65 -62.98
C THR U 23 27.87 109.07 -63.18
N PHE U 24 28.15 109.46 -64.43
CA PHE U 24 28.46 110.85 -64.72
C PHE U 24 27.20 111.70 -64.68
N PRO U 25 27.30 112.96 -64.26
CA PRO U 25 26.13 113.83 -64.28
C PRO U 25 25.70 114.11 -65.71
N PRO U 26 24.39 114.30 -65.95
CA PRO U 26 23.93 114.58 -67.32
C PRO U 26 24.28 115.99 -67.79
N ASP U 27 24.66 116.89 -66.89
CA ASP U 27 25.05 118.24 -67.25
C ASP U 27 26.55 118.40 -67.43
N TYR U 28 27.31 117.31 -67.30
CA TYR U 28 28.77 117.36 -67.44
C TYR U 28 29.13 117.11 -68.90
N GLY U 29 29.69 118.11 -69.56
CA GLY U 29 30.08 118.01 -70.94
C GLY U 29 28.98 118.31 -71.94
N PHE U 30 27.75 118.49 -71.47
CA PHE U 30 26.61 118.80 -72.35
C PHE U 30 26.09 120.19 -72.03
N PRO U 31 26.38 121.18 -72.88
CA PRO U 31 25.89 122.54 -72.62
C PRO U 31 24.39 122.69 -72.87
N GLU U 32 23.63 122.87 -71.80
CA GLU U 32 22.17 123.09 -71.83
C GLU U 32 21.44 121.95 -72.53
N ARG U 33 21.52 120.77 -71.92
CA ARG U 33 20.86 119.59 -72.44
C ARG U 33 19.35 119.71 -72.35
N LYS U 34 18.66 119.05 -73.26
CA LYS U 34 17.20 119.12 -73.38
C LYS U 34 16.58 117.79 -72.98
N GLU U 35 15.43 117.87 -72.31
CA GLU U 35 14.75 116.67 -71.82
C GLU U 35 13.78 116.14 -72.85
N ARG U 36 13.53 114.83 -72.79
CA ARG U 36 12.58 114.21 -73.69
C ARG U 36 11.16 114.63 -73.35
N GLU U 37 10.32 114.72 -74.39
CA GLU U 37 8.96 115.22 -74.25
C GLU U 37 7.96 114.08 -74.41
N MET U 38 6.96 114.05 -73.53
CA MET U 38 5.90 113.06 -73.54
C MET U 38 4.70 113.59 -74.30
N VAL U 39 4.21 112.83 -75.26
CA VAL U 39 3.03 113.22 -76.04
C VAL U 39 1.76 112.63 -75.45
N ALA U 40 1.80 111.36 -75.06
CA ALA U 40 0.63 110.70 -74.50
C ALA U 40 0.38 111.17 -73.07
N THR U 41 -0.85 111.60 -72.79
CA THR U 41 -1.23 112.05 -71.47
C THR U 41 -1.35 110.85 -70.52
N GLN U 42 -1.20 111.14 -69.22
CA GLN U 42 -1.30 110.07 -68.22
C GLN U 42 -2.70 109.48 -68.17
N GLN U 43 -3.72 110.31 -68.37
CA GLN U 43 -5.09 109.79 -68.40
C GLN U 43 -5.34 108.98 -69.66
N GLU U 44 -4.83 109.45 -70.80
CA GLU U 44 -4.98 108.71 -72.06
C GLU U 44 -4.24 107.39 -72.00
N MET U 45 -3.06 107.38 -71.38
CA MET U 45 -2.32 106.16 -71.15
C MET U 45 -3.00 105.27 -70.11
N ASN U 46 -3.81 105.87 -69.22
CA ASN U 46 -4.48 105.10 -68.18
C ASN U 46 -5.71 104.37 -68.71
N ASP U 47 -6.57 105.06 -69.45
CA ASP U 47 -7.81 104.44 -69.90
C ASP U 47 -7.65 103.63 -71.18
N ALA U 48 -6.47 103.61 -71.77
CA ALA U 48 -6.18 102.72 -72.88
C ALA U 48 -5.71 101.34 -72.44
N GLN U 49 -5.55 101.15 -71.12
CA GLN U 49 -5.16 99.87 -70.51
C GLN U 49 -3.87 99.32 -71.11
N LEU U 50 -2.88 100.20 -71.29
CA LEU U 50 -1.57 99.77 -71.77
C LEU U 50 -0.85 99.01 -70.68
N VAL U 51 -0.03 98.04 -71.09
CA VAL U 51 0.83 97.33 -70.16
C VAL U 51 1.89 98.29 -69.64
N LEU U 52 2.32 98.08 -68.40
CA LEU U 52 3.27 99.00 -67.76
C LEU U 52 4.62 99.00 -68.46
N GLN U 53 5.04 97.87 -69.00
CA GLN U 53 6.25 97.83 -69.80
C GLN U 53 6.06 98.46 -71.18
N GLN U 54 4.82 98.53 -71.66
CA GLN U 54 4.52 99.13 -72.95
C GLN U 54 4.36 100.64 -72.89
N ARG U 55 4.48 101.23 -71.70
CA ARG U 55 4.28 102.67 -71.52
C ARG U 55 5.60 103.42 -71.60
N ASP U 56 6.25 103.30 -72.77
CA ASP U 56 7.53 103.93 -73.01
C ASP U 56 7.32 105.39 -73.45
N TYR U 57 8.36 106.01 -73.97
CA TYR U 57 8.32 107.44 -74.27
C TYR U 57 7.61 107.77 -75.58
N CYS U 58 7.18 106.78 -76.36
CA CYS U 58 6.35 107.05 -77.53
C CYS U 58 5.23 106.03 -77.63
N ALA U 59 4.48 105.87 -76.54
CA ALA U 59 3.33 104.99 -76.52
C ALA U 59 2.15 105.52 -77.34
N HIS U 60 2.21 106.76 -77.84
CA HIS U 60 1.13 107.28 -78.66
C HIS U 60 1.04 106.53 -79.99
N TYR U 61 2.19 106.13 -80.54
CA TYR U 61 2.18 105.28 -81.73
C TYR U 61 1.52 103.94 -81.44
N LEU U 62 1.77 103.38 -80.26
CA LEU U 62 1.12 102.14 -79.85
C LEU U 62 -0.39 102.32 -79.70
N ILE U 63 -0.82 103.47 -79.15
CA ILE U 63 -2.24 103.74 -79.01
C ILE U 63 -2.91 103.86 -80.37
N ARG U 64 -2.26 104.56 -81.30
CA ARG U 64 -2.79 104.70 -82.66
C ARG U 64 -2.85 103.35 -83.36
N PHE U 65 -1.83 102.52 -83.19
CA PHE U 65 -1.81 101.20 -83.81
C PHE U 65 -2.91 100.30 -83.24
N LEU U 66 -3.12 100.36 -81.91
CA LEU U 66 -4.16 99.54 -81.30
C LEU U 66 -5.55 100.01 -81.75
N LYS U 67 -5.74 101.33 -81.88
CA LYS U 67 -7.00 101.84 -82.38
C LYS U 67 -7.26 101.40 -83.81
N CYS U 68 -6.22 101.43 -84.65
CA CYS U 68 -6.37 100.99 -86.05
C CYS U 68 -6.65 99.50 -86.12
N LYS U 69 -5.99 98.70 -85.28
CA LYS U 69 -6.23 97.26 -85.26
C LYS U 69 -7.65 96.95 -84.79
N ARG U 70 -8.15 97.70 -83.80
CA ARG U 70 -9.51 97.48 -83.32
C ARG U 70 -10.55 97.93 -84.34
N ASP U 71 -10.27 99.00 -85.09
CA ASP U 71 -11.26 99.56 -85.99
C ASP U 71 -11.17 99.02 -87.41
N SER U 72 -10.29 98.06 -87.69
CA SER U 72 -10.17 97.46 -89.01
C SER U 72 -10.49 95.96 -88.99
N PHE U 73 -11.29 95.54 -88.03
CA PHE U 73 -11.72 94.14 -87.96
C PHE U 73 -12.63 93.84 -89.15
N PRO U 74 -12.50 92.66 -89.78
CA PRO U 74 -11.56 91.57 -89.51
C PRO U 74 -10.28 91.60 -90.35
N ASN U 75 -10.00 92.71 -91.02
CA ASN U 75 -8.79 92.83 -91.83
C ASN U 75 -7.61 93.04 -90.88
N PHE U 76 -6.95 91.94 -90.52
CA PHE U 76 -5.87 92.00 -89.54
C PHE U 76 -4.55 92.46 -90.14
N LEU U 77 -4.43 92.51 -91.47
CA LEU U 77 -3.22 92.96 -92.13
C LEU U 77 -3.41 94.30 -92.85
N ALA U 78 -4.45 95.04 -92.48
CA ALA U 78 -4.82 96.24 -93.23
C ALA U 78 -3.82 97.38 -93.02
N CYS U 79 -3.47 97.66 -91.77
CA CYS U 79 -2.77 98.89 -91.43
C CYS U 79 -1.50 98.59 -90.64
N LYS U 80 -0.64 97.74 -91.20
CA LYS U 80 0.68 97.48 -90.64
C LYS U 80 1.60 98.70 -90.68
N HIS U 81 1.19 99.81 -91.31
CA HIS U 81 2.00 101.02 -91.34
C HIS U 81 2.16 101.62 -89.94
N GLU U 82 1.09 101.55 -89.13
CA GLU U 82 1.19 102.01 -87.74
C GLU U 82 2.15 101.14 -86.94
N GLN U 83 2.14 99.83 -87.20
CA GLN U 83 3.10 98.92 -86.58
C GLN U 83 4.53 99.27 -86.99
N HIS U 84 4.72 99.63 -88.25
CA HIS U 84 6.04 100.04 -88.72
C HIS U 84 6.49 101.34 -88.05
N ASP U 85 5.56 102.28 -87.86
CA ASP U 85 5.89 103.53 -87.16
C ASP U 85 6.30 103.26 -85.72
N TRP U 86 5.56 102.40 -85.04
CA TRP U 86 5.89 102.05 -83.66
C TRP U 86 7.24 101.34 -83.57
N ASP U 87 7.51 100.45 -84.53
CA ASP U 87 8.80 99.76 -84.55
C ASP U 87 9.94 100.73 -84.81
N TYR U 88 9.74 101.70 -85.70
CA TYR U 88 10.76 102.70 -85.96
C TYR U 88 11.02 103.57 -84.73
N CYS U 89 9.96 103.92 -84.00
CA CYS U 89 10.15 104.72 -82.80
C CYS U 89 10.91 103.96 -81.71
N GLU U 90 10.57 102.68 -81.50
CA GLU U 90 11.31 101.95 -80.48
C GLU U 90 12.73 101.64 -80.93
N HIS U 91 12.97 101.54 -82.24
CA HIS U 91 14.34 101.45 -82.75
C HIS U 91 15.12 102.72 -82.46
N LEU U 92 14.48 103.88 -82.62
CA LEU U 92 15.14 105.14 -82.28
C LEU U 92 15.43 105.23 -80.79
N ASP U 93 14.53 104.72 -79.96
CA ASP U 93 14.78 104.68 -78.52
C ASP U 93 15.97 103.78 -78.18
N TYR U 94 16.07 102.63 -78.85
CA TYR U 94 17.22 101.75 -78.65
C TYR U 94 18.51 102.40 -79.11
N VAL U 95 18.45 103.18 -80.21
CA VAL U 95 19.61 103.92 -80.68
C VAL U 95 20.05 104.95 -79.63
N LYS U 96 19.07 105.63 -79.02
CA LYS U 96 19.39 106.57 -77.95
C LYS U 96 20.05 105.88 -76.76
N ARG U 97 19.56 104.69 -76.40
CA ARG U 97 20.16 103.94 -75.30
C ARG U 97 21.59 103.50 -75.63
N MET U 98 21.84 103.10 -76.88
CA MET U 98 23.20 102.77 -77.31
C MET U 98 24.11 103.99 -77.26
N LYS U 99 23.58 105.15 -77.64
CA LYS U 99 24.35 106.39 -77.53
C LYS U 99 24.70 106.71 -76.09
N GLU U 100 23.76 106.48 -75.17
CA GLU U 100 24.04 106.70 -73.75
C GLU U 100 25.12 105.75 -73.24
N PHE U 101 25.07 104.48 -73.67
CA PHE U 101 26.11 103.51 -73.30
C PHE U 101 27.48 103.96 -73.81
N GLU U 102 27.55 104.39 -75.07
CA GLU U 102 28.82 104.82 -75.64
C GLU U 102 29.35 106.07 -74.95
N ARG U 103 28.46 107.00 -74.61
CA ARG U 103 28.85 108.19 -73.86
C ARG U 103 29.43 107.84 -72.51
N GLU U 104 28.78 106.91 -71.79
CA GLU U 104 29.29 106.49 -70.48
C GLU U 104 30.65 105.81 -70.60
N ARG U 105 30.82 104.95 -71.61
CA ARG U 105 32.10 104.27 -71.83
C ARG U 105 33.20 105.27 -72.13
N ARG U 106 32.93 106.24 -73.01
CA ARG U 106 33.94 107.22 -73.37
C ARG U 106 34.29 108.13 -72.19
N LEU U 107 33.30 108.49 -71.37
CA LEU U 107 33.59 109.31 -70.19
C LEU U 107 34.41 108.53 -69.16
N LEU U 108 34.13 107.23 -69.00
CA LEU U 108 34.94 106.42 -68.10
C LEU U 108 36.37 106.30 -68.60
N GLN U 109 36.55 106.13 -69.91
CA GLN U 109 37.89 106.08 -70.50
C GLN U 109 38.62 107.40 -70.30
N ARG U 110 37.90 108.53 -70.44
CA ARG U 110 38.50 109.83 -70.20
C ARG U 110 38.93 110.00 -68.74
N LYS U 111 38.10 109.51 -67.80
CA LYS U 111 38.47 109.58 -66.39
C LYS U 111 39.71 108.74 -66.09
N LYS U 112 39.80 107.55 -66.70
CA LYS U 112 41.00 106.72 -66.56
C LYS U 112 42.22 107.42 -67.13
N ARG U 113 42.07 108.07 -68.28
CA ARG U 113 43.17 108.84 -68.87
C ARG U 113 43.59 110.00 -67.96
N ARG U 114 42.62 110.65 -67.32
CA ARG U 114 42.92 111.75 -66.41
C ARG U 114 43.72 111.27 -65.20
N GLU U 115 43.29 110.16 -64.58
CA GLU U 115 44.07 109.63 -63.47
C GLU U 115 45.43 109.08 -63.90
N GLN U 116 45.53 108.55 -65.12
CA GLN U 116 46.84 108.12 -65.62
C GLN U 116 47.76 109.32 -65.82
N ARG U 117 47.23 110.44 -66.29
CA ARG U 117 48.03 111.65 -66.40
C ARG U 117 48.45 112.17 -65.03
N GLU U 118 47.56 112.08 -64.03
CA GLU U 118 47.92 112.45 -62.66
C GLU U 118 49.02 111.56 -62.12
N ALA U 119 48.96 110.26 -62.44
CA ALA U 119 50.04 109.35 -62.05
C ALA U 119 51.34 109.70 -62.77
N ASP U 120 51.25 110.15 -64.01
CA ASP U 120 52.45 110.49 -64.77
C ASP U 120 53.12 111.74 -64.24
N MET U 121 52.35 112.78 -63.92
CA MET U 121 52.98 114.02 -63.46
C MET U 121 53.51 113.89 -62.04
N ALA U 122 52.84 113.12 -61.20
CA ALA U 122 53.30 112.91 -59.82
C ALA U 122 54.28 111.75 -59.75
N ALA V 1 21.35 26.94 -68.45
CA ALA V 1 21.04 25.54 -68.20
C ALA V 1 19.59 25.36 -67.77
N PHE V 2 18.68 26.06 -68.46
CA PHE V 2 17.26 26.00 -68.17
C PHE V 2 16.53 25.65 -69.47
N LEU V 3 16.20 24.37 -69.64
CA LEU V 3 15.55 23.88 -70.84
C LEU V 3 14.32 23.07 -70.47
N PRO V 4 13.30 23.07 -71.33
CA PRO V 4 12.10 22.28 -71.01
C PRO V 4 12.30 20.79 -71.14
N SER V 5 13.06 20.34 -72.13
CA SER V 5 13.26 18.91 -72.39
C SER V 5 14.59 18.39 -71.86
N ALA V 6 15.65 19.19 -71.95
CA ALA V 6 16.98 18.77 -71.52
C ALA V 6 17.35 19.43 -70.19
N ALA V 7 18.45 18.95 -69.61
CA ALA V 7 18.94 19.46 -68.34
C ALA V 7 20.12 20.41 -68.49
N TYR V 8 20.69 20.51 -69.68
CA TYR V 8 21.89 21.32 -69.88
C TYR V 8 21.99 21.68 -71.36
N LEU V 9 22.87 22.63 -71.64
CA LEU V 9 23.17 23.05 -73.01
C LEU V 9 24.53 22.48 -73.41
N THR V 10 24.57 21.78 -74.53
CA THR V 10 25.82 21.20 -75.00
C THR V 10 26.68 22.28 -75.66
N HIS V 11 27.87 21.88 -76.10
CA HIS V 11 28.80 22.82 -76.72
C HIS V 11 28.27 23.33 -78.06
N GLN V 12 27.67 22.45 -78.86
CA GLN V 12 27.19 22.82 -80.18
C GLN V 12 26.07 23.84 -80.10
N GLN V 13 25.14 23.65 -79.17
CA GLN V 13 24.05 24.61 -79.00
C GLN V 13 24.58 25.95 -78.50
N LYS V 14 25.61 25.93 -77.64
CA LYS V 14 26.22 27.17 -77.18
C LYS V 14 26.85 27.94 -78.33
N VAL V 15 27.58 27.24 -79.20
CA VAL V 15 28.20 27.90 -80.35
C VAL V 15 27.15 28.45 -81.31
N LEU V 16 26.09 27.66 -81.56
CA LEU V 16 25.04 28.11 -82.47
C LEU V 16 24.30 29.32 -81.91
N GLN V 17 24.00 29.33 -80.62
CA GLN V 17 23.30 30.47 -80.01
C GLN V 17 24.19 31.71 -80.00
N LEU V 18 25.48 31.54 -79.73
CA LEU V 18 26.41 32.66 -79.80
C LEU V 18 26.50 33.22 -81.21
N TYR V 19 26.53 32.34 -82.22
CA TYR V 19 26.56 32.80 -83.61
C TYR V 19 25.30 33.56 -83.98
N LYS V 20 24.14 33.07 -83.55
CA LYS V 20 22.87 33.74 -83.84
C LYS V 20 22.81 35.10 -83.18
N ARG V 21 23.20 35.19 -81.90
CA ARG V 21 23.17 36.47 -81.20
C ARG V 21 24.17 37.47 -81.78
N ALA V 22 25.37 36.97 -82.16
CA ALA V 22 26.36 37.85 -82.76
C ALA V 22 25.89 38.37 -84.11
N LEU V 23 25.26 37.51 -84.92
CA LEU V 23 24.76 37.97 -86.21
C LEU V 23 23.61 38.96 -86.04
N ARG V 24 22.73 38.75 -85.06
CA ARG V 24 21.64 39.70 -84.82
C ARG V 24 22.18 41.05 -84.36
N HIS V 25 23.16 41.04 -83.46
CA HIS V 25 23.73 42.30 -83.00
C HIS V 25 24.53 42.99 -84.11
N LEU V 26 25.20 42.23 -84.97
CA LEU V 26 25.87 42.82 -86.12
C LEU V 26 24.88 43.44 -87.08
N GLU V 27 23.73 42.79 -87.30
CA GLU V 27 22.68 43.38 -88.12
C GLU V 27 22.15 44.66 -87.49
N SER V 28 22.06 44.70 -86.17
CA SER V 28 21.63 45.93 -85.49
C SER V 28 22.68 47.03 -85.60
N ARG V 29 23.96 46.67 -85.67
CA ARG V 29 25.02 47.69 -85.67
C ARG V 29 25.05 48.46 -86.99
N CYS V 30 25.03 47.77 -88.13
CA CYS V 30 25.04 48.42 -89.43
C CYS V 30 23.64 48.35 -90.03
N VAL V 31 23.10 49.52 -90.37
CA VAL V 31 21.69 49.61 -90.75
C VAL V 31 21.45 48.98 -92.12
N HIS V 32 22.34 49.21 -93.07
CA HIS V 32 22.08 48.86 -94.46
C HIS V 32 22.31 47.37 -94.70
N ARG V 33 21.69 46.87 -95.77
CA ARG V 33 21.70 45.43 -96.05
C ARG V 33 23.03 44.96 -96.61
N ASP V 34 23.65 45.75 -97.49
CA ASP V 34 24.89 45.32 -98.13
C ASP V 34 26.05 45.29 -97.15
N LYS V 35 26.15 46.31 -96.28
CA LYS V 35 27.18 46.31 -95.26
C LYS V 35 27.00 45.16 -94.28
N TYR V 36 25.76 44.89 -93.90
CA TYR V 36 25.47 43.75 -93.03
C TYR V 36 25.84 42.44 -93.70
N ARG V 37 25.57 42.32 -95.01
CA ARG V 37 25.92 41.10 -95.73
C ARG V 37 27.42 40.90 -95.79
N TYR V 38 28.16 41.99 -96.05
CA TYR V 38 29.62 41.92 -96.08
C TYR V 38 30.18 41.49 -94.73
N PHE V 39 29.73 42.13 -93.64
CA PHE V 39 30.26 41.78 -92.34
C PHE V 39 29.75 40.44 -91.82
N ALA V 40 28.58 40.00 -92.30
CA ALA V 40 28.11 38.66 -91.96
C ALA V 40 28.94 37.59 -92.65
N CYS V 41 29.37 37.85 -93.89
CA CYS V 41 30.31 36.95 -94.54
C CYS V 41 31.66 36.93 -93.83
N LEU V 42 32.10 38.09 -93.34
CA LEU V 42 33.34 38.16 -92.56
C LEU V 42 33.23 37.35 -91.26
N LEU V 43 32.11 37.49 -90.55
CA LEU V 43 31.89 36.73 -89.33
C LEU V 43 31.76 35.23 -89.62
N ARG V 44 31.18 34.88 -90.76
CA ARG V 44 31.07 33.48 -91.15
C ARG V 44 32.46 32.91 -91.41
N ALA V 45 33.35 33.70 -92.01
CA ALA V 45 34.75 33.28 -92.15
C ALA V 45 35.42 33.10 -90.79
N ARG V 46 35.18 34.03 -89.88
CA ARG V 46 35.79 33.95 -88.56
C ARG V 46 35.32 32.71 -87.79
N PHE V 47 34.05 32.34 -87.95
CA PHE V 47 33.55 31.14 -87.30
C PHE V 47 33.98 29.87 -88.02
N ASP V 48 34.12 29.92 -89.35
CA ASP V 48 34.50 28.74 -90.13
C ASP V 48 35.99 28.44 -90.05
N GLU V 49 36.80 29.43 -89.64
CA GLU V 49 38.24 29.20 -89.52
C GLU V 49 38.54 28.16 -88.45
N HIS V 50 37.80 28.18 -87.35
CA HIS V 50 38.04 27.29 -86.21
C HIS V 50 36.98 26.20 -86.09
N LYS V 51 36.42 25.77 -87.22
CA LYS V 51 35.36 24.76 -87.17
C LYS V 51 35.90 23.40 -86.77
N ASN V 52 36.97 22.96 -87.41
CA ASN V 52 37.50 21.61 -87.20
C ASN V 52 38.61 21.65 -86.15
N GLU V 53 38.20 21.90 -84.92
CA GLU V 53 39.10 21.94 -83.77
C GLU V 53 38.72 20.78 -82.85
N LYS V 54 39.54 19.74 -82.85
CA LYS V 54 39.23 18.54 -82.06
C LYS V 54 39.64 18.67 -80.61
N ASP V 55 40.43 19.68 -80.25
CA ASP V 55 40.81 19.90 -78.86
C ASP V 55 39.64 20.53 -78.11
N MET V 56 39.13 19.83 -77.11
CA MET V 56 37.89 20.24 -76.47
C MET V 56 38.10 21.48 -75.59
N VAL V 57 39.19 21.50 -74.81
CA VAL V 57 39.44 22.64 -73.94
C VAL V 57 39.84 23.88 -74.74
N LYS V 58 40.45 23.67 -75.91
CA LYS V 58 40.73 24.80 -76.79
C LYS V 58 39.43 25.37 -77.36
N ALA V 59 38.48 24.50 -77.67
CA ALA V 59 37.16 24.96 -78.09
C ALA V 59 36.45 25.71 -76.97
N THR V 60 36.60 25.23 -75.73
CA THR V 60 36.02 25.93 -74.59
C THR V 60 36.62 27.32 -74.41
N GLN V 61 37.95 27.43 -74.52
CA GLN V 61 38.59 28.73 -74.37
C GLN V 61 38.25 29.66 -75.53
N LEU V 62 38.13 29.11 -76.74
CA LEU V 62 37.68 29.91 -77.88
C LEU V 62 36.25 30.41 -77.65
N LEU V 63 35.39 29.57 -77.07
CA LEU V 63 34.03 30.00 -76.74
C LEU V 63 34.03 31.10 -75.70
N ARG V 64 34.87 30.99 -74.67
CA ARG V 64 34.95 32.02 -73.64
C ARG V 64 35.44 33.35 -74.19
N GLU V 65 36.50 33.30 -75.01
CA GLU V 65 37.02 34.55 -75.57
C GLU V 65 36.08 35.14 -76.60
N ALA V 66 35.33 34.31 -77.33
CA ALA V 66 34.33 34.82 -78.26
C ALA V 66 33.16 35.46 -77.52
N GLU V 67 32.77 34.88 -76.39
CA GLU V 67 31.71 35.48 -75.59
C GLU V 67 32.15 36.81 -75.00
N LYS V 68 33.41 36.90 -74.54
CA LYS V 68 33.92 38.18 -74.06
C LYS V 68 33.99 39.21 -75.19
N GLU V 69 34.38 38.77 -76.39
CA GLU V 69 34.41 39.65 -77.55
C GLU V 69 33.02 40.16 -77.91
N PHE V 70 32.02 39.28 -77.86
CA PHE V 70 30.65 39.69 -78.14
C PHE V 70 30.12 40.66 -77.07
N TRP V 71 30.43 40.39 -75.80
CA TRP V 71 29.97 41.28 -74.74
C TRP V 71 30.67 42.63 -74.79
N HIS V 72 31.89 42.68 -75.32
CA HIS V 72 32.60 43.95 -75.42
C HIS V 72 31.97 44.86 -76.47
N GLY V 73 31.51 44.29 -77.58
CA GLY V 73 31.09 45.11 -78.70
C GLY V 73 29.67 44.89 -79.19
N GLN V 74 28.73 44.70 -78.27
CA GLN V 74 27.34 44.56 -78.66
C GLN V 74 26.64 45.91 -78.65
N HIS V 75 25.52 45.98 -79.38
CA HIS V 75 24.77 47.21 -79.48
C HIS V 75 24.08 47.52 -78.14
N PRO V 76 24.08 48.79 -77.71
CA PRO V 76 23.33 49.14 -76.49
C PRO V 76 21.84 48.90 -76.60
N GLN V 77 21.27 49.11 -77.78
CA GLN V 77 19.83 48.88 -78.02
C GLN V 77 19.71 48.03 -79.27
N PRO V 78 19.76 46.71 -79.14
CA PRO V 78 19.63 45.85 -80.30
C PRO V 78 18.21 45.82 -80.83
N TYR V 79 18.08 45.42 -82.09
CA TYR V 79 16.76 45.32 -82.71
C TYR V 79 15.99 44.15 -82.13
N ILE V 80 14.76 44.40 -81.71
CA ILE V 80 13.88 43.39 -81.14
C ILE V 80 12.65 43.28 -82.02
N PHE V 81 12.27 42.05 -82.36
CA PHE V 81 11.05 41.83 -83.12
C PHE V 81 9.85 42.26 -82.28
N PRO V 82 8.79 42.78 -82.92
CA PRO V 82 7.65 43.30 -82.14
C PRO V 82 6.95 42.26 -81.29
N GLU V 83 6.86 41.01 -81.74
CA GLU V 83 6.25 39.96 -80.92
C GLU V 83 7.25 39.26 -80.01
N SER V 84 8.55 39.53 -80.18
CA SER V 84 9.53 38.96 -79.28
C SER V 84 9.43 39.62 -77.90
N PRO V 85 9.81 38.92 -76.84
CA PRO V 85 9.84 39.55 -75.51
C PRO V 85 10.80 40.73 -75.47
N GLY V 86 10.38 41.78 -74.76
CA GLY V 86 11.09 43.03 -74.79
C GLY V 86 10.76 43.92 -75.97
N GLY V 87 9.84 43.51 -76.84
CA GLY V 87 9.46 44.30 -77.99
C GLY V 87 8.35 45.28 -77.66
N THR V 88 7.98 46.06 -78.69
CA THR V 88 6.93 47.06 -78.52
C THR V 88 5.54 46.43 -78.46
N SER V 89 5.33 45.36 -79.22
CA SER V 89 4.03 44.70 -79.30
C SER V 89 3.97 43.42 -78.48
N TYR V 90 4.95 43.19 -77.60
CA TYR V 90 4.98 41.96 -76.83
C TYR V 90 3.85 41.92 -75.81
N GLU V 91 3.22 40.75 -75.69
CA GLU V 91 2.08 40.41 -74.84
C GLU V 91 1.01 41.51 -74.81
N ARG V 92 0.78 42.15 -75.95
CA ARG V 92 -0.19 43.24 -76.02
C ARG V 92 -1.62 42.72 -75.98
N TYR V 93 -1.89 41.62 -76.68
CA TYR V 93 -3.23 41.09 -76.84
C TYR V 93 -3.62 40.10 -75.75
N GLU V 94 -2.89 40.09 -74.63
CA GLU V 94 -3.28 39.23 -73.51
C GLU V 94 -4.51 39.77 -72.79
N CYS V 95 -4.88 41.02 -73.03
CA CYS V 95 -6.11 41.58 -72.49
C CYS V 95 -7.35 41.14 -73.27
N TYR V 96 -7.17 40.46 -74.40
CA TYR V 96 -8.28 39.95 -75.19
C TYR V 96 -8.30 38.44 -75.26
N LYS V 97 -7.34 37.76 -74.62
CA LYS V 97 -7.28 36.29 -74.63
C LYS V 97 -8.17 35.77 -73.51
N VAL V 98 -9.47 35.81 -73.75
CA VAL V 98 -10.45 35.30 -72.78
C VAL V 98 -10.42 33.78 -72.81
N PRO V 99 -10.30 33.11 -71.66
CA PRO V 99 -10.29 31.65 -71.64
C PRO V 99 -11.64 31.06 -72.03
N GLU V 100 -11.61 29.80 -72.46
CA GLU V 100 -12.80 29.17 -73.04
C GLU V 100 -13.87 28.88 -71.98
N TRP V 101 -13.47 28.59 -70.74
CA TRP V 101 -14.43 28.17 -69.73
C TRP V 101 -15.40 29.28 -69.33
N CYS V 102 -15.13 30.53 -69.68
CA CYS V 102 -16.10 31.61 -69.48
C CYS V 102 -17.38 31.35 -70.26
N LEU V 103 -17.28 30.64 -71.40
CA LEU V 103 -18.47 30.25 -72.14
C LEU V 103 -19.37 29.30 -71.36
N ASP V 104 -18.84 28.62 -70.33
CA ASP V 104 -19.68 27.82 -69.47
C ASP V 104 -20.57 28.66 -68.56
N ASP V 105 -20.22 29.93 -68.36
CA ASP V 105 -20.97 30.79 -67.46
C ASP V 105 -21.94 31.71 -68.18
N TRP V 106 -22.12 31.53 -69.49
CA TRP V 106 -23.01 32.37 -70.27
C TRP V 106 -24.46 32.07 -69.94
N HIS V 107 -25.29 33.11 -70.05
CA HIS V 107 -26.72 32.96 -69.82
C HIS V 107 -27.35 32.15 -70.95
N PRO V 108 -28.41 31.39 -70.66
CA PRO V 108 -29.11 30.68 -71.74
C PRO V 108 -29.76 31.57 -72.78
N SER V 109 -30.04 32.84 -72.45
CA SER V 109 -30.59 33.75 -73.45
C SER V 109 -29.53 34.12 -74.48
N GLU V 110 -28.31 34.40 -74.04
CA GLU V 110 -27.22 34.67 -74.97
C GLU V 110 -26.53 33.41 -75.47
N LYS V 111 -26.85 32.25 -74.90
CA LYS V 111 -26.38 30.99 -75.46
C LYS V 111 -27.21 30.55 -76.66
N ALA V 112 -28.40 31.12 -76.84
CA ALA V 112 -29.23 30.79 -77.98
C ALA V 112 -28.88 31.59 -79.22
N MET V 113 -27.99 32.57 -79.11
CA MET V 113 -27.56 33.33 -80.27
C MET V 113 -26.59 32.56 -81.16
N TYR V 114 -25.93 31.55 -80.61
CA TYR V 114 -24.98 30.71 -81.36
C TYR V 114 -25.28 29.25 -81.05
N PRO V 115 -26.34 28.68 -81.65
CA PRO V 115 -26.73 27.30 -81.31
C PRO V 115 -25.74 26.23 -81.76
N ASP V 116 -25.31 26.29 -83.02
CA ASP V 116 -24.46 25.25 -83.58
C ASP V 116 -23.07 25.26 -82.94
N TYR V 117 -22.54 26.44 -82.65
CA TYR V 117 -21.24 26.53 -82.00
C TYR V 117 -21.28 25.91 -80.61
N PHE V 118 -22.35 26.14 -79.86
CA PHE V 118 -22.43 25.55 -78.54
C PHE V 118 -22.74 24.05 -78.60
N ALA V 119 -23.40 23.59 -79.68
CA ALA V 119 -23.55 22.15 -79.89
C ALA V 119 -22.18 21.50 -80.12
N LYS V 120 -21.34 22.11 -80.96
CA LYS V 120 -20.00 21.60 -81.18
C LYS V 120 -19.16 21.69 -79.91
N ARG V 121 -19.36 22.72 -79.09
CA ARG V 121 -18.66 22.82 -77.82
C ARG V 121 -19.07 21.70 -76.87
N GLU V 122 -20.36 21.35 -76.84
CA GLU V 122 -20.82 20.23 -76.03
C GLU V 122 -20.22 18.92 -76.51
N GLN V 123 -20.10 18.75 -77.83
CA GLN V 123 -19.45 17.56 -78.37
C GLN V 123 -17.98 17.49 -77.97
N TRP V 124 -17.29 18.64 -78.01
CA TRP V 124 -15.89 18.68 -77.59
C TRP V 124 -15.74 18.34 -76.12
N LYS V 125 -16.64 18.86 -75.27
CA LYS V 125 -16.59 18.55 -73.84
C LYS V 125 -16.86 17.08 -73.58
N LYS V 126 -17.79 16.49 -74.33
CA LYS V 126 -18.04 15.06 -74.20
C LYS V 126 -16.82 14.23 -74.60
N LEU V 127 -16.15 14.64 -75.68
CA LEU V 127 -14.93 13.94 -76.10
C LEU V 127 -13.83 14.03 -75.05
N ARG V 128 -13.64 15.22 -74.46
CA ARG V 128 -12.62 15.40 -73.44
C ARG V 128 -12.93 14.57 -72.20
N ARG V 129 -14.19 14.60 -71.75
CA ARG V 129 -14.52 13.89 -70.52
C ARG V 129 -14.60 12.38 -70.74
N GLU V 130 -14.74 11.91 -71.97
CA GLU V 130 -14.66 10.47 -72.20
C GLU V 130 -13.24 9.99 -72.48
N SER V 131 -12.32 10.88 -72.87
CA SER V 131 -10.94 10.48 -73.09
C SER V 131 -10.03 10.75 -71.89
N TRP V 132 -10.52 11.47 -70.88
CA TRP V 132 -9.66 11.88 -69.77
C TRP V 132 -9.13 10.69 -68.97
N GLU V 133 -9.99 9.74 -68.64
CA GLU V 133 -9.54 8.61 -67.83
C GLU V 133 -8.61 7.70 -68.62
N ARG V 134 -8.86 7.55 -69.91
CA ARG V 134 -7.97 6.75 -70.76
C ARG V 134 -6.60 7.38 -70.86
N GLU V 135 -6.53 8.70 -71.02
CA GLU V 135 -5.22 9.34 -71.15
C GLU V 135 -4.50 9.42 -69.79
N VAL V 136 -5.24 9.52 -68.68
CA VAL V 136 -4.54 9.51 -67.39
C VAL V 136 -4.07 8.11 -67.05
N LYS V 137 -4.76 7.06 -67.52
CA LYS V 137 -4.26 5.71 -67.34
C LYS V 137 -3.06 5.44 -68.24
N GLN V 138 -3.04 6.04 -69.44
CA GLN V 138 -1.86 5.97 -70.28
C GLN V 138 -0.66 6.65 -69.62
N LEU V 139 -0.89 7.80 -69.00
CA LEU V 139 0.19 8.52 -68.32
C LEU V 139 0.70 7.75 -67.11
N GLN V 140 -0.21 7.18 -66.31
CA GLN V 140 0.21 6.52 -65.08
C GLN V 140 0.92 5.19 -65.33
N GLU V 141 0.74 4.58 -66.50
CA GLU V 141 1.40 3.33 -66.82
C GLU V 141 2.67 3.50 -67.64
N GLU V 142 3.00 4.72 -68.05
CA GLU V 142 4.20 4.99 -68.81
C GLU V 142 5.25 5.75 -68.03
N THR V 143 4.86 6.47 -66.99
CA THR V 143 5.83 7.21 -66.18
C THR V 143 6.64 6.23 -65.33
N PRO V 144 7.97 6.32 -65.35
CA PRO V 144 8.79 5.35 -64.60
C PRO V 144 8.72 5.55 -63.09
N VAL V 145 9.44 4.70 -62.35
CA VAL V 145 9.46 4.79 -60.90
C VAL V 145 10.24 6.03 -60.47
N GLY V 146 9.67 6.78 -59.52
CA GLY V 146 10.29 8.00 -59.08
C GLY V 146 9.89 9.22 -59.88
N GLY V 147 8.79 9.15 -60.61
CA GLY V 147 8.31 10.27 -61.39
C GLY V 147 9.00 10.35 -62.73
N PRO V 148 8.50 11.22 -63.60
CA PRO V 148 9.16 11.42 -64.90
C PRO V 148 10.50 12.12 -64.73
N ARG V 149 11.42 11.81 -65.65
CA ARG V 149 12.74 12.41 -65.64
C ARG V 149 12.76 13.75 -66.39
N THR V 150 12.14 13.79 -67.56
CA THR V 150 12.02 15.00 -68.36
C THR V 150 10.55 15.42 -68.46
N GLU V 151 10.34 16.59 -69.04
CA GLU V 151 8.99 17.13 -69.21
C GLU V 151 8.35 16.73 -70.52
N ALA V 152 9.00 15.88 -71.32
CA ALA V 152 8.43 15.45 -72.59
C ALA V 152 7.26 14.52 -72.34
N LEU V 153 6.14 14.80 -73.00
CA LEU V 153 4.93 14.00 -72.83
C LEU V 153 4.86 12.91 -73.90
N PRO V 154 4.38 11.72 -73.55
CA PRO V 154 4.26 10.66 -74.54
C PRO V 154 3.14 10.96 -75.51
N PRO V 155 3.23 10.49 -76.75
CA PRO V 155 2.14 10.66 -77.71
C PRO V 155 1.04 9.63 -77.48
N ALA V 156 0.04 9.64 -78.35
CA ALA V 156 -1.03 8.66 -78.33
C ALA V 156 -0.57 7.45 -79.13
N ARG V 157 -0.28 6.36 -78.44
CA ARG V 157 0.28 5.16 -79.06
C ARG V 157 -0.79 4.15 -79.47
N LYS V 158 -2.06 4.44 -79.25
CA LYS V 158 -3.15 3.54 -79.58
C LYS V 158 -4.00 4.14 -80.69
N GLN V 159 -5.04 3.41 -81.08
CA GLN V 159 -5.97 3.84 -82.12
C GLN V 159 -7.27 4.28 -81.45
N GLY V 160 -7.69 5.51 -81.75
CA GLY V 160 -8.92 6.05 -81.24
C GLY V 160 -8.74 6.98 -80.05
N ASP V 161 -7.64 6.87 -79.33
CA ASP V 161 -7.39 7.74 -78.19
C ASP V 161 -6.58 8.96 -78.60
N LEU V 162 -6.58 9.95 -77.73
CA LEU V 162 -5.92 11.23 -77.92
C LEU V 162 -4.66 11.30 -77.08
N PRO V 163 -3.70 12.15 -77.46
CA PRO V 163 -2.51 12.36 -76.61
C PRO V 163 -2.91 12.91 -75.25
N PRO V 164 -2.23 12.49 -74.18
CA PRO V 164 -2.63 12.94 -72.85
C PRO V 164 -2.36 14.42 -72.64
N LEU V 165 -3.24 15.04 -71.83
CA LEU V 165 -3.21 16.45 -71.49
C LEU V 165 -3.19 17.33 -72.74
N TRP V 166 -4.27 17.20 -73.52
CA TRP V 166 -4.39 17.87 -74.80
C TRP V 166 -5.33 19.06 -74.79
N TRP V 167 -6.07 19.29 -73.70
CA TRP V 167 -7.17 20.25 -73.74
C TRP V 167 -6.67 21.69 -73.73
N HIS V 168 -5.85 22.05 -72.75
CA HIS V 168 -5.46 23.44 -72.57
C HIS V 168 -4.42 23.91 -73.58
N ILE V 169 -3.86 23.00 -74.39
CA ILE V 169 -2.95 23.39 -75.45
C ILE V 169 -3.69 23.53 -76.77
N VAL V 170 -4.65 22.64 -77.04
CA VAL V 170 -5.45 22.75 -78.26
C VAL V 170 -6.38 23.95 -78.20
N THR V 171 -7.05 24.13 -77.05
CA THR V 171 -8.07 25.17 -76.92
C THR V 171 -7.50 26.49 -76.39
N ARG V 172 -6.23 26.78 -76.67
CA ARG V 172 -5.67 28.05 -76.27
C ARG V 172 -6.21 29.17 -77.17
N PRO V 173 -6.31 30.40 -76.65
CA PRO V 173 -6.76 31.51 -77.49
C PRO V 173 -5.74 31.86 -78.56
N ARG V 174 -6.24 32.40 -79.66
CA ARG V 174 -5.39 32.74 -80.80
C ARG V 174 -4.53 33.94 -80.47
N GLU V 175 -3.52 34.18 -81.32
CA GLU V 175 -2.65 35.33 -81.13
C GLU V 175 -3.34 36.64 -81.47
N ARG V 176 -4.39 36.61 -82.28
CA ARG V 176 -5.18 37.80 -82.61
C ARG V 176 -6.65 37.48 -82.39
N PRO V 177 -7.14 37.59 -81.14
CA PRO V 177 -8.54 37.28 -80.83
C PRO V 177 -9.51 38.28 -81.44
N ALA W 1 -11.71 48.09 -106.32
CA ALA W 1 -12.21 48.65 -105.08
C ALA W 1 -11.07 49.16 -104.20
N HIS W 2 -10.37 48.22 -103.57
CA HIS W 2 -9.27 48.54 -102.68
C HIS W 2 -7.94 48.26 -103.39
N ILE W 3 -6.86 48.38 -102.62
CA ILE W 3 -5.51 48.12 -103.13
C ILE W 3 -5.09 46.73 -102.73
N GLU W 4 -4.83 45.88 -103.71
CA GLU W 4 -4.39 44.52 -103.43
C GLU W 4 -2.91 44.53 -103.06
N PRO W 5 -2.53 43.90 -101.95
CA PRO W 5 -1.12 43.88 -101.55
C PRO W 5 -0.27 43.08 -102.52
N ARG W 6 0.98 43.51 -102.68
CA ARG W 6 1.93 42.91 -103.59
C ARG W 6 3.10 42.34 -102.80
N TYR W 7 3.72 41.30 -103.35
CA TYR W 7 4.80 40.58 -102.68
C TYR W 7 6.13 41.01 -103.30
N ARG W 8 6.96 41.67 -102.48
CA ARG W 8 8.34 42.11 -102.78
C ARG W 8 8.46 42.92 -104.08
N GLN W 9 7.38 43.56 -104.52
CA GLN W 9 7.42 44.53 -105.62
C GLN W 9 6.97 45.89 -105.11
N PHE W 10 6.99 46.87 -105.99
CA PHE W 10 6.55 48.21 -105.64
C PHE W 10 5.04 48.23 -105.40
N PRO W 11 4.57 48.91 -104.35
CA PRO W 11 3.14 48.92 -104.06
C PRO W 11 2.34 49.71 -105.08
N GLN W 12 1.07 49.36 -105.20
CA GLN W 12 0.17 50.08 -106.10
C GLN W 12 -0.18 51.43 -105.51
N LEU W 13 -0.05 52.48 -106.31
CA LEU W 13 -0.26 53.84 -105.85
C LEU W 13 -1.57 54.40 -106.40
N THR W 14 -2.15 55.32 -105.66
CA THR W 14 -3.36 56.02 -106.06
C THR W 14 -2.97 57.37 -106.65
N ARG W 15 -3.61 57.72 -107.78
CA ARG W 15 -3.32 59.01 -108.42
C ARG W 15 -3.70 60.18 -107.51
N SER W 16 -4.79 60.02 -106.74
CA SER W 16 -5.30 61.12 -105.93
C SER W 16 -4.32 61.54 -104.84
N GLN W 17 -3.70 60.57 -104.17
CA GLN W 17 -2.76 60.94 -103.10
C GLN W 17 -1.48 61.55 -103.66
N VAL W 18 -1.04 61.10 -104.84
CA VAL W 18 0.12 61.72 -105.49
C VAL W 18 -0.18 63.16 -105.86
N ILE W 19 -1.37 63.40 -106.42
CA ILE W 19 -1.78 64.76 -106.78
C ILE W 19 -1.87 65.64 -105.54
N GLN W 20 -2.45 65.11 -104.45
CA GLN W 20 -2.57 65.88 -103.21
C GLN W 20 -1.21 66.20 -102.61
N ALA W 21 -0.30 65.24 -102.61
CA ALA W 21 1.04 65.47 -102.05
C ALA W 21 1.79 66.52 -102.86
N GLU W 22 1.74 66.44 -104.19
CA GLU W 22 2.39 67.43 -105.02
C GLU W 22 1.77 68.81 -104.84
N PHE W 23 0.44 68.87 -104.72
CA PHE W 23 -0.23 70.14 -104.51
C PHE W 23 0.15 70.77 -103.18
N PHE W 24 0.25 69.97 -102.12
CA PHE W 24 0.57 70.53 -100.81
C PHE W 24 2.03 70.96 -100.73
N SER W 25 2.94 70.20 -101.36
CA SER W 25 4.33 70.63 -101.43
C SER W 25 4.48 71.92 -102.23
N ALA W 26 3.76 72.03 -103.35
CA ALA W 26 3.80 73.25 -104.15
C ALA W 26 3.21 74.43 -103.39
N THR W 27 2.14 74.19 -102.62
CA THR W 27 1.55 75.25 -101.82
C THR W 27 2.51 75.71 -100.72
N MET W 28 3.22 74.77 -100.10
CA MET W 28 4.21 75.14 -99.08
C MET W 28 5.32 75.99 -99.68
N TRP W 29 5.85 75.59 -100.83
CA TRP W 29 6.95 76.34 -101.43
C TRP W 29 6.49 77.69 -101.96
N PHE W 30 5.26 77.75 -102.50
CA PHE W 30 4.71 79.03 -102.94
C PHE W 30 4.49 79.97 -101.77
N TRP W 31 4.00 79.44 -100.64
CA TRP W 31 3.80 80.26 -99.45
C TRP W 31 5.12 80.81 -98.93
N ILE W 32 6.15 79.96 -98.88
CA ILE W 32 7.46 80.39 -98.40
C ILE W 32 8.04 81.47 -99.30
N LEU W 33 7.99 81.25 -100.63
CA LEU W 33 8.54 82.21 -101.56
C LEU W 33 7.76 83.53 -101.54
N TRP W 34 6.44 83.45 -101.45
CA TRP W 34 5.61 84.65 -101.40
C TRP W 34 5.86 85.46 -100.15
N ARG W 35 5.97 84.80 -99.00
CA ARG W 35 6.23 85.52 -97.75
C ARG W 35 7.63 86.09 -97.71
N PHE W 36 8.61 85.39 -98.31
CA PHE W 36 9.96 85.96 -98.39
C PHE W 36 10.02 87.12 -99.36
N TRP W 37 9.20 87.09 -100.41
CA TRP W 37 9.16 88.22 -101.34
C TRP W 37 8.52 89.44 -100.70
N HIS W 38 7.42 89.24 -99.99
CA HIS W 38 6.66 90.39 -99.49
C HIS W 38 7.25 90.95 -98.20
N ASP W 39 7.47 90.09 -97.20
CA ASP W 39 7.94 90.58 -95.91
C ASP W 39 9.43 90.89 -95.94
N SER W 40 10.26 89.86 -96.13
CA SER W 40 11.70 89.96 -96.40
C SER W 40 12.52 90.64 -95.30
N ASP W 41 11.88 91.02 -94.18
CA ASP W 41 12.56 91.74 -93.12
C ASP W 41 12.70 90.93 -91.84
N ALA W 42 11.83 89.94 -91.62
CA ALA W 42 11.92 89.09 -90.45
C ALA W 42 13.09 88.12 -90.50
N VAL W 43 13.72 87.95 -91.67
CA VAL W 43 14.86 87.06 -91.81
C VAL W 43 16.15 87.86 -91.80
N LEU W 44 16.30 88.77 -92.76
CA LEU W 44 17.57 89.49 -92.92
C LEU W 44 17.75 90.55 -91.83
N GLY W 45 16.69 91.26 -91.47
CA GLY W 45 16.79 92.28 -90.45
C GLY W 45 15.87 93.45 -90.66
N HIS W 46 15.19 93.86 -89.59
CA HIS W 46 14.19 94.93 -89.70
C HIS W 46 14.83 96.31 -89.84
N PHE W 47 15.88 96.58 -89.06
CA PHE W 47 16.44 97.92 -88.98
C PHE W 47 17.96 97.86 -89.06
N PRO W 48 18.59 98.90 -89.61
CA PRO W 48 20.05 98.94 -89.62
C PRO W 48 20.63 99.14 -88.21
N TYR W 49 21.83 98.63 -88.02
CA TYR W 49 22.51 98.69 -86.74
C TYR W 49 23.69 99.65 -86.83
N PRO W 50 23.64 100.82 -86.21
CA PRO W 50 24.76 101.75 -86.29
C PRO W 50 25.94 101.30 -85.45
N ASP W 51 27.12 101.77 -85.85
CA ASP W 51 28.34 101.44 -85.14
C ASP W 51 28.48 102.34 -83.91
N PRO W 52 28.59 101.77 -82.70
CA PRO W 52 28.81 102.62 -81.52
C PRO W 52 30.12 103.38 -81.53
N SER W 53 31.16 102.84 -82.19
CA SER W 53 32.44 103.53 -82.27
C SER W 53 32.45 104.63 -83.32
N GLN W 54 31.41 104.74 -84.13
CA GLN W 54 31.33 105.74 -85.20
C GLN W 54 30.74 107.05 -84.73
N TRP W 55 30.13 107.08 -83.55
CA TRP W 55 29.53 108.32 -83.03
C TRP W 55 30.62 109.35 -82.75
N THR W 56 30.34 110.60 -83.13
CA THR W 56 31.31 111.66 -82.96
C THR W 56 31.34 112.12 -81.51
N ASP W 57 32.40 112.86 -81.16
CA ASP W 57 32.63 113.22 -79.77
C ASP W 57 31.75 114.37 -79.29
N GLU W 58 31.48 115.37 -80.14
CA GLU W 58 30.74 116.53 -79.66
C GLU W 58 29.26 116.24 -79.50
N GLU W 59 28.72 115.23 -80.19
CA GLU W 59 27.33 114.84 -79.99
C GLU W 59 27.15 113.96 -78.76
N LEU W 60 28.24 113.42 -78.23
CA LEU W 60 28.20 112.63 -77.01
C LEU W 60 28.59 113.44 -75.78
N GLY W 61 28.88 114.73 -75.94
CA GLY W 61 29.24 115.59 -74.83
C GLY W 61 30.53 115.23 -74.14
N ILE W 62 31.56 114.89 -74.90
CA ILE W 62 32.87 114.54 -74.34
C ILE W 62 33.66 115.83 -74.17
N PRO W 63 34.03 116.21 -72.95
CA PRO W 63 34.76 117.47 -72.75
C PRO W 63 36.22 117.31 -73.13
N PRO W 64 36.71 118.04 -74.13
CA PRO W 64 38.10 117.88 -74.58
C PRO W 64 39.05 118.68 -73.72
N ASP W 65 39.83 117.98 -72.90
CA ASP W 65 40.91 118.57 -72.10
C ASP W 65 41.91 117.49 -71.71
N ILE X 1 -3.51 21.07 -46.80
CA ILE X 1 -2.31 21.48 -46.08
C ILE X 1 -2.26 20.77 -44.73
N THR X 2 -1.08 20.74 -44.12
CA THR X 2 -0.90 20.10 -42.82
C THR X 2 0.23 20.79 -42.09
N LYS X 3 0.41 20.41 -40.82
CA LYS X 3 1.27 21.16 -39.91
C LYS X 3 2.74 21.05 -40.28
N ASP X 4 3.19 19.85 -40.66
CA ASP X 4 4.61 19.62 -40.93
C ASP X 4 5.03 19.97 -42.36
N MET X 5 4.24 20.80 -43.05
CA MET X 5 4.66 21.37 -44.32
C MET X 5 4.87 22.88 -44.27
N LEU X 6 4.42 23.53 -43.21
CA LEU X 6 4.65 24.95 -42.99
C LEU X 6 6.10 25.17 -42.53
N PRO X 7 6.64 26.38 -42.71
CA PRO X 7 8.01 26.64 -42.24
C PRO X 7 8.12 26.61 -40.73
N GLY X 8 9.34 26.35 -40.27
CA GLY X 8 9.61 26.25 -38.85
C GLY X 8 10.89 26.92 -38.42
N PRO X 9 11.44 26.51 -37.28
CA PRO X 9 12.70 27.08 -36.79
C PRO X 9 13.86 26.79 -37.72
N TYR X 10 15.00 27.39 -37.38
CA TYR X 10 16.22 27.23 -38.17
C TYR X 10 16.76 25.81 -38.01
N PRO X 11 17.05 25.10 -39.11
CA PRO X 11 17.57 23.74 -38.99
C PRO X 11 19.01 23.72 -38.51
N LYS X 12 19.31 22.78 -37.62
CA LYS X 12 20.66 22.60 -37.10
C LYS X 12 21.25 21.24 -37.46
N THR X 13 20.54 20.16 -37.17
CA THR X 13 21.02 18.83 -37.52
C THR X 13 20.90 18.62 -39.03
N PRO X 14 21.81 17.82 -39.61
CA PRO X 14 21.70 17.54 -41.06
C PRO X 14 20.43 16.82 -41.45
N GLU X 15 19.84 16.01 -40.56
CA GLU X 15 18.57 15.36 -40.85
C GLU X 15 17.44 16.38 -40.97
N GLU X 16 17.44 17.39 -40.08
CA GLU X 16 16.46 18.47 -40.18
C GLU X 16 16.66 19.27 -41.45
N ARG X 17 17.92 19.49 -41.84
CA ARG X 17 18.21 20.19 -43.09
C ARG X 17 17.70 19.40 -44.30
N ALA X 18 17.89 18.08 -44.29
CA ALA X 18 17.39 17.26 -45.38
C ALA X 18 15.86 17.25 -45.42
N ALA X 19 15.22 17.21 -44.25
CA ALA X 19 13.76 17.26 -44.19
C ALA X 19 13.23 18.59 -44.70
N ALA X 20 13.89 19.70 -44.35
CA ALA X 20 13.48 21.00 -44.85
C ALA X 20 13.72 21.13 -46.35
N ALA X 21 14.79 20.52 -46.86
CA ALA X 21 15.05 20.55 -48.30
C ALA X 21 14.01 19.73 -49.05
N LYS X 22 13.57 18.61 -48.48
CA LYS X 22 12.51 17.83 -49.11
C LYS X 22 11.16 18.54 -49.02
N LYS X 23 10.94 19.29 -47.94
CA LYS X 23 9.71 20.05 -47.80
C LYS X 23 9.62 21.19 -48.82
N TYR X 24 10.76 21.83 -49.12
CA TYR X 24 10.81 22.93 -50.06
C TYR X 24 11.05 22.49 -51.50
N ASN X 25 11.07 21.18 -51.75
CA ASN X 25 11.09 20.59 -53.09
C ASN X 25 12.31 20.99 -53.90
N MET X 26 13.49 20.76 -53.32
CA MET X 26 14.75 20.93 -54.06
C MET X 26 15.83 20.09 -53.37
N ARG X 27 17.04 20.18 -53.90
CA ARG X 27 18.15 19.38 -53.43
C ARG X 27 18.63 19.87 -52.07
N VAL X 28 19.26 18.95 -51.33
CA VAL X 28 19.85 19.30 -50.03
C VAL X 28 21.06 20.19 -50.22
N GLU X 29 21.84 19.94 -51.28
CA GLU X 29 23.04 20.75 -51.52
C GLU X 29 22.69 22.17 -51.95
N ASP X 30 21.52 22.37 -52.54
CA ASP X 30 21.06 23.69 -52.97
C ASP X 30 20.17 24.37 -51.94
N TYR X 31 19.94 23.75 -50.78
CA TYR X 31 19.10 24.33 -49.74
C TYR X 31 20.00 25.09 -48.78
N GLU X 32 20.03 26.41 -48.93
CA GLU X 32 20.77 27.30 -48.03
C GLU X 32 19.79 28.23 -47.33
N PRO X 33 19.46 27.98 -46.08
CA PRO X 33 18.55 28.88 -45.36
C PRO X 33 19.25 30.17 -44.98
N TYR X 34 18.45 31.14 -44.54
CA TYR X 34 18.99 32.39 -44.05
C TYR X 34 19.77 32.14 -42.76
N PRO X 35 20.86 32.89 -42.52
CA PRO X 35 21.62 32.72 -41.29
C PRO X 35 20.79 33.09 -40.07
N ASP X 36 20.98 32.33 -38.99
CA ASP X 36 20.18 32.50 -37.78
C ASP X 36 20.78 33.60 -36.91
N ASP X 37 20.61 34.83 -37.37
CA ASP X 37 21.02 36.00 -36.61
C ASP X 37 19.88 36.59 -35.79
N GLY X 38 18.72 35.94 -35.79
CA GLY X 38 17.60 36.44 -35.02
C GLY X 38 16.78 37.51 -35.71
N MET X 39 16.81 37.56 -37.04
CA MET X 39 16.02 38.54 -37.78
C MET X 39 14.62 38.05 -38.11
N GLY X 40 14.30 36.79 -37.82
CA GLY X 40 12.96 36.27 -38.01
C GLY X 40 12.71 35.52 -39.29
N TYR X 41 13.75 35.26 -40.09
CA TYR X 41 13.56 34.55 -41.36
C TYR X 41 13.21 33.09 -41.12
N GLY X 42 13.95 32.42 -40.25
CA GLY X 42 13.67 31.03 -39.94
C GLY X 42 14.38 30.10 -40.90
N ASP X 43 13.64 29.12 -41.42
CA ASP X 43 14.19 28.11 -42.31
C ASP X 43 13.92 28.40 -43.78
N TYR X 44 13.50 29.62 -44.11
CA TYR X 44 13.22 29.96 -45.49
C TYR X 44 14.52 30.00 -46.29
N PRO X 45 14.53 29.44 -47.50
CA PRO X 45 15.78 29.35 -48.27
C PRO X 45 16.21 30.70 -48.80
N LYS X 46 17.52 30.81 -49.05
CA LYS X 46 18.13 32.01 -49.60
C LYS X 46 18.35 31.77 -51.09
N LEU X 47 17.40 32.25 -51.89
CA LEU X 47 17.46 32.10 -53.33
C LEU X 47 18.53 33.03 -53.91
N PRO X 48 19.02 32.77 -55.16
CA PRO X 48 20.16 33.53 -55.69
C PRO X 48 19.97 35.04 -55.92
N ASP X 49 18.80 35.59 -55.57
CA ASP X 49 18.58 37.03 -55.49
C ASP X 49 18.75 37.73 -56.84
N ARG X 50 17.90 37.35 -57.79
CA ARG X 50 17.83 38.02 -59.07
C ARG X 50 16.37 38.23 -59.45
N SER X 51 16.13 39.23 -60.29
CA SER X 51 14.77 39.58 -60.68
C SER X 51 14.19 38.54 -61.63
N GLN X 52 12.87 38.61 -61.81
CA GLN X 52 12.18 37.70 -62.72
C GLN X 52 12.39 38.05 -64.19
N GLN X 53 12.96 39.22 -64.49
CA GLN X 53 13.29 39.56 -65.86
C GLN X 53 14.44 38.73 -66.40
N GLU X 54 15.31 38.21 -65.52
CA GLU X 54 16.44 37.39 -65.94
C GLU X 54 16.05 35.96 -66.26
N ARG X 55 14.80 35.57 -66.01
CA ARG X 55 14.34 34.24 -66.35
C ARG X 55 14.19 34.09 -67.86
N ASP X 56 14.07 32.85 -68.30
CA ASP X 56 13.87 32.57 -69.71
C ASP X 56 12.45 32.95 -70.11
N PRO X 57 12.27 33.85 -71.08
CA PRO X 57 10.90 34.22 -71.49
C PRO X 57 10.27 33.25 -72.47
N TRP X 58 11.06 32.39 -73.12
CA TRP X 58 10.52 31.46 -74.10
C TRP X 58 10.14 30.11 -73.49
N TYR X 59 10.43 29.89 -72.22
CA TYR X 59 10.04 28.65 -71.56
C TYR X 59 8.54 28.63 -71.28
N ASP X 60 7.96 27.44 -71.30
CA ASP X 60 6.53 27.25 -71.04
C ASP X 60 6.31 27.34 -69.53
N TRP X 61 6.28 28.57 -69.03
CA TRP X 61 6.07 28.80 -67.60
C TRP X 61 4.62 28.55 -67.22
N ASP X 62 4.43 28.12 -65.98
CA ASP X 62 3.08 27.96 -65.46
C ASP X 62 2.40 29.31 -65.23
N HIS X 63 3.17 30.32 -64.85
CA HIS X 63 2.68 31.69 -64.72
C HIS X 63 3.56 32.57 -65.59
N PRO X 64 3.24 32.71 -66.89
CA PRO X 64 4.09 33.49 -67.78
C PRO X 64 4.14 34.97 -67.46
N ASP X 65 3.16 35.49 -66.72
CA ASP X 65 3.21 36.89 -66.32
C ASP X 65 4.34 37.15 -65.33
N LEU X 66 4.55 36.22 -64.39
CA LEU X 66 5.59 36.37 -63.39
C LEU X 66 6.82 35.50 -63.67
N ARG X 67 6.76 34.66 -64.69
CA ARG X 67 7.82 33.71 -65.06
C ARG X 67 8.19 32.83 -63.88
N LEU X 68 7.18 32.12 -63.36
CA LEU X 68 7.32 31.26 -62.20
C LEU X 68 6.60 29.95 -62.46
N ASN X 69 7.11 28.88 -61.87
CA ASN X 69 6.51 27.56 -62.01
C ASN X 69 5.59 27.26 -60.84
N TRP X 70 5.07 26.03 -60.82
CA TRP X 70 4.17 25.58 -59.77
C TRP X 70 4.94 24.67 -58.81
N GLY X 71 4.89 25.01 -57.52
CA GLY X 71 5.58 24.25 -56.50
C GLY X 71 7.01 24.65 -56.27
N GLU X 72 7.59 25.48 -57.13
CA GLU X 72 8.94 25.97 -56.92
C GLU X 72 8.95 26.96 -55.75
N PRO X 73 10.02 26.98 -54.95
CA PRO X 73 10.07 27.89 -53.81
C PRO X 73 10.20 29.34 -54.26
N MET X 74 9.36 30.20 -53.68
CA MET X 74 9.36 31.61 -54.02
C MET X 74 10.45 32.34 -53.25
N HIS X 75 10.89 33.46 -53.82
CA HIS X 75 11.84 34.33 -53.12
C HIS X 75 11.15 35.01 -51.94
N TRP X 76 11.96 35.36 -50.93
CA TRP X 76 11.44 36.14 -49.81
C TRP X 76 11.00 37.52 -50.26
N ASP X 77 11.61 38.05 -51.32
CA ASP X 77 11.29 39.37 -51.86
C ASP X 77 10.74 39.24 -53.28
N LEU X 78 9.82 38.30 -53.48
CA LEU X 78 9.25 38.08 -54.81
C LEU X 78 8.35 39.24 -55.21
N ASP X 79 7.73 39.93 -54.25
CA ASP X 79 6.93 41.11 -54.56
C ASP X 79 7.80 42.30 -54.95
N MET X 80 9.11 42.24 -54.73
CA MET X 80 10.02 43.30 -55.16
C MET X 80 10.64 43.00 -56.51
N TYR X 81 10.75 41.73 -56.89
CA TYR X 81 11.45 41.34 -58.11
C TYR X 81 10.52 40.93 -59.24
N ILE X 82 9.26 41.38 -59.20
CA ILE X 82 8.35 41.14 -60.31
C ILE X 82 8.71 42.08 -61.45
N ARG X 83 8.14 41.83 -62.63
CA ARG X 83 8.43 42.66 -63.80
C ARG X 83 7.82 44.06 -63.71
N ASN X 84 6.91 44.30 -62.78
CA ASN X 84 6.37 45.62 -62.54
C ASN X 84 7.26 46.48 -61.65
N ARG X 85 8.39 45.93 -61.19
CA ARG X 85 9.15 46.48 -60.09
C ARG X 85 10.63 46.39 -60.45
N VAL X 86 11.50 46.46 -59.42
CA VAL X 86 12.94 46.61 -59.60
C VAL X 86 13.51 45.47 -60.44
N ASP X 87 14.37 45.84 -61.39
CA ASP X 87 14.99 44.91 -62.31
C ASP X 87 16.49 44.86 -62.06
N THR X 88 17.06 43.66 -62.17
CA THR X 88 18.50 43.45 -62.02
C THR X 88 19.10 42.82 -63.27
N SER X 89 18.68 43.31 -64.44
CA SER X 89 19.22 42.82 -65.70
C SER X 89 20.66 43.30 -65.87
N PRO X 90 21.52 42.50 -66.52
CA PRO X 90 22.91 42.92 -66.74
C PRO X 90 23.00 44.05 -67.75
N THR X 91 23.53 45.19 -67.31
CA THR X 91 23.68 46.36 -68.16
C THR X 91 24.91 46.23 -69.06
N PRO X 92 24.87 46.81 -70.26
CA PRO X 92 26.07 46.81 -71.12
C PRO X 92 27.23 47.62 -70.55
N VAL X 93 26.97 48.57 -69.66
CA VAL X 93 27.99 49.41 -69.06
C VAL X 93 28.02 49.14 -67.57
N ASN X 94 29.21 49.15 -66.98
CA ASN X 94 29.36 48.88 -65.55
C ASN X 94 28.67 49.97 -64.73
N TRP X 95 28.24 49.57 -63.52
CA TRP X 95 27.44 50.46 -62.68
C TRP X 95 28.25 51.66 -62.19
N ASN X 96 29.49 51.43 -61.77
CA ASN X 96 30.31 52.50 -61.21
C ASN X 96 30.64 53.55 -62.26
N LEU X 97 30.95 53.11 -63.49
CA LEU X 97 31.24 54.05 -64.56
C LEU X 97 30.02 54.89 -64.91
N MET X 98 28.84 54.26 -64.94
CA MET X 98 27.60 54.99 -65.21
C MET X 98 27.32 56.03 -64.14
N CYS X 99 27.47 55.65 -62.87
CA CYS X 99 27.21 56.58 -61.77
C CYS X 99 28.20 57.74 -61.78
N LYS X 100 29.49 57.45 -62.01
CA LYS X 100 30.49 58.51 -62.04
C LYS X 100 30.28 59.43 -63.23
N HIS X 101 29.91 58.89 -64.40
CA HIS X 101 29.64 59.72 -65.57
C HIS X 101 28.45 60.64 -65.35
N LEU X 102 27.36 60.10 -64.79
CA LEU X 102 26.17 60.92 -64.54
C LEU X 102 26.45 62.01 -63.50
N PHE X 103 27.15 61.66 -62.41
CA PHE X 103 27.47 62.65 -61.39
C PHE X 103 28.41 63.73 -61.92
N GLY X 104 29.41 63.33 -62.74
CA GLY X 104 30.30 64.31 -63.32
C GLY X 104 29.59 65.24 -64.30
N PHE X 105 28.67 64.69 -65.10
CA PHE X 105 27.89 65.50 -66.03
C PHE X 105 27.05 66.54 -65.29
N VAL X 106 26.30 66.09 -64.27
CA VAL X 106 25.43 66.99 -63.52
C VAL X 106 26.25 68.04 -62.78
N ALA X 107 27.34 67.63 -62.13
CA ALA X 107 28.16 68.56 -61.36
C ALA X 107 28.86 69.57 -62.26
N PHE X 108 29.35 69.13 -63.42
CA PHE X 108 30.01 70.04 -64.35
C PHE X 108 29.04 71.08 -64.89
N MET X 109 27.83 70.66 -65.26
CA MET X 109 26.90 71.66 -65.79
C MET X 109 26.36 72.58 -64.70
N LEU X 110 26.22 72.09 -63.46
CA LEU X 110 25.84 72.98 -62.37
C LEU X 110 26.93 74.01 -62.09
N PHE X 111 28.20 73.58 -62.10
CA PHE X 111 29.30 74.50 -61.89
C PHE X 111 29.39 75.54 -63.00
N MET X 112 29.18 75.11 -64.24
CA MET X 112 29.23 76.07 -65.35
C MET X 112 28.02 76.99 -65.34
N PHE X 113 26.87 76.52 -64.85
CA PHE X 113 25.73 77.41 -64.65
C PHE X 113 26.03 78.48 -63.60
N TRP X 114 26.69 78.09 -62.51
CA TRP X 114 27.06 79.08 -61.50
C TRP X 114 28.07 80.08 -62.05
N VAL X 115 29.03 79.59 -62.85
CA VAL X 115 30.03 80.48 -63.44
C VAL X 115 29.38 81.46 -64.40
N GLY X 116 28.45 80.98 -65.23
CA GLY X 116 27.74 81.86 -66.14
C GLY X 116 26.81 82.81 -65.42
N GLU X 117 26.27 82.42 -64.26
CA GLU X 117 25.51 83.34 -63.44
C GLU X 117 26.38 84.43 -62.86
N THR X 118 27.65 84.10 -62.55
CA THR X 118 28.58 85.11 -62.07
C THR X 118 28.87 86.15 -63.15
N TYR X 119 29.06 85.72 -64.39
CA TYR X 119 29.38 86.60 -65.51
C TYR X 119 28.26 86.53 -66.54
N PRO X 120 27.24 87.38 -66.44
CA PRO X 120 26.14 87.35 -67.40
C PRO X 120 26.51 88.06 -68.69
N THR X 121 25.65 87.90 -69.70
CA THR X 121 25.79 88.56 -70.98
C THR X 121 24.67 89.56 -71.18
N TYR X 122 24.93 90.57 -71.99
CA TYR X 122 23.98 91.65 -72.21
C TYR X 122 24.29 92.32 -73.55
N GLN X 123 23.70 93.49 -73.75
CA GLN X 123 23.84 94.29 -74.97
C GLN X 123 24.23 95.71 -74.57
N PRO X 124 25.06 96.39 -75.37
CA PRO X 124 25.59 97.69 -74.94
C PRO X 124 24.56 98.81 -74.98
N VAL X 125 23.64 98.82 -74.03
CA VAL X 125 22.62 99.86 -73.92
C VAL X 125 22.56 100.32 -72.46
N GLY X 126 22.04 101.54 -72.29
CA GLY X 126 21.75 102.04 -70.96
C GLY X 126 20.43 101.52 -70.45
N PRO X 127 20.05 101.99 -69.27
CA PRO X 127 18.75 101.60 -68.70
C PRO X 127 17.61 102.21 -69.49
N LYS X 128 16.50 101.48 -69.52
CA LYS X 128 15.29 101.98 -70.17
C LYS X 128 14.71 103.14 -69.39
N GLN X 129 14.29 104.18 -70.11
CA GLN X 129 13.78 105.40 -69.51
C GLN X 129 12.27 105.43 -69.62
N TYR X 130 11.60 105.58 -68.48
CA TYR X 130 10.14 105.70 -68.45
C TYR X 130 9.75 107.09 -67.98
N PRO X 131 8.67 107.66 -68.52
CA PRO X 131 8.30 109.04 -68.21
C PRO X 131 7.57 109.13 -66.88
N TYR X 132 7.26 110.38 -66.51
CA TYR X 132 6.44 110.72 -65.33
C TYR X 132 7.05 110.18 -64.03
N ASN X 133 8.32 110.54 -63.81
CA ASN X 133 9.09 110.14 -62.62
C ASN X 133 9.13 108.61 -62.48
N ASN X 134 9.51 107.95 -63.57
CA ASN X 134 9.57 106.48 -63.67
C ASN X 134 8.22 105.85 -63.34
N LEU X 135 7.15 106.51 -63.78
CA LEU X 135 5.76 106.07 -63.58
C LEU X 135 5.45 105.84 -62.10
N TYR X 136 5.59 106.91 -61.31
CA TYR X 136 5.38 106.81 -59.88
C TYR X 136 3.92 106.50 -59.55
N LEU X 137 2.99 107.21 -60.19
CA LEU X 137 1.58 106.96 -59.95
C LEU X 137 1.13 105.64 -60.55
N GLU X 138 1.75 105.22 -61.65
CA GLU X 138 1.36 103.97 -62.31
C GLU X 138 1.96 102.74 -61.65
N ARG X 139 2.96 102.91 -60.78
CA ARG X 139 3.53 101.80 -60.03
C ARG X 139 2.82 101.55 -58.71
N GLY X 140 1.67 102.19 -58.49
CA GLY X 140 0.93 102.05 -57.26
C GLY X 140 1.35 103.00 -56.15
N GLY X 141 2.10 104.06 -56.47
CA GLY X 141 2.49 105.00 -55.44
C GLY X 141 1.33 105.87 -54.98
N ASP X 142 1.43 106.36 -53.76
CA ASP X 142 0.38 107.20 -53.21
C ASP X 142 0.43 108.59 -53.85
N PRO X 143 -0.73 109.16 -54.21
CA PRO X 143 -0.72 110.46 -54.88
C PRO X 143 -0.38 111.62 -53.96
N ASN X 144 -0.52 111.46 -52.64
CA ASN X 144 -0.23 112.56 -51.72
C ASN X 144 1.26 112.85 -51.65
N LYS X 145 2.08 111.80 -51.62
CA LYS X 145 3.53 111.95 -51.51
C LYS X 145 4.07 112.27 -52.89
N GLU X 146 4.58 113.49 -53.07
CA GLU X 146 5.15 113.88 -54.35
C GLU X 146 6.49 113.17 -54.54
N PRO X 147 6.70 112.47 -55.65
CA PRO X 147 7.93 111.69 -55.81
C PRO X 147 9.13 112.57 -56.05
N GLU X 148 10.31 111.99 -55.86
CA GLU X 148 11.55 112.68 -56.15
C GLU X 148 11.67 112.88 -57.65
N PRO X 149 11.94 114.11 -58.12
CA PRO X 149 11.90 114.38 -59.56
C PRO X 149 13.03 113.70 -60.34
N VAL X 150 12.65 112.77 -61.20
CA VAL X 150 13.58 112.08 -62.09
C VAL X 150 13.35 112.61 -63.49
N VAL X 151 14.37 113.23 -64.07
CA VAL X 151 14.28 113.85 -65.39
C VAL X 151 15.25 113.14 -66.33
N HIS X 152 14.74 112.73 -67.49
CA HIS X 152 15.54 112.09 -68.51
C HIS X 152 15.77 113.06 -69.66
N TYR X 153 17.01 113.17 -70.10
CA TYR X 153 17.41 114.15 -71.10
C TYR X 153 17.68 113.47 -72.44
N GLU X 154 17.48 114.23 -73.51
CA GLU X 154 17.65 113.70 -74.85
C GLU X 154 19.13 113.51 -75.17
N ILE X 155 19.44 112.43 -75.88
CA ILE X 155 20.81 112.12 -76.26
C ILE X 155 20.87 111.86 -77.76
N THR Y 1 -6.38 4.86 -36.28
CA THR Y 1 -5.55 5.80 -37.00
C THR Y 1 -6.37 7.00 -37.47
N LEU Y 2 -7.66 6.75 -37.74
CA LEU Y 2 -8.56 7.80 -38.22
C LEU Y 2 -8.94 8.69 -37.05
N ARG Y 3 -8.03 9.61 -36.71
CA ARG Y 3 -8.30 10.64 -35.73
C ARG Y 3 -9.42 11.54 -36.24
N TRP Y 4 -10.31 11.96 -35.33
CA TRP Y 4 -11.26 13.04 -35.55
C TRP Y 4 -12.22 12.73 -36.69
N GLN Y 5 -13.11 11.77 -36.43
CA GLN Y 5 -14.22 11.45 -37.32
C GLN Y 5 -14.98 12.72 -37.67
N GLU Y 6 -14.92 13.08 -38.95
CA GLU Y 6 -15.31 14.41 -39.40
C GLU Y 6 -15.99 14.30 -40.76
N ASP Y 7 -17.04 15.10 -40.95
CA ASP Y 7 -17.67 15.20 -42.25
C ASP Y 7 -16.70 15.81 -43.27
N PRO Y 8 -16.73 15.36 -44.51
CA PRO Y 8 -15.83 15.93 -45.53
C PRO Y 8 -16.22 17.36 -45.85
N GLU Y 9 -15.23 18.12 -46.30
CA GLU Y 9 -15.45 19.53 -46.61
C GLU Y 9 -16.32 19.65 -47.85
N PRO Y 10 -17.48 20.31 -47.76
CA PRO Y 10 -18.38 20.39 -48.92
C PRO Y 10 -17.83 21.31 -50.00
N GLU Y 11 -18.20 21.02 -51.24
CA GLU Y 11 -17.77 21.82 -52.37
C GLU Y 11 -18.51 23.15 -52.41
N ASP Y 12 -17.98 24.07 -53.19
CA ASP Y 12 -18.61 25.37 -53.36
C ASP Y 12 -19.92 25.24 -54.14
N GLU Y 13 -20.86 26.12 -53.82
CA GLU Y 13 -22.18 26.11 -54.45
C GLU Y 13 -22.28 27.27 -55.42
N ASN Y 14 -22.69 26.97 -56.65
CA ASN Y 14 -22.89 27.97 -57.69
C ASN Y 14 -24.37 28.29 -57.76
N LEU Y 15 -24.73 29.55 -57.51
CA LEU Y 15 -26.13 29.96 -57.54
C LEU Y 15 -26.68 30.00 -58.97
N TYR Y 16 -25.82 30.07 -59.97
CA TYR Y 16 -26.27 30.12 -61.35
C TYR Y 16 -26.52 28.74 -61.94
N GLU Y 17 -26.14 27.67 -61.24
CA GLU Y 17 -26.35 26.33 -61.78
C GLU Y 17 -27.80 25.93 -61.69
N LYS Y 18 -28.40 26.03 -60.50
CA LYS Y 18 -29.80 25.65 -60.33
C LYS Y 18 -30.76 26.74 -60.76
N ASN Y 19 -30.27 27.97 -60.96
CA ASN Y 19 -31.12 29.10 -61.34
C ASN Y 19 -30.25 30.12 -62.06
N PRO Y 20 -30.30 30.15 -63.39
CA PRO Y 20 -29.45 31.10 -64.13
C PRO Y 20 -29.87 32.56 -63.98
N ASP Y 21 -31.08 32.83 -63.50
CA ASP Y 21 -31.56 34.19 -63.28
C ASP Y 21 -31.46 34.60 -61.82
N SER Y 22 -30.45 34.12 -61.10
CA SER Y 22 -30.31 34.43 -59.68
C SER Y 22 -29.62 35.77 -59.50
N HIS Y 23 -30.21 36.62 -58.67
CA HIS Y 23 -29.59 37.91 -58.35
C HIS Y 23 -28.57 37.80 -57.23
N GLY Y 24 -28.45 36.64 -56.58
CA GLY Y 24 -27.47 36.44 -55.53
C GLY Y 24 -27.99 36.62 -54.12
N TYR Y 25 -29.30 36.73 -53.93
CA TYR Y 25 -29.86 36.93 -52.60
C TYR Y 25 -30.26 35.63 -51.93
N ASP Y 26 -31.04 34.80 -52.61
CA ASP Y 26 -31.50 33.54 -52.05
C ASP Y 26 -31.58 32.54 -53.19
N LYS Y 27 -31.50 31.26 -52.84
CA LYS Y 27 -31.63 30.20 -53.84
C LYS Y 27 -33.06 30.02 -54.31
N ASP Y 28 -34.05 30.47 -53.54
CA ASP Y 28 -35.42 30.47 -53.99
C ASP Y 28 -35.65 31.64 -54.93
N PRO Y 29 -36.12 31.41 -56.16
CA PRO Y 29 -36.21 32.52 -57.14
C PRO Y 29 -37.18 33.62 -56.76
N ALA Y 30 -38.32 33.28 -56.15
CA ALA Y 30 -39.30 34.30 -55.78
C ALA Y 30 -38.78 35.17 -54.64
N VAL Y 31 -38.17 34.56 -53.63
CA VAL Y 31 -37.60 35.31 -52.51
C VAL Y 31 -36.44 36.17 -52.98
N ASP Y 32 -35.61 35.64 -53.89
CA ASP Y 32 -34.50 36.39 -54.44
C ASP Y 32 -34.99 37.60 -55.24
N VAL Y 33 -36.03 37.41 -56.06
CA VAL Y 33 -36.58 38.50 -56.86
C VAL Y 33 -37.18 39.57 -55.95
N TRP Y 34 -37.91 39.16 -54.91
CA TRP Y 34 -38.53 40.13 -54.02
C TRP Y 34 -37.49 40.89 -53.20
N ASN Y 35 -36.43 40.20 -52.77
CA ASN Y 35 -35.34 40.87 -52.08
C ASN Y 35 -34.64 41.88 -52.97
N MET Y 36 -34.42 41.51 -54.23
CA MET Y 36 -33.83 42.44 -55.20
C MET Y 36 -34.71 43.66 -55.41
N ARG Y 37 -36.02 43.46 -55.54
CA ARG Y 37 -36.94 44.57 -55.71
C ARG Y 37 -36.97 45.48 -54.48
N VAL Y 38 -36.96 44.89 -53.29
CA VAL Y 38 -36.98 45.67 -52.05
C VAL Y 38 -35.71 46.49 -51.92
N VAL Y 39 -34.56 45.89 -52.21
CA VAL Y 39 -33.29 46.60 -52.09
C VAL Y 39 -33.21 47.74 -53.11
N PHE Y 40 -33.60 47.47 -54.36
CA PHE Y 40 -33.49 48.51 -55.37
C PHE Y 40 -34.57 49.58 -55.23
N PHE Y 41 -35.67 49.31 -54.54
CA PHE Y 41 -36.67 50.34 -54.34
C PHE Y 41 -36.35 51.21 -53.13
N PHE Y 42 -36.03 50.59 -51.99
CA PHE Y 42 -35.76 51.35 -50.78
C PHE Y 42 -34.30 51.74 -50.64
N GLY Y 43 -33.48 51.47 -51.65
CA GLY Y 43 -32.09 51.85 -51.60
C GLY Y 43 -31.74 52.92 -52.61
N PHE Y 44 -32.52 53.01 -53.67
CA PHE Y 44 -32.28 54.00 -54.71
C PHE Y 44 -33.48 54.90 -54.97
N SER Y 45 -34.70 54.37 -54.92
CA SER Y 45 -35.89 55.15 -55.23
C SER Y 45 -36.45 55.87 -54.01
N ILE Y 46 -35.93 55.63 -52.82
CA ILE Y 46 -36.48 56.20 -51.60
C ILE Y 46 -35.43 57.00 -50.82
N VAL Y 47 -34.28 56.39 -50.55
CA VAL Y 47 -33.28 57.01 -49.67
C VAL Y 47 -32.22 57.79 -50.43
N LEU Y 48 -32.12 57.61 -51.75
CA LEU Y 48 -31.14 58.34 -52.54
C LEU Y 48 -31.75 59.52 -53.30
N VAL Y 49 -32.83 59.27 -54.05
CA VAL Y 49 -33.46 60.34 -54.82
C VAL Y 49 -34.16 61.33 -53.90
N LEU Y 50 -35.08 60.82 -53.08
CA LEU Y 50 -35.79 61.69 -52.14
C LEU Y 50 -34.86 62.21 -51.05
N GLY Y 51 -33.86 61.42 -50.65
CA GLY Y 51 -32.89 61.90 -49.69
C GLY Y 51 -32.05 63.05 -50.22
N SER Y 52 -31.58 62.94 -51.47
CA SER Y 52 -30.82 64.02 -52.07
C SER Y 52 -31.69 65.24 -52.33
N THR Y 53 -32.97 65.04 -52.65
CA THR Y 53 -33.89 66.16 -52.80
C THR Y 53 -34.10 66.87 -51.46
N PHE Y 54 -34.22 66.10 -50.38
CA PHE Y 54 -34.37 66.70 -49.05
C PHE Y 54 -33.12 67.46 -48.64
N VAL Y 55 -31.95 66.90 -48.91
CA VAL Y 55 -30.70 67.56 -48.54
C VAL Y 55 -30.48 68.82 -49.37
N ALA Y 56 -30.87 68.78 -50.66
CA ALA Y 56 -30.67 69.92 -51.55
C ALA Y 56 -31.52 71.12 -51.14
N TYR Y 57 -32.73 70.86 -50.63
CA TYR Y 57 -33.67 71.92 -50.25
C TYR Y 57 -33.70 72.13 -48.75
N LEU Y 58 -32.56 72.04 -48.09
CA LEU Y 58 -32.50 72.28 -46.66
C LEU Y 58 -32.80 73.74 -46.36
N PRO Y 59 -33.64 74.04 -45.37
CA PRO Y 59 -34.02 75.43 -45.12
C PRO Y 59 -32.95 76.24 -44.42
N ASP Y 60 -32.03 76.82 -45.20
CA ASP Y 60 -31.02 77.77 -44.73
C ASP Y 60 -30.13 77.14 -43.65
N TYR Y 61 -29.33 76.18 -44.11
CA TYR Y 61 -28.45 75.41 -43.23
C TYR Y 61 -27.45 76.31 -42.52
N ARG Y 62 -27.43 76.20 -41.18
CA ARG Y 62 -26.50 76.93 -40.30
C ARG Y 62 -26.55 78.43 -40.52
N MET Y 63 -27.73 78.93 -40.90
CA MET Y 63 -28.05 80.28 -41.38
C MET Y 63 -26.97 80.87 -42.28
N GLN Y 64 -26.35 80.03 -43.13
CA GLN Y 64 -25.20 80.46 -43.91
C GLN Y 64 -25.56 81.53 -44.93
N GLU Y 65 -26.80 81.49 -45.44
CA GLU Y 65 -27.26 82.58 -46.28
C GLU Y 65 -27.57 83.82 -45.46
N TRP Y 66 -28.18 83.64 -44.28
CA TRP Y 66 -28.69 84.76 -43.51
C TRP Y 66 -27.56 85.69 -43.06
N ALA Y 67 -26.45 85.10 -42.63
CA ALA Y 67 -25.30 85.89 -42.20
C ALA Y 67 -24.74 86.74 -43.33
N ARG Y 68 -24.93 86.30 -44.57
CA ARG Y 68 -24.60 87.18 -45.70
C ARG Y 68 -25.56 88.37 -45.74
N ARG Y 69 -26.87 88.08 -45.70
CA ARG Y 69 -27.87 89.11 -45.96
C ARG Y 69 -27.85 90.20 -44.90
N GLU Y 70 -27.74 89.81 -43.63
CA GLU Y 70 -27.58 90.77 -42.55
C GLU Y 70 -26.34 91.62 -42.75
N ALA Y 71 -25.24 90.99 -43.18
CA ALA Y 71 -24.03 91.74 -43.49
C ALA Y 71 -24.27 92.72 -44.63
N GLU Y 72 -25.08 92.31 -45.61
CA GLU Y 72 -25.46 93.20 -46.70
C GLU Y 72 -26.20 94.43 -46.18
N ARG Y 73 -26.95 94.27 -45.09
CA ARG Y 73 -27.54 95.43 -44.44
C ARG Y 73 -26.46 96.23 -43.71
N LEU Y 74 -25.62 95.54 -42.94
CA LEU Y 74 -24.82 96.22 -41.93
C LEU Y 74 -23.78 97.15 -42.54
N VAL Y 75 -23.11 96.69 -43.61
CA VAL Y 75 -22.17 97.54 -44.34
C VAL Y 75 -22.88 98.78 -44.87
N LYS Y 76 -24.09 98.59 -45.43
CA LYS Y 76 -24.88 99.70 -45.93
C LYS Y 76 -25.26 100.67 -44.83
N TYR Y 77 -25.22 100.23 -43.57
CA TYR Y 77 -25.31 101.17 -42.46
C TYR Y 77 -24.01 101.97 -42.35
N ARG Y 78 -22.89 101.30 -42.08
CA ARG Y 78 -21.69 102.01 -41.65
C ARG Y 78 -20.96 102.71 -42.79
N GLU Y 79 -21.22 102.31 -44.03
CA GLU Y 79 -20.71 103.08 -45.16
C GLU Y 79 -21.50 104.35 -45.38
N ALA Y 80 -22.77 104.38 -44.94
CA ALA Y 80 -23.59 105.56 -45.16
C ALA Y 80 -23.25 106.70 -44.21
N HIS Y 81 -22.88 106.38 -42.98
CA HIS Y 81 -22.65 107.37 -41.94
C HIS Y 81 -21.16 107.58 -41.65
N GLY Y 82 -20.27 107.04 -42.48
CA GLY Y 82 -18.85 107.27 -42.32
C GLY Y 82 -18.19 106.46 -41.23
N LEU Y 83 -18.89 105.52 -40.62
CA LEU Y 83 -18.29 104.69 -39.59
C LEU Y 83 -17.27 103.72 -40.21
N PRO Y 84 -16.28 103.29 -39.44
CA PRO Y 84 -15.39 102.22 -39.93
C PRO Y 84 -16.15 100.91 -40.08
N LEU Y 85 -15.66 100.08 -41.00
CA LEU Y 85 -16.34 98.83 -41.32
C LEU Y 85 -16.34 97.88 -40.12
N MET Y 86 -15.20 97.74 -39.45
CA MET Y 86 -15.09 96.88 -38.28
C MET Y 86 -14.16 97.51 -37.26
N GLU Y 87 -14.58 97.52 -36.01
CA GLU Y 87 -13.75 98.04 -34.93
C GLU Y 87 -12.71 96.99 -34.51
N SER Y 88 -11.61 97.47 -33.95
CA SER Y 88 -10.54 96.57 -33.50
C SER Y 88 -10.91 95.84 -32.21
N ASN Y 89 -11.87 96.36 -31.45
CA ASN Y 89 -12.30 95.74 -30.20
C ASN Y 89 -13.66 95.10 -30.39
N CYS Y 90 -13.78 93.83 -30.01
CA CYS Y 90 -15.05 93.14 -30.12
C CYS Y 90 -16.09 93.73 -29.17
N PHE Y 91 -15.68 94.06 -27.95
CA PHE Y 91 -16.54 94.66 -26.94
C PHE Y 91 -16.19 96.13 -26.76
N ASP Y 92 -17.14 96.86 -26.19
CA ASP Y 92 -16.95 98.30 -26.00
C ASP Y 92 -15.88 98.54 -24.95
N PRO Y 93 -14.89 99.42 -25.23
CA PRO Y 93 -13.83 99.66 -24.24
C PRO Y 93 -14.31 100.38 -22.99
N SER Y 94 -15.47 101.04 -23.04
CA SER Y 94 -15.96 101.79 -21.88
C SER Y 94 -16.55 100.90 -20.80
N LYS Y 95 -16.93 99.66 -21.12
CA LYS Y 95 -17.62 98.79 -20.18
C LYS Y 95 -16.76 97.59 -19.75
N ILE Y 96 -15.44 97.76 -19.77
CA ILE Y 96 -14.52 96.69 -19.41
C ILE Y 96 -13.41 97.27 -18.53
N GLN Y 97 -13.13 96.61 -17.42
CA GLN Y 97 -12.18 97.10 -16.43
C GLN Y 97 -10.91 96.26 -16.49
N LEU Y 98 -9.77 96.93 -16.52
CA LEU Y 98 -8.49 96.25 -16.55
C LEU Y 98 -7.86 96.25 -15.16
N PRO Y 99 -7.12 95.19 -14.82
CA PRO Y 99 -6.36 95.22 -13.56
C PRO Y 99 -5.26 96.26 -13.61
N GLU Y 100 -4.94 96.80 -12.43
CA GLU Y 100 -3.92 97.82 -12.34
C GLU Y 100 -2.53 97.23 -12.56
N ASP Y 101 -1.70 97.96 -13.30
CA ASP Y 101 -0.36 97.50 -13.63
C ASP Y 101 0.58 98.68 -13.84
N LYS Z 1 -52.45 8.81 -29.61
CA LYS Z 1 -51.32 8.62 -28.71
C LYS Z 1 -50.01 8.45 -29.48
N PHE Z 2 -49.04 9.29 -29.17
CA PHE Z 2 -47.75 9.30 -29.84
C PHE Z 2 -46.64 8.70 -28.99
N TYR Z 3 -46.44 9.21 -27.77
CA TYR Z 3 -45.34 8.79 -26.94
C TYR Z 3 -45.56 7.38 -26.40
N ILE Z 4 -44.47 6.60 -26.33
CA ILE Z 4 -44.56 5.24 -25.83
C ILE Z 4 -44.70 5.23 -24.30
N GLN Z 5 -44.34 6.31 -23.63
CA GLN Z 5 -44.49 6.43 -22.19
C GLN Z 5 -45.20 7.72 -21.86
N GLU Z 6 -45.89 7.74 -20.73
CA GLU Z 6 -46.63 8.92 -20.33
C GLU Z 6 -45.68 10.00 -19.84
N PRO Z 7 -45.69 11.19 -20.45
CA PRO Z 7 -44.83 12.27 -19.95
C PRO Z 7 -45.34 12.79 -18.63
N PRO Z 8 -44.46 13.26 -17.75
CA PRO Z 8 -44.92 13.83 -16.48
C PRO Z 8 -45.69 15.13 -16.63
N HIS Z 9 -45.56 15.81 -17.77
CA HIS Z 9 -46.28 17.04 -18.04
C HIS Z 9 -47.25 16.87 -19.21
N GLY Z 10 -47.84 15.69 -19.33
CA GLY Z 10 -48.81 15.47 -20.40
C GLY Z 10 -50.09 16.25 -20.22
N SER Z 11 -50.57 16.34 -18.98
CA SER Z 11 -51.77 17.11 -18.65
C SER Z 11 -51.41 18.29 -17.77
N PRO Z 12 -52.07 19.44 -17.95
CA PRO Z 12 -51.75 20.62 -17.13
C PRO Z 12 -52.14 20.41 -15.67
N ASN Z 13 -51.23 20.79 -14.78
CA ASN Z 13 -51.47 20.71 -13.34
C ASN Z 13 -52.46 21.80 -12.95
N TRP Z 14 -53.72 21.42 -12.73
CA TRP Z 14 -54.77 22.41 -12.57
C TRP Z 14 -54.67 23.15 -11.25
N LEU Z 15 -54.24 22.47 -10.18
CA LEU Z 15 -54.08 23.15 -8.90
C LEU Z 15 -52.95 24.17 -8.95
N LYS Z 16 -51.85 23.84 -9.64
CA LYS Z 16 -50.74 24.79 -9.78
C LYS Z 16 -51.15 25.98 -10.62
N VAL Z 17 -51.90 25.75 -11.70
CA VAL Z 17 -52.39 26.83 -12.55
C VAL Z 17 -53.32 27.74 -11.77
N GLY Z 18 -54.24 27.15 -10.99
CA GLY Z 18 -55.14 27.96 -10.18
C GLY Z 18 -54.42 28.76 -9.11
N LEU Z 19 -53.42 28.15 -8.47
CA LEU Z 19 -52.63 28.85 -7.47
C LEU Z 19 -51.86 30.01 -8.08
N THR Z 20 -51.28 29.80 -9.28
CA THR Z 20 -50.54 30.86 -9.95
C THR Z 20 -51.45 32.02 -10.32
N LEU Z 21 -52.63 31.72 -10.89
CA LEU Z 21 -53.56 32.77 -11.29
C LEU Z 21 -54.08 33.53 -10.07
N GLY Z 22 -54.41 32.81 -8.99
CA GLY Z 22 -54.87 33.47 -7.78
C GLY Z 22 -53.81 34.35 -7.14
N THR Z 23 -52.55 33.86 -7.12
CA THR Z 23 -51.47 34.66 -6.57
C THR Z 23 -51.23 35.93 -7.39
N SER Z 24 -51.26 35.81 -8.72
CA SER Z 24 -51.06 36.98 -9.57
C SER Z 24 -52.18 37.99 -9.39
N ALA Z 25 -53.43 37.52 -9.34
CA ALA Z 25 -54.56 38.43 -9.15
C ALA Z 25 -54.51 39.10 -7.79
N PHE Z 26 -54.18 38.35 -6.75
CA PHE Z 26 -54.10 38.92 -5.40
C PHE Z 26 -52.99 39.95 -5.31
N LEU Z 27 -51.83 39.67 -5.91
CA LEU Z 27 -50.74 40.63 -5.89
C LEU Z 27 -51.09 41.90 -6.66
N TRP Z 28 -51.79 41.75 -7.79
CA TRP Z 28 -52.17 42.93 -8.57
C TRP Z 28 -53.17 43.80 -7.82
N ILE Z 29 -54.19 43.18 -7.22
CA ILE Z 29 -55.18 43.99 -6.50
C ILE Z 29 -54.58 44.59 -5.24
N TYR Z 30 -53.63 43.88 -4.59
CA TYR Z 30 -52.98 44.43 -3.42
C TYR Z 30 -52.10 45.62 -3.78
N LEU Z 31 -51.36 45.53 -4.89
CA LEU Z 31 -50.54 46.66 -5.32
C LEU Z 31 -51.39 47.85 -5.71
N ILE Z 32 -52.51 47.62 -6.39
CA ILE Z 32 -53.40 48.73 -6.77
C ILE Z 32 -53.99 49.39 -5.53
N LYS Z 33 -54.44 48.59 -4.56
CA LYS Z 33 -54.99 49.14 -3.32
C LYS Z 33 -53.94 49.92 -2.55
N GLN Z 34 -52.72 49.37 -2.47
CA GLN Z 34 -51.64 50.05 -1.75
C GLN Z 34 -51.30 51.38 -2.41
N HIS Z 35 -51.24 51.41 -3.75
CA HIS Z 35 -50.95 52.66 -4.44
C HIS Z 35 -52.05 53.70 -4.23
N ASN Z 36 -53.31 53.25 -4.24
CA ASN Z 36 -54.41 54.19 -4.04
C ASN Z 36 -54.40 54.79 -2.65
N GLU Z 37 -54.20 53.95 -1.62
CA GLU Z 37 -54.13 54.49 -0.26
C GLU Z 37 -52.90 55.35 -0.05
N ASP Z 38 -51.77 55.00 -0.69
CA ASP Z 38 -50.56 55.81 -0.57
C ASP Z 38 -50.75 57.19 -1.17
N VAL Z 39 -51.34 57.27 -2.37
CA VAL Z 39 -51.53 58.59 -2.99
C VAL Z 39 -52.61 59.38 -2.25
N LEU Z 40 -53.62 58.70 -1.70
CA LEU Z 40 -54.63 59.40 -0.92
C LEU Z 40 -54.05 59.99 0.36
N GLU Z 41 -53.22 59.23 1.07
CA GLU Z 41 -52.64 59.71 2.31
C GLU Z 41 -51.59 60.79 2.03
N TYR Z 42 -50.89 60.70 0.89
CA TYR Z 42 -49.98 61.76 0.49
C TYR Z 42 -50.74 63.05 0.21
N LYS Z 43 -51.90 62.96 -0.45
CA LYS Z 43 -52.71 64.16 -0.67
C LYS Z 43 -53.28 64.70 0.64
N ARG Z 44 -53.58 63.83 1.60
CA ARG Z 44 -54.06 64.29 2.89
C ARG Z 44 -52.99 65.03 3.68
N ARG Z 45 -51.76 64.51 3.68
CA ARG Z 45 -50.70 65.09 4.51
C ARG Z 45 -50.32 66.49 4.04
N ASN Z 46 -50.04 66.63 2.75
CA ASN Z 46 -49.63 67.93 2.22
C ASN Z 46 -50.80 68.85 1.92
N GLY Z 47 -52.04 68.34 1.99
CA GLY Z 47 -53.19 69.16 1.67
C GLY Z 47 -53.34 69.51 0.23
N LEU Z 48 -52.74 68.72 -0.68
CA LEU Z 48 -52.77 69.03 -2.12
C LEU Z 48 -53.98 68.40 -2.78
N GLU Z 49 -55.16 68.73 -2.25
CA GLU Z 49 -56.41 68.22 -2.77
C GLU Z 49 -57.01 69.17 -3.79
N ARG AA 1 -54.54 41.51 -39.46
CA ARG AA 1 -53.77 41.88 -40.64
C ARG AA 1 -52.74 40.79 -40.97
N ASP AA 2 -52.60 40.50 -42.26
CA ASP AA 2 -51.70 39.45 -42.72
C ASP AA 2 -50.26 39.92 -42.86
N HIS AA 3 -49.98 41.20 -42.61
CA HIS AA 3 -48.64 41.76 -42.68
C HIS AA 3 -48.35 42.57 -41.42
N TRP AA 4 -48.66 41.99 -40.25
CA TRP AA 4 -48.52 42.68 -38.98
C TRP AA 4 -47.08 42.89 -38.56
N ILE AA 5 -46.12 42.20 -39.19
CA ILE AA 5 -44.71 42.43 -38.86
C ILE AA 5 -44.15 43.68 -39.51
N HIS AA 6 -44.84 44.26 -40.47
CA HIS AA 6 -44.37 45.44 -41.16
C HIS AA 6 -44.83 46.73 -40.52
N VAL AA 7 -45.59 46.67 -39.43
CA VAL AA 7 -46.06 47.88 -38.75
C VAL AA 7 -45.48 47.93 -37.35
N LEU AA 8 -44.26 47.42 -37.18
CA LEU AA 8 -43.58 47.52 -35.90
C LEU AA 8 -42.64 48.73 -35.87
N VAL AA 9 -41.80 48.88 -36.90
CA VAL AA 9 -40.93 50.04 -36.99
C VAL AA 9 -41.70 51.35 -37.17
N PRO AA 10 -42.69 51.47 -38.09
CA PRO AA 10 -43.42 52.75 -38.17
C PRO AA 10 -44.20 53.11 -36.93
N VAL AA 11 -44.79 52.14 -36.24
CA VAL AA 11 -45.47 52.41 -34.98
C VAL AA 11 -44.46 52.85 -33.92
N GLY AA 12 -43.27 52.23 -33.92
CA GLY AA 12 -42.23 52.67 -33.01
C GLY AA 12 -41.76 54.08 -33.28
N PHE AA 13 -41.67 54.45 -34.56
CA PHE AA 13 -41.29 55.82 -34.93
C PHE AA 13 -42.35 56.83 -34.50
N VAL AA 14 -43.63 56.48 -34.69
CA VAL AA 14 -44.72 57.36 -34.26
C VAL AA 14 -44.70 57.50 -32.74
N PHE AA 15 -44.45 56.40 -32.02
CA PHE AA 15 -44.38 56.43 -30.57
C PHE AA 15 -43.20 57.28 -30.10
N GLY AA 16 -42.06 57.18 -30.79
CA GLY AA 16 -40.92 58.01 -30.43
C GLY AA 16 -41.15 59.48 -30.67
N TYR AA 17 -41.83 59.81 -31.79
CA TYR AA 17 -42.20 61.20 -32.06
C TYR AA 17 -43.16 61.73 -31.00
N TYR AA 18 -44.14 60.92 -30.61
CA TYR AA 18 -45.09 61.32 -29.57
C TYR AA 18 -44.39 61.51 -28.24
N LEU AA 19 -43.44 60.65 -27.91
CA LEU AA 19 -42.70 60.79 -26.66
C LEU AA 19 -41.80 62.01 -26.69
N ASP AA 20 -41.23 62.34 -27.85
CA ASP AA 20 -40.48 63.58 -28.00
C ASP AA 20 -41.35 64.81 -27.75
N ARG AA 21 -42.55 64.80 -28.35
CA ARG AA 21 -43.48 65.92 -28.14
C ARG AA 21 -43.95 66.02 -26.70
N LYS AA 22 -44.13 64.87 -26.03
CA LYS AA 22 -44.49 64.88 -24.61
C LYS AA 22 -43.34 65.41 -23.76
N ASN AA 23 -42.11 65.02 -24.08
CA ASN AA 23 -40.96 65.45 -23.30
C ASN AA 23 -40.65 66.94 -23.51
N ASP AA 24 -41.02 67.49 -24.66
CA ASP AA 24 -40.77 68.90 -24.91
C ASP AA 24 -41.62 69.81 -24.05
N GLU AA 25 -42.78 69.35 -23.60
CA GLU AA 25 -43.63 70.16 -22.73
C GLU AA 25 -43.10 70.23 -21.31
N LYS AA 26 -42.42 69.19 -20.84
CA LYS AA 26 -41.87 69.20 -19.48
C LYS AA 26 -40.66 70.11 -19.35
N LEU AA 27 -40.04 70.50 -20.45
CA LEU AA 27 -38.87 71.37 -20.45
C LEU AA 27 -39.21 72.81 -20.80
N ALA AA 28 -40.39 73.27 -20.41
CA ALA AA 28 -40.91 74.58 -20.79
C ALA AA 28 -40.92 75.55 -19.61
N ALA AA 29 -39.87 75.52 -18.80
CA ALA AA 29 -39.78 76.45 -17.67
C ALA AA 29 -39.44 77.86 -18.13
N PHE AA 30 -38.90 78.02 -19.35
CA PHE AA 30 -38.51 79.33 -19.87
C PHE AA 30 -39.24 79.66 -21.16
N ARG AA 31 -40.44 79.10 -21.35
CA ARG AA 31 -41.21 79.38 -22.57
C ARG AA 31 -41.73 80.80 -22.54
N ASN AA 32 -41.41 81.58 -23.58
CA ASN AA 32 -41.69 83.01 -23.67
C ASN AA 32 -41.09 83.78 -22.49
N LYS AA 33 -39.92 83.33 -22.02
CA LYS AA 33 -39.20 83.99 -20.95
C LYS AA 33 -37.78 84.36 -21.32
N SER AA 34 -37.27 83.89 -22.46
CA SER AA 34 -35.92 84.19 -22.88
C SER AA 34 -35.78 85.66 -23.25
N LEU AA 35 -34.61 86.23 -22.97
CA LEU AA 35 -34.36 87.64 -23.22
C LEU AA 35 -34.29 87.97 -24.71
N LEU AA 36 -34.13 86.96 -25.57
CA LEU AA 36 -34.02 87.18 -27.01
C LEU AA 36 -35.36 87.08 -27.72
N TYR AA 37 -36.26 86.22 -27.26
CA TYR AA 37 -37.50 85.93 -27.98
C TYR AA 37 -38.75 86.25 -27.17
N LYS AA 38 -38.63 87.01 -26.09
CA LYS AA 38 -39.82 87.36 -25.32
C LYS AA 38 -40.68 88.33 -26.10
N ARG AA 39 -42.00 88.12 -26.03
CA ARG AA 39 -42.93 88.83 -26.88
C ARG AA 39 -44.31 88.79 -26.22
N GLU AA 40 -45.06 89.87 -26.38
CA GLU AA 40 -46.44 89.89 -25.92
C GLU AA 40 -47.27 88.87 -26.68
N LEU AA 41 -48.21 88.24 -26.00
CA LEU AA 41 -48.99 87.18 -26.60
C LEU AA 41 -49.99 87.75 -27.59
N LYS AA 42 -50.04 87.16 -28.78
CA LYS AA 42 -51.00 87.55 -29.79
C LYS AA 42 -52.40 87.14 -29.38
N PRO AA 43 -53.44 87.81 -29.92
CA PRO AA 43 -54.81 87.37 -29.66
C PRO AA 43 -55.06 85.97 -30.20
N GLN AA 44 -55.92 85.24 -29.49
CA GLN AA 44 -56.24 83.83 -29.77
C GLN AA 44 -54.98 82.97 -29.77
N GLU AA 45 -54.17 83.14 -28.74
CA GLU AA 45 -52.94 82.36 -28.57
C GLU AA 45 -52.61 82.33 -27.09
N GLU AA 46 -52.31 81.15 -26.55
CA GLU AA 46 -52.13 81.00 -25.12
C GLU AA 46 -50.71 80.55 -24.76
N VAL AA 47 -50.03 79.83 -25.66
CA VAL AA 47 -48.60 79.56 -25.53
C VAL AA 47 -47.90 79.95 -26.82
N THR AA 48 -46.59 80.22 -26.69
CA THR AA 48 -45.78 80.52 -27.86
C THR AA 48 -45.53 79.28 -28.70
N TRP AA 49 -45.18 78.15 -28.05
CA TRP AA 49 -44.96 76.90 -28.74
C TRP AA 49 -45.39 75.75 -27.85
N LYS AA 50 -45.67 74.62 -28.47
CA LYS AA 50 -46.07 73.43 -27.73
C LYS AA 50 -44.87 72.60 -27.31
N MET BA 1 -13.15 -19.66 64.67
CA MET BA 1 -14.35 -19.47 63.86
C MET BA 1 -14.38 -18.07 63.25
N TRP BA 2 -15.58 -17.63 62.89
CA TRP BA 2 -15.75 -16.35 62.19
C TRP BA 2 -15.33 -15.17 63.05
N PHE BA 3 -15.52 -15.25 64.37
CA PHE BA 3 -15.25 -14.12 65.26
C PHE BA 3 -13.76 -13.75 65.31
N GLU BA 4 -12.88 -14.61 64.80
CA GLU BA 4 -11.47 -14.26 64.70
C GLU BA 4 -11.19 -13.22 63.62
N VAL BA 5 -12.16 -12.88 62.77
CA VAL BA 5 -12.01 -11.69 61.93
C VAL BA 5 -12.27 -10.42 62.71
N LEU BA 6 -12.81 -10.54 63.92
CA LEU BA 6 -13.14 -9.42 64.79
C LEU BA 6 -11.94 -8.75 65.47
N PRO BA 7 -10.83 -9.48 65.87
CA PRO BA 7 -9.64 -8.75 66.34
C PRO BA 7 -9.06 -7.78 65.33
N GLY BA 8 -8.70 -8.28 64.14
CA GLY BA 8 -8.07 -7.43 63.14
C GLY BA 8 -8.94 -6.26 62.71
N ILE BA 9 -10.23 -6.52 62.51
CA ILE BA 9 -11.20 -5.46 62.22
C ILE BA 9 -11.18 -4.42 63.34
N ALA BA 10 -11.11 -4.87 64.59
CA ALA BA 10 -11.03 -3.95 65.72
C ALA BA 10 -9.79 -3.07 65.63
N VAL BA 11 -8.66 -3.66 65.19
CA VAL BA 11 -7.46 -2.85 64.98
C VAL BA 11 -7.72 -1.80 63.92
N MET BA 12 -8.41 -2.21 62.84
CA MET BA 12 -8.86 -1.27 61.81
C MET BA 12 -9.71 -0.15 62.42
N GLY BA 13 -10.58 -0.51 63.36
CA GLY BA 13 -11.36 0.49 64.06
C GLY BA 13 -10.49 1.50 64.77
N VAL BA 14 -9.46 1.02 65.47
CA VAL BA 14 -8.50 1.93 66.08
C VAL BA 14 -7.78 2.73 65.00
N CYS BA 15 -7.45 2.07 63.89
CA CYS BA 15 -6.81 2.74 62.78
C CYS BA 15 -7.74 3.72 62.08
N LEU BA 16 -9.04 3.66 62.33
CA LEU BA 16 -9.96 4.68 61.86
C LEU BA 16 -10.49 5.56 62.99
N PHE BA 17 -10.03 5.32 64.22
CA PHE BA 17 -10.42 6.17 65.33
C PHE BA 17 -9.39 7.22 65.68
N ILE BA 18 -8.11 6.91 65.49
CA ILE BA 18 -7.01 7.81 65.84
C ILE BA 18 -7.02 9.16 65.11
N PRO BA 19 -7.06 9.23 63.73
CA PRO BA 19 -6.81 10.53 63.08
C PRO BA 19 -7.83 11.61 63.39
N GLY BA 20 -9.10 11.32 63.11
CA GLY BA 20 -10.11 12.37 63.09
C GLY BA 20 -10.32 13.04 64.44
N MET BA 21 -10.47 12.24 65.50
CA MET BA 21 -10.59 12.79 66.85
C MET BA 21 -9.35 13.59 67.22
N ALA BA 22 -8.17 13.15 66.73
CA ALA BA 22 -6.94 13.88 66.99
C ALA BA 22 -7.03 15.29 66.43
N THR BA 23 -7.60 15.43 65.23
CA THR BA 23 -7.81 16.76 64.66
C THR BA 23 -8.68 17.60 65.57
N ALA BA 24 -9.76 16.99 66.11
CA ALA BA 24 -10.61 17.69 67.06
C ALA BA 24 -9.81 18.11 68.29
N ARG BA 25 -8.97 17.22 68.80
CA ARG BA 25 -8.13 17.56 69.93
C ARG BA 25 -7.17 18.69 69.56
N ILE BA 26 -6.61 18.63 68.35
CA ILE BA 26 -5.78 19.73 67.86
C ILE BA 26 -6.61 20.99 67.76
N HIS BA 27 -7.84 20.86 67.26
CA HIS BA 27 -8.73 22.02 67.19
C HIS BA 27 -9.15 22.49 68.57
N ARG BA 28 -9.05 21.66 69.59
CA ARG BA 28 -9.32 22.09 70.95
C ARG BA 28 -8.07 22.59 71.65
N PHE BA 29 -6.90 22.49 71.03
CA PHE BA 29 -5.66 22.90 71.67
C PHE BA 29 -5.19 24.27 71.17
N SER BA 30 -5.16 24.46 69.86
CA SER BA 30 -4.67 25.72 69.32
C SER BA 30 -5.65 26.86 69.57
N ASN BA 31 -6.95 26.59 69.46
CA ASN BA 31 -7.98 27.61 69.52
C ASN BA 31 -8.46 27.89 70.94
N GLY BA 32 -7.68 27.52 71.95
CA GLY BA 32 -8.00 27.86 73.33
C GLY BA 32 -9.24 27.20 73.90
N GLY BA 33 -9.44 25.92 73.64
CA GLY BA 33 -10.55 25.20 74.23
C GLY BA 33 -11.88 25.37 73.52
N ARG BA 34 -11.89 25.96 72.33
CA ARG BA 34 -13.10 26.09 71.53
C ARG BA 34 -12.85 25.45 70.17
N GLU BA 35 -13.91 25.36 69.38
CA GLU BA 35 -13.78 24.84 68.03
C GLU BA 35 -13.01 25.82 67.15
N LYS BA 36 -12.35 25.29 66.12
CA LYS BA 36 -11.68 26.14 65.15
C LYS BA 36 -12.73 26.83 64.29
N ARG BA 37 -12.70 28.16 64.28
CA ARG BA 37 -13.74 28.92 63.59
C ARG BA 37 -13.63 28.76 62.08
N VAL BA 38 -14.78 28.61 61.43
CA VAL BA 38 -14.84 28.40 59.99
C VAL BA 38 -15.05 29.74 59.31
N ALA BA 39 -14.45 29.91 58.14
CA ALA BA 39 -14.60 31.12 57.34
C ALA BA 39 -14.93 30.68 55.91
N HIS BA 40 -16.21 30.43 55.65
CA HIS BA 40 -16.65 30.11 54.31
C HIS BA 40 -16.91 31.35 53.48
N TYR BA 41 -17.32 32.44 54.11
CA TYR BA 41 -17.66 33.68 53.43
C TYR BA 41 -16.87 34.83 54.05
N SER BA 42 -16.71 35.90 53.27
CA SER BA 42 -15.81 36.98 53.63
C SER BA 42 -16.25 37.76 54.85
N TYR BA 43 -17.54 37.73 55.20
CA TYR BA 43 -17.99 38.37 56.43
C TYR BA 43 -17.43 37.67 57.66
N GLN BA 44 -17.38 36.34 57.64
CA GLN BA 44 -16.79 35.60 58.74
C GLN BA 44 -15.29 35.87 58.86
N TRP BA 45 -14.60 36.00 57.72
CA TRP BA 45 -13.19 36.34 57.76
C TRP BA 45 -12.97 37.75 58.29
N TYR BA 46 -13.86 38.69 57.94
CA TYR BA 46 -13.75 40.04 58.47
C TYR BA 46 -13.97 40.06 59.98
N LEU BA 47 -14.92 39.26 60.46
CA LEU BA 47 -15.11 39.16 61.91
C LEU BA 47 -13.91 38.51 62.59
N MET BA 48 -13.30 37.52 61.93
CA MET BA 48 -12.08 36.90 62.45
C MET BA 48 -10.95 37.92 62.58
N GLU BA 49 -10.77 38.73 61.54
CA GLU BA 49 -9.72 39.74 61.55
C GLU BA 49 -10.00 40.82 62.59
N ARG BA 50 -11.27 41.20 62.74
CA ARG BA 50 -11.63 42.18 63.76
C ARG BA 50 -11.37 41.64 65.16
N ASP BA 51 -11.69 40.36 65.40
CA ASP BA 51 -11.41 39.75 66.69
C ASP BA 51 -9.91 39.66 66.95
N ARG BA 52 -9.13 39.32 65.93
CA ARG BA 52 -7.68 39.24 66.08
C ARG BA 52 -7.08 40.61 66.37
N ARG BA 53 -7.59 41.65 65.73
CA ARG BA 53 -7.11 43.00 66.01
C ARG BA 53 -7.55 43.48 67.38
N VAL BA 54 -8.75 43.10 67.82
CA VAL BA 54 -9.30 43.63 69.07
C VAL BA 54 -8.82 42.86 70.29
N SER BA 55 -8.28 41.66 70.11
CA SER BA 55 -7.77 40.90 71.26
C SER BA 55 -6.51 41.54 71.84
N GLY BA 56 -5.67 42.13 71.00
CA GLY BA 56 -4.45 42.76 71.45
C GLY BA 56 -3.27 41.83 71.63
N VAL BA 57 -3.48 40.53 71.48
CA VAL BA 57 -2.43 39.53 71.62
C VAL BA 57 -2.09 38.89 70.27
N ASN BA 58 -2.74 39.35 69.19
CA ASN BA 58 -2.64 38.79 67.84
C ASN BA 58 -3.08 37.33 67.79
N ARG BA 59 -3.98 36.95 68.68
CA ARG BA 59 -4.63 35.65 68.67
C ARG BA 59 -6.13 35.87 68.66
N TYR BA 60 -6.81 35.33 67.64
CA TYR BA 60 -8.22 35.62 67.46
C TYR BA 60 -9.11 34.89 68.47
N TYR BA 61 -8.61 33.83 69.10
CA TYR BA 61 -9.41 33.08 70.05
C TYR BA 61 -9.40 33.66 71.45
N VAL BA 62 -8.59 34.68 71.71
CA VAL BA 62 -8.59 35.35 73.00
C VAL BA 62 -9.81 36.28 73.00
N SER BA 63 -10.90 35.82 73.61
CA SER BA 63 -12.16 36.52 73.56
C SER BA 63 -12.22 37.56 74.66
N LYS BA 64 -12.47 38.81 74.29
CA LYS BA 64 -12.65 39.91 75.24
C LYS BA 64 -14.14 40.19 75.38
N GLY BA 65 -14.63 40.15 76.62
CA GLY BA 65 -16.03 40.29 76.90
C GLY BA 65 -16.45 41.72 77.13
N LEU BA 66 -17.57 41.87 77.84
CA LEU BA 66 -18.16 43.18 78.12
C LEU BA 66 -17.48 43.89 79.28
N GLU BA 67 -16.53 43.25 79.96
CA GLU BA 67 -15.75 43.94 80.98
C GLU BA 67 -14.73 44.89 80.37
N ASN BA 68 -14.46 44.76 79.07
CA ASN BA 68 -13.48 45.63 78.41
C ASN BA 68 -13.98 47.05 78.29
N ILE BA 69 -15.28 47.24 78.04
CA ILE BA 69 -15.85 48.56 77.87
C ILE BA 69 -15.98 49.25 79.23
N ASP BA 70 -16.24 50.56 79.20
CA ASP BA 70 -16.42 51.31 80.43
C ASP BA 70 -17.81 51.08 81.03
N LYS CA 1 -24.70 -125.83 22.11
CA LYS CA 1 -24.65 -125.96 23.55
C LYS CA 1 -24.76 -124.60 24.23
N THR CA 2 -25.55 -124.53 25.30
CA THR CA 2 -25.75 -123.29 26.04
C THR CA 2 -25.38 -123.39 27.51
N SER CA 3 -25.44 -124.57 28.11
CA SER CA 3 -25.12 -124.76 29.52
C SER CA 3 -23.68 -125.24 29.63
N PHE CA 4 -22.84 -124.45 30.30
CA PHE CA 4 -21.43 -124.77 30.48
C PHE CA 4 -21.14 -125.07 31.93
N GLY CA 5 -19.91 -125.52 32.19
CA GLY CA 5 -19.49 -125.93 33.51
C GLY CA 5 -19.56 -127.43 33.69
N SER CA 6 -19.14 -127.86 34.89
CA SER CA 6 -19.09 -129.26 35.29
C SER CA 6 -18.23 -130.08 34.32
N LEU CA 7 -16.95 -129.72 34.27
CA LEU CA 7 -16.02 -130.36 33.34
C LEU CA 7 -15.68 -131.76 33.82
N LYS CA 8 -15.76 -132.73 32.90
CA LYS CA 8 -15.42 -134.10 33.24
C LYS CA 8 -13.91 -134.25 33.37
N ASP CA 9 -13.50 -135.23 34.19
CA ASP CA 9 -12.08 -135.44 34.46
C ASP CA 9 -11.32 -135.95 33.25
N GLU CA 10 -12.01 -136.52 32.26
CA GLU CA 10 -11.33 -137.03 31.07
C GLU CA 10 -10.80 -135.87 30.22
N ASP CA 11 -11.53 -134.77 30.14
CA ASP CA 11 -11.19 -133.67 29.24
C ASP CA 11 -10.23 -132.66 29.85
N ARG CA 12 -9.82 -132.83 31.10
CA ARG CA 12 -8.90 -131.87 31.73
C ARG CA 12 -7.50 -132.09 31.20
N ILE CA 13 -6.90 -131.00 30.69
CA ILE CA 13 -5.53 -131.08 30.17
C ILE CA 13 -4.54 -131.26 31.30
N PHE CA 14 -4.70 -130.49 32.38
CA PHE CA 14 -3.71 -130.43 33.45
C PHE CA 14 -3.97 -131.55 34.46
N THR CA 15 -3.67 -132.77 34.04
CA THR CA 15 -3.63 -133.88 34.96
C THR CA 15 -2.41 -133.74 35.87
N ASN CA 16 -2.51 -134.33 37.06
CA ASN CA 16 -1.52 -134.18 38.14
C ASN CA 16 -1.30 -132.70 38.49
N LEU CA 17 -2.39 -131.94 38.51
CA LEU CA 17 -2.29 -130.54 38.94
C LEU CA 17 -2.02 -130.44 40.43
N TYR CA 18 -2.62 -131.33 41.22
CA TYR CA 18 -2.48 -131.31 42.66
C TYR CA 18 -1.25 -132.07 43.15
N GLY CA 19 -0.48 -132.67 42.26
CA GLY CA 19 0.79 -133.28 42.63
C GLY CA 19 0.68 -134.63 43.28
N ARG CA 20 -0.47 -135.29 43.22
CA ARG CA 20 -0.60 -136.60 43.83
C ARG CA 20 0.17 -137.67 43.07
N HIS CA 21 0.45 -137.46 41.78
CA HIS CA 21 1.23 -138.39 40.98
C HIS CA 21 2.64 -137.86 40.77
N ASP CA 22 3.46 -138.66 40.12
CA ASP CA 22 4.87 -138.31 39.92
C ASP CA 22 5.00 -137.13 38.95
N TRP CA 23 5.89 -136.20 39.30
CA TRP CA 23 6.13 -135.02 38.49
C TRP CA 23 7.34 -135.17 37.57
N ARG CA 24 8.07 -136.27 37.65
CA ARG CA 24 9.27 -136.45 36.86
C ARG CA 24 8.92 -137.03 35.49
N LEU CA 25 9.94 -137.49 34.76
CA LEU CA 25 9.76 -137.88 33.37
C LEU CA 25 8.92 -139.14 33.23
N LYS CA 26 9.17 -140.15 34.06
CA LYS CA 26 8.47 -141.42 33.93
C LYS CA 26 7.01 -141.28 34.35
N GLY CA 27 6.73 -140.46 35.38
CA GLY CA 27 5.36 -140.23 35.78
C GLY CA 27 4.56 -139.45 34.74
N ALA CA 28 5.21 -138.47 34.11
CA ALA CA 28 4.52 -137.69 33.08
C ALA CA 28 4.36 -138.46 31.78
N GLN CA 29 5.29 -139.37 31.48
CA GLN CA 29 5.21 -140.14 30.24
C GLN CA 29 4.08 -141.16 30.25
N SER CA 30 3.62 -141.57 31.43
CA SER CA 30 2.51 -142.50 31.54
C SER CA 30 1.16 -141.79 31.61
N ARG CA 31 1.15 -140.46 31.46
CA ARG CA 31 -0.09 -139.69 31.46
C ARG CA 31 -0.44 -139.11 30.10
N GLY CA 32 0.49 -139.10 29.15
CA GLY CA 32 0.20 -138.60 27.83
C GLY CA 32 1.24 -137.61 27.32
N ASP CA 33 2.17 -137.23 28.17
CA ASP CA 33 3.21 -136.29 27.78
C ASP CA 33 4.26 -136.99 26.92
N TRP CA 34 4.88 -136.20 26.02
CA TRP CA 34 5.95 -136.64 25.13
C TRP CA 34 5.53 -137.80 24.23
N TYR CA 35 4.26 -137.85 23.85
CA TYR CA 35 3.74 -138.94 23.03
C TYR CA 35 3.50 -138.43 21.62
N LYS CA 36 4.16 -139.07 20.65
CA LYS CA 36 4.08 -138.72 19.23
C LYS CA 36 4.43 -137.25 18.99
N THR CA 37 5.45 -136.78 19.69
CA THR CA 37 5.93 -135.41 19.46
C THR CA 37 6.66 -135.30 18.14
N LYS CA 38 7.40 -136.35 17.75
CA LYS CA 38 8.16 -136.31 16.51
C LYS CA 38 7.25 -136.24 15.28
N GLU CA 39 6.05 -136.82 15.37
CA GLU CA 39 5.09 -136.68 14.28
C GLU CA 39 4.66 -135.23 14.11
N ILE CA 40 4.44 -134.51 15.21
CA ILE CA 40 4.09 -133.10 15.13
C ILE CA 40 5.26 -132.28 14.62
N LEU CA 41 6.48 -132.60 15.06
CA LEU CA 41 7.67 -131.89 14.59
C LEU CA 41 7.90 -132.12 13.11
N LEU CA 42 7.56 -133.31 12.60
CA LEU CA 42 7.70 -133.57 11.17
C LEU CA 42 6.59 -132.93 10.36
N LYS CA 43 5.37 -132.86 10.91
CA LYS CA 43 4.28 -132.17 10.22
C LYS CA 43 4.57 -130.68 10.11
N GLY CA 44 5.10 -130.07 11.16
CA GLY CA 44 5.77 -128.80 11.03
C GLY CA 44 4.99 -127.56 11.40
N PRO CA 45 5.58 -126.40 11.09
CA PRO CA 45 5.07 -125.14 11.66
C PRO CA 45 3.73 -124.71 11.10
N ASP CA 46 3.49 -124.93 9.81
CA ASP CA 46 2.20 -124.56 9.22
C ASP CA 46 1.07 -125.37 9.82
N TRP CA 47 1.28 -126.68 9.99
CA TRP CA 47 0.26 -127.52 10.61
C TRP CA 47 0.03 -127.15 12.06
N ILE CA 48 1.11 -126.86 12.80
CA ILE CA 48 0.96 -126.48 14.21
C ILE CA 48 0.22 -125.16 14.33
N LEU CA 49 0.55 -124.18 13.50
CA LEU CA 49 -0.13 -122.89 13.54
C LEU CA 49 -1.60 -123.02 13.16
N GLY CA 50 -1.91 -123.84 12.15
CA GLY CA 50 -3.29 -124.08 11.80
C GLY CA 50 -4.07 -124.77 12.92
N GLU CA 51 -3.43 -125.74 13.59
CA GLU CA 51 -4.12 -126.46 14.65
C GLU CA 51 -4.31 -125.61 15.90
N VAL CA 52 -3.42 -124.64 16.15
CA VAL CA 52 -3.61 -123.78 17.30
C VAL CA 52 -4.49 -122.57 17.00
N LYS CA 53 -4.67 -122.21 15.72
CA LYS CA 53 -5.62 -121.16 15.40
C LYS CA 53 -7.00 -121.71 15.04
N THR CA 54 -7.14 -123.02 14.86
CA THR CA 54 -8.46 -123.60 14.71
C THR CA 54 -9.18 -123.72 16.05
N SER CA 55 -8.43 -123.94 17.13
CA SER CA 55 -9.02 -124.12 18.45
C SER CA 55 -9.61 -122.84 19.00
N GLY CA 56 -9.21 -121.68 18.49
CA GLY CA 56 -9.67 -120.43 19.06
C GLY CA 56 -9.07 -120.10 20.39
N LEU CA 57 -7.91 -120.68 20.71
CA LEU CA 57 -7.26 -120.41 21.99
C LEU CA 57 -6.74 -118.98 22.02
N ARG CA 58 -7.08 -118.26 23.08
CA ARG CA 58 -6.59 -116.91 23.28
C ARG CA 58 -5.47 -116.91 24.30
N GLY CA 59 -4.89 -115.74 24.53
CA GLY CA 59 -3.80 -115.62 25.48
C GLY CA 59 -4.31 -115.69 26.90
N ARG CA 60 -3.84 -116.68 27.66
CA ARG CA 60 -4.24 -116.82 29.06
C ARG CA 60 -3.44 -115.94 30.00
N GLY CA 61 -2.53 -115.12 29.47
CA GLY CA 61 -1.80 -114.20 30.32
C GLY CA 61 -2.69 -113.15 30.96
N GLY CA 62 -3.71 -112.70 30.23
CA GLY CA 62 -4.64 -111.74 30.77
C GLY CA 62 -5.16 -110.74 29.77
N ALA CA 63 -4.60 -110.74 28.57
CA ALA CA 63 -5.06 -109.83 27.52
C ALA CA 63 -6.04 -110.49 26.55
N GLY CA 64 -5.98 -111.80 26.41
CA GLY CA 64 -6.92 -112.50 25.55
C GLY CA 64 -6.66 -112.37 24.06
N PHE CA 65 -5.44 -112.01 23.67
CA PHE CA 65 -5.10 -111.97 22.25
C PHE CA 65 -5.10 -113.38 21.69
N PRO CA 66 -5.56 -113.56 20.45
CA PRO CA 66 -5.58 -114.91 19.86
C PRO CA 66 -4.17 -115.47 19.69
N THR CA 67 -4.00 -116.72 20.13
CA THR CA 67 -2.68 -117.34 20.14
C THR CA 67 -2.20 -117.66 18.74
N GLY CA 68 -3.13 -118.02 17.84
CA GLY CA 68 -2.74 -118.36 16.48
C GLY CA 68 -2.14 -117.19 15.73
N LEU CA 69 -2.81 -116.04 15.79
CA LEU CA 69 -2.28 -114.84 15.13
C LEU CA 69 -0.99 -114.37 15.76
N LYS CA 70 -0.93 -114.40 17.10
CA LYS CA 70 0.25 -113.92 17.81
C LYS CA 70 1.47 -114.79 17.51
N TRP CA 71 1.28 -116.09 17.40
CA TRP CA 71 2.35 -116.96 16.95
C TRP CA 71 2.51 -116.93 15.44
N SER CA 72 1.60 -116.29 14.71
CA SER CA 72 1.67 -116.23 13.26
C SER CA 72 2.40 -115.02 12.70
N PHE CA 73 2.47 -113.89 13.42
CA PHE CA 73 3.30 -112.81 12.86
C PHE CA 73 4.78 -113.15 12.89
N MET CA 74 5.21 -114.01 13.81
CA MET CA 74 6.62 -114.33 13.90
C MET CA 74 7.08 -115.25 12.76
N ASN CA 75 6.16 -116.05 12.20
CA ASN CA 75 6.47 -116.95 11.10
C ASN CA 75 6.77 -116.13 9.85
N LYS CA 76 8.05 -116.01 9.52
CA LYS CA 76 8.56 -115.20 8.41
C LYS CA 76 9.99 -115.68 8.13
N PRO CA 77 10.53 -115.53 6.91
CA PRO CA 77 11.89 -116.05 6.67
C PRO CA 77 12.97 -115.22 7.36
N SER CA 78 14.08 -115.89 7.63
CA SER CA 78 15.12 -115.31 8.47
C SER CA 78 15.87 -114.19 7.76
N ASP CA 79 16.35 -113.24 8.56
CA ASP CA 79 17.17 -112.12 8.07
C ASP CA 79 18.58 -112.16 8.65
N GLY CA 80 19.03 -113.33 9.08
CA GLY CA 80 20.34 -113.50 9.68
C GLY CA 80 20.34 -113.53 11.20
N ARG CA 81 19.27 -113.13 11.83
CA ARG CA 81 19.19 -113.15 13.28
C ARG CA 81 18.39 -114.36 13.74
N PRO CA 82 18.74 -114.94 14.89
CA PRO CA 82 18.01 -116.12 15.39
C PRO CA 82 16.61 -115.73 15.88
N LYS CA 83 15.80 -116.75 16.12
CA LYS CA 83 14.43 -116.58 16.57
C LYS CA 83 14.30 -117.18 17.97
N TYR CA 84 13.51 -116.54 18.82
CA TYR CA 84 13.41 -116.95 20.21
C TYR CA 84 11.96 -116.97 20.69
N LEU CA 85 11.65 -117.99 21.48
CA LEU CA 85 10.41 -118.07 22.23
C LEU CA 85 10.72 -117.92 23.71
N VAL CA 86 10.04 -117.00 24.38
CA VAL CA 86 10.25 -116.72 25.79
C VAL CA 86 8.94 -116.96 26.52
N VAL CA 87 9.01 -117.69 27.63
CA VAL CA 87 7.84 -118.07 28.41
C VAL CA 87 7.77 -117.19 29.65
N ASN CA 88 6.68 -116.46 29.79
CA ASN CA 88 6.44 -115.56 30.92
C ASN CA 88 5.95 -116.38 32.10
N ALA CA 89 6.83 -116.58 33.08
CA ALA CA 89 6.49 -117.35 34.26
C ALA CA 89 6.63 -116.51 35.52
N ASP CA 90 6.12 -115.28 35.49
CA ASP CA 90 6.32 -114.33 36.57
C ASP CA 90 5.20 -114.36 37.60
N GLU CA 91 3.95 -114.23 37.15
CA GLU CA 91 2.73 -114.10 37.97
C GLU CA 91 2.92 -113.22 39.21
N GLY CA 92 3.31 -111.98 38.96
CA GLY CA 92 3.31 -111.03 40.05
C GLY CA 92 1.94 -110.52 40.44
N GLU CA 93 0.91 -110.85 39.66
CA GLU CA 93 -0.43 -110.40 39.95
C GLU CA 93 -0.97 -111.09 41.21
N PRO CA 94 -1.55 -110.35 42.14
CA PRO CA 94 -2.15 -110.98 43.31
C PRO CA 94 -3.35 -111.84 42.94
N GLY CA 95 -3.53 -112.94 43.67
CA GLY CA 95 -4.61 -113.86 43.42
C GLY CA 95 -4.28 -114.98 42.47
N THR CA 96 -3.21 -114.85 41.68
CA THR CA 96 -2.88 -115.79 40.63
C THR CA 96 -1.74 -116.71 41.07
N CYS CA 97 -2.01 -118.02 41.08
CA CYS CA 97 -0.99 -118.99 41.45
C CYS CA 97 -1.07 -120.26 40.59
N LYS CA 98 -1.73 -120.20 39.44
CA LYS CA 98 -1.94 -121.41 38.63
C LYS CA 98 -0.66 -121.87 37.96
N ASP CA 99 0.11 -120.94 37.39
CA ASP CA 99 1.33 -121.33 36.69
C ASP CA 99 2.40 -121.84 37.66
N ARG CA 100 2.31 -121.45 38.94
CA ARG CA 100 3.21 -122.03 39.94
C ARG CA 100 2.97 -123.53 40.06
N GLU CA 101 1.71 -123.95 40.11
CA GLU CA 101 1.39 -125.36 40.16
C GLU CA 101 1.68 -126.06 38.84
N ILE CA 102 1.51 -125.35 37.72
CA ILE CA 102 1.85 -125.92 36.41
C ILE CA 102 3.35 -126.22 36.33
N ILE CA 103 4.18 -125.29 36.80
CA ILE CA 103 5.62 -125.48 36.75
C ILE CA 103 6.06 -126.54 37.75
N ARG CA 104 5.52 -126.48 38.97
CA ARG CA 104 6.00 -127.37 40.03
C ARG CA 104 5.55 -128.81 39.82
N HIS CA 105 4.34 -129.01 39.30
CA HIS CA 105 3.76 -130.35 39.23
C HIS CA 105 3.80 -130.95 37.82
N ASP CA 106 3.79 -130.13 36.78
CA ASP CA 106 3.82 -130.63 35.40
C ASP CA 106 4.87 -129.86 34.59
N PRO CA 107 6.16 -130.08 34.87
CA PRO CA 107 7.18 -129.31 34.15
C PRO CA 107 7.43 -129.83 32.75
N HIS CA 108 7.26 -131.15 32.56
CA HIS CA 108 7.47 -131.74 31.24
C HIS CA 108 6.40 -131.31 30.26
N LYS CA 109 5.19 -131.02 30.75
CA LYS CA 109 4.18 -130.42 29.89
C LYS CA 109 4.62 -129.05 29.39
N LEU CA 110 5.25 -128.26 30.26
CA LEU CA 110 5.78 -126.95 29.86
C LEU CA 110 6.92 -127.11 28.86
N VAL CA 111 7.80 -128.11 29.06
CA VAL CA 111 8.91 -128.30 28.14
C VAL CA 111 8.43 -128.77 26.78
N GLU CA 112 7.45 -129.68 26.75
CA GLU CA 112 6.87 -130.12 25.48
C GLU CA 112 6.14 -128.98 24.78
N GLY CA 113 5.45 -128.13 25.54
CA GLY CA 113 4.84 -126.95 24.96
C GLY CA 113 5.86 -125.98 24.39
N CYS CA 114 6.99 -125.82 25.08
CA CYS CA 114 8.08 -125.00 24.56
C CYS CA 114 8.61 -125.55 23.25
N LEU CA 115 8.78 -126.88 23.18
CA LEU CA 115 9.29 -127.51 21.96
C LEU CA 115 8.31 -127.33 20.81
N VAL CA 116 7.01 -127.56 21.05
CA VAL CA 116 6.01 -127.43 20.01
C VAL CA 116 5.90 -125.97 19.55
N GLY CA 117 5.91 -125.03 20.50
CA GLY CA 117 5.86 -123.62 20.14
C GLY CA 117 7.08 -123.17 19.35
N GLY CA 118 8.27 -123.59 19.78
CA GLY CA 118 9.48 -123.25 19.04
C GLY CA 118 9.55 -123.89 17.67
N ARG CA 119 8.90 -125.04 17.51
CA ARG CA 119 8.75 -125.59 16.16
C ARG CA 119 7.76 -124.77 15.35
N ALA CA 120 6.75 -124.19 15.99
CA ALA CA 120 5.74 -123.42 15.26
C ALA CA 120 6.32 -122.15 14.65
N MET CA 121 7.22 -121.48 15.35
CA MET CA 121 7.79 -120.24 14.87
C MET CA 121 9.23 -120.39 14.36
N GLY CA 122 9.78 -121.60 14.42
CA GLY CA 122 11.18 -121.79 14.07
C GLY CA 122 12.13 -121.14 15.05
N ALA CA 123 11.80 -121.17 16.33
CA ALA CA 123 12.65 -120.55 17.33
C ALA CA 123 13.91 -121.37 17.56
N ARG CA 124 15.03 -120.67 17.79
CA ARG CA 124 16.29 -121.36 18.01
C ARG CA 124 16.35 -122.01 19.39
N ALA CA 125 15.90 -121.30 20.42
CA ALA CA 125 15.95 -121.80 21.78
C ALA CA 125 14.78 -121.21 22.56
N ALA CA 126 14.60 -121.71 23.77
CA ALA CA 126 13.52 -121.26 24.65
C ALA CA 126 14.11 -120.69 25.93
N TYR CA 127 13.61 -119.54 26.35
CA TYR CA 127 14.02 -118.90 27.59
C TYR CA 127 12.83 -118.87 28.54
N ILE CA 128 12.99 -119.47 29.71
CA ILE CA 128 11.93 -119.49 30.72
C ILE CA 128 12.34 -118.51 31.82
N TYR CA 129 11.56 -117.45 31.99
CA TYR CA 129 11.84 -116.42 32.97
C TYR CA 129 10.95 -116.68 34.18
N ILE CA 130 11.44 -117.54 35.07
CA ILE CA 130 10.70 -117.85 36.28
C ILE CA 130 10.89 -116.73 37.30
N ARG CA 131 9.97 -116.67 38.26
CA ARG CA 131 10.03 -115.66 39.30
C ARG CA 131 11.23 -115.88 40.22
N GLY CA 132 11.74 -114.79 40.78
CA GLY CA 132 12.90 -114.88 41.66
C GLY CA 132 12.59 -115.60 42.96
N GLU CA 133 11.40 -115.39 43.50
CA GLU CA 133 11.03 -116.05 44.76
C GLU CA 133 10.76 -117.53 44.59
N PHE CA 134 10.55 -117.99 43.36
CA PHE CA 134 10.19 -119.40 43.11
C PHE CA 134 11.46 -120.22 42.88
N TYR CA 135 12.21 -120.41 43.96
CA TYR CA 135 13.46 -121.16 43.85
C TYR CA 135 13.19 -122.65 43.67
N ASN CA 136 12.26 -123.21 44.45
CA ASN CA 136 11.99 -124.64 44.37
C ASN CA 136 11.35 -125.02 43.05
N GLU CA 137 10.45 -124.17 42.53
CA GLU CA 137 9.86 -124.42 41.22
C GLU CA 137 10.92 -124.35 40.12
N ALA CA 138 11.85 -123.40 40.23
CA ALA CA 138 12.93 -123.30 39.26
C ALA CA 138 13.82 -124.53 39.29
N SER CA 139 14.13 -125.03 40.50
CA SER CA 139 14.95 -126.24 40.60
C SER CA 139 14.21 -127.45 40.07
N ASN CA 140 12.90 -127.55 40.30
CA ASN CA 140 12.11 -128.64 39.74
C ASN CA 140 12.10 -128.59 38.21
N LEU CA 141 11.96 -127.40 37.65
CA LEU CA 141 11.98 -127.24 36.20
C LEU CA 141 13.34 -127.57 35.62
N GLN CA 142 14.42 -127.23 36.35
CA GLN CA 142 15.77 -127.56 35.88
C GLN CA 142 16.02 -129.07 35.94
N VAL CA 143 15.50 -129.73 36.98
CA VAL CA 143 15.61 -131.18 37.07
C VAL CA 143 14.87 -131.85 35.92
N ALA CA 144 13.65 -131.36 35.62
CA ALA CA 144 12.90 -131.92 34.51
C ALA CA 144 13.55 -131.63 33.17
N ILE CA 145 14.18 -130.46 33.03
CA ILE CA 145 14.89 -130.12 31.80
C ILE CA 145 16.10 -131.03 31.61
N ARG CA 146 16.82 -131.32 32.69
CA ARG CA 146 17.95 -132.25 32.58
C ARG CA 146 17.47 -133.66 32.28
N GLU CA 147 16.34 -134.07 32.85
CA GLU CA 147 15.80 -135.40 32.55
C GLU CA 147 15.35 -135.51 31.10
N ALA CA 148 14.79 -134.43 30.55
CA ALA CA 148 14.43 -134.45 29.12
C ALA CA 148 15.65 -134.37 28.22
N TYR CA 149 16.70 -133.68 28.66
CA TYR CA 149 17.94 -133.61 27.90
C TYR CA 149 18.63 -134.97 27.85
N GLU CA 150 18.56 -135.72 28.96
CA GLU CA 150 19.22 -137.03 29.02
C GLU CA 150 18.56 -138.02 28.08
N ALA CA 151 17.23 -137.97 27.95
CA ALA CA 151 16.50 -138.91 27.12
C ALA CA 151 16.49 -138.54 25.64
N GLY CA 152 17.13 -137.42 25.26
CA GLY CA 152 17.17 -137.01 23.88
C GLY CA 152 15.92 -136.33 23.38
N LEU CA 153 15.02 -135.92 24.26
CA LEU CA 153 13.80 -135.25 23.84
C LEU CA 153 14.10 -133.85 23.29
N ILE CA 154 15.05 -133.14 23.89
CA ILE CA 154 15.44 -131.82 23.47
C ILE CA 154 16.96 -131.78 23.33
N GLY CA 155 17.46 -130.68 22.78
CA GLY CA 155 18.89 -130.51 22.59
C GLY CA 155 19.33 -130.99 21.21
N LYS CA 156 20.37 -131.82 21.18
CA LYS CA 156 20.89 -132.38 19.94
C LYS CA 156 19.87 -133.39 19.39
N ASN CA 157 19.36 -133.11 18.18
CA ASN CA 157 18.41 -133.97 17.47
C ASN CA 157 17.18 -134.24 18.34
N ALA CA 158 16.42 -133.16 18.56
CA ALA CA 158 15.32 -133.15 19.51
C ALA CA 158 14.22 -134.12 19.07
N CYS CA 159 13.98 -135.14 19.90
CA CYS CA 159 12.90 -136.11 19.74
C CYS CA 159 13.00 -136.89 18.44
N GLY CA 160 14.20 -137.01 17.88
CA GLY CA 160 14.39 -137.72 16.62
C GLY CA 160 13.76 -137.05 15.42
N SER CA 161 13.87 -135.73 15.31
CA SER CA 161 13.26 -135.00 14.22
C SER CA 161 14.23 -134.12 13.44
N GLY CA 162 15.49 -134.03 13.88
CA GLY CA 162 16.47 -133.21 13.18
C GLY CA 162 16.41 -131.73 13.49
N TYR CA 163 15.54 -131.33 14.41
CA TYR CA 163 15.41 -129.93 14.78
C TYR CA 163 16.23 -129.64 16.04
N ASP CA 164 16.84 -128.46 16.07
CA ASP CA 164 17.67 -128.04 17.20
C ASP CA 164 16.88 -127.08 18.08
N PHE CA 165 16.79 -127.41 19.36
CA PHE CA 165 16.05 -126.56 20.30
C PHE CA 165 16.67 -126.71 21.69
N ASP CA 166 16.71 -125.59 22.41
CA ASP CA 166 17.25 -125.56 23.76
C ASP CA 166 16.24 -124.91 24.70
N VAL CA 167 16.43 -125.12 25.99
CA VAL CA 167 15.63 -124.49 27.02
C VAL CA 167 16.56 -123.92 28.08
N PHE CA 168 16.29 -122.68 28.48
CA PHE CA 168 17.06 -122.00 29.51
C PHE CA 168 16.11 -121.49 30.58
N VAL CA 169 16.57 -121.53 31.84
CA VAL CA 169 15.81 -121.00 32.96
C VAL CA 169 16.57 -119.79 33.49
N VAL CA 170 15.90 -118.64 33.50
CA VAL CA 170 16.48 -117.41 34.01
C VAL CA 170 15.64 -116.97 35.20
N ARG CA 171 16.24 -116.98 36.38
CA ARG CA 171 15.52 -116.55 37.57
C ARG CA 171 15.35 -115.04 37.58
N GLY CA 172 14.23 -114.60 38.14
CA GLY CA 172 14.00 -113.18 38.33
C GLY CA 172 14.70 -112.67 39.57
N ALA CA 173 14.33 -111.44 39.96
CA ALA CA 173 14.89 -110.85 41.17
C ALA CA 173 13.83 -110.09 41.96
N GLY CA 174 12.58 -110.56 41.91
CA GLY CA 174 11.52 -109.96 42.70
C GLY CA 174 11.00 -108.65 42.16
N ALA CA 175 10.40 -108.68 40.96
CA ALA CA 175 9.82 -107.49 40.36
C ALA CA 175 8.52 -107.86 39.67
N TYR CA 176 7.45 -107.12 39.98
CA TYR CA 176 6.18 -107.34 39.32
C TYR CA 176 6.17 -106.77 37.91
N ILE CA 177 6.83 -105.62 37.70
CA ILE CA 177 6.87 -104.98 36.40
C ILE CA 177 7.62 -105.83 35.38
N CYS CA 178 8.48 -106.74 35.83
CA CYS CA 178 9.15 -107.67 34.92
C CYS CA 178 8.19 -108.68 34.32
N GLY CA 179 6.95 -108.77 34.80
CA GLY CA 179 5.98 -109.64 34.16
C GLY CA 179 5.53 -109.14 32.80
N GLU CA 180 5.62 -107.83 32.58
CA GLU CA 180 5.32 -107.26 31.27
C GLU CA 180 6.34 -107.74 30.24
N GLU CA 181 5.85 -108.09 29.05
CA GLU CA 181 6.66 -108.84 28.08
C GLU CA 181 7.88 -108.05 27.61
N THR CA 182 7.73 -106.76 27.35
CA THR CA 182 8.87 -105.96 26.91
C THR CA 182 9.82 -105.68 28.07
N ALA CA 183 9.27 -105.46 29.27
CA ALA CA 183 10.13 -105.34 30.45
C ALA CA 183 10.82 -106.66 30.78
N LEU CA 184 10.14 -107.79 30.54
CA LEU CA 184 10.77 -109.10 30.68
C LEU CA 184 11.92 -109.27 29.69
N ILE CA 185 11.71 -108.83 28.45
CA ILE CA 185 12.74 -108.90 27.42
C ILE CA 185 13.95 -108.05 27.81
N GLU CA 186 13.69 -106.86 28.33
CA GLU CA 186 14.78 -105.99 28.79
C GLU CA 186 15.50 -106.60 29.99
N SER CA 187 14.76 -107.21 30.92
CA SER CA 187 15.36 -107.78 32.12
C SER CA 187 16.13 -109.06 31.84
N ILE CA 188 15.81 -109.76 30.75
CA ILE CA 188 16.64 -110.90 30.34
C ILE CA 188 18.02 -110.41 29.94
N GLU CA 189 18.09 -109.30 29.20
CA GLU CA 189 19.32 -108.70 28.70
C GLU CA 189 20.16 -108.03 29.79
N GLY CA 190 19.85 -108.17 31.07
CA GLY CA 190 20.69 -107.61 32.11
C GLY CA 190 20.50 -106.15 32.40
N LYS CA 191 19.38 -105.57 32.00
CA LYS CA 191 19.08 -104.18 32.26
C LYS CA 191 17.99 -104.08 33.32
N GLN CA 192 17.60 -102.84 33.62
CA GLN CA 192 16.46 -102.63 34.51
C GLN CA 192 15.18 -103.05 33.82
N GLY CA 193 14.25 -103.59 34.60
CA GLY CA 193 13.00 -104.08 34.05
C GLY CA 193 12.02 -102.97 33.67
N LYS CA 194 12.37 -102.18 32.67
CA LYS CA 194 11.50 -101.11 32.20
C LYS CA 194 10.96 -101.45 30.83
N PRO CA 195 9.65 -101.39 30.62
CA PRO CA 195 9.07 -101.82 29.34
C PRO CA 195 9.47 -100.92 28.18
N ARG CA 196 9.54 -101.53 27.00
CA ARG CA 196 9.80 -100.81 25.77
C ARG CA 196 8.50 -100.22 25.22
N LEU CA 197 8.61 -99.55 24.08
CA LEU CA 197 7.46 -98.98 23.39
C LEU CA 197 7.17 -99.80 22.14
N LYS CA 198 5.90 -100.17 21.95
CA LYS CA 198 5.49 -100.90 20.78
C LYS CA 198 4.79 -99.94 19.82
N PRO CA 199 5.22 -99.81 18.56
CA PRO CA 199 6.28 -100.49 17.83
C PRO CA 199 7.69 -100.04 18.24
N PRO CA 200 8.72 -100.90 18.05
CA PRO CA 200 8.72 -102.22 17.43
C PRO CA 200 8.16 -103.33 18.30
N PHE CA 201 7.30 -104.17 17.72
CA PHE CA 201 6.78 -105.32 18.42
C PHE CA 201 7.88 -106.35 18.61
N PRO CA 202 7.77 -107.22 19.62
CA PRO CA 202 8.80 -108.25 19.82
C PRO CA 202 8.93 -109.23 18.66
N ALA CA 203 7.91 -109.37 17.82
CA ALA CA 203 8.03 -110.24 16.65
C ALA CA 203 9.04 -109.70 15.63
N ASP CA 204 9.34 -108.40 15.66
CA ASP CA 204 10.38 -107.82 14.82
C ASP CA 204 11.68 -107.61 15.57
N VAL CA 205 11.63 -106.87 16.69
CA VAL CA 205 12.79 -106.62 17.53
C VAL CA 205 12.42 -107.01 18.95
N GLY CA 206 13.04 -108.08 19.46
CA GLY CA 206 12.76 -108.55 20.80
C GLY CA 206 13.98 -108.67 21.67
N VAL CA 207 14.27 -109.86 22.18
CA VAL CA 207 15.40 -110.05 23.07
C VAL CA 207 16.68 -110.11 22.25
N PHE CA 208 17.68 -109.31 22.67
CA PHE CA 208 18.94 -109.10 21.95
C PHE CA 208 18.71 -108.59 20.52
N GLY CA 209 17.58 -107.93 20.27
CA GLY CA 209 17.26 -107.45 18.94
C GLY CA 209 16.82 -108.50 17.96
N CYS CA 210 16.61 -109.72 18.40
CA CYS CA 210 16.18 -110.85 17.59
C CYS CA 210 14.66 -110.96 17.60
N PRO CA 211 14.07 -111.62 16.61
CA PRO CA 211 12.63 -111.92 16.67
C PRO CA 211 12.30 -112.77 17.90
N THR CA 212 11.22 -112.42 18.58
CA THR CA 212 10.89 -112.98 19.88
C THR CA 212 9.39 -113.08 20.03
N THR CA 213 8.92 -114.17 20.61
CA THR CA 213 7.51 -114.31 20.99
C THR CA 213 7.43 -114.64 22.46
N VAL CA 214 6.72 -113.81 23.22
CA VAL CA 214 6.55 -114.00 24.66
C VAL CA 214 5.17 -114.57 24.91
N ALA CA 215 5.11 -115.75 25.52
CA ALA CA 215 3.85 -116.45 25.75
C ALA CA 215 3.76 -116.92 27.19
N ASN CA 216 2.53 -116.97 27.70
CA ASN CA 216 2.30 -117.39 29.07
C ASN CA 216 2.52 -118.89 29.22
N VAL CA 217 2.71 -119.33 30.47
CA VAL CA 217 2.87 -120.75 30.78
C VAL CA 217 1.60 -121.52 30.44
N GLU CA 218 0.44 -120.95 30.75
CA GLU CA 218 -0.82 -121.66 30.57
C GLU CA 218 -1.16 -121.86 29.11
N THR CA 219 -0.84 -120.89 28.25
CA THR CA 219 -1.09 -121.04 26.83
C THR CA 219 0.01 -121.79 26.10
N VAL CA 220 1.14 -122.06 26.76
CA VAL CA 220 2.19 -122.88 26.18
C VAL CA 220 2.01 -124.35 26.53
N ALA CA 221 1.67 -124.63 27.80
CA ALA CA 221 1.52 -126.01 28.25
C ALA CA 221 0.35 -126.73 27.62
N VAL CA 222 -0.63 -126.00 27.07
CA VAL CA 222 -1.77 -126.64 26.42
C VAL CA 222 -1.60 -126.79 24.92
N SER CA 223 -0.51 -126.25 24.34
CA SER CA 223 -0.30 -126.39 22.91
C SER CA 223 -0.10 -127.84 22.41
N PRO CA 224 0.70 -128.71 23.05
CA PRO CA 224 0.75 -130.10 22.55
C PRO CA 224 -0.57 -130.83 22.66
N THR CA 225 -1.37 -130.56 23.69
CA THR CA 225 -2.68 -131.19 23.80
C THR CA 225 -3.61 -130.71 22.70
N ILE CA 226 -3.52 -129.43 22.33
CA ILE CA 226 -4.31 -128.92 21.20
C ILE CA 226 -3.87 -129.58 19.90
N CYS CA 227 -2.56 -129.67 19.68
CA CYS CA 227 -2.05 -130.26 18.44
C CYS CA 227 -2.27 -131.77 18.38
N ARG CA 228 -2.44 -132.43 19.52
CA ARG CA 228 -2.65 -133.88 19.54
C ARG CA 228 -4.14 -134.24 19.47
N ARG CA 229 -4.93 -133.73 20.41
CA ARG CA 229 -6.35 -134.07 20.46
C ARG CA 229 -7.12 -133.44 19.32
N GLY CA 230 -6.73 -132.26 18.87
CA GLY CA 230 -7.40 -131.60 17.78
C GLY CA 230 -7.93 -130.22 18.14
N GLY CA 231 -8.01 -129.34 17.14
CA GLY CA 231 -8.53 -128.00 17.41
C GLY CA 231 -10.00 -127.99 17.76
N ALA CA 232 -10.79 -128.85 17.11
CA ALA CA 232 -12.22 -128.90 17.37
C ALA CA 232 -12.53 -129.42 18.77
N TRP CA 233 -11.69 -130.31 19.30
CA TRP CA 233 -11.86 -130.77 20.67
C TRP CA 233 -11.69 -129.63 21.66
N PHE CA 234 -10.70 -128.76 21.43
CA PHE CA 234 -10.51 -127.60 22.28
C PHE CA 234 -11.60 -126.55 22.05
N ALA CA 235 -12.13 -126.48 20.83
CA ALA CA 235 -13.16 -125.51 20.50
C ALA CA 235 -14.55 -125.97 20.91
N SER CA 236 -14.72 -127.22 21.34
CA SER CA 236 -16.04 -127.71 21.73
C SER CA 236 -16.48 -127.17 23.08
N PHE CA 237 -15.60 -126.53 23.85
CA PHE CA 237 -15.96 -125.98 25.14
C PHE CA 237 -16.21 -124.48 25.03
N GLY CA 238 -17.08 -123.97 25.91
CA GLY CA 238 -17.33 -122.55 26.00
C GLY CA 238 -18.11 -122.00 24.81
N ARG CA 239 -18.18 -120.68 24.78
CA ARG CA 239 -18.86 -119.96 23.72
C ARG CA 239 -17.91 -119.75 22.54
N GLU CA 240 -18.38 -119.02 21.54
CA GLU CA 240 -17.53 -118.66 20.41
C GLU CA 240 -16.63 -117.51 20.82
N ARG CA 241 -15.36 -117.58 20.38
CA ARG CA 241 -14.23 -116.78 20.89
C ARG CA 241 -14.03 -116.95 22.40
N ASN CA 242 -14.54 -118.03 22.98
CA ASN CA 242 -14.39 -118.34 24.40
C ASN CA 242 -14.15 -119.83 24.57
N SER CA 243 -13.24 -120.38 23.77
CA SER CA 243 -13.06 -121.81 23.69
C SER CA 243 -11.96 -122.30 24.63
N GLY CA 244 -12.17 -123.49 25.19
CA GLY CA 244 -11.13 -124.16 25.94
C GLY CA 244 -11.43 -124.41 27.40
N THR CA 245 -10.37 -124.62 28.19
CA THR CA 245 -10.46 -124.77 29.63
C THR CA 245 -9.61 -123.70 30.29
N LYS CA 246 -9.98 -123.34 31.52
CA LYS CA 246 -9.29 -122.28 32.24
C LYS CA 246 -9.05 -122.70 33.68
N LEU CA 247 -7.88 -122.34 34.21
CA LEU CA 247 -7.57 -122.55 35.61
C LEU CA 247 -8.01 -121.34 36.41
N PHE CA 248 -8.77 -121.59 37.48
CA PHE CA 248 -9.28 -120.55 38.35
C PHE CA 248 -8.68 -120.73 39.74
N ASN CA 249 -8.16 -119.65 40.31
CA ASN CA 249 -7.65 -119.61 41.67
C ASN CA 249 -8.67 -118.83 42.51
N ILE CA 250 -9.50 -119.54 43.26
CA ILE CA 250 -10.51 -118.90 44.10
C ILE CA 250 -9.93 -118.74 45.49
N SER CA 251 -9.92 -117.51 46.00
CA SER CA 251 -9.34 -117.21 47.30
C SER CA 251 -9.98 -115.96 47.87
N GLY CA 252 -9.53 -115.59 49.06
CA GLY CA 252 -10.10 -114.46 49.77
C GLY CA 252 -10.94 -114.93 50.94
N HIS CA 253 -12.17 -114.44 51.03
CA HIS CA 253 -13.10 -114.86 52.07
C HIS CA 253 -14.01 -115.97 51.52
N VAL CA 254 -13.40 -117.14 51.36
CA VAL CA 254 -14.11 -118.34 50.95
C VAL CA 254 -13.78 -119.46 51.92
N ASN CA 255 -14.61 -120.50 51.91
CA ASN CA 255 -14.41 -121.61 52.84
C ASN CA 255 -13.19 -122.44 52.46
N ASN CA 256 -13.04 -122.76 51.17
CA ASN CA 256 -11.95 -123.59 50.68
C ASN CA 256 -11.28 -122.90 49.49
N PRO CA 257 -10.26 -122.09 49.72
CA PRO CA 257 -9.52 -121.48 48.60
C PRO CA 257 -8.72 -122.53 47.86
N CYS CA 258 -8.85 -122.55 46.53
CA CYS CA 258 -8.24 -123.64 45.77
C CYS CA 258 -8.03 -123.22 44.33
N THR CA 259 -7.18 -123.98 43.65
CA THR CA 259 -6.93 -123.85 42.22
C THR CA 259 -7.58 -125.04 41.52
N VAL CA 260 -8.45 -124.75 40.56
CA VAL CA 260 -9.21 -125.80 39.88
C VAL CA 260 -9.41 -125.42 38.42
N GLU CA 261 -9.27 -126.39 37.53
CA GLU CA 261 -9.57 -126.18 36.12
C GLU CA 261 -11.07 -126.35 35.88
N GLU CA 262 -11.58 -125.65 34.87
CA GLU CA 262 -13.00 -125.63 34.60
C GLU CA 262 -13.22 -125.27 33.15
N GLU CA 263 -14.46 -125.45 32.69
CA GLU CA 263 -14.87 -124.99 31.37
C GLU CA 263 -14.76 -123.48 31.29
N MET CA 264 -14.50 -122.98 30.08
CA MET CA 264 -14.08 -121.59 29.90
C MET CA 264 -15.21 -120.62 30.20
N SER CA 265 -16.46 -121.02 30.01
CA SER CA 265 -17.62 -120.16 30.23
C SER CA 265 -18.47 -120.62 31.40
N VAL CA 266 -17.83 -121.01 32.49
CA VAL CA 266 -18.57 -121.47 33.68
C VAL CA 266 -19.17 -120.26 34.40
N PRO CA 267 -20.39 -120.36 34.93
CA PRO CA 267 -20.92 -119.27 35.76
C PRO CA 267 -20.11 -119.10 37.04
N LEU CA 268 -20.06 -117.86 37.53
CA LEU CA 268 -19.27 -117.54 38.72
C LEU CA 268 -19.90 -118.10 39.98
N LYS CA 269 -21.23 -117.99 40.11
CA LYS CA 269 -21.91 -118.48 41.29
C LYS CA 269 -21.78 -119.99 41.44
N GLU CA 270 -21.92 -120.72 40.32
CA GLU CA 270 -21.75 -122.16 40.35
C GLU CA 270 -20.34 -122.57 40.73
N LEU CA 271 -19.34 -121.85 40.20
CA LEU CA 271 -17.95 -122.16 40.51
C LEU CA 271 -17.64 -121.93 41.99
N ILE CA 272 -18.10 -120.80 42.53
CA ILE CA 272 -17.85 -120.48 43.94
C ILE CA 272 -18.58 -121.47 44.85
N GLU CA 273 -19.84 -121.78 44.51
CA GLU CA 273 -20.63 -122.68 45.35
C GLU CA 273 -20.10 -124.10 45.32
N LYS CA 274 -19.61 -124.55 44.16
CA LYS CA 274 -19.18 -125.94 44.01
C LYS CA 274 -17.73 -126.16 44.48
N HIS CA 275 -16.79 -125.44 43.88
CA HIS CA 275 -15.39 -125.76 44.13
C HIS CA 275 -14.88 -125.13 45.42
N ALA CA 276 -15.21 -123.87 45.68
CA ALA CA 276 -14.70 -123.18 46.85
C ALA CA 276 -15.44 -123.53 48.13
N GLY CA 277 -16.55 -124.27 48.05
CA GLY CA 277 -17.31 -124.63 49.21
C GLY CA 277 -18.26 -123.56 49.71
N GLY CA 278 -18.34 -122.43 49.03
CA GLY CA 278 -19.25 -121.37 49.42
C GLY CA 278 -18.53 -120.24 50.13
N VAL CA 279 -19.15 -119.06 50.08
CA VAL CA 279 -18.60 -117.88 50.75
C VAL CA 279 -18.76 -118.05 52.26
N THR CA 280 -17.82 -117.47 53.02
CA THR CA 280 -17.86 -117.52 54.47
C THR CA 280 -19.10 -116.82 55.00
N GLY CA 281 -20.00 -117.58 55.61
CA GLY CA 281 -21.27 -117.05 56.07
C GLY CA 281 -22.41 -117.20 55.09
N GLY CA 282 -22.26 -118.03 54.05
CA GLY CA 282 -23.30 -118.24 53.07
C GLY CA 282 -23.17 -117.31 51.88
N TRP CA 283 -24.02 -117.59 50.88
CA TRP CA 283 -24.01 -116.79 49.66
C TRP CA 283 -24.54 -115.37 49.91
N ASP CA 284 -25.48 -115.22 50.85
CA ASP CA 284 -26.04 -113.92 51.17
C ASP CA 284 -25.05 -113.02 51.90
N ASN CA 285 -23.91 -113.55 52.34
CA ASN CA 285 -22.88 -112.78 53.00
C ASN CA 285 -21.91 -112.14 52.02
N LEU CA 286 -22.13 -112.30 50.72
CA LEU CA 286 -21.23 -111.72 49.72
C LEU CA 286 -21.30 -110.21 49.72
N LEU CA 287 -20.15 -109.58 49.49
CA LEU CA 287 -20.06 -108.14 49.29
C LEU CA 287 -19.50 -107.79 47.92
N ALA CA 288 -18.37 -108.37 47.55
CA ALA CA 288 -17.74 -108.02 46.28
C ALA CA 288 -16.86 -109.18 45.81
N VAL CA 289 -16.68 -109.26 44.50
CA VAL CA 289 -15.82 -110.26 43.88
C VAL CA 289 -14.93 -109.57 42.86
N ILE CA 290 -13.64 -109.80 42.95
CA ILE CA 290 -12.68 -109.39 41.93
C ILE CA 290 -12.42 -110.60 41.03
N PRO CA 291 -12.77 -110.55 39.75
CA PRO CA 291 -12.76 -111.76 38.93
C PRO CA 291 -11.37 -112.20 38.48
N GLY CA 292 -10.46 -111.25 38.26
CA GLY CA 292 -9.18 -111.60 37.70
C GLY CA 292 -7.97 -110.94 38.31
N GLY CA 293 -7.99 -110.73 39.62
CA GLY CA 293 -6.86 -110.12 40.28
C GLY CA 293 -6.89 -108.61 40.23
N SER CA 294 -5.82 -108.02 40.75
CA SER CA 294 -5.78 -106.59 41.04
C SER CA 294 -5.87 -105.71 39.80
N SER CA 295 -5.65 -106.26 38.60
CA SER CA 295 -5.80 -105.45 37.40
C SER CA 295 -7.27 -105.22 37.07
N THR CA 296 -8.12 -106.22 37.27
CA THR CA 296 -9.52 -106.15 36.88
C THR CA 296 -10.34 -105.45 37.97
N PRO CA 297 -11.36 -104.69 37.60
CA PRO CA 297 -12.20 -104.03 38.60
C PRO CA 297 -13.13 -105.02 39.30
N LEU CA 298 -13.58 -104.63 40.48
CA LEU CA 298 -14.47 -105.44 41.29
C LEU CA 298 -15.91 -105.33 40.81
N ILE CA 299 -16.71 -106.33 41.15
CA ILE CA 299 -18.15 -106.30 40.87
C ILE CA 299 -18.91 -106.69 42.13
N PRO CA 300 -20.09 -106.09 42.37
CA PRO CA 300 -20.81 -106.38 43.62
C PRO CA 300 -21.65 -107.65 43.54
N LYS CA 301 -22.45 -107.90 44.58
CA LYS CA 301 -23.26 -109.11 44.64
C LYS CA 301 -24.40 -109.09 43.64
N SER CA 302 -24.85 -107.90 43.23
CA SER CA 302 -25.99 -107.80 42.31
C SER CA 302 -25.64 -108.32 40.93
N VAL CA 303 -24.38 -108.21 40.52
CA VAL CA 303 -23.98 -108.67 39.20
C VAL CA 303 -23.49 -110.11 39.23
N CYS CA 304 -22.97 -110.56 40.37
CA CYS CA 304 -22.36 -111.89 40.48
C CYS CA 304 -23.36 -113.03 40.40
N GLU CA 305 -24.66 -112.74 40.51
CA GLU CA 305 -25.65 -113.81 40.51
C GLU CA 305 -25.81 -114.44 39.13
N THR CA 306 -25.79 -113.63 38.07
CA THR CA 306 -26.10 -114.08 36.72
C THR CA 306 -25.01 -113.65 35.74
N VAL CA 307 -23.75 -113.91 36.08
CA VAL CA 307 -22.64 -113.56 35.21
C VAL CA 307 -21.92 -114.83 34.79
N LEU CA 308 -21.27 -114.77 33.62
CA LEU CA 308 -20.47 -115.85 33.09
C LEU CA 308 -19.01 -115.44 33.06
N MET CA 309 -18.12 -116.36 33.42
CA MET CA 309 -16.70 -116.04 33.54
C MET CA 309 -15.93 -116.35 32.27
N ASP CA 310 -16.27 -115.65 31.20
CA ASP CA 310 -15.44 -115.67 30.00
C ASP CA 310 -15.04 -114.25 29.63
N PHE CA 311 -14.44 -114.07 28.45
CA PHE CA 311 -13.97 -112.75 28.06
C PHE CA 311 -15.12 -111.81 27.76
N ASP CA 312 -16.08 -112.26 26.95
CA ASP CA 312 -17.12 -111.36 26.43
C ASP CA 312 -18.12 -110.96 27.52
N ALA CA 313 -18.59 -111.94 28.29
CA ALA CA 313 -19.57 -111.64 29.33
C ALA CA 313 -18.99 -110.86 30.50
N LEU CA 314 -17.67 -110.72 30.56
CA LEU CA 314 -17.05 -109.88 31.57
C LEU CA 314 -16.63 -108.52 31.04
N ILE CA 315 -16.26 -108.39 29.76
CA ILE CA 315 -16.03 -107.05 29.24
C ILE CA 315 -17.38 -106.33 29.11
N GLN CA 316 -18.45 -107.06 28.83
CA GLN CA 316 -19.78 -106.46 28.81
C GLN CA 316 -20.25 -106.08 30.21
N ALA CA 317 -19.63 -106.63 31.26
CA ALA CA 317 -19.99 -106.34 32.64
C ALA CA 317 -19.09 -105.29 33.27
N GLN CA 318 -18.64 -104.32 32.46
CA GLN CA 318 -17.68 -103.26 32.77
C GLN CA 318 -16.51 -103.71 33.65
N THR CA 319 -15.95 -104.87 33.33
CA THR CA 319 -14.75 -105.36 34.00
C THR CA 319 -13.98 -106.20 32.98
N GLY CA 320 -13.06 -107.04 33.46
CA GLY CA 320 -12.31 -107.90 32.58
C GLY CA 320 -12.11 -109.27 33.20
N LEU CA 321 -11.81 -110.24 32.34
CA LEU CA 321 -11.47 -111.58 32.83
C LEU CA 321 -10.11 -111.58 33.50
N GLY CA 322 -9.11 -110.96 32.87
CA GLY CA 322 -7.78 -110.93 33.45
C GLY CA 322 -7.16 -112.31 33.47
N THR CA 323 -6.60 -112.67 34.62
CA THR CA 323 -5.93 -113.96 34.80
C THR CA 323 -6.85 -115.02 35.39
N ALA CA 324 -8.14 -114.72 35.52
CA ALA CA 324 -9.14 -115.59 36.15
C ALA CA 324 -8.72 -115.99 37.57
N ALA CA 325 -8.51 -114.97 38.39
CA ALA CA 325 -8.14 -115.13 39.79
C ALA CA 325 -9.22 -114.49 40.64
N VAL CA 326 -10.00 -115.31 41.33
CA VAL CA 326 -11.18 -114.84 42.06
C VAL CA 326 -10.74 -114.44 43.46
N ILE CA 327 -11.00 -113.18 43.81
CA ILE CA 327 -10.80 -112.69 45.16
C ILE CA 327 -12.16 -112.31 45.73
N VAL CA 328 -12.57 -112.96 46.82
CA VAL CA 328 -13.90 -112.82 47.37
C VAL CA 328 -13.83 -112.01 48.67
N MET CA 329 -14.63 -110.95 48.76
CA MET CA 329 -14.76 -110.16 49.97
C MET CA 329 -16.20 -110.23 50.46
N ASP CA 330 -16.39 -110.59 51.72
CA ASP CA 330 -17.72 -110.69 52.31
C ASP CA 330 -18.05 -109.39 53.05
N ARG CA 331 -19.17 -109.37 53.78
CA ARG CA 331 -19.66 -108.15 54.41
C ARG CA 331 -18.77 -107.67 55.55
N SER CA 332 -17.87 -108.51 56.05
CA SER CA 332 -16.99 -108.15 57.15
C SER CA 332 -15.66 -107.56 56.67
N THR CA 333 -15.64 -106.96 55.49
CA THR CA 333 -14.43 -106.39 54.92
C THR CA 333 -14.62 -104.90 54.66
N ASP CA 334 -13.55 -104.15 54.85
CA ASP CA 334 -13.50 -102.75 54.45
C ASP CA 334 -13.01 -102.69 53.01
N ILE CA 335 -13.91 -102.32 52.09
CA ILE CA 335 -13.56 -102.31 50.67
C ILE CA 335 -12.56 -101.21 50.38
N VAL CA 336 -12.72 -100.05 51.03
CA VAL CA 336 -11.81 -98.94 50.80
C VAL CA 336 -10.41 -99.28 51.27
N LYS CA 337 -10.30 -100.03 52.38
CA LYS CA 337 -8.99 -100.49 52.85
C LYS CA 337 -8.36 -101.46 51.87
N ALA CA 338 -9.16 -102.36 51.28
CA ALA CA 338 -8.64 -103.30 50.30
C ALA CA 338 -8.15 -102.60 49.04
N ILE CA 339 -8.93 -101.62 48.55
CA ILE CA 339 -8.51 -100.89 47.36
C ILE CA 339 -7.29 -100.02 47.66
N ALA CA 340 -7.22 -99.46 48.86
CA ALA CA 340 -6.03 -98.70 49.25
C ALA CA 340 -4.79 -99.59 49.32
N ARG CA 341 -4.96 -100.83 49.81
CA ARG CA 341 -3.86 -101.77 49.80
C ARG CA 341 -3.45 -102.15 48.38
N LEU CA 342 -4.43 -102.28 47.48
CA LEU CA 342 -4.11 -102.58 46.08
C LEU CA 342 -3.34 -101.44 45.43
N ILE CA 343 -3.74 -100.19 45.70
CA ILE CA 343 -3.02 -99.04 45.14
C ILE CA 343 -1.63 -98.92 45.77
N GLU CA 344 -1.49 -99.26 47.05
CA GLU CA 344 -0.17 -99.27 47.67
C GLU CA 344 0.72 -100.34 47.04
N PHE CA 345 0.15 -101.50 46.71
CA PHE CA 345 0.88 -102.52 45.98
C PHE CA 345 1.30 -102.02 44.61
N TYR CA 346 0.42 -101.28 43.93
CA TYR CA 346 0.73 -100.79 42.60
C TYR CA 346 1.78 -99.68 42.64
N LYS CA 347 1.84 -98.91 43.72
CA LYS CA 347 2.89 -97.91 43.84
C LYS CA 347 4.20 -98.50 44.34
N HIS CA 348 4.15 -99.64 45.02
CA HIS CA 348 5.40 -100.32 45.38
C HIS CA 348 5.93 -101.19 44.25
N GLU CA 349 5.12 -101.45 43.23
CA GLU CA 349 5.55 -102.18 42.02
C GLU CA 349 5.25 -101.28 40.83
N SER CA 350 6.17 -100.36 40.54
CA SER CA 350 6.01 -99.44 39.43
C SER CA 350 7.39 -99.00 39.00
N CYS CA 351 7.71 -99.18 37.72
CA CYS CA 351 9.07 -98.99 37.24
C CYS CA 351 9.47 -97.52 37.19
N GLY CA 352 8.51 -96.61 37.19
CA GLY CA 352 8.81 -95.19 37.28
C GLY CA 352 9.43 -94.57 36.06
N GLN CA 353 9.34 -95.22 34.89
CA GLN CA 353 9.92 -94.65 33.69
C GLN CA 353 9.08 -93.49 33.17
N CYS CA 354 7.81 -93.75 32.86
CA CYS CA 354 6.96 -92.76 32.23
C CYS CA 354 6.15 -92.00 33.27
N THR CA 355 5.94 -90.71 33.01
CA THR CA 355 5.46 -89.77 34.02
C THR CA 355 4.08 -90.06 34.60
N PRO CA 356 3.01 -90.35 33.82
CA PRO CA 356 1.66 -90.41 34.43
C PRO CA 356 1.50 -91.46 35.51
N CYS CA 357 2.00 -92.67 35.30
CA CYS CA 357 1.97 -93.66 36.37
C CYS CA 357 2.83 -93.25 37.55
N ARG CA 358 4.06 -92.79 37.28
CA ARG CA 358 5.03 -92.46 38.33
C ARG CA 358 4.52 -91.39 39.28
N GLU CA 359 3.72 -90.45 38.79
CA GLU CA 359 3.14 -89.46 39.68
C GLU CA 359 1.74 -89.85 40.17
N GLY CA 360 0.89 -90.31 39.26
CA GLY CA 360 -0.51 -90.50 39.58
C GLY CA 360 -0.79 -91.69 40.47
N VAL CA 361 0.03 -92.74 40.43
CA VAL CA 361 -0.21 -93.87 41.31
C VAL CA 361 0.10 -93.48 42.75
N ASP CA 362 1.17 -92.70 42.97
CA ASP CA 362 1.44 -92.17 44.30
C ASP CA 362 0.36 -91.18 44.74
N TRP CA 363 -0.13 -90.36 43.82
CA TRP CA 363 -1.24 -89.45 44.13
C TRP CA 363 -2.47 -90.22 44.55
N MET CA 364 -2.80 -91.28 43.83
CA MET CA 364 -3.95 -92.12 44.15
C MET CA 364 -3.75 -92.84 45.47
N ASN CA 365 -2.51 -93.24 45.79
CA ASN CA 365 -2.24 -93.86 47.08
C ASN CA 365 -2.49 -92.89 48.23
N LYS CA 366 -2.02 -91.64 48.10
CA LYS CA 366 -2.24 -90.65 49.15
C LYS CA 366 -3.72 -90.32 49.29
N VAL CA 367 -4.43 -90.17 48.18
CA VAL CA 367 -5.86 -89.87 48.22
C VAL CA 367 -6.64 -91.04 48.83
N MET CA 368 -6.26 -92.27 48.50
CA MET CA 368 -6.94 -93.44 49.06
C MET CA 368 -6.66 -93.60 50.54
N ALA CA 369 -5.45 -93.26 50.98
CA ALA CA 369 -5.16 -93.28 52.41
C ALA CA 369 -6.00 -92.25 53.16
N ARG CA 370 -6.15 -91.06 52.58
CA ARG CA 370 -7.04 -90.07 53.18
C ARG CA 370 -8.50 -90.53 53.16
N PHE CA 371 -8.89 -91.28 52.12
CA PHE CA 371 -10.25 -91.83 52.07
C PHE CA 371 -10.48 -92.86 53.17
N VAL CA 372 -9.50 -93.73 53.39
CA VAL CA 372 -9.59 -94.74 54.45
C VAL CA 372 -9.66 -94.07 55.81
N ARG CA 373 -8.80 -93.06 56.04
CA ARG CA 373 -8.91 -92.28 57.26
C ARG CA 373 -10.16 -91.41 57.28
N GLY CA 374 -10.77 -91.16 56.13
CA GLY CA 374 -11.96 -90.35 56.04
C GLY CA 374 -11.73 -88.86 55.98
N ASP CA 375 -10.47 -88.41 55.96
CA ASP CA 375 -10.15 -86.99 55.96
C ASP CA 375 -10.18 -86.44 54.53
N ALA CA 376 -11.38 -86.38 53.98
CA ALA CA 376 -11.57 -85.93 52.62
C ALA CA 376 -13.01 -85.43 52.46
N ARG CA 377 -13.25 -84.78 51.32
CA ARG CA 377 -14.55 -84.25 50.94
C ARG CA 377 -15.11 -84.99 49.74
N PRO CA 378 -16.44 -85.02 49.58
CA PRO CA 378 -17.03 -85.68 48.41
C PRO CA 378 -16.61 -85.09 47.08
N ALA CA 379 -16.36 -83.77 47.03
CA ALA CA 379 -15.94 -83.13 45.80
C ALA CA 379 -14.58 -83.61 45.31
N GLU CA 380 -13.77 -84.18 46.20
CA GLU CA 380 -12.51 -84.77 45.77
C GLU CA 380 -12.72 -86.06 45.01
N ILE CA 381 -13.83 -86.77 45.27
CA ILE CA 381 -14.01 -88.14 44.79
C ILE CA 381 -14.03 -88.19 43.27
N ASP CA 382 -14.87 -87.36 42.66
CA ASP CA 382 -14.89 -87.27 41.20
C ASP CA 382 -13.57 -86.75 40.66
N SER CA 383 -12.90 -85.88 41.42
CA SER CA 383 -11.56 -85.45 41.05
C SER CA 383 -10.61 -86.63 40.96
N LEU CA 384 -10.71 -87.55 41.94
CA LEU CA 384 -9.93 -88.78 41.88
C LEU CA 384 -10.25 -89.57 40.62
N TRP CA 385 -11.53 -89.60 40.24
CA TRP CA 385 -11.94 -90.23 38.99
C TRP CA 385 -11.20 -89.62 37.81
N GLU CA 386 -11.12 -88.29 37.77
CA GLU CA 386 -10.42 -87.64 36.67
C GLU CA 386 -8.94 -87.97 36.67
N ILE CA 387 -8.37 -88.20 37.86
CA ILE CA 387 -6.98 -88.61 37.94
C ILE CA 387 -6.78 -89.94 37.23
N SER CA 388 -7.71 -90.88 37.42
CA SER CA 388 -7.64 -92.14 36.70
C SER CA 388 -7.77 -91.92 35.20
N LYS CA 389 -8.62 -90.97 34.80
CA LYS CA 389 -8.77 -90.68 33.38
C LYS CA 389 -7.56 -89.97 32.81
N GLN CA 390 -6.65 -89.47 33.64
CA GLN CA 390 -5.40 -88.93 33.15
C GLN CA 390 -4.27 -89.95 33.17
N ILE CA 391 -4.55 -91.19 33.59
CA ILE CA 391 -3.55 -92.25 33.62
C ILE CA 391 -3.84 -93.31 32.58
N GLU CA 392 -5.10 -93.70 32.42
CA GLU CA 392 -5.47 -94.75 31.48
C GLU CA 392 -5.25 -94.29 30.04
N GLY CA 393 -4.48 -95.07 29.29
CA GLY CA 393 -4.22 -94.79 27.89
C GLY CA 393 -3.10 -93.82 27.62
N HIS CA 394 -2.48 -93.25 28.65
CA HIS CA 394 -1.40 -92.28 28.48
C HIS CA 394 -0.08 -92.81 29.02
N THR CA 395 0.05 -94.12 29.19
CA THR CA 395 1.24 -94.73 29.77
C THR CA 395 1.87 -95.68 28.77
N ILE CA 396 3.15 -96.01 29.03
CA ILE CA 396 3.87 -96.93 28.15
C ILE CA 396 3.32 -98.35 28.29
N CYS CA 397 3.32 -98.87 29.51
CA CYS CA 397 2.82 -100.21 29.78
C CYS CA 397 1.47 -100.13 30.47
N ALA CA 398 0.79 -101.27 30.53
CA ALA CA 398 -0.59 -101.33 31.00
C ALA CA 398 -0.71 -101.42 32.51
N LEU CA 399 0.34 -101.10 33.25
CA LEU CA 399 0.20 -100.99 34.71
C LEU CA 399 -0.61 -99.77 35.10
N GLY CA 400 -0.57 -98.72 34.27
CA GLY CA 400 -1.39 -97.55 34.55
C GLY CA 400 -2.88 -97.84 34.45
N ASP CA 401 -3.27 -98.57 33.40
CA ASP CA 401 -4.66 -99.03 33.30
C ASP CA 401 -5.02 -99.99 34.42
N GLY CA 402 -4.09 -100.90 34.76
CA GLY CA 402 -4.33 -101.85 35.82
C GLY CA 402 -4.39 -101.23 37.20
N ALA CA 403 -3.88 -100.01 37.35
CA ALA CA 403 -4.04 -99.26 38.59
C ALA CA 403 -5.25 -98.33 38.58
N ALA CA 404 -5.61 -97.80 37.41
CA ALA CA 404 -6.76 -96.92 37.32
C ALA CA 404 -8.08 -97.68 37.37
N TRP CA 405 -8.11 -98.92 36.90
CA TRP CA 405 -9.35 -99.70 36.90
C TRP CA 405 -9.93 -99.99 38.29
N PRO CA 406 -9.16 -100.41 39.31
CA PRO CA 406 -9.80 -100.64 40.62
C PRO CA 406 -10.37 -99.40 41.26
N VAL CA 407 -9.73 -98.24 41.09
CA VAL CA 407 -10.26 -97.00 41.66
C VAL CA 407 -11.57 -96.62 41.00
N GLN CA 408 -11.63 -96.73 39.67
CA GLN CA 408 -12.86 -96.45 38.94
C GLN CA 408 -13.97 -97.41 39.35
N GLY CA 409 -13.65 -98.69 39.47
CA GLY CA 409 -14.66 -99.66 39.88
C GLY CA 409 -15.19 -99.42 41.28
N LEU CA 410 -14.27 -99.16 42.23
CA LEU CA 410 -14.69 -98.90 43.61
C LEU CA 410 -15.53 -97.64 43.71
N ILE CA 411 -15.13 -96.57 43.01
CA ILE CA 411 -15.90 -95.33 43.05
C ILE CA 411 -17.28 -95.54 42.45
N ARG CA 412 -17.33 -96.15 41.25
CA ARG CA 412 -18.58 -96.33 40.53
C ARG CA 412 -19.54 -97.26 41.26
N HIS CA 413 -19.03 -98.20 42.05
CA HIS CA 413 -19.92 -99.13 42.73
C HIS CA 413 -20.22 -98.75 44.17
N PHE CA 414 -19.36 -97.99 44.84
CA PHE CA 414 -19.55 -97.69 46.26
C PHE CA 414 -19.22 -96.24 46.56
N ARG CA 415 -19.66 -95.31 45.71
CA ARG CA 415 -19.68 -93.90 46.11
C ARG CA 415 -20.47 -93.61 47.39
N PRO CA 416 -21.66 -94.19 47.65
CA PRO CA 416 -22.30 -93.92 48.95
C PRO CA 416 -21.51 -94.37 50.17
N GLU CA 417 -20.74 -95.46 50.06
CA GLU CA 417 -19.93 -95.90 51.19
C GLU CA 417 -18.83 -94.89 51.51
N LEU CA 418 -18.14 -94.38 50.47
CA LEU CA 418 -17.11 -93.38 50.67
C LEU CA 418 -17.71 -92.09 51.23
N GLU CA 419 -18.86 -91.68 50.70
CA GLU CA 419 -19.51 -90.45 51.18
C GLU CA 419 -19.93 -90.58 52.63
N GLU CA 420 -20.47 -91.75 53.01
CA GLU CA 420 -20.83 -91.99 54.40
C GLU CA 420 -19.60 -91.96 55.30
N ARG CA 421 -18.48 -92.53 54.84
CA ARG CA 421 -17.26 -92.53 55.63
C ARG CA 421 -16.76 -91.11 55.89
N MET CA 422 -16.69 -90.29 54.84
CA MET CA 422 -16.17 -88.94 55.03
C MET CA 422 -17.14 -88.05 55.80
N GLN CA 423 -18.45 -88.24 55.62
CA GLN CA 423 -19.39 -87.44 56.39
C GLN CA 423 -19.41 -87.86 57.85
N ARG CA 424 -19.16 -89.15 58.15
CA ARG CA 424 -19.02 -89.59 59.52
C ARG CA 424 -17.77 -88.98 60.16
N PHE CA 425 -16.67 -88.94 59.42
CA PHE CA 425 -15.46 -88.28 59.91
C PHE CA 425 -15.70 -86.80 60.19
N ALA CA 426 -16.41 -86.13 59.28
CA ALA CA 426 -16.68 -84.70 59.43
C ALA CA 426 -17.59 -84.42 60.61
N GLN CA 427 -18.64 -85.23 60.79
CA GLN CA 427 -19.56 -85.01 61.89
C GLN CA 427 -18.99 -85.48 63.23
N GLN CA 428 -17.95 -86.32 63.21
CA GLN CA 428 -17.34 -86.77 64.46
C GLN CA 428 -16.22 -85.85 64.92
N HIS CA 429 -15.18 -85.69 64.09
CA HIS CA 429 -14.04 -84.90 64.52
C HIS CA 429 -14.25 -83.39 64.36
N GLN CA 430 -15.27 -82.97 63.62
CA GLN CA 430 -15.52 -81.54 63.44
C GLN CA 430 -16.97 -81.19 63.75
N ALA DA 1 15.53 -97.19 53.68
CA ALA DA 1 15.38 -97.36 52.24
C ALA DA 1 16.04 -96.20 51.48
N LEU DA 2 17.37 -96.17 51.52
CA LEU DA 2 18.15 -95.12 50.85
C LEU DA 2 18.78 -95.68 49.59
N PHE DA 3 18.58 -94.99 48.47
CA PHE DA 3 19.11 -95.41 47.18
C PHE DA 3 20.43 -94.73 46.84
N VAL DA 4 21.04 -94.03 47.80
CA VAL DA 4 22.37 -93.47 47.64
C VAL DA 4 23.29 -94.17 48.63
N HIS DA 5 24.58 -94.17 48.29
CA HIS DA 5 25.58 -94.88 49.09
C HIS DA 5 26.56 -93.89 49.69
N ARG DA 6 26.80 -94.03 50.98
CA ARG DA 6 27.82 -93.28 51.70
C ARG DA 6 28.92 -94.23 52.16
N ASP DA 7 30.17 -93.82 51.98
CA ASP DA 7 31.31 -94.69 52.25
C ASP DA 7 31.51 -94.83 53.75
N THR DA 8 31.49 -96.06 54.24
CA THR DA 8 31.66 -96.43 55.64
C THR DA 8 32.75 -97.49 55.75
N PRO DA 9 33.39 -97.61 56.92
CA PRO DA 9 34.37 -98.69 57.10
C PRO DA 9 33.77 -100.09 56.94
N LYS DA 10 32.49 -100.28 57.27
CA LYS DA 10 31.85 -101.57 57.02
C LYS DA 10 31.63 -101.80 55.54
N ASN DA 11 31.21 -100.78 54.81
CA ASN DA 11 30.86 -100.88 53.39
C ASN DA 11 31.67 -99.85 52.61
N ASN DA 12 32.83 -100.28 52.13
CA ASN DA 12 33.75 -99.45 51.36
C ASN DA 12 34.17 -100.22 50.12
N PRO DA 13 34.66 -99.53 49.09
CA PRO DA 13 35.14 -100.25 47.89
C PRO DA 13 36.33 -101.16 48.15
N GLU DA 14 37.06 -100.97 49.25
CA GLU DA 14 38.17 -101.83 49.61
C GLU DA 14 37.75 -102.98 50.51
N THR DA 15 36.45 -103.26 50.61
CA THR DA 15 35.97 -104.42 51.36
C THR DA 15 36.42 -105.69 50.64
N PRO DA 16 37.03 -106.64 51.34
CA PRO DA 16 37.52 -107.87 50.68
C PRO DA 16 36.36 -108.72 50.18
N PHE DA 17 36.37 -109.01 48.88
CA PHE DA 17 35.39 -109.91 48.28
C PHE DA 17 36.03 -110.57 47.06
N ASP DA 18 35.83 -111.88 46.93
CA ASP DA 18 36.25 -112.63 45.76
C ASP DA 18 35.45 -113.91 45.72
N PHE DA 19 35.11 -114.35 44.51
CA PHE DA 19 34.35 -115.57 44.35
C PHE DA 19 35.22 -116.80 44.57
N THR DA 20 34.59 -117.87 45.05
CA THR DA 20 35.27 -119.15 45.16
C THR DA 20 35.47 -119.74 43.76
N PRO DA 21 36.47 -120.62 43.59
CA PRO DA 21 36.69 -121.21 42.25
C PRO DA 21 35.51 -122.02 41.72
N GLU DA 22 34.77 -122.71 42.58
CA GLU DA 22 33.55 -123.36 42.13
C GLU DA 22 32.52 -122.33 41.68
N ASN DA 23 32.45 -121.20 42.36
CA ASN DA 23 31.58 -120.12 41.90
C ASN DA 23 32.11 -119.50 40.61
N TYR DA 24 33.42 -119.51 40.39
CA TYR DA 24 33.97 -119.08 39.11
C TYR DA 24 33.52 -120.01 37.99
N LYS DA 25 33.51 -121.32 38.23
CA LYS DA 25 32.99 -122.26 37.23
C LYS DA 25 31.51 -122.07 36.99
N ARG DA 26 30.74 -121.82 38.05
CA ARG DA 26 29.31 -121.54 37.88
C ARG DA 26 29.07 -120.25 37.11
N ILE DA 27 29.89 -119.23 37.36
CA ILE DA 27 29.78 -117.97 36.63
C ILE DA 27 30.12 -118.17 35.15
N GLU DA 28 31.12 -119.02 34.88
CA GLU DA 28 31.46 -119.34 33.49
C GLU DA 28 30.31 -120.06 32.79
N ALA DA 29 29.63 -120.97 33.50
CA ALA DA 29 28.47 -121.64 32.92
C ALA DA 29 27.33 -120.65 32.67
N ILE DA 30 27.12 -119.71 33.60
CA ILE DA 30 26.10 -118.68 33.45
C ILE DA 30 26.38 -117.81 32.22
N VAL DA 31 27.65 -117.42 32.04
CA VAL DA 31 28.03 -116.62 30.88
C VAL DA 31 27.85 -117.42 29.58
N LYS DA 32 28.23 -118.70 29.60
CA LYS DA 32 28.05 -119.56 28.43
C LYS DA 32 26.59 -119.86 28.13
N ASN DA 33 25.68 -119.61 29.07
CA ASN DA 33 24.25 -119.78 28.79
C ASN DA 33 23.68 -118.70 27.87
N TYR DA 34 24.41 -117.64 27.56
CA TYR DA 34 23.91 -116.48 26.84
C TYR DA 34 24.61 -116.34 25.49
N PRO DA 35 23.97 -115.67 24.52
CA PRO DA 35 24.62 -115.48 23.22
C PRO DA 35 25.86 -114.61 23.31
N GLU DA 36 26.80 -114.86 22.40
CA GLU DA 36 28.03 -114.09 22.34
C GLU DA 36 27.74 -112.67 21.89
N GLY DA 37 28.48 -111.72 22.45
CA GLY DA 37 28.21 -110.32 22.24
C GLY DA 37 27.19 -109.72 23.18
N HIS DA 38 26.58 -110.52 24.04
CA HIS DA 38 25.56 -110.08 24.99
C HIS DA 38 25.86 -110.65 26.37
N LYS DA 39 27.10 -110.51 26.79
CA LYS DA 39 27.56 -110.97 28.09
C LYS DA 39 26.92 -110.22 29.24
N ALA DA 40 26.42 -109.01 29.00
CA ALA DA 40 25.85 -108.17 30.04
C ALA DA 40 24.60 -108.78 30.67
N ALA DA 41 23.92 -109.69 29.96
CA ALA DA 41 22.79 -110.41 30.55
C ALA DA 41 23.22 -111.18 31.77
N ALA DA 42 24.46 -111.67 31.78
CA ALA DA 42 25.00 -112.42 32.91
C ALA DA 42 25.19 -111.55 34.15
N VAL DA 43 24.93 -110.25 34.04
CA VAL DA 43 24.86 -109.40 35.24
C VAL DA 43 23.75 -109.88 36.17
N LEU DA 44 22.60 -110.29 35.60
CA LEU DA 44 21.46 -110.63 36.45
C LEU DA 44 21.67 -111.87 37.33
N PRO DA 45 22.13 -113.05 36.81
CA PRO DA 45 22.32 -114.18 37.74
C PRO DA 45 23.54 -114.06 38.63
N VAL DA 46 24.67 -113.63 38.04
CA VAL DA 46 25.97 -113.68 38.73
C VAL DA 46 25.97 -112.81 39.97
N LEU DA 47 25.39 -111.61 39.87
CA LEU DA 47 25.26 -110.74 41.04
C LEU DA 47 24.44 -111.41 42.13
N ASP DA 48 23.36 -112.10 41.75
CA ASP DA 48 22.59 -112.90 42.70
C ASP DA 48 23.46 -113.99 43.31
N LEU DA 49 24.32 -114.60 42.49
CA LEU DA 49 25.29 -115.57 42.99
C LEU DA 49 26.19 -114.95 44.04
N ALA DA 50 26.58 -113.69 43.84
CA ALA DA 50 27.39 -112.99 44.83
C ALA DA 50 26.66 -112.85 46.15
N GLN DA 51 25.33 -112.67 46.09
CA GLN DA 51 24.53 -112.64 47.31
C GLN DA 51 24.61 -113.97 48.04
N ARG DA 52 24.62 -115.08 47.30
CA ARG DA 52 24.76 -116.39 47.92
C ARG DA 52 26.15 -116.61 48.49
N GLN DA 53 27.11 -115.74 48.17
CA GLN DA 53 28.40 -115.78 48.87
C GLN DA 53 28.30 -115.15 50.24
N ASN DA 54 27.47 -114.13 50.42
CA ASN DA 54 27.47 -113.35 51.66
C ASN DA 54 26.12 -113.24 52.34
N GLY DA 55 25.02 -113.33 51.62
CA GLY DA 55 23.72 -112.99 52.15
C GLY DA 55 23.37 -111.52 52.03
N TRP DA 56 24.32 -110.69 51.60
CA TRP DA 56 24.09 -109.28 51.38
C TRP DA 56 25.14 -108.78 50.39
N LEU DA 57 24.90 -107.59 49.84
CA LEU DA 57 25.77 -107.02 48.83
C LEU DA 57 26.46 -105.76 49.34
N PRO DA 58 27.73 -105.84 49.73
CA PRO DA 58 28.52 -104.62 49.90
C PRO DA 58 28.89 -104.07 48.54
N ILE DA 59 29.44 -102.85 48.52
CA ILE DA 59 29.94 -102.38 47.23
C ILE DA 59 31.39 -102.85 47.12
N SER DA 60 31.54 -104.15 46.92
CA SER DA 60 32.71 -104.78 46.32
C SER DA 60 32.34 -105.91 45.39
N ALA DA 61 31.17 -106.52 45.56
CA ALA DA 61 30.67 -107.49 44.62
C ALA DA 61 30.17 -106.83 43.34
N MET DA 62 29.61 -105.63 43.45
CA MET DA 62 29.13 -104.91 42.28
C MET DA 62 30.28 -104.52 41.37
N ASN DA 63 31.37 -104.00 41.94
CA ASN DA 63 32.54 -103.65 41.15
C ASN DA 63 33.20 -104.90 40.56
N LYS DA 64 33.22 -106.00 41.32
CA LYS DA 64 33.79 -107.24 40.81
C LYS DA 64 32.98 -107.81 39.65
N VAL DA 65 31.65 -107.76 39.76
CA VAL DA 65 30.77 -108.22 38.68
C VAL DA 65 30.93 -107.34 37.46
N ALA DA 66 31.06 -106.02 37.67
CA ALA DA 66 31.31 -105.11 36.55
C ALA DA 66 32.66 -105.38 35.89
N GLU DA 67 33.66 -105.75 36.70
CA GLU DA 67 34.99 -106.00 36.16
C GLU DA 67 35.05 -107.30 35.36
N ILE DA 68 34.37 -108.35 35.83
CA ILE DA 68 34.46 -109.64 35.15
C ILE DA 68 33.55 -109.75 33.94
N LEU DA 69 32.68 -108.77 33.69
CA LEU DA 69 31.76 -108.81 32.56
C LEU DA 69 31.91 -107.63 31.61
N GLN DA 70 32.90 -106.77 31.82
CA GLN DA 70 33.20 -105.62 30.95
C GLN DA 70 32.00 -104.69 30.80
N VAL DA 71 31.37 -104.37 31.93
CA VAL DA 71 30.26 -103.42 31.95
C VAL DA 71 30.63 -102.32 32.94
N PRO DA 72 30.12 -101.09 32.77
CA PRO DA 72 30.39 -100.04 33.76
C PRO DA 72 29.71 -100.38 35.07
N PRO DA 73 30.31 -99.97 36.20
CA PRO DA 73 29.70 -100.30 37.50
C PRO DA 73 28.36 -99.65 37.75
N MET DA 74 28.04 -98.56 37.04
CA MET DA 74 26.78 -97.88 37.27
C MET DA 74 25.60 -98.73 36.79
N ARG DA 75 25.82 -99.55 35.76
CA ARG DA 75 24.78 -100.50 35.33
C ARG DA 75 24.52 -101.55 36.40
N VAL DA 76 25.57 -102.03 37.06
CA VAL DA 76 25.40 -102.99 38.15
C VAL DA 76 24.70 -102.31 39.33
N TYR DA 77 25.00 -101.04 39.59
CA TYR DA 77 24.30 -100.31 40.64
C TYR DA 77 22.82 -100.16 40.31
N GLU DA 78 22.50 -99.89 39.04
CA GLU DA 78 21.11 -99.81 38.60
C GLU DA 78 20.39 -101.13 38.79
N VAL DA 79 21.04 -102.24 38.44
CA VAL DA 79 20.44 -103.55 38.61
C VAL DA 79 20.22 -103.86 40.09
N ALA DA 80 21.20 -103.55 40.93
CA ALA DA 80 21.09 -103.84 42.36
C ALA DA 80 20.09 -102.93 43.06
N THR DA 81 19.82 -101.74 42.53
CA THR DA 81 18.85 -100.85 43.16
C THR DA 81 17.45 -100.98 42.60
N PHE DA 82 17.29 -101.50 41.38
CA PHE DA 82 15.95 -101.64 40.82
C PHE DA 82 15.18 -102.77 41.50
N TYR DA 83 15.82 -103.91 41.71
CA TYR DA 83 15.15 -105.08 42.25
C TYR DA 83 15.23 -105.10 43.77
N THR DA 84 14.19 -105.65 44.39
CA THR DA 84 14.06 -105.64 45.84
C THR DA 84 14.62 -106.88 46.51
N MET DA 85 15.01 -107.89 45.74
CA MET DA 85 15.53 -109.12 46.34
C MET DA 85 17.02 -109.07 46.61
N TYR DA 86 17.72 -108.03 46.17
CA TYR DA 86 19.14 -107.86 46.45
C TYR DA 86 19.30 -107.06 47.73
N ASN DA 87 20.02 -107.63 48.70
CA ASN DA 87 20.21 -107.00 50.00
C ASN DA 87 21.47 -106.15 49.96
N ARG DA 88 21.30 -104.83 50.00
CA ARG DA 88 22.42 -103.91 50.04
C ARG DA 88 22.83 -103.56 51.47
N LYS DA 89 22.16 -104.12 52.47
CA LYS DA 89 22.49 -103.98 53.88
C LYS DA 89 22.62 -105.36 54.49
N PRO DA 90 23.45 -105.51 55.53
CA PRO DA 90 23.63 -106.85 56.12
C PRO DA 90 22.41 -107.32 56.88
N VAL DA 91 21.68 -108.27 56.29
CA VAL DA 91 20.50 -108.85 56.90
C VAL DA 91 20.90 -110.06 57.72
N GLY DA 92 19.98 -110.56 58.55
CA GLY DA 92 20.23 -111.72 59.36
C GLY DA 92 20.25 -113.01 58.55
N LYS DA 93 20.55 -114.11 59.25
CA LYS DA 93 20.67 -115.41 58.59
C LYS DA 93 19.32 -115.91 58.10
N TYR DA 94 18.26 -115.67 58.87
CA TYR DA 94 16.91 -116.10 58.51
C TYR DA 94 16.10 -114.84 58.21
N HIS DA 95 15.90 -114.57 56.93
CA HIS DA 95 15.22 -113.37 56.46
C HIS DA 95 13.74 -113.71 56.26
N ILE DA 96 12.88 -113.18 57.13
CA ILE DA 96 11.46 -113.49 57.11
C ILE DA 96 10.72 -112.42 56.34
N GLN DA 97 9.94 -112.83 55.35
CA GLN DA 97 9.13 -111.93 54.54
C GLN DA 97 7.67 -112.32 54.68
N VAL DA 98 6.82 -111.37 55.04
CA VAL DA 98 5.39 -111.61 55.26
C VAL DA 98 4.63 -110.86 54.18
N CYS DA 99 3.79 -111.59 53.45
CA CYS DA 99 2.97 -111.01 52.39
C CYS DA 99 1.70 -110.43 52.98
N THR DA 100 1.44 -109.15 52.68
CA THR DA 100 0.27 -108.45 53.20
C THR DA 100 -0.54 -107.81 52.07
N THR DA 101 -0.60 -108.47 50.92
CA THR DA 101 -1.49 -108.02 49.87
C THR DA 101 -2.92 -108.45 50.18
N THR DA 102 -3.86 -107.98 49.35
CA THR DA 102 -5.28 -108.14 49.64
C THR DA 102 -5.75 -109.60 49.73
N PRO DA 103 -5.40 -110.52 48.81
CA PRO DA 103 -5.79 -111.93 49.04
C PRO DA 103 -5.14 -112.56 50.25
N CYS DA 104 -4.04 -112.01 50.75
CA CYS DA 104 -3.47 -112.44 52.03
C CYS DA 104 -3.98 -111.60 53.19
N MET DA 105 -4.39 -110.35 52.94
CA MET DA 105 -4.93 -109.52 54.01
C MET DA 105 -6.32 -109.98 54.43
N LEU DA 106 -7.09 -110.54 53.49
CA LEU DA 106 -8.42 -111.04 53.84
C LEU DA 106 -8.36 -112.25 54.76
N ARG DA 107 -7.28 -113.02 54.70
CA ARG DA 107 -7.11 -114.20 55.55
C ARG DA 107 -6.21 -113.91 56.75
N ASN DA 108 -6.15 -112.65 57.17
CA ASN DA 108 -5.53 -112.22 58.43
C ASN DA 108 -4.03 -112.53 58.48
N SER DA 109 -3.29 -111.95 57.55
CA SER DA 109 -1.83 -112.00 57.61
C SER DA 109 -1.26 -111.06 58.66
N ASP DA 110 -2.01 -110.00 59.02
CA ASP DA 110 -1.57 -109.10 60.07
C ASP DA 110 -1.53 -109.80 61.43
N SER DA 111 -2.35 -110.85 61.60
CA SER DA 111 -2.25 -111.65 62.82
C SER DA 111 -0.91 -112.35 62.92
N ILE DA 112 -0.46 -112.94 61.80
CA ILE DA 112 0.88 -113.52 61.71
C ILE DA 112 1.92 -112.46 62.00
N LEU DA 113 1.71 -111.24 61.46
CA LEU DA 113 2.66 -110.16 61.66
C LEU DA 113 2.80 -109.77 63.13
N GLU DA 114 1.68 -109.62 63.85
CA GLU DA 114 1.83 -109.15 65.23
C GLU DA 114 2.32 -110.29 66.11
N ALA DA 115 2.00 -111.54 65.74
CA ALA DA 115 2.55 -112.68 66.48
C ALA DA 115 4.06 -112.75 66.34
N ILE DA 116 4.59 -112.54 65.13
CA ILE DA 116 6.04 -112.53 64.94
C ILE DA 116 6.67 -111.35 65.67
N GLN DA 117 6.03 -110.18 65.60
CA GLN DA 117 6.57 -108.99 66.27
C GLN DA 117 6.59 -109.15 67.79
N LYS DA 118 5.55 -109.78 68.35
CA LYS DA 118 5.51 -110.03 69.79
C LYS DA 118 6.54 -111.07 70.20
N LYS DA 119 6.71 -112.12 69.39
CA LYS DA 119 7.66 -113.17 69.74
C LYS DA 119 9.10 -112.69 69.67
N LEU DA 120 9.48 -112.04 68.57
CA LEU DA 120 10.88 -111.71 68.37
C LEU DA 120 11.30 -110.42 69.06
N GLY DA 121 10.35 -109.61 69.51
CA GLY DA 121 10.70 -108.35 70.15
C GLY DA 121 11.24 -107.30 69.21
N ILE DA 122 10.96 -107.43 67.92
CA ILE DA 122 11.43 -106.49 66.90
C ILE DA 122 10.22 -106.00 66.11
N LYS DA 123 10.46 -105.03 65.24
CA LYS DA 123 9.44 -104.45 64.38
C LYS DA 123 9.76 -104.78 62.93
N VAL DA 124 8.97 -104.22 62.02
CA VAL DA 124 9.16 -104.45 60.59
C VAL DA 124 10.40 -103.71 60.12
N GLY DA 125 11.32 -104.41 59.47
CA GLY DA 125 12.55 -103.83 59.03
C GLY DA 125 13.64 -103.73 60.07
N GLU DA 126 13.50 -104.46 61.18
CA GLU DA 126 14.45 -104.41 62.28
C GLU DA 126 15.14 -105.77 62.43
N THR DA 127 16.44 -105.74 62.69
CA THR DA 127 17.23 -106.96 62.85
C THR DA 127 17.33 -107.35 64.32
N THR DA 128 17.29 -108.65 64.57
CA THR DA 128 17.44 -109.16 65.93
C THR DA 128 18.84 -108.86 66.47
N PRO DA 129 18.98 -108.67 67.78
CA PRO DA 129 20.32 -108.38 68.35
C PRO DA 129 21.35 -109.47 68.12
N ASP DA 130 20.93 -110.74 68.06
CA ASP DA 130 21.85 -111.83 67.80
C ASP DA 130 21.99 -112.15 66.32
N LYS DA 131 21.40 -111.31 65.44
CA LYS DA 131 21.51 -111.42 63.99
C LYS DA 131 21.00 -112.76 63.48
N LEU DA 132 19.92 -113.26 64.10
CA LEU DA 132 19.32 -114.52 63.68
C LEU DA 132 18.08 -114.32 62.83
N PHE DA 133 17.38 -113.21 62.96
CA PHE DA 133 16.16 -112.97 62.22
C PHE DA 133 16.14 -111.52 61.72
N THR DA 134 15.39 -111.30 60.65
CA THR DA 134 15.15 -109.97 60.12
C THR DA 134 13.77 -109.97 59.48
N LEU DA 135 12.83 -109.22 60.06
CA LEU DA 135 11.44 -109.24 59.66
C LEU DA 135 11.10 -108.01 58.84
N ILE DA 136 10.61 -108.23 57.62
CA ILE DA 136 10.14 -107.15 56.77
C ILE DA 136 8.75 -107.53 56.24
N GLU DA 137 8.19 -106.64 55.42
CA GLU DA 137 6.85 -106.81 54.86
C GLU DA 137 6.95 -106.64 53.35
N VAL DA 138 6.50 -107.66 52.61
CA VAL DA 138 6.64 -107.68 51.16
C VAL DA 138 5.25 -107.71 50.52
N GLU DA 139 5.25 -107.66 49.19
CA GLU DA 139 4.04 -107.74 48.39
C GLU DA 139 3.72 -109.21 48.12
N CYS DA 140 2.83 -109.47 47.16
CA CYS DA 140 2.34 -110.82 46.92
C CYS DA 140 3.45 -111.73 46.39
N LEU DA 141 3.46 -112.98 46.85
CA LEU DA 141 4.48 -113.96 46.49
C LEU DA 141 3.90 -115.16 45.76
N GLY DA 142 2.69 -115.05 45.22
CA GLY DA 142 2.19 -116.04 44.29
C GLY DA 142 1.70 -117.35 44.88
N ALA DA 143 1.24 -117.35 46.12
CA ALA DA 143 0.61 -118.51 46.74
C ALA DA 143 -0.65 -118.09 47.47
N CYS DA 144 -1.49 -117.31 46.77
CA CYS DA 144 -2.61 -116.62 47.41
C CYS DA 144 -3.72 -117.56 47.85
N VAL DA 145 -3.85 -118.74 47.24
CA VAL DA 145 -4.83 -119.71 47.74
C VAL DA 145 -4.37 -120.38 49.01
N ASN DA 146 -3.09 -120.24 49.37
CA ASN DA 146 -2.55 -120.73 50.63
C ASN DA 146 -2.39 -119.61 51.65
N ALA DA 147 -3.19 -118.56 51.53
CA ALA DA 147 -3.09 -117.42 52.42
C ALA DA 147 -3.56 -117.80 53.82
N PRO DA 148 -2.95 -117.23 54.87
CA PRO DA 148 -1.77 -116.37 54.86
C PRO DA 148 -0.48 -117.16 54.75
N MET DA 149 0.60 -116.54 54.26
CA MET DA 149 1.84 -117.27 54.03
C MET DA 149 3.01 -116.35 54.27
N VAL DA 150 4.16 -116.96 54.61
CA VAL DA 150 5.42 -116.24 54.76
C VAL DA 150 6.49 -116.99 53.97
N GLN DA 151 7.60 -116.29 53.75
CA GLN DA 151 8.76 -116.89 53.09
C GLN DA 151 9.98 -116.66 53.97
N ILE DA 152 10.67 -117.73 54.31
CA ILE DA 152 11.91 -117.67 55.06
C ILE DA 152 13.02 -118.22 54.17
N ASN DA 153 14.05 -117.40 53.95
CA ASN DA 153 15.10 -117.65 52.96
C ASN DA 153 14.48 -117.92 51.60
N ASP DA 154 14.65 -119.15 51.10
CA ASP DA 154 14.07 -119.56 49.83
C ASP DA 154 12.91 -120.52 49.98
N ASN DA 155 12.38 -120.66 51.20
CA ASN DA 155 11.35 -121.65 51.50
C ASN DA 155 10.03 -120.95 51.82
N TYR DA 156 8.94 -121.61 51.45
CA TYR DA 156 7.59 -121.08 51.65
C TYR DA 156 6.92 -121.81 52.80
N TYR DA 157 6.41 -121.05 53.77
CA TYR DA 157 5.64 -121.60 54.88
C TYR DA 157 4.25 -120.98 54.82
N GLU DA 158 3.28 -121.76 54.38
CA GLU DA 158 1.98 -121.24 53.96
C GLU DA 158 0.87 -121.77 54.86
N ASP DA 159 -0.30 -121.13 54.72
CA ASP DA 159 -1.55 -121.50 55.41
C ASP DA 159 -1.36 -121.54 56.92
N LEU DA 160 -0.66 -120.56 57.47
CA LEU DA 160 -0.28 -120.56 58.87
C LEU DA 160 -1.36 -119.94 59.74
N THR DA 161 -1.31 -120.29 61.02
CA THR DA 161 -2.02 -119.61 62.09
C THR DA 161 -0.92 -119.05 62.99
N PRO DA 162 -1.23 -118.22 64.01
CA PRO DA 162 -0.15 -117.78 64.93
C PRO DA 162 0.59 -118.90 65.62
N LYS DA 163 -0.09 -119.99 65.99
CA LYS DA 163 0.57 -121.11 66.65
C LYS DA 163 1.62 -121.75 65.76
N ASP DA 164 1.29 -121.93 64.47
CA ASP DA 164 2.24 -122.55 63.55
C ASP DA 164 3.47 -121.67 63.31
N ILE DA 165 3.29 -120.35 63.23
CA ILE DA 165 4.46 -119.51 63.00
C ILE DA 165 5.30 -119.40 64.28
N GLU DA 166 4.67 -119.48 65.46
CA GLU DA 166 5.45 -119.59 66.70
C GLU DA 166 6.27 -120.87 66.72
N GLU DA 167 5.65 -122.00 66.31
CA GLU DA 167 6.38 -123.26 66.27
C GLU DA 167 7.51 -123.21 65.26
N ILE DA 168 7.29 -122.54 64.13
CA ILE DA 168 8.32 -122.38 63.11
C ILE DA 168 9.50 -121.58 63.64
N ILE DA 169 9.21 -120.50 64.39
CA ILE DA 169 10.28 -119.69 64.96
C ILE DA 169 11.07 -120.47 66.01
N ASP DA 170 10.37 -121.23 66.86
CA ASP DA 170 11.09 -122.04 67.85
C ASP DA 170 11.90 -123.15 67.19
N GLU DA 171 11.44 -123.67 66.05
CA GLU DA 171 12.22 -124.67 65.34
C GLU DA 171 13.43 -124.05 64.65
N LEU DA 172 13.29 -122.83 64.14
CA LEU DA 172 14.42 -122.14 63.52
C LEU DA 172 15.47 -121.77 64.55
N LYS DA 173 15.05 -121.39 65.75
CA LYS DA 173 16.00 -121.04 66.81
C LYS DA 173 16.78 -122.26 67.29
N ALA DA 174 16.18 -123.45 67.21
CA ALA DA 174 16.85 -124.66 67.66
C ALA DA 174 17.91 -125.16 66.69
N GLY DA 175 17.90 -124.68 65.44
CA GLY DA 175 18.85 -125.10 64.44
C GLY DA 175 18.33 -126.07 63.41
N LYS DA 176 17.13 -126.61 63.61
CA LYS DA 176 16.56 -127.55 62.65
C LYS DA 176 15.92 -126.79 61.48
N ILE DA 177 15.65 -127.53 60.41
CA ILE DA 177 15.04 -126.98 59.21
C ILE DA 177 13.59 -127.47 59.14
N PRO DA 178 12.61 -126.59 59.19
CA PRO DA 178 11.22 -127.01 59.03
C PRO DA 178 10.90 -127.37 57.58
N LYS DA 179 9.83 -128.13 57.41
CA LYS DA 179 9.40 -128.53 56.08
C LYS DA 179 8.72 -127.37 55.37
N PRO DA 180 9.21 -126.96 54.19
CA PRO DA 180 8.57 -125.86 53.47
C PRO DA 180 7.24 -126.26 52.85
N GLY DA 181 6.17 -126.25 53.64
CA GLY DA 181 4.86 -126.59 53.14
C GLY DA 181 3.75 -125.97 53.96
N PRO DA 182 2.51 -126.11 53.48
CA PRO DA 182 1.36 -125.65 54.28
C PRO DA 182 1.23 -126.42 55.58
N ARG DA 183 0.80 -125.72 56.62
CA ARG DA 183 0.66 -126.29 57.95
C ARG DA 183 -0.73 -126.84 58.23
N SER DA 184 -1.63 -126.78 57.26
CA SER DA 184 -2.97 -127.33 57.42
C SER DA 184 -2.98 -128.78 56.94
N GLY DA 185 -4.17 -129.35 56.75
CA GLY DA 185 -4.26 -130.74 56.35
C GLY DA 185 -3.94 -130.97 54.89
N ARG DA 186 -4.20 -129.99 54.04
CA ARG DA 186 -3.97 -130.15 52.61
C ARG DA 186 -2.49 -130.08 52.29
N PHE DA 187 -2.13 -130.52 51.08
CA PHE DA 187 -0.73 -130.61 50.69
C PHE DA 187 -0.27 -129.45 49.83
N SER DA 188 -0.85 -129.27 48.63
CA SER DA 188 -0.42 -128.18 47.76
C SER DA 188 -1.53 -127.19 47.44
N CYS DA 189 -2.61 -127.63 46.80
CA CYS DA 189 -3.67 -126.69 46.43
C CYS DA 189 -5.07 -127.28 46.50
N GLU DA 190 -5.25 -128.51 46.98
CA GLU DA 190 -6.55 -129.14 46.99
C GLU DA 190 -7.47 -128.45 47.99
N PRO DA 191 -8.79 -128.47 47.75
CA PRO DA 191 -9.73 -127.96 48.75
C PRO DA 191 -9.68 -128.79 50.02
N ALA DA 192 -9.90 -128.13 51.16
CA ALA DA 192 -9.83 -128.79 52.44
C ALA DA 192 -11.00 -129.74 52.68
N GLY DA 193 -12.09 -129.60 51.94
CA GLY DA 193 -13.23 -130.48 52.10
C GLY DA 193 -13.22 -131.64 51.13
N GLY DA 194 -12.04 -132.18 50.84
CA GLY DA 194 -11.91 -133.27 49.91
C GLY DA 194 -11.64 -132.82 48.48
N LEU DA 195 -11.17 -133.76 47.67
CA LEU DA 195 -10.85 -133.49 46.27
C LEU DA 195 -12.14 -133.35 45.48
N THR DA 196 -12.47 -132.11 45.09
CA THR DA 196 -13.66 -131.90 44.28
C THR DA 196 -13.44 -132.35 42.84
N SER DA 197 -12.22 -132.24 42.34
CA SER DA 197 -11.88 -132.61 40.97
C SER DA 197 -10.66 -133.52 40.97
N LEU DA 198 -10.34 -134.03 39.78
CA LEU DA 198 -9.16 -134.87 39.53
C LEU DA 198 -9.15 -136.12 40.42
N THR DA 199 -10.32 -136.71 40.63
CA THR DA 199 -10.42 -137.97 41.36
C THR DA 199 -10.21 -139.19 40.47
N GLU DA 200 -10.43 -139.05 39.17
CA GLU DA 200 -10.26 -140.16 38.25
C GLU DA 200 -8.76 -140.45 38.04
N PRO DA 201 -8.38 -141.72 37.89
CA PRO DA 201 -7.00 -142.02 37.52
C PRO DA 201 -6.70 -141.53 36.12
N PRO DA 202 -5.43 -141.23 35.81
CA PRO DA 202 -5.10 -140.70 34.48
C PRO DA 202 -5.31 -141.73 33.38
N LYS DA 203 -5.65 -141.23 32.19
CA LYS DA 203 -6.00 -142.11 31.09
C LYS DA 203 -4.76 -142.78 30.50
N GLY DA 204 -3.68 -142.04 30.33
CA GLY DA 204 -2.46 -142.58 29.77
C GLY DA 204 -2.27 -142.21 28.32
N PRO DA 205 -1.18 -142.69 27.72
CA PRO DA 205 -0.88 -142.33 26.33
C PRO DA 205 -1.82 -143.01 25.35
N GLY DA 206 -1.89 -142.45 24.16
CA GLY DA 206 -2.74 -142.98 23.10
C GLY DA 206 -4.20 -142.59 23.20
N PHE DA 207 -4.58 -141.75 24.16
CA PHE DA 207 -5.96 -141.38 24.36
C PHE DA 207 -6.27 -140.08 23.64
N GLY DA 208 -7.28 -140.11 22.78
CA GLY DA 208 -7.73 -138.90 22.10
C GLY DA 208 -6.84 -138.43 20.98
N VAL DA 209 -5.88 -139.24 20.54
CA VAL DA 209 -5.01 -138.83 19.43
C VAL DA 209 -5.80 -138.91 18.14
N GLN DA 210 -5.87 -137.80 17.42
CA GLN DA 210 -6.63 -137.74 16.18
C GLN DA 210 -5.88 -138.46 15.06
N ALA DA 211 -6.64 -138.91 14.06
CA ALA DA 211 -6.06 -139.60 12.92
C ALA DA 211 -5.29 -138.63 12.03
N GLY DA 212 -4.36 -139.19 11.26
CA GLY DA 212 -3.49 -138.38 10.43
C GLY DA 212 -2.32 -137.76 11.15
N LEU DA 213 -2.13 -138.07 12.43
CA LEU DA 213 -1.01 -137.55 13.20
C LEU DA 213 0.11 -138.56 13.28
N SER EA 1 11.37 -92.62 -6.00
CA SER EA 1 11.01 -91.91 -4.78
C SER EA 1 10.14 -92.78 -3.87
N ASN EA 2 10.50 -92.81 -2.58
CA ASN EA 2 9.76 -93.58 -1.58
C ASN EA 2 8.98 -92.69 -0.63
N LEU EA 3 8.74 -91.43 -1.01
CA LEU EA 3 8.01 -90.52 -0.15
C LEU EA 3 6.54 -90.88 -0.12
N ILE EA 4 5.97 -90.93 1.08
CA ILE EA 4 4.57 -91.27 1.26
C ILE EA 4 3.83 -90.05 1.80
N GLU EA 5 2.51 -90.11 1.69
CA GLU EA 5 1.64 -88.97 1.99
C GLU EA 5 1.09 -89.09 3.41
N VAL EA 6 1.22 -88.02 4.19
CA VAL EA 6 0.56 -87.94 5.49
C VAL EA 6 -0.14 -86.59 5.59
N PHE EA 7 -1.00 -86.47 6.59
CA PHE EA 7 -1.79 -85.27 6.79
C PHE EA 7 -1.58 -84.76 8.21
N VAL EA 8 -1.30 -83.46 8.32
CA VAL EA 8 -1.22 -82.76 9.60
C VAL EA 8 -2.30 -81.70 9.59
N ASP EA 9 -3.31 -81.85 10.46
CA ASP EA 9 -4.46 -80.96 10.55
C ASP EA 9 -5.17 -80.81 9.20
N GLY EA 10 -5.22 -81.90 8.45
CA GLY EA 10 -5.82 -81.89 7.13
C GLY EA 10 -4.91 -81.44 6.00
N GLN EA 11 -3.69 -80.99 6.32
CA GLN EA 11 -2.77 -80.51 5.30
C GLN EA 11 -1.84 -81.64 4.85
N SER EA 12 -1.82 -81.90 3.56
CA SER EA 12 -1.03 -82.99 3.00
C SER EA 12 0.45 -82.62 2.95
N VAL EA 13 1.31 -83.61 3.19
CA VAL EA 13 2.75 -83.41 3.13
C VAL EA 13 3.43 -84.74 2.82
N MET EA 14 4.61 -84.65 2.22
CA MET EA 14 5.43 -85.80 1.83
C MET EA 14 6.41 -86.11 2.95
N VAL EA 15 6.58 -87.39 3.27
CA VAL EA 15 7.56 -87.80 4.26
C VAL EA 15 8.35 -88.99 3.74
N GLU EA 16 9.55 -89.16 4.29
CA GLU EA 16 10.35 -90.35 4.05
C GLU EA 16 9.86 -91.50 4.93
N PRO EA 17 10.12 -92.74 4.54
CA PRO EA 17 9.82 -93.86 5.43
C PRO EA 17 10.66 -93.81 6.69
N GLY EA 18 10.07 -94.27 7.79
CA GLY EA 18 10.73 -94.21 9.08
C GLY EA 18 10.64 -92.88 9.78
N THR EA 19 9.90 -91.92 9.23
CA THR EA 19 9.76 -90.61 9.85
C THR EA 19 8.79 -90.68 11.02
N THR EA 20 9.15 -90.00 12.11
CA THR EA 20 8.26 -89.92 13.26
C THR EA 20 7.18 -88.88 13.00
N VAL EA 21 6.16 -88.90 13.87
CA VAL EA 21 5.07 -87.94 13.76
C VAL EA 21 5.57 -86.53 14.06
N LEU EA 22 6.50 -86.41 15.00
CA LEU EA 22 7.05 -85.12 15.40
C LEU EA 22 7.77 -84.45 14.24
N GLN EA 23 8.56 -85.21 13.49
CA GLN EA 23 9.30 -84.65 12.37
C GLN EA 23 8.36 -84.24 11.23
N ALA EA 24 7.31 -85.02 10.99
CA ALA EA 24 6.33 -84.64 9.97
C ALA EA 24 5.60 -83.36 10.34
N CYS EA 25 5.20 -83.24 11.61
CA CYS EA 25 4.55 -82.01 12.06
C CYS EA 25 5.50 -80.82 12.00
N GLU EA 26 6.79 -81.04 12.26
CA GLU EA 26 7.77 -79.97 12.12
C GLU EA 26 7.94 -79.57 10.66
N LYS EA 27 7.89 -80.55 9.74
CA LYS EA 27 7.99 -80.27 8.32
C LYS EA 27 6.79 -79.45 7.84
N VAL EA 28 5.60 -79.74 8.37
CA VAL EA 28 4.46 -78.89 8.08
C VAL EA 28 4.63 -77.52 8.74
N GLY EA 29 5.10 -77.50 9.97
CA GLY EA 29 5.37 -76.24 10.64
C GLY EA 29 4.90 -76.19 12.08
N MET EA 30 4.37 -77.29 12.59
CA MET EA 30 3.85 -77.37 13.94
C MET EA 30 4.92 -77.99 14.85
N GLN EA 31 5.19 -77.33 15.96
CA GLN EA 31 6.17 -77.81 16.94
C GLN EA 31 5.41 -78.48 18.08
N ILE EA 32 5.41 -79.81 18.08
CA ILE EA 32 4.76 -80.57 19.17
C ILE EA 32 5.61 -80.41 20.43
N PRO EA 33 5.00 -80.06 21.57
CA PRO EA 33 5.79 -79.90 22.80
C PRO EA 33 6.42 -81.22 23.24
N ARG EA 34 7.62 -81.10 23.82
CA ARG EA 34 8.39 -82.26 24.20
C ARG EA 34 9.26 -81.93 25.40
N PHE EA 35 9.56 -82.94 26.20
CA PHE EA 35 10.48 -82.82 27.33
C PHE EA 35 11.68 -83.74 27.20
N CYS EA 36 11.46 -85.04 26.99
CA CYS EA 36 12.56 -85.99 26.91
C CYS EA 36 13.11 -86.15 25.50
N TYR EA 37 12.39 -85.70 24.48
CA TYR EA 37 12.87 -85.86 23.12
C TYR EA 37 13.97 -84.87 22.81
N HIS EA 38 14.98 -85.33 22.07
CA HIS EA 38 16.03 -84.48 21.57
C HIS EA 38 16.40 -84.94 20.17
N GLU EA 39 16.63 -83.98 19.28
CA GLU EA 39 16.97 -84.32 17.90
C GLU EA 39 18.35 -84.93 17.76
N ARG EA 40 19.20 -84.83 18.77
CA ARG EA 40 20.55 -85.36 18.72
C ARG EA 40 20.79 -86.49 19.71
N LEU EA 41 19.78 -86.91 20.44
CA LEU EA 41 19.87 -88.04 21.36
C LEU EA 41 18.91 -89.13 20.91
N SER EA 42 19.09 -90.32 21.48
CA SER EA 42 18.22 -91.43 21.16
C SER EA 42 16.82 -91.20 21.71
N VAL EA 43 15.83 -91.80 21.05
CA VAL EA 43 14.45 -91.62 21.46
C VAL EA 43 14.19 -92.44 22.73
N ALA EA 44 13.74 -91.77 23.78
CA ALA EA 44 13.44 -92.42 25.05
C ALA EA 44 11.94 -92.56 25.30
N GLY EA 45 11.19 -91.48 25.15
CA GLY EA 45 9.75 -91.53 25.28
C GLY EA 45 9.21 -91.83 26.65
N ASN EA 46 9.76 -91.20 27.70
CA ASN EA 46 9.34 -91.48 29.06
C ASN EA 46 8.75 -90.26 29.76
N CYS EA 47 8.22 -89.29 28.99
CA CYS EA 47 7.56 -88.13 29.57
C CYS EA 47 6.11 -87.98 29.14
N ARG EA 48 5.72 -88.55 27.99
CA ARG EA 48 4.35 -88.63 27.48
C ARG EA 48 3.73 -87.25 27.25
N MET EA 49 4.55 -86.21 27.05
CA MET EA 49 3.99 -84.91 26.70
C MET EA 49 3.59 -84.84 25.24
N CYS EA 50 4.34 -85.51 24.36
CA CYS EA 50 4.13 -85.43 22.91
C CYS EA 50 2.96 -86.27 22.42
N LEU EA 51 2.05 -86.69 23.31
CA LEU EA 51 0.94 -87.55 22.93
C LEU EA 51 -0.01 -86.80 22.02
N VAL EA 52 0.03 -87.14 20.73
CA VAL EA 52 -0.84 -86.54 19.73
C VAL EA 52 -1.85 -87.59 19.30
N GLU EA 53 -2.97 -87.14 18.76
CA GLU EA 53 -4.08 -88.02 18.39
C GLU EA 53 -4.10 -88.24 16.89
N ILE EA 54 -4.14 -89.50 16.48
CA ILE EA 54 -4.41 -89.86 15.10
C ILE EA 54 -5.91 -90.10 14.97
N GLU EA 55 -6.51 -89.51 13.94
CA GLU EA 55 -7.95 -89.63 13.75
C GLU EA 55 -8.33 -91.06 13.38
N LYS EA 56 -9.58 -91.41 13.68
CA LYS EA 56 -10.12 -92.77 13.53
C LYS EA 56 -9.29 -93.81 14.28
N ALA EA 57 -8.87 -93.45 15.50
CA ALA EA 57 -8.09 -94.35 16.35
C ALA EA 57 -8.35 -94.02 17.81
N PRO EA 58 -8.70 -95.01 18.63
CA PRO EA 58 -9.08 -94.77 20.02
C PRO EA 58 -7.91 -94.81 21.01
N LYS EA 59 -6.83 -94.11 20.70
CA LYS EA 59 -5.68 -94.01 21.58
C LYS EA 59 -4.81 -92.86 21.09
N VAL EA 60 -4.12 -92.22 22.03
CA VAL EA 60 -3.13 -91.21 21.70
C VAL EA 60 -1.79 -91.89 21.53
N VAL EA 61 -1.00 -91.41 20.57
CA VAL EA 61 0.30 -92.01 20.27
C VAL EA 61 1.39 -91.01 20.59
N ALA EA 62 2.56 -91.52 20.95
CA ALA EA 62 3.71 -90.69 21.27
C ALA EA 62 4.35 -90.22 19.97
N ALA EA 63 4.24 -88.93 19.69
CA ALA EA 63 4.73 -88.40 18.42
C ALA EA 63 6.25 -88.43 18.31
N CYS EA 64 6.96 -88.49 19.44
CA CYS EA 64 8.42 -88.54 19.41
C CYS EA 64 8.95 -89.93 19.06
N ALA EA 65 8.10 -90.95 19.00
CA ALA EA 65 8.54 -92.31 18.72
C ALA EA 65 7.70 -93.05 17.69
N MET EA 66 6.48 -92.63 17.42
CA MET EA 66 5.60 -93.34 16.51
C MET EA 66 6.03 -93.13 15.06
N PRO EA 67 6.33 -94.18 14.31
CA PRO EA 67 6.59 -93.99 12.87
C PRO EA 67 5.30 -93.90 12.09
N VAL EA 68 5.26 -92.94 11.17
CA VAL EA 68 4.04 -92.67 10.41
C VAL EA 68 3.86 -93.72 9.32
N MET EA 69 2.61 -93.94 8.93
CA MET EA 69 2.30 -94.72 7.74
C MET EA 69 1.37 -93.90 6.84
N LYS EA 70 1.04 -94.48 5.69
CA LYS EA 70 0.27 -93.78 4.68
C LYS EA 70 -1.17 -93.57 5.14
N GLY EA 71 -1.73 -92.42 4.77
CA GLY EA 71 -3.12 -92.13 5.06
C GLY EA 71 -3.41 -91.60 6.44
N TRP EA 72 -2.38 -91.33 7.24
CA TRP EA 72 -2.57 -90.84 8.60
C TRP EA 72 -2.90 -89.37 8.58
N ASN EA 73 -3.93 -88.99 9.34
CA ASN EA 73 -4.25 -87.59 9.61
C ASN EA 73 -3.93 -87.31 11.06
N ILE EA 74 -3.07 -86.33 11.30
CA ILE EA 74 -2.58 -86.02 12.64
C ILE EA 74 -3.29 -84.76 13.12
N LEU EA 75 -3.96 -84.87 14.27
CA LEU EA 75 -4.70 -83.74 14.86
C LEU EA 75 -3.86 -83.19 16.02
N THR EA 76 -3.16 -82.10 15.76
CA THR EA 76 -2.29 -81.48 16.74
C THR EA 76 -2.99 -80.46 17.61
N ASN EA 77 -4.26 -80.16 17.34
CA ASN EA 77 -4.98 -79.14 18.10
C ASN EA 77 -6.40 -79.59 18.41
N SER EA 78 -6.62 -80.88 18.61
CA SER EA 78 -7.95 -81.40 18.92
C SER EA 78 -8.21 -81.24 20.42
N GLU EA 79 -9.30 -81.84 20.90
CA GLU EA 79 -9.67 -81.69 22.30
C GLU EA 79 -8.93 -82.70 23.19
N LYS EA 80 -8.91 -83.96 22.78
CA LYS EA 80 -8.31 -84.99 23.63
C LYS EA 80 -6.79 -84.88 23.65
N THR EA 81 -6.18 -84.31 22.62
CA THR EA 81 -4.75 -84.01 22.65
C THR EA 81 -4.44 -83.00 23.74
N LYS EA 82 -5.24 -81.95 23.83
CA LYS EA 82 -5.03 -80.93 24.86
C LYS EA 82 -5.37 -81.48 26.24
N LYS EA 83 -6.37 -82.36 26.33
CA LYS EA 83 -6.67 -83.01 27.61
C LYS EA 83 -5.51 -83.87 28.08
N ALA EA 84 -4.90 -84.63 27.17
CA ALA EA 84 -3.74 -85.45 27.51
C ALA EA 84 -2.56 -84.58 27.95
N ARG EA 85 -2.34 -83.47 27.23
CA ARG EA 85 -1.25 -82.56 27.60
C ARG EA 85 -1.47 -81.97 28.99
N GLU EA 86 -2.70 -81.54 29.28
CA GLU EA 86 -2.99 -80.94 30.57
C GLU EA 86 -2.86 -81.96 31.70
N GLY EA 87 -3.33 -83.19 31.49
CA GLY EA 87 -3.17 -84.21 32.52
C GLY EA 87 -1.73 -84.58 32.76
N VAL EA 88 -0.95 -84.73 31.68
CA VAL EA 88 0.46 -85.08 31.82
C VAL EA 88 1.22 -83.98 32.55
N MET EA 89 0.93 -82.72 32.22
CA MET EA 89 1.66 -81.65 32.90
C MET EA 89 1.16 -81.41 34.32
N GLU EA 90 -0.11 -81.72 34.62
CA GLU EA 90 -0.56 -81.69 36.00
C GLU EA 90 0.18 -82.74 36.83
N PHE EA 91 0.39 -83.92 36.25
CA PHE EA 91 1.20 -84.93 36.93
C PHE EA 91 2.65 -84.47 37.09
N LEU EA 92 3.19 -83.82 36.06
CA LEU EA 92 4.57 -83.34 36.11
C LEU EA 92 4.76 -82.28 37.20
N LEU EA 93 3.80 -81.38 37.34
CA LEU EA 93 3.88 -80.29 38.31
C LEU EA 93 3.29 -80.67 39.66
N ALA EA 94 2.81 -81.91 39.83
CA ALA EA 94 2.31 -82.33 41.13
C ALA EA 94 3.39 -82.34 42.19
N ASN EA 95 4.59 -82.82 41.84
CA ASN EA 95 5.67 -82.97 42.81
C ASN EA 95 6.80 -81.97 42.60
N HIS EA 96 6.62 -81.00 41.72
CA HIS EA 96 7.66 -80.00 41.48
C HIS EA 96 7.72 -79.01 42.65
N PRO EA 97 8.91 -78.66 43.11
CA PRO EA 97 9.02 -77.72 44.23
C PRO EA 97 8.72 -76.29 43.80
N LEU EA 98 8.32 -75.48 44.78
CA LEU EA 98 8.03 -74.07 44.56
C LEU EA 98 9.31 -73.24 44.64
N ASP EA 99 10.23 -73.53 43.72
CA ASP EA 99 11.57 -72.96 43.76
C ASP EA 99 11.79 -71.91 42.68
N CYS EA 100 10.74 -71.44 42.02
CA CYS EA 100 10.90 -70.53 40.89
C CYS EA 100 11.61 -69.21 41.21
N PRO EA 101 11.34 -68.49 42.32
CA PRO EA 101 12.12 -67.27 42.58
C PRO EA 101 13.59 -67.52 42.90
N ILE EA 102 13.96 -68.69 43.39
CA ILE EA 102 15.35 -68.95 43.76
C ILE EA 102 15.99 -69.89 42.74
N CYS EA 103 15.50 -69.84 41.51
CA CYS EA 103 15.95 -70.73 40.44
C CYS EA 103 16.65 -69.93 39.36
N ASP EA 104 17.77 -70.46 38.87
CA ASP EA 104 18.47 -69.82 37.76
C ASP EA 104 17.79 -70.09 36.42
N GLN EA 105 16.90 -71.08 36.35
CA GLN EA 105 16.20 -71.40 35.11
C GLN EA 105 15.00 -70.50 34.87
N GLY EA 106 14.58 -69.73 35.86
CA GLY EA 106 13.42 -68.87 35.73
C GLY EA 106 13.59 -67.80 34.66
N GLY EA 107 12.63 -67.73 33.74
CA GLY EA 107 12.71 -66.87 32.59
C GLY EA 107 13.19 -67.56 31.34
N GLU EA 108 13.84 -68.72 31.47
CA GLU EA 108 14.25 -69.55 30.35
C GLU EA 108 13.93 -71.01 30.62
N CYS EA 109 12.92 -71.26 31.45
CA CYS EA 109 12.53 -72.61 31.82
C CYS EA 109 11.53 -73.15 30.82
N ASP EA 110 11.80 -74.35 30.31
CA ASP EA 110 10.88 -74.99 29.37
C ASP EA 110 9.58 -75.38 30.06
N LEU EA 111 9.67 -75.83 31.32
CA LEU EA 111 8.49 -76.23 32.08
C LEU EA 111 7.55 -75.05 32.29
N GLN EA 112 8.09 -73.88 32.65
CA GLN EA 112 7.27 -72.69 32.81
C GLN EA 112 6.61 -72.27 31.51
N ASP EA 113 7.37 -72.32 30.41
CA ASP EA 113 6.86 -71.84 29.12
C ASP EA 113 5.73 -72.73 28.61
N GLN EA 114 5.92 -74.05 28.63
CA GLN EA 114 4.81 -74.87 28.21
C GLN EA 114 3.73 -75.03 29.27
N SER EA 115 3.99 -74.66 30.53
CA SER EA 115 2.90 -74.59 31.49
C SER EA 115 2.00 -73.40 31.17
N MET EA 116 2.58 -72.29 30.77
CA MET EA 116 1.78 -71.16 30.30
C MET EA 116 1.08 -71.47 28.99
N MET EA 117 1.73 -72.22 28.10
CA MET EA 117 1.16 -72.46 26.79
C MET EA 117 0.08 -73.56 26.83
N PHE EA 118 0.45 -74.77 27.22
CA PHE EA 118 -0.42 -75.93 27.13
C PHE EA 118 -0.95 -76.42 28.46
N GLY EA 119 -0.43 -75.93 29.58
CA GLY EA 119 -0.85 -76.40 30.88
C GLY EA 119 -2.15 -75.77 31.33
N SER EA 120 -2.57 -76.16 32.53
CA SER EA 120 -3.79 -75.63 33.13
C SER EA 120 -3.47 -74.33 33.85
N ASP EA 121 -4.41 -73.83 34.66
CA ASP EA 121 -4.23 -72.58 35.36
C ASP EA 121 -4.26 -72.71 36.88
N ARG EA 122 -4.51 -73.91 37.41
CA ARG EA 122 -4.53 -74.09 38.86
C ARG EA 122 -4.15 -75.53 39.17
N SER EA 123 -3.82 -75.76 40.44
CA SER EA 123 -3.33 -77.05 40.92
C SER EA 123 -4.37 -77.67 41.85
N ARG EA 124 -4.72 -78.92 41.58
CA ARG EA 124 -5.63 -79.69 42.43
C ARG EA 124 -4.89 -80.59 43.41
N PHE EA 125 -3.56 -80.48 43.47
CA PHE EA 125 -2.76 -81.31 44.36
C PHE EA 125 -2.89 -80.78 45.79
N LEU EA 126 -3.42 -81.61 46.68
CA LEU EA 126 -3.62 -81.25 48.08
C LEU EA 126 -2.83 -82.16 49.01
N GLU EA 127 -1.71 -82.70 48.52
CA GLU EA 127 -0.89 -83.63 49.28
C GLU EA 127 0.50 -83.04 49.50
N GLY EA 128 1.39 -83.84 50.07
CA GLY EA 128 2.76 -83.42 50.33
C GLY EA 128 3.69 -83.85 49.22
N LYS EA 129 4.58 -82.94 48.85
CA LYS EA 129 5.54 -83.20 47.78
C LYS EA 129 6.72 -84.01 48.32
N ARG EA 130 7.49 -84.57 47.38
CA ARG EA 130 8.69 -85.32 47.71
C ARG EA 130 9.90 -84.39 47.82
N ALA EA 131 10.99 -84.91 48.35
CA ALA EA 131 12.23 -84.15 48.51
C ALA EA 131 13.40 -85.09 48.28
N VAL EA 132 14.12 -84.89 47.19
CA VAL EA 132 15.24 -85.74 46.81
C VAL EA 132 16.51 -85.20 47.44
N GLU EA 133 17.35 -86.12 47.93
CA GLU EA 133 18.64 -85.74 48.49
C GLU EA 133 19.57 -85.26 47.39
N ASP EA 134 20.27 -84.16 47.65
CA ASP EA 134 21.14 -83.56 46.66
C ASP EA 134 22.39 -84.40 46.43
N LYS EA 135 23.09 -84.10 45.34
CA LYS EA 135 24.29 -84.81 44.94
C LYS EA 135 25.37 -83.81 44.57
N ASN EA 136 26.61 -84.30 44.53
CA ASN EA 136 27.76 -83.50 44.11
C ASN EA 136 28.43 -84.21 42.94
N ILE EA 137 28.58 -83.51 41.83
CA ILE EA 137 29.18 -84.09 40.63
C ILE EA 137 30.31 -83.21 40.12
N GLY EA 138 30.75 -82.26 40.94
CA GLY EA 138 31.89 -81.42 40.59
C GLY EA 138 31.63 -79.95 40.83
N PRO EA 139 32.69 -79.15 40.77
CA PRO EA 139 32.56 -77.70 40.95
C PRO EA 139 32.10 -76.95 39.71
N LEU EA 140 31.63 -77.63 38.67
CA LEU EA 140 31.10 -76.98 37.48
C LEU EA 140 29.58 -77.01 37.44
N VAL EA 141 28.98 -78.17 37.70
CA VAL EA 141 27.54 -78.35 37.58
C VAL EA 141 26.96 -78.40 38.99
N LYS EA 142 26.14 -77.40 39.31
CA LYS EA 142 25.42 -77.39 40.58
C LYS EA 142 24.17 -78.25 40.46
N THR EA 143 24.00 -79.16 41.41
CA THR EA 143 22.97 -80.20 41.37
C THR EA 143 21.93 -79.92 42.45
N ILE EA 144 20.67 -79.79 42.03
CA ILE EA 144 19.53 -79.75 42.93
C ILE EA 144 18.53 -80.75 42.37
N MET EA 145 18.52 -81.97 42.89
CA MET EA 145 17.70 -83.04 42.35
C MET EA 145 16.25 -82.99 42.83
N THR EA 146 15.87 -82.01 43.65
CA THR EA 146 14.46 -81.82 43.96
C THR EA 146 13.68 -81.35 42.74
N ARG EA 147 14.34 -80.65 41.82
CA ARG EA 147 13.70 -80.09 40.65
C ARG EA 147 13.74 -81.00 39.42
N CYS EA 148 14.45 -82.12 39.49
CA CYS EA 148 14.55 -83.01 38.32
C CYS EA 148 13.21 -83.70 38.08
N ILE EA 149 12.87 -83.86 36.80
CA ILE EA 149 11.61 -84.48 36.39
C ILE EA 149 11.83 -85.86 35.80
N GLN EA 150 13.05 -86.40 35.92
CA GLN EA 150 13.43 -87.73 35.41
C GLN EA 150 13.17 -87.85 33.91
N CYS EA 151 13.83 -86.98 33.15
CA CYS EA 151 13.71 -86.96 31.70
C CYS EA 151 14.77 -87.81 31.00
N THR EA 152 15.83 -88.21 31.73
CA THR EA 152 16.90 -89.08 31.25
C THR EA 152 17.59 -88.54 30.00
N ARG EA 153 17.80 -87.22 29.97
CA ARG EA 153 18.75 -86.66 29.02
C ARG EA 153 20.17 -86.74 29.55
N CYS EA 154 20.31 -86.80 30.89
CA CYS EA 154 21.60 -87.01 31.52
C CYS EA 154 22.24 -88.30 31.06
N ILE EA 155 21.48 -89.40 31.17
CA ILE EA 155 22.00 -90.73 30.87
C ILE EA 155 22.33 -90.85 29.39
N ARG EA 156 21.45 -90.35 28.53
CA ARG EA 156 21.68 -90.46 27.09
C ARG EA 156 22.85 -89.59 26.64
N PHE EA 157 23.00 -88.40 27.23
CA PHE EA 157 24.16 -87.58 26.88
C PHE EA 157 25.46 -88.19 27.37
N ALA EA 158 25.47 -88.70 28.61
CA ALA EA 158 26.69 -89.28 29.13
C ALA EA 158 27.01 -90.65 28.54
N SER EA 159 26.05 -91.29 27.88
CA SER EA 159 26.27 -92.60 27.30
C SER EA 159 26.49 -92.57 25.79
N GLU EA 160 25.97 -91.57 25.08
CA GLU EA 160 26.06 -91.56 23.63
C GLU EA 160 26.92 -90.46 23.06
N ILE EA 161 27.15 -89.38 23.81
CA ILE EA 161 27.96 -88.25 23.33
C ILE EA 161 29.26 -88.13 24.12
N ALA EA 162 29.15 -87.99 25.44
CA ALA EA 162 30.36 -87.88 26.26
C ALA EA 162 31.07 -89.22 26.40
N GLY EA 163 30.32 -90.31 26.36
CA GLY EA 163 30.89 -91.64 26.48
C GLY EA 163 31.49 -91.96 27.83
N VAL EA 164 30.87 -91.48 28.90
CA VAL EA 164 31.37 -91.70 30.26
C VAL EA 164 30.71 -92.92 30.90
N ASP EA 165 29.41 -93.09 30.68
CA ASP EA 165 28.61 -94.19 31.24
C ASP EA 165 28.68 -94.21 32.76
N ASP EA 166 28.61 -93.03 33.38
CA ASP EA 166 28.68 -92.90 34.83
C ASP EA 166 27.42 -92.29 35.45
N LEU EA 167 26.40 -92.00 34.66
CA LEU EA 167 25.15 -91.47 35.16
C LEU EA 167 24.04 -92.49 34.96
N GLY EA 168 23.13 -92.56 35.93
CA GLY EA 168 22.06 -93.53 35.83
C GLY EA 168 20.93 -93.21 36.77
N THR EA 169 19.96 -94.12 36.83
CA THR EA 169 18.78 -93.99 37.68
C THR EA 169 18.79 -95.09 38.72
N THR EA 170 18.79 -94.72 39.99
CA THR EA 170 18.73 -95.66 41.10
C THR EA 170 17.39 -95.49 41.80
N GLY EA 171 16.61 -96.57 41.87
CA GLY EA 171 15.31 -96.55 42.50
C GLY EA 171 14.26 -97.16 41.61
N ARG EA 172 13.04 -97.18 42.12
CA ARG EA 172 11.91 -97.77 41.38
C ARG EA 172 10.63 -97.12 41.90
N GLY EA 173 9.99 -96.32 41.05
CA GLY EA 173 8.76 -95.67 41.43
C GLY EA 173 8.92 -94.17 41.60
N ASN EA 174 8.23 -93.59 42.58
CA ASN EA 174 8.33 -92.16 42.82
C ASN EA 174 9.65 -91.77 43.50
N ASP EA 175 10.41 -92.73 44.01
CA ASP EA 175 11.67 -92.45 44.68
C ASP EA 175 12.88 -92.73 43.79
N MET EA 176 12.66 -92.86 42.48
CA MET EA 176 13.77 -93.08 41.57
C MET EA 176 14.56 -91.78 41.39
N GLN EA 177 15.86 -91.85 41.60
CA GLN EA 177 16.72 -90.68 41.58
C GLN EA 177 17.74 -90.82 40.46
N VAL EA 178 17.94 -89.75 39.70
CA VAL EA 178 18.95 -89.70 38.66
C VAL EA 178 20.24 -89.20 39.30
N GLY EA 179 21.25 -90.07 39.37
CA GLY EA 179 22.51 -89.71 39.96
C GLY EA 179 23.61 -90.68 39.59
N THR EA 180 24.60 -90.79 40.46
CA THR EA 180 25.78 -91.61 40.22
C THR EA 180 25.97 -92.72 41.25
N TYR EA 181 25.18 -92.72 42.34
CA TYR EA 181 25.12 -93.74 43.39
C TYR EA 181 26.36 -93.72 44.29
N ILE EA 182 27.39 -92.97 43.93
CA ILE EA 182 28.60 -92.83 44.73
C ILE EA 182 29.11 -91.41 44.56
N GLU EA 183 30.04 -91.02 45.43
CA GLU EA 183 30.66 -89.69 45.35
C GLU EA 183 31.67 -89.70 44.20
N LYS EA 184 31.15 -89.54 42.98
CA LYS EA 184 31.96 -89.54 41.78
C LYS EA 184 31.77 -88.23 41.03
N MET EA 185 32.87 -87.64 40.58
CA MET EA 185 32.84 -86.38 39.87
C MET EA 185 32.66 -86.63 38.37
N PHE EA 186 31.66 -85.97 37.79
CA PHE EA 186 31.38 -86.11 36.36
C PHE EA 186 32.27 -85.12 35.61
N MET EA 187 33.55 -85.49 35.51
CA MET EA 187 34.55 -84.67 34.82
C MET EA 187 34.75 -85.21 33.42
N SER EA 188 34.52 -84.36 32.42
CA SER EA 188 34.64 -84.75 31.03
C SER EA 188 34.95 -83.50 30.21
N GLU EA 189 35.15 -83.71 28.91
CA GLU EA 189 35.34 -82.59 27.99
C GLU EA 189 34.06 -81.78 27.86
N LEU EA 190 32.92 -82.47 27.79
CA LEU EA 190 31.63 -81.88 27.50
C LEU EA 190 30.71 -81.97 28.71
N SER EA 191 31.28 -81.84 29.90
CA SER EA 191 30.53 -81.99 31.14
C SER EA 191 29.65 -80.80 31.46
N GLY EA 192 29.78 -79.70 30.74
CA GLY EA 192 28.93 -78.54 31.00
C GLY EA 192 27.66 -78.56 30.18
N ASN EA 193 27.68 -79.32 29.08
CA ASN EA 193 26.57 -79.28 28.12
C ASN EA 193 25.29 -79.88 28.68
N ILE EA 194 25.36 -80.65 29.76
CA ILE EA 194 24.15 -81.13 30.42
C ILE EA 194 23.34 -79.97 30.94
N ILE EA 195 24.02 -78.90 31.40
CA ILE EA 195 23.33 -77.67 31.80
C ILE EA 195 22.55 -77.09 30.64
N ASP EA 196 23.04 -77.27 29.41
CA ASP EA 196 22.29 -76.81 28.25
C ASP EA 196 21.06 -77.67 28.00
N ILE EA 197 21.11 -78.96 28.32
CA ILE EA 197 20.03 -79.85 27.89
C ILE EA 197 19.25 -80.36 29.09
N CYS EA 198 19.23 -79.58 30.18
CA CYS EA 198 18.34 -79.87 31.28
C CYS EA 198 17.12 -78.96 31.16
N PRO EA 199 15.94 -79.50 30.89
CA PRO EA 199 14.75 -78.64 30.73
C PRO EA 199 14.31 -77.94 32.00
N VAL EA 200 14.80 -78.36 33.17
CA VAL EA 200 14.45 -77.75 34.44
C VAL EA 200 15.71 -77.17 35.07
N GLY EA 201 15.58 -76.59 36.26
CA GLY EA 201 16.72 -76.02 36.94
C GLY EA 201 17.43 -76.99 37.86
N ALA EA 202 17.39 -78.29 37.51
CA ALA EA 202 18.04 -79.29 38.35
C ALA EA 202 19.55 -79.22 38.23
N LEU EA 203 20.07 -79.07 37.02
CA LEU EA 203 21.50 -78.90 36.77
C LEU EA 203 21.73 -77.47 36.31
N THR EA 204 22.42 -76.68 37.13
CA THR EA 204 22.73 -75.31 36.79
C THR EA 204 24.23 -75.12 36.70
N SER EA 205 24.64 -73.96 36.23
CA SER EA 205 26.04 -73.61 36.12
C SER EA 205 26.50 -72.96 37.42
N LYS EA 206 27.42 -73.61 38.13
CA LYS EA 206 27.88 -73.09 39.40
C LYS EA 206 28.58 -71.73 39.34
N PRO EA 207 29.48 -71.43 38.40
CA PRO EA 207 29.99 -70.05 38.31
C PRO EA 207 28.93 -69.02 37.98
N TYR EA 208 27.92 -69.37 37.18
CA TYR EA 208 26.88 -68.45 36.78
C TYR EA 208 25.78 -68.32 37.83
N ALA EA 209 25.78 -69.17 38.85
CA ALA EA 209 24.64 -69.26 39.76
C ALA EA 209 24.43 -67.98 40.56
N PHE EA 210 23.16 -67.57 40.64
CA PHE EA 210 22.70 -66.41 41.41
C PHE EA 210 23.33 -65.10 40.95
N THR EA 211 23.57 -64.95 39.65
CA THR EA 211 24.23 -63.75 39.14
C THR EA 211 23.34 -62.88 38.27
N ALA EA 212 22.66 -63.46 37.28
CA ALA EA 212 21.88 -62.67 36.34
C ALA EA 212 20.55 -63.38 36.09
N ARG EA 213 19.78 -62.84 35.14
CA ARG EA 213 18.49 -63.38 34.77
C ARG EA 213 18.40 -63.34 33.26
N PRO EA 214 17.77 -64.33 32.62
CA PRO EA 214 17.82 -64.43 31.15
C PRO EA 214 17.14 -63.29 30.40
N TRP EA 215 16.19 -62.59 31.02
CA TRP EA 215 15.47 -61.57 30.27
C TRP EA 215 16.23 -60.25 30.17
N GLU EA 216 17.28 -60.05 30.97
CA GLU EA 216 18.01 -58.79 30.98
C GLU EA 216 19.41 -58.90 30.37
N THR EA 217 19.72 -60.01 29.70
CA THR EA 217 21.04 -60.24 29.13
C THR EA 217 20.98 -60.07 27.63
N ARG EA 218 21.91 -59.27 27.09
CA ARG EA 218 22.04 -59.09 25.65
C ARG EA 218 22.90 -60.20 25.07
N LYS EA 219 22.47 -60.77 23.97
CA LYS EA 219 23.13 -61.91 23.34
C LYS EA 219 23.89 -61.43 22.10
N THR EA 220 25.20 -61.65 22.08
CA THR EA 220 26.05 -61.29 20.95
C THR EA 220 26.65 -62.55 20.35
N GLU EA 221 26.45 -62.73 19.05
CA GLU EA 221 26.93 -63.92 18.36
C GLU EA 221 28.38 -63.75 17.99
N SER EA 222 29.24 -64.63 18.49
CA SER EA 222 30.69 -64.51 18.34
C SER EA 222 31.31 -65.87 18.07
N ILE EA 223 32.63 -65.90 17.97
CA ILE EA 223 33.39 -67.09 17.63
C ILE EA 223 34.35 -67.40 18.77
N ASP EA 224 34.41 -68.67 19.16
CA ASP EA 224 35.37 -69.09 20.17
C ASP EA 224 36.78 -69.12 19.59
N VAL EA 225 37.76 -68.72 20.41
CA VAL EA 225 39.16 -68.73 20.03
C VAL EA 225 39.98 -69.65 20.93
N MET EA 226 39.33 -70.43 21.78
CA MET EA 226 40.04 -71.22 22.78
C MET EA 226 40.81 -72.37 22.16
N ASP EA 227 40.30 -72.93 21.06
CA ASP EA 227 40.99 -73.98 20.33
C ASP EA 227 40.87 -73.66 18.84
N ALA EA 228 41.28 -74.61 18.01
CA ALA EA 228 41.25 -74.43 16.56
C ALA EA 228 39.99 -74.99 15.93
N VAL EA 229 39.03 -75.46 16.73
CA VAL EA 229 37.77 -75.95 16.17
C VAL EA 229 36.96 -74.80 15.61
N GLY EA 230 36.98 -73.64 16.28
CA GLY EA 230 36.21 -72.49 15.83
C GLY EA 230 34.74 -72.63 16.16
N SER EA 231 34.43 -72.81 17.43
CA SER EA 231 33.05 -73.01 17.85
C SER EA 231 32.29 -71.69 17.81
N ASN EA 232 31.11 -71.71 17.20
CA ASN EA 232 30.24 -70.56 17.23
C ASN EA 232 29.56 -70.47 18.59
N ILE EA 233 29.64 -69.31 19.24
CA ILE EA 233 29.14 -69.14 20.59
C ILE EA 233 28.26 -67.90 20.64
N VAL EA 234 27.50 -67.78 21.72
CA VAL EA 234 26.70 -66.60 22.03
C VAL EA 234 27.14 -66.12 23.40
N VAL EA 235 27.60 -64.87 23.45
CA VAL EA 235 28.03 -64.26 24.70
C VAL EA 235 26.84 -63.47 25.25
N SER EA 236 26.37 -63.87 26.42
CA SER EA 236 25.28 -63.19 27.10
C SER EA 236 25.88 -62.26 28.14
N THR EA 237 25.74 -60.96 27.91
CA THR EA 237 26.28 -59.91 28.76
C THR EA 237 25.14 -59.15 29.43
N ARG EA 238 25.52 -58.28 30.37
CA ARG EA 238 24.54 -57.48 31.10
C ARG EA 238 25.22 -56.18 31.53
N THR EA 239 24.87 -55.09 30.86
CA THR EA 239 25.36 -53.74 31.17
C THR EA 239 26.89 -53.66 31.16
N GLY EA 240 27.48 -54.08 30.04
CA GLY EA 240 28.92 -53.97 29.89
C GLY EA 240 29.73 -54.99 30.65
N GLU EA 241 29.11 -56.06 31.13
CA GLU EA 241 29.81 -57.11 31.84
C GLU EA 241 29.39 -58.46 31.28
N VAL EA 242 30.36 -59.29 30.92
CA VAL EA 242 30.08 -60.59 30.34
C VAL EA 242 29.60 -61.53 31.43
N MET EA 243 28.43 -62.15 31.22
CA MET EA 243 27.85 -63.05 32.21
C MET EA 243 28.06 -64.52 31.87
N ARG EA 244 27.75 -64.95 30.65
CA ARG EA 244 27.89 -66.37 30.33
C ARG EA 244 28.12 -66.55 28.84
N ILE EA 245 28.50 -67.78 28.47
CA ILE EA 245 28.74 -68.17 27.09
C ILE EA 245 27.93 -69.44 26.81
N LEU EA 246 27.15 -69.42 25.74
CA LEU EA 246 26.26 -70.50 25.34
C LEU EA 246 26.62 -70.97 23.94
N PRO EA 247 26.28 -72.21 23.58
CA PRO EA 247 26.55 -72.68 22.22
C PRO EA 247 25.62 -72.05 21.20
N ARG EA 248 26.09 -72.03 19.96
CA ARG EA 248 25.31 -71.65 18.79
C ARG EA 248 25.14 -72.86 17.89
N MET EA 249 23.99 -72.93 17.23
CA MET EA 249 23.66 -74.10 16.40
C MET EA 249 24.34 -73.94 15.05
N HIS EA 250 25.42 -74.68 14.85
CA HIS EA 250 26.10 -74.74 13.55
C HIS EA 250 26.34 -76.21 13.22
N GLU EA 251 25.67 -76.70 12.19
CA GLU EA 251 25.64 -78.12 11.88
C GLU EA 251 26.97 -78.67 11.38
N ASP EA 252 27.93 -77.81 11.05
CA ASP EA 252 29.18 -78.26 10.47
C ASP EA 252 30.33 -78.38 11.48
N ILE EA 253 30.26 -77.69 12.62
CA ILE EA 253 31.43 -77.60 13.49
C ILE EA 253 31.14 -78.15 14.88
N ASN EA 254 30.26 -77.50 15.61
CA ASN EA 254 30.14 -77.68 17.06
C ASN EA 254 28.67 -77.82 17.45
N GLU EA 255 27.98 -78.75 16.78
CA GLU EA 255 26.55 -78.70 16.45
C GLU EA 255 25.65 -77.98 17.43
N GLU EA 256 25.67 -78.38 18.71
CA GLU EA 256 25.17 -77.50 19.76
C GLU EA 256 25.97 -77.65 21.05
N TRP EA 257 27.23 -78.04 20.95
CA TRP EA 257 28.05 -78.34 22.12
C TRP EA 257 29.29 -77.46 22.13
N ILE EA 258 29.78 -77.18 23.33
CA ILE EA 258 31.06 -76.53 23.55
C ILE EA 258 31.80 -77.26 24.65
N SER EA 259 33.12 -77.14 24.65
CA SER EA 259 33.91 -77.72 25.72
C SER EA 259 33.80 -76.88 26.99
N ASP EA 260 34.33 -77.41 28.08
CA ASP EA 260 34.22 -76.72 29.36
C ASP EA 260 35.11 -75.48 29.42
N LYS EA 261 36.26 -75.51 28.72
CA LYS EA 261 37.15 -74.35 28.70
C LYS EA 261 36.49 -73.16 28.01
N THR EA 262 35.81 -73.42 26.89
CA THR EA 262 35.08 -72.37 26.18
C THR EA 262 33.98 -71.77 27.05
N ARG EA 263 33.26 -72.62 27.79
CA ARG EA 263 32.16 -72.14 28.60
C ARG EA 263 32.65 -71.39 29.84
N PHE EA 264 33.80 -71.77 30.40
CA PHE EA 264 34.20 -71.29 31.72
C PHE EA 264 35.55 -70.57 31.73
N ALA EA 265 36.00 -70.03 30.60
CA ALA EA 265 37.20 -69.19 30.61
C ALA EA 265 36.90 -67.70 30.77
N TYR EA 266 35.64 -67.29 30.86
CA TYR EA 266 35.34 -65.86 30.87
C TYR EA 266 35.73 -65.20 32.18
N ASP EA 267 35.57 -65.90 33.30
CA ASP EA 267 35.97 -65.33 34.59
C ASP EA 267 37.47 -65.17 34.70
N GLY EA 268 38.25 -65.96 33.96
CA GLY EA 268 39.67 -65.67 33.83
C GLY EA 268 39.94 -64.60 32.80
N LEU EA 269 39.06 -64.44 31.81
CA LEU EA 269 39.17 -63.34 30.87
C LEU EA 269 38.96 -61.99 31.55
N LYS EA 270 38.25 -61.94 32.68
CA LYS EA 270 38.08 -60.71 33.42
C LYS EA 270 38.98 -60.63 34.65
N ARG EA 271 40.13 -61.33 34.63
CA ARG EA 271 41.08 -61.31 35.74
C ARG EA 271 42.49 -61.12 35.20
N GLN EA 272 43.33 -60.47 36.02
CA GLN EA 272 44.75 -60.22 35.72
C GLN EA 272 44.94 -59.50 34.38
N ARG EA 273 44.11 -58.49 34.15
CA ARG EA 273 44.08 -57.80 32.87
C ARG EA 273 45.11 -56.68 32.82
N LEU EA 274 45.47 -56.30 31.59
CA LEU EA 274 46.30 -55.14 31.33
C LEU EA 274 45.39 -53.99 30.90
N THR EA 275 45.52 -52.86 31.58
CA THR EA 275 44.62 -51.73 31.36
C THR EA 275 45.31 -50.50 30.80
N GLU EA 276 46.52 -50.20 31.25
CA GLU EA 276 47.26 -49.01 30.85
C GLU EA 276 48.62 -49.43 30.31
N PRO EA 277 49.25 -48.59 29.48
CA PRO EA 277 50.61 -48.89 29.04
C PRO EA 277 51.63 -48.60 30.14
N MET EA 278 52.46 -49.60 30.44
CA MET EA 278 53.58 -49.42 31.36
C MET EA 278 54.88 -49.36 30.57
N VAL EA 279 55.85 -48.62 31.12
CA VAL EA 279 57.20 -48.57 30.57
C VAL EA 279 58.19 -48.72 31.72
N ARG EA 280 59.43 -49.04 31.36
CA ARG EA 280 60.49 -49.23 32.34
C ARG EA 280 61.01 -47.88 32.81
N ASN EA 281 61.15 -47.74 34.13
CA ASN EA 281 61.69 -46.52 34.71
C ASN EA 281 63.20 -46.62 34.82
N GLU EA 282 63.82 -45.71 35.59
CA GLU EA 282 65.26 -45.73 35.77
C GLU EA 282 65.72 -46.86 36.68
N LYS EA 283 64.81 -47.48 37.43
CA LYS EA 283 65.12 -48.61 38.28
C LYS EA 283 64.76 -49.95 37.65
N GLY EA 284 64.30 -49.95 36.40
CA GLY EA 284 63.96 -51.18 35.72
C GLY EA 284 62.60 -51.74 36.05
N LEU EA 285 61.73 -50.97 36.71
CA LEU EA 285 60.40 -51.43 37.06
C LEU EA 285 59.36 -50.85 36.12
N LEU EA 286 58.25 -51.57 35.96
CA LEU EA 286 57.18 -51.13 35.07
C LEU EA 286 56.32 -50.12 35.80
N THR EA 287 56.21 -48.91 35.24
CA THR EA 287 55.36 -47.86 35.79
C THR EA 287 54.43 -47.36 34.71
N HIS EA 288 53.24 -46.92 35.13
CA HIS EA 288 52.20 -46.51 34.20
C HIS EA 288 52.59 -45.22 33.48
N THR EA 289 52.15 -45.11 32.22
CA THR EA 289 52.44 -43.96 31.40
C THR EA 289 51.35 -43.80 30.37
N THR EA 290 51.37 -42.67 29.67
CA THR EA 290 50.36 -42.36 28.67
C THR EA 290 50.59 -43.17 27.39
N TRP EA 291 49.58 -43.16 26.52
CA TRP EA 291 49.69 -43.83 25.23
C TRP EA 291 50.73 -43.16 24.35
N GLU EA 292 50.76 -41.82 24.34
CA GLU EA 292 51.68 -41.08 23.50
C GLU EA 292 53.13 -41.36 23.88
N ASP EA 293 53.43 -41.41 25.18
CA ASP EA 293 54.80 -41.62 25.63
C ASP EA 293 55.31 -43.01 25.25
N ALA EA 294 54.51 -44.05 25.53
CA ALA EA 294 54.92 -45.42 25.20
C ALA EA 294 55.03 -45.62 23.70
N LEU EA 295 54.09 -45.08 22.93
CA LEU EA 295 54.15 -45.22 21.49
C LEU EA 295 55.34 -44.48 20.91
N SER EA 296 55.67 -43.31 21.47
CA SER EA 296 56.83 -42.56 21.01
C SER EA 296 58.13 -43.30 21.31
N ARG EA 297 58.22 -43.93 22.49
CA ARG EA 297 59.42 -44.71 22.82
C ARG EA 297 59.57 -45.92 21.89
N VAL EA 298 58.45 -46.62 21.62
CA VAL EA 298 58.50 -47.78 20.75
C VAL EA 298 58.86 -47.37 19.32
N ALA EA 299 58.29 -46.25 18.85
CA ALA EA 299 58.60 -45.78 17.50
C ALA EA 299 60.04 -45.29 17.39
N GLY EA 300 60.57 -44.68 18.46
CA GLY EA 300 61.95 -44.25 18.46
C GLY EA 300 62.92 -45.42 18.43
N MET EA 301 62.57 -46.51 19.13
CA MET EA 301 63.40 -47.71 19.03
C MET EA 301 63.28 -48.33 17.64
N LEU EA 302 62.06 -48.33 17.09
CA LEU EA 302 61.82 -48.96 15.79
C LEU EA 302 62.50 -48.22 14.65
N GLN EA 303 62.64 -46.90 14.78
CA GLN EA 303 63.25 -46.11 13.71
C GLN EA 303 64.74 -46.41 13.55
N SER EA 304 65.41 -46.81 14.62
CA SER EA 304 66.83 -47.13 14.53
C SER EA 304 67.11 -48.54 14.05
N CYS EA 305 66.08 -49.38 13.92
CA CYS EA 305 66.24 -50.76 13.48
C CYS EA 305 65.88 -50.89 12.01
N GLN EA 306 66.59 -51.78 11.32
CA GLN EA 306 66.42 -51.97 9.88
C GLN EA 306 67.00 -53.32 9.49
N GLY EA 307 66.23 -54.10 8.76
CA GLY EA 307 66.71 -55.36 8.22
C GLY EA 307 66.34 -56.53 9.14
N ASN EA 308 67.36 -57.20 9.68
CA ASN EA 308 67.16 -58.34 10.56
C ASN EA 308 67.16 -57.97 12.03
N ASP EA 309 67.24 -56.67 12.35
CA ASP EA 309 67.33 -56.23 13.74
C ASP EA 309 65.98 -56.19 14.44
N VAL EA 310 64.87 -56.38 13.72
CA VAL EA 310 63.54 -56.37 14.30
C VAL EA 310 62.79 -57.61 13.85
N ALA EA 311 62.22 -58.34 14.80
CA ALA EA 311 61.46 -59.55 14.53
C ALA EA 311 60.13 -59.48 15.27
N ALA EA 312 59.34 -60.55 15.16
CA ALA EA 312 58.04 -60.60 15.81
C ALA EA 312 57.65 -62.05 16.05
N ILE EA 313 57.04 -62.30 17.20
CA ILE EA 313 56.47 -63.60 17.55
C ILE EA 313 54.98 -63.43 17.74
N ALA EA 314 54.19 -64.22 17.04
CA ALA EA 314 52.75 -64.18 17.17
C ALA EA 314 52.27 -65.07 18.31
N GLY EA 315 51.21 -64.63 18.97
CA GLY EA 315 50.61 -65.40 20.04
C GLY EA 315 49.64 -66.45 19.52
N GLY EA 316 48.89 -67.02 20.44
CA GLY EA 316 47.95 -68.06 20.09
C GLY EA 316 46.51 -67.59 19.94
N LEU EA 317 46.25 -66.33 20.28
CA LEU EA 317 44.91 -65.76 20.26
C LEU EA 317 44.91 -64.44 19.51
N VAL EA 318 45.52 -64.42 18.33
CA VAL EA 318 45.69 -63.21 17.54
C VAL EA 318 44.82 -63.29 16.30
N ASP EA 319 44.16 -62.18 15.98
CA ASP EA 319 43.35 -62.08 14.78
C ASP EA 319 44.23 -61.83 13.55
N ALA EA 320 43.63 -62.05 12.38
CA ALA EA 320 44.36 -61.84 11.13
C ALA EA 320 44.62 -60.37 10.86
N GLU EA 321 43.77 -59.48 11.38
CA GLU EA 321 43.96 -58.04 11.16
C GLU EA 321 45.22 -57.53 11.85
N ALA EA 322 45.41 -57.89 13.12
CA ALA EA 322 46.61 -57.50 13.84
C ALA EA 322 47.85 -58.15 13.24
N LEU EA 323 47.73 -59.41 12.81
CA LEU EA 323 48.85 -60.10 12.18
C LEU EA 323 49.29 -59.42 10.90
N ILE EA 324 48.33 -59.03 10.04
CA ILE EA 324 48.71 -58.40 8.79
C ILE EA 324 49.17 -56.97 9.02
N ALA EA 325 48.67 -56.29 10.05
CA ALA EA 325 49.16 -54.95 10.36
C ALA EA 325 50.61 -55.00 10.84
N LEU EA 326 50.93 -55.95 11.72
CA LEU EA 326 52.31 -56.10 12.18
C LEU EA 326 53.22 -56.55 11.04
N LYS EA 327 52.71 -57.41 10.14
CA LYS EA 327 53.50 -57.84 8.99
C LYS EA 327 53.81 -56.67 8.07
N ASP EA 328 52.83 -55.80 7.82
CA ASP EA 328 53.07 -54.63 6.98
C ASP EA 328 54.04 -53.65 7.66
N LEU EA 329 53.88 -53.45 8.97
CA LEU EA 329 54.76 -52.53 9.69
C LEU EA 329 56.20 -53.04 9.69
N LEU EA 330 56.39 -54.34 9.85
CA LEU EA 330 57.74 -54.91 9.79
C LEU EA 330 58.28 -55.00 8.38
N ASN EA 331 57.41 -55.10 7.37
CA ASN EA 331 57.88 -55.04 5.99
C ASN EA 331 58.27 -53.64 5.57
N ARG EA 332 57.75 -52.61 6.26
CA ARG EA 332 58.16 -51.25 5.94
C ARG EA 332 59.61 -50.98 6.29
N VAL EA 333 60.17 -51.73 7.25
CA VAL EA 333 61.58 -51.61 7.59
C VAL EA 333 62.38 -52.78 7.01
N ASP EA 334 61.82 -53.49 6.02
CA ASP EA 334 62.45 -54.63 5.35
C ASP EA 334 62.83 -55.72 6.34
N SER EA 335 61.83 -56.22 7.05
CA SER EA 335 62.01 -57.31 8.01
C SER EA 335 60.95 -58.36 7.75
N ASP EA 336 61.37 -59.50 7.22
CA ASP EA 336 60.49 -60.64 6.98
C ASP EA 336 60.61 -61.69 8.06
N THR EA 337 61.30 -61.39 9.16
CA THR EA 337 61.48 -62.35 10.25
C THR EA 337 60.28 -62.29 11.19
N LEU EA 338 59.15 -62.74 10.68
CA LEU EA 338 57.91 -62.84 11.44
C LEU EA 338 57.65 -64.31 11.75
N CYS EA 339 57.42 -64.61 13.02
CA CYS EA 339 57.35 -65.99 13.49
C CYS EA 339 56.12 -66.21 14.34
N THR EA 340 55.80 -67.48 14.56
CA THR EA 340 54.76 -67.89 15.49
C THR EA 340 55.37 -68.83 16.54
N GLU EA 341 54.68 -68.95 17.67
CA GLU EA 341 55.17 -69.82 18.74
C GLU EA 341 55.07 -71.29 18.36
N GLU EA 342 53.96 -71.68 17.73
CA GLU EA 342 53.80 -73.06 17.31
C GLU EA 342 54.65 -73.34 16.07
N VAL EA 343 55.14 -74.57 15.97
CA VAL EA 343 56.11 -74.96 14.94
C VAL EA 343 55.41 -75.82 13.90
N PHE EA 344 55.61 -75.48 12.63
CA PHE EA 344 55.18 -76.28 11.50
C PHE EA 344 56.36 -76.48 10.56
N PRO EA 345 56.60 -77.70 10.10
CA PRO EA 345 57.81 -77.97 9.29
C PRO EA 345 57.75 -77.30 7.93
N THR EA 346 58.76 -76.48 7.64
CA THR EA 346 58.82 -75.73 6.40
C THR EA 346 59.76 -76.35 5.38
N ALA EA 347 60.37 -77.49 5.68
CA ALA EA 347 61.23 -78.17 4.73
C ALA EA 347 60.38 -78.89 3.69
N GLY EA 348 60.54 -78.51 2.42
CA GLY EA 348 59.80 -79.15 1.35
C GLY EA 348 58.77 -78.25 0.71
N ALA EA 349 57.51 -78.69 0.71
CA ALA EA 349 56.44 -77.88 0.14
C ALA EA 349 56.15 -76.64 0.98
N GLY EA 350 56.34 -76.74 2.30
CA GLY EA 350 56.20 -75.59 3.18
C GLY EA 350 54.78 -75.08 3.28
N THR EA 351 54.66 -73.80 3.59
CA THR EA 351 53.36 -73.11 3.66
C THR EA 351 52.98 -72.47 2.34
N ASP EA 352 53.47 -72.99 1.21
CA ASP EA 352 53.11 -72.45 -0.09
C ASP EA 352 51.71 -72.90 -0.50
N LEU EA 353 51.53 -74.19 -0.66
CA LEU EA 353 50.20 -74.74 -0.94
C LEU EA 353 49.41 -74.86 0.36
N ARG EA 354 48.10 -74.72 0.24
CA ARG EA 354 47.21 -74.81 1.40
C ARG EA 354 46.77 -76.23 1.68
N SER EA 355 47.23 -77.20 0.91
CA SER EA 355 46.77 -78.58 1.09
C SER EA 355 47.44 -79.26 2.28
N ASN EA 356 48.68 -78.91 2.60
CA ASN EA 356 49.46 -79.66 3.56
C ASN EA 356 49.49 -79.03 4.95
N TYR EA 357 48.63 -78.06 5.23
CA TYR EA 357 48.47 -77.62 6.62
C TYR EA 357 47.00 -77.41 7.00
N LEU EA 358 46.07 -78.04 6.28
CA LEU EA 358 44.65 -77.88 6.54
C LEU EA 358 44.00 -79.22 6.82
N LEU EA 359 42.96 -79.21 7.64
CA LEU EA 359 42.06 -80.35 7.73
C LEU EA 359 41.25 -80.38 6.45
N ASN EA 360 41.77 -81.07 5.43
CA ASN EA 360 41.31 -80.85 4.07
C ASN EA 360 39.92 -81.40 3.79
N THR EA 361 39.44 -82.37 4.57
CA THR EA 361 38.16 -82.99 4.20
C THR EA 361 37.00 -82.11 4.63
N THR EA 362 36.74 -82.03 5.94
CA THR EA 362 35.94 -81.09 6.73
C THR EA 362 35.97 -81.57 8.18
N ILE EA 363 35.37 -80.81 9.09
CA ILE EA 363 34.99 -81.37 10.38
C ILE EA 363 33.96 -82.48 10.17
N ALA EA 364 32.99 -82.24 9.29
CA ALA EA 364 31.91 -83.17 9.03
C ALA EA 364 32.32 -84.34 8.13
N GLY EA 365 33.53 -84.32 7.57
CA GLY EA 365 33.97 -85.38 6.68
C GLY EA 365 34.09 -86.75 7.34
N VAL EA 366 34.22 -86.77 8.66
CA VAL EA 366 34.20 -88.03 9.41
C VAL EA 366 32.88 -88.76 9.25
N GLU EA 367 31.80 -88.03 8.94
CA GLU EA 367 30.52 -88.69 8.66
C GLU EA 367 30.55 -89.48 7.36
N GLU EA 368 31.49 -89.19 6.46
CA GLU EA 368 31.60 -89.94 5.21
C GLU EA 368 32.71 -90.99 5.23
N ALA EA 369 33.67 -90.87 6.14
CA ALA EA 369 34.78 -91.81 6.20
C ALA EA 369 34.33 -93.14 6.81
N ASP EA 370 35.16 -94.16 6.63
CA ASP EA 370 34.89 -95.46 7.21
C ASP EA 370 36.10 -95.94 8.01
N VAL EA 371 37.30 -95.52 7.62
CA VAL EA 371 38.53 -95.84 8.32
C VAL EA 371 39.27 -94.54 8.59
N VAL EA 372 39.56 -94.27 9.87
CA VAL EA 372 40.26 -93.07 10.29
C VAL EA 372 41.51 -93.49 11.05
N LEU EA 373 42.65 -92.95 10.64
CA LEU EA 373 43.93 -93.22 11.29
C LEU EA 373 44.43 -91.94 11.95
N LEU EA 374 44.53 -91.96 13.28
CA LEU EA 374 45.03 -90.83 14.04
C LEU EA 374 46.49 -91.09 14.40
N VAL EA 375 47.37 -90.17 14.01
CA VAL EA 375 48.81 -90.36 14.15
C VAL EA 375 49.35 -89.30 15.10
N GLY EA 376 49.86 -89.74 16.24
CA GLY EA 376 50.58 -88.88 17.17
C GLY EA 376 49.76 -87.75 17.76
N THR EA 377 48.50 -87.99 18.06
CA THR EA 377 47.63 -86.95 18.57
C THR EA 377 46.76 -87.49 19.69
N ASN EA 378 46.24 -86.58 20.50
CA ASN EA 378 45.28 -86.86 21.56
C ASN EA 378 44.09 -85.94 21.31
N PRO EA 379 43.17 -86.33 20.42
CA PRO EA 379 42.09 -85.42 20.03
C PRO EA 379 41.05 -85.19 21.10
N ARG EA 380 41.08 -85.90 22.22
CA ARG EA 380 40.12 -85.66 23.28
C ARG EA 380 40.37 -84.32 23.95
N PHE EA 381 41.64 -83.94 24.10
CA PHE EA 381 41.99 -82.70 24.79
C PHE EA 381 42.39 -81.56 23.85
N GLU EA 382 42.81 -81.87 22.63
CA GLU EA 382 43.23 -80.84 21.70
C GLU EA 382 42.06 -80.25 20.91
N ALA EA 383 41.23 -81.11 20.32
CA ALA EA 383 40.03 -80.70 19.59
C ALA EA 383 38.87 -81.55 20.09
N PRO EA 384 38.26 -81.16 21.22
CA PRO EA 384 37.22 -82.02 21.82
C PRO EA 384 36.00 -82.25 20.95
N LEU EA 385 35.59 -81.26 20.17
CA LEU EA 385 34.42 -81.44 19.32
C LEU EA 385 34.74 -82.29 18.08
N PHE EA 386 35.99 -82.25 17.60
CA PHE EA 386 36.40 -83.19 16.56
C PHE EA 386 36.38 -84.63 17.08
N ASN EA 387 36.80 -84.83 18.33
CA ASN EA 387 36.69 -86.14 18.95
C ASN EA 387 35.23 -86.55 19.13
N ALA EA 388 34.36 -85.59 19.44
CA ALA EA 388 32.93 -85.89 19.55
C ALA EA 388 32.35 -86.30 18.20
N ARG EA 389 32.77 -85.63 17.12
CA ARG EA 389 32.34 -86.03 15.78
C ARG EA 389 32.84 -87.42 15.41
N ILE EA 390 34.09 -87.73 15.78
CA ILE EA 390 34.63 -89.06 15.54
C ILE EA 390 33.84 -90.11 16.30
N ARG EA 391 33.50 -89.82 17.57
CA ARG EA 391 32.69 -90.75 18.36
C ARG EA 391 31.29 -90.92 17.77
N LYS EA 392 30.70 -89.84 17.27
CA LYS EA 392 29.38 -89.93 16.65
C LYS EA 392 29.41 -90.82 15.41
N SER EA 393 30.44 -90.65 14.58
CA SER EA 393 30.58 -91.52 13.41
C SER EA 393 30.89 -92.95 13.80
N TRP EA 394 31.63 -93.15 14.89
CA TRP EA 394 31.93 -94.49 15.38
C TRP EA 394 30.68 -95.20 15.88
N LEU EA 395 29.81 -94.47 16.58
CA LEU EA 395 28.59 -95.05 17.13
C LEU EA 395 27.54 -95.29 16.05
N HIS EA 396 27.38 -94.36 15.11
CA HIS EA 396 26.31 -94.45 14.13
C HIS EA 396 26.77 -95.14 12.84
N ASN EA 397 27.80 -94.60 12.19
CA ASN EA 397 28.23 -95.08 10.89
C ASN EA 397 29.22 -96.22 10.96
N ASP EA 398 29.51 -96.73 12.16
CA ASP EA 398 30.41 -97.87 12.40
C ASP EA 398 31.81 -97.60 11.84
N LEU EA 399 32.36 -96.45 12.24
CA LEU EA 399 33.69 -96.06 11.84
C LEU EA 399 34.74 -96.94 12.50
N LYS EA 400 35.84 -97.18 11.80
CA LYS EA 400 36.99 -97.91 12.33
C LYS EA 400 38.09 -96.91 12.63
N VAL EA 401 38.54 -96.88 13.88
CA VAL EA 401 39.52 -95.92 14.35
C VAL EA 401 40.76 -96.66 14.83
N ALA EA 402 41.93 -96.21 14.38
CA ALA EA 402 43.20 -96.71 14.86
C ALA EA 402 44.08 -95.54 15.27
N LEU EA 403 44.95 -95.78 16.25
CA LEU EA 403 45.76 -94.73 16.84
C LEU EA 403 47.22 -95.13 16.86
N ILE EA 404 48.09 -94.18 16.51
CA ILE EA 404 49.53 -94.35 16.66
C ILE EA 404 50.01 -93.31 17.66
N GLY EA 405 50.57 -93.79 18.77
CA GLY EA 405 50.96 -92.94 19.86
C GLY EA 405 50.72 -93.66 21.18
N SER EA 406 50.57 -92.88 22.24
CA SER EA 406 50.33 -93.47 23.55
C SER EA 406 48.89 -93.99 23.62
N PRO EA 407 48.65 -95.08 24.34
CA PRO EA 407 47.27 -95.60 24.49
C PRO EA 407 46.43 -94.77 25.46
N VAL EA 408 45.92 -93.65 24.96
CA VAL EA 408 45.11 -92.74 25.75
C VAL EA 408 43.64 -93.18 25.65
N ASP EA 409 42.84 -92.72 26.61
CA ASP EA 409 41.42 -93.05 26.65
C ASP EA 409 40.65 -92.03 25.84
N LEU EA 410 40.04 -92.47 24.75
CA LEU EA 410 39.30 -91.60 23.84
C LEU EA 410 37.80 -91.86 23.86
N THR EA 411 37.31 -92.56 24.89
CA THR EA 411 35.90 -92.92 25.09
C THR EA 411 35.32 -93.74 23.94
N TYR EA 412 36.18 -94.45 23.19
CA TYR EA 412 35.74 -95.48 22.27
C TYR EA 412 36.89 -96.46 22.08
N ARG EA 413 36.57 -97.66 21.63
CA ARG EA 413 37.56 -98.72 21.50
C ARG EA 413 38.20 -98.62 20.12
N TYR EA 414 39.49 -98.29 20.10
CA TYR EA 414 40.26 -98.17 18.87
C TYR EA 414 41.28 -99.30 18.79
N ASP EA 415 42.14 -99.24 17.77
CA ASP EA 415 43.20 -100.22 17.58
C ASP EA 415 44.53 -99.50 17.78
N HIS EA 416 45.17 -99.77 18.91
CA HIS EA 416 46.43 -99.12 19.25
C HIS EA 416 47.57 -99.83 18.53
N LEU EA 417 48.17 -99.15 17.56
CA LEU EA 417 49.24 -99.72 16.75
C LEU EA 417 50.62 -99.53 17.35
N GLY EA 418 50.72 -98.82 18.46
CA GLY EA 418 52.01 -98.57 19.10
C GLY EA 418 52.43 -97.11 18.93
N ASP EA 419 53.35 -96.71 19.80
CA ASP EA 419 53.82 -95.32 19.83
C ASP EA 419 55.09 -95.10 19.01
N SER EA 420 55.58 -96.11 18.32
CA SER EA 420 56.80 -95.96 17.53
C SER EA 420 56.48 -95.26 16.21
N PRO EA 421 57.17 -94.16 15.89
CA PRO EA 421 56.93 -93.51 14.59
C PRO EA 421 57.35 -94.36 13.39
N LYS EA 422 58.31 -95.26 13.56
CA LYS EA 422 58.76 -96.11 12.46
C LYS EA 422 57.67 -97.07 12.00
N ILE EA 423 56.65 -97.31 12.82
CA ILE EA 423 55.48 -98.08 12.41
C ILE EA 423 54.82 -97.41 11.20
N LEU EA 424 54.84 -96.08 11.14
CA LEU EA 424 54.34 -95.36 9.96
C LEU EA 424 55.05 -95.82 8.68
N GLN EA 425 56.36 -96.07 8.77
CA GLN EA 425 57.14 -96.57 7.64
C GLN EA 425 56.60 -97.91 7.14
N ASP EA 426 56.03 -98.71 8.04
CA ASP EA 426 55.41 -99.97 7.63
C ASP EA 426 54.16 -99.76 6.78
N ILE EA 427 53.37 -98.72 7.05
CA ILE EA 427 52.20 -98.49 6.20
C ILE EA 427 52.63 -98.01 4.82
N ALA EA 428 53.63 -97.12 4.76
CA ALA EA 428 54.13 -96.65 3.47
C ALA EA 428 54.86 -97.73 2.69
N SER EA 429 55.27 -98.82 3.35
CA SER EA 429 55.89 -99.95 2.66
C SER EA 429 54.92 -101.09 2.41
N GLY EA 430 54.01 -101.35 3.34
CA GLY EA 430 53.01 -102.40 3.16
C GLY EA 430 53.22 -103.66 3.97
N SER EA 431 54.15 -103.66 4.94
CA SER EA 431 54.40 -104.84 5.75
C SER EA 431 53.43 -104.96 6.93
N HIS EA 432 52.58 -103.97 7.14
CA HIS EA 432 51.57 -103.97 8.20
C HIS EA 432 50.21 -104.30 7.62
N PRO EA 433 49.37 -105.04 8.35
CA PRO EA 433 48.01 -105.33 7.85
C PRO EA 433 47.13 -104.11 7.70
N PHE EA 434 47.41 -103.04 8.46
CA PHE EA 434 46.62 -101.82 8.33
C PHE EA 434 46.84 -101.14 6.99
N SER EA 435 47.94 -101.43 6.30
CA SER EA 435 48.08 -100.97 4.92
C SER EA 435 47.01 -101.59 4.02
N GLN EA 436 46.75 -102.89 4.20
CA GLN EA 436 45.68 -103.55 3.45
C GLN EA 436 44.31 -103.04 3.89
N VAL EA 437 44.15 -102.75 5.19
CA VAL EA 437 42.90 -102.19 5.70
C VAL EA 437 42.61 -100.84 5.07
N LEU EA 438 43.65 -99.99 4.96
CA LEU EA 438 43.49 -98.70 4.29
C LEU EA 438 43.28 -98.87 2.79
N GLN EA 439 43.90 -99.89 2.17
CA GLN EA 439 43.73 -100.10 0.74
C GLN EA 439 42.32 -100.55 0.39
N GLU EA 440 41.69 -101.35 1.26
CA GLU EA 440 40.33 -101.78 1.00
C GLU EA 440 39.29 -100.76 1.44
N ALA EA 441 39.70 -99.68 2.11
CA ALA EA 441 38.77 -98.67 2.58
C ALA EA 441 38.34 -97.76 1.43
N LYS EA 442 37.03 -97.54 1.30
CA LYS EA 442 36.53 -96.74 0.20
C LYS EA 442 36.79 -95.25 0.44
N LYS EA 443 36.62 -94.78 1.67
CA LYS EA 443 36.82 -93.38 2.03
C LYS EA 443 37.74 -93.30 3.25
N PRO EA 444 39.03 -93.53 3.06
CA PRO EA 444 39.96 -93.50 4.19
C PRO EA 444 40.25 -92.06 4.63
N MET EA 445 40.85 -91.95 5.80
CA MET EA 445 41.14 -90.64 6.39
C MET EA 445 42.35 -90.77 7.29
N VAL EA 446 43.38 -89.97 7.04
CA VAL EA 446 44.59 -89.94 7.85
C VAL EA 446 44.68 -88.55 8.48
N VAL EA 447 44.72 -88.51 9.81
CA VAL EA 447 44.76 -87.26 10.56
C VAL EA 447 46.07 -87.23 11.34
N LEU EA 448 46.85 -86.17 11.13
CA LEU EA 448 48.10 -85.96 11.86
C LEU EA 448 47.93 -84.77 12.80
N GLY EA 449 48.25 -84.98 14.08
CA GLY EA 449 48.10 -83.92 15.04
C GLY EA 449 49.22 -82.90 14.96
N SER EA 450 48.87 -81.64 15.29
CA SER EA 450 49.85 -80.56 15.27
C SER EA 450 50.84 -80.67 16.41
N SER EA 451 50.51 -81.39 17.48
CA SER EA 451 51.46 -81.60 18.57
C SER EA 451 52.57 -82.54 18.19
N ALA EA 452 52.36 -83.41 17.20
CA ALA EA 452 53.41 -84.30 16.72
C ALA EA 452 54.38 -83.60 15.79
N LEU EA 453 54.04 -82.40 15.29
CA LEU EA 453 54.94 -81.61 14.48
C LEU EA 453 55.84 -80.71 15.30
N GLN EA 454 55.63 -80.65 16.62
CA GLN EA 454 56.49 -79.86 17.50
C GLN EA 454 57.81 -80.56 17.80
N ARG EA 455 57.96 -81.82 17.42
CA ARG EA 455 59.16 -82.57 17.70
C ARG EA 455 60.28 -82.20 16.72
N ASN EA 456 61.45 -82.82 16.90
CA ASN EA 456 62.58 -82.52 16.04
C ASN EA 456 62.40 -83.08 14.64
N ASP EA 457 61.69 -84.21 14.51
CA ASP EA 457 61.48 -84.86 13.22
C ASP EA 457 60.09 -84.59 12.66
N GLY EA 458 59.57 -83.38 12.85
CA GLY EA 458 58.25 -83.06 12.33
C GLY EA 458 58.19 -83.11 10.81
N ALA EA 459 59.29 -82.72 10.15
CA ALA EA 459 59.36 -82.83 8.71
C ALA EA 459 59.35 -84.29 8.26
N ALA EA 460 60.03 -85.17 8.99
CA ALA EA 460 60.03 -86.59 8.65
C ALA EA 460 58.66 -87.21 8.85
N ILE EA 461 57.97 -86.85 9.95
CA ILE EA 461 56.63 -87.38 10.19
C ILE EA 461 55.66 -86.88 9.13
N LEU EA 462 55.76 -85.60 8.77
CA LEU EA 462 54.89 -85.06 7.72
C LEU EA 462 55.17 -85.73 6.38
N ALA EA 463 56.44 -85.99 6.07
CA ALA EA 463 56.79 -86.68 4.83
C ALA EA 463 56.25 -88.10 4.81
N ALA EA 464 56.35 -88.81 5.94
CA ALA EA 464 55.84 -90.19 6.00
C ALA EA 464 54.33 -90.24 5.86
N VAL EA 465 53.62 -89.33 6.54
CA VAL EA 465 52.16 -89.31 6.46
C VAL EA 465 51.70 -88.89 5.06
N SER EA 466 52.41 -87.95 4.44
CA SER EA 466 52.09 -87.56 3.07
C SER EA 466 52.34 -88.70 2.10
N ASN EA 467 53.42 -89.46 2.32
CA ASN EA 467 53.70 -90.64 1.49
C ASN EA 467 52.61 -91.69 1.64
N ILE EA 468 52.14 -91.90 2.87
CA ILE EA 468 51.05 -92.85 3.12
C ILE EA 468 49.78 -92.41 2.41
N ALA EA 469 49.45 -91.11 2.53
CA ALA EA 469 48.23 -90.59 1.93
C ALA EA 469 48.28 -90.67 0.41
N GLN EA 470 49.43 -90.37 -0.20
CA GLN EA 470 49.54 -90.44 -1.65
C GLN EA 470 49.59 -91.87 -2.15
N LYS EA 471 50.17 -92.79 -1.38
CA LYS EA 471 50.13 -94.20 -1.73
C LYS EA 471 48.70 -94.74 -1.69
N ILE EA 472 47.94 -94.34 -0.68
CA ILE EA 472 46.57 -94.81 -0.54
C ILE EA 472 45.67 -94.21 -1.61
N ARG EA 473 45.79 -92.90 -1.85
CA ARG EA 473 44.86 -92.20 -2.74
C ARG EA 473 45.03 -92.61 -4.20
N THR EA 474 46.25 -92.97 -4.61
CA THR EA 474 46.53 -93.28 -6.01
C THR EA 474 46.54 -94.76 -6.31
N SER EA 475 46.25 -95.62 -5.33
CA SER EA 475 46.30 -97.06 -5.57
C SER EA 475 45.03 -97.77 -5.09
N SER EA 476 44.30 -97.16 -4.15
CA SER EA 476 43.08 -97.75 -3.66
C SER EA 476 41.88 -97.24 -4.46
N GLY EA 477 40.68 -97.65 -4.05
CA GLY EA 477 39.47 -97.27 -4.74
C GLY EA 477 38.89 -95.94 -4.29
N VAL EA 478 39.68 -94.87 -4.40
CA VAL EA 478 39.26 -93.53 -4.03
C VAL EA 478 38.69 -92.84 -5.26
N THR EA 479 37.59 -92.10 -5.06
CA THR EA 479 36.90 -91.46 -6.18
C THR EA 479 37.75 -90.39 -6.85
N GLY EA 480 38.41 -89.54 -6.07
CA GLY EA 480 39.15 -88.40 -6.57
C GLY EA 480 38.69 -87.07 -6.00
N ASP EA 481 37.41 -86.99 -5.62
CA ASP EA 481 36.91 -85.85 -4.87
C ASP EA 481 37.23 -85.96 -3.38
N TRP EA 482 37.63 -87.14 -2.91
CA TRP EA 482 37.93 -87.35 -1.50
C TRP EA 482 39.29 -86.76 -1.14
N LYS EA 483 39.37 -86.24 0.07
CA LYS EA 483 40.61 -85.68 0.61
C LYS EA 483 41.05 -86.56 1.77
N VAL EA 484 42.25 -87.11 1.67
CA VAL EA 484 42.77 -88.04 2.67
C VAL EA 484 43.68 -87.35 3.67
N MET EA 485 44.64 -86.57 3.17
CA MET EA 485 45.63 -85.93 4.04
C MET EA 485 44.98 -84.82 4.85
N ASN EA 486 44.96 -84.99 6.18
CA ASN EA 486 44.34 -84.05 7.09
C ASN EA 486 45.30 -83.74 8.23
N ILE EA 487 45.30 -82.49 8.69
CA ILE EA 487 46.12 -82.05 9.81
C ILE EA 487 45.22 -81.31 10.79
N LEU EA 488 45.23 -81.73 12.05
CA LEU EA 488 44.41 -81.13 13.09
C LEU EA 488 45.25 -80.15 13.90
N HIS EA 489 44.85 -78.88 13.89
CA HIS EA 489 45.58 -77.84 14.59
C HIS EA 489 45.02 -77.64 16.00
N ARG EA 490 45.83 -76.98 16.84
CA ARG EA 490 45.44 -76.71 18.21
C ARG EA 490 45.50 -75.23 18.58
N ILE EA 491 45.96 -74.38 17.69
CA ILE EA 491 46.07 -72.94 17.94
C ILE EA 491 45.12 -72.23 17.00
N ALA EA 492 44.29 -71.32 17.55
CA ALA EA 492 43.34 -70.58 16.74
C ALA EA 492 44.04 -69.61 15.80
N SER EA 493 45.17 -69.03 16.21
CA SER EA 493 45.91 -68.07 15.41
C SER EA 493 46.98 -68.72 14.55
N GLN EA 494 46.80 -69.98 14.17
CA GLN EA 494 47.82 -70.71 13.41
C GLN EA 494 47.54 -70.71 11.91
N VAL EA 495 46.32 -71.09 11.50
CA VAL EA 495 46.00 -71.15 10.09
C VAL EA 495 45.97 -69.75 9.47
N ALA EA 496 45.43 -68.78 10.22
CA ALA EA 496 45.42 -67.41 9.73
C ALA EA 496 46.83 -66.83 9.63
N ALA EA 497 47.73 -67.25 10.53
CA ALA EA 497 49.12 -66.80 10.43
C ALA EA 497 49.83 -67.46 9.26
N LEU EA 498 49.54 -68.73 9.01
CA LEU EA 498 50.17 -69.43 7.90
C LEU EA 498 49.68 -68.93 6.55
N ASP EA 499 48.41 -68.52 6.46
CA ASP EA 499 47.89 -67.99 5.21
C ASP EA 499 48.46 -66.62 4.87
N LEU EA 500 48.97 -65.90 5.86
CA LEU EA 500 49.56 -64.58 5.65
C LEU EA 500 51.05 -64.64 5.34
N GLY EA 501 51.62 -65.84 5.22
CA GLY EA 501 53.02 -65.96 4.86
C GLY EA 501 53.99 -65.83 6.02
N TYR EA 502 53.54 -66.06 7.25
CA TYR EA 502 54.44 -66.04 8.39
C TYR EA 502 55.34 -67.28 8.36
N LYS EA 503 56.45 -67.19 9.08
CA LYS EA 503 57.37 -68.31 9.17
C LYS EA 503 57.07 -69.09 10.44
N PRO EA 504 56.56 -70.31 10.35
CA PRO EA 504 56.19 -71.04 11.57
C PRO EA 504 57.42 -71.54 12.31
N GLY EA 505 57.44 -71.31 13.61
CA GLY EA 505 58.57 -71.67 14.43
C GLY EA 505 59.49 -70.48 14.66
N VAL EA 506 60.17 -70.50 15.81
CA VAL EA 506 61.05 -69.40 16.20
C VAL EA 506 62.51 -69.75 15.95
N GLU EA 507 62.79 -70.69 15.04
CA GLU EA 507 64.18 -71.03 14.74
C GLU EA 507 64.85 -69.95 13.89
N ALA EA 508 64.07 -69.18 13.13
CA ALA EA 508 64.66 -68.10 12.35
C ALA EA 508 65.11 -66.94 13.24
N ILE EA 509 64.41 -66.71 14.35
CA ILE EA 509 64.84 -65.71 15.31
C ILE EA 509 66.10 -66.18 16.04
N ARG EA 510 66.17 -67.47 16.37
CA ARG EA 510 67.36 -68.00 17.03
C ARG EA 510 68.56 -68.05 16.08
N LYS EA 511 68.32 -68.16 14.77
CA LYS EA 511 69.42 -68.20 13.81
C LYS EA 511 70.14 -66.87 13.73
N ASN EA 512 69.38 -65.78 13.64
CA ASN EA 512 69.93 -64.42 13.68
C ASN EA 512 69.17 -63.63 14.73
N PRO EA 513 69.75 -63.42 15.90
CA PRO EA 513 69.02 -62.79 17.00
C PRO EA 513 68.72 -61.33 16.71
N PRO EA 514 67.48 -60.91 16.92
CA PRO EA 514 67.10 -59.52 16.64
C PRO EA 514 67.49 -58.60 17.78
N LYS EA 515 67.48 -57.31 17.47
CA LYS EA 515 67.79 -56.30 18.49
C LYS EA 515 66.54 -55.86 19.23
N MET EA 516 65.40 -55.77 18.55
CA MET EA 516 64.13 -55.49 19.19
C MET EA 516 63.13 -56.57 18.79
N LEU EA 517 62.17 -56.83 19.68
CA LEU EA 517 61.26 -57.94 19.51
C LEU EA 517 59.82 -57.48 19.73
N PHE EA 518 58.91 -58.07 18.97
CA PHE EA 518 57.48 -57.81 19.09
C PHE EA 518 56.79 -59.09 19.54
N LEU EA 519 55.97 -58.98 20.58
CA LEU EA 519 55.22 -60.12 21.11
C LEU EA 519 53.73 -59.78 21.04
N LEU EA 520 53.00 -60.52 20.21
CA LEU EA 520 51.55 -60.35 20.09
C LEU EA 520 50.82 -61.31 21.02
N GLY EA 521 51.08 -61.15 22.32
CA GLY EA 521 50.54 -62.07 23.29
C GLY EA 521 51.14 -63.46 23.17
N ALA EA 522 52.43 -63.56 22.88
CA ALA EA 522 53.14 -64.83 22.80
C ALA EA 522 53.59 -65.20 24.20
N ASP EA 523 52.75 -65.93 24.92
CA ASP EA 523 53.01 -66.30 26.31
C ASP EA 523 53.51 -67.73 26.45
N GLY EA 524 53.93 -68.37 25.35
CA GLY EA 524 54.38 -69.74 25.43
C GLY EA 524 55.74 -69.91 26.07
N GLY EA 525 56.53 -68.84 26.16
CA GLY EA 525 57.86 -68.94 26.71
C GLY EA 525 58.85 -69.62 25.81
N CYS EA 526 58.60 -69.65 24.51
CA CYS EA 526 59.53 -70.30 23.58
C CYS EA 526 60.81 -69.49 23.40
N VAL EA 527 60.75 -68.19 23.61
CA VAL EA 527 61.90 -67.31 23.50
C VAL EA 527 62.03 -66.52 24.80
N THR EA 528 63.19 -66.60 25.43
CA THR EA 528 63.47 -65.88 26.67
C THR EA 528 64.58 -64.87 26.43
N ARG EA 529 64.90 -64.09 27.47
CA ARG EA 529 65.93 -63.07 27.36
C ARG EA 529 67.35 -63.64 27.37
N GLN EA 530 67.52 -64.90 27.75
CA GLN EA 530 68.85 -65.50 27.72
C GLN EA 530 69.29 -65.81 26.30
N ASP EA 531 68.36 -66.25 25.45
CA ASP EA 531 68.69 -66.47 24.04
C ASP EA 531 68.93 -65.14 23.32
N LEU EA 532 68.15 -64.13 23.66
CA LEU EA 532 68.27 -62.83 23.03
C LEU EA 532 69.54 -62.11 23.51
N PRO EA 533 70.03 -61.10 22.74
CA PRO EA 533 71.21 -60.36 23.20
C PRO EA 533 70.98 -59.51 24.43
N LYS EA 534 72.00 -58.73 24.81
CA LYS EA 534 72.04 -58.07 26.13
C LYS EA 534 70.94 -57.03 26.28
N ASP EA 535 70.80 -56.14 25.30
CA ASP EA 535 69.84 -55.03 25.38
C ASP EA 535 68.77 -55.26 24.31
N CYS EA 536 67.76 -56.05 24.65
CA CYS EA 536 66.67 -56.35 23.72
C CYS EA 536 65.43 -55.60 24.13
N PHE EA 537 64.87 -54.81 23.21
CA PHE EA 537 63.69 -54.01 23.47
C PHE EA 537 62.46 -54.86 23.19
N ILE EA 538 62.10 -55.70 24.15
CA ILE EA 538 60.94 -56.57 24.02
C ILE EA 538 59.69 -55.73 24.25
N VAL EA 539 58.79 -55.73 23.28
CA VAL EA 539 57.52 -55.04 23.37
C VAL EA 539 56.42 -56.09 23.40
N TYR EA 540 55.64 -56.09 24.47
CA TYR EA 540 54.55 -57.04 24.64
C TYR EA 540 53.22 -56.35 24.39
N GLN EA 541 52.38 -56.97 23.55
CA GLN EA 541 51.07 -56.45 23.23
C GLN EA 541 50.05 -57.55 23.50
N GLY EA 542 49.20 -57.35 24.49
CA GLY EA 542 48.22 -58.36 24.83
C GLY EA 542 47.28 -57.87 25.90
N HIS EA 543 46.59 -58.82 26.51
CA HIS EA 543 45.58 -58.54 27.54
C HIS EA 543 45.92 -59.11 28.90
N HIS EA 544 46.68 -60.19 28.97
CA HIS EA 544 47.04 -60.83 30.23
C HIS EA 544 48.55 -60.81 30.40
N GLY EA 545 48.99 -60.48 31.60
CA GLY EA 545 50.41 -60.55 31.91
C GLY EA 545 50.79 -61.87 32.54
N ASP EA 546 51.29 -62.80 31.73
CA ASP EA 546 51.59 -64.15 32.22
C ASP EA 546 53.07 -64.49 32.11
N VAL EA 547 53.64 -64.46 30.91
CA VAL EA 547 55.00 -64.93 30.70
C VAL EA 547 55.85 -63.85 30.05
N GLY EA 548 55.39 -63.32 28.92
CA GLY EA 548 56.15 -62.33 28.19
C GLY EA 548 56.10 -60.92 28.75
N ALA EA 549 55.18 -60.65 29.65
CA ALA EA 549 55.02 -59.31 30.22
C ALA EA 549 56.05 -58.95 31.30
N PRO EA 550 56.46 -59.84 32.22
CA PRO EA 550 57.53 -59.46 33.15
C PRO EA 550 58.88 -59.19 32.50
N ILE EA 551 59.13 -59.69 31.29
CA ILE EA 551 60.40 -59.48 30.61
C ILE EA 551 60.30 -58.39 29.54
N ALA EA 552 59.20 -57.65 29.51
CA ALA EA 552 58.97 -56.67 28.46
C ALA EA 552 59.39 -55.28 28.90
N ASP EA 553 59.93 -54.51 27.96
CA ASP EA 553 60.29 -53.13 28.25
C ASP EA 553 59.07 -52.21 28.16
N VAL EA 554 58.21 -52.44 27.17
CA VAL EA 554 56.98 -51.67 27.00
C VAL EA 554 55.83 -52.66 26.91
N ILE EA 555 54.76 -52.42 27.67
CA ILE EA 555 53.56 -53.23 27.63
C ILE EA 555 52.46 -52.41 26.99
N LEU EA 556 51.87 -52.92 25.92
CA LEU EA 556 50.79 -52.25 25.21
C LEU EA 556 49.50 -53.02 25.42
N PRO EA 557 48.51 -52.46 26.13
CA PRO EA 557 47.28 -53.22 26.41
C PRO EA 557 46.40 -53.36 25.18
N GLY EA 558 46.10 -54.60 24.82
CA GLY EA 558 45.26 -54.91 23.68
C GLY EA 558 43.87 -55.31 24.10
N ALA EA 559 43.15 -55.94 23.17
CA ALA EA 559 41.77 -56.34 23.37
C ALA EA 559 41.64 -57.86 23.26
N ALA EA 560 40.69 -58.41 24.01
CA ALA EA 560 40.41 -59.84 23.97
C ALA EA 560 39.47 -60.16 22.81
N TYR EA 561 39.09 -61.43 22.70
CA TYR EA 561 38.24 -61.85 21.59
C TYR EA 561 36.78 -61.47 21.79
N THR EA 562 36.36 -61.18 23.02
CA THR EA 562 35.00 -60.71 23.27
C THR EA 562 34.91 -59.19 23.21
N GLU EA 563 36.00 -58.50 22.91
CA GLU EA 563 36.04 -57.04 22.98
C GLU EA 563 36.38 -56.40 21.64
N LYS EA 564 36.46 -57.18 20.57
CA LYS EA 564 36.78 -56.61 19.26
C LYS EA 564 36.15 -57.46 18.18
N SER EA 565 35.93 -56.83 17.03
CA SER EA 565 35.47 -57.54 15.83
C SER EA 565 36.70 -58.04 15.10
N ALA EA 566 36.88 -59.35 15.06
CA ALA EA 566 38.15 -59.95 14.67
C ALA EA 566 37.91 -61.19 13.82
N THR EA 567 38.86 -61.48 12.94
CA THR EA 567 38.76 -62.60 12.01
C THR EA 567 39.67 -63.73 12.48
N TYR EA 568 39.08 -64.92 12.64
CA TYR EA 568 39.82 -66.11 13.05
C TYR EA 568 39.53 -67.24 12.08
N VAL EA 569 40.55 -68.00 11.73
CA VAL EA 569 40.43 -69.14 10.83
C VAL EA 569 40.65 -70.41 11.62
N ASN EA 570 39.70 -71.34 11.52
CA ASN EA 570 39.77 -72.58 12.28
C ASN EA 570 40.68 -73.59 11.56
N THR EA 571 40.65 -74.84 11.99
CA THR EA 571 41.58 -75.84 11.50
C THR EA 571 41.24 -76.36 10.10
N GLU EA 572 40.07 -76.01 9.56
CA GLU EA 572 39.68 -76.49 8.23
C GLU EA 572 39.63 -75.36 7.21
N GLY EA 573 40.19 -74.19 7.52
CA GLY EA 573 40.24 -73.09 6.59
C GLY EA 573 39.01 -72.21 6.53
N ARG EA 574 38.01 -72.45 7.38
CA ARG EA 574 36.77 -71.69 7.36
C ARG EA 574 36.96 -70.42 8.20
N ALA EA 575 36.93 -69.27 7.54
CA ALA EA 575 37.10 -68.00 8.24
C ALA EA 575 35.80 -67.62 8.94
N GLN EA 576 35.95 -67.02 10.13
CA GLN EA 576 34.81 -66.59 10.92
C GLN EA 576 35.16 -65.25 11.57
N GLN EA 577 34.13 -64.48 11.91
CA GLN EA 577 34.31 -63.15 12.47
C GLN EA 577 33.57 -63.03 13.78
N THR EA 578 34.27 -62.53 14.81
CA THR EA 578 33.65 -62.26 16.10
C THR EA 578 33.04 -60.87 16.12
N LYS EA 579 32.28 -60.59 17.18
CA LYS EA 579 31.61 -59.32 17.34
C LYS EA 579 31.93 -58.74 18.71
N VAL EA 580 31.79 -57.42 18.81
CA VAL EA 580 32.13 -56.70 20.03
C VAL EA 580 31.02 -56.89 21.04
N ALA EA 581 31.30 -57.66 22.11
CA ALA EA 581 30.35 -57.84 23.20
C ALA EA 581 30.47 -56.73 24.22
N VAL EA 582 31.67 -56.58 24.81
CA VAL EA 582 31.95 -55.47 25.72
C VAL EA 582 33.13 -54.69 25.17
N MET EA 583 33.51 -53.65 25.85
CA MET EA 583 34.64 -52.85 25.40
C MET EA 583 35.86 -53.11 26.27
N PRO EA 584 37.07 -52.94 25.75
CA PRO EA 584 38.28 -53.17 26.53
C PRO EA 584 38.37 -52.24 27.73
N PRO EA 585 38.87 -52.72 28.86
CA PRO EA 585 38.87 -51.91 30.07
C PRO EA 585 40.04 -50.94 30.13
N GLY EA 586 39.76 -49.77 30.70
CA GLY EA 586 40.81 -48.78 30.87
C GLY EA 586 41.23 -48.17 29.55
N LEU EA 587 42.54 -48.11 29.33
CA LEU EA 587 43.11 -47.52 28.13
C LEU EA 587 43.43 -48.57 27.07
N ALA EA 588 42.98 -49.81 27.26
CA ALA EA 588 43.25 -50.86 26.29
C ALA EA 588 42.46 -50.59 25.00
N ARG EA 589 43.12 -50.78 23.87
CA ARG EA 589 42.55 -50.52 22.57
C ARG EA 589 42.67 -51.75 21.69
N GLU EA 590 42.09 -51.68 20.50
CA GLU EA 590 42.19 -52.76 19.54
C GLU EA 590 43.63 -52.89 19.04
N ASP EA 591 44.01 -54.11 18.67
CA ASP EA 591 45.41 -54.40 18.38
C ASP EA 591 45.87 -53.76 17.08
N TRP EA 592 45.08 -53.90 16.01
CA TRP EA 592 45.46 -53.31 14.74
C TRP EA 592 45.43 -51.79 14.81
N LYS EA 593 44.57 -51.22 15.64
CA LYS EA 593 44.60 -49.78 15.88
C LYS EA 593 45.90 -49.36 16.54
N ILE EA 594 46.41 -50.16 17.47
CA ILE EA 594 47.69 -49.86 18.12
C ILE EA 594 48.82 -49.92 17.10
N ILE EA 595 48.83 -50.95 16.25
CA ILE EA 595 49.90 -51.11 15.27
C ILE EA 595 49.84 -49.97 14.24
N ARG EA 596 48.64 -49.62 13.78
CA ARG EA 596 48.50 -48.53 12.81
C ARG EA 596 48.88 -47.19 13.41
N ALA EA 597 48.54 -46.95 14.68
CA ALA EA 597 48.94 -45.72 15.34
C ALA EA 597 50.45 -45.67 15.55
N LEU EA 598 51.06 -46.83 15.82
CA LEU EA 598 52.52 -46.88 15.95
C LEU EA 598 53.20 -46.58 14.63
N SER EA 599 52.63 -47.08 13.53
CA SER EA 599 53.17 -46.74 12.21
C SER EA 599 52.97 -45.26 11.89
N GLU EA 600 51.85 -44.69 12.35
CA GLU EA 600 51.60 -43.26 12.14
C GLU EA 600 52.58 -42.40 12.90
N ILE EA 601 52.91 -42.78 14.14
CA ILE EA 601 53.88 -42.03 14.93
C ILE EA 601 55.27 -42.12 14.29
N ALA EA 602 55.65 -43.32 13.82
CA ALA EA 602 57.00 -43.56 13.33
C ALA EA 602 57.29 -42.93 11.98
N GLY EA 603 56.27 -42.35 11.31
CA GLY EA 603 56.48 -41.82 9.98
C GLY EA 603 56.40 -42.84 8.88
N MET EA 604 55.79 -44.00 9.15
CA MET EA 604 55.65 -45.12 8.21
C MET EA 604 54.19 -45.51 8.11
N THR EA 605 53.33 -44.52 7.87
CA THR EA 605 51.89 -44.68 7.98
C THR EA 605 51.35 -45.73 7.00
N LEU EA 606 50.56 -46.65 7.54
CA LEU EA 606 49.97 -47.75 6.79
C LEU EA 606 48.70 -47.27 6.07
N PRO EA 607 48.38 -47.84 4.90
CA PRO EA 607 47.24 -47.35 4.12
C PRO EA 607 45.92 -48.03 4.47
N TYR EA 608 45.55 -47.99 5.75
CA TYR EA 608 44.21 -48.38 6.16
C TYR EA 608 43.86 -47.68 7.47
N ASP EA 609 42.64 -47.17 7.54
CA ASP EA 609 42.18 -46.38 8.68
C ASP EA 609 41.02 -47.01 9.43
N THR EA 610 40.12 -47.72 8.76
CA THR EA 610 39.00 -48.39 9.38
C THR EA 610 39.17 -49.90 9.29
N LEU EA 611 38.20 -50.62 9.84
CA LEU EA 611 38.27 -52.08 9.85
C LEU EA 611 38.06 -52.65 8.45
N ASP EA 612 37.20 -52.02 7.65
CA ASP EA 612 36.93 -52.52 6.31
C ASP EA 612 38.12 -52.35 5.38
N GLN EA 613 38.91 -51.29 5.56
CA GLN EA 613 40.11 -51.13 4.75
C GLN EA 613 41.16 -52.18 5.11
N VAL EA 614 41.27 -52.52 6.39
CA VAL EA 614 42.15 -53.61 6.81
C VAL EA 614 41.66 -54.94 6.25
N ARG EA 615 40.34 -55.14 6.18
CA ARG EA 615 39.82 -56.35 5.56
C ARG EA 615 40.06 -56.38 4.06
N ASN EA 616 40.05 -55.22 3.40
CA ASN EA 616 40.41 -55.16 1.99
C ASN EA 616 41.88 -55.50 1.78
N ARG EA 617 42.75 -55.03 2.68
CA ARG EA 617 44.16 -55.42 2.63
C ARG EA 617 44.31 -56.92 2.86
N LEU EA 618 43.52 -57.48 3.77
CA LEU EA 618 43.52 -58.91 4.02
C LEU EA 618 43.11 -59.69 2.77
N GLU EA 619 42.08 -59.22 2.07
CA GLU EA 619 41.67 -59.82 0.80
C GLU EA 619 42.76 -59.68 -0.25
N GLU EA 620 43.52 -58.58 -0.22
CA GLU EA 620 44.65 -58.43 -1.12
C GLU EA 620 45.72 -59.48 -0.85
N VAL EA 621 46.01 -59.75 0.42
CA VAL EA 621 47.01 -60.75 0.75
C VAL EA 621 46.50 -62.16 0.43
N SER EA 622 45.25 -62.45 0.79
CA SER EA 622 44.63 -63.74 0.50
C SER EA 622 43.11 -63.60 0.54
N PRO EA 623 42.40 -64.03 -0.50
CA PRO EA 623 40.95 -63.76 -0.56
C PRO EA 623 40.13 -64.53 0.46
N ASN EA 624 40.48 -65.80 0.71
CA ASN EA 624 39.68 -66.68 1.58
C ASN EA 624 39.66 -66.23 3.03
N LEU EA 625 40.38 -65.18 3.41
CA LEU EA 625 40.29 -64.63 4.75
C LEU EA 625 39.14 -63.65 4.93
N VAL EA 626 38.42 -63.28 3.85
CA VAL EA 626 37.29 -62.38 3.98
C VAL EA 626 35.97 -63.04 3.62
N ARG EA 627 35.98 -64.29 3.17
CA ARG EA 627 34.76 -65.04 2.90
C ARG EA 627 34.43 -65.85 4.14
N TYR EA 628 33.44 -65.39 4.89
CA TYR EA 628 33.11 -65.98 6.18
C TYR EA 628 32.14 -67.14 6.03
N ASP EA 629 32.37 -68.19 6.82
CA ASP EA 629 31.57 -69.42 6.82
C ASP EA 629 31.53 -70.06 5.44
N ASP EA 630 32.67 -70.05 4.75
CA ASP EA 630 32.78 -70.62 3.42
C ASP EA 630 34.07 -71.45 3.37
N VAL EA 631 33.93 -72.76 3.25
CA VAL EA 631 35.08 -73.65 3.20
C VAL EA 631 35.61 -73.68 1.78
N GLU EA 632 36.89 -73.34 1.61
CA GLU EA 632 37.53 -73.30 0.31
C GLU EA 632 38.45 -74.51 0.15
N GLY EA 633 38.34 -75.18 -0.99
CA GLY EA 633 39.13 -76.38 -1.22
C GLY EA 633 40.60 -76.07 -1.42
N ALA EA 634 41.43 -77.05 -1.12
CA ALA EA 634 42.89 -76.95 -1.26
C ALA EA 634 43.36 -78.17 -2.05
N ASN EA 635 43.66 -77.96 -3.32
CA ASN EA 635 44.06 -79.05 -4.21
C ASN EA 635 45.59 -79.17 -4.22
N TYR EA 636 46.10 -79.91 -5.22
CA TYR EA 636 47.53 -80.08 -5.51
C TYR EA 636 48.25 -80.81 -4.37
N PHE EA 637 47.72 -81.99 -4.02
CA PHE EA 637 48.41 -82.85 -3.07
C PHE EA 637 49.61 -83.55 -3.72
N GLN EA 638 49.51 -83.83 -5.02
CA GLN EA 638 50.57 -84.54 -5.71
C GLN EA 638 51.85 -83.72 -5.77
N GLN EA 639 51.73 -82.41 -6.01
CA GLN EA 639 52.90 -81.54 -6.07
C GLN EA 639 53.58 -81.42 -4.70
N ALA EA 640 52.78 -81.30 -3.63
CA ALA EA 640 53.35 -81.23 -2.29
C ALA EA 640 54.02 -82.54 -1.90
N SER EA 641 53.41 -83.67 -2.24
CA SER EA 641 54.00 -84.97 -1.93
C SER EA 641 55.24 -85.24 -2.79
N GLU EA 642 55.31 -84.63 -3.98
CA GLU EA 642 56.51 -84.75 -4.78
C GLU EA 642 57.64 -83.88 -4.22
N LEU EA 643 57.31 -82.67 -3.79
CA LEU EA 643 58.32 -81.79 -3.21
C LEU EA 643 58.80 -82.28 -1.85
N SER EA 644 57.96 -83.04 -1.13
CA SER EA 644 58.31 -83.48 0.21
C SER EA 644 59.39 -84.55 0.23
N LYS EA 645 59.60 -85.25 -0.89
CA LYS EA 645 60.55 -86.36 -0.94
C LYS EA 645 61.99 -85.89 -1.08
N LEU EA 646 62.23 -84.62 -1.36
CA LEU EA 646 63.58 -84.13 -1.58
C LEU EA 646 64.39 -84.11 -0.29
N VAL EA 647 63.78 -83.65 0.80
CA VAL EA 647 64.45 -83.56 2.10
C VAL EA 647 64.22 -84.87 2.84
N ASN EA 648 65.25 -85.71 2.91
CA ASN EA 648 65.16 -87.01 3.56
C ASN EA 648 65.45 -86.84 5.05
N GLN EA 649 64.47 -86.28 5.75
CA GLN EA 649 64.57 -86.14 7.20
C GLN EA 649 64.38 -87.50 7.87
N GLN EA 650 65.14 -87.73 8.94
CA GLN EA 650 65.17 -89.03 9.60
C GLN EA 650 64.39 -89.00 10.90
N LEU EA 651 63.51 -89.98 11.08
CA LEU EA 651 62.70 -90.07 12.28
C LEU EA 651 63.55 -90.51 13.48
N LEU EA 652 63.31 -89.88 14.62
CA LEU EA 652 63.98 -90.30 15.85
C LEU EA 652 63.31 -91.54 16.41
N ALA EA 653 64.02 -92.22 17.31
CA ALA EA 653 63.52 -93.44 17.92
C ALA EA 653 62.59 -93.19 19.11
N ASP EA 654 62.39 -91.93 19.50
CA ASP EA 654 61.56 -91.63 20.65
C ASP EA 654 60.08 -91.85 20.32
N PRO EA 655 59.29 -92.34 21.27
CA PRO EA 655 57.86 -92.55 21.01
C PRO EA 655 57.10 -91.23 20.94
N LEU EA 656 55.96 -91.29 20.27
CA LEU EA 656 55.10 -90.13 20.08
C LEU EA 656 54.19 -89.97 21.29
N VAL EA 657 54.38 -88.90 22.05
CA VAL EA 657 53.51 -88.62 23.19
C VAL EA 657 52.93 -87.22 23.05
N PRO EA 658 51.68 -87.00 23.46
CA PRO EA 658 51.10 -85.67 23.39
C PRO EA 658 51.39 -84.90 24.66
N PRO EA 659 51.27 -83.57 24.65
CA PRO EA 659 51.43 -82.80 25.89
C PRO EA 659 50.29 -82.97 26.87
N GLN EA 660 49.15 -83.52 26.45
CA GLN EA 660 47.99 -83.72 27.32
C GLN EA 660 47.66 -85.20 27.36
N LEU EA 661 47.79 -85.81 28.54
CA LEU EA 661 47.53 -87.22 28.72
C LEU EA 661 46.32 -87.52 29.58
N THR EA 662 46.04 -86.68 30.59
CA THR EA 662 44.91 -86.89 31.49
C THR EA 662 44.01 -85.66 31.45
N ILE EA 663 42.99 -85.67 32.31
CA ILE EA 663 42.07 -84.54 32.41
C ILE EA 663 42.70 -83.36 33.13
N LYS EA 664 43.80 -83.58 33.85
CA LYS EA 664 44.45 -82.51 34.60
C LYS EA 664 45.06 -81.46 33.68
N ASP EA 665 45.69 -81.89 32.58
CA ASP EA 665 46.41 -80.97 31.72
C ASP EA 665 45.52 -80.20 30.75
N PHE EA 666 44.22 -80.52 30.69
CA PHE EA 666 43.34 -79.89 29.71
C PHE EA 666 42.97 -78.46 30.12
N TYR EA 667 42.78 -78.22 31.42
CA TYR EA 667 42.12 -77.00 31.86
C TYR EA 667 43.01 -75.76 31.79
N MET EA 668 44.32 -75.92 31.90
CA MET EA 668 45.25 -74.78 31.95
C MET EA 668 46.24 -74.89 30.79
N THR EA 669 45.93 -74.21 29.68
CA THR EA 669 46.76 -74.26 28.49
C THR EA 669 47.43 -72.93 28.15
N ASP EA 670 46.66 -71.86 28.00
CA ASP EA 670 47.17 -70.57 27.58
C ASP EA 670 46.87 -69.52 28.64
N SER EA 671 47.12 -68.25 28.30
CA SER EA 671 47.07 -67.17 29.27
C SER EA 671 45.64 -66.89 29.77
N ILE EA 672 44.63 -67.15 28.93
CA ILE EA 672 43.26 -66.92 29.36
C ILE EA 672 42.86 -67.93 30.44
N SER EA 673 43.18 -69.20 30.22
CA SER EA 673 42.81 -70.24 31.17
C SER EA 673 43.70 -70.25 32.40
N ARG EA 674 44.99 -69.93 32.24
CA ARG EA 674 45.90 -69.94 33.38
C ARG EA 674 45.60 -68.83 34.38
N ALA EA 675 44.89 -67.78 33.97
CA ALA EA 675 44.49 -66.70 34.86
C ALA EA 675 43.05 -66.85 35.34
N SER EA 676 42.54 -68.08 35.37
CA SER EA 676 41.15 -68.34 35.74
C SER EA 676 41.08 -69.05 37.08
N GLN EA 677 40.05 -68.72 37.84
CA GLN EA 677 39.83 -69.37 39.13
C GLN EA 677 38.97 -70.63 39.00
N THR EA 678 38.05 -70.67 38.04
CA THR EA 678 37.25 -71.87 37.84
C THR EA 678 38.09 -73.01 37.27
N MET EA 679 39.00 -72.69 36.34
CA MET EA 679 39.92 -73.71 35.84
C MET EA 679 40.87 -74.19 36.92
N ALA EA 680 41.30 -73.29 37.80
CA ALA EA 680 42.13 -73.69 38.94
C ALA EA 680 41.36 -74.60 39.89
N LYS EA 681 40.08 -74.31 40.11
CA LYS EA 681 39.25 -75.18 40.94
C LYS EA 681 39.05 -76.54 40.29
N CYS EA 682 38.90 -76.58 38.97
CA CYS EA 682 38.75 -77.86 38.26
C CYS EA 682 40.04 -78.68 38.35
N VAL EA 683 41.20 -78.03 38.21
CA VAL EA 683 42.48 -78.74 38.34
C VAL EA 683 42.65 -79.26 39.76
N LYS EA 684 42.31 -78.44 40.76
CA LYS EA 684 42.37 -78.87 42.16
C LYS EA 684 41.41 -80.03 42.44
N ALA EA 685 40.26 -80.05 41.75
CA ALA EA 685 39.30 -81.14 41.95
C ALA EA 685 39.81 -82.43 41.32
N VAL EA 686 40.35 -82.36 40.10
CA VAL EA 686 40.79 -83.59 39.45
C VAL EA 686 42.11 -84.11 40.01
N THR EA 687 42.91 -83.27 40.66
CA THR EA 687 44.16 -83.76 41.22
C THR EA 687 43.94 -84.61 42.46
N GLU EA 688 43.04 -84.19 43.35
CA GLU EA 688 42.78 -84.92 44.58
C GLU EA 688 41.98 -86.19 44.31
N ALA FA 1 -12.07 26.08 -46.63
CA ALA FA 1 -13.10 27.04 -46.96
C ALA FA 1 -14.14 27.12 -45.86
N ARG FA 2 -14.27 26.04 -45.10
CA ARG FA 2 -15.22 26.01 -43.99
C ARG FA 2 -14.70 26.85 -42.83
N GLN FA 3 -15.60 27.16 -41.91
CA GLN FA 3 -15.22 27.87 -40.70
C GLN FA 3 -14.39 26.96 -39.81
N TRP FA 4 -13.26 27.47 -39.32
CA TRP FA 4 -12.37 26.66 -38.51
C TRP FA 4 -12.95 26.48 -37.12
N GLN FA 5 -12.99 25.23 -36.67
CA GLN FA 5 -13.40 24.88 -35.32
C GLN FA 5 -12.33 23.99 -34.69
N PRO FA 6 -12.12 24.08 -33.37
CA PRO FA 6 -10.97 23.42 -32.75
C PRO FA 6 -11.01 21.90 -32.84
N ASP FA 7 -9.82 21.32 -32.96
CA ASP FA 7 -9.60 19.88 -33.00
C ASP FA 7 -9.09 19.42 -31.64
N VAL FA 8 -8.62 18.18 -31.57
CA VAL FA 8 -8.10 17.64 -30.31
C VAL FA 8 -6.84 18.37 -29.86
N GLU FA 9 -6.10 19.00 -30.77
CA GLU FA 9 -4.88 19.71 -30.37
C GLU FA 9 -5.21 20.98 -29.60
N TRP FA 10 -6.24 21.73 -30.05
CA TRP FA 10 -6.65 22.92 -29.33
C TRP FA 10 -7.42 22.58 -28.05
N ALA FA 11 -8.11 21.44 -28.04
CA ALA FA 11 -8.91 21.05 -26.89
C ALA FA 11 -8.12 20.31 -25.83
N GLU FA 12 -6.94 19.79 -26.17
CA GLU FA 12 -6.15 19.03 -25.22
C GLU FA 12 -5.24 19.91 -24.36
N GLN FA 13 -5.13 21.21 -24.68
CA GLN FA 13 -4.34 22.11 -23.86
C GLN FA 13 -4.96 22.32 -22.48
N TYR FA 14 -6.29 22.32 -22.42
CA TYR FA 14 -7.00 22.55 -21.16
C TYR FA 14 -7.28 21.27 -20.40
N GLY FA 15 -6.82 20.14 -20.91
CA GLY FA 15 -7.06 18.86 -20.25
C GLY FA 15 -6.16 18.54 -19.10
N GLY FA 16 -5.16 19.39 -18.82
CA GLY FA 16 -4.25 19.15 -17.71
C GLY FA 16 -4.72 19.78 -16.42
N ALA FA 17 -3.99 19.47 -15.34
CA ALA FA 17 -4.31 20.07 -14.05
C ALA FA 17 -3.89 21.53 -13.99
N VAL FA 18 -2.89 21.92 -14.77
CA VAL FA 18 -2.39 23.28 -14.78
C VAL FA 18 -2.33 23.74 -16.23
N MET FA 19 -2.33 25.06 -16.42
CA MET FA 19 -2.32 25.61 -17.77
C MET FA 19 -0.89 25.74 -18.30
N TYR FA 20 0.01 26.30 -17.51
CA TYR FA 20 1.41 26.45 -17.88
C TYR FA 20 2.27 25.59 -16.97
N PRO FA 21 2.71 24.42 -17.42
CA PRO FA 21 3.52 23.55 -16.56
C PRO FA 21 4.89 24.13 -16.25
N THR FA 22 5.40 23.77 -15.07
CA THR FA 22 6.75 24.14 -14.67
C THR FA 22 7.50 22.90 -14.17
N LYS FA 23 8.70 23.10 -13.62
CA LYS FA 23 9.46 21.99 -13.07
C LYS FA 23 8.80 21.44 -11.80
N GLU FA 24 8.27 22.33 -10.95
CA GLU FA 24 7.59 21.89 -9.74
C GLU FA 24 6.27 21.20 -10.06
N THR FA 25 5.57 21.68 -11.09
CA THR FA 25 4.28 21.10 -11.49
C THR FA 25 4.49 20.06 -12.60
N ALA FA 26 5.27 19.04 -12.28
CA ALA FA 26 5.58 17.96 -13.21
C ALA FA 26 4.84 16.66 -12.90
N HIS FA 27 4.64 16.35 -11.62
CA HIS FA 27 3.92 15.15 -11.21
C HIS FA 27 2.45 15.43 -10.89
N TRP FA 28 1.97 16.63 -11.18
CA TRP FA 28 0.60 17.00 -10.85
C TRP FA 28 -0.40 16.31 -11.75
N LYS FA 29 -0.91 15.16 -11.32
CA LYS FA 29 -1.96 14.49 -12.06
C LYS FA 29 -3.27 15.25 -11.91
N PRO FA 30 -4.16 15.16 -12.89
CA PRO FA 30 -5.49 15.76 -12.73
C PRO FA 30 -6.29 15.01 -11.68
N PRO FA 31 -7.26 15.66 -11.04
CA PRO FA 31 -8.12 14.98 -10.08
C PRO FA 31 -9.02 13.97 -10.76
N PRO FA 32 -9.52 12.97 -10.03
CA PRO FA 32 -10.42 11.99 -10.64
C PRO FA 32 -11.75 12.61 -11.06
N TRP FA 33 -12.42 11.91 -11.98
CA TRP FA 33 -13.67 12.43 -12.55
C TRP FA 33 -14.77 12.52 -11.51
N ASN FA 34 -14.89 11.52 -10.64
CA ASN FA 34 -15.87 11.53 -9.57
C ASN FA 34 -15.30 11.99 -8.24
N ASP FA 35 -14.02 12.39 -8.21
CA ASP FA 35 -13.32 12.88 -7.02
C ASP FA 35 -13.30 11.85 -5.89
N VAL FA 36 -13.36 10.56 -6.23
CA VAL FA 36 -13.30 9.48 -5.25
C VAL FA 36 -12.04 8.69 -5.55
N ASP FA 37 -11.13 8.66 -4.59
CA ASP FA 37 -9.85 8.00 -4.76
C ASP FA 37 -9.93 6.53 -4.36
N PRO FA 38 -9.06 5.69 -4.91
CA PRO FA 38 -8.93 4.34 -4.38
C PRO FA 38 -8.46 4.36 -2.95
N PRO FA 39 -8.87 3.37 -2.14
CA PRO FA 39 -8.68 3.49 -0.68
C PRO FA 39 -7.24 3.37 -0.21
N LYS FA 40 -6.31 2.95 -1.07
CA LYS FA 40 -4.89 2.68 -0.78
C LYS FA 40 -4.71 1.97 0.58
N ASP FA 41 -5.29 0.78 0.64
CA ASP FA 41 -5.33 0.00 1.88
C ASP FA 41 -3.93 -0.46 2.27
N THR FA 42 -3.41 0.09 3.37
CA THR FA 42 -2.13 -0.31 3.92
C THR FA 42 -2.31 -1.55 4.81
N LEU FA 43 -1.20 -2.02 5.37
CA LEU FA 43 -1.25 -3.16 6.28
C LEU FA 43 -1.83 -2.72 7.62
N VAL FA 44 -2.86 -3.44 8.07
CA VAL FA 44 -3.64 -2.98 9.22
C VAL FA 44 -2.90 -3.20 10.55
N SER FA 45 -1.90 -4.09 10.57
CA SER FA 45 -1.05 -4.35 11.74
C SER FA 45 -1.88 -4.79 12.95
N ASN FA 46 -2.51 -5.95 12.82
CA ASN FA 46 -3.14 -6.58 13.97
C ASN FA 46 -2.09 -6.99 14.97
N LEU FA 47 -2.27 -6.60 16.23
CA LEU FA 47 -1.25 -6.85 17.23
C LEU FA 47 -1.21 -8.33 17.61
N THR FA 48 0.00 -8.87 17.69
CA THR FA 48 0.20 -10.29 17.96
C THR FA 48 0.51 -10.46 19.43
N LEU FA 49 -0.40 -11.10 20.16
CA LEU FA 49 -0.29 -11.33 21.59
C LEU FA 49 0.06 -12.78 21.85
N ASN FA 50 0.93 -12.98 22.84
CA ASN FA 50 1.37 -14.32 23.25
C ASN FA 50 0.62 -14.69 24.53
N PHE FA 51 -0.55 -15.30 24.38
CA PHE FA 51 -1.26 -15.93 25.48
C PHE FA 51 -0.49 -17.21 25.81
N GLY FA 52 0.59 -17.05 26.57
CA GLY FA 52 1.60 -18.06 26.68
C GLY FA 52 1.31 -19.09 27.75
N PRO FA 53 2.29 -19.97 28.01
CA PRO FA 53 2.07 -21.03 28.99
C PRO FA 53 2.02 -20.52 30.41
N GLN FA 54 2.86 -19.55 30.78
CA GLN FA 54 2.81 -18.95 32.10
C GLN FA 54 1.67 -17.95 32.12
N HIS FA 55 0.47 -18.48 32.35
CA HIS FA 55 -0.74 -17.69 32.39
C HIS FA 55 -1.76 -18.42 33.25
N PRO FA 56 -2.44 -17.72 34.15
CA PRO FA 56 -3.49 -18.39 34.94
C PRO FA 56 -4.69 -18.82 34.11
N ALA FA 57 -4.86 -18.26 32.91
CA ALA FA 57 -6.01 -18.60 32.07
C ALA FA 57 -5.79 -19.91 31.33
N ALA FA 58 -4.60 -20.09 30.75
CA ALA FA 58 -4.30 -21.31 30.02
C ALA FA 58 -4.20 -22.49 30.97
N HIS FA 59 -4.66 -23.65 30.52
CA HIS FA 59 -4.63 -24.86 31.35
C HIS FA 59 -3.20 -25.40 31.38
N GLY FA 60 -2.37 -24.73 32.17
CA GLY FA 60 -1.01 -25.17 32.37
C GLY FA 60 -0.05 -24.75 31.27
N VAL FA 61 -0.10 -25.45 30.13
CA VAL FA 61 0.81 -25.19 29.01
C VAL FA 61 0.00 -25.08 27.73
N LEU FA 62 0.06 -23.89 27.10
CA LEU FA 62 -0.72 -23.55 25.92
C LEU FA 62 -0.23 -22.23 25.35
N ARG FA 63 0.06 -22.16 24.06
CA ARG FA 63 0.60 -20.92 23.48
C ARG FA 63 -0.33 -20.40 22.39
N LEU FA 64 -1.28 -19.55 22.78
CA LEU FA 64 -2.11 -18.89 21.79
C LEU FA 64 -1.37 -17.69 21.22
N VAL FA 65 -0.97 -17.78 19.95
CA VAL FA 65 -0.54 -16.61 19.20
C VAL FA 65 -1.82 -15.99 18.62
N MET FA 66 -2.16 -14.79 19.10
CA MET FA 66 -3.45 -14.20 18.79
C MET FA 66 -3.25 -12.90 18.02
N GLU FA 67 -3.76 -12.85 16.80
CA GLU FA 67 -3.82 -11.60 16.05
C GLU FA 67 -5.09 -10.86 16.45
N LEU FA 68 -4.93 -9.70 17.08
CA LEU FA 68 -6.02 -8.92 17.63
C LEU FA 68 -6.17 -7.60 16.89
N SER FA 69 -7.40 -7.18 16.69
CA SER FA 69 -7.69 -5.83 16.22
C SER FA 69 -7.96 -4.93 17.42
N GLY FA 70 -6.89 -4.71 18.18
CA GLY FA 70 -6.99 -4.01 19.45
C GLY FA 70 -7.35 -4.94 20.58
N GLU FA 71 -8.62 -5.32 20.67
CA GLU FA 71 -9.03 -6.27 21.70
C GLU FA 71 -9.84 -7.41 21.09
N MET FA 72 -10.55 -7.14 20.01
CA MET FA 72 -11.28 -8.19 19.30
C MET FA 72 -10.29 -9.11 18.61
N VAL FA 73 -10.50 -10.42 18.76
CA VAL FA 73 -9.62 -11.40 18.15
C VAL FA 73 -9.90 -11.47 16.66
N ARG FA 74 -8.84 -11.50 15.86
CA ARG FA 74 -8.96 -11.72 14.43
C ARG FA 74 -8.44 -13.08 14.01
N LYS FA 75 -7.44 -13.62 14.71
CA LYS FA 75 -6.97 -14.96 14.43
C LYS FA 75 -6.41 -15.58 15.70
N CYS FA 76 -6.66 -16.86 15.90
CA CYS FA 76 -6.12 -17.62 17.03
C CYS FA 76 -5.29 -18.78 16.50
N ASP FA 77 -4.06 -18.89 16.98
CA ASP FA 77 -3.17 -20.00 16.60
C ASP FA 77 -2.72 -20.68 17.88
N PRO FA 78 -3.36 -21.78 18.27
CA PRO FA 78 -2.91 -22.53 19.45
C PRO FA 78 -1.71 -23.42 19.12
N HIS FA 79 -0.54 -22.98 19.58
CA HIS FA 79 0.65 -23.82 19.53
C HIS FA 79 0.67 -24.70 20.77
N ILE FA 80 0.76 -26.00 20.55
CA ILE FA 80 0.78 -27.00 21.61
C ILE FA 80 2.04 -27.83 21.48
N GLY FA 81 2.18 -28.85 22.32
CA GLY FA 81 3.37 -29.66 22.36
C GLY FA 81 4.31 -29.33 23.49
N LEU FA 82 3.96 -28.37 24.34
CA LEU FA 82 4.77 -28.08 25.51
C LEU FA 82 4.67 -29.18 26.57
N LEU FA 83 3.67 -30.04 26.48
CA LEU FA 83 3.55 -31.21 27.35
C LEU FA 83 3.55 -32.50 26.53
N HIS FA 84 4.26 -32.51 25.41
CA HIS FA 84 4.40 -33.74 24.63
C HIS FA 84 5.49 -34.60 25.24
N GLY FA 86 5.75 -37.94 24.48
CA GLY FA 86 6.00 -39.06 23.59
C GLY FA 86 5.55 -40.36 24.22
N THR FA 87 4.27 -40.42 24.58
CA THR FA 87 3.75 -41.54 25.37
C THR FA 87 3.65 -42.81 24.53
N GLU FA 88 3.12 -42.69 23.31
CA GLU FA 88 2.76 -43.88 22.54
C GLU FA 88 3.93 -44.51 21.79
N LYS FA 89 5.17 -44.10 22.08
CA LYS FA 89 6.35 -44.88 21.72
C LYS FA 89 6.87 -45.70 22.89
N LEU FA 90 6.91 -45.08 24.07
CA LEU FA 90 7.26 -45.80 25.29
C LEU FA 90 6.21 -46.85 25.66
N ILE FA 91 4.95 -46.65 25.24
CA ILE FA 91 3.95 -47.71 25.39
C ILE FA 91 4.34 -48.92 24.54
N GLU FA 92 4.80 -48.67 23.31
CA GLU FA 92 5.31 -49.74 22.47
C GLU FA 92 6.56 -50.39 23.06
N TYR FA 93 7.30 -49.65 23.88
CA TYR FA 93 8.51 -50.20 24.51
C TYR FA 93 8.24 -50.83 25.87
N LYS FA 94 6.98 -51.08 26.24
CA LYS FA 94 6.65 -51.69 27.52
C LYS FA 94 5.51 -52.67 27.33
N THR FA 95 5.29 -53.50 28.36
CA THR FA 95 4.24 -54.50 28.31
C THR FA 95 2.88 -53.86 28.60
N TYR FA 96 1.82 -54.68 28.58
CA TYR FA 96 0.48 -54.17 28.77
C TYR FA 96 0.25 -53.69 30.20
N LEU FA 97 0.66 -54.50 31.18
CA LEU FA 97 0.55 -54.08 32.57
C LEU FA 97 1.47 -52.91 32.87
N GLN FA 98 2.63 -52.83 32.21
CA GLN FA 98 3.53 -51.71 32.42
C GLN FA 98 3.01 -50.44 31.77
N ALA FA 99 2.26 -50.56 30.68
CA ALA FA 99 1.66 -49.41 30.02
C ALA FA 99 0.29 -49.04 30.57
N LEU FA 100 -0.25 -49.86 31.48
CA LEU FA 100 -1.49 -49.47 32.16
C LEU FA 100 -1.37 -48.18 32.98
N PRO FA 101 -0.32 -47.92 33.78
CA PRO FA 101 -0.26 -46.62 34.47
C PRO FA 101 0.01 -45.44 33.54
N TYR FA 102 0.30 -45.66 32.27
CA TYR FA 102 0.45 -44.55 31.34
C TYR FA 102 -0.86 -43.81 31.13
N PHE FA 103 -1.98 -44.51 31.21
CA PHE FA 103 -3.28 -43.90 30.94
C PHE FA 103 -3.78 -43.08 32.12
N ASP FA 104 -3.18 -43.22 33.30
CA ASP FA 104 -3.59 -42.40 34.43
C ASP FA 104 -3.15 -40.95 34.28
N ARG FA 105 -2.24 -40.66 33.35
CA ARG FA 105 -1.64 -39.34 33.26
C ARG FA 105 -1.98 -38.60 31.97
N LEU FA 106 -2.73 -39.23 31.06
CA LEU FA 106 -3.22 -38.50 29.89
C LEU FA 106 -4.25 -37.46 30.30
N ASP FA 107 -5.36 -37.93 30.87
CA ASP FA 107 -6.40 -37.07 31.44
C ASP FA 107 -6.22 -37.17 32.95
N TYR FA 108 -5.45 -36.24 33.52
CA TYR FA 108 -5.08 -36.32 34.93
C TYR FA 108 -6.18 -35.86 35.88
N VAL FA 109 -7.42 -35.75 35.39
CA VAL FA 109 -8.59 -35.58 36.24
C VAL FA 109 -9.65 -36.63 35.96
N SER FA 110 -9.37 -37.59 35.08
CA SER FA 110 -10.29 -38.64 34.67
C SER FA 110 -9.58 -39.99 34.64
N MET FA 111 -8.89 -40.32 35.75
CA MET FA 111 -7.92 -41.42 35.75
C MET FA 111 -8.58 -42.78 35.49
N MET FA 112 -9.61 -43.13 36.26
CA MET FA 112 -10.20 -44.44 36.09
C MET FA 112 -11.05 -44.54 34.82
N CYS FA 113 -11.45 -43.43 34.23
CA CYS FA 113 -12.10 -43.48 32.92
C CYS FA 113 -11.11 -43.96 31.86
N ASN FA 114 -9.90 -43.41 31.85
CA ASN FA 114 -8.89 -43.86 30.90
C ASN FA 114 -8.44 -45.29 31.21
N GLU FA 115 -8.38 -45.63 32.51
CA GLU FA 115 -8.09 -47.00 32.90
C GLU FA 115 -9.14 -47.97 32.34
N GLN FA 116 -10.41 -47.59 32.43
CA GLN FA 116 -11.48 -48.44 31.92
C GLN FA 116 -11.43 -48.53 30.40
N ALA FA 117 -11.05 -47.45 29.72
CA ALA FA 117 -10.92 -47.49 28.27
C ALA FA 117 -9.83 -48.46 27.83
N TYR FA 118 -8.66 -48.35 28.46
CA TYR FA 118 -7.55 -49.25 28.12
C TYR FA 118 -7.87 -50.69 28.48
N SER FA 119 -8.51 -50.91 29.63
CA SER FA 119 -8.86 -52.26 30.05
C SER FA 119 -9.91 -52.87 29.12
N LEU FA 120 -10.87 -52.07 28.66
CA LEU FA 120 -11.86 -52.58 27.72
C LEU FA 120 -11.23 -52.95 26.39
N ALA FA 121 -10.28 -52.13 25.91
CA ALA FA 121 -9.59 -52.46 24.66
C ALA FA 121 -8.78 -53.75 24.79
N VAL FA 122 -8.04 -53.90 25.89
CA VAL FA 122 -7.22 -55.09 26.07
C VAL FA 122 -8.10 -56.33 26.27
N GLU FA 123 -9.21 -56.20 26.99
CA GLU FA 123 -10.12 -57.33 27.17
C GLU FA 123 -10.81 -57.70 25.87
N LYS FA 124 -11.10 -56.73 25.01
CA LYS FA 124 -11.65 -57.03 23.69
C LYS FA 124 -10.64 -57.79 22.84
N LEU FA 125 -9.36 -57.39 22.91
CA LEU FA 125 -8.34 -58.10 22.16
C LEU FA 125 -8.07 -59.49 22.74
N LEU FA 126 -8.28 -59.68 24.04
CA LEU FA 126 -8.00 -60.93 24.72
C LEU FA 126 -9.17 -61.91 24.70
N ASN FA 127 -10.34 -61.47 24.22
CA ASN FA 127 -11.57 -62.30 24.16
C ASN FA 127 -11.98 -62.82 25.54
N ILE FA 128 -11.86 -61.97 26.56
CA ILE FA 128 -12.29 -62.29 27.92
C ILE FA 128 -13.19 -61.17 28.42
N GLN FA 129 -13.87 -61.43 29.53
CA GLN FA 129 -14.72 -60.44 30.16
C GLN FA 129 -14.54 -60.49 31.68
N PRO FA 130 -14.71 -59.35 32.35
CA PRO FA 130 -14.54 -59.32 33.81
C PRO FA 130 -15.77 -59.87 34.51
N PRO FA 131 -15.65 -60.23 35.79
CA PRO FA 131 -16.83 -60.66 36.57
C PRO FA 131 -17.78 -59.50 36.80
N PRO FA 132 -19.06 -59.78 37.09
CA PRO FA 132 -20.04 -58.70 37.24
C PRO FA 132 -19.75 -57.72 38.38
N ARG FA 133 -19.19 -58.20 39.49
CA ARG FA 133 -18.88 -57.30 40.60
C ARG FA 133 -17.79 -56.32 40.20
N ALA FA 134 -16.80 -56.77 39.44
CA ALA FA 134 -15.77 -55.89 38.91
C ALA FA 134 -16.37 -54.84 37.99
N GLN FA 135 -17.33 -55.24 37.15
CA GLN FA 135 -17.98 -54.29 36.25
C GLN FA 135 -18.77 -53.23 37.02
N TRP FA 136 -19.47 -53.63 38.08
CA TRP FA 136 -20.23 -52.67 38.86
C TRP FA 136 -19.30 -51.72 39.62
N ILE FA 137 -18.18 -52.23 40.14
CA ILE FA 137 -17.19 -51.37 40.78
C ILE FA 137 -16.62 -50.37 39.78
N ARG FA 138 -16.32 -50.84 38.57
CA ARG FA 138 -15.76 -49.97 37.54
C ARG FA 138 -16.74 -48.87 37.15
N VAL FA 139 -18.03 -49.20 37.04
CA VAL FA 139 -19.02 -48.20 36.66
C VAL FA 139 -19.24 -47.19 37.78
N LEU FA 140 -19.29 -47.66 39.03
CA LEU FA 140 -19.46 -46.74 40.17
C LEU FA 140 -18.28 -45.78 40.29
N PHE FA 141 -17.05 -46.30 40.14
CA PHE FA 141 -15.90 -45.43 40.24
C PHE FA 141 -15.73 -44.55 39.01
N GLY FA 142 -16.24 -44.99 37.86
CA GLY FA 142 -16.29 -44.12 36.70
C GLY FA 142 -17.22 -42.95 36.90
N GLU FA 143 -18.35 -43.17 37.57
CA GLU FA 143 -19.26 -42.06 37.86
C GLU FA 143 -18.70 -41.13 38.92
N ILE FA 144 -18.00 -41.68 39.92
CA ILE FA 144 -17.27 -40.85 40.88
C ILE FA 144 -16.23 -39.99 40.15
N THR FA 145 -15.52 -40.60 39.20
CA THR FA 145 -14.53 -39.88 38.40
C THR FA 145 -15.18 -38.80 37.54
N ARG FA 146 -16.38 -39.09 37.02
CA ARG FA 146 -17.11 -38.09 36.26
C ARG FA 146 -17.50 -36.90 37.12
N LEU FA 147 -17.90 -37.16 38.37
CA LEU FA 147 -18.15 -36.07 39.31
C LEU FA 147 -16.89 -35.25 39.56
N LEU FA 148 -15.75 -35.93 39.70
CA LEU FA 148 -14.46 -35.24 39.87
C LEU FA 148 -14.17 -34.31 38.69
N ASN FA 149 -14.28 -34.85 37.47
CA ASN FA 149 -13.95 -34.09 36.28
C ASN FA 149 -14.91 -32.93 36.08
N HIS FA 150 -16.20 -33.13 36.36
CA HIS FA 150 -17.16 -32.04 36.15
C HIS FA 150 -17.02 -30.96 37.21
N ILE FA 151 -16.70 -31.32 38.46
CA ILE FA 151 -16.39 -30.31 39.46
C ILE FA 151 -15.18 -29.49 39.03
N MET FA 152 -14.13 -30.18 38.54
CA MET FA 152 -12.94 -29.49 38.07
C MET FA 152 -13.26 -28.54 36.92
N ALA FA 153 -14.04 -29.01 35.95
CA ALA FA 153 -14.37 -28.20 34.78
C ALA FA 153 -15.17 -26.96 35.16
N VAL FA 154 -16.27 -27.16 35.91
CA VAL FA 154 -17.14 -26.03 36.25
C VAL FA 154 -16.42 -25.03 37.15
N THR FA 155 -15.71 -25.52 38.16
CA THR FA 155 -15.05 -24.62 39.10
C THR FA 155 -13.90 -23.86 38.44
N THR FA 156 -13.09 -24.54 37.61
CA THR FA 156 -12.00 -23.84 36.94
C THR FA 156 -12.54 -22.85 35.92
N HIS FA 157 -13.61 -23.21 35.19
CA HIS FA 157 -14.21 -22.30 34.23
C HIS FA 157 -14.78 -21.06 34.90
N ALA FA 158 -15.43 -21.23 36.05
CA ALA FA 158 -15.90 -20.08 36.81
C ALA FA 158 -14.75 -19.29 37.39
N LEU FA 159 -13.62 -19.94 37.67
CA LEU FA 159 -12.44 -19.22 38.14
C LEU FA 159 -11.86 -18.32 37.06
N ASP FA 160 -11.74 -18.82 35.82
CA ASP FA 160 -11.26 -17.92 34.76
C ASP FA 160 -12.30 -16.87 34.41
N ILE FA 161 -13.59 -17.18 34.55
CA ILE FA 161 -14.60 -16.14 34.35
C ILE FA 161 -14.53 -15.11 35.48
N GLY FA 162 -14.28 -15.56 36.70
CA GLY FA 162 -14.06 -14.63 37.79
C GLY FA 162 -14.59 -15.09 39.14
N ALA FA 163 -15.46 -16.10 39.14
CA ALA FA 163 -16.04 -16.61 40.39
C ALA FA 163 -15.09 -17.61 41.00
N MET FA 164 -14.34 -17.17 42.01
CA MET FA 164 -13.33 -18.02 42.65
C MET FA 164 -13.83 -18.75 43.88
N THR FA 165 -15.06 -18.47 44.32
CA THR FA 165 -15.60 -19.06 45.55
C THR FA 165 -16.16 -20.49 45.37
N PRO FA 166 -16.90 -20.83 44.30
CA PRO FA 166 -17.28 -22.25 44.14
C PRO FA 166 -16.12 -23.20 43.96
N PHE FA 167 -14.96 -22.71 43.54
CA PHE FA 167 -13.74 -23.52 43.55
C PHE FA 167 -13.43 -24.05 44.94
N PHE FA 168 -13.40 -23.16 45.93
CA PHE FA 168 -13.16 -23.57 47.31
C PHE FA 168 -14.36 -24.32 47.88
N TRP FA 169 -15.56 -24.07 47.36
CA TRP FA 169 -16.73 -24.79 47.87
C TRP FA 169 -16.72 -26.25 47.44
N MET FA 170 -16.34 -26.54 46.20
CA MET FA 170 -16.40 -27.90 45.67
C MET FA 170 -15.10 -28.67 45.80
N PHE FA 171 -13.98 -27.99 46.12
CA PHE FA 171 -12.75 -28.76 46.29
C PHE FA 171 -12.75 -29.59 47.57
N GLU FA 172 -13.63 -29.28 48.54
CA GLU FA 172 -13.78 -30.17 49.69
C GLU FA 172 -14.39 -31.51 49.28
N GLU FA 173 -15.41 -31.48 48.43
CA GLU FA 173 -15.97 -32.72 47.90
C GLU FA 173 -14.97 -33.44 47.01
N ARG FA 174 -14.15 -32.68 46.28
CA ARG FA 174 -13.06 -33.28 45.51
C ARG FA 174 -12.08 -34.00 46.42
N GLU FA 175 -11.75 -33.40 47.57
CA GLU FA 175 -10.85 -34.03 48.53
C GLU FA 175 -11.47 -35.30 49.11
N LYS FA 176 -12.78 -35.29 49.37
CA LYS FA 176 -13.45 -36.49 49.87
C LYS FA 176 -13.42 -37.62 48.84
N MET FA 177 -13.63 -37.31 47.56
CA MET FA 177 -13.54 -38.34 46.54
C MET FA 177 -12.11 -38.84 46.39
N PHE FA 178 -11.13 -37.96 46.57
CA PHE FA 178 -9.73 -38.39 46.57
C PHE FA 178 -9.44 -39.30 47.75
N GLU FA 179 -10.08 -39.06 48.89
CA GLU FA 179 -9.96 -39.98 50.03
C GLU FA 179 -10.54 -41.34 49.70
N PHE FA 180 -11.66 -41.37 48.97
CA PHE FA 180 -12.21 -42.65 48.52
C PHE FA 180 -11.25 -43.37 47.57
N TYR FA 181 -10.62 -42.61 46.67
CA TYR FA 181 -9.61 -43.17 45.77
C TYR FA 181 -8.44 -43.78 46.54
N GLU FA 182 -7.96 -43.05 47.56
CA GLU FA 182 -6.83 -43.51 48.36
C GLU FA 182 -7.21 -44.74 49.18
N ARG FA 183 -8.45 -44.79 49.68
CA ARG FA 183 -8.88 -45.96 50.44
C ARG FA 183 -9.03 -47.18 49.55
N VAL FA 184 -9.41 -46.99 48.28
CA VAL FA 184 -9.62 -48.14 47.41
C VAL FA 184 -8.36 -48.59 46.68
N SER FA 185 -7.36 -47.73 46.53
CA SER FA 185 -6.21 -48.11 45.71
C SER FA 185 -4.87 -47.83 46.37
N GLY FA 186 -4.82 -46.84 47.25
CA GLY FA 186 -3.59 -46.44 47.91
C GLY FA 186 -2.98 -45.15 47.41
N ALA FA 187 -3.39 -44.67 46.25
CA ALA FA 187 -2.93 -43.39 45.73
C ALA FA 187 -4.13 -42.48 45.50
N ARG FA 188 -3.91 -41.18 45.69
CA ARG FA 188 -5.02 -40.23 45.66
C ARG FA 188 -5.54 -39.97 44.25
N MET FA 189 -4.65 -39.83 43.28
CA MET FA 189 -5.08 -39.58 41.90
C MET FA 189 -4.77 -40.75 40.97
N HIS FA 190 -3.50 -41.12 40.83
CA HIS FA 190 -3.10 -42.15 39.88
C HIS FA 190 -3.25 -43.50 40.55
N ALA FA 191 -4.46 -44.06 40.46
CA ALA FA 191 -4.80 -45.23 41.26
C ALA FA 191 -4.15 -46.49 40.72
N ALA FA 192 -4.09 -46.64 39.39
CA ALA FA 192 -3.71 -47.89 38.71
C ALA FA 192 -4.56 -49.06 39.22
N TYR FA 193 -5.85 -48.80 39.38
CA TYR FA 193 -6.78 -49.73 40.01
C TYR FA 193 -7.47 -50.62 38.99
N VAL FA 194 -8.03 -50.04 37.94
CA VAL FA 194 -8.72 -50.82 36.92
C VAL FA 194 -7.68 -51.45 36.00
N ARG FA 195 -7.71 -52.76 35.89
CA ARG FA 195 -6.76 -53.54 35.11
C ARG FA 195 -7.54 -54.43 34.15
N PRO FA 196 -6.91 -54.87 33.06
CA PRO FA 196 -7.58 -55.85 32.18
C PRO FA 196 -7.87 -57.15 32.91
N GLY FA 197 -9.16 -57.48 32.99
CA GLY FA 197 -9.64 -58.61 33.76
C GLY FA 197 -10.47 -58.24 34.96
N GLY FA 198 -10.67 -56.96 35.24
CA GLY FA 198 -11.47 -56.53 36.36
C GLY FA 198 -10.85 -55.38 37.12
N VAL FA 199 -10.66 -55.56 38.42
CA VAL FA 199 -9.97 -54.59 39.26
C VAL FA 199 -8.89 -55.32 40.05
N HIS FA 200 -7.93 -54.56 40.55
CA HIS FA 200 -6.79 -55.17 41.22
C HIS FA 200 -7.16 -55.71 42.60
N GLN FA 201 -7.91 -54.93 43.38
CA GLN FA 201 -8.19 -55.30 44.76
C GLN FA 201 -9.65 -55.01 45.07
N ASP FA 202 -10.16 -55.68 46.09
CA ASP FA 202 -11.54 -55.49 46.51
C ASP FA 202 -11.64 -54.28 47.44
N LEU FA 203 -12.88 -53.84 47.65
CA LEU FA 203 -13.11 -52.65 48.47
C LEU FA 203 -12.82 -52.95 49.94
N PRO FA 204 -12.21 -52.01 50.67
CA PRO FA 204 -12.13 -52.15 52.12
C PRO FA 204 -13.51 -51.98 52.74
N LEU FA 205 -13.71 -52.64 53.87
CA LEU FA 205 -15.02 -52.65 54.51
C LEU FA 205 -15.38 -51.28 55.04
N GLY FA 206 -16.65 -50.91 54.91
CA GLY FA 206 -17.13 -49.63 55.36
C GLY FA 206 -17.00 -48.50 54.36
N LEU FA 207 -16.57 -48.79 53.13
CA LEU FA 207 -16.46 -47.76 52.11
C LEU FA 207 -17.81 -47.37 51.54
N MET FA 208 -18.74 -48.33 51.43
CA MET FA 208 -20.04 -48.07 50.83
C MET FA 208 -20.84 -47.06 51.65
N ASP FA 209 -20.75 -47.14 52.98
CA ASP FA 209 -21.47 -46.20 53.83
C ASP FA 209 -20.92 -44.79 53.70
N ASP FA 210 -19.60 -44.66 53.59
CA ASP FA 210 -19.00 -43.34 53.39
C ASP FA 210 -19.40 -42.75 52.05
N ILE FA 211 -19.42 -43.58 51.00
CA ILE FA 211 -19.89 -43.12 49.69
C ILE FA 211 -21.35 -42.71 49.76
N TYR FA 212 -22.15 -43.45 50.54
CA TYR FA 212 -23.57 -43.12 50.69
C TYR FA 212 -23.77 -41.77 51.38
N GLU FA 213 -23.02 -41.49 52.45
CA GLU FA 213 -23.14 -40.21 53.13
C GLU FA 213 -22.69 -39.05 52.23
N PHE FA 214 -21.58 -39.26 51.51
CA PHE FA 214 -21.09 -38.23 50.61
C PHE FA 214 -22.09 -37.94 49.49
N SER FA 215 -22.67 -38.99 48.91
CA SER FA 215 -23.67 -38.82 47.87
C SER FA 215 -24.98 -38.27 48.42
N LYS FA 216 -25.21 -38.40 49.72
CA LYS FA 216 -26.37 -37.77 50.35
C LYS FA 216 -26.18 -36.24 50.42
N ASN FA 217 -24.99 -35.79 50.82
CA ASN FA 217 -24.78 -34.34 50.96
C ASN FA 217 -24.37 -33.64 49.66
N PHE FA 218 -23.97 -34.40 48.64
CA PHE FA 218 -23.49 -33.76 47.42
C PHE FA 218 -24.62 -33.06 46.65
N SER FA 219 -25.87 -33.52 46.82
CA SER FA 219 -26.98 -32.83 46.17
C SER FA 219 -27.15 -31.42 46.71
N LEU FA 220 -27.01 -31.24 48.02
CA LEU FA 220 -27.05 -29.90 48.60
C LEU FA 220 -25.86 -29.08 48.14
N ARG FA 221 -24.70 -29.71 47.97
CA ARG FA 221 -23.54 -28.96 47.44
C ARG FA 221 -23.80 -28.45 46.01
N ILE FA 222 -24.38 -29.29 45.15
CA ILE FA 222 -24.71 -28.87 43.80
C ILE FA 222 -25.78 -27.79 43.82
N ASP FA 223 -26.74 -27.88 44.76
CA ASP FA 223 -27.77 -26.86 44.88
C ASP FA 223 -27.17 -25.51 45.27
N GLU FA 224 -26.19 -25.51 46.17
CA GLU FA 224 -25.49 -24.27 46.53
C GLU FA 224 -24.75 -23.69 45.33
N LEU FA 225 -24.06 -24.54 44.56
CA LEU FA 225 -23.35 -24.06 43.38
C LEU FA 225 -24.30 -23.47 42.34
N GLU FA 226 -25.43 -24.14 42.11
CA GLU FA 226 -26.40 -23.65 41.11
C GLU FA 226 -27.09 -22.39 41.58
N GLU FA 227 -27.30 -22.23 42.89
CA GLU FA 227 -27.79 -20.96 43.41
C GLU FA 227 -26.77 -19.85 43.17
N MET FA 228 -25.48 -20.17 43.32
CA MET FA 228 -24.45 -19.16 43.11
C MET FA 228 -24.35 -18.72 41.65
N LEU FA 229 -24.28 -19.66 40.71
CA LEU FA 229 -23.82 -19.33 39.37
C LEU FA 229 -24.92 -19.21 38.34
N THR FA 230 -25.95 -20.05 38.40
CA THR FA 230 -26.92 -20.15 37.30
C THR FA 230 -27.79 -18.90 37.19
N ASN FA 231 -28.32 -18.43 38.32
CA ASN FA 231 -29.25 -17.31 38.30
C ASN FA 231 -28.56 -15.96 38.21
N ASN FA 232 -27.23 -15.92 38.29
CA ASN FA 232 -26.51 -14.65 38.29
C ASN FA 232 -26.55 -14.00 36.93
N ARG FA 233 -26.82 -12.70 36.90
CA ARG FA 233 -26.88 -11.97 35.63
C ARG FA 233 -25.50 -11.76 35.04
N ILE FA 234 -24.50 -11.50 35.89
CA ILE FA 234 -23.14 -11.32 35.40
C ILE FA 234 -22.58 -12.61 34.83
N TRP FA 235 -22.95 -13.75 35.42
CA TRP FA 235 -22.57 -15.03 34.83
C TRP FA 235 -23.23 -15.24 33.48
N ARG FA 236 -24.48 -14.81 33.34
CA ARG FA 236 -25.16 -14.95 32.04
C ARG FA 236 -24.53 -14.05 30.99
N ASN FA 237 -24.16 -12.82 31.36
CA ASN FA 237 -23.61 -11.87 30.40
C ASN FA 237 -22.30 -12.34 29.79
N ARG FA 238 -21.57 -13.24 30.46
CA ARG FA 238 -20.36 -13.82 29.91
C ARG FA 238 -20.62 -15.12 29.15
N THR FA 239 -21.84 -15.64 29.15
CA THR FA 239 -22.11 -16.96 28.58
C THR FA 239 -23.37 -17.08 27.73
N VAL FA 240 -24.21 -16.06 27.62
CA VAL FA 240 -25.47 -16.22 26.87
C VAL FA 240 -25.22 -16.35 25.37
N ASP FA 241 -24.36 -15.50 24.81
CA ASP FA 241 -24.16 -15.50 23.37
C ASP FA 241 -22.68 -15.57 23.02
N ILE FA 242 -21.98 -16.51 23.67
CA ILE FA 242 -20.55 -16.71 23.44
C ILE FA 242 -20.34 -18.13 22.94
N GLY FA 243 -19.63 -18.25 21.81
CA GLY FA 243 -19.27 -19.54 21.27
C GLY FA 243 -20.42 -20.40 20.79
N VAL FA 244 -21.29 -19.84 19.96
CA VAL FA 244 -22.40 -20.59 19.39
C VAL FA 244 -21.87 -21.51 18.30
N VAL FA 245 -22.13 -22.81 18.42
CA VAL FA 245 -21.70 -23.81 17.45
C VAL FA 245 -22.93 -24.52 16.92
N THR FA 246 -23.06 -24.57 15.59
CA THR FA 246 -24.16 -25.27 14.96
C THR FA 246 -23.93 -26.78 15.05
N ALA FA 247 -24.98 -27.54 14.73
CA ALA FA 247 -24.90 -28.99 14.82
C ALA FA 247 -24.01 -29.57 13.73
N GLU FA 248 -24.14 -29.08 12.49
CA GLU FA 248 -23.36 -29.60 11.38
C GLU FA 248 -21.88 -29.26 11.53
N ASP FA 249 -21.58 -28.04 12.00
CA ASP FA 249 -20.19 -27.67 12.21
C ASP FA 249 -19.58 -28.42 13.39
N ALA FA 250 -20.40 -28.81 14.36
CA ALA FA 250 -19.88 -29.64 15.46
C ALA FA 250 -19.63 -31.06 15.01
N LEU FA 251 -20.50 -31.61 14.16
CA LEU FA 251 -20.29 -32.96 13.65
C LEU FA 251 -19.09 -33.03 12.73
N ASN FA 252 -18.93 -32.04 11.85
CA ASN FA 252 -17.85 -32.08 10.89
C ASN FA 252 -16.49 -31.74 11.48
N TYR FA 253 -16.44 -31.20 12.70
CA TYR FA 253 -15.18 -30.85 13.33
C TYR FA 253 -14.71 -31.93 14.30
N GLY FA 254 -15.37 -33.08 14.33
CA GLY FA 254 -14.98 -34.15 15.23
C GLY FA 254 -15.29 -33.91 16.68
N PHE FA 255 -16.23 -33.03 16.99
CA PHE FA 255 -16.62 -32.79 18.37
C PHE FA 255 -17.36 -34.01 18.92
N SER FA 256 -17.17 -34.26 20.21
CA SER FA 256 -17.82 -35.37 20.87
C SER FA 256 -18.16 -34.98 22.31
N GLY FA 257 -19.16 -35.63 22.85
CA GLY FA 257 -19.54 -35.37 24.24
C GLY FA 257 -20.40 -34.15 24.34
N VAL FA 258 -20.08 -33.30 25.32
CA VAL FA 258 -20.92 -32.15 25.67
C VAL FA 258 -21.01 -31.16 24.51
N MET FA 259 -19.95 -31.05 23.71
CA MET FA 259 -19.97 -30.19 22.53
C MET FA 259 -21.10 -30.56 21.59
N LEU FA 260 -21.37 -31.86 21.45
CA LEU FA 260 -22.56 -32.27 20.72
C LEU FA 260 -23.83 -32.03 21.53
N ARG FA 261 -23.80 -32.36 22.82
CA ARG FA 261 -25.01 -32.34 23.62
C ARG FA 261 -25.47 -30.92 23.94
N GLY FA 262 -24.56 -29.96 23.90
CA GLY FA 262 -24.98 -28.57 24.02
C GLY FA 262 -25.56 -28.00 22.75
N SER FA 263 -25.40 -28.68 21.62
CA SER FA 263 -25.91 -28.22 20.35
C SER FA 263 -27.21 -28.89 19.94
N GLY FA 264 -27.84 -29.63 20.84
CA GLY FA 264 -29.08 -30.29 20.55
C GLY FA 264 -28.94 -31.67 19.93
N ILE FA 265 -27.73 -32.12 19.66
CA ILE FA 265 -27.51 -33.45 19.08
C ILE FA 265 -27.63 -34.48 20.19
N GLN FA 266 -28.59 -35.40 20.04
CA GLN FA 266 -28.81 -36.44 21.04
C GLN FA 266 -27.83 -37.58 20.77
N TRP FA 267 -26.75 -37.63 21.55
CA TRP FA 267 -25.73 -38.64 21.35
C TRP FA 267 -24.95 -38.84 22.65
N ASP FA 268 -25.05 -40.04 23.21
CA ASP FA 268 -24.26 -40.42 24.37
C ASP FA 268 -23.78 -41.84 24.17
N LEU FA 269 -22.50 -42.10 24.46
CA LEU FA 269 -21.95 -43.42 24.26
C LEU FA 269 -22.35 -44.42 25.33
N ARG FA 270 -22.88 -43.95 26.46
CA ARG FA 270 -23.41 -44.84 27.48
C ARG FA 270 -24.85 -45.24 27.21
N LYS FA 271 -25.47 -44.69 26.18
CA LYS FA 271 -26.83 -45.05 25.77
C LYS FA 271 -26.90 -45.66 24.39
N THR FA 272 -26.03 -45.28 23.47
CA THR FA 272 -26.07 -45.74 22.09
C THR FA 272 -25.19 -46.96 21.87
N GLN FA 273 -23.96 -46.93 22.38
CA GLN FA 273 -23.03 -48.06 22.30
C GLN FA 273 -22.57 -48.39 23.71
N PRO FA 274 -23.45 -48.95 24.53
CA PRO FA 274 -23.13 -49.10 25.95
C PRO FA 274 -22.13 -50.22 26.20
N TYR FA 275 -21.52 -50.16 27.37
CA TYR FA 275 -20.57 -51.15 27.84
C TYR FA 275 -21.04 -51.67 29.21
N ASP FA 276 -20.13 -52.34 29.91
CA ASP FA 276 -20.39 -53.56 30.68
C ASP FA 276 -21.73 -53.64 31.40
N VAL FA 277 -22.03 -52.71 32.31
CA VAL FA 277 -23.33 -52.75 32.99
C VAL FA 277 -24.01 -51.39 32.93
N TYR FA 278 -23.65 -50.57 31.94
CA TYR FA 278 -24.33 -49.28 31.79
C TYR FA 278 -25.72 -49.44 31.20
N ASP FA 279 -26.03 -50.59 30.62
CA ASP FA 279 -27.37 -50.86 30.14
C ASP FA 279 -28.33 -51.30 31.23
N GLN FA 280 -27.82 -51.56 32.44
CA GLN FA 280 -28.64 -51.98 33.56
C GLN FA 280 -29.00 -50.84 34.50
N VAL FA 281 -28.47 -49.65 34.29
CA VAL FA 281 -28.81 -48.49 35.10
C VAL FA 281 -29.73 -47.59 34.31
N GLU FA 282 -30.35 -46.63 35.00
CA GLU FA 282 -31.28 -45.70 34.39
C GLU FA 282 -30.83 -44.28 34.71
N PHE FA 283 -30.68 -43.46 33.66
CA PHE FA 283 -30.28 -42.08 33.83
C PHE FA 283 -30.73 -41.28 32.61
N ASP FA 284 -30.74 -39.95 32.78
CA ASP FA 284 -31.17 -39.03 31.74
C ASP FA 284 -29.97 -38.35 31.11
N VAL FA 285 -30.17 -37.84 29.90
CA VAL FA 285 -29.12 -37.17 29.14
C VAL FA 285 -29.54 -35.72 28.91
N PRO FA 286 -28.82 -34.74 29.48
CA PRO FA 286 -29.18 -33.34 29.23
C PRO FA 286 -28.88 -32.93 27.80
N ILE FA 287 -29.75 -32.10 27.24
CA ILE FA 287 -29.67 -31.66 25.85
C ILE FA 287 -29.76 -30.14 25.82
N GLY FA 288 -28.78 -29.50 25.17
CA GLY FA 288 -28.79 -28.07 25.02
C GLY FA 288 -29.71 -27.61 23.90
N SER FA 289 -29.82 -26.29 23.77
CA SER FA 289 -30.74 -25.72 22.79
C SER FA 289 -30.09 -24.65 21.92
N ARG FA 290 -29.06 -23.98 22.44
CA ARG FA 290 -28.48 -22.82 21.76
C ARG FA 290 -27.03 -22.97 21.40
N GLY FA 291 -26.30 -23.93 21.96
CA GLY FA 291 -24.91 -24.11 21.63
C GLY FA 291 -23.95 -23.17 22.32
N ASP FA 292 -24.45 -22.30 23.19
CA ASP FA 292 -23.61 -21.35 23.90
C ASP FA 292 -22.88 -22.04 25.06
N CYS FA 293 -22.10 -21.26 25.80
CA CYS FA 293 -21.42 -21.81 26.97
C CYS FA 293 -22.38 -22.03 28.13
N TYR FA 294 -23.47 -21.25 28.18
CA TYR FA 294 -24.43 -21.37 29.27
C TYR FA 294 -25.17 -22.70 29.22
N ASP FA 295 -25.62 -23.10 28.03
CA ASP FA 295 -26.33 -24.37 27.90
C ASP FA 295 -25.42 -25.55 28.20
N ARG FA 296 -24.15 -25.45 27.83
CA ARG FA 296 -23.23 -26.55 28.11
C ARG FA 296 -22.81 -26.60 29.58
N TYR FA 297 -22.72 -25.46 30.24
CA TYR FA 297 -22.51 -25.45 31.68
C TYR FA 297 -23.70 -26.08 32.41
N LEU FA 298 -24.92 -25.76 31.96
CA LEU FA 298 -26.11 -26.38 32.54
C LEU FA 298 -26.15 -27.88 32.25
N CYS FA 299 -25.68 -28.28 31.06
CA CYS FA 299 -25.58 -29.70 30.73
C CYS FA 299 -24.59 -30.41 31.64
N ARG FA 300 -23.47 -29.76 31.96
CA ARG FA 300 -22.49 -30.36 32.87
C ARG FA 300 -23.06 -30.51 34.27
N VAL FA 301 -23.80 -29.50 34.75
CA VAL FA 301 -24.43 -29.61 36.07
C VAL FA 301 -25.46 -30.72 36.11
N GLU FA 302 -26.28 -30.82 35.05
CA GLU FA 302 -27.24 -31.92 34.97
C GLU FA 302 -26.55 -33.27 34.87
N GLU FA 303 -25.39 -33.33 34.22
CA GLU FA 303 -24.62 -34.57 34.18
C GLU FA 303 -24.09 -34.93 35.56
N MET FA 304 -23.75 -33.94 36.38
CA MET FA 304 -23.39 -34.22 37.77
C MET FA 304 -24.57 -34.82 38.53
N ARG FA 305 -25.77 -34.27 38.33
CA ARG FA 305 -26.97 -34.82 38.97
C ARG FA 305 -27.22 -36.27 38.54
N GLN FA 306 -27.12 -36.54 37.24
CA GLN FA 306 -27.34 -37.89 36.76
C GLN FA 306 -26.23 -38.85 37.20
N SER FA 307 -25.00 -38.34 37.36
CA SER FA 307 -23.93 -39.15 37.92
C SER FA 307 -24.22 -39.54 39.36
N ILE FA 308 -24.80 -38.62 40.14
CA ILE FA 308 -25.23 -38.95 41.50
C ILE FA 308 -26.31 -40.03 41.47
N ARG FA 309 -27.24 -39.93 40.51
CA ARG FA 309 -28.29 -40.94 40.36
C ARG FA 309 -27.71 -42.32 40.06
N ILE FA 310 -26.76 -42.39 39.13
CA ILE FA 310 -26.12 -43.66 38.79
C ILE FA 310 -25.30 -44.19 39.97
N ILE FA 311 -24.67 -43.30 40.73
CA ILE FA 311 -23.90 -43.73 41.90
C ILE FA 311 -24.81 -44.37 42.94
N SER FA 312 -25.98 -43.78 43.18
CA SER FA 312 -26.94 -44.39 44.11
C SER FA 312 -27.43 -45.74 43.60
N GLN FA 313 -27.71 -45.83 42.29
CA GLN FA 313 -28.19 -47.09 41.72
C GLN FA 313 -27.12 -48.17 41.80
N CYS FA 314 -25.85 -47.81 41.62
CA CYS FA 314 -24.77 -48.78 41.73
C CYS FA 314 -24.52 -49.19 43.17
N LEU FA 315 -24.70 -48.26 44.12
CA LEU FA 315 -24.57 -48.60 45.53
C LEU FA 315 -25.62 -49.59 45.98
N ASN FA 316 -26.85 -49.44 45.47
CA ASN FA 316 -27.95 -50.30 45.90
C ASN FA 316 -28.03 -51.62 45.12
N LYS FA 317 -27.10 -51.88 44.19
CA LYS FA 317 -27.24 -53.06 43.34
C LYS FA 317 -25.91 -53.78 43.14
N MET FA 318 -25.01 -53.73 44.12
CA MET FA 318 -23.72 -54.37 43.97
C MET FA 318 -23.84 -55.87 44.20
N PRO FA 319 -23.39 -56.70 43.26
CA PRO FA 319 -23.52 -58.15 43.45
C PRO FA 319 -22.27 -58.73 44.09
N PRO FA 320 -22.40 -59.87 44.77
CA PRO FA 320 -21.22 -60.52 45.34
C PRO FA 320 -20.50 -61.38 44.31
N GLY FA 321 -19.25 -61.69 44.62
CA GLY FA 321 -18.44 -62.50 43.74
C GLY FA 321 -16.97 -62.14 43.89
N GLU FA 322 -16.24 -62.28 42.80
CA GLU FA 322 -14.81 -62.02 42.76
C GLU FA 322 -14.54 -60.64 42.17
N ILE FA 323 -13.27 -60.33 41.94
CA ILE FA 323 -12.87 -59.01 41.47
C ILE FA 323 -12.05 -59.12 40.19
N LYS FA 324 -11.41 -60.26 39.99
CA LYS FA 324 -10.63 -60.52 38.79
C LYS FA 324 -11.26 -61.65 38.00
N VAL FA 325 -10.81 -61.79 36.75
CA VAL FA 325 -11.22 -62.95 35.97
C VAL FA 325 -10.51 -64.19 36.53
N ASP FA 326 -11.16 -65.34 36.40
CA ASP FA 326 -10.59 -66.56 36.94
C ASP FA 326 -9.57 -67.21 36.01
N ASP FA 327 -9.38 -66.65 34.81
CA ASP FA 327 -8.29 -67.08 33.94
C ASP FA 327 -6.96 -66.66 34.55
N ALA FA 328 -6.22 -67.62 35.09
CA ALA FA 328 -4.95 -67.31 35.74
C ALA FA 328 -3.82 -67.06 34.75
N LYS FA 329 -4.04 -67.27 33.46
CA LYS FA 329 -3.08 -66.94 32.43
C LYS FA 329 -3.21 -65.49 31.96
N VAL FA 330 -4.16 -64.74 32.51
CA VAL FA 330 -4.33 -63.32 32.22
C VAL FA 330 -4.21 -62.48 33.49
N SER FA 331 -5.02 -62.79 34.50
CA SER FA 331 -4.98 -62.11 35.78
C SER FA 331 -4.12 -62.91 36.76
N PRO FA 332 -3.32 -62.22 37.58
CA PRO FA 332 -2.47 -62.93 38.53
C PRO FA 332 -3.30 -63.62 39.60
N PRO FA 333 -2.84 -64.74 40.12
CA PRO FA 333 -3.59 -65.44 41.17
C PRO FA 333 -3.46 -64.74 42.52
N LYS FA 334 -4.23 -65.24 43.48
CA LYS FA 334 -4.19 -64.72 44.83
C LYS FA 334 -2.83 -65.01 45.47
N ARG FA 335 -2.41 -64.12 46.37
CA ARG FA 335 -1.08 -64.24 46.96
C ARG FA 335 -0.97 -65.45 47.89
N ALA FA 336 -2.09 -65.86 48.51
CA ALA FA 336 -2.07 -67.08 49.31
C ALA FA 336 -1.92 -68.30 48.42
N GLU FA 337 -2.52 -68.28 47.24
CA GLU FA 337 -2.39 -69.40 46.31
C GLU FA 337 -1.01 -69.42 45.65
N MET FA 338 -0.39 -68.26 45.49
CA MET FA 338 0.93 -68.19 44.87
C MET FA 338 1.99 -68.86 45.75
N LYS FA 339 1.88 -68.70 47.06
CA LYS FA 339 2.84 -69.28 47.99
C LYS FA 339 2.55 -70.73 48.33
N THR FA 340 1.46 -71.30 47.82
CA THR FA 340 1.12 -72.70 48.10
C THR FA 340 1.13 -73.56 46.85
N SER FA 341 0.37 -73.18 45.82
CA SER FA 341 0.29 -73.99 44.61
C SER FA 341 1.52 -73.78 43.73
N MET FA 342 1.72 -74.73 42.83
CA MET FA 342 2.86 -74.67 41.90
C MET FA 342 2.49 -73.93 40.62
N GLU FA 343 1.36 -74.28 40.01
CA GLU FA 343 0.91 -73.59 38.81
C GLU FA 343 0.62 -72.12 39.07
N SER FA 344 0.12 -71.81 40.26
CA SER FA 344 -0.10 -70.41 40.63
C SER FA 344 1.20 -69.62 40.69
N LEU FA 345 2.24 -70.23 41.26
CA LEU FA 345 3.54 -69.55 41.31
C LEU FA 345 4.14 -69.40 39.93
N ILE FA 346 4.00 -70.41 39.08
CA ILE FA 346 4.52 -70.33 37.71
C ILE FA 346 3.82 -69.23 36.93
N HIS FA 347 2.48 -69.16 37.05
CA HIS FA 347 1.72 -68.12 36.36
C HIS FA 347 2.03 -66.74 36.92
N HIS FA 348 2.23 -66.62 38.24
CA HIS FA 348 2.61 -65.35 38.83
C HIS FA 348 3.96 -64.87 38.30
N PHE FA 349 4.92 -65.80 38.20
CA PHE FA 349 6.23 -65.49 37.64
C PHE FA 349 6.13 -65.02 36.19
N LYS FA 350 5.42 -65.78 35.36
CA LYS FA 350 5.37 -65.45 33.94
C LYS FA 350 4.45 -64.28 33.64
N LEU FA 351 3.59 -63.88 34.58
CA LEU FA 351 2.77 -62.70 34.40
C LEU FA 351 3.45 -61.44 34.89
N TYR FA 352 4.24 -61.52 35.95
CA TYR FA 352 4.93 -60.34 36.44
C TYR FA 352 6.34 -60.20 35.89
N THR FA 353 6.77 -61.10 35.02
CA THR FA 353 8.03 -60.93 34.28
C THR FA 353 7.79 -60.63 32.81
N GLU FA 354 7.05 -61.49 32.11
CA GLU FA 354 6.84 -61.34 30.68
C GLU FA 354 5.51 -60.70 30.34
N GLY FA 355 4.43 -61.16 30.96
CA GLY FA 355 3.10 -60.70 30.64
C GLY FA 355 2.37 -61.66 29.72
N TYR FA 356 1.05 -61.51 29.67
CA TYR FA 356 0.23 -62.39 28.85
C TYR FA 356 0.43 -62.08 27.37
N GLN FA 357 0.12 -63.06 26.53
CA GLN FA 357 0.21 -62.92 25.09
C GLN FA 357 -1.17 -62.57 24.54
N VAL FA 358 -1.25 -61.45 23.85
CA VAL FA 358 -2.50 -60.99 23.24
C VAL FA 358 -2.55 -61.55 21.82
N PRO FA 359 -3.69 -62.09 21.36
CA PRO FA 359 -3.77 -62.54 19.98
C PRO FA 359 -3.62 -61.38 19.02
N PRO FA 360 -3.04 -61.61 17.85
CA PRO FA 360 -2.78 -60.51 16.91
C PRO FA 360 -4.05 -59.90 16.37
N GLY FA 361 -3.97 -58.61 16.07
CA GLY FA 361 -5.10 -57.91 15.50
C GLY FA 361 -5.13 -56.46 15.94
N ALA FA 362 -6.05 -55.71 15.34
CA ALA FA 362 -6.22 -54.30 15.63
C ALA FA 362 -7.66 -54.03 16.02
N THR FA 363 -7.85 -53.11 16.96
CA THR FA 363 -9.19 -52.75 17.42
C THR FA 363 -9.20 -51.29 17.82
N TYR FA 364 -10.40 -50.72 17.88
CA TYR FA 364 -10.62 -49.36 18.33
C TYR FA 364 -11.77 -49.35 19.32
N THR FA 365 -11.47 -49.10 20.58
CA THR FA 365 -12.45 -49.13 21.65
C THR FA 365 -12.63 -47.72 22.20
N ALA FA 366 -13.86 -47.23 22.21
CA ALA FA 366 -14.17 -45.88 22.65
C ALA FA 366 -15.19 -45.91 23.78
N ILE FA 367 -14.97 -45.03 24.77
CA ILE FA 367 -15.88 -44.88 25.89
C ILE FA 367 -16.31 -43.41 25.96
N GLU FA 368 -17.25 -43.15 26.87
CA GLU FA 368 -17.73 -41.80 27.13
C GLU FA 368 -17.03 -41.28 28.38
N ALA FA 369 -15.84 -40.70 28.18
CA ALA FA 369 -15.18 -39.96 29.22
C ALA FA 369 -15.94 -38.65 29.44
N PRO FA 370 -15.76 -37.99 30.60
CA PRO FA 370 -16.48 -36.74 30.84
C PRO FA 370 -16.15 -35.62 29.86
N LYS FA 371 -15.01 -35.69 29.17
CA LYS FA 371 -14.67 -34.72 28.14
C LYS FA 371 -15.21 -35.12 26.77
N GLY FA 372 -15.76 -36.32 26.61
CA GLY FA 372 -16.27 -36.75 25.33
C GLY FA 372 -15.87 -38.18 24.98
N GLU FA 373 -15.77 -38.48 23.69
CA GLU FA 373 -15.40 -39.82 23.27
C GLU FA 373 -13.91 -40.02 23.45
N PHE FA 374 -13.53 -40.96 24.32
CA PHE FA 374 -12.14 -41.30 24.58
C PHE FA 374 -11.87 -42.64 23.92
N GLY FA 375 -10.97 -42.65 22.93
CA GLY FA 375 -10.75 -43.82 22.10
C GLY FA 375 -9.34 -44.35 22.23
N VAL FA 376 -9.21 -45.66 22.09
CA VAL FA 376 -7.92 -46.34 22.06
C VAL FA 376 -7.87 -47.21 20.82
N TYR FA 377 -6.88 -46.96 19.97
CA TYR FA 377 -6.61 -47.80 18.81
C TYR FA 377 -5.40 -48.67 19.14
N LEU FA 378 -5.65 -49.97 19.31
CA LEU FA 378 -4.63 -50.91 19.75
C LEU FA 378 -4.35 -51.92 18.65
N VAL FA 379 -3.07 -52.03 18.26
CA VAL FA 379 -2.61 -53.01 17.29
C VAL FA 379 -1.59 -53.90 17.98
N SER FA 380 -1.86 -55.20 18.02
CA SER FA 380 -1.00 -56.18 18.66
C SER FA 380 -0.52 -57.20 17.63
N ASP FA 381 0.76 -57.54 17.72
CA ASP FA 381 1.40 -58.45 16.78
C ASP FA 381 1.55 -59.87 17.32
N GLY FA 382 0.87 -60.19 18.42
CA GLY FA 382 0.98 -61.50 19.01
C GLY FA 382 2.01 -61.64 20.10
N SER FA 383 2.80 -60.61 20.36
CA SER FA 383 3.81 -60.64 21.41
C SER FA 383 3.19 -60.19 22.73
N SER FA 384 4.02 -59.99 23.74
CA SER FA 384 3.56 -59.53 25.04
C SER FA 384 3.59 -58.01 25.17
N ARG FA 385 3.95 -57.30 24.11
CA ARG FA 385 4.00 -55.85 24.11
C ARG FA 385 3.21 -55.31 22.93
N PRO FA 386 2.53 -54.17 23.07
CA PRO FA 386 1.72 -53.65 21.97
C PRO FA 386 2.58 -53.14 20.82
N TYR FA 387 2.15 -53.45 19.60
CA TYR FA 387 2.83 -52.92 18.42
C TYR FA 387 2.47 -51.46 18.18
N ARG FA 388 1.23 -51.06 18.47
CA ARG FA 388 0.81 -49.68 18.29
C ARG FA 388 -0.33 -49.38 19.26
N CYS FA 389 -0.31 -48.19 19.83
CA CYS FA 389 -1.36 -47.79 20.77
C CYS FA 389 -1.59 -46.29 20.64
N LYS FA 390 -2.58 -45.90 19.86
CA LYS FA 390 -2.93 -44.50 19.69
C LYS FA 390 -4.07 -44.12 20.63
N ILE FA 391 -3.93 -42.95 21.26
CA ILE FA 391 -4.92 -42.43 22.19
C ILE FA 391 -5.63 -41.28 21.51
N LYS FA 392 -6.92 -41.45 21.23
CA LYS FA 392 -7.75 -40.38 20.70
C LYS FA 392 -8.45 -39.68 21.86
N ALA FA 393 -8.09 -38.41 22.07
CA ALA FA 393 -8.66 -37.60 23.12
C ALA FA 393 -9.55 -36.51 22.53
N PRO FA 394 -10.65 -36.16 23.20
CA PRO FA 394 -11.51 -35.09 22.68
C PRO FA 394 -10.87 -33.72 22.67
N GLY FA 395 -9.83 -33.52 23.49
CA GLY FA 395 -9.19 -32.22 23.58
C GLY FA 395 -8.55 -31.77 22.28
N PHE FA 396 -8.03 -32.71 21.49
CA PHE FA 396 -7.44 -32.38 20.21
C PHE FA 396 -8.47 -31.79 19.26
N ALA FA 397 -9.62 -32.44 19.12
CA ALA FA 397 -10.66 -31.93 18.23
C ALA FA 397 -11.28 -30.65 18.76
N HIS FA 398 -11.43 -30.54 20.08
CA HIS FA 398 -12.01 -29.32 20.65
C HIS FA 398 -11.08 -28.12 20.45
N LEU FA 399 -9.78 -28.32 20.65
CA LEU FA 399 -8.83 -27.24 20.41
C LEU FA 399 -8.71 -26.92 18.93
N ALA FA 400 -8.90 -27.92 18.06
CA ALA FA 400 -8.94 -27.64 16.62
C ALA FA 400 -10.15 -26.78 16.26
N GLY FA 401 -11.30 -27.06 16.87
CA GLY FA 401 -12.48 -26.25 16.64
C GLY FA 401 -12.52 -24.93 17.37
N LEU FA 402 -11.57 -24.71 18.29
CA LEU FA 402 -11.49 -23.44 19.02
C LEU FA 402 -11.34 -22.24 18.08
N ASP FA 403 -10.66 -22.43 16.94
CA ASP FA 403 -10.46 -21.32 16.00
C ASP FA 403 -11.77 -20.84 15.40
N LYS FA 404 -12.65 -21.77 15.01
CA LYS FA 404 -13.97 -21.39 14.54
C LYS FA 404 -14.87 -20.96 15.69
N MET FA 405 -14.59 -21.47 16.89
CA MET FA 405 -15.38 -21.13 18.07
C MET FA 405 -15.24 -19.67 18.46
N SER FA 406 -14.08 -19.06 18.21
CA SER FA 406 -13.73 -17.73 18.70
C SER FA 406 -13.69 -16.70 17.59
N LYS FA 407 -14.64 -16.76 16.65
CA LYS FA 407 -14.67 -15.83 15.53
C LYS FA 407 -15.54 -14.62 15.89
N GLY FA 408 -14.96 -13.43 15.77
CA GLY FA 408 -15.70 -12.21 16.05
C GLY FA 408 -15.95 -11.94 17.51
N HIS FA 409 -15.22 -12.61 18.40
CA HIS FA 409 -15.43 -12.49 19.83
C HIS FA 409 -14.35 -11.58 20.42
N MET FA 410 -14.32 -11.50 21.74
CA MET FA 410 -13.41 -10.62 22.46
C MET FA 410 -12.37 -11.45 23.19
N LEU FA 411 -11.51 -10.78 23.95
CA LEU FA 411 -10.47 -11.49 24.72
C LEU FA 411 -11.09 -12.32 25.84
N ALA FA 412 -11.97 -11.69 26.63
CA ALA FA 412 -12.67 -12.43 27.68
C ALA FA 412 -13.62 -13.47 27.11
N ASP FA 413 -14.17 -13.22 25.92
CA ASP FA 413 -14.97 -14.25 25.27
C ASP FA 413 -14.11 -15.42 24.84
N VAL FA 414 -12.87 -15.17 24.40
CA VAL FA 414 -11.95 -16.25 24.07
C VAL FA 414 -11.60 -17.06 25.31
N VAL FA 415 -11.35 -16.40 26.44
CA VAL FA 415 -11.02 -17.18 27.63
C VAL FA 415 -12.24 -17.94 28.15
N ALA FA 416 -13.45 -17.40 27.94
CA ALA FA 416 -14.66 -18.15 28.30
C ALA FA 416 -14.84 -19.37 27.39
N ILE FA 417 -14.52 -19.22 26.10
CA ILE FA 417 -14.60 -20.35 25.17
C ILE FA 417 -13.56 -21.40 25.53
N ILE FA 418 -12.37 -20.98 25.95
CA ILE FA 418 -11.34 -21.91 26.40
C ILE FA 418 -11.80 -22.66 27.65
N GLY FA 419 -12.41 -21.94 28.59
CA GLY FA 419 -12.87 -22.58 29.81
C GLY FA 419 -14.04 -23.53 29.58
N THR FA 420 -14.95 -23.18 28.67
CA THR FA 420 -16.15 -23.99 28.46
C THR FA 420 -15.86 -25.32 27.78
N GLN FA 421 -14.67 -25.49 27.19
CA GLN FA 421 -14.19 -26.79 26.76
C GLN FA 421 -13.24 -27.29 27.83
N ASP FA 422 -13.65 -28.34 28.55
CA ASP FA 422 -12.82 -28.89 29.61
C ASP FA 422 -11.62 -29.58 28.98
N ILE FA 423 -10.50 -28.86 28.87
CA ILE FA 423 -9.34 -29.33 28.14
C ILE FA 423 -8.18 -29.45 29.11
N VAL FA 424 -7.60 -30.65 29.20
CA VAL FA 424 -6.31 -30.85 29.83
C VAL FA 424 -5.33 -31.21 28.73
N PHE FA 425 -4.08 -30.78 28.89
CA PHE FA 425 -3.13 -30.87 27.78
C PHE FA 425 -2.27 -32.12 27.85
N GLY FA 426 -2.34 -32.89 28.92
CA GLY FA 426 -1.70 -34.19 28.92
C GLY FA 426 -2.32 -35.12 27.89
N GLU FA 427 -3.65 -35.10 27.77
CA GLU FA 427 -4.33 -35.88 26.75
C GLU FA 427 -4.31 -35.21 25.38
N VAL FA 428 -4.09 -33.90 25.32
CA VAL FA 428 -4.00 -33.22 24.03
C VAL FA 428 -2.66 -33.52 23.37
N ASP FA 429 -1.56 -33.35 24.13
CA ASP FA 429 -0.23 -33.58 23.60
C ASP FA 429 0.21 -35.04 23.69
N ARG FA 430 -0.64 -35.90 24.28
CA ARG FA 430 -0.39 -37.34 24.49
C ARG FA 430 0.82 -37.64 25.38
N THR GA 1 -17.52 -72.19 28.42
CA THR GA 1 -17.08 -70.90 27.89
C THR GA 1 -18.02 -69.78 28.33
N ARG GA 2 -18.83 -70.04 29.34
CA ARG GA 2 -19.81 -69.04 29.76
C ARG GA 2 -19.20 -67.91 30.60
N PRO GA 3 -18.61 -68.15 31.78
CA PRO GA 3 -18.32 -67.01 32.67
C PRO GA 3 -17.06 -66.24 32.33
N THR GA 4 -16.10 -66.83 31.63
CA THR GA 4 -14.82 -66.19 31.37
C THR GA 4 -14.69 -65.70 29.92
N VAL GA 5 -15.07 -66.52 28.96
CA VAL GA 5 -14.95 -66.15 27.55
C VAL GA 5 -15.93 -65.05 27.22
N ARG GA 6 -15.45 -64.02 26.53
CA ARG GA 6 -16.28 -62.90 26.12
C ARG GA 6 -17.35 -63.39 25.15
N PRO GA 7 -18.61 -62.97 25.32
CA PRO GA 7 -19.67 -63.43 24.41
C PRO GA 7 -19.48 -62.92 23.00
N ARG GA 8 -19.95 -63.72 22.04
CA ARG GA 8 -19.78 -63.44 20.63
C ARG GA 8 -21.04 -62.83 20.05
N ASN GA 9 -20.86 -61.80 19.23
CA ASN GA 9 -21.97 -61.11 18.55
C ASN GA 9 -21.93 -61.51 17.08
N ASP GA 10 -22.96 -62.25 16.65
CA ASP GA 10 -23.02 -62.74 15.28
C ASP GA 10 -23.91 -61.92 14.37
N VAL GA 11 -24.93 -61.27 14.92
CA VAL GA 11 -25.80 -60.40 14.13
C VAL GA 11 -25.02 -59.21 13.59
N ALA GA 12 -24.20 -58.58 14.45
CA ALA GA 12 -23.36 -57.49 14.01
C ALA GA 12 -22.32 -57.95 13.00
N HIS GA 13 -21.80 -59.17 13.17
CA HIS GA 13 -20.85 -59.73 12.21
C HIS GA 13 -21.49 -59.90 10.83
N LYS GA 14 -22.71 -60.45 10.80
CA LYS GA 14 -23.41 -60.64 9.52
C LYS GA 14 -23.75 -59.31 8.88
N GLN GA 15 -24.21 -58.33 9.68
CA GLN GA 15 -24.54 -57.02 9.14
C GLN GA 15 -23.30 -56.31 8.60
N LEU GA 16 -22.17 -56.41 9.31
CA LEU GA 16 -20.95 -55.78 8.84
C LEU GA 16 -20.40 -56.46 7.59
N SER GA 17 -20.54 -57.79 7.47
CA SER GA 17 -20.14 -58.46 6.25
C SER GA 17 -21.01 -58.04 5.07
N ALA GA 18 -22.32 -57.91 5.29
CA ALA GA 18 -23.21 -57.45 4.22
C ALA GA 18 -22.89 -56.03 3.80
N PHE GA 19 -22.62 -55.14 4.76
CA PHE GA 19 -22.26 -53.77 4.42
C PHE GA 19 -20.89 -53.70 3.76
N GLY GA 20 -19.97 -54.58 4.12
CA GLY GA 20 -18.68 -54.63 3.44
C GLY GA 20 -18.81 -55.05 1.99
N GLU GA 21 -19.67 -56.05 1.73
CA GLU GA 21 -19.96 -56.42 0.34
C GLU GA 21 -20.63 -55.28 -0.41
N TYR GA 22 -21.53 -54.55 0.27
CA TYR GA 22 -22.19 -53.39 -0.33
C TYR GA 22 -21.19 -52.32 -0.74
N VAL GA 23 -20.25 -51.99 0.16
CA VAL GA 23 -19.24 -50.97 -0.12
C VAL GA 23 -18.29 -51.45 -1.22
N ALA GA 24 -17.90 -52.73 -1.19
CA ALA GA 24 -16.98 -53.25 -2.19
C ALA GA 24 -17.60 -53.27 -3.58
N GLU GA 25 -18.89 -53.62 -3.69
CA GLU GA 25 -19.51 -53.63 -5.00
C GLU GA 25 -19.92 -52.24 -5.47
N ILE GA 26 -20.10 -51.28 -4.55
CA ILE GA 26 -20.37 -49.91 -5.00
C ILE GA 26 -19.12 -49.27 -5.60
N LEU GA 27 -17.95 -49.49 -4.98
CA LEU GA 27 -16.70 -48.87 -5.40
C LEU GA 27 -15.67 -49.94 -5.72
N PRO GA 28 -15.74 -50.56 -6.90
CA PRO GA 28 -14.72 -51.54 -7.28
C PRO GA 28 -13.42 -50.92 -7.77
N LYS GA 29 -13.38 -49.60 -7.99
CA LYS GA 29 -12.19 -48.97 -8.52
C LYS GA 29 -11.11 -48.81 -7.46
N TYR GA 30 -11.50 -48.52 -6.22
CA TYR GA 30 -10.54 -48.19 -5.18
C TYR GA 30 -10.46 -49.23 -4.07
N VAL GA 31 -11.52 -49.99 -3.82
CA VAL GA 31 -11.54 -50.94 -2.71
C VAL GA 31 -10.74 -52.17 -3.10
N GLN GA 32 -9.72 -52.50 -2.30
CA GLN GA 32 -8.88 -53.67 -2.53
C GLN GA 32 -9.30 -54.85 -1.67
N GLN GA 33 -9.41 -54.66 -0.36
CA GLN GA 33 -9.73 -55.73 0.56
C GLN GA 33 -10.80 -55.29 1.55
N VAL GA 34 -11.68 -56.21 1.93
CA VAL GA 34 -12.69 -55.97 2.95
C VAL GA 34 -12.64 -57.13 3.93
N GLN GA 35 -12.50 -56.83 5.22
CA GLN GA 35 -12.42 -57.88 6.22
C GLN GA 35 -13.22 -57.51 7.46
N VAL GA 36 -13.70 -58.53 8.16
CA VAL GA 36 -14.42 -58.37 9.42
C VAL GA 36 -13.67 -59.13 10.50
N SER GA 37 -13.35 -58.44 11.59
CA SER GA 37 -12.62 -59.07 12.69
C SER GA 37 -13.55 -59.95 13.52
N CYS GA 38 -12.96 -60.68 14.46
CA CYS GA 38 -13.73 -61.59 15.29
C CYS GA 38 -14.59 -60.84 16.30
N PHE GA 39 -14.17 -59.64 16.72
CA PHE GA 39 -14.96 -58.81 17.61
C PHE GA 39 -15.83 -57.81 16.86
N SER GA 40 -16.22 -58.13 15.62
CA SER GA 40 -17.20 -57.40 14.83
C SER GA 40 -16.75 -55.96 14.54
N GLU GA 41 -15.63 -55.84 13.83
CA GLU GA 41 -15.16 -54.56 13.30
C GLU GA 41 -14.82 -54.72 11.84
N LEU GA 42 -15.18 -53.71 11.04
CA LEU GA 42 -15.04 -53.77 9.60
C LEU GA 42 -13.86 -52.93 9.13
N GLU GA 43 -13.01 -53.53 8.30
CA GLU GA 43 -11.84 -52.85 7.75
C GLU GA 43 -11.93 -52.85 6.23
N ILE GA 44 -11.79 -51.68 5.62
CA ILE GA 44 -11.83 -51.52 4.18
C ILE GA 44 -10.45 -51.00 3.75
N CYS GA 45 -9.60 -51.91 3.28
CA CYS GA 45 -8.30 -51.54 2.76
C CYS GA 45 -8.44 -51.09 1.31
N ILE GA 46 -8.11 -49.83 1.03
CA ILE GA 46 -8.38 -49.21 -0.26
C ILE GA 46 -7.07 -48.68 -0.84
N HIS GA 47 -7.14 -48.31 -2.12
CA HIS GA 47 -6.04 -47.64 -2.79
C HIS GA 47 -5.89 -46.21 -2.24
N PRO GA 48 -4.66 -45.71 -2.15
CA PRO GA 48 -4.49 -44.30 -1.74
C PRO GA 48 -5.12 -43.29 -2.68
N ASP GA 49 -5.12 -43.58 -3.99
CA ASP GA 49 -5.73 -42.68 -4.97
C ASP GA 49 -7.23 -42.53 -4.80
N GLY GA 50 -7.87 -43.41 -4.03
CA GLY GA 50 -9.26 -43.23 -3.68
C GLY GA 50 -9.47 -42.83 -2.23
N VAL GA 51 -8.55 -42.04 -1.67
CA VAL GA 51 -8.78 -41.53 -0.31
C VAL GA 51 -9.98 -40.59 -0.28
N ILE GA 52 -10.06 -39.69 -1.26
CA ILE GA 52 -11.16 -38.72 -1.32
C ILE GA 52 -12.47 -39.33 -1.85
N PRO GA 53 -12.52 -40.04 -3.00
CA PRO GA 53 -13.84 -40.51 -3.48
C PRO GA 53 -14.49 -41.56 -2.60
N VAL GA 54 -13.75 -42.23 -1.71
CA VAL GA 54 -14.37 -43.18 -0.80
C VAL GA 54 -14.99 -42.44 0.38
N LEU GA 55 -14.20 -41.59 1.04
CA LEU GA 55 -14.60 -40.99 2.32
C LEU GA 55 -15.85 -40.13 2.17
N THR GA 56 -15.88 -39.28 1.14
CA THR GA 56 -17.07 -38.46 0.88
C THR GA 56 -18.29 -39.31 0.65
N PHE GA 57 -18.13 -40.46 -0.01
CA PHE GA 57 -19.21 -41.41 -0.16
C PHE GA 57 -19.76 -41.82 1.20
N LEU GA 58 -18.87 -42.25 2.10
CA LEU GA 58 -19.29 -42.61 3.45
C LEU GA 58 -19.78 -41.40 4.23
N ARG GA 59 -19.42 -40.19 3.80
CA ARG GA 59 -19.95 -39.01 4.47
C ARG GA 59 -21.31 -38.62 3.92
N ASP GA 60 -21.62 -38.97 2.67
CA ASP GA 60 -22.76 -38.38 1.99
C ASP GA 60 -23.82 -39.37 1.52
N HIS GA 61 -23.52 -40.65 1.48
CA HIS GA 61 -24.51 -41.63 1.05
C HIS GA 61 -25.60 -41.77 2.11
N SER GA 62 -26.83 -41.98 1.65
CA SER GA 62 -27.96 -42.09 2.57
C SER GA 62 -27.93 -43.38 3.39
N ASN GA 63 -27.19 -44.39 2.94
CA ASN GA 63 -27.09 -45.65 3.65
C ASN GA 63 -25.85 -45.76 4.52
N ALA GA 64 -24.95 -44.77 4.49
CA ALA GA 64 -23.75 -44.80 5.31
C ALA GA 64 -23.75 -43.72 6.38
N GLN GA 65 -23.80 -42.46 5.98
CA GLN GA 65 -23.94 -41.30 6.87
C GLN GA 65 -22.89 -41.26 7.97
N PHE GA 66 -21.64 -41.61 7.63
CA PHE GA 66 -20.55 -41.58 8.59
C PHE GA 66 -20.08 -40.14 8.75
N LYS GA 67 -20.83 -39.38 9.54
CA LYS GA 67 -20.62 -37.95 9.64
C LYS GA 67 -19.49 -37.57 10.59
N SER GA 68 -19.02 -38.49 11.43
CA SER GA 68 -18.01 -38.17 12.42
C SER GA 68 -16.69 -38.85 12.08
N LEU GA 69 -15.59 -38.12 12.22
CA LEU GA 69 -14.25 -38.68 12.10
C LEU GA 69 -13.69 -38.82 13.50
N ALA GA 70 -13.60 -40.05 13.99
CA ALA GA 70 -13.15 -40.27 15.35
C ALA GA 70 -11.64 -40.11 15.48
N ASP GA 71 -10.87 -40.92 14.75
CA ASP GA 71 -9.43 -40.91 14.87
C ASP GA 71 -8.78 -41.09 13.51
N LEU GA 72 -7.71 -40.35 13.26
CA LEU GA 72 -6.86 -40.52 12.10
C LEU GA 72 -5.49 -40.97 12.60
N THR GA 73 -5.02 -42.12 12.11
CA THR GA 73 -3.85 -42.77 12.66
C THR GA 73 -2.89 -43.17 11.54
N ALA GA 74 -1.64 -43.41 11.93
CA ALA GA 74 -0.63 -43.92 11.01
C ALA GA 74 0.17 -45.01 11.72
N VAL GA 75 0.48 -46.08 10.99
CA VAL GA 75 1.21 -47.22 11.53
C VAL GA 75 2.46 -47.43 10.68
N ASP GA 76 3.61 -47.51 11.34
CA ASP GA 76 4.90 -47.69 10.67
C ASP GA 76 5.32 -49.15 10.76
N ILE GA 77 5.31 -49.84 9.63
CA ILE GA 77 5.74 -51.23 9.54
C ILE GA 77 6.88 -51.30 8.54
N PRO GA 78 8.13 -51.38 9.03
CA PRO GA 78 9.29 -51.29 8.12
C PRO GA 78 9.49 -52.49 7.21
N THR GA 79 8.79 -53.60 7.44
CA THR GA 79 9.02 -54.79 6.63
C THR GA 79 8.40 -54.72 5.24
N ARG GA 80 7.57 -53.71 4.97
CA ARG GA 80 6.96 -53.54 3.66
C ARG GA 80 7.66 -52.44 2.88
N GLN GA 81 7.49 -52.47 1.56
CA GLN GA 81 8.06 -51.41 0.73
C GLN GA 81 7.26 -50.12 0.87
N ASN GA 82 5.98 -50.22 1.23
CA ASN GA 82 5.14 -49.08 1.58
C ASN GA 82 4.92 -49.16 3.08
N ARG GA 83 5.84 -48.55 3.84
CA ARG GA 83 5.93 -48.82 5.27
C ARG GA 83 4.86 -48.10 6.09
N PHE GA 84 4.20 -47.08 5.54
CA PHE GA 84 3.27 -46.27 6.31
C PHE GA 84 1.84 -46.69 5.98
N GLU GA 85 1.03 -46.86 7.02
CA GLU GA 85 -0.36 -47.32 6.89
C GLU GA 85 -1.27 -46.29 7.56
N ILE GA 86 -1.95 -45.49 6.75
CA ILE GA 86 -2.84 -44.45 7.23
C ILE GA 86 -4.24 -45.05 7.42
N VAL GA 87 -4.81 -44.85 8.61
CA VAL GA 87 -6.06 -45.48 8.99
C VAL GA 87 -7.04 -44.39 9.44
N TYR GA 88 -8.23 -44.38 8.84
CA TYR GA 88 -9.31 -43.47 9.20
C TYR GA 88 -10.37 -44.26 9.97
N ASN GA 89 -10.85 -43.68 11.07
CA ASN GA 89 -11.94 -44.26 11.85
C ASN GA 89 -13.15 -43.35 11.72
N LEU GA 90 -14.27 -43.91 11.25
CA LEU GA 90 -15.47 -43.15 10.99
C LEU GA 90 -16.61 -43.64 11.89
N LEU GA 91 -17.38 -42.69 12.40
CA LEU GA 91 -18.51 -42.97 13.27
C LEU GA 91 -19.78 -42.43 12.61
N SER GA 92 -20.79 -43.29 12.50
CA SER GA 92 -22.08 -42.96 11.93
C SER GA 92 -23.09 -42.88 13.06
N LEU GA 93 -23.57 -41.66 13.32
CA LEU GA 93 -24.55 -41.42 14.37
C LEU GA 93 -25.96 -41.83 13.94
N ARG GA 94 -26.26 -41.74 12.64
CA ARG GA 94 -27.61 -42.07 12.18
C ARG GA 94 -27.86 -43.57 12.25
N PHE GA 95 -26.91 -44.37 11.76
CA PHE GA 95 -27.04 -45.81 11.79
C PHE GA 95 -26.31 -46.46 12.96
N ASN GA 96 -25.65 -45.65 13.80
CA ASN GA 96 -25.02 -46.10 15.05
C ASN GA 96 -23.97 -47.18 14.78
N SER GA 97 -22.93 -46.81 14.05
CA SER GA 97 -21.92 -47.80 13.69
C SER GA 97 -20.55 -47.15 13.55
N ARG GA 98 -19.54 -47.98 13.39
CA ARG GA 98 -18.17 -47.54 13.20
C ARG GA 98 -17.54 -48.32 12.07
N ILE GA 99 -16.71 -47.63 11.27
CA ILE GA 99 -16.01 -48.26 10.16
C ILE GA 99 -14.55 -47.80 10.18
N ARG GA 100 -13.70 -48.60 9.53
CA ARG GA 100 -12.27 -48.33 9.46
C ARG GA 100 -11.82 -48.44 8.02
N VAL GA 101 -11.06 -47.45 7.55
CA VAL GA 101 -10.58 -47.38 6.18
C VAL GA 101 -9.07 -47.29 6.22
N LYS GA 102 -8.38 -48.22 5.56
CA LYS GA 102 -6.94 -48.31 5.61
C LYS GA 102 -6.34 -48.07 4.23
N THR GA 103 -5.19 -47.39 4.20
CA THR GA 103 -4.47 -47.15 2.96
C THR GA 103 -2.98 -47.15 3.26
N TYR GA 104 -2.17 -47.24 2.21
CA TYR GA 104 -0.73 -47.39 2.35
C TYR GA 104 0.01 -46.33 1.54
N THR GA 105 1.15 -45.91 2.07
CA THR GA 105 2.07 -45.06 1.33
C THR GA 105 3.47 -45.22 1.93
N ASP GA 106 4.47 -44.87 1.13
CA ASP GA 106 5.86 -44.85 1.55
C ASP GA 106 6.26 -43.42 1.94
N GLU GA 107 7.57 -43.20 2.11
CA GLU GA 107 8.05 -41.91 2.60
C GLU GA 107 7.88 -40.81 1.56
N LEU GA 108 8.12 -41.11 0.29
CA LEU GA 108 8.20 -40.07 -0.73
C LEU GA 108 6.87 -39.78 -1.41
N THR GA 109 6.04 -40.78 -1.65
CA THR GA 109 4.79 -40.56 -2.38
C THR GA 109 3.78 -39.83 -1.51
N PRO GA 110 3.29 -38.67 -1.92
CA PRO GA 110 2.28 -37.97 -1.12
C PRO GA 110 0.90 -38.56 -1.30
N VAL GA 111 0.05 -38.33 -0.31
CA VAL GA 111 -1.34 -38.77 -0.35
C VAL GA 111 -2.22 -37.53 -0.20
N GLU GA 112 -3.41 -37.60 -0.78
CA GLU GA 112 -4.30 -36.45 -0.82
C GLU GA 112 -4.95 -36.21 0.55
N SER GA 113 -4.87 -34.97 1.02
CA SER GA 113 -5.46 -34.62 2.31
C SER GA 113 -6.98 -34.58 2.23
N SER GA 114 -7.63 -34.96 3.33
CA SER GA 114 -9.08 -35.02 3.41
C SER GA 114 -9.65 -33.87 4.21
N VAL GA 115 -9.07 -32.67 4.11
CA VAL GA 115 -9.62 -31.51 4.80
C VAL GA 115 -10.92 -31.04 4.18
N SER GA 116 -11.19 -31.42 2.93
CA SER GA 116 -12.46 -31.12 2.29
C SER GA 116 -13.57 -32.10 2.68
N VAL GA 117 -13.24 -33.13 3.45
CA VAL GA 117 -14.23 -34.10 3.92
C VAL GA 117 -14.53 -33.89 5.40
N TYR GA 118 -13.52 -34.01 6.26
CA TYR GA 118 -13.64 -33.71 7.68
C TYR GA 118 -12.58 -32.68 8.05
N LYS GA 119 -13.01 -31.60 8.71
CA LYS GA 119 -12.07 -30.52 9.02
C LYS GA 119 -11.25 -30.81 10.27
N ALA GA 120 -11.67 -31.77 11.10
CA ALA GA 120 -10.85 -32.20 12.23
C ALA GA 120 -9.52 -32.75 11.77
N ALA GA 121 -9.51 -33.43 10.62
CA ALA GA 121 -8.28 -33.94 10.04
C ALA GA 121 -7.29 -32.83 9.69
N ASN GA 122 -7.77 -31.58 9.61
CA ASN GA 122 -6.91 -30.42 9.42
C ASN GA 122 -5.80 -30.41 10.47
N TRP GA 123 -6.12 -30.80 11.71
CA TRP GA 123 -5.02 -31.01 12.65
C TRP GA 123 -4.44 -32.41 12.55
N TYR GA 124 -5.29 -33.42 12.35
CA TYR GA 124 -4.91 -34.80 12.64
C TYR GA 124 -3.78 -35.28 11.73
N GLU GA 125 -3.97 -35.15 10.42
CA GLU GA 125 -2.92 -35.54 9.50
C GLU GA 125 -1.70 -34.63 9.62
N ARG GA 126 -1.90 -33.39 10.07
CA ARG GA 126 -0.77 -32.53 10.36
C ARG GA 126 0.11 -33.15 11.44
N GLU GA 127 -0.52 -33.75 12.46
CA GLU GA 127 0.22 -34.50 13.47
C GLU GA 127 1.05 -35.61 12.85
N ILE GA 128 0.49 -36.28 11.83
CA ILE GA 128 1.22 -37.34 11.14
C ILE GA 128 2.48 -36.77 10.49
N TRP GA 129 2.37 -35.58 9.89
CA TRP GA 129 3.53 -34.93 9.29
C TRP GA 129 4.59 -34.62 10.34
N ASP GA 130 4.17 -34.38 11.58
CA ASP GA 130 5.15 -34.13 12.63
C ASP GA 130 5.87 -35.41 13.05
N MET GA 131 5.21 -36.57 12.96
CA MET GA 131 5.74 -37.76 13.63
C MET GA 131 6.02 -38.93 12.71
N PHE GA 132 5.56 -38.92 11.46
CA PHE GA 132 5.87 -39.98 10.52
C PHE GA 132 6.50 -39.50 9.23
N GLY GA 133 6.36 -38.23 8.86
CA GLY GA 133 6.93 -37.73 7.62
C GLY GA 133 6.09 -37.93 6.39
N VAL GA 134 4.86 -38.43 6.54
CA VAL GA 134 3.98 -38.60 5.39
C VAL GA 134 3.46 -37.24 4.98
N PHE GA 135 3.88 -36.75 3.82
CA PHE GA 135 3.44 -35.46 3.33
C PHE GA 135 2.02 -35.57 2.79
N PHE GA 136 1.13 -34.70 3.27
CA PHE GA 136 -0.25 -34.68 2.83
C PHE GA 136 -0.42 -33.54 1.83
N ALA GA 137 -0.62 -33.90 0.57
CA ALA GA 137 -0.76 -32.90 -0.48
C ALA GA 137 -2.09 -32.15 -0.34
N ASN GA 138 -2.06 -30.89 -0.75
CA ASN GA 138 -3.21 -29.97 -0.72
C ASN GA 138 -3.72 -29.84 0.73
N HIS GA 139 -2.88 -29.19 1.54
CA HIS GA 139 -3.21 -28.88 2.91
C HIS GA 139 -3.14 -27.38 3.14
N PRO GA 140 -4.05 -26.81 3.94
CA PRO GA 140 -4.01 -25.36 4.18
C PRO GA 140 -2.78 -24.91 4.96
N ASP GA 141 -2.50 -25.55 6.09
CA ASP GA 141 -1.36 -25.19 6.93
C ASP GA 141 -0.75 -26.49 7.46
N LEU GA 142 0.38 -26.90 6.88
CA LEU GA 142 1.07 -28.12 7.28
C LEU GA 142 2.40 -27.72 7.89
N ARG GA 143 2.56 -28.01 9.18
CA ARG GA 143 3.79 -27.72 9.91
C ARG GA 143 3.83 -28.62 11.14
N ARG GA 144 4.83 -28.41 11.99
CA ARG GA 144 4.94 -29.21 13.20
C ARG GA 144 3.91 -28.78 14.23
N ILE GA 145 3.42 -29.76 14.99
CA ILE GA 145 2.38 -29.50 15.99
C ILE GA 145 2.74 -30.00 17.39
N LEU GA 146 3.65 -30.95 17.55
CA LEU GA 146 3.94 -31.53 18.85
C LEU GA 146 5.42 -31.47 19.24
N THR GA 147 6.34 -31.55 18.29
CA THR GA 147 7.75 -31.63 18.60
C THR GA 147 8.31 -30.22 18.83
N ASP GA 148 9.62 -30.16 19.11
CA ASP GA 148 10.31 -28.91 19.32
C ASP GA 148 10.39 -28.12 18.01
N TYR GA 149 10.62 -26.81 18.14
CA TYR GA 149 10.67 -25.94 16.97
C TYR GA 149 11.84 -26.28 16.06
N GLY GA 150 13.01 -26.56 16.64
CA GLY GA 150 14.17 -26.89 15.85
C GLY GA 150 14.42 -28.37 15.73
N PHE GA 151 13.39 -29.17 16.00
CA PHE GA 151 13.53 -30.62 16.00
C PHE GA 151 13.70 -31.14 14.57
N GLU GA 152 14.58 -32.12 14.41
CA GLU GA 152 14.82 -32.77 13.14
C GLU GA 152 14.49 -34.25 13.27
N GLY GA 153 13.84 -34.80 12.26
CA GLY GA 153 13.47 -36.20 12.25
C GLY GA 153 12.07 -36.42 12.79
N HIS GA 154 11.52 -37.59 12.46
CA HIS GA 154 10.17 -37.95 12.86
C HIS GA 154 10.22 -38.99 13.96
N PRO GA 155 9.77 -38.67 15.18
CA PRO GA 155 10.08 -39.54 16.33
C PRO GA 155 9.33 -40.85 16.34
N PHE GA 156 8.13 -40.93 15.77
CA PHE GA 156 7.34 -42.14 15.88
C PHE GA 156 7.68 -43.19 14.84
N ARG GA 157 8.62 -42.91 13.95
CA ARG GA 157 9.17 -43.93 13.07
C ARG GA 157 9.89 -44.99 13.90
N LYS GA 158 9.84 -46.24 13.43
CA LYS GA 158 10.41 -47.34 14.21
C LYS GA 158 11.93 -47.35 14.17
N ASP GA 159 12.54 -46.83 13.11
CA ASP GA 159 14.00 -46.73 13.07
C ASP GA 159 14.53 -45.56 13.90
N PHE GA 160 13.67 -44.64 14.32
CA PHE GA 160 14.07 -43.60 15.24
C PHE GA 160 14.20 -44.20 16.64
N PRO GA 161 15.30 -43.94 17.34
CA PRO GA 161 15.49 -44.53 18.67
C PRO GA 161 14.56 -43.91 19.70
N LEU GA 162 14.53 -44.52 20.89
CA LEU GA 162 13.68 -44.03 21.96
C LEU GA 162 14.14 -42.66 22.44
N SER GA 163 15.37 -42.59 22.95
CA SER GA 163 15.96 -41.29 23.22
C SER GA 163 16.39 -40.65 21.91
N GLY GA 164 16.26 -39.32 21.84
CA GLY GA 164 16.62 -38.59 20.65
C GLY GA 164 18.11 -38.48 20.49
N TYR GA 165 18.52 -37.84 19.39
CA TYR GA 165 19.93 -37.60 19.15
C TYR GA 165 20.43 -36.34 19.84
N VAL GA 166 19.55 -35.55 20.44
CA VAL GA 166 19.93 -34.31 21.12
C VAL GA 166 19.19 -34.20 22.45
N GLU GA 167 19.73 -33.35 23.32
CA GLU GA 167 19.11 -33.06 24.60
C GLU GA 167 19.40 -31.59 24.93
N LEU GA 168 18.57 -31.03 25.82
CA LEU GA 168 18.65 -29.62 26.17
C LEU GA 168 19.18 -29.45 27.58
N ARG GA 169 20.07 -28.47 27.76
CA ARG GA 169 20.56 -28.12 29.09
C ARG GA 169 20.92 -26.64 29.10
N TYR GA 170 20.93 -26.06 30.30
CA TYR GA 170 21.20 -24.64 30.44
C TYR GA 170 22.70 -24.40 30.58
N ASP GA 171 23.24 -23.52 29.74
CA ASP GA 171 24.64 -23.15 29.76
C ASP GA 171 24.76 -21.68 30.18
N ASP GA 172 25.56 -21.43 31.22
CA ASP GA 172 25.69 -20.09 31.76
C ASP GA 172 26.70 -19.23 31.01
N GLU GA 173 27.57 -19.83 30.21
CA GLU GA 173 28.51 -19.04 29.42
C GLU GA 173 27.79 -18.29 28.31
N VAL GA 174 26.91 -18.98 27.58
CA VAL GA 174 26.11 -18.33 26.55
C VAL GA 174 24.75 -17.88 27.08
N LYS GA 175 24.46 -18.13 28.37
CA LYS GA 175 23.22 -17.73 29.03
C LYS GA 175 21.99 -18.28 28.30
N ARG GA 176 22.05 -19.54 27.88
CA ARG GA 176 21.07 -20.02 26.93
C ARG GA 176 20.83 -21.51 27.15
N VAL GA 177 19.68 -21.97 26.67
CA VAL GA 177 19.38 -23.40 26.64
C VAL GA 177 19.96 -23.97 25.35
N VAL GA 178 20.94 -24.85 25.48
CA VAL GA 178 21.69 -25.36 24.36
C VAL GA 178 21.36 -26.83 24.16
N ALA GA 179 21.58 -27.30 22.93
CA ALA GA 179 21.36 -28.68 22.54
C ALA GA 179 22.70 -29.38 22.38
N GLU GA 180 22.82 -30.55 22.98
CA GLU GA 180 24.04 -31.33 22.99
C GLU GA 180 23.70 -32.78 22.65
N PRO GA 181 24.66 -33.55 22.14
CA PRO GA 181 24.41 -34.98 21.91
C PRO GA 181 24.11 -35.70 23.21
N VAL GA 182 23.20 -36.68 23.13
CA VAL GA 182 22.64 -37.28 24.33
C VAL GA 182 23.65 -38.21 24.98
N GLU GA 183 23.64 -38.21 26.32
CA GLU GA 183 24.48 -39.10 27.13
C GLU GA 183 23.64 -39.53 28.33
N LEU GA 184 23.01 -40.69 28.23
CA LEU GA 184 22.16 -41.16 29.32
C LEU GA 184 23.01 -41.63 30.49
N ALA GA 185 22.65 -41.18 31.70
CA ALA GA 185 23.36 -41.61 32.90
C ALA GA 185 23.17 -43.10 33.14
N GLN GA 186 21.97 -43.61 32.93
CA GLN GA 186 21.72 -45.04 32.94
C GLN GA 186 21.03 -45.41 31.64
N GLU GA 187 21.57 -46.42 30.97
CA GLU GA 187 21.00 -46.87 29.70
C GLU GA 187 19.65 -47.53 29.92
N PHE GA 188 18.74 -47.33 28.95
CA PHE GA 188 17.47 -48.04 28.96
C PHE GA 188 17.75 -49.52 28.69
N ARG GA 189 17.53 -50.35 29.70
CA ARG GA 189 17.85 -51.78 29.61
C ARG GA 189 16.82 -52.47 28.74
N LYS GA 190 17.25 -52.96 27.58
CA LYS GA 190 16.36 -53.67 26.67
C LYS GA 190 16.14 -55.08 27.18
N PHE GA 191 14.87 -55.47 27.31
CA PHE GA 191 14.49 -56.77 27.85
C PHE GA 191 14.01 -57.67 26.73
N ASP GA 192 14.50 -58.91 26.72
CA ASP GA 192 14.05 -59.92 25.76
C ASP GA 192 12.97 -60.74 26.44
N LEU GA 193 11.72 -60.43 26.12
CA LEU GA 193 10.57 -61.03 26.81
C LEU GA 193 9.74 -61.95 25.93
N ASN GA 194 10.16 -62.20 24.69
CA ASN GA 194 9.37 -63.04 23.80
C ASN GA 194 9.51 -64.51 24.20
N SER GA 195 8.38 -65.17 24.39
CA SER GA 195 8.40 -66.59 24.71
C SER GA 195 8.79 -67.39 23.47
N PRO GA 196 9.68 -68.37 23.60
CA PRO GA 196 10.13 -69.14 22.44
C PRO GA 196 9.16 -70.22 22.00
N TRP GA 197 8.03 -70.40 22.68
CA TRP GA 197 7.05 -71.40 22.32
C TRP GA 197 5.87 -70.75 21.62
N GLU GA 198 5.29 -71.49 20.67
CA GLU GA 198 4.16 -70.99 19.90
C GLU GA 198 2.94 -70.85 20.80
N ALA GA 199 2.25 -69.72 20.68
CA ALA GA 199 1.12 -69.41 21.55
C ALA GA 199 -0.22 -69.70 20.88
N PHE GA 200 -0.46 -69.09 19.73
CA PHE GA 200 -1.76 -69.19 19.07
C PHE GA 200 -1.64 -69.98 17.78
N PRO GA 201 -2.11 -71.23 17.74
CA PRO GA 201 -2.03 -72.01 16.49
C PRO GA 201 -2.95 -71.50 15.39
N ALA GA 202 -3.96 -70.70 15.71
CA ALA GA 202 -4.87 -70.20 14.69
C ALA GA 202 -4.23 -69.16 13.79
N TYR GA 203 -3.15 -68.52 14.25
CA TYR GA 203 -2.44 -67.51 13.48
C TYR GA 203 -1.10 -68.02 12.95
N ARG GA 204 -0.95 -69.34 12.82
CA ARG GA 204 0.32 -69.92 12.39
C ARG GA 204 0.52 -69.67 10.90
N GLN GA 205 1.54 -68.89 10.57
CA GLN GA 205 1.85 -68.64 9.17
C GLN GA 205 2.44 -69.90 8.54
N PRO GA 206 2.11 -70.18 7.27
CA PRO GA 206 2.73 -71.31 6.60
C PRO GA 206 4.20 -71.04 6.35
N PRO GA 207 5.04 -72.08 6.38
CA PRO GA 207 6.48 -71.87 6.16
C PRO GA 207 6.78 -71.62 4.69
N GLU GA 208 7.99 -71.12 4.45
CA GLU GA 208 8.45 -70.83 3.09
C GLU GA 208 8.72 -72.11 2.31
N SER HA 1 30.79 -8.98 70.44
CA SER HA 1 30.64 -7.59 70.05
C SER HA 1 29.17 -7.23 69.86
N ARG HA 2 28.85 -5.94 70.04
CA ARG HA 2 27.47 -5.50 69.89
C ARG HA 2 27.04 -5.47 68.43
N GLY HA 3 27.97 -5.19 67.52
CA GLY HA 3 27.65 -5.19 66.11
C GLY HA 3 27.26 -6.56 65.59
N GLU HA 4 27.91 -7.61 66.11
CA GLU HA 4 27.55 -8.97 65.73
C GLU HA 4 26.14 -9.31 66.18
N TYR HA 5 25.76 -8.91 67.40
CA TYR HA 5 24.41 -9.13 67.89
C TYR HA 5 23.39 -8.35 67.06
N VAL HA 6 23.75 -7.12 66.66
CA VAL HA 6 22.85 -6.28 65.88
C VAL HA 6 22.61 -6.90 64.50
N VAL HA 7 23.68 -7.34 63.83
CA VAL HA 7 23.50 -7.92 62.50
C VAL HA 7 22.83 -9.29 62.60
N ALA HA 8 23.03 -10.02 63.71
CA ALA HA 8 22.32 -11.29 63.89
C ALA HA 8 20.83 -11.07 64.06
N LYS HA 9 20.44 -10.07 64.86
CA LYS HA 9 19.01 -9.79 65.04
C LYS HA 9 18.38 -9.26 63.76
N LEU HA 10 19.11 -8.45 63.00
CA LEU HA 10 18.59 -7.96 61.72
C LEU HA 10 18.44 -9.10 60.72
N ASP HA 11 19.39 -10.03 60.70
CA ASP HA 11 19.28 -11.21 59.83
C ASP HA 11 18.08 -12.06 60.23
N ASP HA 12 17.86 -12.23 61.54
CA ASP HA 12 16.68 -12.97 62.00
C ASP HA 12 15.39 -12.29 61.57
N LEU HA 13 15.35 -10.95 61.67
CA LEU HA 13 14.15 -10.21 61.28
C LEU HA 13 13.86 -10.35 59.79
N ILE HA 14 14.88 -10.17 58.96
CA ILE HA 14 14.63 -10.24 57.51
C ILE HA 14 14.35 -11.66 57.07
N ASN HA 15 14.95 -12.66 57.73
CA ASN HA 15 14.61 -14.05 57.41
C ASN HA 15 13.19 -14.38 57.83
N TRP HA 16 12.73 -13.84 58.97
CA TRP HA 16 11.34 -14.03 59.37
C TRP HA 16 10.38 -13.39 58.38
N ALA HA 17 10.69 -12.18 57.93
CA ALA HA 17 9.83 -11.48 56.98
C ALA HA 17 9.81 -12.19 55.63
N ARG HA 18 10.95 -12.72 55.19
CA ARG HA 18 11.00 -13.40 53.90
C ARG HA 18 10.38 -14.80 53.97
N ARG HA 19 10.45 -15.47 55.11
CA ARG HA 19 9.92 -16.83 55.23
C ARG HA 19 8.46 -16.87 55.63
N SER HA 20 7.91 -15.79 56.19
CA SER HA 20 6.51 -15.75 56.57
C SER HA 20 5.66 -15.04 55.53
N SER HA 21 6.24 -14.69 54.38
CA SER HA 21 5.53 -13.99 53.33
C SER HA 21 5.93 -14.55 51.97
N LEU HA 22 5.94 -15.87 51.85
CA LEU HA 22 6.27 -16.51 50.57
C LEU HA 22 5.15 -16.28 49.58
N TRP HA 23 5.51 -15.83 48.38
CA TRP HA 23 4.55 -15.54 47.31
C TRP HA 23 4.91 -16.40 46.11
N PRO HA 24 4.37 -17.60 45.98
CA PRO HA 24 4.65 -18.42 44.81
C PRO HA 24 3.97 -17.89 43.56
N MET HA 25 4.26 -18.52 42.42
CA MET HA 25 3.73 -18.11 41.13
C MET HA 25 2.74 -19.15 40.62
N THR HA 26 1.65 -18.68 40.01
CA THR HA 26 0.69 -19.59 39.42
C THR HA 26 1.29 -20.23 38.18
N PHE HA 27 1.93 -21.38 38.36
CA PHE HA 27 2.71 -21.99 37.29
C PHE HA 27 2.65 -23.50 37.47
N GLY HA 28 1.78 -24.15 36.70
CA GLY HA 28 1.69 -25.60 36.71
C GLY HA 28 1.77 -26.12 35.29
N LEU HA 29 2.07 -27.42 35.19
CA LEU HA 29 2.24 -28.04 33.89
C LEU HA 29 1.35 -29.27 33.73
N ALA HA 30 1.15 -30.02 34.83
CA ALA HA 30 0.58 -31.35 34.75
C ALA HA 30 -0.15 -31.72 36.04
N CYS HA 31 -0.22 -33.03 36.31
CA CYS HA 31 -0.98 -33.63 37.41
C CYS HA 31 -0.64 -32.94 38.74
N CYS HA 32 0.65 -32.67 38.92
CA CYS HA 32 1.16 -32.13 40.17
C CYS HA 32 0.62 -30.73 40.43
N ALA HA 33 0.22 -30.02 39.37
CA ALA HA 33 -0.50 -28.76 39.56
C ALA HA 33 -1.89 -28.98 40.13
N VAL HA 34 -2.56 -30.07 39.74
CA VAL HA 34 -3.85 -30.41 40.35
C VAL HA 34 -3.67 -30.69 41.83
N GLU HA 35 -2.59 -31.40 42.18
CA GLU HA 35 -2.33 -31.61 43.61
C GLU HA 35 -1.94 -30.31 44.31
N MET HA 36 -1.30 -29.39 43.60
CA MET HA 36 -0.99 -28.08 44.19
C MET HA 36 -2.25 -27.28 44.47
N MET HA 37 -3.23 -27.33 43.55
CA MET HA 37 -4.51 -26.68 43.80
C MET HA 37 -5.25 -27.36 44.95
N HIS HA 38 -5.09 -28.67 45.10
CA HIS HA 38 -5.63 -29.34 46.27
C HIS HA 38 -4.89 -28.96 47.55
N MET HA 39 -3.63 -28.51 47.45
CA MET HA 39 -2.99 -27.89 48.60
C MET HA 39 -3.55 -26.50 48.86
N ALA HA 40 -3.99 -25.81 47.81
CA ALA HA 40 -4.68 -24.53 47.96
C ALA HA 40 -6.15 -24.70 48.36
N ALA HA 41 -6.62 -25.94 48.48
CA ALA HA 41 -7.99 -26.21 48.87
C ALA HA 41 -8.22 -25.81 50.32
N PRO HA 42 -9.49 -25.66 50.75
CA PRO HA 42 -9.76 -25.26 52.14
C PRO HA 42 -9.24 -26.21 53.21
N ARG HA 43 -8.95 -27.47 52.89
CA ARG HA 43 -8.48 -28.39 53.92
C ARG HA 43 -7.06 -28.04 54.38
N TYR HA 44 -6.16 -27.79 53.44
CA TYR HA 44 -4.76 -27.58 53.80
C TYR HA 44 -4.41 -26.12 53.97
N ASP HA 45 -4.98 -25.24 53.13
CA ASP HA 45 -5.06 -23.80 53.38
C ASP HA 45 -3.67 -23.17 53.49
N MET HA 46 -2.98 -23.11 52.34
CA MET HA 46 -1.65 -22.52 52.29
C MET HA 46 -1.65 -21.06 52.72
N ASP HA 47 -2.76 -20.34 52.54
CA ASP HA 47 -2.84 -18.93 52.90
C ASP HA 47 -2.79 -18.70 54.41
N ARG HA 48 -2.93 -19.76 55.21
CA ARG HA 48 -2.64 -19.66 56.64
C ARG HA 48 -1.18 -19.27 56.87
N PHE HA 49 -0.28 -19.86 56.09
CA PHE HA 49 1.15 -19.67 56.28
C PHE HA 49 1.70 -18.47 55.52
N GLY HA 50 0.83 -17.60 55.00
CA GLY HA 50 1.27 -16.49 54.19
C GLY HA 50 1.54 -16.84 52.75
N VAL HA 51 1.31 -18.09 52.34
CA VAL HA 51 1.56 -18.52 50.97
C VAL HA 51 0.35 -18.14 50.13
N VAL HA 52 0.54 -17.21 49.19
CA VAL HA 52 -0.52 -16.76 48.31
C VAL HA 52 0.01 -16.68 46.89
N PHE HA 53 -0.74 -17.24 45.94
CA PHE HA 53 -0.31 -17.25 44.54
C PHE HA 53 -0.32 -15.85 43.95
N ARG HA 54 0.68 -15.57 43.12
CA ARG HA 54 0.76 -14.32 42.37
C ARG HA 54 1.01 -14.66 40.91
N ALA HA 55 0.29 -14.00 40.01
CA ALA HA 55 0.37 -14.37 38.59
C ALA HA 55 1.66 -13.88 37.94
N SER HA 56 2.17 -12.74 38.37
CA SER HA 56 3.33 -12.23 37.65
C SER HA 56 4.63 -12.66 38.31
N PRO HA 57 5.65 -12.98 37.51
CA PRO HA 57 6.96 -13.32 38.09
C PRO HA 57 7.64 -12.17 38.79
N ARG HA 58 7.32 -10.92 38.43
CA ARG HA 58 7.99 -9.78 39.05
C ARG HA 58 7.54 -9.55 40.49
N GLN HA 59 6.37 -10.04 40.86
CA GLN HA 59 5.85 -9.89 42.22
C GLN HA 59 5.68 -11.25 42.87
N SER HA 60 6.63 -12.15 42.65
CA SER HA 60 6.59 -13.49 43.18
C SER HA 60 7.90 -13.79 43.90
N ASP HA 61 7.83 -14.68 44.89
CA ASP HA 61 8.99 -15.08 45.67
C ASP HA 61 9.58 -16.41 45.19
N VAL HA 62 8.77 -17.46 45.14
CA VAL HA 62 9.26 -18.78 44.77
C VAL HA 62 8.51 -19.26 43.53
N MET HA 63 9.07 -20.29 42.90
CA MET HA 63 8.45 -20.96 41.77
C MET HA 63 8.43 -22.45 42.04
N ILE HA 64 7.26 -23.06 41.91
CA ILE HA 64 7.09 -24.49 42.16
C ILE HA 64 6.93 -25.17 40.80
N VAL HA 65 7.94 -25.96 40.42
CA VAL HA 65 7.91 -26.68 39.16
C VAL HA 65 7.05 -27.93 39.38
N ALA HA 66 5.79 -27.86 38.93
CA ALA HA 66 4.82 -28.93 39.13
C ALA HA 66 4.43 -29.47 37.77
N GLY HA 67 5.07 -30.55 37.34
CA GLY HA 67 4.72 -31.19 36.10
C GLY HA 67 5.96 -31.61 35.35
N THR HA 68 5.76 -31.95 34.08
CA THR HA 68 6.83 -32.43 33.22
C THR HA 68 7.40 -31.26 32.43
N LEU HA 69 8.70 -31.04 32.56
CA LEU HA 69 9.39 -29.98 31.82
C LEU HA 69 9.91 -30.60 30.53
N THR HA 70 9.23 -30.33 29.42
CA THR HA 70 9.59 -30.91 28.14
C THR HA 70 10.64 -30.06 27.44
N ASN HA 71 11.04 -30.49 26.24
CA ASN HA 71 12.05 -29.78 25.48
C ASN HA 71 11.51 -28.47 24.91
N LYS HA 72 10.23 -28.44 24.52
CA LYS HA 72 9.62 -27.25 23.97
C LYS HA 72 9.31 -26.20 25.03
N MET HA 73 9.37 -26.55 26.31
CA MET HA 73 8.96 -25.68 27.39
C MET HA 73 10.14 -25.09 28.17
N ALA HA 74 11.31 -25.71 28.09
CA ALA HA 74 12.45 -25.31 28.92
C ALA HA 74 12.92 -23.87 28.73
N PRO HA 75 13.03 -23.30 27.51
CA PRO HA 75 13.37 -21.86 27.43
C PRO HA 75 12.36 -20.94 28.10
N ALA HA 76 11.07 -21.28 28.02
CA ALA HA 76 10.05 -20.47 28.68
C ALA HA 76 10.20 -20.52 30.20
N LEU HA 77 10.44 -21.71 30.75
CA LEU HA 77 10.67 -21.84 32.19
C LEU HA 77 11.93 -21.10 32.62
N ARG HA 78 12.98 -21.16 31.81
CA ARG HA 78 14.22 -20.46 32.14
C ARG HA 78 14.02 -18.95 32.12
N LYS HA 79 13.29 -18.43 31.13
CA LYS HA 79 13.02 -17.00 31.09
C LYS HA 79 12.14 -16.55 32.24
N VAL HA 80 11.17 -17.38 32.61
CA VAL HA 80 10.28 -17.07 33.74
C VAL HA 80 11.07 -17.04 35.05
N TYR HA 81 11.98 -18.00 35.24
CA TYR HA 81 12.85 -17.96 36.41
C TYR HA 81 13.79 -16.77 36.39
N ASP HA 82 14.28 -16.41 35.20
CA ASP HA 82 15.20 -15.26 35.10
C ASP HA 82 14.50 -13.96 35.45
N GLN HA 83 13.22 -13.83 35.09
CA GLN HA 83 12.50 -12.59 35.33
C GLN HA 83 12.13 -12.37 36.79
N MET HA 84 12.27 -13.39 37.64
CA MET HA 84 11.90 -13.23 39.05
C MET HA 84 12.98 -12.45 39.80
N PRO HA 85 12.59 -11.50 40.66
CA PRO HA 85 13.59 -10.74 41.41
C PRO HA 85 14.19 -11.55 42.54
N GLU HA 86 15.43 -11.19 42.90
CA GLU HA 86 16.13 -11.84 44.00
C GLU HA 86 15.59 -11.35 45.34
N PRO HA 87 15.59 -12.21 46.37
CA PRO HA 87 15.97 -13.63 46.38
C PRO HA 87 14.90 -14.54 45.81
N ARG HA 88 15.32 -15.57 45.09
CA ARG HA 88 14.40 -16.46 44.40
C ARG HA 88 14.68 -17.90 44.79
N TYR HA 89 13.62 -18.67 45.01
CA TYR HA 89 13.72 -20.07 45.38
C TYR HA 89 12.88 -20.90 44.43
N VAL HA 90 13.34 -22.14 44.19
CA VAL HA 90 12.64 -23.07 43.33
C VAL HA 90 12.39 -24.35 44.11
N VAL HA 91 11.14 -24.80 44.11
CA VAL HA 91 10.75 -26.07 44.74
C VAL HA 91 10.37 -27.01 43.62
N SER HA 92 11.12 -28.10 43.48
CA SER HA 92 10.83 -29.11 42.49
C SER HA 92 9.96 -30.20 43.10
N MET HA 93 8.79 -30.42 42.53
CA MET HA 93 7.82 -31.36 43.07
C MET HA 93 7.39 -32.33 41.98
N GLY HA 94 7.16 -33.57 42.38
CA GLY HA 94 6.83 -34.63 41.43
C GLY HA 94 8.07 -35.28 40.84
N SER HA 95 7.87 -36.50 40.35
CA SER HA 95 8.98 -37.24 39.76
C SER HA 95 9.41 -36.65 38.43
N CYS HA 96 8.46 -36.08 37.67
CA CYS HA 96 8.80 -35.48 36.38
C CYS HA 96 9.73 -34.29 36.53
N ALA HA 97 9.48 -33.43 37.51
CA ALA HA 97 10.32 -32.28 37.75
C ALA HA 97 11.58 -32.62 38.54
N ASN HA 98 11.71 -33.86 39.01
CA ASN HA 98 12.91 -34.29 39.71
C ASN HA 98 13.90 -35.01 38.80
N GLY HA 99 13.46 -36.08 38.13
CA GLY HA 99 14.39 -36.85 37.33
C GLY HA 99 13.82 -37.40 36.04
N GLY HA 100 12.69 -36.87 35.61
CA GLY HA 100 12.00 -37.34 34.43
C GLY HA 100 10.85 -38.28 34.71
N GLY HA 101 10.87 -38.97 35.84
CA GLY HA 101 9.72 -39.76 36.26
C GLY HA 101 9.46 -40.93 35.35
N TYR HA 102 8.21 -41.00 34.87
CA TYR HA 102 7.81 -42.02 33.90
C TYR HA 102 8.54 -41.86 32.58
N TYR HA 103 8.89 -40.62 32.21
CA TYR HA 103 9.35 -40.27 30.88
C TYR HA 103 10.84 -39.91 30.89
N HIS HA 104 11.63 -40.66 31.66
CA HIS HA 104 13.06 -40.41 31.74
C HIS HA 104 13.74 -40.66 30.41
N TYR HA 105 13.35 -41.71 29.70
CA TYR HA 105 14.00 -42.11 28.46
C TYR HA 105 13.29 -41.56 27.23
N SER HA 106 12.36 -40.63 27.40
CA SER HA 106 11.67 -40.03 26.28
C SER HA 106 12.59 -39.05 25.54
N TYR HA 107 12.27 -38.86 24.25
CA TYR HA 107 13.12 -38.03 23.40
C TYR HA 107 12.93 -36.54 23.65
N SER HA 108 11.76 -36.12 24.11
CA SER HA 108 11.43 -34.70 24.23
C SER HA 108 11.08 -34.34 25.67
N VAL HA 109 11.78 -34.92 26.63
CA VAL HA 109 11.57 -34.62 28.05
C VAL HA 109 12.91 -34.28 28.67
N VAL HA 110 12.98 -33.12 29.34
CA VAL HA 110 14.18 -32.76 30.08
C VAL HA 110 14.22 -33.60 31.36
N ARG HA 111 15.34 -34.30 31.56
CA ARG HA 111 15.46 -35.24 32.68
C ARG HA 111 15.74 -34.46 33.95
N GLY HA 112 14.66 -33.91 34.52
CA GLY HA 112 14.74 -33.10 35.72
C GLY HA 112 14.87 -31.62 35.42
N CYS HA 113 14.29 -30.81 36.29
CA CYS HA 113 14.38 -29.37 36.15
C CYS HA 113 15.66 -28.80 36.74
N ASP HA 114 16.51 -29.64 37.34
CA ASP HA 114 17.80 -29.19 37.84
C ASP HA 114 18.70 -28.77 36.69
N ARG HA 115 18.52 -29.38 35.51
CA ARG HA 115 19.34 -29.05 34.34
C ARG HA 115 19.10 -27.63 33.84
N ILE HA 116 17.97 -27.02 34.16
CA ILE HA 116 17.61 -25.70 33.67
C ILE HA 116 17.74 -24.64 34.75
N VAL HA 117 17.18 -24.89 35.93
CA VAL HA 117 17.15 -23.89 36.99
C VAL HA 117 17.74 -24.47 38.28
N PRO HA 118 18.36 -23.65 39.13
CA PRO HA 118 18.81 -24.14 40.43
C PRO HA 118 17.61 -24.45 41.32
N VAL HA 119 17.73 -25.53 42.09
CA VAL HA 119 16.62 -26.09 42.86
C VAL HA 119 17.00 -26.10 44.34
N ASP HA 120 16.09 -25.63 45.19
CA ASP HA 120 16.28 -25.64 46.63
C ASP HA 120 15.76 -26.91 47.29
N ILE HA 121 14.50 -27.26 47.05
CA ILE HA 121 13.85 -28.39 47.71
C ILE HA 121 13.32 -29.34 46.63
N TYR HA 122 13.61 -30.63 46.80
CA TYR HA 122 13.09 -31.68 45.93
C TYR HA 122 11.99 -32.42 46.67
N VAL HA 123 10.80 -32.45 46.10
CA VAL HA 123 9.64 -33.10 46.70
C VAL HA 123 9.34 -34.36 45.89
N PRO HA 124 9.53 -35.55 46.44
CA PRO HA 124 9.29 -36.78 45.68
C PRO HA 124 7.86 -37.29 45.78
N GLY HA 125 7.44 -37.96 44.72
CA GLY HA 125 6.10 -38.51 44.66
C GLY HA 125 5.56 -38.49 43.24
N CYS HA 126 4.42 -39.15 43.02
CA CYS HA 126 3.76 -39.11 41.71
C CYS HA 126 2.27 -39.35 41.89
N PRO HA 127 1.51 -38.30 42.25
CA PRO HA 127 1.97 -37.00 42.71
C PRO HA 127 2.31 -37.03 44.19
N PRO HA 128 3.24 -36.20 44.63
CA PRO HA 128 3.38 -35.99 46.07
C PRO HA 128 2.15 -35.28 46.59
N THR HA 129 1.59 -35.78 47.69
CA THR HA 129 0.30 -35.33 48.17
C THR HA 129 0.37 -33.88 48.66
N ALA HA 130 -0.81 -33.30 48.86
CA ALA HA 130 -0.89 -31.91 49.33
C ALA HA 130 -0.27 -31.77 50.71
N GLU HA 131 -0.40 -32.79 51.55
CA GLU HA 131 0.29 -32.82 52.83
C GLU HA 131 1.81 -32.82 52.63
N ALA HA 132 2.30 -33.62 51.67
CA ALA HA 132 3.72 -33.67 51.38
C ALA HA 132 4.24 -32.36 50.81
N LEU HA 133 3.44 -31.71 49.94
CA LEU HA 133 3.86 -30.44 49.38
C LEU HA 133 3.87 -29.34 50.44
N LEU HA 134 2.90 -29.37 51.36
CA LEU HA 134 2.91 -28.43 52.48
C LEU HA 134 4.12 -28.67 53.38
N TYR HA 135 4.49 -29.94 53.56
CA TYR HA 135 5.70 -30.27 54.31
C TYR HA 135 6.94 -29.72 53.62
N GLY HA 136 6.98 -29.82 52.29
CA GLY HA 136 8.10 -29.25 51.55
C GLY HA 136 8.17 -27.74 51.65
N ILE HA 137 7.01 -27.08 51.66
CA ILE HA 137 6.96 -25.63 51.83
C ILE HA 137 7.48 -25.23 53.22
N LEU HA 138 7.08 -25.98 54.26
CA LEU HA 138 7.57 -25.71 55.60
C LEU HA 138 9.07 -25.98 55.71
N GLN HA 139 9.56 -27.00 55.00
CA GLN HA 139 11.00 -27.27 54.97
C GLN HA 139 11.75 -26.13 54.29
N LEU HA 140 11.17 -25.58 53.23
CA LEU HA 140 11.77 -24.41 52.58
C LEU HA 140 11.79 -23.21 53.53
N GLN HA 141 10.72 -23.03 54.32
CA GLN HA 141 10.70 -21.96 55.32
C GLN HA 141 11.79 -22.16 56.36
N LYS HA 142 12.00 -23.40 56.80
CA LYS HA 142 13.07 -23.69 57.75
C LYS HA 142 14.44 -23.41 57.13
N LYS HA 143 14.61 -23.73 55.85
CA LYS HA 143 15.86 -23.44 55.17
C LYS HA 143 16.11 -21.94 55.06
N ILE HA 144 15.06 -21.16 54.81
CA ILE HA 144 15.18 -19.71 54.75
C ILE HA 144 15.52 -19.16 56.13
N LYS HA 145 14.96 -19.77 57.19
CA LYS HA 145 15.16 -19.27 58.56
C LYS HA 145 16.62 -19.32 58.99
N ARG HA 146 17.34 -20.38 58.60
CA ARG HA 146 18.74 -20.53 58.98
C ARG HA 146 19.70 -19.89 57.98
N GLU HA 147 19.25 -18.89 57.22
CA GLU HA 147 20.14 -18.14 56.36
C GLU HA 147 21.02 -17.20 57.19
N LYS HA 148 22.19 -16.88 56.66
CA LYS HA 148 23.23 -16.16 57.38
C LYS HA 148 23.81 -15.04 56.51
N ARG HA 149 22.93 -14.24 55.91
CA ARG HA 149 23.37 -13.23 54.94
C ARG HA 149 24.16 -12.12 55.61
N LEU HA 150 23.54 -11.43 56.57
CA LEU HA 150 24.20 -10.28 57.20
C LEU HA 150 25.36 -10.70 58.10
N ARG HA 151 25.29 -11.89 58.69
CA ARG HA 151 26.41 -12.39 59.48
C ARG HA 151 27.64 -12.63 58.61
N ILE HA 152 27.44 -13.22 57.43
CA ILE HA 152 28.55 -13.45 56.51
C ILE HA 152 29.04 -12.12 55.95
N TRP HA 153 28.14 -11.16 55.72
CA TRP HA 153 28.55 -9.83 55.27
C TRP HA 153 29.41 -9.13 56.32
N TYR HA 154 29.06 -9.30 57.60
CA TYR HA 154 29.89 -8.73 58.65
C TYR HA 154 31.23 -9.45 58.76
N ARG HA 155 31.23 -10.77 58.56
CA ARG HA 155 32.48 -11.52 58.58
C ARG HA 155 33.36 -11.22 57.39
N ARG HA 156 32.77 -10.95 56.23
CA ARG HA 156 33.56 -10.69 55.03
C ARG HA 156 34.09 -9.26 55.03
N THR IA 42 -35.50 -40.66 28.02
CA THR IA 42 -34.08 -40.89 28.24
C THR IA 42 -33.26 -39.63 28.02
N TYR IA 43 -33.94 -38.50 27.82
CA TYR IA 43 -33.27 -37.22 27.72
C TYR IA 43 -34.20 -36.13 28.23
N LYS IA 44 -33.61 -35.01 28.63
CA LYS IA 44 -34.37 -33.88 29.15
C LYS IA 44 -33.92 -32.60 28.46
N TYR IA 45 -34.86 -31.68 28.29
CA TYR IA 45 -34.64 -30.45 27.53
C TYR IA 45 -34.14 -29.38 28.49
N VAL IA 46 -32.83 -29.35 28.71
CA VAL IA 46 -32.24 -28.36 29.60
C VAL IA 46 -32.25 -27.00 28.92
N ASN IA 47 -32.76 -25.98 29.64
CA ASN IA 47 -32.84 -24.59 29.18
C ASN IA 47 -33.69 -24.46 27.91
N LEU IA 48 -34.97 -24.78 28.06
CA LEU IA 48 -35.94 -24.54 27.00
C LEU IA 48 -37.25 -24.00 27.56
N ARG IA 49 -37.31 -23.73 28.87
CA ARG IA 49 -38.50 -23.19 29.51
C ARG IA 49 -38.82 -21.79 28.97
N GLU IA 50 -40.10 -21.56 28.67
CA GLU IA 50 -40.56 -20.29 28.12
C GLU IA 50 -41.03 -19.38 29.25
N PRO IA 51 -40.55 -18.14 29.31
CA PRO IA 51 -40.98 -17.22 30.37
C PRO IA 51 -42.43 -16.80 30.18
N SER IA 52 -43.02 -16.35 31.30
CA SER IA 52 -44.42 -15.96 31.34
C SER IA 52 -44.61 -14.56 30.75
N MET IA 53 -45.86 -14.11 30.74
CA MET IA 53 -46.23 -12.84 30.10
C MET IA 53 -47.14 -11.97 30.97
N ASP IA 54 -47.82 -12.54 31.96
CA ASP IA 54 -48.83 -11.82 32.74
C ASP IA 54 -48.22 -10.67 33.54
N MET IA 55 -49.09 -9.75 33.97
CA MET IA 55 -48.65 -8.47 34.53
C MET IA 55 -47.95 -8.64 35.86
N LYS IA 56 -48.40 -9.57 36.70
CA LYS IA 56 -47.77 -9.78 38.00
C LYS IA 56 -46.35 -10.34 37.84
N SER IA 57 -46.18 -11.33 36.95
CA SER IA 57 -44.85 -11.89 36.74
C SER IA 57 -43.92 -10.90 36.06
N VAL IA 58 -44.43 -10.09 35.13
CA VAL IA 58 -43.63 -9.06 34.49
C VAL IA 58 -43.22 -7.99 35.50
N THR IA 59 -44.13 -7.63 36.40
CA THR IA 59 -43.78 -6.69 37.47
C THR IA 59 -42.76 -7.29 38.43
N ASP IA 60 -42.86 -8.60 38.71
CA ASP IA 60 -41.87 -9.26 39.55
C ASP IA 60 -40.49 -9.26 38.89
N ARG IA 61 -40.44 -9.54 37.58
CA ARG IA 61 -39.17 -9.53 36.87
C ARG IA 61 -38.58 -8.13 36.79
N ALA IA 62 -39.44 -7.12 36.60
CA ALA IA 62 -38.96 -5.74 36.58
C ALA IA 62 -38.47 -5.30 37.95
N ALA IA 63 -39.12 -5.74 39.01
CA ALA IA 63 -38.65 -5.43 40.37
C ALA IA 63 -37.32 -6.11 40.65
N GLN IA 64 -37.16 -7.35 40.21
CA GLN IA 64 -35.89 -8.05 40.36
C GLN IA 64 -34.80 -7.35 39.55
N THR IA 65 -35.15 -6.82 38.37
CA THR IA 65 -34.19 -6.08 37.56
C THR IA 65 -33.76 -4.79 38.24
N LEU IA 66 -34.72 -4.02 38.76
CA LEU IA 66 -34.43 -2.70 39.32
C LEU IA 66 -33.90 -2.77 40.76
N LEU IA 67 -34.03 -3.92 41.43
CA LEU IA 67 -33.64 -4.02 42.84
C LEU IA 67 -32.63 -5.12 43.11
N TRP IA 68 -32.24 -5.91 42.11
CA TRP IA 68 -31.13 -6.87 42.16
C TRP IA 68 -31.34 -7.95 43.23
N THR IA 69 -32.37 -8.78 43.02
CA THR IA 69 -32.75 -9.77 44.02
C THR IA 69 -31.75 -10.94 44.08
N GLU IA 70 -31.36 -11.47 42.92
CA GLU IA 70 -30.48 -12.64 42.91
C GLU IA 70 -29.05 -12.29 43.32
N LEU IA 71 -28.64 -11.04 43.14
CA LEU IA 71 -27.37 -10.59 43.70
C LEU IA 71 -27.41 -10.63 45.22
N ILE IA 72 -28.56 -10.24 45.81
CA ILE IA 72 -28.76 -10.38 47.25
C ILE IA 72 -28.78 -11.86 47.66
N ARG IA 73 -29.31 -12.74 46.79
CA ARG IA 73 -29.28 -14.17 47.08
C ARG IA 73 -27.84 -14.70 47.14
N GLY IA 74 -27.00 -14.28 46.19
CA GLY IA 74 -25.60 -14.66 46.24
C GLY IA 74 -24.88 -14.11 47.46
N LEU IA 75 -25.19 -12.86 47.83
CA LEU IA 75 -24.64 -12.28 49.04
C LEU IA 75 -25.06 -13.07 50.27
N GLY IA 76 -26.32 -13.50 50.32
CA GLY IA 76 -26.80 -14.30 51.44
C GLY IA 76 -26.14 -15.67 51.50
N MET IA 77 -25.85 -16.26 50.35
CA MET IA 77 -25.13 -17.54 50.36
C MET IA 77 -23.70 -17.38 50.87
N THR IA 78 -23.02 -16.31 50.46
CA THR IA 78 -21.68 -16.06 51.02
C THR IA 78 -21.75 -15.79 52.52
N LEU IA 79 -22.78 -15.05 52.97
CA LEU IA 79 -22.94 -14.79 54.39
C LEU IA 79 -23.25 -16.07 55.16
N SER IA 80 -23.95 -17.00 54.55
CA SER IA 80 -24.16 -18.30 55.17
C SER IA 80 -22.86 -19.07 55.28
N TYR IA 81 -22.02 -19.02 54.24
CA TYR IA 81 -20.74 -19.71 54.29
C TYR IA 81 -19.76 -19.03 55.23
N LEU IA 82 -20.01 -17.78 55.62
CA LEU IA 82 -19.14 -17.11 56.58
C LEU IA 82 -19.27 -17.71 57.98
N PHE IA 83 -20.43 -18.25 58.32
CA PHE IA 83 -20.74 -18.68 59.67
C PHE IA 83 -20.67 -20.20 59.85
N ARG IA 84 -19.94 -20.89 58.98
CA ARG IA 84 -19.76 -22.33 59.12
C ARG IA 84 -18.39 -22.63 59.73
N GLU IA 85 -18.21 -23.88 60.15
CA GLU IA 85 -16.92 -24.33 60.64
C GLU IA 85 -15.99 -24.58 59.45
N PRO IA 86 -14.85 -23.91 59.37
CA PRO IA 86 -13.92 -24.17 58.27
C PRO IA 86 -13.31 -25.56 58.37
N ALA IA 87 -13.04 -26.15 57.22
CA ALA IA 87 -12.53 -27.52 57.13
C ALA IA 87 -11.02 -27.58 57.13
N THR IA 88 -10.35 -26.57 57.68
CA THR IA 88 -8.90 -26.49 57.66
C THR IA 88 -8.31 -27.19 58.88
N ILE IA 89 -7.42 -28.15 58.63
CA ILE IA 89 -6.70 -28.84 59.69
C ILE IA 89 -5.41 -28.08 59.99
N ASN IA 90 -4.90 -28.26 61.21
CA ASN IA 90 -3.75 -27.50 61.70
C ASN IA 90 -2.49 -28.33 61.52
N TYR IA 91 -1.95 -28.31 60.31
CA TYR IA 91 -0.69 -28.97 60.03
C TYR IA 91 0.46 -28.20 60.69
N PRO IA 92 1.50 -28.89 61.21
CA PRO IA 92 1.77 -30.33 61.26
C PRO IA 92 1.28 -31.02 62.52
N PHE IA 93 0.48 -30.33 63.33
CA PHE IA 93 -0.05 -30.94 64.54
C PHE IA 93 -1.30 -31.78 64.27
N GLU IA 94 -1.89 -31.66 63.09
CA GLU IA 94 -3.16 -32.30 62.77
C GLU IA 94 -3.05 -32.89 61.36
N LYS IA 95 -2.57 -34.12 61.28
CA LYS IA 95 -2.38 -34.76 60.00
C LYS IA 95 -3.71 -35.19 59.39
N GLY IA 96 -3.76 -35.17 58.06
CA GLY IA 96 -4.93 -35.62 57.34
C GLY IA 96 -5.12 -37.11 57.45
N PRO IA 97 -6.36 -37.57 57.33
CA PRO IA 97 -6.63 -39.01 57.41
C PRO IA 97 -6.04 -39.77 56.24
N LEU IA 98 -5.63 -41.00 56.50
CA LEU IA 98 -5.07 -41.87 55.47
C LEU IA 98 -5.69 -43.26 55.52
N SER IA 99 -5.10 -44.19 54.77
CA SER IA 99 -5.55 -45.57 54.69
C SER IA 99 -4.35 -46.50 54.92
N PRO IA 100 -4.59 -47.72 55.39
CA PRO IA 100 -3.47 -48.68 55.52
C PRO IA 100 -2.87 -49.11 54.20
N ARG IA 101 -3.55 -48.89 53.08
CA ARG IA 101 -3.05 -49.26 51.76
C ARG IA 101 -2.18 -48.17 51.13
N PHE IA 102 -1.79 -47.15 51.90
CA PHE IA 102 -1.14 -45.98 51.33
C PHE IA 102 0.24 -46.32 50.77
N ARG IA 103 0.58 -45.70 49.64
CA ARG IA 103 1.85 -45.92 48.95
C ARG IA 103 2.74 -44.72 49.16
N GLY IA 104 3.88 -44.92 49.81
CA GLY IA 104 4.83 -43.85 50.05
C GLY IA 104 6.26 -44.28 49.85
N GLU IA 105 7.11 -44.05 50.86
CA GLU IA 105 8.51 -44.42 50.76
C GLU IA 105 8.68 -45.94 50.75
N HIS IA 106 9.69 -46.40 50.02
CA HIS IA 106 9.95 -47.82 49.89
C HIS IA 106 10.84 -48.31 51.03
N ALA IA 107 10.71 -49.60 51.34
CA ALA IA 107 11.48 -50.20 52.42
C ALA IA 107 11.70 -51.68 52.14
N LEU IA 108 12.72 -52.23 52.76
CA LEU IA 108 13.04 -53.65 52.67
C LEU IA 108 12.78 -54.31 54.02
N ARG IA 109 11.99 -55.38 54.01
CA ARG IA 109 11.58 -56.04 55.24
C ARG IA 109 12.60 -57.09 55.67
N ARG IA 110 12.31 -57.76 56.78
CA ARG IA 110 13.11 -58.87 57.28
C ARG IA 110 12.18 -59.94 57.80
N TYR IA 111 12.68 -61.18 57.79
CA TYR IA 111 12.02 -62.25 58.50
C TYR IA 111 12.12 -62.00 60.00
N PRO IA 112 11.21 -62.57 60.83
CA PRO IA 112 11.28 -62.37 62.28
C PRO IA 112 12.38 -63.16 62.98
N SER IA 113 13.56 -63.22 62.34
CA SER IA 113 14.75 -63.78 62.94
C SER IA 113 15.99 -62.95 62.65
N GLY IA 114 15.88 -61.89 61.86
CA GLY IA 114 16.99 -61.05 61.47
C GLY IA 114 17.39 -61.19 60.02
N GLU IA 115 17.01 -62.28 59.36
CA GLU IA 115 17.38 -62.48 57.96
C GLU IA 115 16.54 -61.58 57.06
N GLU IA 116 17.21 -60.94 56.10
CA GLU IA 116 16.49 -60.12 55.12
C GLU IA 116 15.68 -61.01 54.18
N ARG IA 117 14.52 -60.51 53.79
CA ARG IA 117 13.54 -61.32 53.08
C ARG IA 117 13.89 -61.54 51.61
N CYS IA 118 14.59 -60.59 50.98
CA CYS IA 118 14.81 -60.66 49.54
C CYS IA 118 15.78 -61.78 49.17
N ILE IA 119 15.43 -62.54 48.15
CA ILE IA 119 16.28 -63.60 47.62
C ILE IA 119 16.69 -63.32 46.17
N ALA IA 120 16.65 -62.05 45.75
CA ALA IA 120 17.21 -61.57 44.48
C ALA IA 120 16.59 -62.28 43.28
N CYS IA 121 15.26 -62.32 43.25
CA CYS IA 121 14.56 -62.97 42.15
C CYS IA 121 14.31 -62.05 40.97
N LYS IA 122 14.54 -60.73 41.13
CA LYS IA 122 14.48 -59.74 40.06
C LYS IA 122 13.11 -59.65 39.39
N LEU IA 123 12.04 -59.96 40.14
CA LEU IA 123 10.70 -59.72 39.61
C LEU IA 123 10.33 -58.25 39.67
N CYS IA 124 10.76 -57.55 40.72
CA CYS IA 124 10.40 -56.15 40.89
C CYS IA 124 11.05 -55.27 39.83
N GLU IA 125 12.31 -55.53 39.50
CA GLU IA 125 12.94 -54.75 38.44
C GLU IA 125 12.47 -55.15 37.06
N ALA IA 126 11.88 -56.33 36.91
CA ALA IA 126 11.30 -56.72 35.64
C ALA IA 126 9.88 -56.21 35.47
N VAL IA 127 9.20 -55.86 36.57
CA VAL IA 127 7.84 -55.35 36.51
C VAL IA 127 7.77 -53.84 36.71
N CYS IA 128 8.88 -53.21 37.11
CA CYS IA 128 8.88 -51.77 37.34
C CYS IA 128 8.72 -51.04 36.01
N PRO IA 129 7.68 -50.23 35.84
CA PRO IA 129 7.43 -49.63 34.52
C PRO IA 129 8.40 -48.52 34.16
N ALA IA 130 8.95 -47.82 35.15
CA ALA IA 130 9.87 -46.73 34.90
C ALA IA 130 11.33 -47.14 35.03
N GLN IA 131 11.59 -48.44 35.22
CA GLN IA 131 12.94 -49.00 35.35
C GLN IA 131 13.73 -48.34 36.48
N ALA IA 132 13.06 -48.10 37.60
CA ALA IA 132 13.71 -47.45 38.73
C ALA IA 132 14.53 -48.41 39.58
N ILE IA 133 14.37 -49.72 39.40
CA ILE IA 133 15.01 -50.71 40.26
C ILE IA 133 16.18 -51.34 39.51
N THR IA 134 17.35 -51.35 40.14
CA THR IA 134 18.54 -52.01 39.63
C THR IA 134 19.01 -53.02 40.66
N ILE IA 135 19.14 -54.28 40.24
CA ILE IA 135 19.49 -55.39 41.13
C ILE IA 135 20.72 -56.09 40.57
N GLU IA 136 21.71 -56.32 41.43
CA GLU IA 136 22.86 -57.17 41.12
C GLU IA 136 23.08 -58.11 42.28
N ALA IA 137 23.28 -59.39 41.98
CA ALA IA 137 23.33 -60.43 43.00
C ALA IA 137 24.51 -61.37 42.77
N GLU IA 138 24.94 -62.00 43.85
CA GLU IA 138 25.98 -63.02 43.83
C GLU IA 138 25.81 -63.90 45.05
N PRO IA 139 26.28 -65.15 44.99
CA PRO IA 139 26.20 -66.02 46.18
C PRO IA 139 27.16 -65.56 47.26
N ARG IA 140 26.65 -65.39 48.47
CA ARG IA 140 27.44 -64.88 49.58
C ARG IA 140 28.16 -66.04 50.28
N ALA IA 141 28.66 -65.77 51.49
CA ALA IA 141 29.59 -66.70 52.16
C ALA IA 141 28.93 -68.02 52.50
N ASP IA 142 27.69 -68.02 52.98
CA ASP IA 142 27.00 -69.25 53.34
C ASP IA 142 26.19 -69.83 52.18
N GLY IA 143 26.45 -69.39 50.96
CA GLY IA 143 25.79 -69.97 49.81
C GLY IA 143 24.34 -69.58 49.63
N SER IA 144 23.93 -68.46 50.21
CA SER IA 144 22.55 -68.02 50.10
C SER IA 144 22.40 -66.99 49.00
N ARG IA 145 21.31 -67.11 48.24
CA ARG IA 145 21.04 -66.20 47.12
C ARG IA 145 20.61 -64.86 47.68
N ARG IA 146 21.55 -63.92 47.81
CA ARG IA 146 21.28 -62.61 48.38
C ARG IA 146 21.80 -61.52 47.45
N THR IA 147 21.23 -60.33 47.59
CA THR IA 147 21.60 -59.21 46.75
C THR IA 147 22.94 -58.63 47.14
N THR IA 148 23.59 -57.99 46.17
CA THR IA 148 24.75 -57.14 46.41
C THR IA 148 24.51 -55.69 46.10
N ARG IA 149 23.66 -55.38 45.11
CA ARG IA 149 23.25 -54.03 44.81
C ARG IA 149 21.74 -54.02 44.64
N TYR IA 150 21.06 -53.14 45.37
CA TYR IA 150 19.62 -52.94 45.23
C TYR IA 150 19.37 -51.44 45.26
N ASP IA 151 19.22 -50.83 44.09
CA ASP IA 151 19.08 -49.38 43.97
C ASP IA 151 17.70 -49.04 43.44
N ILE IA 152 17.02 -48.11 44.10
CA ILE IA 152 15.75 -47.58 43.65
C ILE IA 152 15.92 -46.08 43.46
N ASP IA 153 15.66 -45.60 42.24
CA ASP IA 153 15.71 -44.18 41.93
C ASP IA 153 14.35 -43.58 42.24
N MET IA 154 14.26 -42.81 43.32
CA MET IA 154 13.01 -42.23 43.75
C MET IA 154 12.51 -41.16 42.78
N THR IA 155 13.41 -40.55 42.01
CA THR IA 155 13.00 -39.59 40.99
C THR IA 155 12.52 -40.29 39.73
N LYS IA 156 12.84 -41.57 39.54
CA LYS IA 156 12.25 -42.35 38.46
C LYS IA 156 10.96 -43.04 38.90
N CYS IA 157 10.85 -43.37 40.18
CA CYS IA 157 9.73 -44.17 40.67
C CYS IA 157 8.43 -43.38 40.60
N ILE IA 158 7.36 -44.07 40.20
CA ILE IA 158 6.05 -43.46 40.05
C ILE IA 158 5.12 -43.81 41.20
N TYR IA 159 5.56 -44.65 42.14
CA TYR IA 159 4.84 -44.98 43.37
C TYR IA 159 3.50 -45.64 43.06
N CYS IA 160 3.55 -46.75 42.32
CA CYS IA 160 2.35 -47.48 41.94
C CYS IA 160 2.22 -48.84 42.59
N GLY IA 161 3.23 -49.30 43.32
CA GLY IA 161 3.10 -50.54 44.07
C GLY IA 161 3.14 -51.80 43.25
N PHE IA 162 3.73 -51.77 42.05
CA PHE IA 162 3.91 -53.00 41.29
C PHE IA 162 4.97 -53.89 41.94
N CYS IA 163 6.01 -53.29 42.51
CA CYS IA 163 7.07 -54.08 43.13
C CYS IA 163 6.59 -54.73 44.42
N GLN IA 164 5.76 -54.03 45.21
CA GLN IA 164 5.28 -54.60 46.46
C GLN IA 164 4.23 -55.67 46.24
N GLU IA 165 3.63 -55.73 45.05
CA GLU IA 165 2.65 -56.76 44.74
C GLU IA 165 3.21 -57.87 43.87
N ALA IA 166 4.36 -57.66 43.24
CA ALA IA 166 5.03 -58.72 42.50
C ALA IA 166 6.10 -59.42 43.31
N CYS IA 167 6.32 -59.02 44.56
CA CYS IA 167 7.33 -59.64 45.39
C CYS IA 167 6.80 -60.92 46.00
N PRO IA 168 7.39 -62.09 45.72
CA PRO IA 168 6.84 -63.35 46.22
C PRO IA 168 7.10 -63.61 47.70
N VAL IA 169 8.02 -62.88 48.33
CA VAL IA 169 8.39 -63.15 49.71
C VAL IA 169 8.15 -61.94 50.61
N ASP IA 170 7.37 -60.96 50.11
CA ASP IA 170 7.01 -59.74 50.85
C ASP IA 170 8.24 -58.96 51.32
N ALA IA 171 9.27 -58.92 50.47
CA ALA IA 171 10.52 -58.27 50.87
C ALA IA 171 10.42 -56.76 50.70
N ILE IA 172 10.24 -56.30 49.46
CA ILE IA 172 10.08 -54.87 49.21
C ILE IA 172 8.64 -54.48 49.54
N VAL IA 173 8.49 -53.36 50.23
CA VAL IA 173 7.17 -52.84 50.56
C VAL IA 173 7.18 -51.33 50.32
N GLU IA 174 5.99 -50.79 50.15
CA GLU IA 174 5.80 -49.35 50.04
C GLU IA 174 5.24 -48.87 51.38
N GLY IA 175 6.11 -48.28 52.19
CA GLY IA 175 5.73 -47.86 53.51
C GLY IA 175 4.83 -46.64 53.47
N PRO IA 176 4.27 -46.29 54.63
CA PRO IA 176 3.32 -45.18 54.69
C PRO IA 176 3.95 -43.79 54.82
N ASN IA 177 5.27 -43.69 54.93
CA ASN IA 177 5.92 -42.40 55.06
C ASN IA 177 5.83 -41.62 53.76
N PHE IA 178 5.51 -40.33 53.87
CA PHE IA 178 5.52 -39.44 52.73
C PHE IA 178 6.25 -38.13 53.01
N GLU IA 179 6.72 -37.92 54.24
CA GLU IA 179 7.46 -36.70 54.59
C GLU IA 179 8.95 -37.03 54.58
N PHE IA 180 9.50 -37.12 53.37
CA PHE IA 180 10.92 -37.43 53.20
C PHE IA 180 11.55 -36.60 52.09
N SER IA 181 11.05 -35.38 51.89
CA SER IA 181 11.60 -34.50 50.86
C SER IA 181 13.01 -34.06 51.23
N THR IA 182 13.90 -34.05 50.25
CA THR IA 182 15.30 -33.73 50.44
C THR IA 182 15.62 -32.39 49.78
N GLU IA 183 16.80 -31.87 50.12
CA GLU IA 183 17.29 -30.62 49.55
C GLU IA 183 18.25 -30.84 48.39
N THR IA 184 18.57 -32.09 48.06
CA THR IA 184 19.56 -32.39 47.05
C THR IA 184 19.04 -33.54 46.20
N HIS IA 185 19.41 -33.54 44.91
CA HIS IA 185 18.88 -34.53 43.98
C HIS IA 185 19.40 -35.94 44.27
N GLU IA 186 20.70 -36.06 44.60
CA GLU IA 186 21.27 -37.39 44.76
C GLU IA 186 20.82 -38.08 46.04
N GLU IA 187 20.24 -37.34 46.99
CA GLU IA 187 19.70 -37.97 48.18
C GLU IA 187 18.44 -38.78 47.90
N LEU IA 188 17.82 -38.59 46.74
CA LEU IA 188 16.68 -39.40 46.32
C LEU IA 188 17.11 -40.58 45.46
N LEU IA 189 18.34 -41.07 45.63
CA LEU IA 189 18.86 -42.22 44.90
C LEU IA 189 19.21 -43.26 45.96
N TYR IA 190 18.23 -44.08 46.32
CA TYR IA 190 18.36 -44.97 47.46
C TYR IA 190 19.13 -46.23 47.06
N ASN IA 191 20.16 -46.55 47.83
CA ASN IA 191 20.86 -47.82 47.66
C ASN IA 191 20.26 -48.85 48.61
N LYS IA 192 20.93 -50.00 48.76
CA LYS IA 192 20.40 -51.07 49.60
C LYS IA 192 20.45 -50.71 51.07
N GLU IA 193 21.50 -49.98 51.50
CA GLU IA 193 21.65 -49.65 52.90
C GLU IA 193 20.56 -48.70 53.38
N LYS IA 194 20.21 -47.71 52.56
CA LYS IA 194 19.14 -46.78 52.91
C LYS IA 194 17.79 -47.50 52.99
N LEU IA 195 17.53 -48.42 52.07
CA LEU IA 195 16.27 -49.16 52.09
C LEU IA 195 16.21 -50.08 53.31
N LEU IA 196 17.32 -50.72 53.66
CA LEU IA 196 17.33 -51.57 54.85
C LEU IA 196 17.15 -50.75 56.12
N ASN IA 197 17.77 -49.57 56.18
CA ASN IA 197 17.56 -48.68 57.33
C ASN IA 197 16.12 -48.20 57.41
N ASN IA 198 15.49 -47.91 56.27
CA ASN IA 198 14.09 -47.52 56.26
C ASN IA 198 13.19 -48.66 56.72
N GLY IA 199 13.52 -49.90 56.32
CA GLY IA 199 12.76 -51.04 56.79
C GLY IA 199 12.89 -51.24 58.29
N ASP IA 200 14.11 -51.11 58.82
CA ASP IA 200 14.29 -51.20 60.27
C ASP IA 200 13.64 -50.05 61.01
N LYS IA 201 13.51 -48.90 60.35
CA LYS IA 201 12.88 -47.74 60.98
C LYS IA 201 11.36 -47.86 61.01
N TRP IA 202 10.76 -48.42 59.97
CA TRP IA 202 9.30 -48.44 59.84
C TRP IA 202 8.72 -49.86 59.87
N GLU IA 203 9.47 -50.84 60.39
CA GLU IA 203 8.93 -52.20 60.49
C GLU IA 203 7.72 -52.28 61.41
N ALA IA 204 7.74 -51.52 62.51
CA ALA IA 204 6.66 -51.58 63.50
C ALA IA 204 5.33 -51.07 62.94
N GLU IA 205 5.36 -50.33 61.84
CA GLU IA 205 4.16 -49.88 61.13
C GLU IA 205 3.86 -50.72 59.90
N ILE IA 206 4.92 -51.15 59.19
CA ILE IA 206 4.74 -51.94 57.97
C ILE IA 206 4.13 -53.29 58.29
N ALA IA 207 4.57 -53.92 59.40
CA ALA IA 207 4.02 -55.22 59.79
C ALA IA 207 2.53 -55.10 60.12
N ALA IA 208 2.15 -54.03 60.82
CA ALA IA 208 0.74 -53.83 61.15
C ALA IA 208 -0.11 -53.56 59.91
N ASN IA 209 0.42 -52.76 58.97
CA ASN IA 209 -0.32 -52.49 57.74
C ASN IA 209 -0.49 -53.75 56.91
N ILE IA 210 0.55 -54.58 56.82
CA ILE IA 210 0.45 -55.83 56.08
C ILE IA 210 -0.52 -56.79 56.76
N GLN IA 211 -0.49 -56.84 58.09
CA GLN IA 211 -1.45 -57.67 58.82
C GLN IA 211 -2.88 -57.19 58.62
N ALA IA 212 -3.07 -55.88 58.43
CA ALA IA 212 -4.40 -55.36 58.17
C ALA IA 212 -4.87 -55.68 56.74
N ASP IA 213 -3.98 -55.57 55.77
CA ASP IA 213 -4.39 -55.59 54.36
C ASP IA 213 -4.04 -56.88 53.62
N TYR IA 214 -3.51 -57.89 54.31
CA TYR IA 214 -3.07 -59.09 53.60
C TYR IA 214 -4.20 -60.01 53.17
N LEU IA 215 -5.39 -59.85 53.75
CA LEU IA 215 -6.50 -60.73 53.38
C LEU IA 215 -7.22 -60.27 52.12
N TYR IA 216 -6.99 -59.05 51.66
CA TYR IA 216 -7.57 -58.59 50.40
C TYR IA 216 -6.74 -59.00 49.20
N ARG IA 217 -5.53 -59.50 49.40
CA ARG IA 217 -4.65 -59.89 48.31
C ARG IA 217 -4.75 -61.38 48.00
N PRO JA 1 0.44 -150.06 42.92
CA PRO JA 1 -0.72 -149.53 43.65
C PRO JA 1 -0.96 -148.05 43.37
N PHE JA 2 -2.15 -147.72 42.88
CA PHE JA 2 -2.50 -146.34 42.58
C PHE JA 2 -2.76 -145.59 43.88
N ASP JA 3 -1.84 -144.71 44.26
CA ASP JA 3 -1.94 -143.94 45.50
C ASP JA 3 -2.33 -142.51 45.15
N ASN JA 4 -3.48 -142.07 45.65
CA ASN JA 4 -3.99 -140.72 45.41
C ASN JA 4 -4.03 -139.89 46.68
N THR JA 5 -3.21 -140.25 47.68
CA THR JA 5 -3.26 -139.59 48.97
C THR JA 5 -1.90 -139.12 49.47
N THR JA 6 -0.82 -139.31 48.71
CA THR JA 6 0.52 -138.92 49.11
C THR JA 6 1.05 -137.86 48.16
N TYR JA 7 1.56 -136.77 48.72
CA TYR JA 7 2.15 -135.71 47.91
C TYR JA 7 3.50 -136.16 47.37
N LYS JA 8 3.62 -136.25 46.05
CA LYS JA 8 4.81 -136.80 45.42
C LYS JA 8 5.91 -135.76 45.23
N ASN JA 9 5.63 -134.48 45.43
CA ASN JA 9 6.65 -133.44 45.28
C ASN JA 9 7.37 -133.29 46.63
N LEU JA 10 8.24 -134.26 46.90
CA LEU JA 10 8.97 -134.31 48.16
C LEU JA 10 10.46 -134.03 48.01
N GLN JA 11 10.94 -133.83 46.77
CA GLN JA 11 12.37 -133.61 46.57
C GLN JA 11 12.79 -132.22 47.02
N HIS JA 12 11.89 -131.24 46.96
CA HIS JA 12 12.26 -129.85 47.21
C HIS JA 12 12.58 -129.56 48.68
N HIS JA 13 12.32 -130.51 49.58
CA HIS JA 13 12.80 -130.38 50.95
C HIS JA 13 14.32 -130.52 51.05
N ASP JA 14 14.95 -131.14 50.06
CA ASP JA 14 16.38 -131.41 50.11
C ASP JA 14 17.23 -130.41 49.33
N TYR JA 15 16.62 -129.36 48.77
CA TYR JA 15 17.35 -128.42 47.94
C TYR JA 15 18.14 -127.43 48.80
N SER JA 16 19.37 -127.15 48.36
CA SER JA 16 20.25 -126.22 49.04
C SER JA 16 20.22 -124.88 48.30
N THR JA 17 21.09 -123.96 48.71
CA THR JA 17 21.16 -122.65 48.09
C THR JA 17 21.93 -122.64 46.78
N TYR JA 18 22.68 -123.71 46.47
CA TYR JA 18 23.44 -123.80 45.24
C TYR JA 18 22.89 -124.87 44.31
N THR JA 19 21.62 -125.26 44.47
CA THR JA 19 21.07 -126.34 43.66
C THR JA 19 20.81 -125.90 42.22
N PHE JA 20 20.22 -124.71 42.04
CA PHE JA 20 19.88 -124.22 40.71
C PHE JA 20 21.12 -123.97 39.86
N LEU JA 21 22.14 -123.33 40.45
CA LEU JA 21 23.35 -123.02 39.71
C LEU JA 21 24.14 -124.28 39.38
N ASP JA 22 24.16 -125.25 40.28
CA ASP JA 22 24.84 -126.50 40.00
C ASP JA 22 24.10 -127.30 38.93
N LEU JA 23 22.76 -127.24 38.93
CA LEU JA 23 22.00 -127.89 37.88
C LEU JA 23 22.27 -127.24 36.53
N ASN JA 24 22.38 -125.91 36.49
CA ASN JA 24 22.71 -125.21 35.25
C ASN JA 24 24.12 -125.58 34.78
N LEU JA 25 25.07 -125.67 35.72
CA LEU JA 25 26.44 -126.03 35.37
C LEU JA 25 26.53 -127.46 34.85
N ASP JA 26 25.75 -128.38 35.42
CA ASP JA 26 25.74 -129.74 34.92
C ASP JA 26 25.02 -129.85 33.58
N LEU JA 27 23.99 -129.03 33.36
CA LEU JA 27 23.29 -129.01 32.08
C LEU JA 27 24.07 -128.33 30.97
N SER JA 28 25.06 -127.49 31.32
CA SER JA 28 25.77 -126.68 30.34
C SER JA 28 26.61 -127.49 29.36
N LYS JA 29 26.86 -128.78 29.61
CA LYS JA 29 27.62 -129.59 28.69
C LYS JA 29 26.77 -130.22 27.58
N PHE JA 30 25.46 -129.97 27.59
CA PHE JA 30 24.55 -130.52 26.58
C PHE JA 30 24.02 -129.46 25.63
N ARG JA 31 24.52 -128.23 25.71
CA ARG JA 31 23.90 -127.09 25.03
C ARG JA 31 24.54 -126.82 23.68
N MET JA 32 23.77 -126.16 22.81
CA MET JA 32 24.24 -125.78 21.50
C MET JA 32 25.27 -124.65 21.61
N PRO JA 33 26.14 -124.51 20.60
CA PRO JA 33 26.97 -123.30 20.53
C PRO JA 33 26.11 -122.08 20.25
N GLN JA 34 26.31 -121.04 21.05
CA GLN JA 34 25.50 -119.83 20.95
C GLN JA 34 25.88 -119.04 19.70
N PRO JA 35 24.89 -118.42 19.05
CA PRO JA 35 25.20 -117.53 17.92
C PRO JA 35 25.92 -116.27 18.37
N SER JA 36 26.73 -115.73 17.48
CA SER JA 36 27.54 -114.56 17.76
C SER JA 36 27.07 -113.37 16.94
N SER JA 37 27.17 -112.19 17.52
CA SER JA 37 26.80 -110.96 16.82
C SER JA 37 27.94 -110.40 15.99
N GLY JA 38 29.11 -111.02 16.00
CA GLY JA 38 30.26 -110.51 15.29
C GLY JA 38 31.10 -109.51 16.06
N ARG JA 39 30.80 -109.28 17.33
CA ARG JA 39 31.59 -108.39 18.16
C ARG JA 39 31.53 -108.87 19.59
N GLU JA 40 32.53 -108.45 20.38
CA GLU JA 40 32.60 -108.88 21.78
C GLU JA 40 31.54 -108.16 22.61
N SER JA 41 31.40 -106.86 22.43
CA SER JA 41 30.47 -106.06 23.21
C SER JA 41 29.83 -105.03 22.30
N PRO JA 42 28.64 -104.52 22.66
CA PRO JA 42 28.08 -103.37 21.93
C PRO JA 42 28.94 -102.12 22.03
N ARG JA 43 29.76 -101.99 23.05
CA ARG JA 43 30.68 -100.87 23.19
C ARG JA 43 32.01 -101.12 22.50
N HIS JA 44 32.21 -102.28 21.90
CA HIS JA 44 33.44 -102.60 21.19
C HIS JA 44 33.44 -102.02 19.78
N GLY KA 1 28.29 -56.58 63.37
CA GLY KA 1 29.69 -56.91 63.15
C GLY KA 1 30.29 -56.17 61.98
N VAL KA 2 30.42 -54.86 62.11
CA VAL KA 2 30.96 -54.01 61.05
C VAL KA 2 32.42 -53.73 61.36
N ARG KA 3 33.31 -54.15 60.47
CA ARG KA 3 34.72 -53.86 60.61
C ARG KA 3 35.04 -52.47 60.05
N THR KA 4 36.17 -51.93 60.47
CA THR KA 4 36.59 -50.59 60.08
C THR KA 4 37.83 -50.68 59.19
N SER KA 5 37.77 -50.01 58.04
CA SER KA 5 38.89 -49.94 57.13
C SER KA 5 40.02 -49.10 57.76
N PRO KA 6 41.26 -49.30 57.33
CA PRO KA 6 42.37 -48.47 57.84
C PRO KA 6 42.22 -46.99 57.55
N THR KA 7 41.44 -46.60 56.53
CA THR KA 7 41.14 -45.20 56.30
C THR KA 7 40.10 -44.65 57.28
N GLY KA 8 39.48 -45.51 58.09
CA GLY KA 8 38.41 -45.12 58.98
C GLY KA 8 37.02 -45.37 58.45
N GLU KA 9 36.89 -45.70 57.17
CA GLU KA 9 35.59 -45.97 56.58
C GLU KA 9 35.04 -47.31 57.07
N LYS KA 10 33.72 -47.41 57.11
CA LYS KA 10 33.05 -48.65 57.50
C LYS KA 10 32.83 -49.54 56.29
N VAL KA 11 32.77 -50.85 56.54
CA VAL KA 11 32.61 -51.85 55.49
C VAL KA 11 31.22 -52.44 55.59
N THR KA 12 30.50 -52.44 54.46
CA THR KA 12 29.14 -52.95 54.42
C THR KA 12 29.13 -54.47 54.45
N HIS KA 13 27.92 -55.04 54.54
CA HIS KA 13 27.78 -56.49 54.53
C HIS KA 13 28.13 -57.09 53.18
N THR KA 14 28.02 -56.30 52.11
CA THR KA 14 28.50 -56.74 50.80
C THR KA 14 30.01 -56.83 50.77
N GLY KA 15 30.69 -55.98 51.54
CA GLY KA 15 32.13 -55.88 51.49
C GLY KA 15 32.64 -54.67 50.75
N GLN KA 16 31.77 -53.74 50.37
CA GLN KA 16 32.19 -52.56 49.63
C GLN KA 16 32.89 -51.58 50.55
N VAL KA 17 34.07 -51.11 50.12
CA VAL KA 17 34.81 -50.08 50.82
C VAL KA 17 35.68 -49.35 49.81
N TYR KA 18 35.66 -48.02 49.84
CA TYR KA 18 36.48 -47.24 48.93
C TYR KA 18 37.95 -47.35 49.31
N ASP KA 19 38.81 -47.35 48.29
CA ASP KA 19 40.24 -47.51 48.53
C ASP KA 19 40.83 -46.22 49.09
N ASP KA 20 42.10 -46.31 49.50
CA ASP KA 20 42.80 -45.14 50.03
C ASP KA 20 43.00 -44.08 48.95
N GLU KA 21 43.30 -44.50 47.73
CA GLU KA 21 43.54 -43.58 46.62
C GLU KA 21 42.29 -43.26 45.81
N ASP KA 22 41.13 -43.78 46.21
CA ASP KA 22 39.90 -43.51 45.49
C ASP KA 22 39.39 -42.10 45.80
N TYR KA 23 39.17 -41.31 44.76
CA TYR KA 23 38.76 -39.92 44.94
C TYR KA 23 37.33 -39.79 45.44
N ARG KA 24 36.48 -40.80 45.20
CA ARG KA 24 35.05 -40.70 45.46
C ARG KA 24 34.72 -40.53 46.94
N ARG KA 25 35.69 -40.74 47.83
CA ARG KA 25 35.52 -40.42 49.25
C ARG KA 25 35.29 -38.94 49.51
N VAL KA 26 35.48 -38.06 48.51
CA VAL KA 26 35.06 -36.67 48.64
C VAL KA 26 33.55 -36.56 48.86
N ARG KA 27 32.78 -37.57 48.45
CA ARG KA 27 31.36 -37.54 48.74
C ARG KA 27 31.05 -37.77 50.22
N PHE KA 28 32.02 -38.25 51.00
CA PHE KA 28 31.77 -38.58 52.40
C PHE KA 28 32.37 -37.58 53.38
N VAL KA 29 33.28 -36.71 52.93
CA VAL KA 29 33.89 -35.75 53.83
C VAL KA 29 32.91 -34.65 54.15
N GLY KA 30 32.74 -34.35 55.44
CA GLY KA 30 31.73 -33.42 55.89
C GLY KA 30 30.35 -34.03 56.04
N ARG KA 31 30.19 -35.32 55.74
CA ARG KA 31 28.93 -36.02 55.83
C ARG KA 31 29.19 -37.40 56.41
N GLN KA 32 28.21 -38.29 56.29
CA GLN KA 32 28.32 -39.63 56.84
C GLN KA 32 28.05 -40.66 55.75
N LYS KA 33 28.64 -41.84 55.92
CA LYS KA 33 28.35 -42.97 55.06
C LYS KA 33 27.30 -43.84 55.72
N GLU KA 34 26.19 -44.06 55.02
CA GLU KA 34 25.06 -44.79 55.59
C GLU KA 34 25.27 -46.28 55.39
N VAL KA 35 25.50 -46.99 56.50
CA VAL KA 35 25.61 -48.45 56.49
C VAL KA 35 24.68 -48.99 57.57
N ASN KA 36 24.32 -50.26 57.42
CA ASN KA 36 23.44 -50.93 58.36
C ASN KA 36 24.24 -51.86 59.25
N GLU KA 37 24.05 -51.73 60.56
CA GLU KA 37 24.82 -52.50 61.54
C GLU KA 37 24.17 -53.83 61.89
N ASN KA 38 23.04 -54.16 61.29
CA ASN KA 38 22.36 -55.44 61.52
C ASN KA 38 22.65 -56.34 60.33
N PHE KA 39 23.73 -57.11 60.43
CA PHE KA 39 24.14 -58.00 59.35
C PHE KA 39 23.24 -59.24 59.34
N ALA KA 40 22.76 -59.60 58.15
CA ALA KA 40 21.82 -60.71 58.06
C ALA KA 40 22.49 -62.05 58.28
N ILE KA 41 23.76 -62.20 57.87
CA ILE KA 41 24.46 -63.47 58.01
C ILE KA 41 24.72 -63.77 59.49
N ASP KA 42 25.15 -62.76 60.25
CA ASP KA 42 25.40 -62.98 61.68
C ASP KA 42 24.12 -63.23 62.45
N LEU KA 43 23.01 -62.58 62.05
CA LEU KA 43 21.75 -62.79 62.74
C LEU KA 43 21.13 -64.14 62.39
N ILE KA 44 21.31 -64.62 61.15
CA ILE KA 44 20.81 -65.94 60.81
C ILE KA 44 21.72 -67.04 61.31
N ALA KA 45 22.98 -66.73 61.64
CA ALA KA 45 23.85 -67.72 62.24
C ALA KA 45 23.53 -67.97 63.71
N GLU KA 46 22.79 -67.07 64.35
CA GLU KA 46 22.40 -67.23 65.74
C GLU KA 46 21.13 -68.06 65.91
N GLN KA 47 20.42 -68.35 64.83
CA GLN KA 47 19.21 -69.15 64.93
C GLN KA 47 19.57 -70.61 65.21
N PRO KA 48 19.00 -71.22 66.25
CA PRO KA 48 19.33 -72.62 66.54
C PRO KA 48 18.76 -73.56 65.49
N VAL KA 49 19.42 -74.70 65.33
CA VAL KA 49 18.96 -75.73 64.41
C VAL KA 49 17.83 -76.51 65.07
N SER KA 50 16.73 -76.68 64.34
CA SER KA 50 15.54 -77.31 64.88
C SER KA 50 15.60 -78.81 64.64
N GLN KA 51 15.46 -79.58 65.72
CA GLN KA 51 15.44 -81.03 65.62
C GLN KA 51 14.01 -81.49 65.37
N VAL KA 52 13.82 -82.30 64.33
CA VAL KA 52 12.51 -82.83 63.98
C VAL KA 52 12.65 -84.33 63.75
N GLY KA 53 11.54 -85.05 63.89
CA GLY KA 53 11.56 -86.50 63.78
C GLY KA 53 10.95 -87.03 62.50
N SER KA 54 11.22 -86.37 61.38
CA SER KA 54 10.68 -86.78 60.08
C SER KA 54 11.80 -86.79 59.05
N ARG KA 55 11.59 -87.60 58.00
CA ARG KA 55 12.56 -87.66 56.92
C ARG KA 55 12.58 -86.39 56.10
N VAL KA 56 11.40 -85.85 55.77
CA VAL KA 56 11.27 -84.58 55.07
C VAL KA 56 10.55 -83.61 55.98
N ILE KA 57 10.75 -82.32 55.72
CA ILE KA 57 10.10 -81.27 56.49
C ILE KA 57 9.56 -80.22 55.52
N SER KA 58 8.56 -79.48 55.97
CA SER KA 58 7.95 -78.42 55.18
C SER KA 58 8.19 -77.09 55.87
N CYS KA 59 8.68 -76.11 55.11
CA CYS KA 59 8.99 -74.79 55.64
C CYS KA 59 8.23 -73.74 54.85
N ASP KA 60 7.60 -72.81 55.57
CA ASP KA 60 6.94 -71.66 54.96
C ASP KA 60 7.43 -70.33 55.53
N GLY KA 61 8.36 -70.36 56.48
CA GLY KA 61 8.91 -69.16 57.05
C GLY KA 61 8.15 -68.60 58.24
N GLY KA 62 6.98 -69.14 58.54
CA GLY KA 62 6.19 -68.63 59.64
C GLY KA 62 5.22 -67.55 59.19
N GLY KA 63 4.07 -67.51 59.87
CA GLY KA 63 3.05 -66.53 59.57
C GLY KA 63 2.08 -66.94 58.47
N GLY KA 64 2.31 -68.07 57.81
CA GLY KA 64 1.42 -68.52 56.77
C GLY KA 64 1.57 -67.75 55.47
N ALA KA 65 0.57 -66.93 55.14
CA ALA KA 65 0.60 -66.15 53.91
C ALA KA 65 1.56 -64.97 53.98
N LEU KA 66 2.10 -64.66 55.15
CA LEU KA 66 3.05 -63.56 55.31
C LEU KA 66 4.49 -64.00 55.13
N GLY KA 67 4.74 -65.28 54.84
CA GLY KA 67 6.07 -65.79 54.65
C GLY KA 67 6.39 -66.05 53.20
N HIS KA 68 7.40 -66.89 52.99
CA HIS KA 68 7.83 -67.29 51.65
C HIS KA 68 6.97 -68.45 51.17
N PRO KA 69 7.05 -68.80 49.88
CA PRO KA 69 6.38 -70.02 49.41
C PRO KA 69 6.89 -71.27 50.14
N ARG KA 70 5.95 -72.19 50.38
CA ARG KA 70 6.26 -73.40 51.15
C ARG KA 70 7.10 -74.35 50.33
N VAL KA 71 8.19 -74.83 50.92
CA VAL KA 71 9.10 -75.76 50.26
C VAL KA 71 9.31 -76.97 51.16
N TYR KA 72 9.85 -78.04 50.56
CA TYR KA 72 10.10 -79.28 51.26
C TYR KA 72 11.60 -79.56 51.27
N ILE KA 73 12.12 -79.87 52.46
CA ILE KA 73 13.55 -80.07 52.68
C ILE KA 73 13.78 -81.51 53.10
N ASN KA 74 14.71 -82.18 52.44
CA ASN KA 74 15.11 -83.54 52.79
C ASN KA 74 16.23 -83.50 53.81
N LEU KA 75 16.16 -84.41 54.78
CA LEU KA 75 17.14 -84.49 55.87
C LEU KA 75 17.74 -85.88 55.94
N ASP KA 76 18.02 -86.49 54.78
CA ASP KA 76 18.58 -87.82 54.77
C ASP KA 76 20.05 -87.81 55.19
N LYS KA 77 20.81 -86.80 54.75
CA LYS KA 77 22.20 -86.69 55.16
C LYS KA 77 22.28 -86.25 56.61
N GLU KA 78 23.07 -86.99 57.40
CA GLU KA 78 23.24 -86.68 58.82
C GLU KA 78 24.45 -85.82 59.12
N THR KA 79 25.37 -85.67 58.16
CA THR KA 79 26.56 -84.86 58.39
C THR KA 79 26.26 -83.38 58.33
N LYS KA 80 25.33 -82.97 57.47
CA LYS KA 80 24.96 -81.57 57.31
C LYS KA 80 23.47 -81.39 57.54
N THR KA 81 23.08 -80.18 57.91
CA THR KA 81 21.69 -79.84 58.18
C THR KA 81 21.04 -79.24 56.95
N GLY KA 82 19.81 -79.68 56.67
CA GLY KA 82 19.06 -79.14 55.55
C GLY KA 82 18.60 -77.73 55.84
N THR KA 83 18.87 -76.81 54.92
CA THR KA 83 18.60 -75.40 55.10
C THR KA 83 17.50 -74.95 54.13
N CYS KA 84 16.60 -74.11 54.61
CA CYS KA 84 15.58 -73.54 53.76
C CYS KA 84 16.20 -72.59 52.74
N GLY KA 85 15.67 -72.63 51.52
CA GLY KA 85 16.20 -71.78 50.46
C GLY KA 85 15.93 -70.31 50.67
N TYR KA 86 14.77 -69.98 51.23
CA TYR KA 86 14.39 -68.58 51.40
C TYR KA 86 14.78 -68.05 52.78
N CYS KA 87 14.25 -68.64 53.85
CA CYS KA 87 14.41 -68.11 55.19
C CYS KA 87 15.79 -68.37 55.78
N GLY KA 88 16.48 -69.41 55.33
CA GLY KA 88 17.77 -69.75 55.88
C GLY KA 88 17.74 -70.56 57.16
N LEU KA 89 16.56 -70.92 57.64
CA LEU KA 89 16.45 -71.77 58.83
C LEU KA 89 16.89 -73.19 58.49
N GLN KA 90 17.63 -73.81 59.42
CA GLN KA 90 18.19 -75.13 59.21
C GLN KA 90 17.53 -76.14 60.14
N PHE KA 91 17.20 -77.31 59.60
CA PHE KA 91 16.55 -78.37 60.35
C PHE KA 91 17.42 -79.63 60.33
N ARG KA 92 17.19 -80.50 61.30
CA ARG KA 92 17.98 -81.72 61.43
C ARG KA 92 17.11 -82.84 61.95
N GLN KA 93 17.23 -84.02 61.33
CA GLN KA 93 16.62 -85.22 61.88
C GLN KA 93 17.37 -85.65 63.13
N GLN KA 94 16.64 -85.91 64.21
CA GLN KA 94 17.25 -86.17 65.50
C GLN KA 94 17.81 -87.59 65.62
N HIS KA 95 17.54 -88.46 64.66
CA HIS KA 95 18.05 -89.83 64.71
C HIS KA 95 19.53 -89.90 64.34
N THR LA 1 -0.95 -37.80 -17.19
CA THR LA 1 -0.49 -39.10 -16.74
C THR LA 1 -0.13 -39.06 -15.26
N GLN LA 2 0.16 -37.83 -14.77
CA GLN LA 2 0.52 -37.51 -13.38
C GLN LA 2 1.57 -38.45 -12.78
N LEU LA 3 2.46 -38.98 -13.62
CA LEU LA 3 3.53 -39.85 -13.17
C LEU LA 3 4.84 -39.43 -13.83
N ILE LA 4 5.93 -39.58 -13.10
CA ILE LA 4 7.26 -39.25 -13.60
C ILE LA 4 8.11 -40.51 -13.58
N THR LA 5 9.25 -40.45 -14.25
CA THR LA 5 10.19 -41.55 -14.32
C THR LA 5 11.40 -41.22 -13.45
N VAL LA 6 11.66 -42.04 -12.45
CA VAL LA 6 12.80 -41.88 -11.56
C VAL LA 6 13.64 -43.15 -11.66
N ASP LA 7 14.91 -42.99 -12.02
CA ASP LA 7 15.81 -44.11 -12.24
C ASP LA 7 16.90 -44.23 -11.19
N GLU LA 8 17.09 -43.22 -10.35
CA GLU LA 8 18.15 -43.26 -9.37
C GLU LA 8 17.77 -44.12 -8.17
N LYS LA 9 18.79 -44.52 -7.42
CA LYS LA 9 18.58 -45.32 -6.22
C LYS LA 9 17.91 -44.49 -5.13
N LEU LA 10 17.27 -45.18 -4.20
CA LEU LA 10 16.58 -44.52 -3.10
C LEU LA 10 17.59 -43.97 -2.10
N ASP LA 11 17.26 -42.81 -1.52
CA ASP LA 11 18.17 -42.15 -0.59
C ASP LA 11 17.28 -41.32 0.33
N ILE LA 12 17.12 -41.77 1.57
CA ILE LA 12 16.38 -41.02 2.58
C ILE LA 12 17.35 -40.70 3.71
N THR LA 13 18.63 -40.53 3.37
CA THR LA 13 19.62 -40.23 4.39
C THR LA 13 19.53 -38.78 4.86
N THR LA 14 19.07 -37.88 3.98
CA THR LA 14 18.96 -36.47 4.31
C THR LA 14 17.62 -36.08 4.89
N LEU LA 15 16.68 -37.02 4.99
CA LEU LA 15 15.35 -36.74 5.52
C LEU LA 15 15.09 -37.34 6.89
N THR LA 16 15.88 -38.34 7.30
CA THR LA 16 15.63 -39.04 8.56
C THR LA 16 16.13 -38.27 9.78
N GLY LA 17 16.95 -37.24 9.60
CA GLY LA 17 17.43 -36.45 10.70
C GLY LA 17 18.56 -37.05 11.50
N VAL LA 18 19.07 -38.21 11.09
CA VAL LA 18 20.19 -38.84 11.79
C VAL LA 18 21.46 -38.07 11.48
N PRO LA 19 22.31 -37.78 12.47
CA PRO LA 19 23.61 -37.18 12.18
C PRO LA 19 24.50 -38.15 11.42
N GLU LA 20 25.47 -37.57 10.70
CA GLU LA 20 26.30 -38.37 9.80
C GLU LA 20 27.23 -39.32 10.56
N GLU LA 21 27.57 -38.99 11.82
CA GLU LA 21 28.45 -39.83 12.62
C GLU LA 21 27.82 -41.21 12.85
N HIS LA 22 26.50 -41.24 13.06
CA HIS LA 22 25.77 -42.48 13.18
C HIS LA 22 25.20 -42.97 11.85
N ILE LA 23 25.82 -42.59 10.73
CA ILE LA 23 25.47 -43.10 9.42
C ILE LA 23 26.67 -43.75 8.74
N LYS LA 24 27.80 -43.04 8.72
CA LYS LA 24 28.99 -43.51 8.02
C LYS LA 24 29.91 -44.36 8.88
N THR LA 25 29.67 -44.45 10.19
CA THR LA 25 30.51 -45.25 11.07
C THR LA 25 29.80 -46.46 11.64
N ARG LA 26 28.50 -46.60 11.41
CA ARG LA 26 27.75 -47.74 11.92
C ARG LA 26 27.80 -48.89 10.95
N LYS LA 27 27.70 -50.12 11.48
CA LYS LA 27 27.71 -51.33 10.68
C LYS LA 27 26.56 -52.23 11.17
N ALA LA 28 25.46 -52.22 10.43
CA ALA LA 28 24.30 -53.02 10.79
C ALA LA 28 24.54 -54.49 10.47
N ARG LA 29 23.84 -55.36 11.19
CA ARG LA 29 23.92 -56.79 11.01
C ARG LA 29 22.51 -57.32 10.80
N ILE LA 30 22.30 -58.03 9.69
CA ILE LA 30 21.02 -58.62 9.35
C ILE LA 30 21.16 -60.13 9.51
N PHE LA 31 20.33 -60.72 10.37
CA PHE LA 31 20.53 -62.12 10.71
C PHE LA 31 19.23 -62.70 11.26
N VAL LA 32 19.10 -64.01 11.12
CA VAL LA 32 18.08 -64.75 11.86
C VAL LA 32 18.67 -65.04 13.25
N PRO LA 33 18.01 -64.66 14.33
CA PRO LA 33 18.60 -64.83 15.65
C PRO LA 33 18.77 -66.29 16.04
N ALA LA 34 19.82 -66.55 16.81
CA ALA LA 34 20.14 -67.91 17.22
C ALA LA 34 19.18 -68.38 18.31
N ARG LA 35 18.81 -69.65 18.23
CA ARG LA 35 17.92 -70.24 19.23
C ARG LA 35 18.64 -70.37 20.57
N ASN LA 36 17.93 -70.04 21.64
CA ASN LA 36 18.46 -70.21 22.98
C ASN LA 36 18.58 -71.71 23.29
N ASN LA 37 19.79 -72.16 23.62
CA ASN LA 37 20.00 -73.58 23.82
C ASN LA 37 19.49 -74.09 25.16
N MET LA 38 19.23 -73.20 26.11
CA MET LA 38 18.66 -73.62 27.39
C MET LA 38 17.21 -74.06 27.22
N GLN LA 39 16.53 -73.56 26.20
CA GLN LA 39 15.15 -73.91 25.90
C GLN LA 39 15.11 -74.80 24.66
N SER LA 40 13.89 -75.12 24.23
CA SER LA 40 13.69 -75.98 23.07
C SER LA 40 12.75 -75.39 22.04
N GLY LA 41 12.14 -74.23 22.30
CA GLY LA 41 11.25 -73.62 21.35
C GLY LA 41 11.99 -72.96 20.21
N VAL LA 42 11.34 -72.93 19.05
CA VAL LA 42 11.93 -72.40 17.84
C VAL LA 42 11.13 -71.22 17.28
N ASN LA 43 10.27 -70.62 18.09
CA ASN LA 43 9.45 -69.51 17.60
C ASN LA 43 10.20 -68.19 17.56
N ASN LA 44 11.35 -68.08 18.22
CA ASN LA 44 12.14 -66.86 18.19
C ASN LA 44 13.07 -66.79 16.99
N THR LA 45 13.14 -67.84 16.19
CA THR LA 45 14.00 -67.91 15.01
C THR LA 45 13.20 -67.89 13.72
N LYS LA 46 12.14 -67.09 13.68
CA LYS LA 46 11.24 -67.04 12.53
C LYS LA 46 11.45 -65.81 11.66
N LYS LA 47 11.76 -64.66 12.26
CA LYS LA 47 11.84 -63.39 11.54
C LYS LA 47 13.26 -62.86 11.56
N TRP LA 48 13.69 -62.29 10.45
CA TRP LA 48 14.99 -61.66 10.36
C TRP LA 48 15.04 -60.42 11.23
N LYS LA 49 16.23 -60.12 11.75
CA LYS LA 49 16.43 -58.97 12.61
C LYS LA 49 17.61 -58.15 12.10
N MET LA 50 17.50 -56.84 12.25
CA MET LA 50 18.58 -55.90 12.02
C MET LA 50 19.02 -55.32 13.35
N GLU LA 51 20.31 -55.44 13.65
CA GLU LA 51 20.91 -55.00 14.90
C GLU LA 51 22.11 -54.12 14.55
N PHE LA 52 22.59 -53.36 15.52
CA PHE LA 52 23.74 -52.50 15.33
C PHE LA 52 24.89 -52.93 16.22
N ASP LA 53 26.10 -52.49 15.86
CA ASP LA 53 27.28 -52.83 16.62
C ASP LA 53 27.26 -52.16 17.99
N THR LA 54 27.90 -52.82 18.96
CA THR LA 54 27.91 -52.34 20.34
C THR LA 54 29.01 -51.32 20.54
N ARG LA 55 28.66 -50.16 21.07
CA ARG LA 55 29.60 -49.09 21.36
C ARG LA 55 30.01 -49.13 22.83
N GLU LA 56 30.69 -48.09 23.27
CA GLU LA 56 31.25 -48.06 24.62
C GLU LA 56 30.17 -47.82 25.66
N ARG LA 57 30.15 -48.64 26.71
CA ARG LA 57 29.33 -48.43 27.89
C ARG LA 57 30.24 -48.40 29.10
N TRP LA 58 30.18 -47.32 29.86
CA TRP LA 58 31.08 -47.15 31.00
C TRP LA 58 30.27 -47.09 32.29
N GLU LA 59 30.98 -46.90 33.40
CA GLU LA 59 30.39 -46.94 34.72
C GLU LA 59 30.17 -45.53 35.25
N ASN LA 60 29.02 -45.32 35.87
CA ASN LA 60 28.71 -44.01 36.44
C ASN LA 60 29.60 -43.73 37.64
N PRO LA 61 30.12 -42.51 37.78
CA PRO LA 61 30.90 -42.19 38.98
C PRO LA 61 30.10 -42.24 40.27
N LEU LA 62 28.80 -41.91 40.23
CA LEU LA 62 28.02 -41.84 41.45
C LEU LA 62 27.49 -43.20 41.87
N MET LA 63 26.67 -43.82 41.04
CA MET LA 63 25.98 -45.06 41.40
C MET LA 63 26.53 -46.30 40.71
N GLY LA 64 27.45 -46.15 39.77
CA GLY LA 64 27.95 -47.31 39.06
C GLY LA 64 27.06 -47.83 37.97
N TRP LA 65 26.07 -47.05 37.54
CA TRP LA 65 25.17 -47.48 36.48
C TRP LA 65 25.88 -47.48 35.13
N ALA LA 66 25.27 -48.18 34.18
CA ALA LA 66 25.86 -48.34 32.85
C ALA LA 66 25.52 -47.12 32.01
N SER LA 67 26.39 -46.11 32.07
CA SER LA 67 26.23 -44.92 31.25
C SER LA 67 26.65 -45.23 29.81
N THR LA 68 25.95 -44.62 28.86
CA THR LA 68 26.21 -44.81 27.45
C THR LA 68 26.07 -43.49 26.71
N ALA LA 69 26.62 -43.46 25.50
CA ALA LA 69 26.48 -42.31 24.61
C ALA LA 69 26.03 -42.73 23.21
N ASP LA 70 25.59 -43.97 23.05
CA ASP LA 70 25.18 -44.50 21.76
C ASP LA 70 23.67 -44.44 21.65
N PRO LA 71 23.10 -43.60 20.77
CA PRO LA 71 21.64 -43.56 20.64
C PRO LA 71 21.04 -44.81 20.03
N LEU LA 72 21.79 -45.54 19.20
CA LEU LA 72 21.28 -46.74 18.55
C LEU LA 72 21.62 -48.02 19.32
N SER LA 73 21.77 -47.93 20.63
CA SER LA 73 22.21 -49.10 21.41
C SER LA 73 21.09 -50.14 21.53
N ASN LA 74 19.84 -49.69 21.60
CA ASN LA 74 18.69 -50.58 21.81
C ASN LA 74 17.75 -50.55 20.61
N LEU LA 75 18.30 -50.56 19.40
CA LEU LA 75 17.51 -50.49 18.18
C LEU LA 75 17.55 -51.85 17.49
N VAL LA 76 16.48 -52.62 17.61
CA VAL LA 76 16.32 -53.90 16.93
C VAL LA 76 15.14 -53.78 15.99
N LEU LA 77 15.36 -54.10 14.72
CA LEU LA 77 14.32 -54.01 13.70
C LEU LA 77 13.96 -55.40 13.21
N THR LA 78 12.67 -55.62 12.93
CA THR LA 78 12.16 -56.93 12.56
C THR LA 78 11.68 -56.91 11.12
N PHE LA 79 12.09 -57.91 10.34
CA PHE LA 79 11.73 -58.02 8.94
C PHE LA 79 11.31 -59.46 8.62
N SER LA 80 10.38 -59.60 7.68
CA SER LA 80 9.90 -60.93 7.32
C SER LA 80 10.91 -61.70 6.48
N THR LA 81 11.56 -61.05 5.53
CA THR LA 81 12.49 -61.70 4.62
C THR LA 81 13.81 -60.94 4.59
N LYS LA 82 14.80 -61.57 3.95
CA LYS LA 82 16.14 -60.97 3.86
C LYS LA 82 16.15 -59.77 2.91
N GLU LA 83 15.35 -59.84 1.84
CA GLU LA 83 15.37 -58.78 0.84
C GLU LA 83 14.76 -57.49 1.38
N ASP LA 84 13.71 -57.60 2.20
CA ASP LA 84 13.12 -56.42 2.81
C ASP LA 84 14.10 -55.75 3.76
N ALA LA 85 14.84 -56.55 4.54
CA ALA LA 85 15.84 -56.00 5.45
C ALA LA 85 16.98 -55.35 4.68
N ILE LA 86 17.42 -55.96 3.59
CA ILE LA 86 18.51 -55.38 2.81
C ILE LA 86 18.05 -54.11 2.09
N ALA LA 87 16.78 -54.03 1.70
CA ALA LA 87 16.27 -52.82 1.06
C ALA LA 87 16.13 -51.69 2.06
N PHE LA 88 15.67 -52.00 3.28
CA PHE LA 88 15.65 -51.00 4.34
C PHE LA 88 17.04 -50.57 4.73
N ALA LA 89 18.03 -51.46 4.64
CA ALA LA 89 19.41 -51.11 4.97
C ALA LA 89 20.00 -50.17 3.94
N GLU LA 90 19.86 -50.49 2.65
CA GLU LA 90 20.46 -49.62 1.64
C GLU LA 90 19.63 -48.37 1.38
N LYS LA 91 18.36 -48.36 1.81
CA LYS LA 91 17.55 -47.15 1.70
C LYS LA 91 18.07 -46.05 2.61
N ASN LA 92 18.49 -46.41 3.84
CA ASN LA 92 18.97 -45.44 4.82
C ASN LA 92 20.47 -45.25 4.79
N GLY LA 93 21.17 -45.87 3.85
CA GLY LA 93 22.61 -45.70 3.74
C GLY LA 93 23.42 -46.29 4.87
N TRP LA 94 23.10 -47.50 5.31
CA TRP LA 94 23.87 -48.19 6.35
C TRP LA 94 24.64 -49.34 5.72
N SER LA 95 25.93 -49.42 6.02
CA SER LA 95 26.71 -50.59 5.65
C SER LA 95 26.26 -51.79 6.47
N TYR LA 96 26.09 -52.94 5.81
CA TYR LA 96 25.46 -54.09 6.44
C TYR LA 96 26.29 -55.35 6.25
N ASP LA 97 26.14 -56.27 7.19
CA ASP LA 97 26.62 -57.64 7.07
C ASP LA 97 25.45 -58.60 7.17
N VAL LA 98 25.33 -59.49 6.19
CA VAL LA 98 24.21 -60.42 6.11
C VAL LA 98 24.71 -61.82 6.44
N GLU LA 99 24.06 -62.45 7.42
CA GLU LA 99 24.37 -63.82 7.82
C GLU LA 99 23.28 -64.75 7.30
N GLU LA 100 23.68 -65.86 6.69
CA GLU LA 100 22.72 -66.82 6.16
C GLU LA 100 21.97 -67.52 7.29
N ARG LA 101 20.74 -67.93 7.00
CA ARG LA 101 19.93 -68.64 7.97
C ARG LA 101 20.41 -70.08 8.10
N LYS LA 102 20.61 -70.51 9.34
CA LYS LA 102 21.16 -71.85 9.62
C LYS LA 102 20.01 -72.76 10.03
N VAL LA 103 19.36 -73.35 9.03
CA VAL LA 103 18.31 -74.34 9.30
C VAL LA 103 18.97 -75.64 9.76
N PRO LA 104 18.50 -76.25 10.85
CA PRO LA 104 19.10 -77.52 11.30
C PRO LA 104 18.82 -78.66 10.32
N LYS LA 105 19.80 -79.54 10.22
CA LYS LA 105 19.70 -80.68 9.30
C LYS LA 105 18.76 -81.74 9.88
N PRO LA 106 17.81 -82.24 9.10
CA PRO LA 106 16.93 -83.30 9.60
C PRO LA 106 17.68 -84.60 9.85
N LYS LA 107 17.24 -85.33 10.86
CA LYS LA 107 17.88 -86.58 11.26
C LYS LA 107 17.05 -87.76 10.76
N SER LA 108 17.44 -88.96 11.18
CA SER LA 108 16.69 -90.18 10.89
C SER LA 108 16.53 -90.91 12.22
N LYS LA 109 15.47 -90.57 12.96
CA LYS LA 109 15.24 -91.16 14.26
C LYS LA 109 14.67 -92.58 14.13
N SER LA 110 15.04 -93.43 15.08
CA SER LA 110 14.56 -94.81 15.08
C SER LA 110 14.60 -95.33 16.51
N TYR LA 111 13.43 -95.75 17.02
CA TYR LA 111 13.40 -96.31 18.37
C TYR LA 111 13.95 -97.73 18.41
N GLY LA 112 13.83 -98.47 17.31
CA GLY LA 112 14.39 -99.81 17.27
C GLY LA 112 15.90 -99.86 17.24
N ALA LA 113 16.54 -98.76 16.83
CA ALA LA 113 18.00 -98.69 16.78
C ALA LA 113 18.63 -98.79 18.17
N ASN LA 114 17.88 -98.51 19.23
CA ASN LA 114 18.38 -98.71 20.58
C ASN LA 114 18.47 -100.18 20.97
N PHE LA 115 17.88 -101.09 20.20
CA PHE LA 115 17.88 -102.51 20.51
C PHE LA 115 18.41 -103.31 19.33
N SER LA 116 19.56 -102.89 18.80
CA SER LA 116 20.14 -103.58 17.66
C SER LA 116 20.74 -104.92 18.10
N TRP LA 117 21.02 -105.77 17.12
CA TRP LA 117 21.57 -107.10 17.36
C TRP LA 117 23.07 -107.18 17.10
N ASN LA 118 23.56 -106.54 16.05
CA ASN LA 118 24.98 -106.62 15.71
C ASN LA 118 25.61 -105.25 15.53
N LYS LA 119 24.94 -104.19 16.00
CA LYS LA 119 25.45 -102.82 15.84
C LYS LA 119 25.80 -102.24 17.20
N ARG LA 120 26.43 -101.06 17.16
CA ARG LA 120 26.91 -100.38 18.36
C ARG LA 120 25.91 -99.39 18.93
N THR LA 121 24.72 -99.28 18.35
CA THR LA 121 23.73 -98.32 18.81
C THR LA 121 22.86 -98.88 19.93
N ARG LA 122 23.25 -99.99 20.54
CA ARG LA 122 22.51 -100.51 21.69
C ARG LA 122 22.67 -99.57 22.87
N VAL LA 123 21.55 -99.25 23.53
CA VAL LA 123 21.61 -98.39 24.71
C VAL LA 123 22.16 -99.19 25.88
N SER LA 124 23.07 -98.57 26.63
CA SER LA 124 23.61 -99.21 27.83
C SER LA 124 22.52 -99.42 28.87
N THR LA 125 21.65 -98.42 29.04
CA THR LA 125 20.50 -98.52 29.93
C THR LA 125 19.44 -97.54 29.45
N LYS LA 126 18.31 -97.54 30.14
CA LYS LA 126 17.18 -96.70 29.74
C LYS LA 126 16.39 -96.22 30.95
N LEU MA 1 47.86 -44.67 38.24
CA LEU MA 1 46.54 -44.28 37.75
C LEU MA 1 45.46 -45.25 38.23
N HIS MA 2 44.63 -44.79 39.16
CA HIS MA 2 43.52 -45.60 39.66
C HIS MA 2 42.46 -45.76 38.58
N HIS MA 3 41.69 -46.84 38.69
CA HIS MA 3 40.68 -47.15 37.68
C HIS MA 3 39.52 -46.16 37.69
N ALA MA 4 39.34 -45.42 38.78
CA ALA MA 4 38.32 -44.39 38.84
C ALA MA 4 38.76 -43.08 38.19
N VAL MA 5 40.04 -42.97 37.82
CA VAL MA 5 40.56 -41.75 37.20
C VAL MA 5 40.71 -41.89 35.69
N ILE MA 6 40.60 -43.11 35.17
CA ILE MA 6 40.72 -43.35 33.72
C ILE MA 6 39.54 -42.69 33.01
N PRO MA 7 39.78 -41.86 32.00
CA PRO MA 7 38.67 -41.22 31.29
C PRO MA 7 37.83 -42.21 30.52
N HIS MA 8 36.55 -41.87 30.36
CA HIS MA 8 35.60 -42.71 29.64
C HIS MA 8 34.59 -41.83 28.93
N GLY MA 9 33.95 -42.39 27.91
CA GLY MA 9 32.87 -41.70 27.23
C GLY MA 9 33.34 -40.81 26.09
N LYS MA 10 32.41 -39.95 25.67
CA LYS MA 10 32.65 -39.02 24.57
C LYS MA 10 32.93 -37.60 25.04
N GLY MA 11 33.28 -37.43 26.31
CA GLY MA 11 33.52 -36.10 26.84
C GLY MA 11 32.28 -35.24 26.95
N GLY MA 12 31.16 -35.81 27.38
CA GLY MA 12 29.93 -35.09 27.57
C GLY MA 12 29.67 -34.75 29.02
N ARG MA 13 28.40 -34.46 29.33
CA ARG MA 13 28.02 -34.10 30.69
C ARG MA 13 28.09 -35.31 31.62
N SER MA 14 27.69 -36.48 31.14
CA SER MA 14 27.64 -37.68 31.95
C SER MA 14 28.90 -38.54 31.83
N SER MA 15 29.90 -38.09 31.08
CA SER MA 15 31.11 -38.86 30.90
C SER MA 15 32.03 -38.68 32.11
N VAL MA 16 33.16 -39.39 32.09
CA VAL MA 16 34.19 -39.28 33.11
C VAL MA 16 35.43 -38.70 32.45
N SER MA 17 35.92 -37.58 32.98
CA SER MA 17 37.08 -36.91 32.42
C SER MA 17 38.36 -37.19 33.19
N GLY MA 18 38.27 -37.67 34.42
CA GLY MA 18 39.47 -37.95 35.19
C GLY MA 18 40.15 -36.73 35.76
N ILE MA 19 39.45 -35.62 35.86
CA ILE MA 19 39.98 -34.39 36.44
C ILE MA 19 39.26 -34.14 37.76
N VAL MA 20 40.03 -34.08 38.85
CA VAL MA 20 39.50 -33.73 40.16
C VAL MA 20 40.08 -32.37 40.50
N ALA MA 21 39.27 -31.33 40.36
CA ALA MA 21 39.72 -29.96 40.45
C ALA MA 21 39.13 -29.29 41.68
N THR MA 22 39.99 -28.70 42.49
CA THR MA 22 39.57 -27.86 43.61
C THR MA 22 39.77 -26.41 43.19
N VAL MA 23 38.67 -25.71 42.91
CA VAL MA 23 38.71 -24.34 42.42
C VAL MA 23 38.46 -23.43 43.62
N PHE MA 24 39.52 -22.83 44.14
CA PHE MA 24 39.37 -21.93 45.28
C PHE MA 24 38.83 -20.59 44.81
N GLY MA 25 37.83 -20.09 45.51
CA GLY MA 25 37.15 -18.88 45.06
C GLY MA 25 36.38 -19.06 43.77
N ALA MA 26 35.65 -20.17 43.64
CA ALA MA 26 34.89 -20.46 42.43
C ALA MA 26 33.54 -19.76 42.39
N THR MA 27 33.17 -19.01 43.43
CA THR MA 27 31.90 -18.31 43.49
C THR MA 27 31.97 -16.90 42.91
N GLY MA 28 32.93 -16.64 42.02
CA GLY MA 28 33.06 -15.33 41.42
C GLY MA 28 32.77 -15.33 39.93
N PHE MA 29 33.63 -14.68 39.17
CA PHE MA 29 33.47 -14.53 37.72
C PHE MA 29 34.28 -15.56 36.94
N LEU MA 30 35.61 -15.52 37.11
CA LEU MA 30 36.48 -16.52 36.50
C LEU MA 30 36.22 -17.90 37.07
N GLY MA 31 35.91 -17.98 38.37
CA GLY MA 31 35.55 -19.26 38.96
C GLY MA 31 34.28 -19.84 38.36
N ARG MA 32 33.29 -18.98 38.10
CA ARG MA 32 32.06 -19.43 37.47
C ARG MA 32 32.33 -19.98 36.07
N TYR MA 33 33.13 -19.26 35.28
CA TYR MA 33 33.42 -19.74 33.92
C TYR MA 33 34.23 -21.03 33.93
N LEU MA 34 35.20 -21.13 34.85
CA LEU MA 34 36.01 -22.33 34.95
C LEU MA 34 35.20 -23.54 35.40
N VAL MA 35 34.28 -23.34 36.35
CA VAL MA 35 33.41 -24.42 36.81
C VAL MA 35 32.47 -24.85 35.69
N ASN MA 36 31.98 -23.89 34.89
CA ASN MA 36 31.13 -24.24 33.76
C ASN MA 36 31.90 -25.06 32.72
N HIS MA 37 33.15 -24.69 32.45
CA HIS MA 37 33.92 -25.43 31.45
C HIS MA 37 34.30 -26.81 31.96
N LEU MA 38 34.59 -26.93 33.25
CA LEU MA 38 34.96 -28.23 33.81
C LEU MA 38 33.76 -29.17 33.90
N GLY MA 39 32.60 -28.63 34.27
CA GLY MA 39 31.44 -29.48 34.52
C GLY MA 39 30.84 -30.08 33.26
N ARG MA 40 30.93 -29.37 32.14
CA ARG MA 40 30.40 -29.89 30.88
C ARG MA 40 31.25 -31.01 30.30
N MET MA 41 32.47 -31.20 30.80
CA MET MA 41 33.32 -32.31 30.41
C MET MA 41 33.12 -33.55 31.26
N GLY MA 42 32.32 -33.47 32.31
CA GLY MA 42 32.16 -34.59 33.22
C GLY MA 42 33.32 -34.71 34.18
N SER MA 43 33.50 -33.70 35.04
CA SER MA 43 34.61 -33.66 35.99
C SER MA 43 34.08 -33.48 37.39
N GLN MA 44 34.83 -34.02 38.36
CA GLN MA 44 34.49 -33.89 39.78
C GLN MA 44 35.10 -32.60 40.30
N VAL MA 45 34.25 -31.64 40.65
CA VAL MA 45 34.69 -30.32 41.08
C VAL MA 45 34.36 -30.15 42.55
N ILE MA 46 35.37 -29.82 43.35
CA ILE MA 46 35.19 -29.51 44.77
C ILE MA 46 35.23 -28.00 44.92
N VAL MA 47 34.15 -27.42 45.41
CA VAL MA 47 34.01 -25.97 45.53
C VAL MA 47 33.99 -25.62 47.01
N PRO MA 48 35.07 -25.03 47.54
CA PRO MA 48 35.01 -24.45 48.89
C PRO MA 48 34.47 -23.03 48.83
N TYR MA 49 33.41 -22.77 49.60
CA TYR MA 49 32.74 -21.49 49.58
C TYR MA 49 32.79 -20.83 50.95
N ARG MA 50 33.05 -19.53 50.96
CA ARG MA 50 33.05 -18.71 52.16
C ARG MA 50 31.75 -17.96 52.36
N CYS MA 51 31.02 -17.67 51.28
CA CYS MA 51 29.85 -16.82 51.31
C CYS MA 51 28.61 -17.63 51.65
N GLU MA 52 27.45 -17.01 51.45
CA GLU MA 52 26.16 -17.68 51.67
C GLU MA 52 25.99 -18.82 50.69
N PRO MA 53 25.41 -19.95 51.12
CA PRO MA 53 25.13 -21.04 50.17
C PRO MA 53 24.18 -20.66 49.06
N TYR MA 54 23.31 -19.67 49.29
CA TYR MA 54 22.39 -19.22 48.25
C TYR MA 54 23.13 -18.71 47.03
N ASP MA 55 24.21 -17.94 47.25
CA ASP MA 55 25.04 -17.48 46.15
C ASP MA 55 25.75 -18.63 45.43
N THR MA 56 25.88 -19.79 46.07
CA THR MA 56 26.43 -20.95 45.39
C THR MA 56 25.38 -21.69 44.58
N MET MA 57 24.11 -21.29 44.67
CA MET MA 57 23.03 -22.04 44.03
C MET MA 57 23.16 -22.00 42.52
N HIS MA 58 23.64 -20.89 41.96
CA HIS MA 58 23.88 -20.78 40.53
C HIS MA 58 24.97 -21.72 40.04
N LEU MA 59 25.78 -22.28 40.94
CA LEU MA 59 26.76 -23.28 40.58
C LEU MA 59 26.19 -24.69 40.54
N ARG MA 60 24.90 -24.87 40.82
CA ARG MA 60 24.31 -26.20 40.86
C ARG MA 60 23.97 -26.81 39.48
N PRO MA 61 23.37 -26.12 38.51
CA PRO MA 61 23.12 -26.76 37.21
C PRO MA 61 24.34 -26.88 36.31
N MET MA 62 25.54 -26.68 36.86
CA MET MA 62 26.77 -26.52 36.10
C MET MA 62 27.45 -27.85 35.79
N GLY MA 63 26.95 -28.96 36.36
CA GLY MA 63 27.50 -30.27 36.10
C GLY MA 63 26.48 -31.33 36.44
N ASP MA 64 26.90 -32.58 36.32
CA ASP MA 64 26.02 -33.72 36.54
C ASP MA 64 25.84 -33.98 38.04
N LEU MA 65 25.15 -35.06 38.37
CA LEU MA 65 24.82 -35.36 39.76
C LEU MA 65 26.06 -35.86 40.51
N GLY MA 66 26.31 -35.28 41.68
CA GLY MA 66 27.44 -35.69 42.48
C GLY MA 66 28.78 -35.20 41.99
N GLN MA 67 28.80 -34.32 40.98
CA GLN MA 67 30.06 -33.84 40.42
C GLN MA 67 30.58 -32.61 41.13
N ILE MA 68 29.70 -31.75 41.62
CA ILE MA 68 30.09 -30.53 42.33
C ILE MA 68 29.81 -30.77 43.81
N ILE MA 69 30.87 -30.79 44.61
CA ILE MA 69 30.78 -30.98 46.05
C ILE MA 69 31.10 -29.65 46.72
N PHE MA 70 30.10 -29.04 47.34
CA PHE MA 70 30.30 -27.80 48.05
C PHE MA 70 30.78 -28.07 49.47
N MET MA 71 31.69 -27.24 49.96
CA MET MA 71 32.13 -27.40 51.34
C MET MA 71 32.57 -26.05 51.90
N ASP MA 72 32.43 -25.89 53.20
CA ASP MA 72 32.88 -24.69 53.88
C ASP MA 72 34.41 -24.67 54.00
N TRP MA 73 34.97 -23.47 53.98
CA TRP MA 73 36.41 -23.31 54.16
C TRP MA 73 36.68 -21.92 54.72
N ASN MA 74 37.84 -21.79 55.35
CA ASN MA 74 38.30 -20.53 55.91
C ASN MA 74 39.70 -20.25 55.38
N GLY MA 75 39.96 -18.99 55.05
CA GLY MA 75 41.24 -18.64 54.43
C GLY MA 75 42.41 -18.74 55.38
N ARG MA 76 42.18 -18.58 56.68
CA ARG MA 76 43.23 -18.63 57.67
C ARG MA 76 43.30 -19.97 58.40
N ASP MA 77 42.54 -20.96 57.93
CA ASP MA 77 42.51 -22.28 58.56
C ASP MA 77 43.06 -23.30 57.57
N LYS MA 78 44.23 -23.86 57.87
CA LYS MA 78 44.83 -24.85 56.99
C LYS MA 78 44.14 -26.21 57.08
N ASP MA 79 43.40 -26.46 58.15
CA ASP MA 79 42.71 -27.74 58.31
C ASP MA 79 41.59 -27.89 57.29
N SER MA 80 40.84 -26.82 57.03
CA SER MA 80 39.79 -26.87 56.01
C SER MA 80 40.38 -27.03 54.61
N ILE MA 81 41.53 -26.39 54.36
CA ILE MA 81 42.19 -26.53 53.07
C ILE MA 81 42.68 -27.96 52.87
N ARG MA 82 43.26 -28.56 53.91
CA ARG MA 82 43.68 -29.96 53.82
C ARG MA 82 42.48 -30.90 53.69
N ARG MA 83 41.35 -30.52 54.28
CA ARG MA 83 40.12 -31.28 54.08
C ARG MA 83 39.64 -31.19 52.64
N ALA MA 84 39.87 -30.05 52.00
CA ALA MA 84 39.34 -29.84 50.65
C ALA MA 84 40.23 -30.45 49.57
N VAL MA 85 41.56 -30.41 49.74
CA VAL MA 85 42.47 -30.77 48.66
C VAL MA 85 43.07 -32.16 48.82
N GLU MA 86 42.58 -32.94 49.79
CA GLU MA 86 43.23 -34.21 50.10
C GLU MA 86 43.03 -35.27 49.02
N HIS MA 87 42.02 -35.15 48.16
CA HIS MA 87 41.78 -36.14 47.13
C HIS MA 87 41.86 -35.60 45.71
N SER MA 88 41.94 -34.28 45.53
CA SER MA 88 42.01 -33.71 44.19
C SER MA 88 43.39 -33.93 43.59
N ASN MA 89 43.44 -33.94 42.25
CA ASN MA 89 44.70 -34.01 41.54
C ASN MA 89 45.05 -32.71 40.82
N VAL MA 90 44.17 -31.71 40.83
CA VAL MA 90 44.53 -30.40 40.33
C VAL MA 90 43.84 -29.33 41.19
N VAL MA 91 44.61 -28.35 41.64
CA VAL MA 91 44.11 -27.27 42.49
C VAL MA 91 44.34 -25.96 41.77
N ILE MA 92 43.28 -25.18 41.60
CA ILE MA 92 43.32 -23.91 40.89
C ILE MA 92 42.99 -22.79 41.88
N ASN MA 93 43.75 -21.71 41.81
CA ASN MA 93 43.65 -20.58 42.74
C ASN MA 93 43.17 -19.34 41.99
N LEU MA 94 41.95 -18.91 42.34
CA LEU MA 94 41.28 -17.75 41.77
C LEU MA 94 40.97 -16.69 42.83
N VAL MA 95 41.60 -16.78 44.00
CA VAL MA 95 41.23 -15.93 45.12
C VAL MA 95 41.79 -14.53 44.91
N GLY MA 96 40.92 -13.54 44.97
CA GLY MA 96 41.34 -12.16 44.80
C GLY MA 96 40.24 -11.20 45.21
N ARG MA 97 40.66 -9.98 45.54
CA ARG MA 97 39.73 -8.90 45.89
C ARG MA 97 40.22 -7.61 45.26
N GLU MA 98 39.31 -6.87 44.63
CA GLU MA 98 39.66 -5.59 44.04
C GLU MA 98 39.85 -4.49 45.09
N TRP MA 99 39.41 -4.70 46.32
CA TRP MA 99 39.52 -3.70 47.37
C TRP MA 99 39.93 -4.39 48.66
N GLU MA 100 40.26 -3.58 49.66
CA GLU MA 100 40.64 -4.09 50.97
C GLU MA 100 39.49 -3.89 51.94
N THR MA 101 39.07 -4.98 52.59
CA THR MA 101 37.99 -4.92 53.57
C THR MA 101 38.60 -4.72 54.95
N LYS MA 102 37.75 -4.72 55.98
CA LYS MA 102 38.24 -4.53 57.35
C LYS MA 102 38.98 -5.76 57.84
N ASN MA 103 38.42 -6.95 57.61
CA ASN MA 103 39.05 -8.19 58.08
C ASN MA 103 40.27 -8.56 57.24
N PHE MA 104 40.17 -8.43 55.93
CA PHE MA 104 41.23 -8.85 55.02
C PHE MA 104 41.77 -7.65 54.26
N ASP MA 105 43.08 -7.50 54.27
CA ASP MA 105 43.77 -6.53 53.42
C ASP MA 105 44.32 -7.26 52.20
N PHE MA 106 45.11 -6.55 51.39
CA PHE MA 106 45.64 -7.15 50.17
C PHE MA 106 46.68 -8.23 50.45
N GLU MA 107 47.42 -8.10 51.55
CA GLU MA 107 48.38 -9.15 51.92
C GLU MA 107 47.68 -10.42 52.36
N ASP MA 108 46.52 -10.32 52.98
CA ASP MA 108 45.80 -11.50 53.43
C ASP MA 108 45.16 -12.26 52.28
N VAL MA 109 44.96 -11.61 51.14
CA VAL MA 109 44.30 -12.23 50.00
C VAL MA 109 45.30 -12.68 48.94
N PHE MA 110 46.37 -11.91 48.71
CA PHE MA 110 47.29 -12.20 47.63
C PHE MA 110 48.59 -12.86 48.05
N VAL MA 111 48.94 -12.79 49.34
CA VAL MA 111 50.21 -13.32 49.83
C VAL MA 111 50.00 -14.54 50.72
N LYS MA 112 49.28 -14.37 51.82
CA LYS MA 112 49.17 -15.44 52.81
C LYS MA 112 48.30 -16.59 52.32
N ILE MA 113 47.13 -16.28 51.77
CA ILE MA 113 46.19 -17.30 51.32
C ILE MA 113 46.73 -18.12 50.15
N PRO MA 114 47.28 -17.53 49.06
CA PRO MA 114 47.85 -18.39 48.00
C PRO MA 114 49.02 -19.23 48.47
N GLN MA 115 49.87 -18.69 49.35
CA GLN MA 115 51.00 -19.45 49.88
C GLN MA 115 50.52 -20.62 50.72
N ALA MA 116 49.50 -20.39 51.57
CA ALA MA 116 48.96 -21.47 52.38
C ALA MA 116 48.30 -22.54 51.53
N ILE MA 117 47.54 -22.12 50.51
CA ILE MA 117 46.88 -23.08 49.62
C ILE MA 117 47.92 -23.91 48.87
N ALA MA 118 48.97 -23.26 48.36
CA ALA MA 118 50.00 -23.99 47.62
C ALA MA 118 50.79 -24.93 48.52
N GLN MA 119 51.09 -24.51 49.75
CA GLN MA 119 51.82 -25.38 50.67
C GLN MA 119 50.98 -26.59 51.06
N VAL MA 120 49.69 -26.39 51.32
CA VAL MA 120 48.82 -27.50 51.69
C VAL MA 120 48.63 -28.44 50.49
N SER MA 121 48.53 -27.89 49.28
CA SER MA 121 48.43 -28.72 48.08
C SER MA 121 49.71 -29.51 47.83
N LYS MA 122 50.87 -28.93 48.14
CA LYS MA 122 52.12 -29.65 48.01
C LYS MA 122 52.23 -30.78 49.03
N GLU MA 123 51.86 -30.50 50.29
CA GLU MA 123 51.99 -31.51 51.32
C GLU MA 123 50.92 -32.60 51.23
N ALA MA 124 49.88 -32.41 50.43
CA ALA MA 124 48.83 -33.41 50.25
C ALA MA 124 49.03 -34.26 49.00
N GLY MA 125 50.10 -34.04 48.25
CA GLY MA 125 50.39 -34.86 47.10
C GLY MA 125 49.67 -34.47 45.82
N VAL MA 126 49.20 -33.24 45.70
CA VAL MA 126 48.55 -32.79 44.48
C VAL MA 126 49.61 -32.52 43.43
N GLU MA 127 49.43 -33.08 42.24
CA GLU MA 127 50.44 -32.99 41.20
C GLU MA 127 50.35 -31.72 40.36
N LYS MA 128 49.18 -31.07 40.30
CA LYS MA 128 48.99 -29.89 39.48
C LYS MA 128 48.46 -28.76 40.34
N PHE MA 129 49.18 -27.64 40.36
CA PHE MA 129 48.72 -26.42 41.02
C PHE MA 129 48.80 -25.28 40.02
N ILE MA 130 47.70 -24.56 39.88
CA ILE MA 130 47.60 -23.43 38.96
C ILE MA 130 47.19 -22.20 39.75
N HIS MA 131 47.92 -21.10 39.56
CA HIS MA 131 47.70 -19.85 40.29
C HIS MA 131 47.34 -18.76 39.29
N ILE MA 132 46.41 -17.88 39.65
CA ILE MA 132 46.05 -16.75 38.79
C ILE MA 132 46.58 -15.46 39.40
N SER MA 133 47.39 -14.73 38.63
CA SER MA 133 47.96 -13.45 39.02
C SER MA 133 47.64 -12.41 37.94
N HIS MA 134 48.26 -11.24 38.05
CA HIS MA 134 48.04 -10.16 37.10
C HIS MA 134 49.26 -9.95 36.23
N LEU MA 135 49.03 -9.49 35.01
CA LEU MA 135 50.11 -9.30 34.04
C LEU MA 135 51.06 -8.18 34.47
N ASN MA 136 50.52 -7.10 35.03
CA ASN MA 136 51.32 -5.95 35.45
C ASN MA 136 51.81 -6.05 36.88
N ALA MA 137 51.99 -7.27 37.39
CA ALA MA 137 52.44 -7.45 38.76
C ALA MA 137 53.93 -7.12 38.87
N ASP MA 138 54.27 -6.15 39.69
CA ASP MA 138 55.67 -5.79 39.90
C ASP MA 138 55.83 -5.22 41.31
N ILE MA 139 57.07 -5.32 41.82
CA ILE MA 139 57.36 -4.88 43.17
C ILE MA 139 57.29 -3.36 43.30
N LYS MA 140 57.76 -2.65 42.28
CA LYS MA 140 57.89 -1.20 42.32
C LYS MA 140 56.65 -0.48 41.83
N SER MA 141 55.56 -1.19 41.59
CA SER MA 141 54.33 -0.54 41.12
C SER MA 141 53.73 0.33 42.21
N SER MA 142 52.99 1.36 41.78
CA SER MA 142 52.43 2.30 42.74
C SER MA 142 51.26 1.70 43.51
N SER MA 143 50.50 0.82 42.88
CA SER MA 143 49.32 0.23 43.51
C SER MA 143 49.69 -0.95 44.38
N LYS MA 144 49.04 -1.05 45.54
CA LYS MA 144 49.30 -2.14 46.47
C LYS MA 144 48.85 -3.48 45.91
N TYR MA 145 47.85 -3.46 45.03
CA TYR MA 145 47.35 -4.68 44.38
C TYR MA 145 48.45 -5.40 43.62
N LEU MA 146 49.14 -4.68 42.73
CA LEU MA 146 50.15 -5.32 41.90
C LEU MA 146 51.39 -5.69 42.69
N ARG MA 147 51.74 -4.89 43.70
CA ARG MA 147 52.87 -5.22 44.58
C ARG MA 147 52.61 -6.53 45.31
N ASN MA 148 51.45 -6.65 45.96
CA ASN MA 148 51.14 -7.86 46.70
C ASN MA 148 50.93 -9.04 45.76
N LYS MA 149 50.44 -8.81 44.54
CA LYS MA 149 50.29 -9.90 43.59
C LYS MA 149 51.65 -10.43 43.14
N ALA MA 150 52.61 -9.54 42.91
CA ALA MA 150 53.96 -9.99 42.56
C ALA MA 150 54.62 -10.75 43.71
N VAL MA 151 54.42 -10.26 44.95
CA VAL MA 151 54.98 -10.96 46.11
C VAL MA 151 54.36 -12.35 46.26
N GLY MA 152 53.04 -12.45 46.09
CA GLY MA 152 52.38 -13.74 46.16
C GLY MA 152 52.78 -14.68 45.05
N GLU MA 153 53.00 -14.15 43.84
CA GLU MA 153 53.49 -14.96 42.73
C GLU MA 153 54.87 -15.53 43.03
N LYS MA 154 55.75 -14.70 43.60
CA LYS MA 154 57.08 -15.16 43.98
C LYS MA 154 57.01 -16.24 45.05
N GLU MA 155 56.15 -16.05 46.06
CA GLU MA 155 56.02 -17.05 47.12
C GLU MA 155 55.44 -18.35 46.60
N VAL MA 156 54.44 -18.28 45.70
CA VAL MA 156 53.84 -19.47 45.12
C VAL MA 156 54.86 -20.23 44.27
N ARG MA 157 55.67 -19.50 43.49
CA ARG MA 157 56.72 -20.13 42.71
C ARG MA 157 57.77 -20.78 43.62
N GLU MA 158 58.07 -20.15 44.75
CA GLU MA 158 59.08 -20.71 45.65
C GLU MA 158 58.57 -21.97 46.34
N THR MA 159 57.32 -21.97 46.79
CA THR MA 159 56.81 -23.10 47.55
C THR MA 159 56.22 -24.22 46.69
N PHE MA 160 56.08 -24.01 45.39
CA PHE MA 160 55.54 -25.03 44.49
C PHE MA 160 56.26 -24.89 43.16
N PRO MA 161 57.30 -25.70 42.92
CA PRO MA 161 58.09 -25.55 41.68
C PRO MA 161 57.34 -25.91 40.42
N GLU MA 162 56.27 -26.71 40.51
CA GLU MA 162 55.51 -27.12 39.34
C GLU MA 162 54.24 -26.30 39.13
N ALA MA 163 54.11 -25.17 39.84
CA ALA MA 163 52.91 -24.37 39.74
C ALA MA 163 52.88 -23.60 38.42
N THR MA 164 51.74 -23.65 37.74
CA THR MA 164 51.53 -22.88 36.52
C THR MA 164 50.89 -21.55 36.90
N ILE MA 165 51.64 -20.47 36.74
CA ILE MA 165 51.16 -19.13 37.05
C ILE MA 165 50.65 -18.50 35.76
N ILE MA 166 49.42 -18.00 35.80
CA ILE MA 166 48.77 -17.44 34.61
C ILE MA 166 48.47 -15.97 34.89
N LYS MA 167 48.90 -15.09 33.98
CA LYS MA 167 48.82 -13.64 34.16
C LYS MA 167 47.96 -13.03 33.04
N PRO MA 168 46.65 -12.97 33.22
CA PRO MA 168 45.82 -12.23 32.26
C PRO MA 168 46.05 -10.73 32.39
N ALA MA 169 45.76 -10.02 31.29
CA ALA MA 169 45.97 -8.57 31.28
C ALA MA 169 44.81 -7.84 31.94
N ASP MA 170 43.62 -7.94 31.32
CA ASP MA 170 42.42 -7.34 31.89
C ASP MA 170 41.23 -8.05 31.25
N ILE MA 171 40.50 -8.82 32.03
CA ILE MA 171 39.48 -9.71 31.49
C ILE MA 171 38.14 -8.99 31.46
N PHE MA 172 37.48 -9.01 30.31
CA PHE MA 172 36.15 -8.46 30.16
C PHE MA 172 35.16 -9.58 29.87
N GLY MA 173 33.92 -9.37 30.29
CA GLY MA 173 32.89 -10.37 30.09
C GLY MA 173 31.54 -9.82 30.46
N ARG MA 174 30.57 -10.73 30.62
CA ARG MA 174 29.23 -10.31 31.00
C ARG MA 174 29.17 -9.87 32.45
N GLU MA 175 29.92 -10.54 33.33
CA GLU MA 175 29.91 -10.25 34.76
C GLU MA 175 31.22 -9.64 35.24
N ASP MA 176 31.90 -8.91 34.36
CA ASP MA 176 33.22 -8.37 34.69
C ASP MA 176 33.07 -7.08 35.49
N ARG MA 177 34.21 -6.41 35.73
CA ARG MA 177 34.23 -5.09 36.34
C ARG MA 177 35.17 -4.17 35.56
N PHE MA 178 35.35 -4.44 34.28
CA PHE MA 178 36.23 -3.66 33.42
C PHE MA 178 35.45 -2.84 32.39
N LEU MA 179 34.64 -3.49 31.56
CA LEU MA 179 33.80 -2.76 30.63
C LEU MA 179 32.58 -2.18 31.33
N ASN MA 180 32.02 -2.90 32.29
CA ASN MA 180 30.86 -2.42 33.03
C ASN MA 180 31.21 -1.19 33.87
N TYR MA 181 32.43 -1.16 34.41
CA TYR MA 181 32.89 0.02 35.14
C TYR MA 181 32.94 1.24 34.24
N PHE MA 182 33.48 1.08 33.03
CA PHE MA 182 33.56 2.18 32.07
C PHE MA 182 32.17 2.63 31.65
N ALA MA 183 31.25 1.67 31.46
CA ALA MA 183 29.88 2.04 31.11
C ALA MA 183 29.13 2.65 32.29
N ASN MA 184 29.60 2.46 33.52
CA ASN MA 184 28.93 3.02 34.68
C ASN MA 184 29.59 4.29 35.21
N ILE MA 185 30.71 4.74 34.64
CA ILE MA 185 31.22 6.08 34.97
C ILE MA 185 30.23 7.17 34.56
N ARG MA 186 29.39 6.93 33.55
CA ARG MA 186 28.51 7.95 32.99
C ARG MA 186 27.49 8.50 33.99
N TRP MA 187 27.19 7.75 35.06
CA TRP MA 187 26.27 8.26 36.08
C TRP MA 187 26.88 9.43 36.84
N PHE MA 188 28.17 9.37 37.14
CA PHE MA 188 28.79 10.40 37.97
C PHE MA 188 28.99 11.70 37.20
N GLY MA 189 29.41 11.62 35.95
CA GLY MA 189 29.74 12.81 35.19
C GLY MA 189 30.24 12.56 33.78
N GLY MA 190 31.35 13.20 33.42
CA GLY MA 190 31.84 13.14 32.07
C GLY MA 190 33.12 12.36 31.87
N VAL MA 191 33.24 11.21 32.53
CA VAL MA 191 34.31 10.21 32.46
C VAL MA 191 35.70 10.85 32.41
N PRO MA 192 36.21 11.35 33.54
CA PRO MA 192 37.54 11.96 33.55
C PRO MA 192 38.64 10.92 33.40
N LEU MA 193 39.76 11.36 32.83
CA LEU MA 193 40.93 10.52 32.62
C LEU MA 193 42.19 11.32 32.95
N ILE MA 194 43.30 10.60 33.12
CA ILE MA 194 44.60 11.22 33.37
C ILE MA 194 45.21 11.57 32.01
N SER MA 195 45.31 12.88 31.73
CA SER MA 195 45.80 13.40 30.46
C SER MA 195 45.03 12.80 29.28
N LEU MA 196 43.71 12.72 29.43
CA LEU MA 196 42.73 12.12 28.51
C LEU MA 196 42.93 10.63 28.30
N GLY MA 197 43.84 10.00 29.04
CA GLY MA 197 44.12 8.59 28.84
C GLY MA 197 44.71 8.25 27.49
N LYS MA 198 45.53 9.14 26.96
CA LYS MA 198 46.15 8.93 25.66
C LYS MA 198 47.59 8.45 25.76
N LYS MA 199 48.03 8.06 26.96
CA LYS MA 199 49.39 7.57 27.18
C LYS MA 199 49.45 6.13 27.66
N THR MA 200 48.36 5.57 28.17
CA THR MA 200 48.34 4.21 28.68
C THR MA 200 47.78 3.27 27.61
N VAL MA 201 48.47 2.16 27.39
CA VAL MA 201 48.11 1.19 26.36
C VAL MA 201 47.63 -0.08 27.06
N LYS MA 202 46.51 -0.62 26.60
CA LYS MA 202 45.89 -1.78 27.20
C LYS MA 202 45.48 -2.76 26.11
N GLN MA 203 45.58 -4.06 26.42
CA GLN MA 203 45.11 -5.13 25.53
C GLN MA 203 44.27 -6.10 26.34
N PRO MA 204 42.96 -5.84 26.46
CA PRO MA 204 42.10 -6.74 27.23
C PRO MA 204 41.87 -8.06 26.52
N VAL MA 205 41.48 -9.07 27.30
CA VAL MA 205 41.34 -10.44 26.82
C VAL MA 205 39.95 -10.96 27.22
N TYR MA 206 39.35 -11.77 26.35
CA TYR MA 206 38.05 -12.35 26.62
C TYR MA 206 38.14 -13.41 27.71
N ILE MA 207 37.03 -13.60 28.43
CA ILE MA 207 37.01 -14.51 29.57
C ILE MA 207 37.07 -15.96 29.10
N VAL MA 208 36.38 -16.29 28.01
CA VAL MA 208 36.33 -17.67 27.54
C VAL MA 208 37.69 -18.12 27.02
N ASP MA 209 38.46 -17.19 26.43
CA ASP MA 209 39.83 -17.51 26.03
C ASP MA 209 40.69 -17.88 27.23
N VAL MA 210 40.56 -17.13 28.33
CA VAL MA 210 41.33 -17.44 29.54
C VAL MA 210 40.89 -18.76 30.13
N THR MA 211 39.58 -19.04 30.12
CA THR MA 211 39.07 -20.31 30.64
C THR MA 211 39.58 -21.49 29.82
N LYS MA 212 39.58 -21.35 28.48
CA LYS MA 212 40.10 -22.42 27.63
C LYS MA 212 41.60 -22.59 27.81
N GLY MA 213 42.33 -21.48 28.04
CA GLY MA 213 43.75 -21.59 28.32
C GLY MA 213 44.03 -22.33 29.62
N ILE MA 214 43.23 -22.06 30.66
CA ILE MA 214 43.38 -22.77 31.93
C ILE MA 214 43.06 -24.25 31.76
N ILE MA 215 42.00 -24.56 31.01
CA ILE MA 215 41.61 -25.96 30.77
C ILE MA 215 42.70 -26.70 30.01
N ASN MA 216 43.26 -26.07 28.96
CA ASN MA 216 44.33 -26.68 28.20
C ASN MA 216 45.58 -26.86 29.04
N ALA MA 217 45.88 -25.88 29.91
CA ALA MA 217 47.04 -26.01 30.80
C ALA MA 217 46.85 -27.13 31.81
N ILE MA 218 45.62 -27.36 32.25
CA ILE MA 218 45.33 -28.54 33.07
C ILE MA 218 45.59 -29.81 32.28
N LYS MA 219 45.15 -29.83 31.02
CA LYS MA 219 45.34 -31.01 30.19
C LYS MA 219 46.76 -31.12 29.61
N ASP MA 220 47.58 -30.07 29.70
CA ASP MA 220 48.91 -30.11 29.11
C ASP MA 220 49.92 -30.63 30.13
N PRO MA 221 50.63 -31.72 29.83
CA PRO MA 221 51.72 -32.16 30.72
C PRO MA 221 52.97 -31.30 30.60
N ASP MA 222 53.09 -30.49 29.55
CA ASP MA 222 54.25 -29.63 29.34
C ASP MA 222 54.04 -28.22 29.86
N ALA MA 223 52.89 -27.94 30.48
CA ALA MA 223 52.61 -26.62 31.02
C ALA MA 223 53.06 -26.45 32.46
N ARG MA 224 53.55 -27.51 33.09
CA ARG MA 224 53.95 -27.43 34.49
C ARG MA 224 55.28 -26.69 34.62
N GLY MA 225 55.32 -25.73 35.54
CA GLY MA 225 56.51 -24.95 35.79
C GLY MA 225 56.63 -23.68 34.98
N LYS MA 226 55.74 -23.45 34.01
CA LYS MA 226 55.83 -22.28 33.15
C LYS MA 226 55.15 -21.08 33.82
N THR MA 227 55.25 -19.93 33.18
CA THR MA 227 54.61 -18.69 33.63
C THR MA 227 54.01 -18.03 32.38
N PHE MA 228 52.77 -18.35 32.10
CA PHE MA 228 52.11 -17.85 30.89
C PHE MA 228 51.64 -16.41 31.09
N ALA MA 229 51.40 -15.74 29.97
CA ALA MA 229 50.89 -14.36 29.96
C ALA MA 229 49.76 -14.29 28.96
N PHE MA 230 48.53 -14.15 29.44
CA PHE MA 230 47.35 -14.14 28.59
C PHE MA 230 47.01 -12.70 28.21
N VAL MA 231 47.11 -12.39 26.91
CA VAL MA 231 46.88 -11.04 26.42
C VAL MA 231 45.94 -11.09 25.23
N GLY MA 232 45.32 -9.95 24.93
CA GLY MA 232 44.45 -9.83 23.78
C GLY MA 232 45.23 -9.64 22.50
N PRO MA 233 44.50 -9.66 21.39
CA PRO MA 233 45.17 -9.61 20.08
C PRO MA 233 45.59 -8.22 19.65
N ASN MA 234 44.87 -7.19 20.06
CA ASN MA 234 45.13 -5.83 19.64
C ASN MA 234 45.38 -4.93 20.85
N ARG MA 235 46.33 -4.02 20.72
CA ARG MA 235 46.68 -3.08 21.77
C ARG MA 235 45.98 -1.75 21.51
N TYR MA 236 45.17 -1.30 22.45
CA TYR MA 236 44.42 -0.06 22.32
C TYR MA 236 44.93 0.97 23.32
N LEU MA 237 44.78 2.23 22.97
CA LEU MA 237 44.92 3.29 23.95
C LEU MA 237 43.68 3.34 24.84
N LEU MA 238 43.79 4.00 25.97
CA LEU MA 238 42.67 4.05 26.90
C LEU MA 238 41.56 4.99 26.39
N PHE MA 239 41.94 6.10 25.77
CA PHE MA 239 40.96 7.06 25.27
C PHE MA 239 40.09 6.44 24.18
N ASP MA 240 40.71 5.77 23.21
CA ASP MA 240 39.95 5.10 22.16
C ASP MA 240 39.17 3.91 22.70
N LEU MA 241 39.65 3.25 23.76
CA LEU MA 241 38.90 2.16 24.35
C LEU MA 241 37.62 2.66 25.01
N VAL MA 242 37.71 3.76 25.78
CA VAL MA 242 36.52 4.33 26.39
C VAL MA 242 35.58 4.90 25.32
N GLN MA 243 36.16 5.46 24.25
CA GLN MA 243 35.34 5.95 23.13
C GLN MA 243 34.57 4.82 22.46
N TYR MA 244 35.22 3.67 22.25
CA TYR MA 244 34.53 2.54 21.65
C TYR MA 244 33.48 1.96 22.60
N VAL MA 245 33.76 1.97 23.91
CA VAL MA 245 32.80 1.48 24.88
C VAL MA 245 31.54 2.35 24.88
N PHE MA 246 31.71 3.67 24.86
CA PHE MA 246 30.55 4.55 24.83
C PHE MA 246 29.87 4.58 23.47
N ALA MA 247 30.59 4.25 22.39
CA ALA MA 247 29.95 4.16 21.08
C ALA MA 247 29.12 2.91 20.94
N VAL MA 248 29.57 1.79 21.52
CA VAL MA 248 28.77 0.57 21.51
C VAL MA 248 27.56 0.73 22.41
N ALA MA 249 27.74 1.32 23.60
CA ALA MA 249 26.65 1.53 24.53
C ALA MA 249 25.71 2.65 24.10
N HIS MA 250 26.08 3.41 23.05
CA HIS MA 250 25.27 4.50 22.49
C HIS MA 250 24.93 5.56 23.54
N ARG MA 251 25.96 6.02 24.23
CA ARG MA 251 25.86 7.08 25.20
C ARG MA 251 26.73 8.27 24.77
N PRO MA 252 26.39 9.49 25.17
CA PRO MA 252 27.25 10.63 24.85
C PRO MA 252 28.58 10.54 25.59
N PHE MA 253 29.65 10.89 24.88
CA PHE MA 253 31.01 10.79 25.40
C PHE MA 253 31.63 12.19 25.39
N LEU MA 254 31.78 12.78 26.57
CA LEU MA 254 32.32 14.13 26.72
C LEU MA 254 33.43 14.10 27.78
N PRO MA 255 34.63 13.69 27.39
CA PRO MA 255 35.74 13.64 28.36
C PRO MA 255 36.26 15.02 28.70
N TYR MA 256 37.01 15.09 29.80
CA TYR MA 256 37.61 16.34 30.23
C TYR MA 256 38.90 16.05 31.00
N PRO MA 257 39.92 16.89 30.84
CA PRO MA 257 41.15 16.72 31.62
C PRO MA 257 40.89 16.82 33.11
N MET MA 258 41.62 16.00 33.88
CA MET MA 258 41.54 16.04 35.31
C MET MA 258 42.86 15.51 35.84
N PRO MA 259 43.49 16.20 36.79
CA PRO MA 259 44.85 15.81 37.23
C PRO MA 259 44.85 14.49 37.97
N HIS MA 260 46.07 13.95 38.13
CA HIS MA 260 46.25 12.64 38.75
C HIS MA 260 46.02 12.69 40.25
N PHE MA 261 46.45 13.77 40.91
CA PHE MA 261 46.33 13.85 42.36
C PHE MA 261 44.88 14.06 42.79
N ALA MA 262 44.09 14.76 41.99
CA ALA MA 262 42.68 14.97 42.32
C ALA MA 262 41.81 13.77 42.02
N TYR MA 263 42.28 12.85 41.17
CA TYR MA 263 41.51 11.65 40.86
C TYR MA 263 41.47 10.71 42.06
N ARG MA 264 42.59 10.56 42.76
CA ARG MA 264 42.62 9.70 43.95
C ARG MA 264 41.84 10.31 45.11
N TRP MA 265 41.71 11.64 45.14
CA TRP MA 265 40.99 12.31 46.21
C TRP MA 265 39.51 11.95 46.20
N ILE MA 266 38.89 11.93 45.01
CA ILE MA 266 37.51 11.49 44.91
C ILE MA 266 37.41 9.98 44.77
N GLY MA 267 38.48 9.32 44.34
CA GLY MA 267 38.49 7.87 44.31
C GLY MA 267 38.44 7.24 45.69
N ARG MA 268 39.05 7.88 46.67
CA ARG MA 268 38.95 7.41 48.05
C ARG MA 268 37.63 7.82 48.71
N LEU MA 269 36.87 8.74 48.11
CA LEU MA 269 35.58 9.10 48.66
C LEU MA 269 34.55 8.00 48.44
N PHE MA 270 34.66 7.26 47.34
CA PHE MA 270 33.72 6.18 47.05
C PHE MA 270 34.04 4.90 47.82
N GLU MA 271 35.22 4.80 48.43
CA GLU MA 271 35.63 3.58 49.12
C GLU MA 271 35.22 3.54 50.58
N ILE MA 272 34.69 4.65 51.13
CA ILE MA 272 34.26 4.66 52.53
C ILE MA 272 32.90 4.01 52.74
N SER MA 273 32.27 3.53 51.68
CA SER MA 273 31.00 2.82 51.83
C SER MA 273 31.24 1.47 52.48
N PRO MA 274 30.42 1.07 53.46
CA PRO MA 274 30.61 -0.25 54.09
C PRO MA 274 30.32 -1.40 53.16
N PHE MA 275 29.51 -1.22 52.13
CA PHE MA 275 29.23 -2.25 51.15
C PHE MA 275 30.35 -2.29 50.11
N GLU MA 276 30.11 -2.95 48.99
CA GLU MA 276 31.10 -3.02 47.91
C GLU MA 276 31.31 -1.64 47.31
N PRO MA 277 32.52 -1.09 47.31
CA PRO MA 277 32.72 0.27 46.82
C PRO MA 277 32.62 0.35 45.30
N TRP MA 278 32.24 1.54 44.83
CA TRP MA 278 32.13 1.76 43.40
C TRP MA 278 33.51 1.91 42.75
N THR MA 279 34.42 2.64 43.39
CA THR MA 279 35.80 2.74 42.93
C THR MA 279 36.68 3.09 44.12
N THR MA 280 37.98 2.77 43.97
CA THR MA 280 38.98 3.08 44.98
C THR MA 280 40.13 3.80 44.30
N ARG MA 281 41.14 4.18 45.09
CA ARG MA 281 42.35 4.74 44.52
C ARG MA 281 43.13 3.68 43.74
N ASP MA 282 43.10 2.44 44.23
CA ASP MA 282 43.81 1.35 43.56
C ASP MA 282 43.20 1.04 42.21
N LYS MA 283 41.88 1.13 42.09
CA LYS MA 283 41.23 0.93 40.80
C LYS MA 283 41.63 2.02 39.81
N VAL MA 284 41.78 3.25 40.30
CA VAL MA 284 42.24 4.34 39.45
C VAL MA 284 43.69 4.10 39.02
N GLU MA 285 44.53 3.62 39.93
CA GLU MA 285 45.92 3.33 39.59
C GLU MA 285 46.03 2.21 38.56
N ARG MA 286 45.26 1.14 38.72
CA ARG MA 286 45.34 0.01 37.82
C ARG MA 286 44.67 0.29 36.48
N ILE MA 287 43.67 1.16 36.45
CA ILE MA 287 43.05 1.55 35.18
C ILE MA 287 44.02 2.37 34.35
N HIS MA 288 44.75 3.28 35.00
CA HIS MA 288 45.70 4.16 34.31
C HIS MA 288 47.12 3.62 34.34
N THR MA 289 47.29 2.30 34.28
CA THR MA 289 48.60 1.67 34.20
C THR MA 289 48.69 0.94 32.87
N THR MA 290 49.73 1.26 32.09
CA THR MA 290 49.88 0.67 30.77
C THR MA 290 50.32 -0.79 30.88
N ASP MA 291 49.79 -1.62 29.99
CA ASP MA 291 50.06 -3.05 30.02
C ASP MA 291 51.45 -3.33 29.46
N ARG MA 292 52.28 -3.99 30.26
CA ARG MA 292 53.63 -4.32 29.82
C ARG MA 292 53.60 -5.46 28.80
N THR MA 293 54.63 -5.50 27.97
CA THR MA 293 54.77 -6.51 26.93
C THR MA 293 55.91 -7.45 27.30
N LEU MA 294 55.60 -8.74 27.39
CA LEU MA 294 56.58 -9.78 27.74
C LEU MA 294 56.50 -10.86 26.67
N PRO MA 295 57.23 -10.68 25.56
CA PRO MA 295 57.19 -11.69 24.49
C PRO MA 295 57.81 -13.02 24.87
N HIS MA 296 58.66 -13.07 25.90
CA HIS MA 296 59.30 -14.32 26.27
C HIS MA 296 58.32 -15.28 26.96
N LEU MA 297 57.32 -14.75 27.63
CA LEU MA 297 56.31 -15.61 28.26
C LEU MA 297 55.37 -16.16 27.20
N PRO MA 298 55.13 -17.48 27.18
CA PRO MA 298 54.18 -18.04 26.21
C PRO MA 298 52.76 -17.58 26.49
N GLY MA 299 51.99 -17.43 25.40
CA GLY MA 299 50.65 -16.88 25.51
C GLY MA 299 49.54 -17.86 25.19
N LEU MA 300 48.40 -17.35 24.74
CA LEU MA 300 47.25 -18.20 24.45
C LEU MA 300 47.46 -19.02 23.18
N GLU MA 301 48.29 -18.53 22.26
CA GLU MA 301 48.51 -19.24 21.00
C GLU MA 301 49.32 -20.51 21.21
N ASP MA 302 50.23 -20.51 22.19
CA ASP MA 302 51.02 -21.71 22.48
C ASP MA 302 50.23 -22.77 23.22
N LEU MA 303 49.05 -22.43 23.75
CA LEU MA 303 48.15 -23.40 24.35
C LEU MA 303 47.02 -23.79 23.41
N GLY MA 304 47.10 -23.39 22.14
CA GLY MA 304 46.09 -23.75 21.17
C GLY MA 304 44.80 -22.97 21.25
N VAL MA 305 44.82 -21.77 21.84
CA VAL MA 305 43.63 -20.95 22.00
C VAL MA 305 43.80 -19.68 21.16
N GLN MA 306 42.85 -19.45 20.26
CA GLN MA 306 42.86 -18.22 19.47
C GLN MA 306 42.24 -17.09 20.28
N ALA MA 307 42.89 -15.93 20.25
CA ALA MA 307 42.43 -14.77 21.03
C ALA MA 307 41.24 -14.12 20.32
N THR MA 308 40.11 -14.07 21.01
CA THR MA 308 38.92 -13.42 20.46
C THR MA 308 39.05 -11.91 20.60
N PRO MA 309 38.90 -11.14 19.52
CA PRO MA 309 39.01 -9.68 19.63
C PRO MA 309 37.83 -9.07 20.36
N LEU MA 310 38.04 -7.84 20.83
CA LEU MA 310 37.01 -7.13 21.57
C LEU MA 310 35.82 -6.75 20.71
N GLU MA 311 36.00 -6.63 19.40
CA GLU MA 311 34.91 -6.21 18.52
C GLU MA 311 33.83 -7.28 18.36
N LEU MA 312 34.13 -8.53 18.69
CA LEU MA 312 33.15 -9.60 18.53
C LEU MA 312 32.25 -9.76 19.76
N LYS MA 313 32.73 -9.41 20.94
CA LYS MA 313 31.98 -9.61 22.17
C LYS MA 313 31.66 -8.32 22.92
N ALA MA 314 32.12 -7.17 22.42
CA ALA MA 314 31.84 -5.90 23.09
C ALA MA 314 30.35 -5.58 23.07
N ILE MA 315 29.67 -5.86 21.96
CA ILE MA 315 28.23 -5.63 21.87
C ILE MA 315 27.48 -6.55 22.81
N GLU MA 316 27.91 -7.81 22.91
CA GLU MA 316 27.28 -8.77 23.82
C GLU MA 316 27.46 -8.34 25.27
N VAL MA 317 28.61 -7.78 25.61
CA VAL MA 317 28.84 -7.28 26.96
C VAL MA 317 28.00 -6.03 27.24
N LEU MA 318 27.98 -5.09 26.30
CA LEU MA 318 27.49 -3.75 26.55
C LEU MA 318 26.07 -3.49 26.05
N ARG MA 319 25.35 -4.53 25.60
CA ARG MA 319 23.95 -4.31 25.23
C ARG MA 319 23.06 -4.04 26.44
N ARG MA 320 23.52 -4.36 27.65
CA ARG MA 320 22.73 -4.09 28.84
C ARG MA 320 22.67 -2.61 29.17
N HIS MA 321 23.68 -1.85 28.77
CA HIS MA 321 23.81 -0.44 29.14
C HIS MA 321 23.17 0.51 28.13
N ARG MA 322 22.61 0.00 27.04
CA ARG MA 322 21.97 0.86 26.06
C ARG MA 322 20.56 1.24 26.54
N THR MA 323 20.07 2.36 26.01
CA THR MA 323 18.71 2.77 26.27
C THR MA 323 17.75 2.01 25.36
N TYR MA 324 16.46 2.32 25.47
CA TYR MA 324 15.48 1.68 24.60
C TYR MA 324 15.60 2.15 23.16
N ARG MA 325 16.10 3.37 22.95
CA ARG MA 325 16.17 3.94 21.61
C ARG MA 325 17.13 3.18 20.71
N TRP MA 326 18.27 2.74 21.26
CA TRP MA 326 19.29 2.05 20.47
C TRP MA 326 19.54 0.64 20.97
N LEU MA 327 18.52 -0.02 21.52
CA LEU MA 327 18.67 -1.38 22.01
C LEU MA 327 18.72 -2.39 20.86
N SER MA 328 18.10 -2.07 19.73
CA SER MA 328 17.95 -3.04 18.65
C SER MA 328 18.97 -2.87 17.53
N SER MA 329 19.93 -1.96 17.68
CA SER MA 329 20.94 -1.78 16.64
C SER MA 329 21.91 -2.95 16.61
N GLU MA 330 22.39 -3.27 15.41
CA GLU MA 330 23.17 -4.48 15.18
C GLU MA 330 24.62 -4.26 15.62
N ILE MA 331 25.42 -5.32 15.44
CA ILE MA 331 26.83 -5.27 15.82
C ILE MA 331 27.62 -4.38 14.88
N GLU MA 332 27.30 -4.40 13.59
CA GLU MA 332 28.09 -3.73 12.57
C GLU MA 332 27.80 -2.24 12.46
N ASP MA 333 26.88 -1.70 13.26
CA ASP MA 333 26.55 -0.28 13.21
C ASP MA 333 27.40 0.54 14.18
N VAL MA 334 28.72 0.38 14.09
CA VAL MA 334 29.64 1.09 14.96
C VAL MA 334 30.99 1.16 14.25
N GLN MA 335 31.82 2.12 14.65
CA GLN MA 335 33.16 2.25 14.08
C GLN MA 335 34.17 1.66 15.04
N PRO MA 336 34.93 0.64 14.63
CA PRO MA 336 35.95 0.07 15.52
C PRO MA 336 37.07 1.06 15.81
N ALA MA 337 37.67 0.90 16.99
CA ALA MA 337 38.71 1.80 17.43
C ALA MA 337 40.02 1.51 16.72
N LYS MA 338 40.93 2.47 16.78
CA LYS MA 338 42.25 2.34 16.18
C LYS MA 338 43.22 1.72 17.18
N THR MA 339 43.93 0.68 16.74
CA THR MA 339 44.90 0.00 17.57
C THR MA 339 46.32 0.49 17.27
N VAL MA 340 47.23 0.15 18.17
CA VAL MA 340 48.62 0.54 18.01
C VAL MA 340 49.51 -0.69 17.84
N LEU NA 1 64.74 -53.30 -3.37
CA LEU NA 1 65.99 -54.01 -3.61
C LEU NA 1 65.72 -55.26 -4.46
N GLY NA 2 65.08 -56.25 -3.86
CA GLY NA 2 64.80 -57.49 -4.57
C GLY NA 2 63.48 -58.13 -4.17
N LEU NA 3 63.23 -59.34 -4.66
CA LEU NA 3 61.99 -60.03 -4.36
C LEU NA 3 61.96 -60.46 -2.89
N ARG NA 4 60.76 -60.51 -2.32
CA ARG NA 4 60.59 -61.05 -0.98
C ARG NA 4 59.59 -62.19 -0.93
N GLU NA 5 58.46 -62.07 -1.63
CA GLU NA 5 57.49 -63.15 -1.69
C GLU NA 5 56.64 -62.97 -2.94
N ILE NA 6 56.08 -64.08 -3.40
CA ILE NA 6 55.18 -64.09 -4.56
C ILE NA 6 53.84 -64.63 -4.10
N ARG NA 7 52.77 -64.03 -4.59
CA ARG NA 7 51.41 -64.48 -4.26
C ARG NA 7 50.64 -64.71 -5.54
N ILE NA 8 50.09 -65.91 -5.70
CA ILE NA 8 49.27 -66.27 -6.84
C ILE NA 8 47.88 -66.61 -6.32
N HIS NA 9 46.90 -65.79 -6.65
CA HIS NA 9 45.50 -66.05 -6.31
C HIS NA 9 44.79 -66.58 -7.56
N LEU NA 10 44.16 -67.75 -7.42
CA LEU NA 10 43.52 -68.39 -8.56
C LEU NA 10 42.23 -69.03 -8.13
N CYS NA 11 41.59 -69.72 -9.08
CA CYS NA 11 40.27 -70.30 -8.90
C CYS NA 11 40.33 -71.79 -9.23
N GLN NA 12 39.39 -72.55 -8.69
CA GLN NA 12 39.37 -73.99 -8.88
C GLN NA 12 38.33 -74.47 -9.88
N ARG NA 13 37.36 -73.64 -10.23
CA ARG NA 13 36.28 -74.06 -11.10
C ARG NA 13 36.18 -73.27 -12.40
N SER NA 14 36.34 -71.95 -12.33
CA SER NA 14 36.14 -71.11 -13.51
C SER NA 14 37.27 -71.32 -14.52
N PRO NA 15 36.96 -71.29 -15.82
CA PRO NA 15 38.01 -71.53 -16.83
C PRO NA 15 39.00 -70.38 -16.98
N GLY NA 16 38.71 -69.19 -16.44
CA GLY NA 16 39.61 -68.07 -16.57
C GLY NA 16 40.95 -68.29 -15.89
N SER NA 17 40.97 -69.13 -14.85
CA SER NA 17 42.21 -69.51 -14.19
C SER NA 17 42.79 -70.81 -14.75
N GLN NA 18 42.17 -71.38 -15.79
CA GLN NA 18 42.45 -72.75 -16.20
C GLN NA 18 43.90 -72.93 -16.62
N GLY NA 19 44.37 -72.09 -17.54
CA GLY NA 19 45.78 -72.13 -17.92
C GLY NA 19 46.71 -71.87 -16.76
N VAL NA 20 46.31 -70.98 -15.84
CA VAL NA 20 47.06 -70.75 -14.62
C VAL NA 20 47.17 -72.04 -13.81
N ARG NA 21 46.05 -72.77 -13.69
CA ARG NA 21 46.08 -74.07 -13.04
C ARG NA 21 47.00 -75.04 -13.78
N ASP NA 22 47.04 -74.92 -15.11
CA ASP NA 22 47.94 -75.71 -15.94
C ASP NA 22 49.38 -75.50 -15.48
N PHE NA 23 49.74 -74.24 -15.21
CA PHE NA 23 51.06 -73.92 -14.68
C PHE NA 23 51.35 -74.68 -13.40
N ILE NA 24 50.39 -74.66 -12.47
CA ILE NA 24 50.60 -75.28 -11.17
C ILE NA 24 50.72 -76.80 -11.31
N GLU NA 25 50.17 -77.35 -12.40
CA GLU NA 25 50.28 -78.78 -12.58
C GLU NA 25 51.47 -79.20 -13.42
N LYS NA 26 52.19 -78.25 -14.03
CA LYS NA 26 53.27 -78.65 -14.92
C LYS NA 26 54.60 -77.98 -14.62
N ARG NA 27 54.60 -76.71 -14.24
CA ARG NA 27 55.83 -75.92 -14.13
C ARG NA 27 55.90 -75.25 -12.77
N TYR NA 28 55.63 -76.01 -11.72
CA TYR NA 28 55.73 -75.48 -10.36
C TYR NA 28 56.83 -76.17 -9.56
N VAL NA 29 56.82 -77.50 -9.52
CA VAL NA 29 57.71 -78.25 -8.63
C VAL NA 29 59.16 -77.99 -8.99
N GLU NA 30 59.51 -78.11 -10.27
CA GLU NA 30 60.85 -77.78 -10.72
C GLU NA 30 61.15 -76.30 -10.50
N LEU NA 31 60.13 -75.45 -10.63
CA LEU NA 31 60.29 -74.05 -10.26
C LEU NA 31 60.59 -73.92 -8.77
N LYS NA 32 59.89 -74.70 -7.94
CA LYS NA 32 60.22 -74.75 -6.52
C LYS NA 32 61.58 -75.37 -6.27
N LYS NA 33 62.11 -76.14 -7.21
CA LYS NA 33 63.47 -76.64 -7.10
C LYS NA 33 64.50 -75.64 -7.58
N ALA NA 34 64.07 -74.50 -8.13
CA ALA NA 34 64.98 -73.46 -8.57
C ALA NA 34 65.03 -72.27 -7.62
N ASN NA 35 64.03 -72.09 -6.76
CA ASN NA 35 63.98 -71.01 -5.79
C ASN NA 35 63.67 -71.61 -4.43
N PRO NA 36 64.70 -72.12 -3.73
CA PRO NA 36 64.44 -72.77 -2.43
C PRO NA 36 64.19 -71.79 -1.29
N ASP NA 37 64.41 -70.49 -1.48
CA ASP NA 37 64.23 -69.52 -0.41
C ASP NA 37 63.17 -68.47 -0.74
N LEU NA 38 62.42 -68.64 -1.83
CA LEU NA 38 61.41 -67.67 -2.22
C LEU NA 38 60.03 -68.20 -1.85
N PRO NA 39 59.32 -67.59 -0.91
CA PRO NA 39 57.97 -68.06 -0.56
C PRO NA 39 56.98 -67.71 -1.66
N ILE NA 40 56.41 -68.74 -2.28
CA ILE NA 40 55.42 -68.56 -3.35
C ILE NA 40 54.07 -69.08 -2.88
N LEU NA 41 53.28 -68.19 -2.30
CA LEU NA 41 52.00 -68.58 -1.69
C LEU NA 41 50.94 -68.70 -2.78
N ILE NA 42 50.35 -69.87 -2.89
CA ILE NA 42 49.26 -70.14 -3.83
C ILE NA 42 47.97 -70.18 -3.04
N ARG NA 43 47.00 -69.36 -3.42
CA ARG NA 43 45.72 -69.26 -2.71
C ARG NA 43 44.59 -69.49 -3.70
N GLU NA 44 43.76 -70.49 -3.42
CA GLU NA 44 42.59 -70.78 -4.22
C GLU NA 44 41.35 -70.14 -3.62
N CYS NA 45 40.47 -69.63 -4.46
CA CYS NA 45 39.22 -69.04 -4.00
C CYS NA 45 38.09 -69.46 -4.92
N SER NA 46 36.86 -69.30 -4.42
CA SER NA 46 35.69 -69.83 -5.11
C SER NA 46 35.33 -69.02 -6.35
N ASP NA 47 35.38 -67.69 -6.25
CA ASP NA 47 34.97 -66.85 -7.37
C ASP NA 47 35.90 -65.65 -7.52
N VAL NA 48 37.21 -65.88 -7.44
CA VAL NA 48 38.18 -64.80 -7.57
C VAL NA 48 38.70 -64.79 -9.00
N GLN NA 49 39.19 -63.63 -9.41
CA GLN NA 49 39.90 -63.51 -10.67
C GLN NA 49 41.34 -63.97 -10.50
N PRO NA 50 41.98 -64.46 -11.58
CA PRO NA 50 43.42 -64.74 -11.50
C PRO NA 50 44.21 -63.46 -11.23
N LYS NA 51 45.27 -63.60 -10.43
CA LYS NA 51 46.02 -62.44 -9.99
C LYS NA 51 47.42 -62.89 -9.59
N LEU NA 52 48.39 -62.00 -9.81
CA LEU NA 52 49.78 -62.25 -9.42
C LEU NA 52 50.26 -61.04 -8.63
N TRP NA 53 50.75 -61.27 -7.43
CA TRP NA 53 51.25 -60.22 -6.57
C TRP NA 53 52.74 -60.40 -6.34
N ALA NA 54 53.50 -59.32 -6.49
CA ALA NA 54 54.94 -59.33 -6.28
C ALA NA 54 55.28 -58.32 -5.20
N ARG NA 55 55.94 -58.79 -4.15
CA ARG NA 55 56.39 -57.92 -3.06
C ARG NA 55 57.90 -57.73 -3.15
N TYR NA 56 58.33 -56.48 -3.20
CA TYR NA 56 59.73 -56.13 -3.17
C TYR NA 56 60.10 -55.65 -1.77
N ALA NA 57 61.30 -55.10 -1.63
CA ALA NA 57 61.72 -54.54 -0.36
C ALA NA 57 60.91 -53.30 0.00
N PHE NA 58 60.76 -53.07 1.30
CA PHE NA 58 60.08 -51.91 1.87
C PHE NA 58 58.61 -51.83 1.43
N GLY NA 59 57.96 -52.99 1.33
CA GLY NA 59 56.52 -53.02 1.15
C GLY NA 59 56.01 -52.58 -0.20
N GLN NA 60 56.82 -52.69 -1.24
CA GLN NA 60 56.37 -52.33 -2.59
C GLN NA 60 55.65 -53.53 -3.20
N GLU NA 61 54.33 -53.44 -3.29
CA GLU NA 61 53.51 -54.52 -3.84
C GLU NA 61 52.99 -54.13 -5.21
N LYS NA 62 53.22 -54.99 -6.19
CA LYS NA 62 52.79 -54.76 -7.57
C LYS NA 62 51.86 -55.88 -8.01
N ASN NA 63 50.93 -55.53 -8.88
CA ASN NA 63 49.81 -56.39 -9.27
C ASN NA 63 49.85 -56.67 -10.76
N VAL NA 64 49.57 -57.91 -11.14
CA VAL NA 64 49.51 -58.34 -12.53
C VAL NA 64 48.23 -59.16 -12.71
N SER NA 65 47.44 -58.81 -13.72
CA SER NA 65 46.25 -59.58 -14.04
C SER NA 65 46.61 -60.78 -14.90
N LEU NA 66 45.98 -61.93 -14.61
CA LEU NA 66 46.27 -63.18 -15.31
C LEU NA 66 45.01 -63.82 -15.85
N ASN NA 67 43.97 -63.04 -16.13
CA ASN NA 67 42.73 -63.61 -16.63
C ASN NA 67 42.88 -64.06 -18.08
N ASN NA 68 42.41 -65.27 -18.36
CA ASN NA 68 42.46 -65.90 -19.69
C ASN NA 68 43.88 -65.97 -20.24
N PHE NA 69 44.84 -66.29 -19.36
CA PHE NA 69 46.24 -66.43 -19.73
C PHE NA 69 46.62 -67.90 -19.75
N SER NA 70 47.30 -68.31 -20.81
CA SER NA 70 47.73 -69.70 -20.96
C SER NA 70 48.95 -69.96 -20.08
N ALA NA 71 49.46 -71.20 -20.17
CA ALA NA 71 50.61 -71.59 -19.37
C ALA NA 71 51.87 -70.81 -19.76
N ASP NA 72 52.06 -70.58 -21.06
CA ASP NA 72 53.21 -69.83 -21.54
C ASP NA 72 53.14 -68.39 -21.04
N GLN NA 73 51.94 -67.79 -21.06
CA GLN NA 73 51.79 -66.40 -20.65
C GLN NA 73 52.09 -66.21 -19.17
N VAL NA 74 51.53 -67.08 -18.32
CA VAL NA 74 51.78 -66.96 -16.88
C VAL NA 74 53.21 -67.32 -16.56
N THR NA 75 53.81 -68.25 -17.30
CA THR NA 75 55.23 -68.56 -17.12
C THR NA 75 56.10 -67.34 -17.46
N ARG NA 76 55.80 -66.67 -18.57
CA ARG NA 76 56.56 -65.49 -18.97
C ARG NA 76 56.38 -64.36 -17.97
N ALA NA 77 55.16 -64.19 -17.45
CA ALA NA 77 54.93 -63.19 -16.42
C ALA NA 77 55.72 -63.48 -15.15
N LEU NA 78 55.81 -64.76 -14.77
CA LEU NA 78 56.58 -65.11 -13.58
C LEU NA 78 58.07 -64.90 -13.80
N GLU NA 79 58.58 -65.17 -15.01
CA GLU NA 79 59.97 -64.85 -15.29
C GLU NA 79 60.23 -63.35 -15.28
N ASN NA 80 59.29 -62.54 -15.77
CA ASN NA 80 59.43 -61.09 -15.67
C ASN NA 80 59.46 -60.64 -14.22
N VAL NA 81 58.61 -61.23 -13.37
CA VAL NA 81 58.60 -60.88 -11.95
C VAL NA 81 59.91 -61.27 -11.29
N LEU NA 82 60.39 -62.49 -11.56
CA LEU NA 82 61.61 -62.98 -10.92
C LEU NA 82 62.84 -62.22 -11.37
N SER NA 83 62.91 -61.87 -12.65
CA SER NA 83 64.09 -61.21 -13.21
C SER NA 83 64.00 -59.69 -13.18
N SER NA 84 62.88 -59.11 -12.77
CA SER NA 84 62.78 -57.66 -12.70
C SER NA 84 63.47 -57.13 -11.44
N LYS NA 85 62.99 -57.57 -10.27
CA LYS NA 85 63.54 -57.19 -8.96
C LYS NA 85 63.55 -55.68 -8.76
N ALA NA 86 62.50 -55.01 -9.23
CA ALA NA 86 62.39 -53.56 -9.11
C ALA NA 86 61.30 -53.18 -8.12
N LEU OA 1 -48.09 -28.79 12.22
CA LEU OA 1 -47.51 -28.72 13.55
C LEU OA 1 -46.93 -27.34 13.82
N LEU OA 2 -46.22 -26.80 12.83
CA LEU OA 2 -45.55 -25.49 12.89
C LEU OA 2 -44.57 -25.45 14.07
N LYS OA 3 -43.54 -26.29 13.94
CA LYS OA 3 -42.51 -26.39 14.96
C LYS OA 3 -41.76 -25.07 15.11
N LYS OA 4 -41.60 -24.63 16.36
CA LYS OA 4 -40.93 -23.36 16.63
C LYS OA 4 -39.43 -23.48 16.36
N THR OA 5 -38.83 -24.57 16.83
CA THR OA 5 -37.43 -24.89 16.53
C THR OA 5 -37.33 -26.37 16.22
N THR OA 6 -36.33 -26.71 15.41
CA THR OA 6 -36.10 -28.11 15.07
C THR OA 6 -35.37 -28.87 16.17
N GLY OA 7 -34.84 -28.19 17.17
CA GLY OA 7 -34.11 -28.81 18.25
C GLY OA 7 -32.60 -28.71 18.12
N LEU OA 8 -32.10 -28.43 16.93
CA LEU OA 8 -30.67 -28.28 16.69
C LEU OA 8 -30.34 -26.82 16.44
N VAL OA 9 -29.06 -26.49 16.59
CA VAL OA 9 -28.58 -25.12 16.45
C VAL OA 9 -28.13 -24.91 15.01
N GLY OA 10 -28.53 -23.77 14.43
CA GLY OA 10 -28.13 -23.45 13.09
C GLY OA 10 -28.96 -24.09 12.00
N LEU OA 11 -30.02 -24.80 12.36
CA LEU OA 11 -30.91 -25.45 11.39
C LEU OA 11 -32.25 -24.73 11.41
N ALA OA 12 -32.66 -24.22 10.26
CA ALA OA 12 -33.88 -23.44 10.17
C ALA OA 12 -35.09 -24.34 9.94
N VAL OA 13 -36.25 -23.85 10.37
CA VAL OA 13 -37.50 -24.61 10.24
C VAL OA 13 -37.97 -24.52 8.79
N CYS OA 14 -38.24 -25.68 8.19
CA CYS OA 14 -38.74 -25.75 6.82
C CYS OA 14 -40.26 -25.66 6.83
N GLU OA 15 -40.79 -24.69 6.09
CA GLU OA 15 -42.25 -24.48 6.07
C GLU OA 15 -42.96 -25.56 5.26
N THR OA 16 -42.39 -25.95 4.12
CA THR OA 16 -43.01 -26.91 3.22
C THR OA 16 -42.05 -28.08 3.00
N PRO OA 17 -42.16 -29.14 3.80
CA PRO OA 17 -41.21 -30.25 3.65
C PRO OA 17 -41.53 -31.17 2.49
N HIS OA 18 -42.83 -31.34 2.18
CA HIS OA 18 -43.24 -32.29 1.15
C HIS OA 18 -42.76 -31.87 -0.23
N GLU OA 19 -42.98 -30.61 -0.60
CA GLU OA 19 -42.60 -30.13 -1.93
C GLU OA 19 -41.09 -30.10 -2.09
N ARG OA 20 -40.38 -29.66 -1.06
CA ARG OA 20 -38.92 -29.62 -1.11
C ARG OA 20 -38.33 -31.02 -1.23
N LEU OA 21 -38.89 -31.98 -0.48
CA LEU OA 21 -38.42 -33.36 -0.56
C LEU OA 21 -38.70 -33.96 -1.93
N LYS OA 22 -39.87 -33.68 -2.51
CA LYS OA 22 -40.19 -34.17 -3.84
C LYS OA 22 -39.25 -33.58 -4.88
N ILE OA 23 -38.94 -32.28 -4.76
CA ILE OA 23 -38.03 -31.62 -5.70
C ILE OA 23 -36.64 -32.24 -5.62
N LEU OA 24 -36.14 -32.43 -4.39
CA LEU OA 24 -34.80 -32.99 -4.21
C LEU OA 24 -34.71 -34.43 -4.70
N TYR OA 25 -35.75 -35.24 -4.43
CA TYR OA 25 -35.71 -36.63 -4.87
C TYR OA 25 -35.81 -36.75 -6.39
N THR OA 26 -36.65 -35.92 -7.01
CA THR OA 26 -36.74 -35.93 -8.47
C THR OA 26 -35.44 -35.47 -9.12
N LYS OA 27 -34.79 -34.46 -8.53
CA LYS OA 27 -33.50 -34.01 -9.05
C LYS OA 27 -32.43 -35.08 -8.89
N ILE OA 28 -32.45 -35.81 -7.77
CA ILE OA 28 -31.50 -36.90 -7.56
C ILE OA 28 -31.71 -38.00 -8.59
N LEU OA 29 -32.96 -38.36 -8.86
CA LEU OA 29 -33.25 -39.38 -9.87
C LEU OA 29 -32.81 -38.95 -11.26
N ASP OA 30 -33.04 -37.67 -11.59
CA ASP OA 30 -32.62 -37.17 -12.90
C ASP OA 30 -31.10 -37.14 -13.04
N VAL OA 31 -30.38 -36.84 -11.96
CA VAL OA 31 -28.92 -36.87 -12.02
C VAL OA 31 -28.42 -38.31 -12.13
N LEU OA 32 -28.98 -39.24 -11.35
CA LEU OA 32 -28.59 -40.64 -11.42
C LEU OA 32 -28.97 -41.30 -12.74
N GLY OA 33 -29.87 -40.69 -13.52
CA GLY OA 33 -30.18 -41.24 -14.83
C GLY OA 33 -29.01 -41.24 -15.80
N HIS OA 34 -28.04 -40.33 -15.60
CA HIS OA 34 -26.92 -40.24 -16.52
C HIS OA 34 -25.90 -41.36 -16.32
N ILE OA 35 -25.81 -41.91 -15.11
CA ILE OA 35 -24.83 -42.95 -14.78
C ILE OA 35 -25.17 -44.22 -15.55
N PRO OA 36 -24.19 -44.99 -16.04
CA PRO OA 36 -24.49 -46.24 -16.72
C PRO OA 36 -25.21 -47.24 -15.82
N LYS OA 37 -26.02 -48.09 -16.46
CA LYS OA 37 -26.88 -49.02 -15.73
C LYS OA 37 -26.09 -50.11 -15.02
N ASN OA 38 -24.96 -50.53 -15.58
CA ASN OA 38 -24.19 -51.60 -14.96
C ASN OA 38 -23.49 -51.18 -13.67
N ALA OA 39 -23.40 -49.89 -13.38
CA ALA OA 39 -22.85 -49.44 -12.11
C ALA OA 39 -23.85 -49.71 -10.99
N ALA OA 40 -23.36 -50.33 -9.90
CA ALA OA 40 -24.25 -50.69 -8.80
C ALA OA 40 -24.69 -49.48 -7.99
N TYR OA 41 -23.91 -48.39 -8.03
CA TYR OA 41 -24.28 -47.18 -7.30
C TYR OA 41 -25.58 -46.60 -7.82
N ARG OA 42 -25.76 -46.59 -9.15
CA ARG OA 42 -27.00 -46.07 -9.73
C ARG OA 42 -28.19 -46.90 -9.30
N LYS OA 43 -28.06 -48.23 -9.35
CA LYS OA 43 -29.18 -49.11 -8.99
C LYS OA 43 -29.55 -48.96 -7.51
N TYR OA 44 -28.55 -48.95 -6.64
CA TYR OA 44 -28.83 -48.86 -5.21
C TYR OA 44 -29.40 -47.48 -4.83
N THR OA 45 -28.82 -46.41 -5.37
CA THR OA 45 -29.31 -45.07 -5.07
C THR OA 45 -30.71 -44.86 -5.65
N GLU OA 46 -30.97 -45.39 -6.85
CA GLU OA 46 -32.30 -45.31 -7.43
C GLU OA 46 -33.32 -46.06 -6.60
N GLN OA 47 -32.94 -47.24 -6.09
CA GLN OA 47 -33.85 -48.02 -5.26
C GLN OA 47 -34.21 -47.28 -3.97
N ILE OA 48 -33.20 -46.79 -3.25
CA ILE OA 48 -33.48 -46.14 -1.97
C ILE OA 48 -34.19 -44.81 -2.18
N THR OA 49 -33.87 -44.07 -3.24
CA THR OA 49 -34.52 -42.80 -3.48
C THR OA 49 -35.96 -42.99 -3.94
N ASN OA 50 -36.22 -44.04 -4.73
CA ASN OA 50 -37.59 -44.33 -5.13
C ASN OA 50 -38.44 -44.76 -3.93
N GLU OA 51 -37.86 -45.56 -3.04
CA GLU OA 51 -38.57 -45.94 -1.82
C GLU OA 51 -38.87 -44.72 -0.96
N LYS OA 52 -37.89 -43.83 -0.79
CA LYS OA 52 -38.11 -42.62 0.00
C LYS OA 52 -39.14 -41.70 -0.65
N LEU OA 53 -39.14 -41.61 -1.97
CA LEU OA 53 -40.10 -40.75 -2.65
C LEU OA 53 -41.51 -41.32 -2.55
N SER OA 54 -41.64 -42.65 -2.60
CA SER OA 54 -42.96 -43.27 -2.38
C SER OA 54 -43.45 -43.01 -0.96
N ILE OA 55 -42.53 -43.08 0.03
CA ILE OA 55 -42.91 -42.78 1.42
C ILE OA 55 -43.35 -41.32 1.56
N VAL OA 56 -42.62 -40.40 0.92
CA VAL OA 56 -42.96 -38.97 1.02
C VAL OA 56 -44.30 -38.70 0.33
N LYS OA 57 -44.53 -39.31 -0.82
CA LYS OA 57 -45.79 -39.09 -1.54
C LYS OA 57 -46.97 -39.69 -0.79
N ALA OA 58 -46.79 -40.84 -0.15
CA ALA OA 58 -47.93 -41.55 0.44
C ALA OA 58 -48.44 -40.89 1.72
N GLU OA 59 -47.57 -40.23 2.47
CA GLU OA 59 -47.94 -39.73 3.80
C GLU OA 59 -48.20 -38.22 3.74
N PRO OA 60 -49.45 -37.78 3.93
CA PRO OA 60 -49.71 -36.33 3.92
C PRO OA 60 -49.29 -35.60 5.18
N ASP OA 61 -49.13 -36.30 6.30
CA ASP OA 61 -48.77 -35.65 7.56
C ASP OA 61 -47.27 -35.41 7.62
N VAL OA 62 -46.85 -34.72 8.69
CA VAL OA 62 -45.44 -34.42 8.91
C VAL OA 62 -44.84 -35.33 9.98
N LYS OA 63 -45.54 -35.50 11.10
CA LYS OA 63 -45.00 -36.33 12.18
C LYS OA 63 -45.00 -37.81 11.81
N LYS OA 64 -46.07 -38.28 11.15
CA LYS OA 64 -46.10 -39.67 10.71
C LYS OA 64 -45.05 -39.92 9.63
N LEU OA 65 -44.86 -38.96 8.72
CA LEU OA 65 -43.82 -39.08 7.70
C LEU OA 65 -42.44 -39.10 8.32
N GLU OA 66 -42.21 -38.27 9.34
CA GLU OA 66 -40.93 -38.27 10.04
C GLU OA 66 -40.70 -39.60 10.76
N GLU OA 67 -41.75 -40.15 11.38
CA GLU OA 67 -41.59 -41.39 12.13
C GLU OA 67 -41.49 -42.62 11.23
N GLN OA 68 -41.96 -42.54 9.98
CA GLN OA 68 -41.88 -43.68 9.09
C GLN OA 68 -40.79 -43.55 8.03
N LEU OA 69 -40.13 -42.39 7.92
CA LEU OA 69 -38.96 -42.27 7.08
C LEU OA 69 -37.68 -42.71 7.79
N GLN OA 70 -37.72 -42.83 9.12
CA GLN OA 70 -36.58 -43.27 9.95
C GLN OA 70 -35.35 -42.38 9.74
N GLY OA 71 -35.56 -41.07 9.82
CA GLY OA 71 -34.47 -40.13 9.65
C GLY OA 71 -34.48 -39.02 10.69
N GLY OA 72 -35.37 -39.12 11.66
CA GLY OA 72 -35.48 -38.08 12.66
C GLY OA 72 -36.33 -36.94 12.18
N GLN OA 73 -35.86 -35.72 12.37
CA GLN OA 73 -36.58 -34.54 11.91
C GLN OA 73 -36.56 -34.48 10.38
N ILE OA 74 -37.50 -33.71 9.82
CA ILE OA 74 -37.57 -33.59 8.37
C ILE OA 74 -36.46 -32.69 7.84
N GLU OA 75 -35.89 -31.83 8.68
CA GLU OA 75 -34.83 -30.94 8.22
C GLU OA 75 -33.54 -31.70 7.94
N GLU OA 76 -33.18 -32.66 8.80
CA GLU OA 76 -32.03 -33.49 8.51
C GLU OA 76 -32.29 -34.45 7.36
N VAL OA 77 -33.55 -34.82 7.11
CA VAL OA 77 -33.88 -35.61 5.92
C VAL OA 77 -33.63 -34.78 4.66
N ILE OA 78 -34.05 -33.51 4.66
CA ILE OA 78 -33.80 -32.62 3.53
C ILE OA 78 -32.29 -32.40 3.34
N LEU OA 79 -31.57 -32.23 4.45
CA LEU OA 79 -30.12 -32.06 4.38
C LEU OA 79 -29.43 -33.31 3.82
N GLN OA 80 -29.93 -34.49 4.21
CA GLN OA 80 -29.37 -35.73 3.67
C GLN OA 80 -29.67 -35.88 2.19
N ALA OA 81 -30.84 -35.41 1.75
CA ALA OA 81 -31.14 -35.41 0.32
C ALA OA 81 -30.20 -34.48 -0.44
N GLU OA 82 -29.90 -33.31 0.13
CA GLU OA 82 -28.95 -32.40 -0.50
C GLU OA 82 -27.56 -33.02 -0.59
N ASN OA 83 -27.13 -33.69 0.49
CA ASN OA 83 -25.82 -34.35 0.48
C ASN OA 83 -25.79 -35.51 -0.52
N GLU OA 84 -26.90 -36.23 -0.67
CA GLU OA 84 -26.97 -37.29 -1.67
C GLU OA 84 -26.87 -36.73 -3.08
N LEU OA 85 -27.51 -35.59 -3.33
CA LEU OA 85 -27.41 -34.96 -4.64
C LEU OA 85 -25.98 -34.50 -4.94
N SER OA 86 -25.31 -33.90 -3.94
CA SER OA 86 -23.92 -33.49 -4.12
C SER OA 86 -23.02 -34.70 -4.36
N LEU OA 87 -23.27 -35.80 -3.64
CA LEU OA 87 -22.51 -37.03 -3.87
C LEU OA 87 -22.76 -37.59 -5.26
N ALA OA 88 -24.00 -37.47 -5.75
CA ALA OA 88 -24.32 -37.94 -7.10
C ALA OA 88 -23.54 -37.17 -8.15
N ARG OA 89 -23.46 -35.84 -8.00
CA ARG OA 89 -22.67 -35.04 -8.93
C ARG OA 89 -21.19 -35.39 -8.86
N LYS OA 90 -20.65 -35.56 -7.64
CA LYS OA 90 -19.25 -35.93 -7.49
C LYS OA 90 -18.96 -37.32 -8.04
N MET OA 91 -19.92 -38.24 -7.94
CA MET OA 91 -19.73 -39.59 -8.45
C MET OA 91 -19.81 -39.63 -9.96
N ILE OA 92 -20.62 -38.75 -10.55
CA ILE OA 92 -20.58 -38.59 -12.00
C ILE OA 92 -19.23 -38.07 -12.43
N GLN OA 93 -18.66 -37.12 -11.66
CA GLN OA 93 -17.35 -36.59 -12.01
C GLN OA 93 -16.23 -37.61 -11.79
N TRP OA 94 -16.38 -38.53 -10.84
CA TRP OA 94 -15.30 -39.43 -10.47
C TRP OA 94 -15.31 -40.74 -11.25
N LYS OA 95 -16.50 -41.30 -11.49
CA LYS OA 95 -16.74 -42.59 -12.16
C LYS OA 95 -15.96 -43.72 -11.50
N PRO OA 96 -16.36 -44.17 -10.29
CA PRO OA 96 -15.61 -45.24 -9.63
C PRO OA 96 -16.10 -46.64 -9.96
N TRP OA 97 -16.91 -46.79 -11.00
CA TRP OA 97 -17.37 -48.12 -11.38
C TRP OA 97 -16.42 -48.83 -12.33
N GLU OA 98 -15.29 -48.20 -12.66
CA GLU OA 98 -14.26 -48.84 -13.45
C GLU OA 98 -13.57 -49.93 -12.62
N PRO OA 99 -12.88 -50.88 -13.27
CA PRO OA 99 -12.13 -51.90 -12.51
C PRO OA 99 -11.00 -51.33 -11.66
N LEU OA 100 -10.33 -52.21 -10.92
CA LEU OA 100 -9.34 -51.80 -9.94
C LEU OA 100 -8.15 -51.11 -10.60
N VAL OA 101 -7.67 -50.04 -9.96
CA VAL OA 101 -6.59 -49.24 -10.53
C VAL OA 101 -5.28 -50.02 -10.52
N GLU OA 102 -4.95 -50.63 -9.40
CA GLU OA 102 -3.67 -51.31 -9.26
C GLU OA 102 -3.79 -52.40 -8.21
N GLU OA 103 -3.21 -53.56 -8.50
CA GLU OA 103 -3.12 -54.63 -7.53
C GLU OA 103 -2.18 -54.23 -6.39
N PRO OA 104 -2.47 -54.63 -5.16
CA PRO OA 104 -1.59 -54.30 -4.05
C PRO OA 104 -0.35 -55.19 -4.05
N PRO OA 105 0.69 -54.81 -3.33
CA PRO OA 105 1.85 -55.72 -3.19
C PRO OA 105 1.48 -56.99 -2.43
N ALA OA 106 2.33 -58.00 -2.59
CA ALA OA 106 2.02 -59.33 -2.05
C ALA OA 106 2.03 -59.35 -0.53
N SER OA 107 2.79 -58.46 0.10
CA SER OA 107 2.87 -58.39 1.56
C SER OA 107 2.34 -57.06 2.06
N GLN OA 108 1.21 -56.61 1.51
CA GLN OA 108 0.65 -55.32 1.89
C GLN OA 108 -0.42 -55.44 2.97
N TRP OA 109 -1.28 -56.45 2.90
CA TRP OA 109 -2.35 -56.64 3.86
C TRP OA 109 -2.18 -57.93 4.63
N LYS OA 110 -0.94 -58.23 5.04
CA LYS OA 110 -0.63 -59.43 5.80
C LYS OA 110 -0.26 -59.02 7.22
N TRP OA 111 -1.02 -59.51 8.20
CA TRP OA 111 -0.76 -59.24 9.60
C TRP OA 111 -0.98 -60.54 10.37
N PRO OA 112 -0.06 -60.94 11.26
CA PRO OA 112 1.21 -60.28 11.59
C PRO OA 112 2.31 -60.53 10.57
N ILE OA 113 3.35 -59.71 10.60
CA ILE OA 113 4.43 -59.79 9.63
C ILE OA 113 5.27 -61.04 9.85
N THR PA 1 8.93 -48.35 -12.34
CA THR PA 1 9.78 -47.25 -11.89
C THR PA 1 9.02 -45.93 -11.93
N SER PA 2 7.79 -45.97 -12.45
CA SER PA 2 6.95 -44.78 -12.51
C SER PA 2 6.41 -44.46 -11.12
N VAL PA 3 6.74 -43.27 -10.62
CA VAL PA 3 6.34 -42.85 -9.29
C VAL PA 3 5.48 -41.59 -9.42
N LYS PA 4 4.91 -41.18 -8.28
CA LYS PA 4 4.06 -40.00 -8.24
C LYS PA 4 4.88 -38.79 -7.79
N PRO PA 5 4.93 -37.72 -8.58
CA PRO PA 5 5.72 -36.56 -8.16
C PRO PA 5 5.03 -35.77 -7.07
N ILE PA 6 5.82 -34.96 -6.37
CA ILE PA 6 5.28 -34.11 -5.30
C ILE PA 6 5.02 -32.72 -5.87
N PHE PA 7 6.07 -32.04 -6.29
CA PHE PA 7 5.95 -30.70 -6.85
C PHE PA 7 6.62 -30.55 -8.21
N SER PA 8 7.75 -31.21 -8.42
CA SER PA 8 8.56 -31.01 -9.61
C SER PA 8 8.47 -32.24 -10.50
N ARG PA 9 8.21 -32.01 -11.79
CA ARG PA 9 8.19 -33.10 -12.75
C ARG PA 9 9.58 -33.61 -13.09
N ASP PA 10 10.60 -32.75 -12.97
CA ASP PA 10 11.98 -33.15 -13.24
C ASP PA 10 12.89 -32.34 -12.31
N MET PA 11 14.19 -32.36 -12.61
CA MET PA 11 15.16 -31.70 -11.74
C MET PA 11 15.13 -30.18 -11.88
N ASN PA 12 14.67 -29.67 -13.03
CA ASN PA 12 14.75 -28.24 -13.31
C ASN PA 12 13.80 -27.45 -12.41
N GLU PA 13 12.56 -27.91 -12.28
CA GLU PA 13 11.60 -27.24 -11.41
C GLU PA 13 12.02 -27.32 -9.95
N ALA PA 14 12.59 -28.46 -9.55
CA ALA PA 14 13.07 -28.64 -8.19
C ALA PA 14 14.22 -27.71 -7.86
N LYS PA 15 15.18 -27.56 -8.77
CA LYS PA 15 16.30 -26.66 -8.51
C LYS PA 15 15.86 -25.20 -8.61
N ARG PA 16 14.84 -24.90 -9.41
CA ARG PA 16 14.25 -23.56 -9.39
C ARG PA 16 13.61 -23.25 -8.05
N ARG PA 17 12.91 -24.23 -7.47
CA ARG PA 17 12.34 -24.04 -6.14
C ARG PA 17 13.43 -23.88 -5.08
N VAL PA 18 14.53 -24.61 -5.23
CA VAL PA 18 15.69 -24.46 -4.35
C VAL PA 18 16.25 -23.05 -4.45
N ARG PA 19 16.36 -22.53 -5.68
CA ARG PA 19 16.85 -21.18 -5.90
C ARG PA 19 15.95 -20.14 -5.26
N GLU PA 20 14.63 -20.29 -5.41
CA GLU PA 20 13.70 -19.35 -4.79
C GLU PA 20 13.77 -19.41 -3.27
N LEU PA 21 13.91 -20.61 -2.71
CA LEU PA 21 14.05 -20.74 -1.26
C LEU PA 21 15.33 -20.08 -0.76
N TYR PA 22 16.42 -20.22 -1.52
CA TYR PA 22 17.67 -19.57 -1.14
C TYR PA 22 17.55 -18.05 -1.20
N ARG PA 23 16.86 -17.54 -2.21
CA ARG PA 23 16.60 -16.09 -2.28
C ARG PA 23 15.80 -15.61 -1.08
N ALA PA 24 14.77 -16.37 -0.70
CA ALA PA 24 13.94 -16.00 0.44
C ALA PA 24 14.74 -16.02 1.74
N TRP PA 25 15.58 -17.04 1.93
CA TRP PA 25 16.40 -17.11 3.13
C TRP PA 25 17.41 -15.98 3.19
N TYR PA 26 18.05 -15.67 2.06
CA TYR PA 26 19.04 -14.59 2.01
C TYR PA 26 18.39 -13.25 2.31
N ARG PA 27 17.16 -13.04 1.82
CA ARG PA 27 16.45 -11.82 2.19
C ARG PA 27 16.05 -11.82 3.66
N GLU PA 28 15.73 -12.99 4.22
CA GLU PA 28 15.19 -13.05 5.57
C GLU PA 28 16.25 -12.91 6.66
N VAL PA 29 17.51 -13.27 6.35
CA VAL PA 29 18.55 -13.32 7.40
C VAL PA 29 18.75 -12.02 8.17
N PRO PA 30 18.87 -10.84 7.54
CA PRO PA 30 19.06 -9.60 8.34
C PRO PA 30 17.90 -9.31 9.28
N ASN PA 31 16.67 -9.67 8.93
CA ASN PA 31 15.53 -9.45 9.83
C ASN PA 31 15.63 -10.33 11.06
N THR PA 32 16.06 -11.59 10.91
CA THR PA 32 16.22 -12.45 12.08
C THR PA 32 17.43 -12.05 12.90
N VAL PA 33 18.45 -11.45 12.28
CA VAL PA 33 19.55 -10.88 13.06
C VAL PA 33 19.06 -9.70 13.89
N HIS PA 34 18.24 -8.84 13.28
CA HIS PA 34 17.80 -7.62 13.96
C HIS PA 34 16.78 -7.91 15.06
N LEU PA 35 15.80 -8.77 14.79
CA LEU PA 35 14.71 -8.97 15.74
C LEU PA 35 15.14 -9.81 16.94
N PHE PA 36 15.91 -10.88 16.70
CA PHE PA 36 16.33 -11.76 17.78
C PHE PA 36 17.47 -11.18 18.61
N GLN PA 37 18.03 -10.03 18.20
CA GLN PA 37 19.15 -9.37 18.88
C GLN PA 37 20.35 -10.31 19.01
N LEU PA 38 20.66 -11.03 17.94
CA LEU PA 38 21.82 -11.92 17.93
C LEU PA 38 23.10 -11.10 17.93
N ASP PA 39 24.15 -11.68 18.51
CA ASP PA 39 25.46 -11.03 18.61
C ASP PA 39 26.38 -11.38 17.45
N ILE PA 40 25.82 -11.83 16.33
CA ILE PA 40 26.61 -12.23 15.17
C ILE PA 40 26.32 -11.28 14.02
N SER PA 41 27.21 -11.29 13.04
CA SER PA 41 27.08 -10.43 11.87
C SER PA 41 26.13 -11.06 10.84
N VAL PA 42 25.73 -10.25 9.87
CA VAL PA 42 24.86 -10.74 8.80
C VAL PA 42 25.60 -11.72 7.90
N LYS PA 43 26.89 -11.47 7.68
CA LYS PA 43 27.68 -12.37 6.83
C LYS PA 43 27.81 -13.75 7.44
N GLN PA 44 27.90 -13.83 8.77
CA GLN PA 44 27.95 -15.11 9.45
C GLN PA 44 26.65 -15.88 9.26
N GLY PA 45 25.51 -15.19 9.36
CA GLY PA 45 24.23 -15.86 9.13
C GLY PA 45 24.07 -16.31 7.69
N ARG PA 46 24.53 -15.49 6.74
CA ARG PA 46 24.41 -15.86 5.33
C ARG PA 46 25.34 -17.02 4.98
N ASP PA 47 26.53 -17.07 5.58
CA ASP PA 47 27.42 -18.20 5.32
C ASP PA 47 26.91 -19.47 6.01
N LYS PA 48 26.24 -19.33 7.16
CA LYS PA 48 25.58 -20.48 7.76
C LYS PA 48 24.45 -21.00 6.87
N VAL PA 49 23.69 -20.09 6.26
CA VAL PA 49 22.65 -20.48 5.30
C VAL PA 49 23.27 -21.21 4.11
N ARG PA 50 24.38 -20.69 3.61
CA ARG PA 50 25.07 -21.34 2.49
C ARG PA 50 25.60 -22.72 2.87
N GLU PA 51 26.13 -22.86 4.10
CA GLU PA 51 26.60 -24.15 4.57
C GLU PA 51 25.46 -25.16 4.69
N MET PA 52 24.32 -24.72 5.24
CA MET PA 52 23.17 -25.61 5.36
C MET PA 52 22.61 -25.99 4.00
N PHE PA 53 22.70 -25.09 3.02
CA PHE PA 53 22.24 -25.42 1.67
C PHE PA 53 23.20 -26.38 0.97
N LYS PA 54 24.50 -26.21 1.19
CA LYS PA 54 25.50 -27.07 0.56
C LYS PA 54 25.68 -28.40 1.27
N LYS PA 55 25.11 -28.55 2.47
CA LYS PA 55 25.15 -29.85 3.16
C LYS PA 55 24.37 -30.90 2.38
N ASN PA 56 23.24 -30.52 1.80
CA ASN PA 56 22.39 -31.43 1.04
C ASN PA 56 22.62 -31.33 -0.46
N ALA PA 57 23.86 -31.05 -0.88
CA ALA PA 57 24.14 -30.79 -2.29
C ALA PA 57 24.28 -32.04 -3.14
N HIS PA 58 24.25 -33.23 -2.54
CA HIS PA 58 24.47 -34.47 -3.26
C HIS PA 58 23.17 -35.18 -3.62
N VAL PA 59 22.02 -34.55 -3.40
CA VAL PA 59 20.72 -35.19 -3.62
C VAL PA 59 20.39 -35.12 -5.11
N THR PA 60 20.15 -36.28 -5.73
CA THR PA 60 19.77 -36.39 -7.12
C THR PA 60 18.41 -37.07 -7.28
N ASP PA 61 17.44 -36.70 -6.44
CA ASP PA 61 16.11 -37.29 -6.48
C ASP PA 61 15.09 -36.15 -6.36
N PRO PA 62 14.16 -36.02 -7.32
CA PRO PA 62 13.21 -34.89 -7.26
C PRO PA 62 12.29 -34.89 -6.05
N ARG PA 63 11.87 -36.07 -5.58
CA ARG PA 63 10.96 -36.11 -4.45
C ARG PA 63 11.68 -35.76 -3.15
N VAL PA 64 12.92 -36.22 -2.99
CA VAL PA 64 13.69 -35.91 -1.79
C VAL PA 64 13.98 -34.42 -1.69
N VAL PA 65 14.38 -33.81 -2.81
CA VAL PA 65 14.66 -32.38 -2.78
C VAL PA 65 13.36 -31.57 -2.68
N ASP PA 66 12.24 -32.11 -3.16
CA ASP PA 66 10.96 -31.46 -2.94
C ASP PA 66 10.60 -31.45 -1.45
N LEU PA 67 10.83 -32.57 -0.76
CA LEU PA 67 10.59 -32.60 0.68
C LEU PA 67 11.55 -31.69 1.43
N LEU PA 68 12.80 -31.60 0.96
CA LEU PA 68 13.77 -30.69 1.57
C LEU PA 68 13.34 -29.24 1.40
N VAL PA 69 12.80 -28.89 0.24
CA VAL PA 69 12.30 -27.54 -0.01
C VAL PA 69 11.10 -27.25 0.88
N ILE PA 70 10.21 -28.24 1.06
CA ILE PA 70 9.06 -28.06 1.94
C ILE PA 70 9.50 -27.83 3.37
N LYS PA 71 10.48 -28.61 3.85
CA LYS PA 71 10.98 -28.42 5.21
C LYS PA 71 11.69 -27.09 5.38
N GLY PA 72 12.42 -26.65 4.34
CA GLY PA 72 13.06 -25.35 4.41
C GLY PA 72 12.07 -24.21 4.43
N LYS PA 73 10.98 -24.32 3.67
CA LYS PA 73 9.92 -23.32 3.72
C LYS PA 73 9.24 -23.32 5.08
N MET PA 74 9.07 -24.50 5.67
CA MET PA 74 8.50 -24.58 7.03
C MET PA 74 9.38 -23.89 8.05
N GLU PA 75 10.70 -24.11 7.97
CA GLU PA 75 11.62 -23.44 8.89
C GLU PA 75 11.65 -21.93 8.64
N LEU PA 76 11.57 -21.51 7.38
CA LEU PA 76 11.52 -20.08 7.07
C LEU PA 76 10.26 -19.43 7.62
N GLU PA 77 9.12 -20.12 7.52
CA GLU PA 77 7.89 -19.61 8.11
C GLU PA 77 7.98 -19.57 9.63
N GLU PA 78 8.61 -20.58 10.23
CA GLU PA 78 8.78 -20.60 11.67
C GLU PA 78 9.74 -19.53 12.18
N THR PA 79 10.64 -19.03 11.32
CA THR PA 79 11.55 -17.97 11.75
C THR PA 79 11.14 -16.57 11.28
N ILE PA 80 10.19 -16.44 10.36
CA ILE PA 80 9.66 -15.12 10.02
C ILE PA 80 8.83 -14.57 11.17
N ASN PA 81 7.81 -15.32 11.57
CA ASN PA 81 7.20 -15.09 12.88
C ASN PA 81 8.17 -15.55 13.96
N VAL PA 82 8.07 -14.94 15.13
CA VAL PA 82 8.95 -15.32 16.25
C VAL PA 82 8.25 -16.45 16.97
N TRP PA 83 8.38 -17.65 16.39
CA TRP PA 83 8.01 -18.91 17.04
C TRP PA 83 9.23 -19.64 17.57
N LYS PA 84 10.32 -19.61 16.82
CA LYS PA 84 11.62 -19.98 17.37
C LYS PA 84 12.06 -18.93 18.38
N GLN PA 85 12.77 -19.38 19.40
CA GLN PA 85 13.35 -18.47 20.38
C GLN PA 85 14.75 -18.09 19.93
N ARG PA 86 15.51 -17.42 20.80
CA ARG PA 86 16.93 -17.21 20.49
C ARG PA 86 17.69 -18.52 20.52
N THR PA 87 17.30 -19.45 21.39
CA THR PA 87 17.97 -20.75 21.48
C THR PA 87 17.78 -21.56 20.20
N HIS PA 88 16.55 -21.56 19.65
CA HIS PA 88 16.27 -22.35 18.46
C HIS PA 88 17.02 -21.83 17.25
N VAL PA 89 17.13 -20.50 17.12
CA VAL PA 89 17.90 -19.93 16.03
C VAL PA 89 19.39 -20.17 16.22
N MET PA 90 19.88 -19.99 17.45
CA MET PA 90 21.31 -20.14 17.72
C MET PA 90 21.76 -21.59 17.77
N ARG PA 91 20.84 -22.56 17.75
CA ARG PA 91 21.22 -23.97 17.74
C ARG PA 91 21.90 -24.38 16.44
N PHE PA 92 21.81 -23.59 15.38
CA PHE PA 92 22.57 -23.89 14.17
C PHE PA 92 24.06 -23.63 14.38
N PHE PA 93 24.40 -22.73 15.31
CA PHE PA 93 25.78 -22.44 15.68
C PHE PA 93 26.09 -23.22 16.95
N HIS PA 94 26.82 -24.32 16.83
CA HIS PA 94 27.15 -25.16 17.99
C HIS PA 94 28.22 -24.45 18.80
N GLU PA 95 27.77 -23.55 19.68
CA GLU PA 95 28.68 -22.74 20.47
C GLU PA 95 29.15 -23.43 21.74
N THR PA 96 28.52 -24.52 22.13
CA THR PA 96 28.84 -25.19 23.39
C THR PA 96 29.46 -26.56 23.22
N GLU PA 97 29.47 -27.12 22.00
CA GLU PA 97 30.05 -28.43 21.75
C GLU PA 97 31.49 -28.25 21.29
N ALA PA 98 32.42 -28.87 22.02
CA ALA PA 98 33.82 -28.85 21.62
C ALA PA 98 34.00 -29.63 20.32
N PRO PA 99 34.92 -29.19 19.46
CA PRO PA 99 35.17 -29.95 18.22
C PRO PA 99 35.77 -31.32 18.51
N ARG PA 100 35.18 -32.34 17.89
CA ARG PA 100 35.64 -33.70 18.06
C ARG PA 100 36.99 -33.90 17.38
N PRO PA 101 37.76 -34.91 17.80
CA PRO PA 101 38.98 -35.26 17.06
C PRO PA 101 38.68 -35.68 15.64
N LYS PA 102 39.59 -35.35 14.73
CA LYS PA 102 39.41 -35.57 13.31
C LYS PA 102 40.28 -36.68 12.75
N ASP PA 103 41.58 -36.66 13.01
CA ASP PA 103 42.49 -37.64 12.44
C ASP PA 103 42.40 -38.95 13.22
N PHE PA 104 43.19 -39.94 12.77
CA PHE PA 104 43.14 -41.26 13.40
C PHE PA 104 43.83 -41.25 14.77
N LEU PA 105 44.91 -40.47 14.90
CA LEU PA 105 45.73 -40.54 16.12
C LEU PA 105 44.98 -40.00 17.34
N SER PA 106 44.30 -38.86 17.19
CA SER PA 106 43.57 -38.29 18.31
C SER PA 106 42.36 -39.14 18.66
N LYS PA 107 41.68 -39.70 17.65
CA LYS PA 107 40.56 -40.60 17.91
C LYS PA 107 41.02 -41.89 18.59
N PHE PA 108 42.24 -42.34 18.28
CA PHE PA 108 42.83 -43.47 19.00
C PHE PA 108 43.15 -43.08 20.44
N TYR PA 109 43.58 -41.84 20.64
CA TYR PA 109 43.93 -41.39 21.99
C TYR PA 109 42.72 -41.28 22.89
N VAL PA 110 41.60 -40.76 22.37
CA VAL PA 110 40.50 -40.35 23.26
C VAL PA 110 39.43 -41.40 23.47
N GLY PA 111 39.37 -42.46 22.66
CA GLY PA 111 38.31 -43.43 22.84
C GLY PA 111 38.42 -44.56 21.84
N HIS PA 112 37.43 -45.46 21.93
CA HIS PA 112 37.37 -46.64 21.07
C HIS PA 112 36.58 -46.43 19.79
N ASP PA 113 35.96 -45.26 19.62
CA ASP PA 113 35.10 -45.03 18.47
C ASP PA 113 35.94 -44.93 17.19
N PRO PA 114 35.42 -45.38 16.04
CA PRO PA 114 36.14 -45.26 14.77
C PRO PA 114 36.14 -43.83 14.23
N SER QA 4 -21.83 -27.44 66.18
CA SER QA 4 -21.29 -27.05 67.47
C SER QA 4 -21.63 -25.59 67.76
N ALA QA 5 -22.08 -24.89 66.73
CA ALA QA 5 -22.42 -23.49 66.85
C ALA QA 5 -23.70 -23.31 67.66
N THR QA 6 -23.85 -22.11 68.24
CA THR QA 6 -25.03 -21.80 69.01
C THR QA 6 -26.24 -21.60 68.08
N ARG QA 7 -27.44 -21.65 68.67
CA ARG QA 7 -28.67 -21.68 67.91
C ARG QA 7 -28.90 -20.40 67.12
N LEU QA 8 -28.42 -19.26 67.63
CA LEU QA 8 -28.57 -18.00 66.91
C LEU QA 8 -27.80 -18.03 65.59
N ILE QA 9 -26.57 -18.56 65.61
CA ILE QA 9 -25.76 -18.64 64.40
C ILE QA 9 -26.37 -19.62 63.42
N GLN QA 10 -26.90 -20.75 63.91
CA GLN QA 10 -27.56 -21.72 63.03
C GLN QA 10 -28.80 -21.11 62.38
N GLY QA 11 -29.60 -20.36 63.15
CA GLY QA 11 -30.78 -19.75 62.58
C GLY QA 11 -30.46 -18.68 61.55
N LEU QA 12 -29.46 -17.84 61.84
CA LEU QA 12 -29.06 -16.81 60.87
C LEU QA 12 -28.47 -17.45 59.62
N ARG QA 13 -27.70 -18.53 59.79
CA ARG QA 13 -27.12 -19.24 58.66
C ARG QA 13 -28.20 -19.88 57.79
N ASN QA 14 -29.21 -20.50 58.41
CA ASN QA 14 -30.30 -21.11 57.66
C ASN QA 14 -31.13 -20.06 56.94
N TRP QA 15 -31.33 -18.89 57.56
CA TRP QA 15 -32.07 -17.83 56.87
C TRP QA 15 -31.28 -17.27 55.70
N ALA QA 16 -29.97 -17.06 55.88
CA ALA QA 16 -29.16 -16.48 54.81
C ALA QA 16 -28.98 -17.45 53.65
N SER QA 17 -28.82 -18.74 53.93
CA SER QA 17 -28.67 -19.72 52.86
C SER QA 17 -29.99 -19.96 52.15
N GLY QA 18 -31.09 -19.98 52.90
CA GLY QA 18 -32.38 -20.35 52.35
C GLY QA 18 -32.70 -21.83 52.42
N ARG QA 19 -31.77 -22.64 52.90
CA ARG QA 19 -31.96 -24.08 53.04
C ARG QA 19 -31.75 -24.48 54.50
N ASP QA 20 -31.82 -25.79 54.76
CA ASP QA 20 -31.54 -26.36 56.06
C ASP QA 20 -30.20 -27.08 55.97
N LEU QA 21 -29.19 -26.53 56.65
CA LEU QA 21 -27.84 -27.05 56.57
C LEU QA 21 -27.52 -28.04 57.68
N GLN QA 22 -28.32 -28.09 58.74
CA GLN QA 22 -28.04 -29.01 59.84
C GLN QA 22 -28.39 -30.44 59.49
N ALA QA 23 -29.32 -30.66 58.55
CA ALA QA 23 -29.61 -32.02 58.12
C ALA QA 23 -28.46 -32.60 57.31
N LYS QA 24 -27.86 -31.81 56.42
CA LYS QA 24 -26.76 -32.25 55.57
C LYS QA 24 -25.57 -31.35 55.81
N LEU QA 25 -24.64 -31.80 56.65
CA LEU QA 25 -23.41 -31.08 56.92
C LEU QA 25 -22.28 -31.66 56.08
N GLN QA 26 -21.46 -30.79 55.50
CA GLN QA 26 -20.37 -31.24 54.66
C GLN QA 26 -19.17 -31.73 55.45
N LEU QA 27 -19.16 -31.53 56.77
CA LEU QA 27 -18.08 -32.01 57.63
C LEU QA 27 -18.49 -33.34 58.24
N ARG QA 28 -17.62 -34.33 58.12
CA ARG QA 28 -17.92 -35.66 58.64
C ARG QA 28 -17.80 -35.71 60.15
N TYR QA 29 -18.54 -36.62 60.75
CA TYR QA 29 -18.63 -36.73 62.20
C TYR QA 29 -18.61 -38.22 62.54
N GLN QA 30 -19.06 -38.57 63.74
CA GLN QA 30 -19.01 -39.95 64.23
C GLN QA 30 -19.86 -40.93 63.44
N GLU QA 31 -20.68 -40.45 62.51
CA GLU QA 31 -21.52 -41.32 61.70
C GLU QA 31 -20.74 -42.11 60.65
N ILE QA 32 -19.48 -41.76 60.40
CA ILE QA 32 -18.68 -42.43 59.38
C ILE QA 32 -18.27 -43.82 59.87
N SER QA 33 -17.78 -44.64 58.95
CA SER QA 33 -17.33 -45.98 59.31
C SER QA 33 -16.07 -45.93 60.17
N LYS QA 34 -15.91 -46.94 61.01
CA LYS QA 34 -14.76 -47.01 61.90
C LYS QA 34 -13.49 -47.28 61.10
N ARG QA 35 -12.36 -46.79 61.61
CA ARG QA 35 -11.10 -46.94 60.91
C ARG QA 35 -10.58 -48.38 60.97
N THR QA 36 -10.98 -49.14 61.99
CA THR QA 36 -10.65 -50.55 62.06
C THR QA 36 -11.88 -51.38 61.70
N GLN QA 37 -11.65 -52.47 60.99
CA GLN QA 37 -12.71 -53.31 60.48
C GLN QA 37 -12.40 -54.77 60.78
N PRO QA 38 -13.42 -55.61 60.90
CA PRO QA 38 -13.17 -57.05 61.02
C PRO QA 38 -12.54 -57.58 59.74
N PRO QA 39 -11.71 -58.60 59.85
CA PRO QA 39 -11.04 -59.15 58.65
C PRO QA 39 -12.04 -59.82 57.72
N PRO QA 40 -11.90 -59.63 56.42
CA PRO QA 40 -12.86 -60.20 55.46
C PRO QA 40 -12.48 -61.62 55.06
N LYS QA 41 -13.38 -62.24 54.30
CA LYS QA 41 -13.14 -63.56 53.72
C LYS QA 41 -13.66 -63.49 52.28
N LEU QA 42 -12.79 -63.14 51.36
CA LEU QA 42 -13.20 -62.98 49.97
C LEU QA 42 -13.50 -64.34 49.34
N PRO QA 43 -14.59 -64.46 48.60
CA PRO QA 43 -14.95 -65.74 48.00
C PRO QA 43 -14.11 -66.05 46.76
N VAL QA 44 -14.28 -67.26 46.26
CA VAL QA 44 -13.56 -67.72 45.08
C VAL QA 44 -14.48 -67.60 43.87
N GLY QA 45 -13.89 -67.70 42.68
CA GLY QA 45 -14.63 -67.58 41.45
C GLY QA 45 -15.21 -68.89 40.97
N PRO QA 46 -15.76 -68.90 39.75
CA PRO QA 46 -16.40 -70.11 39.24
C PRO QA 46 -15.46 -71.20 38.78
N SER QA 47 -14.17 -70.90 38.59
CA SER QA 47 -13.22 -71.90 38.12
C SER QA 47 -12.49 -72.61 39.25
N HIS QA 48 -12.80 -72.30 40.51
CA HIS QA 48 -12.18 -72.97 41.65
C HIS QA 48 -12.96 -74.24 41.94
N ARG QA 49 -12.71 -75.26 41.12
CA ARG QA 49 -13.37 -76.55 41.27
C ARG QA 49 -12.33 -77.65 41.08
N LEU QA 50 -12.62 -78.81 41.66
CA LEU QA 50 -11.74 -79.96 41.57
C LEU QA 50 -12.12 -80.92 40.46
N SER QA 51 -13.34 -80.84 39.94
CA SER QA 51 -13.81 -81.74 38.89
C SER QA 51 -14.42 -80.94 37.76
N ASN QA 52 -14.23 -81.44 36.53
CA ASN QA 52 -14.73 -80.83 35.30
C ASN QA 52 -14.26 -79.39 35.15
N ASN QA 53 -12.94 -79.20 35.29
CA ASN QA 53 -12.31 -77.89 35.20
C ASN QA 53 -11.17 -77.91 34.20
N TYR QA 54 -11.43 -78.49 33.03
CA TYR QA 54 -10.41 -78.54 31.99
C TYR QA 54 -10.22 -77.17 31.35
N TYR QA 55 -8.97 -76.75 31.20
CA TYR QA 55 -8.69 -75.41 30.68
C TYR QA 55 -8.99 -75.30 29.19
N CYS QA 56 -8.91 -76.41 28.46
CA CYS QA 56 -9.18 -76.38 27.02
C CYS QA 56 -10.65 -76.10 26.72
N ALA QA 57 -11.54 -76.39 27.65
CA ALA QA 57 -12.97 -76.13 27.46
C ALA QA 57 -13.38 -74.72 27.87
N ARG QA 58 -12.47 -73.94 28.45
CA ARG QA 58 -12.81 -72.58 28.87
C ARG QA 58 -11.72 -71.57 28.54
N ASP QA 59 -10.89 -71.84 27.54
CA ASP QA 59 -9.85 -70.90 27.15
C ASP QA 59 -10.46 -69.71 26.43
N GLY QA 60 -9.93 -68.53 26.71
CA GLY QA 60 -10.44 -67.32 26.08
C GLY QA 60 -9.61 -66.88 24.90
N ARG QA 61 -8.29 -66.88 25.06
CA ARG QA 61 -7.40 -66.40 24.01
C ARG QA 61 -7.36 -67.35 22.82
N ARG QA 62 -7.48 -68.65 23.06
CA ARG QA 62 -7.35 -69.63 22.00
C ARG QA 62 -8.58 -69.71 21.11
N GLU QA 63 -9.69 -69.08 21.50
CA GLU QA 63 -10.88 -69.02 20.67
C GLU QA 63 -10.87 -67.84 19.71
N ALA QA 64 -9.86 -66.99 19.77
CA ALA QA 64 -9.71 -65.93 18.79
C ALA QA 64 -9.33 -66.51 17.44
N MET QA 65 -9.77 -65.85 16.38
CA MET QA 65 -9.59 -66.30 15.01
C MET QA 65 -9.03 -65.16 14.18
N PRO QA 66 -8.39 -65.46 13.05
CA PRO QA 66 -8.05 -64.41 12.11
C PRO QA 66 -9.30 -63.74 11.56
N PRO QA 67 -9.22 -62.47 11.18
CA PRO QA 67 -10.40 -61.77 10.68
C PRO QA 67 -10.94 -62.39 9.40
N SER QA 68 -12.26 -62.47 9.31
CA SER QA 68 -12.92 -63.13 8.18
C SER QA 68 -12.84 -62.21 6.97
N ILE QA 69 -11.91 -62.50 6.07
CA ILE QA 69 -11.77 -61.73 4.85
C ILE QA 69 -12.91 -62.08 3.90
N VAL QA 70 -13.61 -61.06 3.41
CA VAL QA 70 -14.82 -61.27 2.62
C VAL QA 70 -14.52 -61.02 1.15
N MET QA 71 -14.12 -59.80 0.81
CA MET QA 71 -13.82 -59.42 -0.56
C MET QA 71 -12.32 -59.19 -0.66
N SER QA 72 -11.70 -59.84 -1.65
CA SER QA 72 -10.28 -59.68 -1.89
C SER QA 72 -10.01 -59.64 -3.38
N SER QA 73 -8.91 -59.01 -3.75
CA SER QA 73 -8.45 -58.96 -5.14
C SER QA 73 -7.33 -59.95 -5.40
N GLN QA 74 -7.10 -60.88 -4.47
CA GLN QA 74 -6.02 -61.87 -4.53
C GLN QA 74 -4.65 -61.23 -4.69
N SER QA 91 -26.62 -60.24 -7.76
CA SER QA 91 -28.07 -60.37 -7.74
C SER QA 91 -28.74 -59.01 -7.54
N GLU QA 92 -30.08 -59.01 -7.55
CA GLU QA 92 -30.85 -57.80 -7.31
C GLU QA 92 -31.17 -57.62 -5.83
N LYS QA 93 -30.12 -57.67 -5.01
CA LYS QA 93 -30.29 -57.58 -3.57
C LYS QA 93 -30.61 -56.15 -3.15
N LYS QA 94 -31.24 -56.03 -1.98
CA LYS QA 94 -31.58 -54.73 -1.45
C LYS QA 94 -30.35 -54.02 -0.92
N ALA QA 95 -30.42 -52.69 -0.87
CA ALA QA 95 -29.36 -51.92 -0.25
C ALA QA 95 -29.39 -52.14 1.26
N VAL QA 96 -28.21 -52.18 1.87
CA VAL QA 96 -28.07 -52.51 3.27
C VAL QA 96 -27.24 -51.44 3.97
N SER QA 97 -27.68 -51.06 5.16
CA SER QA 97 -27.02 -50.16 6.08
C SER QA 97 -26.12 -50.95 7.01
N PRO QA 98 -25.16 -50.30 7.69
CA PRO QA 98 -24.37 -51.02 8.70
C PRO QA 98 -25.20 -51.55 9.85
N ALA QA 99 -26.29 -50.89 10.19
CA ALA QA 99 -27.20 -51.32 11.24
C ALA QA 99 -28.56 -50.69 10.97
N PRO QA 100 -29.63 -51.22 11.57
CA PRO QA 100 -30.90 -50.51 11.52
C PRO QA 100 -30.79 -49.17 12.22
N PRO QA 101 -31.57 -48.18 11.78
CA PRO QA 101 -31.45 -46.84 12.37
C PRO QA 101 -31.81 -46.81 13.85
N ILE QA 102 -31.11 -45.94 14.57
CA ILE QA 102 -31.28 -45.86 16.02
C ILE QA 102 -32.65 -45.29 16.35
N LYS QA 103 -33.34 -45.93 17.31
CA LYS QA 103 -34.67 -45.50 17.71
C LYS QA 103 -34.61 -44.10 18.33
N ARG QA 104 -35.69 -43.35 18.12
CA ARG QA 104 -35.77 -41.98 18.61
C ARG QA 104 -35.81 -41.97 20.13
N TRP QA 105 -35.04 -41.06 20.72
CA TRP QA 105 -34.93 -40.99 22.17
C TRP QA 105 -36.23 -40.48 22.78
N GLU QA 106 -36.71 -41.18 23.81
CA GLU QA 106 -37.92 -40.78 24.51
C GLU QA 106 -37.61 -39.72 25.56
N LEU QA 107 -38.61 -38.89 25.83
CA LEU QA 107 -38.43 -37.84 26.82
C LEU QA 107 -38.40 -38.41 28.24
N SER QA 108 -37.70 -37.70 29.12
CA SER QA 108 -37.63 -38.13 30.51
C SER QA 108 -38.95 -37.85 31.22
N GLN QA 109 -39.41 -38.83 32.00
CA GLN QA 109 -40.65 -38.70 32.75
C GLN QA 109 -40.44 -38.12 34.15
N ASP QA 110 -39.20 -38.02 34.61
CA ASP QA 110 -38.94 -37.50 35.95
C ASP QA 110 -38.90 -35.98 35.96
N GLU QA 111 -37.97 -35.39 35.22
CA GLU QA 111 -37.84 -33.95 35.08
C GLU QA 111 -37.75 -33.64 33.59
N PRO QA 112 -38.89 -33.57 32.90
CA PRO QA 112 -38.86 -33.30 31.46
C PRO QA 112 -38.44 -31.88 31.11
N TYR QA 113 -38.53 -30.94 32.06
CA TYR QA 113 -38.23 -29.52 31.86
C TYR QA 113 -39.05 -28.90 30.74
N LEU QA 114 -40.28 -29.35 30.57
CA LEU QA 114 -41.15 -28.82 29.52
C LEU QA 114 -42.46 -28.31 30.11
N MET RA 1 -30.50 -18.36 76.64
CA MET RA 1 -29.39 -17.73 75.92
C MET RA 1 -28.14 -18.60 75.87
N GLU RA 2 -27.19 -18.24 75.03
CA GLU RA 2 -26.02 -19.07 74.82
C GLU RA 2 -24.71 -18.31 74.69
N LEU RA 3 -24.70 -16.99 74.84
CA LEU RA 3 -23.46 -16.24 74.68
C LEU RA 3 -22.53 -16.43 75.87
N LEU RA 4 -23.06 -16.36 77.09
CA LEU RA 4 -22.22 -16.58 78.26
C LEU RA 4 -21.80 -18.03 78.41
N GLN RA 5 -22.53 -18.97 77.80
CA GLN RA 5 -22.02 -20.34 77.74
C GLN RA 5 -20.79 -20.42 76.85
N VAL RA 6 -20.76 -19.65 75.76
CA VAL RA 6 -19.58 -19.57 74.92
C VAL RA 6 -18.43 -18.94 75.68
N LEU RA 7 -18.73 -17.89 76.46
CA LEU RA 7 -17.69 -17.26 77.28
C LEU RA 7 -17.16 -18.22 78.34
N LYS RA 8 -18.04 -19.02 78.95
CA LYS RA 8 -17.61 -20.01 79.93
C LYS RA 8 -16.75 -21.09 79.29
N ARG RA 9 -17.09 -21.51 78.07
CA ARG RA 9 -16.27 -22.50 77.38
C ARG RA 9 -14.91 -21.92 77.01
N GLY RA 10 -14.86 -20.64 76.63
CA GLY RA 10 -13.58 -20.01 76.36
C GLY RA 10 -12.71 -19.87 77.61
N LEU RA 11 -13.32 -19.50 78.74
CA LEU RA 11 -12.58 -19.41 79.98
C LEU RA 11 -12.10 -20.79 80.45
N GLN RA 12 -12.91 -21.82 80.22
CA GLN RA 12 -12.49 -23.18 80.56
C GLN RA 12 -11.36 -23.65 79.65
N GLN RA 13 -11.37 -23.23 78.38
CA GLN RA 13 -10.24 -23.53 77.51
C GLN RA 13 -8.99 -22.79 77.94
N VAL RA 14 -9.14 -21.59 78.51
CA VAL RA 14 -8.00 -20.87 79.06
C VAL RA 14 -7.46 -21.62 80.28
N SER RA 15 -8.34 -22.05 81.17
CA SER RA 15 -7.93 -22.70 82.41
C SER RA 15 -7.45 -24.14 82.22
N GLY RA 16 -7.82 -24.78 81.12
CA GLY RA 16 -7.48 -26.17 80.92
C GLY RA 16 -6.08 -26.41 80.39
N HIS RA 17 -5.35 -25.35 80.03
CA HIS RA 17 -3.99 -25.47 79.54
C HIS RA 17 -2.96 -25.13 80.60
N GLY RA 18 -3.32 -25.25 81.88
CA GLY RA 18 -2.39 -24.95 82.94
C GLY RA 18 -2.26 -23.49 83.28
N GLY RA 19 -3.27 -22.69 82.99
CA GLY RA 19 -3.23 -21.28 83.29
C GLY RA 19 -2.87 -20.44 82.09
N LEU RA 20 -2.60 -19.16 82.38
CA LEU RA 20 -2.35 -18.19 81.32
C LEU RA 20 -1.03 -18.46 80.61
N ARG RA 21 0.00 -18.87 81.36
CA ARG RA 21 1.30 -19.12 80.75
C ARG RA 21 1.25 -20.29 79.78
N GLY RA 22 0.63 -21.40 80.21
CA GLY RA 22 0.43 -22.53 79.31
C GLY RA 22 -0.48 -22.20 78.14
N TYR RA 23 -1.47 -21.33 78.38
CA TYR RA 23 -2.36 -20.89 77.30
C TYR RA 23 -1.58 -20.15 76.22
N LEU RA 24 -0.76 -19.18 76.61
CA LEU RA 24 0.05 -18.45 75.63
C LEU RA 24 1.09 -19.34 74.98
N ARG RA 25 1.64 -20.31 75.72
CA ARG RA 25 2.60 -21.24 75.13
C ARG RA 25 1.96 -22.07 74.04
N VAL RA 26 0.80 -22.66 74.32
CA VAL RA 26 0.15 -23.51 73.31
C VAL RA 26 -0.43 -22.66 72.18
N LEU RA 27 -0.77 -21.41 72.45
CA LEU RA 27 -1.27 -20.52 71.40
C LEU RA 27 -0.15 -20.13 70.44
N PHE RA 28 1.01 -19.75 70.98
CA PHE RA 28 2.12 -19.33 70.14
C PHE RA 28 2.88 -20.49 69.52
N ARG RA 29 2.69 -21.71 70.03
CA ARG RA 29 3.36 -22.86 69.43
C ARG RA 29 2.47 -23.64 68.46
N ALA RA 30 1.18 -23.79 68.76
CA ALA RA 30 0.33 -24.64 67.94
C ALA RA 30 -0.77 -23.90 67.19
N ASN RA 31 -1.05 -22.64 67.54
CA ASN RA 31 -2.11 -21.82 66.95
C ASN RA 31 -3.49 -22.47 67.09
N ASP RA 32 -3.69 -23.24 68.16
CA ASP RA 32 -4.97 -23.86 68.47
C ASP RA 32 -4.99 -24.18 69.95
N VAL RA 33 -6.01 -23.70 70.65
CA VAL RA 33 -6.01 -23.73 72.11
C VAL RA 33 -7.11 -24.63 72.66
N ARG RA 34 -7.68 -25.51 71.85
CA ARG RA 34 -8.73 -26.39 72.33
C ARG RA 34 -8.11 -27.53 73.14
N VAL RA 35 -8.75 -27.87 74.25
CA VAL RA 35 -8.26 -28.91 75.13
C VAL RA 35 -8.76 -30.27 74.64
N GLY RA 36 -8.13 -31.32 75.15
CA GLY RA 36 -8.52 -32.67 74.78
C GLY RA 36 -7.99 -33.67 75.79
N THR RA 37 -8.47 -34.90 75.67
CA THR RA 37 -8.04 -35.97 76.55
C THR RA 37 -6.62 -36.39 76.20
N LEU RA 38 -5.77 -36.51 77.23
CA LEU RA 38 -4.39 -36.91 77.00
C LEU RA 38 -4.36 -38.41 76.71
N VAL RA 39 -4.38 -38.77 75.43
CA VAL RA 39 -4.34 -40.18 75.05
C VAL RA 39 -2.97 -40.79 75.36
N GLY RA 40 -1.90 -40.09 74.99
CA GLY RA 40 -0.62 -40.74 75.19
C GLY RA 40 0.56 -39.81 75.16
N GLU RA 41 1.73 -40.40 75.43
CA GLU RA 41 2.99 -39.69 75.40
C GLU RA 41 4.09 -40.69 75.07
N ASP RA 42 4.91 -40.39 74.08
CA ASP RA 42 5.97 -41.29 73.68
C ASP RA 42 7.23 -41.01 74.50
N LYS RA 43 8.33 -41.68 74.14
CA LYS RA 43 9.58 -41.55 74.89
C LYS RA 43 10.37 -40.30 74.51
N TYR RA 44 9.94 -39.56 73.50
CA TYR RA 44 10.65 -38.35 73.07
C TYR RA 44 10.03 -37.07 73.62
N GLY RA 45 8.84 -37.16 74.24
CA GLY RA 45 8.20 -36.01 74.83
C GLY RA 45 6.94 -35.54 74.14
N ASN RA 46 6.64 -36.05 72.95
CA ASN RA 46 5.44 -35.64 72.23
C ASN RA 46 4.19 -36.14 72.93
N LYS RA 47 3.20 -35.26 73.05
CA LYS RA 47 1.92 -35.61 73.67
C LYS RA 47 0.86 -35.75 72.59
N TYR RA 48 0.01 -36.76 72.73
CA TYR RA 48 -1.00 -37.08 71.73
C TYR RA 48 -2.38 -36.99 72.39
N TYR RA 49 -3.22 -36.11 71.85
CA TYR RA 49 -4.54 -35.80 72.40
C TYR RA 49 -5.62 -36.20 71.40
N GLU RA 50 -6.79 -36.54 71.93
CA GLU RA 50 -7.95 -36.90 71.13
C GLU RA 50 -9.18 -36.20 71.68
N ASP RA 51 -10.03 -35.71 70.76
CA ASP RA 51 -11.32 -35.14 71.14
C ASP RA 51 -12.30 -35.51 70.02
N ASN RA 52 -13.08 -36.55 70.25
CA ASN RA 52 -13.97 -37.09 69.22
C ASN RA 52 -15.19 -36.21 68.95
N LYS RA 53 -15.43 -35.18 69.76
CA LYS RA 53 -16.56 -34.28 69.50
C LYS RA 53 -16.30 -33.40 68.28
N GLN RA 54 -15.03 -33.13 67.97
CA GLN RA 54 -14.70 -32.37 66.76
C GLN RA 54 -14.96 -33.23 65.52
N PHE RA 55 -15.04 -32.56 64.38
CA PHE RA 55 -15.33 -33.26 63.14
C PHE RA 55 -14.11 -34.05 62.67
N PHE RA 56 -14.33 -34.88 61.66
CA PHE RA 56 -13.31 -35.81 61.19
C PHE RA 56 -12.12 -35.08 60.59
N GLY RA 57 -10.92 -35.49 60.98
CA GLY RA 57 -9.70 -34.83 60.60
C GLY RA 57 -9.16 -33.91 61.68
N ARG RA 58 -10.01 -33.49 62.62
CA ARG RA 58 -9.59 -32.65 63.73
C ARG RA 58 -9.73 -33.34 65.08
N HIS RA 59 -10.08 -34.61 65.11
CA HIS RA 59 -10.34 -35.29 66.37
C HIS RA 59 -9.08 -35.85 67.03
N ARG RA 60 -7.94 -35.84 66.35
CA ARG RA 60 -6.68 -36.32 66.91
C ARG RA 60 -5.60 -35.30 66.59
N TRP RA 61 -4.80 -34.92 67.60
CA TRP RA 61 -3.71 -34.00 67.35
C TRP RA 61 -2.54 -34.32 68.26
N VAL RA 62 -1.41 -33.66 67.99
CA VAL RA 62 -0.15 -33.90 68.69
C VAL RA 62 0.46 -32.55 69.06
N ILE RA 63 0.93 -32.43 70.29
CA ILE RA 63 1.77 -31.33 70.72
C ILE RA 63 3.20 -31.85 70.79
N TYR RA 64 4.06 -31.31 69.94
CA TYR RA 64 5.43 -31.79 69.85
C TYR RA 64 6.25 -31.31 71.04
N THR RA 65 7.32 -32.04 71.33
CA THR RA 65 8.19 -31.72 72.45
C THR RA 65 9.11 -30.55 72.09
N THR RA 66 9.82 -30.07 73.11
CA THR RA 66 10.79 -28.99 72.94
C THR RA 66 12.22 -29.52 72.87
N GLU RA 67 12.40 -30.83 72.83
CA GLU RA 67 13.75 -31.42 72.85
C GLU RA 67 13.67 -32.80 72.21
N MET RA 68 14.22 -32.94 71.01
CA MET RA 68 14.20 -34.21 70.29
C MET RA 68 15.57 -34.45 69.68
N ASN RA 69 16.27 -35.47 70.17
CA ASN RA 69 17.58 -35.91 69.65
C ASN RA 69 18.61 -34.78 69.66
N GLY RA 70 18.64 -34.01 70.75
CA GLY RA 70 19.64 -32.98 70.91
C GLY RA 70 19.36 -31.67 70.20
N LYS RA 71 18.17 -31.50 69.64
CA LYS RA 71 17.82 -30.30 68.90
C LYS RA 71 16.74 -29.53 69.65
N ASN RA 72 16.90 -28.20 69.70
CA ASN RA 72 15.92 -27.33 70.33
C ASN RA 72 14.76 -27.12 69.37
N THR RA 73 13.70 -27.91 69.54
CA THR RA 73 12.52 -27.85 68.68
C THR RA 73 11.36 -27.14 69.36
N PHE RA 74 11.64 -26.06 70.09
CA PHE RA 74 10.56 -25.28 70.70
C PHE RA 74 9.68 -24.64 69.62
N TRP RA 75 10.29 -24.11 68.57
CA TRP RA 75 9.56 -23.48 67.47
C TRP RA 75 9.53 -24.33 66.21
N ASP RA 76 10.66 -24.91 65.81
CA ASP RA 76 10.76 -25.63 64.54
C ASP RA 76 10.25 -27.05 64.72
N VAL RA 77 8.92 -27.17 64.72
CA VAL RA 77 8.29 -28.49 64.79
C VAL RA 77 8.29 -29.11 63.40
N ASP RA 78 8.28 -30.44 63.37
CA ASP RA 78 8.37 -31.18 62.13
C ASP RA 78 7.32 -32.28 62.09
N GLY RA 79 6.82 -32.56 60.88
CA GLY RA 79 5.85 -33.62 60.72
C GLY RA 79 6.44 -35.02 60.73
N SER RA 80 7.75 -35.13 60.60
CA SER RA 80 8.45 -36.41 60.63
C SER RA 80 9.04 -36.72 61.99
N MET RA 81 8.66 -35.96 63.02
CA MET RA 81 9.13 -36.20 64.38
C MET RA 81 8.26 -37.19 65.14
N VAL RA 82 7.25 -37.75 64.49
CA VAL RA 82 6.34 -38.70 65.11
C VAL RA 82 6.89 -40.12 64.93
N PRO RA 83 6.99 -40.91 66.02
CA PRO RA 83 7.41 -42.30 65.86
C PRO RA 83 6.37 -43.10 65.10
N PRO RA 84 6.76 -44.20 64.45
CA PRO RA 84 5.81 -44.95 63.61
C PRO RA 84 4.63 -45.54 64.37
N GLU RA 85 4.85 -45.99 65.62
CA GLU RA 85 3.76 -46.58 66.40
C GLU RA 85 2.69 -45.56 66.74
N TRP RA 86 3.06 -44.29 66.83
CA TRP RA 86 2.07 -43.22 66.93
C TRP RA 86 1.69 -42.65 65.58
N HIS RA 87 2.50 -42.89 64.55
CA HIS RA 87 2.16 -42.45 63.20
C HIS RA 87 1.01 -43.26 62.63
N ARG RA 88 0.82 -44.50 63.10
CA ARG RA 88 -0.37 -45.25 62.73
C ARG RA 88 -1.64 -44.59 63.26
N TRP RA 89 -1.61 -44.19 64.53
CA TRP RA 89 -2.81 -43.65 65.16
C TRP RA 89 -3.09 -42.21 64.75
N LEU RA 90 -2.04 -41.41 64.52
CA LEU RA 90 -2.21 -39.99 64.24
C LEU RA 90 -2.82 -39.76 62.87
N HIS RA 91 -2.45 -40.58 61.89
CA HIS RA 91 -2.94 -40.45 60.53
C HIS RA 91 -4.25 -41.21 60.30
N CYS RA 92 -4.96 -41.55 61.37
CA CYS RA 92 -6.30 -42.16 61.32
C CYS RA 92 -6.30 -43.49 60.58
N MET RA 93 -5.17 -44.20 60.59
CA MET RA 93 -5.10 -45.51 59.96
C MET RA 93 -5.65 -46.61 60.84
N THR RA 94 -5.85 -46.36 62.13
CA THR RA 94 -6.42 -47.34 63.04
C THR RA 94 -7.11 -46.62 64.18
N ASP RA 95 -7.99 -47.34 64.87
CA ASP RA 95 -8.72 -46.80 66.00
C ASP RA 95 -8.06 -47.10 67.34
N ASP RA 96 -6.96 -47.86 67.35
CA ASP RA 96 -6.32 -48.26 68.59
C ASP RA 96 -4.96 -47.59 68.72
N PRO RA 97 -4.72 -46.81 69.77
CA PRO RA 97 -3.40 -46.24 70.01
C PRO RA 97 -2.42 -47.32 70.41
N PRO RA 98 -1.10 -47.07 70.30
CA PRO RA 98 -0.12 -48.08 70.71
C PRO RA 98 -0.08 -48.34 72.22
N THR RA 99 -0.79 -47.56 73.03
CA THR RA 99 -0.84 -47.82 74.46
C THR RA 99 -1.61 -49.11 74.76
N VAL RA 100 -2.64 -49.42 73.98
CA VAL RA 100 -3.46 -50.59 74.25
C VAL RA 100 -3.12 -51.71 73.28
N LYS RA 101 -2.59 -51.36 72.11
CA LYS RA 101 -2.20 -52.33 71.09
C LYS RA 101 -0.77 -52.04 70.64
N PRO RA 102 0.23 -52.44 71.42
CA PRO RA 102 1.60 -52.16 71.04
C PRO RA 102 2.04 -53.04 69.89
N PRO RA 103 2.95 -52.58 69.04
CA PRO RA 103 3.44 -53.41 67.94
C PRO RA 103 4.37 -54.51 68.44
N THR RA 104 4.55 -55.51 67.61
CA THR RA 104 5.42 -56.64 67.96
C THR RA 104 6.87 -56.20 67.94
N ALA RA 105 7.57 -56.44 69.04
CA ALA RA 105 8.96 -56.02 69.18
C ALA RA 105 9.90 -57.01 68.50
N ARG RA 106 10.90 -56.48 67.80
CA ARG RA 106 11.91 -57.28 67.13
C ARG RA 106 13.29 -56.77 67.53
N LYS RA 107 14.32 -57.56 67.20
CA LYS RA 107 15.68 -57.20 67.56
C LYS RA 107 16.25 -56.10 66.67
N PHE RA 108 15.80 -56.02 65.42
CA PHE RA 108 16.39 -55.11 64.44
C PHE RA 108 15.69 -53.76 64.36
N ILE RA 109 14.57 -53.58 65.04
CA ILE RA 109 13.83 -52.32 64.98
C ILE RA 109 14.55 -51.27 65.81
N TRP RA 110 14.63 -50.05 65.26
CA TRP RA 110 15.31 -48.95 65.94
C TRP RA 110 14.61 -48.58 67.23
N THR RA 111 15.39 -48.35 68.28
CA THR RA 111 14.86 -47.87 69.54
C THR RA 111 14.88 -46.35 69.65
N ASN RA 112 15.50 -45.66 68.69
CA ASN RA 112 15.59 -44.21 68.70
C ASN RA 112 15.17 -43.68 67.33
N HIS RA 113 14.01 -43.04 67.26
CA HIS RA 113 13.51 -42.50 66.00
C HIS RA 113 14.30 -41.27 65.61
N LYS RA 114 14.56 -41.14 64.31
CA LYS RA 114 15.27 -39.99 63.75
C LYS RA 114 14.36 -39.27 62.77
N PHE RA 115 14.32 -37.95 62.86
CA PHE RA 115 13.48 -37.14 61.98
C PHE RA 115 14.19 -36.95 60.64
N ASN RA 116 13.70 -36.01 59.84
CA ASN RA 116 14.30 -35.76 58.53
C ASN RA 116 15.66 -35.10 58.70
N LEU RA 117 16.70 -35.76 58.21
CA LEU RA 117 18.07 -35.34 58.40
C LEU RA 117 18.65 -34.64 57.17
N SER RA 118 17.81 -34.24 56.22
CA SER RA 118 18.30 -33.61 55.00
C SER RA 118 18.79 -32.20 55.32
N GLY RA 119 19.97 -31.87 54.80
CA GLY RA 119 20.62 -30.60 55.08
C GLY RA 119 21.53 -30.61 56.29
N THR RA 120 21.51 -31.67 57.08
CA THR RA 120 22.35 -31.87 58.25
C THR RA 120 23.61 -32.63 57.87
N PRO RA 121 24.66 -32.59 58.70
CA PRO RA 121 25.82 -33.45 58.46
C PRO RA 121 25.52 -34.95 58.52
N GLN RA 122 24.40 -35.35 59.15
CA GLN RA 122 24.01 -36.75 59.23
C GLN RA 122 23.09 -37.16 58.09
N GLN RA 123 23.19 -36.53 56.94
CA GLN RA 123 22.31 -36.84 55.82
C GLN RA 123 22.86 -38.02 55.02
N TYR RA 124 21.97 -38.65 54.26
CA TYR RA 124 22.32 -39.81 53.46
C TYR RA 124 23.09 -39.40 52.22
N VAL RA 125 24.16 -40.13 51.93
CA VAL RA 125 24.99 -39.91 50.75
C VAL RA 125 24.97 -41.19 49.92
N PRO RA 126 24.58 -41.13 48.65
CA PRO RA 126 24.52 -42.36 47.85
C PRO RA 126 25.91 -42.82 47.42
N TYR RA 127 26.05 -44.14 47.28
CA TYR RA 127 27.30 -44.73 46.82
C TYR RA 127 27.00 -46.10 46.25
N SER RA 128 27.94 -46.60 45.45
CA SER RA 128 27.81 -47.93 44.89
C SER RA 128 28.08 -48.98 45.96
N THR RA 129 27.32 -50.08 45.93
CA THR RA 129 27.43 -51.15 46.90
C THR RA 129 28.01 -52.41 46.31
N THR RA 130 28.76 -52.31 45.21
CA THR RA 130 29.38 -53.45 44.57
C THR RA 130 30.89 -53.32 44.59
N ARG RA 131 31.57 -54.46 44.57
CA ARG RA 131 33.01 -54.50 44.56
C ARG RA 131 33.55 -54.22 43.16
N LYS RA 132 34.86 -54.12 43.04
CA LYS RA 132 35.50 -53.87 41.76
C LYS RA 132 35.35 -55.09 40.86
N LYS RA 133 35.03 -54.85 39.59
CA LYS RA 133 34.79 -55.95 38.65
C LYS RA 133 36.10 -56.51 38.11
N ILE RA 134 36.89 -55.68 37.44
CA ILE RA 134 38.10 -56.09 36.75
C ILE RA 134 39.29 -55.88 37.68
N GLN RA 135 40.08 -56.93 37.87
CA GLN RA 135 41.29 -56.86 38.69
C GLN RA 135 42.50 -56.69 37.78
N GLU RA 136 43.20 -55.58 37.92
CA GLU RA 136 44.31 -55.26 37.06
C GLU RA 136 45.55 -56.06 37.45
N TRP RA 137 46.49 -56.15 36.52
CA TRP RA 137 47.72 -56.91 36.70
C TRP RA 137 48.77 -55.99 37.31
N VAL RA 138 49.10 -56.23 38.57
CA VAL RA 138 50.16 -55.44 39.23
C VAL RA 138 51.52 -55.88 38.72
N PRO RA 139 52.39 -54.95 38.30
CA PRO RA 139 53.70 -55.35 37.79
C PRO RA 139 54.57 -55.89 38.91
N PRO RA 140 55.53 -56.77 38.61
CA PRO RA 140 56.45 -57.24 39.63
C PRO RA 140 57.38 -56.12 40.09
N SER RA 141 57.80 -56.22 41.35
CA SER RA 141 58.66 -55.22 41.97
C SER RA 141 60.14 -55.62 41.92
N THR RA 142 60.53 -56.36 40.88
CA THR RA 142 61.91 -56.80 40.72
C THR RA 142 62.33 -56.54 39.28
N PRO RA 143 63.48 -55.90 39.06
CA PRO RA 143 63.95 -55.67 37.68
C PRO RA 143 64.33 -56.97 36.99
N TYR RA 144 64.26 -56.95 35.67
CA TYR RA 144 64.58 -58.12 34.87
C TYR RA 144 66.07 -58.43 34.83
N LYS RA 145 66.92 -57.52 35.31
CA LYS RA 145 68.36 -57.76 35.35
C LYS RA 145 68.71 -58.76 36.45
N PRO SA 74 20.53 4.80 -13.97
CA PRO SA 74 20.50 3.82 -15.05
C PRO SA 74 19.87 4.36 -16.33
N LEU SA 75 20.37 5.51 -16.79
CA LEU SA 75 19.74 6.19 -17.92
C LEU SA 75 20.11 5.55 -19.25
N THR SA 76 21.41 5.53 -19.57
CA THR SA 76 21.92 5.03 -20.83
C THR SA 76 22.79 3.80 -20.58
N LEU SA 77 23.43 3.31 -21.65
CA LEU SA 77 24.13 2.02 -21.58
C LEU SA 77 25.38 2.11 -20.71
N GLU SA 78 26.15 3.19 -20.83
CA GLU SA 78 27.43 3.28 -20.12
C GLU SA 78 27.23 3.45 -18.62
N GLY SA 79 26.20 4.19 -18.22
CA GLY SA 79 25.91 4.31 -16.79
C GLY SA 79 25.48 3.00 -16.16
N ILE SA 80 24.64 2.23 -16.87
CA ILE SA 80 24.23 0.91 -16.38
C ILE SA 80 25.42 -0.02 -16.29
N LYS SA 81 26.29 0.00 -17.31
CA LYS SA 81 27.48 -0.85 -17.28
C LYS SA 81 28.42 -0.45 -16.15
N ASP SA 82 28.55 0.85 -15.90
CA ASP SA 82 29.39 1.34 -14.80
C ASP SA 82 28.87 0.90 -13.45
N ARG SA 83 27.56 1.03 -13.22
CA ARG SA 83 27.02 0.63 -11.92
C ARG SA 83 26.99 -0.89 -11.76
N VAL SA 84 26.83 -1.63 -12.86
CA VAL SA 84 26.91 -3.09 -12.79
C VAL SA 84 28.31 -3.54 -12.43
N LEU SA 85 29.33 -2.94 -13.06
CA LEU SA 85 30.71 -3.24 -12.71
C LEU SA 85 31.04 -2.81 -11.28
N TYR SA 86 30.45 -1.70 -10.82
CA TYR SA 86 30.65 -1.28 -9.43
C TYR SA 86 30.04 -2.29 -8.46
N VAL SA 87 28.84 -2.78 -8.76
CA VAL SA 87 28.19 -3.79 -7.92
C VAL SA 87 29.01 -5.06 -7.88
N LEU SA 88 29.54 -5.49 -9.03
CA LEU SA 88 30.42 -6.65 -9.06
C LEU SA 88 31.74 -6.38 -8.36
N LYS SA 89 32.15 -5.11 -8.28
CA LYS SA 89 33.34 -4.75 -7.51
C LYS SA 89 33.07 -4.83 -6.01
N LEU SA 90 31.83 -4.58 -5.59
CA LEU SA 90 31.47 -4.78 -4.19
C LEU SA 90 31.44 -6.25 -3.80
N TYR SA 91 31.37 -7.16 -4.77
CA TYR SA 91 31.36 -8.58 -4.47
C TYR SA 91 32.74 -9.03 -4.02
N ASP SA 92 32.83 -9.53 -2.79
CA ASP SA 92 34.12 -9.87 -2.19
C ASP SA 92 34.69 -11.17 -2.75
N LYS SA 93 33.83 -12.10 -3.18
CA LYS SA 93 34.28 -13.45 -3.50
C LYS SA 93 35.13 -13.48 -4.77
N ILE SA 94 34.78 -12.69 -5.78
CA ILE SA 94 35.51 -12.73 -7.03
C ILE SA 94 36.79 -11.91 -6.92
N ASP SA 95 37.73 -12.21 -7.81
CA ASP SA 95 38.95 -11.42 -7.91
C ASP SA 95 38.69 -10.21 -8.80
N PRO SA 96 38.87 -8.98 -8.29
CA PRO SA 96 38.61 -7.79 -9.12
C PRO SA 96 39.54 -7.64 -10.31
N GLU SA 97 40.70 -8.29 -10.29
CA GLU SA 97 41.64 -8.17 -11.42
C GLU SA 97 41.11 -8.86 -12.67
N LYS SA 98 40.43 -9.99 -12.51
CA LYS SA 98 39.97 -10.79 -13.64
C LYS SA 98 38.56 -10.42 -14.09
N LEU SA 99 37.96 -9.38 -13.52
CA LEU SA 99 36.57 -9.03 -13.85
C LEU SA 99 36.55 -8.24 -15.15
N SER SA 100 35.82 -8.75 -16.14
CA SER SA 100 35.66 -8.09 -17.43
C SER SA 100 34.24 -8.30 -17.91
N VAL SA 101 33.85 -7.52 -18.93
CA VAL SA 101 32.48 -7.62 -19.44
C VAL SA 101 32.26 -8.86 -20.28
N ASN SA 102 33.33 -9.56 -20.67
CA ASN SA 102 33.24 -10.80 -21.43
C ASN SA 102 33.73 -11.99 -20.61
N SER SA 103 33.46 -11.99 -19.31
CA SER SA 103 33.91 -13.05 -18.41
C SER SA 103 32.70 -13.83 -17.91
N HIS SA 104 32.71 -15.14 -18.15
CA HIS SA 104 31.69 -16.01 -17.62
C HIS SA 104 31.78 -16.10 -16.10
N PHE SA 105 30.62 -16.24 -15.45
CA PHE SA 105 30.61 -16.30 -14.00
C PHE SA 105 31.11 -17.65 -13.49
N MET SA 106 30.52 -18.74 -13.99
CA MET SA 106 30.77 -20.05 -13.41
C MET SA 106 32.13 -20.61 -13.81
N LYS SA 107 32.52 -20.47 -15.08
CA LYS SA 107 33.68 -21.18 -15.60
C LYS SA 107 34.94 -20.33 -15.69
N ASP SA 108 34.87 -19.03 -15.41
CA ASP SA 108 36.05 -18.18 -15.42
C ASP SA 108 36.44 -17.69 -14.04
N LEU SA 109 35.49 -17.16 -13.27
CA LEU SA 109 35.75 -16.73 -11.90
C LEU SA 109 35.60 -17.86 -10.89
N GLY SA 110 35.17 -19.04 -11.31
CA GLY SA 110 35.01 -20.16 -10.40
C GLY SA 110 33.92 -19.98 -9.37
N LEU SA 111 32.78 -19.44 -9.78
CA LEU SA 111 31.68 -19.17 -8.86
C LEU SA 111 30.67 -20.31 -8.88
N ASP SA 112 30.06 -20.55 -7.73
CA ASP SA 112 28.94 -21.47 -7.65
C ASP SA 112 27.69 -20.83 -8.25
N SER SA 113 26.65 -21.63 -8.42
CA SER SA 113 25.38 -21.09 -8.91
C SER SA 113 24.73 -20.19 -7.88
N LEU SA 114 24.89 -20.50 -6.59
CA LEU SA 114 24.35 -19.64 -5.54
C LEU SA 114 25.07 -18.29 -5.49
N ASP SA 115 26.35 -18.27 -5.86
CA ASP SA 115 27.07 -17.01 -6.00
C ASP SA 115 26.46 -16.15 -7.10
N GLN SA 116 26.08 -16.78 -8.22
CA GLN SA 116 25.38 -16.07 -9.28
C GLN SA 116 24.02 -15.57 -8.79
N VAL SA 117 23.35 -16.36 -7.95
CA VAL SA 117 22.06 -15.96 -7.40
C VAL SA 117 22.20 -14.71 -6.54
N GLU SA 118 23.21 -14.68 -5.66
CA GLU SA 118 23.36 -13.52 -4.80
C GLU SA 118 23.90 -12.32 -5.56
N ILE SA 119 24.66 -12.55 -6.64
CA ILE SA 119 25.06 -11.44 -7.52
C ILE SA 119 23.85 -10.83 -8.19
N ILE SA 120 22.94 -11.67 -8.71
CA ILE SA 120 21.71 -11.19 -9.33
C ILE SA 120 20.86 -10.43 -8.32
N MET SA 121 20.78 -10.95 -7.09
CA MET SA 121 20.01 -10.27 -6.05
C MET SA 121 20.62 -8.93 -5.65
N ALA SA 122 21.96 -8.84 -5.65
CA ALA SA 122 22.60 -7.53 -5.46
C ALA SA 122 22.26 -6.58 -6.60
N MET SA 123 22.13 -7.12 -7.82
CA MET SA 123 21.71 -6.29 -8.95
C MET SA 123 20.29 -5.77 -8.78
N GLU SA 124 19.37 -6.61 -8.27
CA GLU SA 124 18.03 -6.11 -7.97
C GLU SA 124 18.05 -5.08 -6.85
N ASP SA 125 18.87 -5.30 -5.82
CA ASP SA 125 18.98 -4.34 -4.72
C ASP SA 125 19.54 -3.01 -5.19
N GLU SA 126 20.40 -3.02 -6.19
CA GLU SA 126 20.93 -1.78 -6.74
C GLU SA 126 19.91 -1.08 -7.63
N PHE SA 127 19.41 -1.78 -8.66
CA PHE SA 127 18.56 -1.13 -9.64
C PHE SA 127 17.16 -0.84 -9.11
N GLY SA 128 16.57 -1.79 -8.39
CA GLY SA 128 15.29 -1.54 -7.76
C GLY SA 128 14.09 -2.16 -8.43
N PHE SA 129 14.26 -3.37 -8.98
CA PHE SA 129 13.12 -4.14 -9.47
C PHE SA 129 13.46 -5.62 -9.39
N GLU SA 130 12.41 -6.43 -9.41
CA GLU SA 130 12.52 -7.86 -9.13
C GLU SA 130 12.84 -8.59 -10.43
N ILE SA 131 14.03 -9.15 -10.51
CA ILE SA 131 14.45 -9.94 -11.67
C ILE SA 131 13.94 -11.37 -11.48
N PRO SA 132 13.13 -11.90 -12.40
CA PRO SA 132 12.55 -13.22 -12.20
C PRO SA 132 13.59 -14.33 -12.28
N ASP SA 133 13.27 -15.45 -11.63
CA ASP SA 133 14.17 -16.59 -11.63
C ASP SA 133 14.27 -17.27 -12.99
N ILE SA 134 13.28 -17.08 -13.86
CA ILE SA 134 13.36 -17.65 -15.21
C ILE SA 134 14.42 -16.93 -16.04
N ASP SA 135 14.53 -15.61 -15.89
CA ASP SA 135 15.51 -14.85 -16.66
C ASP SA 135 16.84 -14.70 -15.94
N ALA SA 136 16.87 -14.84 -14.61
CA ALA SA 136 18.13 -14.81 -13.89
C ALA SA 136 19.00 -16.02 -14.18
N GLU SA 137 18.40 -17.11 -14.66
CA GLU SA 137 19.16 -18.30 -15.01
C GLU SA 137 19.95 -18.11 -16.30
N LYS SA 138 19.64 -17.07 -17.08
CA LYS SA 138 20.30 -16.82 -18.36
C LYS SA 138 21.11 -15.52 -18.34
N LEU SA 139 21.72 -15.21 -17.19
CA LEU SA 139 22.60 -14.05 -17.05
C LEU SA 139 23.93 -14.56 -16.50
N MET SA 140 24.80 -15.04 -17.39
CA MET SA 140 26.07 -15.65 -16.99
C MET SA 140 27.24 -14.69 -16.98
N CYS SA 141 27.07 -13.46 -17.44
CA CYS SA 141 28.18 -12.53 -17.55
C CYS SA 141 27.63 -11.11 -17.46
N PRO SA 142 28.48 -10.13 -17.14
CA PRO SA 142 27.98 -8.75 -17.02
C PRO SA 142 27.34 -8.19 -18.29
N GLN SA 143 27.74 -8.65 -19.47
CA GLN SA 143 27.16 -8.15 -20.71
C GLN SA 143 25.68 -8.54 -20.83
N GLU SA 144 25.35 -9.79 -20.50
CA GLU SA 144 23.94 -10.17 -20.45
C GLU SA 144 23.19 -9.42 -19.37
N ILE SA 145 23.86 -9.08 -18.28
CA ILE SA 145 23.19 -8.37 -17.18
C ILE SA 145 22.81 -6.95 -17.62
N VAL SA 146 23.75 -6.23 -18.24
CA VAL SA 146 23.44 -4.88 -18.70
C VAL SA 146 22.45 -4.92 -19.86
N ASP SA 147 22.52 -5.95 -20.71
CA ASP SA 147 21.53 -6.11 -21.77
C ASP SA 147 20.14 -6.35 -21.20
N TYR SA 148 20.04 -7.12 -20.12
CA TYR SA 148 18.73 -7.38 -19.51
C TYR SA 148 18.20 -6.15 -18.79
N ILE SA 149 19.07 -5.36 -18.18
CA ILE SA 149 18.62 -4.11 -17.56
C ILE SA 149 18.10 -3.15 -18.62
N ALA SA 150 18.82 -3.04 -19.74
CA ALA SA 150 18.36 -2.19 -20.83
C ALA SA 150 17.09 -2.72 -21.49
N ASP SA 151 16.89 -4.04 -21.46
CA ASP SA 151 15.70 -4.63 -22.07
C ASP SA 151 14.43 -4.26 -21.29
N LYS SA 152 14.45 -4.44 -19.98
CA LYS SA 152 13.26 -4.17 -19.17
C LYS SA 152 13.01 -2.68 -18.96
N LYS SA 153 14.06 -1.87 -18.95
CA LYS SA 153 13.89 -0.42 -18.83
C LYS SA 153 13.68 0.16 -20.22
N ASP SA 154 13.64 1.49 -20.32
CA ASP SA 154 13.49 2.15 -21.62
C ASP SA 154 14.85 2.38 -22.28
N VAL SA 155 15.72 3.13 -21.60
CA VAL SA 155 17.10 3.41 -22.02
C VAL SA 155 17.19 4.02 -23.43
#